data_9UOY
#
_entry.id   9UOY
#
_cell.length_a   1.00
_cell.length_b   1.00
_cell.length_c   1.00
_cell.angle_alpha   90.00
_cell.angle_beta   90.00
_cell.angle_gamma   90.00
#
_symmetry.space_group_name_H-M   'P 1'
#
_entity_poly.entity_id   1
_entity_poly.type   'polypeptide(L)'
_entity_poly.pdbx_seq_one_letter_code
;MTVPPLLKSCVVKLLLPAALLAAAIIRPSFLSIGYVLLALVSAVLPPIRKSLALPKLVGTFVIITFLFCLAVALGVGSYQ
ISEQVVHKNDRTYICNRSDTTLFRSIGLVRFHPTGTFESTRAFLPEIIATSAALLTIIIVMFLSHRDEQLDVVGDVVTVR
SESGREQRRQRKLAAIMWSAIGNSLRRLTNFVLFLFTAYVGIVKPSLSNSIYFLAFLFISTWWSTYTPLRHGVYNQIKKF
LIFYSALHFLVLYTYQIPIVHHSWLPTGSFLPRLFGLTVLMDSSCPEWWKFPFVAPDFNDDDLIMKWPLYANPIVVLVFF
YLTVAQYKFTRNGSREYIDDNEYGSSVHEERFVSAGTVETNVDDVGQLISISESTASAPSGRGRGNTLLLSNASSSANDD
EQGRARSRSPLRNGEEQGSIPLRKVTSQVVDRNKLSNIFNTTAPGDKESAASKGMIAVMTFVIFHSYSIALTAMMTWALL
YHSIFGLILLILTCILWIFRDTRKSSFAMAPIILMYIEFLLILQYFLSMDIHAEIGDPAWMNFVGIEWTTLPVHAVIILC
VQTLLTLPVFLLLRLARREKFYESLSDYERQRRINSYGTFGASKTGAGGVAVAKFQDPKSRKFAAFVEYLSNKVSVYFIF
VVSVVLLVVSTCFAPNFYNILFFALWALNLIYLKFSFRLYRGLAYAFWLTLTFYTSIVIIALYIYQFPGVSQWIIRNTSL
SQEWLNAIGLVDFRAIGESGALFLQLLAPIALFVVTMLQLKFFHGPWSRATSPRRAENDPPTSTTEAAAVASTSGTQGRA
HAAGDTLVKKLHKLANQTIELLWRFFEVHISKIVFVIIAIFIANNINALYIPLVILLSLAICLPSAADGIFSLFMCAYLF
LVALSKMIYQLDIVPELSQIDRGVGADNCSHGNISMPEWFGLKKEVEGTEPIYMLFGVIVSIIALAFQSIVIYRQRHYRA
SLGLPESMRAKVFPDFHHSHFDRSLKNAIQFLIDYGFYKFGLEITMIAIGIDIFNRMDALAAIQCFWLVLFALNKRVFVR
RIWVFYVIYMAILYPLQFFSYVGLPPDSCIEYPWSYWIPSYSDDARFNLSYLLNLSIYGVNWPSAYLIGDFFVLLLASCQ
LAVFRREGEDNDSIYNDGNFVIKPENPQYDFIDTKKSYVDYFKSFVFHYGHWITLMSTLAAGIAGTSLFALGYIIFTLTM
LWSGNNLYVMNSTLRSFEHTLKRWNALLGYTLFTITMKVCLQIFGCVFLSWFDQSGGWGKTLCIVRQLFSITCVNNECHV
LKELEDFSKACAVETKEGNIGFDVIALSFLVFQIRIFHSWYFQHCMVEYRSEVILANRGAVLKNQLIEKEMKEQNEQQKA
KFNDIRRRTEAIRERYQKQIERGAAERDFEPVTYGHAKRAGDYYMFKYDPENDDLVEPVDSFVPEVDPKATAYDRLDPGQ
IMYAATAHDLDLAKTVQQVKKGDTIKDPDSRALIAVSEPEARKPGGTEETDGDEDEDNKDSKVESTAKFIQKMIASALDL
CSVTLNKLCREHRYVGFVLSKEKQKLKSGHSESLSNTSRKLTDIRSAVDLPSLQLVQSANDVEKMETAVSVDWQQKSSAT
RLLNAVVNCIGAHTDILCYFFAIMTQVMTGGLITLPLPLMSLFWGNLSNPRPSKFFWVTMITYTECVIVIKFVCQFAFMP
YNSITWRTEHQMDPMSLDKLFGVSQRDSFALWDIVLLFSLFFHRYMLRKLGLWKDANLTDTFTLKEEPRSASGSDTGSPK
KIAQEPKVVVTQSDTLEGTSGGEIVIPSDPNAVSNMEELDCEPPIPEKQSGPIGRFIHQLFHPKFRYIRDLYPIMFGIDV
ICFLIMTFGYSAFGEGGSGNVLDDVKASRIPVTLVVMLVGMTLAIIIDRALYLRKSVVGKLIYQVLMIAFLHIWVFLVLP
NMTRRSAISNHVAQALYVIKSCYFLVSAWQIRNGYPELCIGNLLTHSYGMTNMIAFKVFMNIPFLFELRTAIDWTWTDTS
MPLFDFFNMENFYAHIFNIKCARQFEAAYPAPRGIPKGKLVKYMMGFPIIIGVVIFIFSPLLLWSLLNQIGTISMPEKVT
LRISIEGYPPLYEMEAQGSNHDNAELGMIKPDQLASLNQALTDSYTTRDTNSILRSRMSVSYLKGYTYEDILIVRFRPES
EIYWPISQDSRNAMIDKLSRNTSVNFEVSLEFTRPYDPNENAALKHSKSWLVPISLDMTIRAKIQSALRGDPGHPILIPQ
SIPAFIQVPNQGELTLPTSIGNTIINDGNPRINTTGMEKSDEARAWFDSLTLNLEQGKSQNEKMWIATSEHPGDQNAKLW
IKTANTTYSGRPYLQVVGFIDRAFPSFLAKVFKGGVIAVYLSVILVVGRGLVRGIFTTSPSTVMFTELPNADHLLKICLD
IYLVREAKDFMLEQDLFAKLIFLFRSPATLIEWTRMSKKKQE
;
_entity_poly.pdbx_strand_id   A,B,C
#
# COMPACT_ATOMS: atom_id res chain seq x y z
N MET A 1 -2.85 11.33 -74.02
CA MET A 1 -3.86 10.97 -75.01
C MET A 1 -5.26 10.93 -74.39
N THR A 2 -5.32 10.57 -73.12
CA THR A 2 -6.60 10.46 -72.44
C THR A 2 -7.12 11.85 -72.11
N VAL A 3 -7.56 12.58 -73.14
CA VAL A 3 -8.05 13.94 -72.97
C VAL A 3 -9.55 13.87 -72.68
N PRO A 4 -10.00 14.30 -71.51
CA PRO A 4 -11.44 14.29 -71.22
C PRO A 4 -12.14 15.47 -71.87
N PRO A 5 -12.93 15.22 -72.92
CA PRO A 5 -13.60 16.34 -73.60
C PRO A 5 -14.68 16.98 -72.74
N LEU A 6 -15.57 16.15 -72.19
CA LEU A 6 -16.67 16.68 -71.39
C LEU A 6 -16.17 17.35 -70.12
N LEU A 7 -15.19 16.75 -69.45
CA LEU A 7 -14.70 17.30 -68.19
C LEU A 7 -14.09 18.67 -68.40
N LYS A 8 -13.15 18.80 -69.33
CA LYS A 8 -12.50 20.09 -69.55
C LYS A 8 -13.45 21.10 -70.19
N SER A 9 -14.39 20.64 -71.02
CA SER A 9 -15.39 21.54 -71.57
C SER A 9 -16.25 22.14 -70.47
N CYS A 10 -16.67 21.30 -69.51
CA CYS A 10 -17.43 21.80 -68.37
C CYS A 10 -16.59 22.72 -67.50
N VAL A 11 -15.31 22.38 -67.30
CA VAL A 11 -14.42 23.25 -66.54
C VAL A 11 -14.37 24.63 -67.16
N VAL A 12 -14.15 24.70 -68.48
CA VAL A 12 -14.23 25.98 -69.18
C VAL A 12 -15.57 26.65 -68.91
N LYS A 13 -16.65 26.02 -69.39
CA LYS A 13 -17.95 26.65 -69.50
C LYS A 13 -18.51 27.07 -68.15
N LEU A 14 -18.00 26.50 -67.05
CA LEU A 14 -18.46 26.86 -65.72
C LEU A 14 -17.48 27.77 -64.99
N LEU A 15 -16.23 27.34 -64.83
CA LEU A 15 -15.30 28.10 -63.98
C LEU A 15 -14.79 29.36 -64.67
N LEU A 16 -14.51 29.30 -65.99
CA LEU A 16 -13.95 30.52 -66.57
C LEU A 16 -14.98 31.65 -66.52
N PRO A 17 -16.26 31.41 -66.84
CA PRO A 17 -17.27 32.42 -66.49
C PRO A 17 -17.33 32.75 -65.01
N ALA A 18 -17.05 31.80 -64.12
CA ALA A 18 -17.13 32.09 -62.69
C ALA A 18 -16.07 33.09 -62.25
N ALA A 19 -14.80 32.77 -62.51
CA ALA A 19 -13.73 33.73 -62.25
C ALA A 19 -13.89 35.00 -63.08
N LEU A 20 -14.51 34.89 -64.24
CA LEU A 20 -14.82 36.04 -65.09
C LEU A 20 -15.74 37.00 -64.35
N LEU A 21 -16.83 36.48 -63.80
CA LEU A 21 -17.80 37.29 -63.06
C LEU A 21 -17.19 37.81 -61.77
N ALA A 22 -16.28 37.04 -61.16
CA ALA A 22 -15.59 37.53 -59.98
C ALA A 22 -14.74 38.75 -60.31
N ALA A 23 -13.88 38.63 -61.33
CA ALA A 23 -13.06 39.76 -61.75
C ALA A 23 -13.91 40.92 -62.27
N ALA A 24 -15.11 40.62 -62.78
CA ALA A 24 -16.01 41.67 -63.20
C ALA A 24 -16.56 42.44 -62.00
N ILE A 25 -17.24 41.75 -61.10
CA ILE A 25 -17.76 42.38 -59.89
C ILE A 25 -16.67 43.02 -59.06
N ILE A 26 -15.40 42.69 -59.32
CA ILE A 26 -14.30 43.43 -58.71
C ILE A 26 -14.36 44.91 -59.10
N ARG A 27 -14.45 45.21 -60.41
CA ARG A 27 -14.48 46.58 -60.90
C ARG A 27 -15.24 46.68 -62.21
N PRO A 28 -16.13 47.65 -62.36
CA PRO A 28 -16.86 47.83 -63.63
C PRO A 28 -16.21 48.84 -64.56
N SER A 29 -16.24 48.51 -65.85
CA SER A 29 -15.68 49.34 -66.90
C SER A 29 -16.24 48.85 -68.24
N PHE A 30 -15.63 49.27 -69.35
CA PHE A 30 -15.93 48.65 -70.64
C PHE A 30 -15.58 47.17 -70.63
N LEU A 31 -14.68 46.76 -69.73
CA LEU A 31 -14.46 45.34 -69.48
C LEU A 31 -15.77 44.65 -69.15
N SER A 32 -16.68 45.33 -68.47
CA SER A 32 -18.02 44.77 -68.28
C SER A 32 -18.60 44.30 -69.60
N ILE A 33 -18.79 45.23 -70.53
CA ILE A 33 -19.40 44.90 -71.83
C ILE A 33 -18.65 43.74 -72.48
N GLY A 34 -17.37 43.94 -72.74
CA GLY A 34 -16.63 42.96 -73.53
C GLY A 34 -16.56 41.60 -72.85
N TYR A 35 -16.24 41.58 -71.56
CA TYR A 35 -15.87 40.37 -70.86
C TYR A 35 -17.12 39.58 -70.46
N VAL A 36 -18.16 40.28 -69.99
CA VAL A 36 -19.44 39.62 -69.73
C VAL A 36 -20.06 39.12 -71.03
N LEU A 37 -19.86 39.85 -72.13
CA LEU A 37 -20.34 39.36 -73.43
C LEU A 37 -19.61 38.08 -73.83
N LEU A 38 -18.29 38.04 -73.62
CA LEU A 38 -17.54 36.82 -73.89
C LEU A 38 -18.08 35.66 -73.05
N ALA A 39 -18.47 35.94 -71.81
CA ALA A 39 -19.08 34.91 -70.98
C ALA A 39 -20.42 34.44 -71.55
N LEU A 40 -21.28 35.39 -71.90
CA LEU A 40 -22.67 35.10 -72.21
C LEU A 40 -22.89 34.59 -73.63
N VAL A 41 -21.92 34.76 -74.53
CA VAL A 41 -22.06 34.18 -75.86
C VAL A 41 -22.06 32.66 -75.79
N SER A 42 -21.29 32.09 -74.87
CA SER A 42 -21.25 30.63 -74.73
C SER A 42 -22.63 30.06 -74.47
N ALA A 43 -23.33 30.58 -73.46
CA ALA A 43 -24.67 30.17 -73.11
C ALA A 43 -24.79 28.65 -73.03
N VAL A 44 -25.48 28.05 -74.00
CA VAL A 44 -25.55 26.60 -74.14
C VAL A 44 -24.84 26.24 -75.45
N LEU A 45 -23.52 26.09 -75.36
CA LEU A 45 -22.71 25.80 -76.52
C LEU A 45 -22.83 24.33 -76.92
N PRO A 46 -22.63 24.02 -78.20
CA PRO A 46 -22.61 22.62 -78.63
C PRO A 46 -21.51 21.85 -77.91
N PRO A 47 -21.88 20.80 -77.17
CA PRO A 47 -20.88 20.05 -76.41
C PRO A 47 -19.92 19.30 -77.32
N ILE A 48 -18.70 19.14 -76.84
CA ILE A 48 -17.66 18.40 -77.59
C ILE A 48 -17.80 16.94 -77.15
N ARG A 49 -18.73 16.25 -77.79
CA ARG A 49 -19.02 14.84 -77.47
C ARG A 49 -18.22 13.88 -78.35
N LYS A 50 -16.89 14.06 -78.38
CA LYS A 50 -15.98 13.22 -79.15
C LYS A 50 -16.33 13.17 -80.63
N SER A 51 -17.01 14.21 -81.14
CA SER A 51 -17.42 14.27 -82.53
C SER A 51 -16.89 15.53 -83.19
N LEU A 52 -16.37 15.39 -84.40
CA LEU A 52 -15.85 16.47 -85.22
C LEU A 52 -14.90 17.40 -84.45
N ALA A 53 -14.24 16.86 -83.43
CA ALA A 53 -13.35 17.62 -82.56
C ALA A 53 -14.07 18.84 -81.99
N LEU A 54 -13.36 19.95 -81.86
CA LEU A 54 -13.97 21.18 -81.36
C LEU A 54 -14.93 21.72 -82.41
N PRO A 55 -16.14 22.14 -82.03
CA PRO A 55 -17.09 22.68 -83.01
C PRO A 55 -16.54 23.93 -83.67
N LYS A 56 -16.90 24.09 -84.95
CA LYS A 56 -16.40 25.24 -85.72
C LYS A 56 -16.92 26.55 -85.14
N LEU A 57 -18.21 26.61 -84.82
CA LEU A 57 -18.76 27.82 -84.21
C LEU A 57 -18.18 28.03 -82.81
N VAL A 58 -18.07 26.96 -82.03
CA VAL A 58 -17.46 27.07 -80.70
C VAL A 58 -16.01 27.50 -80.82
N GLY A 59 -15.28 26.93 -81.78
CA GLY A 59 -13.90 27.34 -81.99
C GLY A 59 -13.78 28.80 -82.39
N THR A 60 -14.69 29.27 -83.24
CA THR A 60 -14.69 30.68 -83.62
C THR A 60 -14.95 31.59 -82.43
N PHE A 61 -15.94 31.24 -81.60
CA PHE A 61 -16.21 32.03 -80.41
C PHE A 61 -15.01 32.04 -79.47
N VAL A 62 -14.36 30.88 -79.29
CA VAL A 62 -13.24 30.79 -78.39
C VAL A 62 -12.05 31.59 -78.91
N ILE A 63 -11.78 31.55 -80.23
CA ILE A 63 -10.66 32.33 -80.76
C ILE A 63 -10.97 33.82 -80.72
N ILE A 64 -12.25 34.20 -80.86
CA ILE A 64 -12.63 35.58 -80.61
C ILE A 64 -12.32 35.96 -79.18
N THR A 65 -12.58 35.05 -78.24
CA THR A 65 -12.22 35.28 -76.85
C THR A 65 -10.71 35.49 -76.70
N PHE A 66 -9.91 34.64 -77.35
CA PHE A 66 -8.46 34.84 -77.37
C PHE A 66 -8.11 36.26 -77.79
N LEU A 67 -8.57 36.66 -78.99
CA LEU A 67 -8.18 37.95 -79.53
C LEU A 67 -8.61 39.09 -78.63
N PHE A 68 -9.87 39.08 -78.19
CA PHE A 68 -10.39 40.19 -77.39
C PHE A 68 -9.68 40.27 -76.04
N CYS A 69 -9.50 39.12 -75.37
CA CYS A 69 -8.85 39.13 -74.06
C CYS A 69 -7.40 39.57 -74.17
N LEU A 70 -6.68 39.08 -75.17
CA LEU A 70 -5.28 39.49 -75.34
C LEU A 70 -5.18 40.97 -75.62
N ALA A 71 -6.04 41.49 -76.51
CA ALA A 71 -6.01 42.90 -76.84
C ALA A 71 -6.34 43.76 -75.62
N VAL A 72 -7.34 43.35 -74.84
CA VAL A 72 -7.74 44.11 -73.66
C VAL A 72 -6.62 44.12 -72.63
N ALA A 73 -6.02 42.95 -72.37
CA ALA A 73 -4.95 42.88 -71.38
C ALA A 73 -3.75 43.72 -71.80
N LEU A 74 -3.35 43.62 -73.07
CA LEU A 74 -2.22 44.41 -73.56
C LEU A 74 -2.51 45.91 -73.50
N GLY A 75 -3.74 46.30 -73.86
CA GLY A 75 -4.10 47.70 -73.80
C GLY A 75 -4.10 48.24 -72.38
N VAL A 76 -4.67 47.49 -71.43
CA VAL A 76 -4.67 47.94 -70.05
C VAL A 76 -3.24 48.05 -69.51
N GLY A 77 -2.40 47.05 -69.82
CA GLY A 77 -1.02 47.12 -69.37
C GLY A 77 -0.27 48.31 -69.95
N SER A 78 -0.44 48.56 -71.26
CA SER A 78 0.24 49.68 -71.89
C SER A 78 -0.26 51.01 -71.34
N TYR A 79 -1.56 51.13 -71.11
CA TYR A 79 -2.11 52.37 -70.57
C TYR A 79 -1.63 52.60 -69.14
N GLN A 80 -1.56 51.54 -68.34
CA GLN A 80 -1.03 51.69 -66.97
C GLN A 80 0.44 52.10 -67.00
N ILE A 81 1.22 51.52 -67.92
CA ILE A 81 2.63 51.89 -68.02
C ILE A 81 2.76 53.35 -68.44
N SER A 82 1.95 53.78 -69.40
CA SER A 82 1.98 55.19 -69.84
C SER A 82 1.59 56.13 -68.71
N GLU A 83 0.56 55.76 -67.93
CA GLU A 83 0.16 56.58 -66.80
C GLU A 83 1.28 56.67 -65.76
N GLN A 84 1.95 55.54 -65.49
CA GLN A 84 3.06 55.56 -64.54
C GLN A 84 4.20 56.44 -65.03
N VAL A 85 4.51 56.38 -66.32
CA VAL A 85 5.59 57.20 -66.87
C VAL A 85 5.21 58.68 -66.80
N VAL A 86 3.97 59.02 -67.17
CA VAL A 86 3.56 60.42 -67.21
C VAL A 86 3.22 60.92 -65.82
N HIS A 87 2.24 60.30 -65.17
CA HIS A 87 1.81 60.73 -63.84
C HIS A 87 2.75 60.19 -62.77
N ASN A 96 -10.86 64.28 -61.31
CA ASN A 96 -12.19 63.99 -61.83
C ASN A 96 -12.47 64.79 -63.09
N ARG A 97 -11.87 64.36 -64.20
CA ARG A 97 -12.05 65.03 -65.48
C ARG A 97 -12.52 64.00 -66.51
N SER A 98 -12.80 64.48 -67.73
CA SER A 98 -13.27 63.59 -68.79
C SER A 98 -12.23 62.52 -69.10
N ASP A 99 -10.95 62.89 -69.12
CA ASP A 99 -9.90 61.89 -69.26
C ASP A 99 -9.96 60.87 -68.13
N THR A 100 -10.24 61.34 -66.91
CA THR A 100 -10.40 60.42 -65.79
C THR A 100 -11.66 59.58 -65.92
N THR A 101 -12.73 60.15 -66.50
CA THR A 101 -13.93 59.34 -66.76
C THR A 101 -13.61 58.18 -67.69
N LEU A 102 -12.88 58.47 -68.77
CA LEU A 102 -12.42 57.40 -69.65
C LEU A 102 -11.44 56.46 -68.95
N PHE A 103 -10.68 57.00 -67.98
CA PHE A 103 -9.76 56.17 -67.21
C PHE A 103 -10.50 55.10 -66.44
N ARG A 104 -11.56 55.48 -65.73
CA ARG A 104 -12.40 54.45 -65.09
C ARG A 104 -13.11 53.57 -66.12
N SER A 105 -13.61 54.17 -67.20
CA SER A 105 -14.44 53.41 -68.14
C SER A 105 -13.67 52.35 -68.91
N ILE A 106 -12.37 52.57 -69.17
CA ILE A 106 -11.60 51.61 -69.93
C ILE A 106 -11.35 50.34 -69.13
N GLY A 107 -10.98 50.48 -67.86
CA GLY A 107 -10.66 49.33 -67.03
C GLY A 107 -9.51 49.57 -66.09
N LEU A 108 -8.92 50.77 -66.16
CA LEU A 108 -7.83 51.13 -65.28
C LEU A 108 -8.35 51.75 -64.00
N VAL A 109 -7.50 51.74 -62.97
CA VAL A 109 -7.82 52.32 -61.68
C VAL A 109 -6.52 52.79 -61.03
N ARG A 110 -6.62 53.85 -60.25
CA ARG A 110 -5.45 54.43 -59.60
C ARG A 110 -4.81 53.44 -58.64
N PHE A 111 -3.49 53.49 -58.55
CA PHE A 111 -2.71 52.56 -57.74
C PHE A 111 -2.33 53.25 -56.43
N HIS A 112 -2.62 52.60 -55.31
CA HIS A 112 -2.23 53.07 -53.99
C HIS A 112 -1.63 51.90 -53.21
N PRO A 113 -0.69 52.17 -52.30
CA PRO A 113 0.00 51.08 -51.62
C PRO A 113 -0.68 50.56 -50.36
N THR A 114 -1.95 50.91 -50.16
CA THR A 114 -2.64 50.64 -48.90
C THR A 114 -3.91 49.81 -49.09
N GLY A 115 -3.81 48.68 -49.78
CA GLY A 115 -4.96 47.81 -49.92
C GLY A 115 -4.64 46.34 -50.08
N THR A 116 -5.25 45.49 -49.24
CA THR A 116 -5.12 44.05 -49.43
C THR A 116 -5.90 43.60 -50.65
N PHE A 117 -7.15 44.05 -50.78
CA PHE A 117 -7.96 43.80 -51.97
C PHE A 117 -8.01 45.02 -52.89
N GLU A 118 -7.18 46.03 -52.64
CA GLU A 118 -7.21 47.27 -53.40
C GLU A 118 -5.90 47.55 -54.13
N SER A 119 -4.75 47.39 -53.46
CA SER A 119 -3.48 47.54 -54.16
C SER A 119 -3.30 46.47 -55.22
N THR A 120 -3.68 45.23 -54.90
CA THR A 120 -3.70 44.18 -55.91
C THR A 120 -4.73 44.47 -56.98
N ARG A 121 -5.84 45.11 -56.59
CA ARG A 121 -6.94 45.40 -57.51
C ARG A 121 -6.51 46.29 -58.68
N ALA A 122 -5.41 47.02 -58.53
CA ALA A 122 -4.96 47.89 -59.62
C ALA A 122 -4.56 47.09 -60.85
N PHE A 123 -4.20 45.82 -60.69
CA PHE A 123 -3.77 45.01 -61.82
C PHE A 123 -4.39 43.61 -61.82
N LEU A 124 -5.19 43.27 -60.82
CA LEU A 124 -5.74 41.91 -60.74
C LEU A 124 -6.63 41.54 -61.92
N PRO A 125 -7.55 42.38 -62.40
CA PRO A 125 -8.41 41.93 -63.51
C PRO A 125 -7.64 41.51 -64.75
N GLU A 126 -6.58 42.22 -65.12
CA GLU A 126 -5.83 41.82 -66.31
C GLU A 126 -5.00 40.58 -66.04
N ILE A 127 -4.55 40.38 -64.79
CA ILE A 127 -3.85 39.16 -64.43
C ILE A 127 -4.79 37.96 -64.57
N ILE A 128 -6.02 38.09 -64.09
CA ILE A 128 -7.00 37.01 -64.23
C ILE A 128 -7.33 36.78 -65.69
N ALA A 129 -7.44 37.86 -66.48
CA ALA A 129 -7.69 37.69 -67.90
C ALA A 129 -6.57 36.95 -68.59
N THR A 130 -5.31 37.27 -68.28
CA THR A 130 -4.18 36.57 -68.87
C THR A 130 -4.14 35.11 -68.44
N SER A 131 -4.46 34.84 -67.17
CA SER A 131 -4.50 33.46 -66.71
C SER A 131 -5.57 32.67 -67.44
N ALA A 132 -6.76 33.26 -67.62
CA ALA A 132 -7.82 32.62 -68.36
C ALA A 132 -7.41 32.39 -69.81
N ALA A 133 -6.70 33.35 -70.41
CA ALA A 133 -6.22 33.19 -71.77
C ALA A 133 -5.23 32.03 -71.88
N LEU A 134 -4.31 31.91 -70.92
CA LEU A 134 -3.35 30.81 -70.94
C LEU A 134 -4.05 29.47 -70.77
N LEU A 135 -5.03 29.40 -69.86
CA LEU A 135 -5.79 28.17 -69.70
C LEU A 135 -6.56 27.81 -70.96
N THR A 136 -7.12 28.82 -71.64
CA THR A 136 -7.80 28.54 -72.91
C THR A 136 -6.82 28.04 -73.96
N ILE A 137 -5.61 28.60 -74.00
CA ILE A 137 -4.58 28.11 -74.92
C ILE A 137 -4.33 26.63 -74.66
N ILE A 138 -4.10 26.28 -73.39
CA ILE A 138 -3.78 24.91 -73.04
C ILE A 138 -4.93 23.98 -73.41
N ILE A 139 -6.16 24.39 -73.10
CA ILE A 139 -7.30 23.51 -73.31
C ILE A 139 -7.61 23.35 -74.79
N VAL A 140 -7.47 24.42 -75.59
CA VAL A 140 -7.74 24.29 -77.02
C VAL A 140 -6.67 23.46 -77.71
N MET A 141 -5.40 23.60 -77.27
CA MET A 141 -4.34 22.76 -77.83
C MET A 141 -4.38 21.33 -77.32
N PHE A 142 -5.06 21.07 -76.22
CA PHE A 142 -5.09 19.72 -75.65
C PHE A 142 -6.35 18.94 -76.02
N LEU A 143 -7.45 19.63 -76.30
CA LEU A 143 -8.72 18.96 -76.58
C LEU A 143 -8.75 18.32 -77.96
N SER A 144 -7.83 18.68 -78.85
CA SER A 144 -7.84 18.17 -80.22
C SER A 144 -7.34 16.72 -80.28
N HIS A 145 -8.10 15.79 -79.68
CA HIS A 145 -7.74 14.39 -79.71
C HIS A 145 -8.95 13.51 -79.43
N SER A 179 -36.84 5.51 -67.17
CA SER A 179 -36.74 6.97 -67.17
C SER A 179 -37.98 7.61 -66.56
N ALA A 180 -38.84 6.78 -65.96
CA ALA A 180 -40.04 7.29 -65.31
C ALA A 180 -39.68 8.22 -64.16
N ILE A 181 -38.76 7.79 -63.30
CA ILE A 181 -38.24 8.68 -62.26
C ILE A 181 -37.46 9.83 -62.87
N GLY A 182 -36.76 9.59 -63.97
CA GLY A 182 -36.08 10.69 -64.65
C GLY A 182 -37.05 11.73 -65.17
N ASN A 183 -38.16 11.28 -65.77
CA ASN A 183 -39.17 12.22 -66.26
C ASN A 183 -39.83 12.96 -65.10
N SER A 184 -40.11 12.26 -64.00
CA SER A 184 -40.69 12.91 -62.84
C SER A 184 -39.76 13.97 -62.29
N LEU A 185 -38.46 13.67 -62.22
CA LEU A 185 -37.49 14.65 -61.74
C LEU A 185 -37.34 15.81 -62.72
N ARG A 186 -37.45 15.55 -64.02
CA ARG A 186 -37.40 16.63 -65.00
C ARG A 186 -38.59 17.57 -64.85
N ARG A 187 -39.78 17.01 -64.64
CA ARG A 187 -40.94 17.86 -64.40
C ARG A 187 -40.83 18.59 -63.06
N LEU A 188 -40.24 17.95 -62.04
CA LEU A 188 -40.04 18.61 -60.77
C LEU A 188 -39.07 19.78 -60.89
N THR A 189 -37.98 19.61 -61.65
CA THR A 189 -37.05 20.70 -61.83
C THR A 189 -37.61 21.79 -62.74
N ASN A 190 -38.49 21.42 -63.68
CA ASN A 190 -39.23 22.45 -64.41
C ASN A 190 -40.14 23.25 -63.47
N PHE A 191 -40.78 22.56 -62.52
CA PHE A 191 -41.61 23.24 -61.55
C PHE A 191 -40.79 24.16 -60.64
N VAL A 192 -39.61 23.72 -60.23
CA VAL A 192 -38.80 24.59 -59.38
C VAL A 192 -38.20 25.73 -60.18
N LEU A 193 -37.98 25.54 -61.49
CA LEU A 193 -37.59 26.65 -62.34
C LEU A 193 -38.75 27.65 -62.49
N PHE A 194 -39.97 27.14 -62.54
CA PHE A 194 -41.15 27.99 -62.51
C PHE A 194 -41.20 28.81 -61.22
N LEU A 195 -40.96 28.15 -60.09
CA LEU A 195 -40.88 28.86 -58.81
C LEU A 195 -39.73 29.85 -58.78
N PHE A 196 -38.63 29.53 -59.48
CA PHE A 196 -37.50 30.45 -59.52
C PHE A 196 -37.80 31.67 -60.38
N THR A 197 -38.53 31.48 -61.48
CA THR A 197 -39.04 32.63 -62.23
C THR A 197 -39.88 33.51 -61.32
N ALA A 198 -40.79 32.90 -60.56
CA ALA A 198 -41.58 33.66 -59.60
C ALA A 198 -40.68 34.40 -58.62
N TYR A 199 -39.70 33.72 -58.05
CA TYR A 199 -38.87 34.31 -57.00
C TYR A 199 -38.02 35.46 -57.54
N VAL A 200 -37.44 35.31 -58.73
CA VAL A 200 -36.63 36.38 -59.30
C VAL A 200 -37.52 37.54 -59.75
N GLY A 201 -38.79 37.28 -60.06
CA GLY A 201 -39.72 38.38 -60.20
C GLY A 201 -40.01 39.06 -58.87
N ILE A 202 -40.04 38.28 -57.79
CA ILE A 202 -40.38 38.83 -56.48
C ILE A 202 -39.26 39.71 -55.95
N VAL A 203 -38.01 39.29 -56.15
CA VAL A 203 -36.88 39.90 -55.47
C VAL A 203 -36.74 41.39 -55.83
N LYS A 204 -37.01 41.75 -57.09
CA LYS A 204 -37.01 43.13 -57.53
C LYS A 204 -38.28 43.40 -58.31
N PRO A 205 -39.37 43.77 -57.63
CA PRO A 205 -40.60 44.11 -58.34
C PRO A 205 -40.47 45.43 -59.09
N SER A 206 -40.32 45.36 -60.40
CA SER A 206 -40.09 46.52 -61.25
C SER A 206 -40.19 46.05 -62.69
N LEU A 207 -40.03 46.99 -63.63
CA LEU A 207 -40.13 46.66 -65.05
C LEU A 207 -39.01 45.73 -65.48
N SER A 208 -37.91 45.66 -64.72
CA SER A 208 -36.89 44.67 -65.01
C SER A 208 -37.41 43.25 -64.79
N ASN A 209 -38.27 43.07 -63.78
CA ASN A 209 -38.89 41.78 -63.52
C ASN A 209 -40.39 41.78 -63.80
N SER A 210 -40.95 42.89 -64.26
CA SER A 210 -42.35 42.90 -64.66
C SER A 210 -42.59 41.96 -65.83
N ILE A 211 -41.68 41.97 -66.82
CA ILE A 211 -41.81 41.04 -67.93
C ILE A 211 -41.58 39.61 -67.46
N TYR A 212 -40.74 39.41 -66.44
CA TYR A 212 -40.58 38.09 -65.85
C TYR A 212 -41.90 37.61 -65.27
N PHE A 213 -42.58 38.46 -64.52
CA PHE A 213 -43.85 38.08 -63.93
C PHE A 213 -44.94 37.89 -64.99
N LEU A 214 -44.89 38.69 -66.05
CA LEU A 214 -45.86 38.53 -67.13
C LEU A 214 -45.67 37.19 -67.85
N ALA A 215 -44.42 36.83 -68.16
CA ALA A 215 -44.16 35.52 -68.76
C ALA A 215 -44.55 34.41 -67.79
N PHE A 216 -44.26 34.60 -66.50
CA PHE A 216 -44.68 33.65 -65.47
C PHE A 216 -46.17 33.39 -65.52
N LEU A 217 -46.96 34.47 -65.50
CA LEU A 217 -48.42 34.32 -65.47
C LEU A 217 -48.93 33.75 -66.79
N PHE A 218 -48.34 34.15 -67.91
CA PHE A 218 -48.80 33.65 -69.21
C PHE A 218 -48.56 32.15 -69.33
N ILE A 219 -47.35 31.69 -69.01
CA ILE A 219 -47.07 30.27 -69.10
C ILE A 219 -47.87 29.50 -68.05
N SER A 220 -48.13 30.12 -66.88
CA SER A 220 -48.91 29.45 -65.85
C SER A 220 -50.36 29.27 -66.29
N THR A 221 -50.93 30.28 -66.96
CA THR A 221 -52.30 30.15 -67.44
C THR A 221 -52.39 29.15 -68.58
N TRP A 222 -51.38 29.14 -69.47
CA TRP A 222 -51.38 28.14 -70.54
C TRP A 222 -51.26 26.73 -69.96
N TRP A 223 -50.41 26.55 -68.95
CA TRP A 223 -50.25 25.25 -68.30
C TRP A 223 -51.49 24.90 -67.48
N SER A 224 -52.26 25.90 -67.07
CA SER A 224 -53.44 25.66 -66.24
C SER A 224 -54.60 25.13 -67.06
N THR A 225 -54.68 25.50 -68.34
CA THR A 225 -55.73 24.96 -69.21
C THR A 225 -55.54 23.48 -69.50
N TYR A 226 -54.39 22.92 -69.11
CA TYR A 226 -54.08 21.50 -69.29
C TYR A 226 -53.96 21.16 -70.77
N THR A 227 -53.85 22.19 -71.59
CA THR A 227 -53.54 22.03 -73.00
C THR A 227 -52.05 21.81 -73.15
N PRO A 228 -51.61 20.71 -73.75
CA PRO A 228 -50.16 20.46 -73.85
C PRO A 228 -49.48 21.52 -74.70
N LEU A 229 -48.66 22.35 -74.05
CA LEU A 229 -48.00 23.44 -74.76
C LEU A 229 -46.88 22.88 -75.64
N ARG A 230 -46.87 23.32 -76.90
CA ARG A 230 -45.93 22.78 -77.87
C ARG A 230 -44.50 23.07 -77.46
N HIS A 231 -43.60 22.14 -77.75
CA HIS A 231 -42.18 22.34 -77.44
C HIS A 231 -41.59 23.51 -78.21
N GLY A 232 -42.16 23.86 -79.37
CA GLY A 232 -41.73 25.05 -80.06
C GLY A 232 -42.05 26.31 -79.29
N VAL A 233 -43.25 26.39 -78.72
CA VAL A 233 -43.62 27.55 -77.90
C VAL A 233 -42.77 27.59 -76.64
N TYR A 234 -42.50 26.43 -76.05
CA TYR A 234 -41.65 26.37 -74.86
C TYR A 234 -40.23 26.84 -75.18
N ASN A 235 -39.71 26.44 -76.34
CA ASN A 235 -38.39 26.88 -76.77
C ASN A 235 -38.37 28.39 -77.03
N GLN A 236 -39.44 28.91 -77.64
CA GLN A 236 -39.53 30.35 -77.88
C GLN A 236 -39.56 31.12 -76.56
N ILE A 237 -40.32 30.63 -75.58
CA ILE A 237 -40.38 31.27 -74.27
C ILE A 237 -39.00 31.25 -73.61
N LYS A 238 -38.32 30.10 -73.68
CA LYS A 238 -36.98 30.01 -73.12
C LYS A 238 -36.01 30.97 -73.81
N LYS A 239 -36.09 31.07 -75.14
CA LYS A 239 -35.20 31.97 -75.87
C LYS A 239 -35.46 33.43 -75.50
N PHE A 240 -36.72 33.81 -75.40
CA PHE A 240 -37.06 35.17 -74.97
C PHE A 240 -36.56 35.43 -73.56
N LEU A 241 -36.72 34.45 -72.67
CA LEU A 241 -36.24 34.61 -71.30
C LEU A 241 -34.73 34.78 -71.27
N ILE A 242 -34.00 33.98 -72.04
CA ILE A 242 -32.53 34.08 -72.05
C ILE A 242 -32.10 35.42 -72.62
N PHE A 243 -32.74 35.86 -73.71
CA PHE A 243 -32.36 37.14 -74.31
C PHE A 243 -32.62 38.30 -73.36
N TYR A 244 -33.79 38.33 -72.72
CA TYR A 244 -34.09 39.43 -71.81
C TYR A 244 -33.25 39.34 -70.54
N SER A 245 -32.88 38.12 -70.13
CA SER A 245 -31.97 37.99 -68.99
C SER A 245 -30.59 38.52 -69.32
N ALA A 246 -30.10 38.24 -70.53
CA ALA A 246 -28.81 38.82 -70.94
C ALA A 246 -28.89 40.33 -70.98
N LEU A 247 -29.98 40.88 -71.51
CA LEU A 247 -30.17 42.32 -71.49
C LEU A 247 -30.23 42.85 -70.06
N HIS A 248 -30.83 42.08 -69.15
CA HIS A 248 -30.93 42.50 -67.76
C HIS A 248 -29.56 42.56 -67.10
N PHE A 249 -28.74 41.52 -67.30
CA PHE A 249 -27.34 41.57 -66.83
C PHE A 249 -26.63 42.77 -67.41
N LEU A 250 -26.76 42.98 -68.72
CA LEU A 250 -26.07 44.09 -69.37
C LEU A 250 -26.44 45.42 -68.73
N VAL A 251 -27.74 45.70 -68.61
CA VAL A 251 -28.16 46.98 -68.08
C VAL A 251 -27.77 47.12 -66.61
N LEU A 252 -27.97 46.07 -65.80
CA LEU A 252 -27.70 46.18 -64.38
C LEU A 252 -26.22 46.42 -64.12
N TYR A 253 -25.36 45.76 -64.87
CA TYR A 253 -23.95 45.91 -64.59
C TYR A 253 -23.39 47.17 -65.22
N THR A 254 -23.64 47.35 -66.50
CA THR A 254 -23.14 48.56 -67.16
C THR A 254 -23.64 49.80 -66.46
N TYR A 255 -24.79 49.71 -65.80
CA TYR A 255 -25.24 50.80 -64.94
C TYR A 255 -24.49 50.83 -63.61
N GLN A 256 -23.92 49.70 -63.19
CA GLN A 256 -23.13 49.68 -61.96
C GLN A 256 -21.78 50.38 -62.14
N ILE A 257 -21.40 50.70 -63.37
CA ILE A 257 -20.17 51.46 -63.59
C ILE A 257 -20.30 52.83 -62.93
N PRO A 258 -19.29 53.32 -62.21
CA PRO A 258 -19.46 54.61 -61.52
C PRO A 258 -19.81 55.75 -62.45
N ILE A 259 -19.27 55.77 -63.66
CA ILE A 259 -19.49 56.91 -64.56
C ILE A 259 -20.93 56.98 -65.02
N VAL A 260 -21.58 55.83 -65.26
CA VAL A 260 -22.92 55.83 -65.80
C VAL A 260 -23.90 56.46 -64.82
N HIS A 261 -23.89 56.00 -63.57
CA HIS A 261 -24.80 56.54 -62.57
C HIS A 261 -24.40 57.95 -62.12
N HIS A 262 -23.13 58.31 -62.25
CA HIS A 262 -22.70 59.65 -61.88
C HIS A 262 -23.13 60.68 -62.92
N SER A 263 -23.05 60.33 -64.20
CA SER A 263 -23.23 61.31 -65.28
C SER A 263 -24.58 61.17 -65.98
N TRP A 264 -24.87 59.98 -66.52
CA TRP A 264 -26.04 59.84 -67.38
C TRP A 264 -27.34 60.02 -66.60
N LEU A 265 -27.46 59.39 -65.43
CA LEU A 265 -28.62 59.58 -64.58
C LEU A 265 -28.30 59.10 -63.16
N PRO A 266 -28.74 59.81 -62.14
CA PRO A 266 -28.36 59.47 -60.77
C PRO A 266 -28.95 58.14 -60.31
N THR A 267 -28.29 57.53 -59.34
CA THR A 267 -28.78 56.28 -58.76
C THR A 267 -30.12 56.49 -58.09
N GLY A 268 -31.06 55.59 -58.33
CA GLY A 268 -32.39 55.69 -57.77
C GLY A 268 -33.19 56.87 -58.30
N SER A 269 -33.03 57.20 -59.57
CA SER A 269 -33.80 58.26 -60.20
C SER A 269 -35.06 57.65 -60.81
N PHE A 270 -35.74 58.39 -61.68
CA PHE A 270 -37.04 57.95 -62.19
C PHE A 270 -36.94 56.59 -62.88
N LEU A 271 -35.99 56.45 -63.82
CA LEU A 271 -35.85 55.16 -64.50
C LEU A 271 -35.42 54.03 -63.55
N PRO A 272 -34.40 54.20 -62.69
CA PRO A 272 -34.12 53.14 -61.70
C PRO A 272 -35.29 52.84 -60.79
N ARG A 273 -36.08 53.84 -60.43
CA ARG A 273 -37.24 53.60 -59.59
C ARG A 273 -38.34 52.86 -60.34
N LEU A 274 -38.39 53.04 -61.66
CA LEU A 274 -39.44 52.43 -62.48
C LEU A 274 -39.00 51.09 -63.06
N PHE A 275 -37.93 51.10 -63.87
CA PHE A 275 -37.47 49.86 -64.50
C PHE A 275 -36.77 48.96 -63.50
N GLY A 276 -36.00 49.56 -62.58
CA GLY A 276 -35.27 48.82 -61.58
C GLY A 276 -33.78 48.82 -61.83
N LEU A 277 -33.06 49.72 -61.18
CA LEU A 277 -31.62 49.85 -61.37
C LEU A 277 -31.01 50.21 -60.01
N THR A 278 -30.24 49.29 -59.44
CA THR A 278 -29.60 49.51 -58.14
C THR A 278 -28.10 49.29 -58.29
N VAL A 279 -27.32 50.23 -57.76
CA VAL A 279 -25.86 50.11 -57.79
C VAL A 279 -25.41 49.52 -56.46
N LEU A 280 -24.62 48.44 -56.54
CA LEU A 280 -24.18 47.71 -55.35
C LEU A 280 -22.90 48.30 -54.76
N MET A 281 -21.83 48.36 -55.55
CA MET A 281 -20.53 48.79 -55.06
C MET A 281 -20.19 50.15 -55.66
N ASP A 282 -19.87 51.11 -54.79
CA ASP A 282 -19.43 52.43 -55.22
C ASP A 282 -18.08 52.82 -54.61
N SER A 283 -17.52 52.00 -53.72
CA SER A 283 -16.22 52.32 -53.14
C SER A 283 -15.13 52.19 -54.20
N SER A 284 -14.28 53.20 -54.29
CA SER A 284 -13.22 53.25 -55.27
C SER A 284 -11.90 53.52 -54.56
N CYS A 285 -10.83 53.66 -55.36
CA CYS A 285 -9.52 53.96 -54.81
C CYS A 285 -9.50 55.38 -54.26
N PRO A 286 -8.60 55.66 -53.30
CA PRO A 286 -8.49 57.03 -52.75
C PRO A 286 -8.44 58.11 -53.81
N GLU A 287 -9.43 59.00 -53.80
CA GLU A 287 -9.51 60.07 -54.78
C GLU A 287 -8.64 61.26 -54.38
N ASP A 297 -22.49 50.62 -49.58
CA ASP A 297 -22.26 51.83 -50.35
C ASP A 297 -23.47 52.14 -51.25
N PHE A 298 -24.61 51.56 -50.90
CA PHE A 298 -25.83 51.70 -51.68
C PHE A 298 -26.91 52.38 -50.85
N ASN A 299 -27.54 53.41 -51.42
CA ASN A 299 -28.67 54.11 -50.82
C ASN A 299 -28.43 54.46 -49.35
N ASP A 300 -29.06 53.70 -48.46
CA ASP A 300 -28.94 53.91 -47.02
C ASP A 300 -28.96 52.56 -46.33
N ASP A 301 -28.44 52.54 -45.10
CA ASP A 301 -28.38 51.32 -44.30
C ASP A 301 -29.29 51.42 -43.07
N ASP A 302 -30.48 52.00 -43.25
CA ASP A 302 -31.44 52.04 -42.15
C ASP A 302 -31.86 50.64 -41.73
N LEU A 303 -32.06 49.74 -42.70
CA LEU A 303 -32.29 48.33 -42.43
C LEU A 303 -31.01 47.59 -42.81
N ILE A 304 -30.42 46.88 -41.85
CA ILE A 304 -29.10 46.30 -42.06
C ILE A 304 -29.14 45.18 -43.09
N MET A 305 -30.17 44.33 -43.04
CA MET A 305 -30.21 43.13 -43.87
C MET A 305 -30.22 43.45 -45.35
N LYS A 306 -31.30 44.07 -45.84
CA LYS A 306 -31.47 44.39 -47.26
C LYS A 306 -31.14 43.19 -48.14
N TRP A 307 -31.71 42.04 -47.78
CA TRP A 307 -31.39 40.80 -48.48
C TRP A 307 -31.72 40.82 -49.97
N PRO A 308 -32.92 41.24 -50.41
CA PRO A 308 -33.18 41.22 -51.86
C PRO A 308 -32.21 42.05 -52.69
N LEU A 309 -31.84 43.23 -52.21
CA LEU A 309 -30.98 44.11 -52.99
C LEU A 309 -29.59 43.52 -53.17
N TYR A 310 -29.04 42.92 -52.10
CA TYR A 310 -27.73 42.30 -52.20
C TYR A 310 -27.79 40.97 -52.94
N ALA A 311 -28.95 40.30 -52.91
CA ALA A 311 -29.06 38.97 -53.49
C ALA A 311 -29.47 38.98 -54.96
N ASN A 312 -29.95 40.11 -55.48
CA ASN A 312 -30.37 40.20 -56.88
C ASN A 312 -29.31 39.68 -57.86
N PRO A 313 -28.05 40.12 -57.82
CA PRO A 313 -27.08 39.63 -58.81
C PRO A 313 -26.89 38.12 -58.78
N ILE A 314 -26.60 37.55 -57.61
CA ILE A 314 -26.32 36.12 -57.52
C ILE A 314 -27.57 35.29 -57.83
N VAL A 315 -28.73 35.73 -57.34
CA VAL A 315 -29.96 34.98 -57.60
C VAL A 315 -30.27 34.96 -59.09
N VAL A 316 -30.16 36.12 -59.76
CA VAL A 316 -30.45 36.12 -61.19
C VAL A 316 -29.37 35.37 -61.97
N LEU A 317 -28.13 35.37 -61.47
CA LEU A 317 -27.06 34.61 -62.13
C LEU A 317 -27.33 33.11 -62.07
N VAL A 318 -27.68 32.60 -60.87
CA VAL A 318 -27.98 31.18 -60.75
C VAL A 318 -29.26 30.84 -61.50
N PHE A 319 -30.19 31.79 -61.61
CA PHE A 319 -31.35 31.61 -62.47
C PHE A 319 -30.93 31.41 -63.92
N PHE A 320 -30.05 32.29 -64.42
CA PHE A 320 -29.52 32.14 -65.77
C PHE A 320 -28.88 30.77 -65.97
N TYR A 321 -28.04 30.36 -65.01
CA TYR A 321 -27.35 29.09 -65.13
C TYR A 321 -28.33 27.91 -65.15
N LEU A 322 -29.32 27.92 -64.27
CA LEU A 322 -30.30 26.85 -64.25
C LEU A 322 -31.10 26.82 -65.54
N THR A 323 -31.50 27.98 -66.06
CA THR A 323 -32.29 28.01 -67.28
C THR A 323 -31.48 27.50 -68.47
N VAL A 324 -30.21 27.90 -68.60
CA VAL A 324 -29.41 27.43 -69.73
C VAL A 324 -29.13 25.94 -69.59
N ALA A 325 -28.92 25.47 -68.35
CA ALA A 325 -28.74 24.04 -68.13
C ALA A 325 -29.99 23.25 -68.52
N GLN A 326 -31.17 23.76 -68.15
CA GLN A 326 -32.41 23.08 -68.50
C GLN A 326 -32.65 23.10 -70.00
N TYR A 327 -32.30 24.20 -70.66
CA TYR A 327 -32.37 24.26 -72.12
C TYR A 327 -31.46 23.23 -72.76
N LYS A 328 -30.23 23.10 -72.24
CA LYS A 328 -29.31 22.11 -72.78
C LYS A 328 -29.79 20.70 -72.46
N PHE A 329 -30.32 20.48 -71.25
CA PHE A 329 -30.82 19.17 -70.84
C PHE A 329 -32.04 18.76 -71.65
N SER A 449 -48.61 -4.55 -49.82
CA SER A 449 -48.95 -3.22 -50.31
C SER A 449 -50.44 -2.94 -50.15
N ALA A 450 -50.84 -1.70 -50.42
CA ALA A 450 -52.22 -1.28 -50.32
C ALA A 450 -52.97 -1.35 -51.65
N ALA A 451 -52.31 -1.86 -52.69
CA ALA A 451 -52.90 -2.02 -54.02
C ALA A 451 -53.33 -0.67 -54.62
N SER A 452 -53.92 -0.70 -55.81
CA SER A 452 -54.36 0.53 -56.46
C SER A 452 -55.49 1.22 -55.71
N LYS A 453 -56.22 0.48 -54.88
CA LYS A 453 -57.38 1.06 -54.18
C LYS A 453 -56.94 2.19 -53.26
N GLY A 454 -55.81 2.03 -52.58
CA GLY A 454 -55.31 3.04 -51.68
C GLY A 454 -55.16 4.41 -52.30
N MET A 455 -54.24 4.55 -53.25
CA MET A 455 -54.03 5.88 -53.83
C MET A 455 -55.12 6.27 -54.81
N ILE A 456 -55.93 5.33 -55.32
CA ILE A 456 -57.07 5.78 -56.13
C ILE A 456 -58.11 6.46 -55.23
N ALA A 457 -58.33 5.92 -54.02
CA ALA A 457 -59.18 6.61 -53.06
C ALA A 457 -58.56 7.90 -52.57
N VAL A 458 -57.23 7.93 -52.42
CA VAL A 458 -56.54 9.17 -52.05
C VAL A 458 -56.78 10.24 -53.11
N MET A 459 -56.65 9.88 -54.39
CA MET A 459 -56.84 10.86 -55.46
C MET A 459 -58.31 11.24 -55.59
N THR A 460 -59.23 10.32 -55.30
CA THR A 460 -60.65 10.67 -55.26
C THR A 460 -60.94 11.70 -54.18
N PHE A 461 -60.39 11.49 -52.98
CA PHE A 461 -60.53 12.49 -51.93
C PHE A 461 -59.87 13.80 -52.32
N VAL A 462 -58.73 13.74 -53.03
CA VAL A 462 -58.04 14.95 -53.47
C VAL A 462 -58.93 15.75 -54.42
N ILE A 463 -59.55 15.07 -55.39
CA ILE A 463 -60.38 15.77 -56.35
C ILE A 463 -61.72 16.18 -55.76
N PHE A 464 -62.14 15.56 -54.66
CA PHE A 464 -63.36 15.97 -53.97
C PHE A 464 -63.14 17.07 -52.94
N HIS A 465 -61.89 17.30 -52.52
CA HIS A 465 -61.59 18.34 -51.54
C HIS A 465 -60.60 19.38 -52.05
N SER A 466 -60.28 19.37 -53.35
CA SER A 466 -59.37 20.37 -53.89
C SER A 466 -59.94 21.77 -53.76
N TYR A 467 -61.21 21.95 -54.11
CA TYR A 467 -61.82 23.27 -53.94
C TYR A 467 -61.89 23.67 -52.47
N SER A 468 -62.14 22.71 -51.58
CA SER A 468 -62.18 23.00 -50.15
C SER A 468 -60.83 23.49 -49.65
N ILE A 469 -59.75 22.77 -50.00
CA ILE A 469 -58.43 23.15 -49.51
C ILE A 469 -57.98 24.47 -50.15
N ALA A 470 -58.29 24.67 -51.43
CA ALA A 470 -57.95 25.92 -52.07
C ALA A 470 -58.71 27.08 -51.44
N LEU A 471 -59.97 26.87 -51.08
CA LEU A 471 -60.76 27.93 -50.47
C LEU A 471 -60.27 28.23 -49.06
N THR A 472 -59.84 27.19 -48.32
CA THR A 472 -59.26 27.44 -47.00
C THR A 472 -57.97 28.24 -47.11
N ALA A 473 -57.13 27.91 -48.10
CA ALA A 473 -55.95 28.73 -48.36
C ALA A 473 -56.35 30.15 -48.76
N MET A 474 -57.47 30.28 -49.47
CA MET A 474 -57.96 31.59 -49.88
C MET A 474 -58.33 32.42 -48.66
N MET A 475 -58.99 31.80 -47.69
CA MET A 475 -59.20 32.43 -46.38
C MET A 475 -57.87 32.83 -45.78
N THR A 476 -56.91 31.91 -45.76
CA THR A 476 -55.59 32.22 -45.20
C THR A 476 -55.01 33.48 -45.81
N TRP A 477 -55.18 33.64 -47.13
CA TRP A 477 -54.84 34.90 -47.78
C TRP A 477 -55.62 36.05 -47.16
N ALA A 478 -56.92 35.86 -46.94
CA ALA A 478 -57.71 36.91 -46.31
C ALA A 478 -57.24 37.23 -44.90
N LEU A 479 -56.75 36.24 -44.15
CA LEU A 479 -56.18 36.51 -42.83
C LEU A 479 -54.90 37.33 -42.93
N LEU A 480 -53.95 36.89 -43.76
CA LEU A 480 -52.65 37.52 -43.87
C LEU A 480 -52.73 38.96 -44.38
N TYR A 481 -53.59 39.21 -45.37
CA TYR A 481 -53.59 40.48 -46.07
C TYR A 481 -54.93 41.17 -45.90
N HIS A 482 -54.89 42.48 -45.70
CA HIS A 482 -56.08 43.27 -45.39
C HIS A 482 -56.44 44.17 -46.56
N SER A 483 -57.67 44.05 -47.03
CA SER A 483 -58.19 44.90 -48.10
C SER A 483 -59.70 44.73 -48.14
N ILE A 484 -60.39 45.77 -48.64
CA ILE A 484 -61.78 45.59 -49.03
C ILE A 484 -61.88 44.60 -50.19
N PHE A 485 -60.82 44.53 -51.01
CA PHE A 485 -60.66 43.36 -51.87
C PHE A 485 -60.67 42.08 -51.05
N GLY A 486 -59.93 42.04 -49.95
CA GLY A 486 -59.98 40.89 -49.06
C GLY A 486 -61.36 40.66 -48.49
N LEU A 487 -62.11 41.73 -48.24
CA LEU A 487 -63.51 41.59 -47.87
C LEU A 487 -64.30 40.93 -48.99
N ILE A 488 -64.05 41.34 -50.23
CA ILE A 488 -64.65 40.66 -51.38
C ILE A 488 -64.21 39.20 -51.41
N LEU A 489 -62.94 38.94 -51.09
CA LEU A 489 -62.46 37.56 -51.06
C LEU A 489 -63.25 36.72 -50.05
N LEU A 490 -63.48 37.26 -48.85
CA LEU A 490 -64.19 36.47 -47.84
C LEU A 490 -65.67 36.34 -48.16
N ILE A 491 -66.29 37.35 -48.76
CA ILE A 491 -67.71 37.21 -49.09
C ILE A 491 -67.88 36.20 -50.22
N LEU A 492 -66.99 36.21 -51.21
CA LEU A 492 -67.04 35.16 -52.22
C LEU A 492 -66.74 33.79 -51.61
N THR A 493 -65.84 33.74 -50.63
CA THR A 493 -65.54 32.50 -49.94
C THR A 493 -66.80 31.92 -49.27
N CYS A 494 -67.52 32.76 -48.53
CA CYS A 494 -68.71 32.27 -47.83
C CYS A 494 -69.83 31.95 -48.81
N ILE A 495 -69.92 32.69 -49.92
CA ILE A 495 -70.91 32.36 -50.95
C ILE A 495 -70.61 30.99 -51.54
N LEU A 496 -69.33 30.71 -51.82
CA LEU A 496 -68.96 29.41 -52.38
C LEU A 496 -69.10 28.29 -51.36
N TRP A 497 -68.93 28.56 -50.07
CA TRP A 497 -68.97 27.53 -49.04
C TRP A 497 -70.29 27.51 -48.27
N ILE A 498 -71.31 28.22 -48.75
CA ILE A 498 -72.61 28.25 -48.08
C ILE A 498 -73.63 27.33 -48.76
N PHE A 499 -73.48 27.05 -50.03
CA PHE A 499 -74.48 26.31 -50.80
C PHE A 499 -74.11 24.82 -50.86
N ARG A 500 -75.04 24.02 -51.39
CA ARG A 500 -74.84 22.59 -51.58
C ARG A 500 -73.97 22.28 -52.79
N ASP A 501 -73.89 23.18 -53.77
CA ASP A 501 -73.21 22.90 -55.03
C ASP A 501 -71.77 23.40 -55.01
N THR A 502 -71.10 23.26 -53.86
CA THR A 502 -69.73 23.76 -53.70
C THR A 502 -68.82 23.31 -54.83
N ARG A 503 -68.81 22.02 -55.13
CA ARG A 503 -68.04 21.53 -56.27
C ARG A 503 -68.51 22.15 -57.57
N LYS A 504 -69.83 22.18 -57.79
CA LYS A 504 -70.36 22.77 -59.01
C LYS A 504 -70.17 24.28 -59.02
N SER A 505 -70.26 24.92 -57.86
CA SER A 505 -70.03 26.36 -57.80
C SER A 505 -68.59 26.70 -58.19
N SER A 506 -67.62 25.95 -57.68
CA SER A 506 -66.24 26.14 -58.11
C SER A 506 -66.08 25.83 -59.59
N PHE A 507 -66.70 24.74 -60.05
CA PHE A 507 -66.65 24.37 -61.46
C PHE A 507 -67.14 25.50 -62.36
N ALA A 508 -68.16 26.23 -61.91
CA ALA A 508 -68.75 27.28 -62.72
C ALA A 508 -68.03 28.62 -62.61
N MET A 509 -67.59 29.01 -61.41
CA MET A 509 -66.99 30.32 -61.20
C MET A 509 -65.48 30.27 -61.01
N ALA A 510 -64.82 29.19 -61.44
CA ALA A 510 -63.36 29.16 -61.40
C ALA A 510 -62.70 30.23 -62.26
N PRO A 511 -63.12 30.46 -63.52
CA PRO A 511 -62.47 31.54 -64.28
C PRO A 511 -62.62 32.91 -63.64
N ILE A 512 -63.76 33.18 -63.02
CA ILE A 512 -63.99 34.50 -62.42
C ILE A 512 -63.07 34.69 -61.22
N ILE A 513 -62.97 33.69 -60.36
CA ILE A 513 -62.10 33.82 -59.19
C ILE A 513 -60.63 33.87 -59.61
N LEU A 514 -60.27 33.16 -60.68
CA LEU A 514 -58.91 33.27 -61.20
C LEU A 514 -58.63 34.68 -61.69
N MET A 515 -59.56 35.27 -62.44
CA MET A 515 -59.37 36.64 -62.90
C MET A 515 -59.23 37.59 -61.73
N TYR A 516 -60.07 37.43 -60.71
CA TYR A 516 -59.99 38.31 -59.55
C TYR A 516 -58.66 38.17 -58.82
N ILE A 517 -58.20 36.94 -58.60
CA ILE A 517 -56.97 36.75 -57.84
C ILE A 517 -55.76 37.22 -58.66
N GLU A 518 -55.76 36.99 -59.97
CA GLU A 518 -54.65 37.47 -60.79
C GLU A 518 -54.64 39.00 -60.84
N PHE A 519 -55.82 39.62 -60.89
CA PHE A 519 -55.88 41.08 -60.81
C PHE A 519 -55.35 41.57 -59.47
N LEU A 520 -55.66 40.86 -58.39
CA LEU A 520 -55.13 41.23 -57.08
C LEU A 520 -53.62 41.06 -57.03
N LEU A 521 -53.08 39.98 -57.62
CA LEU A 521 -51.63 39.82 -57.74
C LEU A 521 -50.99 40.99 -58.46
N ILE A 522 -51.53 41.35 -59.63
CA ILE A 522 -50.92 42.42 -60.40
C ILE A 522 -51.11 43.76 -59.69
N LEU A 523 -52.20 43.93 -58.93
CA LEU A 523 -52.43 45.18 -58.24
C LEU A 523 -51.47 45.34 -57.06
N GLN A 524 -51.26 44.28 -56.28
CA GLN A 524 -50.29 44.37 -55.20
C GLN A 524 -48.87 44.44 -55.74
N TYR A 525 -48.62 43.87 -56.93
CA TYR A 525 -47.33 44.03 -57.59
C TYR A 525 -47.09 45.48 -57.96
N PHE A 526 -48.06 46.11 -58.63
CA PHE A 526 -48.00 47.54 -58.93
C PHE A 526 -47.81 48.35 -57.65
N LEU A 527 -48.50 47.97 -56.58
CA LEU A 527 -48.32 48.66 -55.32
C LEU A 527 -46.95 48.39 -54.73
N SER A 528 -46.34 47.25 -55.05
CA SER A 528 -45.02 46.90 -54.56
C SER A 528 -43.91 47.16 -55.57
N MET A 529 -44.19 47.84 -56.68
CA MET A 529 -43.13 48.28 -57.58
C MET A 529 -42.01 49.01 -56.83
N ASP A 530 -40.86 49.05 -57.48
CA ASP A 530 -39.73 49.83 -56.96
C ASP A 530 -40.06 51.31 -56.91
N ILE A 531 -41.10 51.76 -57.62
CA ILE A 531 -41.51 53.14 -57.54
C ILE A 531 -41.98 53.46 -56.13
N HIS A 532 -41.76 54.70 -55.71
CA HIS A 532 -42.20 55.15 -54.40
C HIS A 532 -42.53 56.63 -54.48
N ALA A 533 -43.74 56.99 -54.02
CA ALA A 533 -44.21 58.37 -54.00
C ALA A 533 -44.37 58.96 -55.40
N GLU A 534 -44.17 58.14 -56.43
CA GLU A 534 -44.41 58.60 -57.80
C GLU A 534 -45.89 58.73 -58.09
N ILE A 535 -46.69 57.76 -57.62
CA ILE A 535 -48.13 57.82 -57.82
C ILE A 535 -48.78 58.66 -56.73
N GLY A 536 -48.14 58.77 -55.57
CA GLY A 536 -48.72 59.48 -54.45
C GLY A 536 -49.49 58.56 -53.53
N ASP A 537 -50.61 59.04 -52.99
CA ASP A 537 -51.53 58.23 -52.19
C ASP A 537 -52.96 58.50 -52.65
N PRO A 538 -53.37 57.88 -53.77
CA PRO A 538 -54.69 58.18 -54.34
C PRO A 538 -55.84 57.60 -53.52
N ALA A 539 -57.06 57.75 -54.04
CA ALA A 539 -58.25 57.32 -53.31
C ALA A 539 -58.29 55.83 -53.02
N TRP A 540 -57.54 55.03 -53.79
CA TRP A 540 -57.48 53.59 -53.57
C TRP A 540 -56.57 53.21 -52.41
N MET A 541 -55.87 54.18 -51.80
CA MET A 541 -55.02 53.91 -50.65
C MET A 541 -55.70 54.23 -49.32
N ASN A 542 -56.17 55.46 -49.14
CA ASN A 542 -56.77 55.84 -47.86
C ASN A 542 -58.01 55.02 -47.55
N PHE A 543 -58.84 54.79 -48.55
CA PHE A 543 -60.08 54.04 -48.32
C PHE A 543 -59.82 52.55 -48.21
N VAL A 544 -58.88 52.02 -48.98
CA VAL A 544 -58.72 50.57 -49.09
C VAL A 544 -57.65 50.06 -48.14
N GLY A 545 -56.40 50.53 -48.28
CA GLY A 545 -55.40 50.27 -47.27
C GLY A 545 -54.56 49.02 -47.36
N ILE A 546 -53.81 48.85 -48.45
CA ILE A 546 -52.74 47.86 -48.52
C ILE A 546 -51.41 48.60 -48.49
N GLU A 547 -50.45 48.08 -47.72
CA GLU A 547 -49.19 48.77 -47.51
C GLU A 547 -48.39 48.89 -48.80
N TRP A 548 -47.66 50.00 -48.92
CA TRP A 548 -46.73 50.27 -50.02
C TRP A 548 -45.50 49.38 -50.03
N THR A 549 -45.27 48.61 -48.96
CA THR A 549 -44.10 47.75 -48.85
C THR A 549 -42.81 48.54 -49.11
N THR A 550 -42.59 49.55 -48.26
CA THR A 550 -41.41 50.39 -48.40
C THR A 550 -40.14 49.58 -48.21
N LEU A 551 -40.14 48.68 -47.23
CA LEU A 551 -39.01 47.79 -47.02
C LEU A 551 -39.14 46.58 -47.94
N PRO A 552 -38.11 46.25 -48.73
CA PRO A 552 -38.21 45.09 -49.63
C PRO A 552 -38.01 43.76 -48.93
N VAL A 553 -37.38 43.75 -47.75
CA VAL A 553 -37.14 42.49 -47.05
C VAL A 553 -38.46 41.83 -46.66
N HIS A 554 -39.41 42.62 -46.16
CA HIS A 554 -40.74 42.09 -45.89
C HIS A 554 -41.51 41.83 -47.17
N ALA A 555 -41.33 42.66 -48.19
CA ALA A 555 -42.10 42.53 -49.41
C ALA A 555 -41.80 41.22 -50.12
N VAL A 556 -40.52 40.83 -50.19
CA VAL A 556 -40.17 39.59 -50.88
C VAL A 556 -40.81 38.40 -50.18
N ILE A 557 -40.75 38.37 -48.85
CA ILE A 557 -41.32 37.25 -48.09
C ILE A 557 -42.82 37.20 -48.25
N ILE A 558 -43.50 38.36 -48.15
CA ILE A 558 -44.96 38.35 -48.20
C ILE A 558 -45.44 37.97 -49.59
N LEU A 559 -44.75 38.41 -50.64
CA LEU A 559 -45.23 38.09 -51.98
C LEU A 559 -44.88 36.63 -52.34
N CYS A 560 -43.78 36.11 -51.81
CA CYS A 560 -43.51 34.68 -51.95
C CYS A 560 -44.59 33.85 -51.27
N VAL A 561 -45.00 34.27 -50.07
CA VAL A 561 -46.13 33.62 -49.41
C VAL A 561 -47.37 33.72 -50.28
N GLN A 562 -47.58 34.88 -50.91
CA GLN A 562 -48.74 35.07 -51.76
C GLN A 562 -48.77 34.09 -52.92
N THR A 563 -47.63 33.90 -53.60
CA THR A 563 -47.63 33.00 -54.75
C THR A 563 -47.72 31.54 -54.32
N LEU A 564 -46.99 31.15 -53.27
CA LEU A 564 -47.09 29.79 -52.77
C LEU A 564 -48.49 29.48 -52.21
N LEU A 565 -49.25 30.51 -51.85
CA LEU A 565 -50.63 30.33 -51.41
C LEU A 565 -51.62 30.33 -52.58
N THR A 566 -51.36 31.11 -53.63
CA THR A 566 -52.23 31.13 -54.78
C THR A 566 -52.00 29.96 -55.73
N LEU A 567 -50.95 29.17 -55.50
CA LEU A 567 -50.73 27.99 -56.33
C LEU A 567 -51.93 27.03 -56.33
N PRO A 568 -52.52 26.63 -55.18
CA PRO A 568 -53.64 25.67 -55.26
C PRO A 568 -54.93 26.26 -55.78
N VAL A 569 -55.25 27.52 -55.43
CA VAL A 569 -56.43 28.16 -55.99
C VAL A 569 -56.25 28.37 -57.49
N PHE A 570 -55.01 28.27 -57.98
CA PHE A 570 -54.78 28.26 -59.42
C PHE A 570 -54.95 26.85 -59.99
N LEU A 571 -54.51 25.83 -59.24
CA LEU A 571 -54.67 24.45 -59.68
C LEU A 571 -56.12 24.00 -59.72
N LEU A 572 -57.01 24.68 -58.98
CA LEU A 572 -58.41 24.26 -59.01
C LEU A 572 -59.01 24.45 -60.41
N LEU A 573 -58.62 25.51 -61.11
CA LEU A 573 -59.06 25.64 -62.50
C LEU A 573 -58.47 24.57 -63.39
N ARG A 574 -57.23 24.16 -63.12
CA ARG A 574 -56.63 23.04 -63.85
C ARG A 574 -57.50 21.81 -63.74
N LEU A 575 -57.84 21.43 -62.50
CA LEU A 575 -58.69 20.26 -62.27
C LEU A 575 -60.08 20.46 -62.89
N ALA A 576 -60.65 21.65 -62.76
CA ALA A 576 -61.97 21.91 -63.31
C ALA A 576 -61.99 21.75 -64.82
N ARG A 577 -61.00 22.31 -65.51
CA ARG A 577 -60.93 22.18 -66.97
C ARG A 577 -60.71 20.74 -67.38
N ARG A 578 -59.83 20.02 -66.66
CA ARG A 578 -59.59 18.62 -66.96
C ARG A 578 -60.86 17.80 -66.87
N GLU A 579 -61.56 17.92 -65.74
CA GLU A 579 -62.85 17.26 -65.59
C GLU A 579 -63.81 17.69 -66.69
N LYS A 580 -63.83 19.00 -66.99
CA LYS A 580 -64.80 19.54 -67.94
C LYS A 580 -64.63 18.90 -69.32
N PHE A 581 -63.40 18.75 -69.79
CA PHE A 581 -63.31 18.11 -71.11
C PHE A 581 -63.31 16.59 -71.01
N TYR A 582 -63.27 16.01 -69.80
CA TYR A 582 -63.57 14.58 -69.72
C TYR A 582 -65.01 14.25 -70.11
N GLU A 583 -65.98 15.07 -69.72
CA GLU A 583 -67.33 14.82 -70.26
C GLU A 583 -67.52 15.58 -71.56
N SER A 620 -64.16 -3.95 -47.89
CA SER A 620 -65.05 -3.23 -48.80
C SER A 620 -66.41 -3.00 -48.14
N ARG A 621 -67.11 -4.10 -47.86
CA ARG A 621 -68.40 -3.99 -47.19
C ARG A 621 -68.25 -3.39 -45.80
N LYS A 622 -67.21 -3.80 -45.07
CA LYS A 622 -66.95 -3.22 -43.75
C LYS A 622 -66.65 -1.73 -43.86
N PHE A 623 -65.93 -1.32 -44.90
CA PHE A 623 -65.64 0.10 -45.08
C PHE A 623 -66.91 0.90 -45.29
N ALA A 624 -67.85 0.37 -46.09
CA ALA A 624 -69.13 1.04 -46.25
C ALA A 624 -69.90 1.07 -44.94
N ALA A 625 -69.82 0.00 -44.14
CA ALA A 625 -70.49 -0.02 -42.85
C ALA A 625 -69.95 1.08 -41.94
N PHE A 626 -68.63 1.22 -41.85
CA PHE A 626 -68.05 2.31 -41.07
C PHE A 626 -68.43 3.66 -41.64
N VAL A 627 -68.45 3.80 -42.96
CA VAL A 627 -68.81 5.08 -43.57
C VAL A 627 -70.21 5.50 -43.10
N GLU A 628 -71.17 4.58 -43.23
CA GLU A 628 -72.54 4.91 -42.85
C GLU A 628 -72.67 5.16 -41.36
N TYR A 629 -72.09 4.28 -40.53
CA TYR A 629 -72.25 4.39 -39.09
C TYR A 629 -71.60 5.66 -38.56
N LEU A 630 -70.38 5.96 -39.00
CA LEU A 630 -69.71 7.18 -38.55
C LEU A 630 -70.35 8.43 -39.13
N SER A 631 -70.92 8.35 -40.34
CA SER A 631 -71.65 9.51 -40.85
C SER A 631 -72.86 9.82 -39.97
N ASN A 632 -73.63 8.78 -39.61
CA ASN A 632 -74.77 9.00 -38.73
C ASN A 632 -74.31 9.50 -37.36
N LYS A 633 -73.23 8.92 -36.82
CA LYS A 633 -72.75 9.33 -35.51
C LYS A 633 -72.28 10.77 -35.51
N VAL A 634 -71.58 11.18 -36.57
CA VAL A 634 -71.17 12.58 -36.69
C VAL A 634 -72.38 13.48 -36.81
N SER A 635 -73.36 13.11 -37.63
CA SER A 635 -74.54 13.95 -37.80
C SER A 635 -75.31 14.11 -36.50
N VAL A 636 -75.28 13.09 -35.62
CA VAL A 636 -76.01 13.19 -34.37
C VAL A 636 -75.18 13.79 -33.24
N TYR A 637 -73.85 13.71 -33.31
CA TYR A 637 -72.99 14.18 -32.23
C TYR A 637 -72.29 15.50 -32.53
N PHE A 638 -72.51 16.09 -33.72
CA PHE A 638 -71.76 17.28 -34.10
C PHE A 638 -72.23 18.51 -33.30
N ILE A 639 -73.36 18.43 -32.62
CA ILE A 639 -73.80 19.52 -31.75
C ILE A 639 -72.82 19.72 -30.61
N PHE A 640 -72.32 18.63 -30.04
CA PHE A 640 -71.31 18.75 -29.00
C PHE A 640 -70.04 19.40 -29.53
N VAL A 641 -69.63 19.04 -30.75
CA VAL A 641 -68.43 19.62 -31.35
C VAL A 641 -68.61 21.11 -31.58
N VAL A 642 -69.75 21.52 -32.12
CA VAL A 642 -69.96 22.95 -32.37
C VAL A 642 -70.06 23.71 -31.06
N SER A 643 -70.70 23.12 -30.05
CA SER A 643 -70.78 23.78 -28.75
C SER A 643 -69.41 23.97 -28.13
N VAL A 644 -68.56 22.94 -28.19
CA VAL A 644 -67.24 23.04 -27.56
C VAL A 644 -66.35 24.00 -28.34
N VAL A 645 -66.43 24.00 -29.68
CA VAL A 645 -65.60 24.93 -30.43
C VAL A 645 -66.06 26.36 -30.21
N LEU A 646 -67.37 26.60 -30.08
CA LEU A 646 -67.83 27.95 -29.79
C LEU A 646 -67.43 28.37 -28.39
N LEU A 647 -67.42 27.42 -27.44
CA LEU A 647 -66.90 27.71 -26.10
C LEU A 647 -65.43 28.12 -26.17
N VAL A 648 -64.64 27.41 -26.98
CA VAL A 648 -63.23 27.75 -27.12
C VAL A 648 -63.07 29.14 -27.72
N VAL A 649 -63.83 29.46 -28.78
CA VAL A 649 -63.70 30.78 -29.40
C VAL A 649 -64.33 31.89 -28.56
N SER A 650 -65.16 31.56 -27.58
CA SER A 650 -65.80 32.55 -26.73
C SER A 650 -65.26 32.59 -25.31
N THR A 651 -64.24 31.81 -25.00
CA THR A 651 -63.65 31.89 -23.66
C THR A 651 -62.13 31.96 -23.68
N CYS A 652 -61.50 31.55 -24.78
CA CYS A 652 -60.05 31.41 -24.83
C CYS A 652 -59.37 32.49 -25.67
N PHE A 653 -60.04 33.61 -25.93
CA PHE A 653 -59.39 34.70 -26.66
C PHE A 653 -59.25 35.97 -25.84
N ALA A 654 -60.34 36.59 -25.40
CA ALA A 654 -60.29 37.92 -24.81
C ALA A 654 -61.69 38.28 -24.30
N PRO A 655 -61.78 39.25 -23.39
CA PRO A 655 -63.09 39.78 -22.95
C PRO A 655 -63.58 40.92 -23.84
N ASN A 656 -64.00 40.57 -25.06
CA ASN A 656 -64.55 41.54 -26.00
C ASN A 656 -66.06 41.40 -26.07
N PHE A 657 -66.74 42.54 -26.33
CA PHE A 657 -68.19 42.55 -26.23
C PHE A 657 -68.83 41.57 -27.20
N TYR A 658 -68.32 41.47 -28.42
CA TYR A 658 -68.82 40.45 -29.34
C TYR A 658 -68.52 39.05 -28.82
N ASN A 659 -67.34 38.87 -28.22
CA ASN A 659 -67.02 37.61 -27.56
C ASN A 659 -67.97 37.35 -26.39
N ILE A 660 -68.28 38.40 -25.62
CA ILE A 660 -69.21 38.25 -24.51
C ILE A 660 -70.57 37.81 -25.02
N LEU A 661 -71.02 38.37 -26.14
CA LEU A 661 -72.33 37.98 -26.67
C LEU A 661 -72.29 36.58 -27.27
N PHE A 662 -71.15 36.18 -27.86
CA PHE A 662 -70.97 34.78 -28.25
C PHE A 662 -71.20 33.85 -27.07
N PHE A 663 -70.51 34.12 -25.97
CA PHE A 663 -70.62 33.25 -24.79
C PHE A 663 -72.03 33.28 -24.22
N ALA A 664 -72.65 34.47 -24.20
CA ALA A 664 -74.00 34.59 -23.69
C ALA A 664 -74.99 33.81 -24.54
N LEU A 665 -74.83 33.85 -25.87
CA LEU A 665 -75.71 33.09 -26.74
C LEU A 665 -75.51 31.59 -26.57
N TRP A 666 -74.26 31.16 -26.37
CA TRP A 666 -74.00 29.75 -26.11
C TRP A 666 -74.66 29.30 -24.82
N ALA A 667 -74.52 30.08 -23.76
CA ALA A 667 -75.14 29.73 -22.48
C ALA A 667 -76.66 29.77 -22.58
N LEU A 668 -77.21 30.73 -23.34
CA LEU A 668 -78.65 30.79 -23.53
C LEU A 668 -79.15 29.57 -24.29
N ASN A 669 -78.41 29.12 -25.30
CA ASN A 669 -78.78 27.91 -26.02
C ASN A 669 -78.78 26.70 -25.09
N LEU A 670 -77.75 26.58 -24.24
CA LEU A 670 -77.71 25.46 -23.31
C LEU A 670 -78.86 25.53 -22.31
N ILE A 671 -79.17 26.73 -21.82
CA ILE A 671 -80.28 26.90 -20.89
C ILE A 671 -81.60 26.52 -21.55
N TYR A 672 -81.80 26.95 -22.79
CA TYR A 672 -83.04 26.65 -23.49
C TYR A 672 -83.16 25.15 -23.78
N LEU A 673 -82.02 24.50 -24.05
CA LEU A 673 -82.02 23.04 -24.17
C LEU A 673 -82.41 22.39 -22.85
N LYS A 674 -81.88 22.90 -21.74
CA LYS A 674 -82.19 22.34 -20.43
C LYS A 674 -83.66 22.55 -20.07
N PHE A 675 -84.27 23.63 -20.57
CA PHE A 675 -85.68 23.89 -20.30
C PHE A 675 -86.55 22.76 -20.83
N SER A 676 -86.46 22.49 -22.14
CA SER A 676 -87.23 21.42 -22.75
C SER A 676 -86.59 21.08 -24.09
N PHE A 677 -86.29 19.81 -24.30
CA PHE A 677 -85.71 19.38 -25.58
C PHE A 677 -86.67 19.62 -26.73
N ARG A 678 -87.98 19.58 -26.47
CA ARG A 678 -88.95 19.87 -27.52
C ARG A 678 -88.77 21.28 -28.08
N LEU A 679 -88.74 22.27 -27.18
CA LEU A 679 -88.60 23.66 -27.62
C LEU A 679 -87.24 23.91 -28.27
N TYR A 680 -86.18 23.33 -27.69
CA TYR A 680 -84.85 23.50 -28.25
C TYR A 680 -84.75 22.91 -29.65
N ARG A 681 -85.33 21.72 -29.85
CA ARG A 681 -85.36 21.11 -31.17
C ARG A 681 -86.18 21.94 -32.15
N GLY A 682 -87.32 22.47 -31.67
CA GLY A 682 -88.15 23.28 -32.54
C GLY A 682 -87.48 24.58 -32.95
N LEU A 683 -86.75 25.21 -32.03
CA LEU A 683 -86.10 26.49 -32.27
C LEU A 683 -84.62 26.36 -32.59
N ALA A 684 -84.13 25.14 -32.84
CA ALA A 684 -82.72 24.96 -33.18
C ALA A 684 -82.39 25.63 -34.50
N TYR A 685 -83.26 25.50 -35.49
CA TYR A 685 -82.99 26.04 -36.83
C TYR A 685 -82.83 27.56 -36.79
N ALA A 686 -83.80 28.25 -36.17
CA ALA A 686 -83.75 29.71 -36.09
C ALA A 686 -82.54 30.16 -35.27
N PHE A 687 -82.23 29.43 -34.19
CA PHE A 687 -81.06 29.76 -33.40
C PHE A 687 -79.79 29.66 -34.24
N TRP A 688 -79.68 28.61 -35.07
CA TRP A 688 -78.50 28.44 -35.90
C TRP A 688 -78.39 29.55 -36.94
N LEU A 689 -79.52 29.93 -37.55
CA LEU A 689 -79.48 31.02 -38.52
C LEU A 689 -79.07 32.33 -37.85
N THR A 690 -79.62 32.63 -36.68
CA THR A 690 -79.23 33.85 -35.97
C THR A 690 -77.74 33.82 -35.62
N LEU A 691 -77.25 32.67 -35.13
CA LEU A 691 -75.86 32.56 -34.76
C LEU A 691 -74.95 32.80 -35.96
N THR A 692 -75.22 32.12 -37.07
CA THR A 692 -74.35 32.25 -38.24
C THR A 692 -74.43 33.66 -38.82
N PHE A 693 -75.63 34.27 -38.85
CA PHE A 693 -75.75 35.62 -39.36
C PHE A 693 -74.96 36.61 -38.50
N TYR A 694 -75.08 36.50 -37.18
CA TYR A 694 -74.41 37.48 -36.33
C TYR A 694 -72.90 37.26 -36.33
N THR A 695 -72.44 36.01 -36.38
CA THR A 695 -70.99 35.79 -36.44
C THR A 695 -70.43 36.25 -37.78
N SER A 696 -71.17 36.08 -38.87
CA SER A 696 -70.73 36.64 -40.14
C SER A 696 -70.66 38.16 -40.07
N ILE A 697 -71.67 38.79 -39.48
CA ILE A 697 -71.70 40.25 -39.41
C ILE A 697 -70.51 40.76 -38.59
N VAL A 698 -70.23 40.11 -37.46
CA VAL A 698 -69.13 40.57 -36.62
C VAL A 698 -67.79 40.29 -37.31
N ILE A 699 -67.70 39.21 -38.09
CA ILE A 699 -66.48 38.96 -38.84
C ILE A 699 -66.24 40.08 -39.86
N ILE A 700 -67.29 40.47 -40.59
CA ILE A 700 -67.15 41.58 -41.54
C ILE A 700 -66.74 42.86 -40.83
N ALA A 701 -67.40 43.17 -39.71
CA ALA A 701 -67.09 44.40 -38.99
C ALA A 701 -65.65 44.40 -38.49
N LEU A 702 -65.20 43.27 -37.93
CA LEU A 702 -63.84 43.18 -37.42
C LEU A 702 -62.83 43.30 -38.55
N TYR A 703 -63.10 42.66 -39.69
CA TYR A 703 -62.16 42.72 -40.81
C TYR A 703 -62.07 44.15 -41.35
N ILE A 704 -63.22 44.81 -41.54
CA ILE A 704 -63.18 46.16 -42.08
C ILE A 704 -62.61 47.14 -41.07
N TYR A 705 -62.64 46.79 -39.78
CA TYR A 705 -62.00 47.67 -38.81
C TYR A 705 -60.48 47.52 -38.84
N GLN A 706 -59.98 46.32 -39.14
CA GLN A 706 -58.53 46.09 -39.11
C GLN A 706 -57.87 46.77 -40.30
N PHE A 707 -57.73 48.09 -40.23
CA PHE A 707 -57.18 48.88 -41.32
C PHE A 707 -56.61 50.15 -40.72
N PRO A 708 -55.59 50.76 -41.34
CA PRO A 708 -55.22 52.12 -40.94
C PRO A 708 -56.27 53.13 -41.39
N GLY A 709 -56.57 53.12 -42.69
CA GLY A 709 -57.47 54.12 -43.25
C GLY A 709 -58.90 53.98 -42.75
N VAL A 710 -59.42 52.74 -42.72
CA VAL A 710 -60.81 52.55 -42.32
C VAL A 710 -60.97 52.81 -40.82
N SER A 711 -59.98 52.43 -40.00
CA SER A 711 -60.05 52.76 -38.59
C SER A 711 -59.97 54.27 -38.37
N GLN A 712 -59.14 54.96 -39.15
CA GLN A 712 -59.12 56.42 -39.07
C GLN A 712 -60.48 57.01 -39.44
N TRP A 713 -61.10 56.49 -40.50
CA TRP A 713 -62.42 56.96 -40.91
C TRP A 713 -63.46 56.71 -39.82
N ILE A 714 -63.40 55.54 -39.17
CA ILE A 714 -64.35 55.21 -38.13
C ILE A 714 -64.16 56.13 -36.91
N ILE A 715 -62.92 56.32 -36.48
CA ILE A 715 -62.66 57.20 -35.35
C ILE A 715 -62.96 58.66 -35.70
N ARG A 716 -63.02 58.99 -36.99
CA ARG A 716 -63.36 60.35 -37.39
C ARG A 716 -64.87 60.58 -37.40
N ASN A 717 -65.63 59.64 -37.97
CA ASN A 717 -67.06 59.85 -38.16
C ASN A 717 -67.91 59.30 -37.02
N THR A 718 -67.65 58.07 -36.57
CA THR A 718 -68.47 57.46 -35.53
C THR A 718 -68.34 58.19 -34.20
N SER A 719 -67.21 58.87 -33.98
CA SER A 719 -66.95 59.60 -32.75
C SER A 719 -67.03 58.67 -31.52
N LEU A 720 -66.40 57.51 -31.66
CA LEU A 720 -66.35 56.52 -30.59
C LEU A 720 -64.98 56.59 -29.93
N SER A 721 -64.97 56.69 -28.60
CA SER A 721 -63.71 56.81 -27.87
C SER A 721 -62.87 55.55 -28.02
N GLN A 722 -61.54 55.74 -27.94
CA GLN A 722 -60.63 54.62 -28.15
C GLN A 722 -60.80 53.52 -27.12
N GLU A 723 -61.00 53.88 -25.85
CA GLU A 723 -61.15 52.86 -24.82
C GLU A 723 -62.45 52.07 -25.00
N TRP A 724 -63.55 52.75 -25.34
CA TRP A 724 -64.79 52.05 -25.64
C TRP A 724 -64.64 51.19 -26.90
N LEU A 725 -63.97 51.73 -27.92
CA LEU A 725 -63.83 51.02 -29.18
C LEU A 725 -62.98 49.76 -29.01
N ASN A 726 -62.02 49.80 -28.10
CA ASN A 726 -61.23 48.63 -27.76
C ASN A 726 -62.04 47.65 -26.91
N ALA A 727 -62.80 48.17 -25.94
CA ALA A 727 -63.57 47.30 -25.04
C ALA A 727 -64.64 46.52 -25.78
N ILE A 728 -65.30 47.16 -26.75
CA ILE A 728 -66.34 46.46 -27.51
C ILE A 728 -65.73 45.32 -28.32
N GLY A 729 -64.46 45.45 -28.70
CA GLY A 729 -63.77 44.36 -29.37
C GLY A 729 -62.99 44.78 -30.60
N LEU A 730 -63.47 45.81 -31.28
CA LEU A 730 -62.83 46.28 -32.50
C LEU A 730 -61.58 47.10 -32.16
N VAL A 731 -60.44 46.44 -32.04
CA VAL A 731 -59.16 47.10 -31.79
C VAL A 731 -58.18 46.68 -32.88
N ASP A 732 -57.43 47.66 -33.39
CA ASP A 732 -56.51 47.42 -34.49
C ASP A 732 -55.24 46.76 -33.96
N PHE A 733 -55.03 45.49 -34.33
CA PHE A 733 -53.85 44.76 -33.89
C PHE A 733 -52.60 45.14 -34.65
N ARG A 734 -52.73 45.79 -35.81
CA ARG A 734 -51.55 46.25 -36.54
C ARG A 734 -50.76 47.29 -35.74
N ALA A 735 -51.46 48.21 -35.06
CA ALA A 735 -50.78 49.11 -34.14
C ALA A 735 -50.19 48.34 -32.97
N ILE A 736 -50.93 47.35 -32.45
CA ILE A 736 -50.41 46.49 -31.39
C ILE A 736 -49.22 45.68 -31.88
N GLY A 737 -49.32 45.13 -33.09
CA GLY A 737 -48.25 44.37 -33.69
C GLY A 737 -48.28 42.88 -33.42
N GLU A 738 -49.18 42.39 -32.58
CA GLU A 738 -49.28 40.97 -32.27
C GLU A 738 -50.01 40.28 -33.41
N SER A 739 -49.24 39.69 -34.33
CA SER A 739 -49.84 39.08 -35.52
C SER A 739 -50.57 37.78 -35.19
N GLY A 740 -49.98 36.92 -34.37
CA GLY A 740 -50.60 35.64 -34.07
C GLY A 740 -51.96 35.77 -33.40
N ALA A 741 -52.10 36.79 -32.56
CA ALA A 741 -53.41 37.05 -31.96
C ALA A 741 -54.44 37.41 -33.03
N LEU A 742 -54.02 38.18 -34.04
CA LEU A 742 -54.93 38.49 -35.15
C LEU A 742 -55.26 37.24 -35.96
N PHE A 743 -54.26 36.36 -36.15
CA PHE A 743 -54.52 35.12 -36.87
C PHE A 743 -55.57 34.28 -36.14
N LEU A 744 -55.45 34.18 -34.82
CA LEU A 744 -56.48 33.51 -34.04
C LEU A 744 -57.82 34.22 -34.15
N GLN A 745 -57.81 35.55 -34.01
CA GLN A 745 -58.98 36.41 -34.06
C GLN A 745 -59.74 36.28 -35.36
N LEU A 746 -59.06 35.90 -36.45
CA LEU A 746 -59.77 35.60 -37.70
C LEU A 746 -60.15 34.13 -37.77
N LEU A 747 -59.17 33.23 -37.64
CA LEU A 747 -59.40 31.81 -37.86
C LEU A 747 -60.55 31.29 -37.00
N ALA A 748 -60.52 31.56 -35.69
CA ALA A 748 -61.51 30.99 -34.78
C ALA A 748 -62.93 31.44 -35.11
N PRO A 749 -63.20 32.72 -35.38
CA PRO A 749 -64.56 33.09 -35.81
C PRO A 749 -64.99 32.46 -37.12
N ILE A 750 -64.16 32.51 -38.16
CA ILE A 750 -64.50 31.79 -39.38
C ILE A 750 -64.46 30.28 -39.18
N ALA A 751 -63.69 29.79 -38.21
CA ALA A 751 -63.81 28.37 -37.84
C ALA A 751 -65.21 28.07 -37.35
N LEU A 752 -65.75 28.91 -36.47
CA LEU A 752 -67.12 28.73 -36.00
C LEU A 752 -68.11 28.86 -37.15
N PHE A 753 -67.83 29.78 -38.08
CA PHE A 753 -68.71 29.98 -39.24
C PHE A 753 -68.77 28.74 -40.11
N VAL A 754 -67.60 28.18 -40.45
CA VAL A 754 -67.58 26.99 -41.29
C VAL A 754 -68.17 25.80 -40.55
N VAL A 755 -67.95 25.71 -39.23
CA VAL A 755 -68.59 24.67 -38.44
C VAL A 755 -70.11 24.79 -38.48
N THR A 756 -70.63 26.02 -38.38
CA THR A 756 -72.07 26.21 -38.44
C THR A 756 -72.63 25.85 -39.81
N MET A 757 -72.00 26.34 -40.88
CA MET A 757 -72.46 26.00 -42.22
C MET A 757 -72.32 24.51 -42.54
N LEU A 758 -71.38 23.83 -41.89
CA LEU A 758 -71.25 22.39 -41.99
C LEU A 758 -72.29 21.66 -41.14
N GLN A 759 -72.81 22.31 -40.11
CA GLN A 759 -73.98 21.79 -39.40
C GLN A 759 -75.27 22.01 -40.22
N LEU A 760 -75.41 23.18 -40.82
CA LEU A 760 -76.62 23.48 -41.59
C LEU A 760 -76.58 22.78 -42.94
N LYS A 761 -77.76 22.36 -43.41
CA LYS A 761 -77.94 21.75 -44.73
C LYS A 761 -77.20 20.42 -44.86
N PHE A 762 -76.52 19.99 -43.81
CA PHE A 762 -75.78 18.74 -43.85
C PHE A 762 -76.25 17.73 -42.81
N PHE A 763 -76.37 18.12 -41.54
CA PHE A 763 -76.79 17.19 -40.49
C PHE A 763 -78.07 17.66 -39.81
N HIS A 764 -78.44 18.94 -39.98
CA HIS A 764 -79.64 19.44 -39.32
C HIS A 764 -80.87 18.65 -39.73
N GLY A 765 -80.85 18.08 -40.94
CA GLY A 765 -81.88 17.16 -41.36
C GLY A 765 -81.77 15.81 -40.69
N PRO A 766 -80.64 15.12 -40.90
CA PRO A 766 -80.45 13.82 -40.24
C PRO A 766 -80.56 13.88 -38.72
N TRP A 767 -80.05 14.94 -38.09
CA TRP A 767 -80.20 15.07 -36.64
C TRP A 767 -81.66 15.23 -36.25
N SER A 768 -82.42 16.00 -37.03
CA SER A 768 -83.85 16.14 -36.74
C SER A 768 -84.57 14.81 -36.88
N ARG A 769 -84.21 14.03 -37.91
CA ARG A 769 -84.81 12.70 -38.06
C ARG A 769 -84.46 11.80 -36.89
N ALA A 770 -83.21 11.85 -36.44
CA ALA A 770 -82.79 11.03 -35.31
C ALA A 770 -83.53 11.41 -34.03
N THR A 771 -83.74 12.71 -33.82
CA THR A 771 -84.40 13.21 -32.62
C THR A 771 -85.88 13.52 -32.85
N SER A 772 -86.44 13.11 -33.99
CA SER A 772 -87.86 13.37 -34.25
C SER A 772 -88.79 12.72 -33.24
N PRO A 773 -88.64 11.43 -32.88
CA PRO A 773 -89.55 10.91 -31.85
C PRO A 773 -89.31 11.53 -30.48
N VAL A 808 -65.72 -9.72 -34.04
CA VAL A 808 -65.87 -8.86 -32.87
C VAL A 808 -67.33 -8.68 -32.51
N LYS A 809 -68.14 -9.68 -32.86
CA LYS A 809 -69.57 -9.62 -32.54
C LYS A 809 -69.78 -9.60 -31.03
N LYS A 810 -69.03 -10.44 -30.29
CA LYS A 810 -69.09 -10.39 -28.84
C LYS A 810 -68.58 -9.04 -28.32
N LEU A 811 -67.53 -8.50 -28.95
CA LEU A 811 -67.04 -7.18 -28.57
C LEU A 811 -68.11 -6.12 -28.79
N HIS A 812 -68.82 -6.19 -29.92
CA HIS A 812 -69.88 -5.22 -30.19
C HIS A 812 -71.00 -5.35 -29.15
N LYS A 813 -71.40 -6.58 -28.84
CA LYS A 813 -72.47 -6.77 -27.86
C LYS A 813 -72.06 -6.25 -26.48
N LEU A 814 -70.83 -6.53 -26.05
CA LEU A 814 -70.40 -6.06 -24.74
C LEU A 814 -70.24 -4.55 -24.74
N ALA A 815 -69.85 -3.96 -25.88
CA ALA A 815 -69.77 -2.51 -25.96
C ALA A 815 -71.15 -1.89 -25.79
N ASN A 816 -72.16 -2.44 -26.47
CA ASN A 816 -73.52 -1.93 -26.31
C ASN A 816 -74.02 -2.09 -24.88
N GLN A 817 -73.76 -3.25 -24.27
CA GLN A 817 -74.19 -3.47 -22.89
C GLN A 817 -73.51 -2.50 -21.94
N THR A 818 -72.20 -2.29 -22.11
CA THR A 818 -71.48 -1.36 -21.24
C THR A 818 -71.99 0.06 -21.41
N ILE A 819 -72.27 0.47 -22.65
CA ILE A 819 -72.83 1.81 -22.87
C ILE A 819 -74.17 1.94 -22.18
N GLU A 820 -75.02 0.92 -22.28
CA GLU A 820 -76.33 0.98 -21.65
C GLU A 820 -76.21 1.07 -20.13
N LEU A 821 -75.34 0.25 -19.54
CA LEU A 821 -75.20 0.29 -18.08
C LEU A 821 -74.58 1.60 -17.62
N LEU A 822 -73.61 2.14 -18.37
CA LEU A 822 -73.04 3.42 -18.01
C LEU A 822 -74.07 4.54 -18.08
N TRP A 823 -74.93 4.51 -19.11
CA TRP A 823 -75.94 5.56 -19.22
C TRP A 823 -77.04 5.40 -18.19
N ARG A 824 -77.31 4.18 -17.73
CA ARG A 824 -78.24 4.01 -16.60
C ARG A 824 -77.63 4.53 -15.30
N PHE A 825 -76.36 4.19 -15.06
CA PHE A 825 -75.65 4.76 -13.91
C PHE A 825 -75.69 6.28 -13.96
N PHE A 826 -75.53 6.85 -15.16
CA PHE A 826 -75.60 8.30 -15.30
C PHE A 826 -77.00 8.82 -15.03
N GLU A 827 -78.04 8.20 -15.60
CA GLU A 827 -79.38 8.71 -15.38
C GLU A 827 -79.79 8.59 -13.91
N VAL A 828 -79.14 7.72 -13.14
CA VAL A 828 -79.50 7.61 -11.74
C VAL A 828 -78.64 8.48 -10.82
N HIS A 829 -77.39 8.79 -11.17
CA HIS A 829 -76.53 9.54 -10.27
C HIS A 829 -75.93 10.81 -10.88
N ILE A 830 -76.45 11.29 -12.00
CA ILE A 830 -75.89 12.47 -12.63
C ILE A 830 -76.26 13.73 -11.86
N SER A 831 -77.44 13.75 -11.23
CA SER A 831 -77.78 14.88 -10.36
C SER A 831 -76.79 14.98 -9.20
N LYS A 832 -76.46 13.84 -8.59
CA LYS A 832 -75.46 13.84 -7.53
C LYS A 832 -74.10 14.30 -8.06
N ILE A 833 -73.71 13.83 -9.24
CA ILE A 833 -72.41 14.19 -9.80
C ILE A 833 -72.34 15.70 -10.06
N VAL A 834 -73.38 16.27 -10.65
CA VAL A 834 -73.36 17.69 -10.97
C VAL A 834 -73.41 18.53 -9.69
N PHE A 835 -74.18 18.09 -8.70
CA PHE A 835 -74.16 18.77 -7.41
C PHE A 835 -72.77 18.74 -6.80
N VAL A 836 -72.10 17.58 -6.90
CA VAL A 836 -70.77 17.44 -6.34
C VAL A 836 -69.79 18.40 -6.99
N ILE A 837 -69.78 18.46 -8.32
CA ILE A 837 -68.80 19.31 -9.00
C ILE A 837 -69.09 20.79 -8.74
N ILE A 838 -70.38 21.16 -8.77
CA ILE A 838 -70.74 22.55 -8.48
C ILE A 838 -70.31 22.94 -7.08
N ALA A 839 -70.54 22.06 -6.10
CA ALA A 839 -70.21 22.42 -4.73
C ALA A 839 -68.70 22.43 -4.50
N ILE A 840 -67.95 21.55 -5.18
CA ILE A 840 -66.49 21.61 -5.08
C ILE A 840 -65.98 22.94 -5.61
N PHE A 841 -66.49 23.37 -6.77
CA PHE A 841 -66.09 24.70 -7.26
C PHE A 841 -66.48 25.80 -6.28
N ILE A 842 -67.71 25.78 -5.78
CA ILE A 842 -68.16 26.93 -5.01
C ILE A 842 -67.54 26.90 -3.61
N ALA A 843 -67.02 25.75 -3.18
CA ALA A 843 -66.18 25.72 -1.99
C ALA A 843 -64.79 26.24 -2.29
N ASN A 844 -64.31 26.05 -3.53
CA ASN A 844 -63.04 26.65 -3.92
C ASN A 844 -63.16 28.16 -4.08
N ASN A 845 -64.38 28.69 -4.07
CA ASN A 845 -64.64 30.12 -4.22
C ASN A 845 -65.70 30.52 -3.19
N ILE A 846 -65.25 31.00 -2.04
CA ILE A 846 -66.13 31.31 -0.92
C ILE A 846 -66.58 32.77 -0.95
N ASN A 847 -66.47 33.43 -2.10
CA ASN A 847 -66.82 34.83 -2.25
C ASN A 847 -68.32 35.06 -2.03
N ALA A 848 -68.72 36.33 -2.05
CA ALA A 848 -70.10 36.72 -1.80
C ALA A 848 -71.00 36.59 -3.02
N LEU A 849 -70.41 36.41 -4.21
CA LEU A 849 -71.20 36.49 -5.42
C LEU A 849 -72.00 35.22 -5.67
N TYR A 850 -71.66 34.12 -5.01
CA TYR A 850 -72.35 32.85 -5.19
C TYR A 850 -73.25 32.47 -4.03
N ILE A 851 -73.54 33.40 -3.11
CA ILE A 851 -74.50 33.12 -2.03
C ILE A 851 -75.87 32.74 -2.56
N PRO A 852 -76.45 33.45 -3.54
CA PRO A 852 -77.70 32.93 -4.13
C PRO A 852 -77.53 31.54 -4.71
N LEU A 853 -76.34 31.21 -5.23
CA LEU A 853 -76.15 29.89 -5.81
C LEU A 853 -76.10 28.80 -4.73
N VAL A 854 -75.48 29.07 -3.57
CA VAL A 854 -75.54 28.07 -2.51
C VAL A 854 -76.98 27.91 -2.02
N ILE A 855 -77.70 29.03 -1.87
CA ILE A 855 -79.09 28.93 -1.41
C ILE A 855 -79.91 28.10 -2.39
N LEU A 856 -79.76 28.37 -3.69
CA LEU A 856 -80.58 27.71 -4.70
C LEU A 856 -80.16 26.26 -4.89
N LEU A 857 -78.86 25.96 -4.76
CA LEU A 857 -78.40 24.58 -4.83
C LEU A 857 -78.91 23.78 -3.64
N SER A 858 -78.91 24.39 -2.45
CA SER A 858 -79.49 23.74 -1.28
C SER A 858 -80.99 23.49 -1.48
N LEU A 859 -81.69 24.46 -2.07
CA LEU A 859 -83.10 24.24 -2.38
C LEU A 859 -83.29 23.10 -3.37
N ALA A 860 -82.42 23.01 -4.37
CA ALA A 860 -82.51 21.93 -5.36
C ALA A 860 -82.28 20.57 -4.71
N ILE A 861 -81.24 20.46 -3.89
CA ILE A 861 -80.92 19.18 -3.28
C ILE A 861 -81.95 18.80 -2.22
N CYS A 862 -82.57 19.79 -1.57
CA CYS A 862 -83.55 19.47 -0.52
C CYS A 862 -84.73 18.70 -1.07
N LEU A 863 -85.25 19.13 -2.23
CA LEU A 863 -86.36 18.44 -2.90
C LEU A 863 -86.02 18.24 -4.37
N PRO A 864 -85.14 17.28 -4.67
CA PRO A 864 -84.78 16.99 -6.06
C PRO A 864 -85.82 16.07 -6.70
N SER A 865 -85.58 15.76 -7.98
CA SER A 865 -86.44 14.87 -8.75
C SER A 865 -87.85 15.41 -8.87
N ALA A 866 -88.54 15.55 -7.73
CA ALA A 866 -89.89 16.09 -7.72
C ALA A 866 -89.89 17.54 -8.19
N ALA A 867 -91.06 17.99 -8.64
CA ALA A 867 -91.24 19.33 -9.21
C ALA A 867 -90.32 19.56 -10.40
N ASP A 868 -90.05 18.49 -11.15
CA ASP A 868 -89.17 18.51 -12.34
C ASP A 868 -87.79 19.01 -11.92
N GLY A 869 -87.04 19.56 -12.86
CA GLY A 869 -85.73 20.09 -12.57
C GLY A 869 -85.67 21.60 -12.69
N ILE A 870 -86.71 22.27 -12.19
CA ILE A 870 -86.79 23.73 -12.31
C ILE A 870 -85.63 24.40 -11.57
N PHE A 871 -85.34 23.94 -10.34
CA PHE A 871 -84.25 24.53 -9.58
C PHE A 871 -82.93 24.43 -10.32
N SER A 872 -82.74 23.35 -11.08
CA SER A 872 -81.58 23.25 -11.95
C SER A 872 -81.60 24.35 -13.00
N LEU A 873 -82.78 24.66 -13.55
CA LEU A 873 -82.90 25.74 -14.51
C LEU A 873 -82.49 27.08 -13.90
N PHE A 874 -82.99 27.38 -12.70
CA PHE A 874 -82.62 28.65 -12.08
C PHE A 874 -81.15 28.71 -11.73
N MET A 875 -80.56 27.59 -11.27
CA MET A 875 -79.13 27.66 -10.93
C MET A 875 -78.25 27.74 -12.16
N CYS A 876 -78.65 27.09 -13.27
CA CYS A 876 -77.93 27.28 -14.52
C CYS A 876 -78.05 28.71 -15.01
N ALA A 877 -79.23 29.32 -14.86
CA ALA A 877 -79.40 30.72 -15.24
C ALA A 877 -78.53 31.63 -14.38
N TYR A 878 -78.45 31.34 -13.08
CA TYR A 878 -77.58 32.15 -12.22
C TYR A 878 -76.11 31.95 -12.55
N LEU A 879 -75.70 30.74 -12.95
CA LEU A 879 -74.34 30.54 -13.39
C LEU A 879 -74.05 31.34 -14.66
N PHE A 880 -75.00 31.36 -15.60
CA PHE A 880 -74.84 32.20 -16.79
C PHE A 880 -74.73 33.66 -16.41
N LEU A 881 -75.58 34.12 -15.48
CA LEU A 881 -75.56 35.53 -15.08
C LEU A 881 -74.25 35.90 -14.41
N VAL A 882 -73.74 35.03 -13.53
CA VAL A 882 -72.50 35.34 -12.82
C VAL A 882 -71.31 35.33 -13.79
N ALA A 883 -71.30 34.39 -14.74
CA ALA A 883 -70.24 34.38 -15.74
C ALA A 883 -70.30 35.63 -16.61
N LEU A 884 -71.51 36.05 -16.99
CA LEU A 884 -71.66 37.29 -17.76
C LEU A 884 -71.17 38.49 -16.97
N SER A 885 -71.50 38.56 -15.69
CA SER A 885 -71.06 39.68 -14.86
C SER A 885 -69.54 39.71 -14.75
N LYS A 886 -68.91 38.54 -14.58
CA LYS A 886 -67.46 38.49 -14.56
C LYS A 886 -66.87 38.92 -15.89
N MET A 887 -67.54 38.56 -16.99
CA MET A 887 -67.10 39.02 -18.31
C MET A 887 -67.14 40.54 -18.43
N ILE A 888 -68.23 41.15 -17.94
CA ILE A 888 -68.34 42.61 -17.98
C ILE A 888 -67.26 43.25 -17.12
N TYR A 889 -67.03 42.71 -15.92
CA TYR A 889 -66.03 43.29 -15.04
C TYR A 889 -64.63 43.17 -15.64
N GLN A 890 -64.32 42.04 -16.25
CA GLN A 890 -63.03 41.90 -16.92
C GLN A 890 -62.93 42.84 -18.12
N LEU A 891 -64.07 43.17 -18.72
CA LEU A 891 -64.10 44.16 -19.79
C LEU A 891 -63.81 45.55 -19.23
N ASP A 892 -63.25 46.41 -20.08
CA ASP A 892 -62.57 47.62 -19.60
C ASP A 892 -63.50 48.79 -19.30
N ILE A 893 -64.77 48.73 -19.71
CA ILE A 893 -65.66 49.88 -19.50
C ILE A 893 -65.93 50.10 -18.00
N VAL A 894 -65.94 49.03 -17.20
CA VAL A 894 -66.29 49.19 -15.79
C VAL A 894 -65.28 50.11 -15.12
N PRO A 895 -65.70 51.00 -14.21
CA PRO A 895 -64.75 51.93 -13.59
C PRO A 895 -63.68 51.24 -12.75
N GLU A 896 -64.12 50.41 -11.80
CA GLU A 896 -63.19 49.72 -10.92
C GLU A 896 -63.06 48.25 -11.31
N HIS A 911 -59.69 45.01 8.48
CA HIS A 911 -60.73 45.20 7.47
C HIS A 911 -60.17 45.85 6.20
N GLY A 912 -58.88 46.18 6.25
CA GLY A 912 -58.22 46.79 5.12
C GLY A 912 -57.48 45.80 4.24
N ASN A 913 -57.36 44.56 4.72
CA ASN A 913 -56.68 43.52 3.96
C ASN A 913 -57.46 43.07 2.73
N ILE A 914 -58.79 43.18 2.75
CA ILE A 914 -59.64 42.76 1.64
C ILE A 914 -60.50 43.94 1.22
N SER A 915 -60.57 44.17 -0.09
CA SER A 915 -61.37 45.24 -0.66
C SER A 915 -62.67 44.68 -1.23
N MET A 916 -63.44 45.55 -1.87
CA MET A 916 -64.77 45.19 -2.36
C MET A 916 -64.75 44.05 -3.39
N PRO A 917 -63.97 44.14 -4.48
CA PRO A 917 -64.16 43.15 -5.57
C PRO A 917 -63.77 41.73 -5.20
N GLU A 918 -62.62 41.53 -4.56
CA GLU A 918 -62.18 40.17 -4.27
C GLU A 918 -63.03 39.53 -3.19
N TRP A 919 -63.55 40.33 -2.25
CA TRP A 919 -64.52 39.78 -1.31
C TRP A 919 -65.82 39.43 -2.04
N PHE A 920 -66.21 40.26 -3.01
CA PHE A 920 -67.39 39.99 -3.81
C PHE A 920 -67.09 39.05 -4.97
N GLY A 921 -65.83 38.67 -5.16
CA GLY A 921 -65.42 37.75 -6.19
C GLY A 921 -65.45 38.30 -7.59
N LEU A 922 -66.14 39.41 -7.83
CA LEU A 922 -66.22 40.03 -9.15
C LEU A 922 -65.05 41.00 -9.32
N LYS A 923 -63.85 40.41 -9.38
CA LYS A 923 -62.61 41.18 -9.37
C LYS A 923 -62.07 41.38 -10.78
N LYS A 924 -61.16 42.34 -10.91
CA LYS A 924 -60.53 42.68 -12.17
C LYS A 924 -59.24 41.87 -12.28
N GLU A 925 -59.23 40.88 -13.17
CA GLU A 925 -58.06 40.05 -13.35
C GLU A 925 -56.97 40.81 -14.11
N VAL A 926 -55.76 40.25 -14.10
CA VAL A 926 -54.64 40.85 -14.81
C VAL A 926 -54.93 40.84 -16.30
N GLU A 927 -54.67 41.98 -16.95
CA GLU A 927 -54.91 42.08 -18.39
C GLU A 927 -54.01 41.11 -19.14
N GLY A 928 -54.56 40.50 -20.19
CA GLY A 928 -53.88 39.49 -20.97
C GLY A 928 -54.16 38.07 -20.53
N THR A 929 -54.64 37.89 -19.29
CA THR A 929 -55.04 36.56 -18.83
C THR A 929 -56.29 36.11 -19.56
N GLU A 930 -56.32 34.85 -19.94
CA GLU A 930 -57.44 34.34 -20.72
C GLU A 930 -58.68 34.22 -19.85
N PRO A 931 -59.85 34.68 -20.30
CA PRO A 931 -61.05 34.62 -19.46
C PRO A 931 -61.46 33.21 -19.06
N ILE A 932 -60.98 32.19 -19.78
CA ILE A 932 -61.33 30.82 -19.41
C ILE A 932 -60.69 30.42 -18.10
N TYR A 933 -59.54 31.01 -17.77
CA TYR A 933 -58.75 30.54 -16.63
C TYR A 933 -59.49 30.78 -15.31
N MET A 934 -59.97 32.00 -15.08
CA MET A 934 -60.66 32.27 -13.83
C MET A 934 -62.17 32.02 -13.91
N LEU A 935 -62.67 31.55 -15.05
CA LEU A 935 -64.02 31.01 -15.16
C LEU A 935 -64.03 29.57 -15.64
N PHE A 936 -62.96 28.81 -15.38
CA PHE A 936 -62.93 27.40 -15.78
C PHE A 936 -64.01 26.60 -15.07
N GLY A 937 -64.14 26.77 -13.76
CA GLY A 937 -65.11 26.00 -13.02
C GLY A 937 -66.54 26.35 -13.40
N VAL A 938 -66.80 27.62 -13.73
CA VAL A 938 -68.14 28.02 -14.11
C VAL A 938 -68.56 27.32 -15.40
N ILE A 939 -67.68 27.30 -16.40
CA ILE A 939 -68.04 26.63 -17.64
C ILE A 939 -68.07 25.11 -17.46
N VAL A 940 -67.24 24.57 -16.56
CA VAL A 940 -67.31 23.14 -16.27
C VAL A 940 -68.66 22.80 -15.66
N SER A 941 -69.13 23.62 -14.73
CA SER A 941 -70.45 23.39 -14.13
C SER A 941 -71.55 23.53 -15.17
N ILE A 942 -71.42 24.50 -16.08
CA ILE A 942 -72.42 24.68 -17.13
C ILE A 942 -72.47 23.44 -18.03
N ILE A 943 -71.30 22.93 -18.41
CA ILE A 943 -71.23 21.73 -19.24
C ILE A 943 -71.79 20.53 -18.48
N ALA A 944 -71.52 20.45 -17.18
CA ALA A 944 -72.06 19.35 -16.38
C ALA A 944 -73.58 19.40 -16.33
N LEU A 945 -74.15 20.60 -16.17
CA LEU A 945 -75.61 20.72 -16.18
C LEU A 945 -76.18 20.34 -17.54
N ALA A 946 -75.54 20.78 -18.62
CA ALA A 946 -76.00 20.41 -19.95
C ALA A 946 -75.90 18.90 -20.15
N PHE A 947 -74.84 18.28 -19.65
CA PHE A 947 -74.66 16.84 -19.77
C PHE A 947 -75.73 16.10 -18.99
N GLN A 948 -76.06 16.60 -17.79
CA GLN A 948 -77.16 16.06 -17.00
C GLN A 948 -78.46 16.11 -17.80
N SER A 949 -78.75 17.27 -18.39
CA SER A 949 -80.00 17.44 -19.13
C SER A 949 -80.06 16.50 -20.34
N ILE A 950 -78.95 16.39 -21.08
CA ILE A 950 -78.96 15.55 -22.27
C ILE A 950 -79.04 14.08 -21.89
N VAL A 951 -78.46 13.69 -20.76
CA VAL A 951 -78.64 12.32 -20.28
C VAL A 951 -80.11 12.05 -19.98
N ILE A 952 -80.76 12.99 -19.30
CA ILE A 952 -82.20 12.82 -19.02
C ILE A 952 -82.96 12.65 -20.33
N TYR A 953 -82.71 13.55 -21.29
CA TYR A 953 -83.48 13.53 -22.53
C TYR A 953 -83.22 12.27 -23.35
N ARG A 954 -81.95 11.86 -23.46
CA ARG A 954 -81.62 10.67 -24.24
C ARG A 954 -82.15 9.41 -23.59
N GLN A 955 -82.09 9.33 -22.25
CA GLN A 955 -82.64 8.16 -21.56
C GLN A 955 -84.14 8.10 -21.72
N ARG A 956 -84.82 9.25 -21.66
CA ARG A 956 -86.26 9.28 -21.91
C ARG A 956 -86.57 8.84 -23.33
N HIS A 957 -85.78 9.30 -24.30
CA HIS A 957 -85.97 8.89 -25.69
C HIS A 957 -85.80 7.39 -25.87
N TYR A 958 -84.75 6.83 -25.26
CA TYR A 958 -84.50 5.39 -25.40
C TYR A 958 -85.60 4.57 -24.72
N ARG A 959 -86.05 5.01 -23.54
CA ARG A 959 -87.11 4.27 -22.86
C ARG A 959 -88.43 4.38 -23.60
N ALA A 960 -88.69 5.52 -24.25
CA ALA A 960 -89.89 5.63 -25.08
C ALA A 960 -89.79 4.75 -26.32
N SER A 961 -88.61 4.68 -26.92
CA SER A 961 -88.42 3.82 -28.10
C SER A 961 -88.58 2.34 -27.75
N LEU A 962 -88.07 1.94 -26.58
CA LEU A 962 -88.28 0.58 -26.09
C LEU A 962 -89.57 0.42 -25.31
N GLY A 963 -90.36 1.47 -25.16
CA GLY A 963 -91.60 1.41 -24.41
C GLY A 963 -91.42 1.18 -22.93
N LEU A 964 -90.40 1.79 -22.33
CA LEU A 964 -90.15 1.67 -20.91
C LEU A 964 -90.66 2.90 -20.19
N PRO A 965 -91.54 2.76 -19.20
CA PRO A 965 -92.07 3.94 -18.50
C PRO A 965 -91.06 4.55 -17.55
N GLU A 966 -91.47 5.60 -16.84
CA GLU A 966 -90.56 6.29 -15.91
C GLU A 966 -90.27 5.46 -14.67
N SER A 967 -91.04 4.39 -14.42
CA SER A 967 -90.79 3.57 -13.24
C SER A 967 -89.47 2.82 -13.33
N MET A 968 -89.00 2.56 -14.55
CA MET A 968 -87.74 1.84 -14.72
C MET A 968 -86.52 2.71 -14.39
N ARG A 969 -86.70 4.03 -14.29
CA ARG A 969 -85.58 4.91 -13.99
C ARG A 969 -85.06 4.75 -12.57
N ALA A 970 -85.88 4.22 -11.66
CA ALA A 970 -85.44 4.04 -10.28
C ALA A 970 -84.31 3.04 -10.17
N LYS A 971 -84.39 1.94 -10.91
CA LYS A 971 -83.41 0.87 -10.83
C LYS A 971 -82.28 1.10 -11.83
N VAL A 972 -81.13 0.50 -11.53
CA VAL A 972 -79.98 0.50 -12.42
C VAL A 972 -79.92 -0.77 -13.25
N PHE A 973 -80.16 -1.92 -12.63
CA PHE A 973 -80.27 -3.19 -13.34
C PHE A 973 -81.70 -3.69 -13.23
N PRO A 974 -82.60 -3.27 -14.13
CA PRO A 974 -84.00 -3.70 -14.02
C PRO A 974 -84.20 -5.20 -14.14
N ASP A 975 -83.34 -5.89 -14.90
CA ASP A 975 -83.47 -7.32 -15.05
C ASP A 975 -83.03 -8.09 -13.82
N PHE A 976 -82.39 -7.43 -12.86
CA PHE A 976 -81.87 -8.07 -11.66
C PHE A 976 -82.59 -7.52 -10.44
N HIS A 977 -83.02 -8.40 -9.55
CA HIS A 977 -83.68 -8.05 -8.31
C HIS A 977 -82.75 -8.32 -7.14
N HIS A 978 -82.86 -7.50 -6.09
CA HIS A 978 -81.91 -7.54 -5.00
C HIS A 978 -81.92 -8.87 -4.25
N SER A 979 -82.97 -9.68 -4.41
CA SER A 979 -83.00 -10.98 -3.76
C SER A 979 -82.19 -12.04 -4.51
N HIS A 980 -81.66 -11.71 -5.70
CA HIS A 980 -80.87 -12.63 -6.49
C HIS A 980 -79.38 -12.31 -6.44
N PHE A 981 -78.94 -11.58 -5.41
CA PHE A 981 -77.54 -11.15 -5.35
C PHE A 981 -76.61 -12.29 -4.97
N ASP A 982 -77.14 -13.33 -4.31
CA ASP A 982 -76.29 -14.35 -3.72
C ASP A 982 -75.89 -15.45 -4.71
N ARG A 983 -76.35 -15.40 -5.95
CA ARG A 983 -75.99 -16.45 -6.90
C ARG A 983 -74.54 -16.33 -7.35
N SER A 984 -74.06 -15.10 -7.54
CA SER A 984 -72.69 -14.89 -8.00
C SER A 984 -72.20 -13.53 -7.53
N LEU A 985 -70.88 -13.35 -7.61
CA LEU A 985 -70.28 -12.09 -7.17
C LEU A 985 -70.68 -10.92 -8.06
N LYS A 986 -70.89 -11.17 -9.35
CA LYS A 986 -71.35 -10.10 -10.23
C LYS A 986 -72.74 -9.62 -9.83
N ASN A 987 -73.62 -10.56 -9.44
CA ASN A 987 -74.92 -10.16 -8.92
C ASN A 987 -74.79 -9.38 -7.61
N ALA A 988 -73.80 -9.74 -6.79
CA ALA A 988 -73.55 -8.97 -5.57
C ALA A 988 -73.12 -7.54 -5.90
N ILE A 989 -72.26 -7.38 -6.90
CA ILE A 989 -71.82 -6.05 -7.31
C ILE A 989 -72.99 -5.24 -7.86
N GLN A 990 -73.84 -5.88 -8.67
CA GLN A 990 -75.03 -5.20 -9.18
C GLN A 990 -75.96 -4.80 -8.04
N PHE A 991 -76.14 -5.68 -7.05
CA PHE A 991 -76.96 -5.35 -5.89
C PHE A 991 -76.39 -4.16 -5.13
N LEU A 992 -75.07 -4.14 -4.97
CA LEU A 992 -74.42 -2.98 -4.36
C LEU A 992 -74.80 -1.73 -5.14
N ILE A 993 -74.36 -1.66 -6.40
CA ILE A 993 -74.57 -0.48 -7.23
C ILE A 993 -76.03 -0.05 -7.29
N ASP A 994 -76.98 -0.98 -7.15
CA ASP A 994 -78.40 -0.66 -7.26
C ASP A 994 -79.00 -0.22 -5.94
N TYR A 995 -78.98 -1.09 -4.92
CA TYR A 995 -79.71 -0.86 -3.68
C TYR A 995 -78.84 -0.90 -2.44
N GLY A 996 -77.52 -0.71 -2.55
CA GLY A 996 -76.70 -0.70 -1.37
C GLY A 996 -77.05 0.42 -0.42
N PHE A 997 -77.26 1.62 -0.97
CA PHE A 997 -77.75 2.70 -0.13
C PHE A 997 -79.17 2.45 0.34
N TYR A 998 -80.02 1.91 -0.54
CA TYR A 998 -81.40 1.65 -0.12
C TYR A 998 -81.44 0.73 1.09
N LYS A 999 -80.44 -0.13 1.24
CA LYS A 999 -80.37 -1.03 2.38
C LYS A 999 -79.59 -0.48 3.56
N PHE A 1000 -78.54 0.32 3.33
CA PHE A 1000 -77.65 0.76 4.40
C PHE A 1000 -77.55 2.29 4.46
N GLY A 1001 -78.66 2.98 4.17
CA GLY A 1001 -78.64 4.43 4.19
C GLY A 1001 -78.28 5.00 5.54
N LEU A 1002 -78.85 4.44 6.60
CA LEU A 1002 -78.53 4.93 7.94
C LEU A 1002 -77.05 4.79 8.24
N GLU A 1003 -76.48 3.61 7.95
CA GLU A 1003 -75.06 3.41 8.19
C GLU A 1003 -74.21 4.39 7.39
N ILE A 1004 -74.53 4.57 6.12
CA ILE A 1004 -73.70 5.43 5.28
C ILE A 1004 -73.82 6.89 5.71
N THR A 1005 -75.01 7.31 6.13
CA THR A 1005 -75.14 8.71 6.55
C THR A 1005 -74.45 8.95 7.89
N MET A 1006 -74.43 7.95 8.78
CA MET A 1006 -73.60 8.11 9.98
C MET A 1006 -72.11 8.12 9.63
N ILE A 1007 -71.73 7.39 8.57
CA ILE A 1007 -70.35 7.49 8.09
C ILE A 1007 -70.05 8.92 7.67
N ALA A 1008 -70.97 9.53 6.91
CA ALA A 1008 -70.79 10.92 6.49
C ALA A 1008 -70.71 11.85 7.69
N ILE A 1009 -71.56 11.63 8.69
CA ILE A 1009 -71.52 12.44 9.90
C ILE A 1009 -70.17 12.33 10.59
N GLY A 1010 -69.66 11.10 10.71
CA GLY A 1010 -68.38 10.90 11.37
C GLY A 1010 -67.22 11.52 10.62
N ILE A 1011 -67.21 11.39 9.30
CA ILE A 1011 -66.16 12.00 8.50
C ILE A 1011 -66.22 13.51 8.60
N ASP A 1012 -67.42 14.09 8.57
CA ASP A 1012 -67.56 15.53 8.72
C ASP A 1012 -67.06 16.00 10.07
N ILE A 1013 -67.40 15.26 11.14
CA ILE A 1013 -66.94 15.63 12.47
C ILE A 1013 -65.42 15.54 12.56
N PHE A 1014 -64.84 14.48 12.01
CA PHE A 1014 -63.38 14.38 11.92
C PHE A 1014 -62.78 15.51 11.11
N ASN A 1015 -63.52 16.08 10.17
CA ASN A 1015 -63.02 17.18 9.36
C ASN A 1015 -63.22 18.55 9.99
N ARG A 1016 -64.08 18.67 11.01
CA ARG A 1016 -64.43 19.97 11.56
C ARG A 1016 -63.88 20.21 12.96
N MET A 1017 -64.25 19.36 13.93
CA MET A 1017 -63.97 19.61 15.36
C MET A 1017 -64.36 21.03 15.77
N ASP A 1018 -65.66 21.33 15.67
CA ASP A 1018 -66.12 22.66 16.07
C ASP A 1018 -67.57 22.65 16.56
N ALA A 1019 -68.15 23.84 16.72
CA ALA A 1019 -69.50 23.94 17.26
C ALA A 1019 -70.54 23.31 16.33
N LEU A 1020 -70.40 23.55 15.02
CA LEU A 1020 -71.28 22.86 14.08
C LEU A 1020 -71.04 21.36 14.12
N ALA A 1021 -69.79 20.94 14.30
CA ALA A 1021 -69.53 19.53 14.56
C ALA A 1021 -70.19 19.08 15.85
N ALA A 1022 -70.31 19.96 16.84
CA ALA A 1022 -70.95 19.58 18.09
C ALA A 1022 -72.45 19.36 17.91
N ILE A 1023 -73.11 20.25 17.17
CA ILE A 1023 -74.55 20.07 16.95
C ILE A 1023 -74.81 18.88 16.02
N GLN A 1024 -73.94 18.67 15.03
CA GLN A 1024 -74.03 17.47 14.21
C GLN A 1024 -73.81 16.21 15.04
N CYS A 1025 -72.93 16.31 16.05
CA CYS A 1025 -72.73 15.21 16.99
C CYS A 1025 -73.98 14.96 17.82
N PHE A 1026 -74.66 16.01 18.25
CA PHE A 1026 -75.92 15.83 18.97
C PHE A 1026 -76.95 15.14 18.09
N TRP A 1027 -77.03 15.53 16.81
CA TRP A 1027 -77.90 14.84 15.88
C TRP A 1027 -77.53 13.38 15.74
N LEU A 1028 -76.23 13.09 15.65
CA LEU A 1028 -75.76 11.71 15.54
C LEU A 1028 -76.14 10.91 16.77
N VAL A 1029 -75.99 11.50 17.96
CA VAL A 1029 -76.33 10.81 19.20
C VAL A 1029 -77.81 10.51 19.26
N LEU A 1030 -78.65 11.48 18.86
CA LEU A 1030 -80.09 11.23 18.89
C LEU A 1030 -80.48 10.21 17.82
N PHE A 1031 -79.70 10.13 16.73
CA PHE A 1031 -79.97 9.14 15.70
C PHE A 1031 -79.65 7.72 16.17
N ALA A 1032 -78.46 7.53 16.76
CA ALA A 1032 -77.94 6.18 16.96
C ALA A 1032 -78.72 5.42 18.02
N LEU A 1033 -78.96 6.05 19.16
CA LEU A 1033 -79.55 5.37 20.32
C LEU A 1033 -81.08 5.26 20.23
N ASN A 1034 -81.64 5.46 19.05
CA ASN A 1034 -83.08 5.37 18.85
C ASN A 1034 -83.38 4.39 17.72
N LYS A 1035 -84.55 3.76 17.79
CA LYS A 1035 -84.95 2.80 16.78
C LYS A 1035 -85.26 3.51 15.46
N ARG A 1036 -85.47 2.70 14.42
CA ARG A 1036 -85.67 3.24 13.08
C ARG A 1036 -86.97 4.03 12.94
N VAL A 1037 -87.97 3.74 13.78
CA VAL A 1037 -89.23 4.48 13.71
C VAL A 1037 -89.02 5.94 14.07
N PHE A 1038 -88.25 6.20 15.14
CA PHE A 1038 -87.97 7.57 15.53
C PHE A 1038 -87.17 8.30 14.46
N VAL A 1039 -86.19 7.62 13.87
CA VAL A 1039 -85.40 8.21 12.81
C VAL A 1039 -86.27 8.54 11.60
N ARG A 1040 -87.20 7.66 11.27
CA ARG A 1040 -88.14 7.94 10.18
C ARG A 1040 -89.00 9.15 10.51
N ARG A 1041 -89.40 9.29 11.76
CA ARG A 1041 -90.21 10.45 12.16
C ARG A 1041 -89.42 11.75 12.12
N ILE A 1042 -88.13 11.73 12.43
CA ILE A 1042 -87.36 12.97 12.61
C ILE A 1042 -86.45 13.27 11.42
N TRP A 1043 -86.40 12.41 10.41
CA TRP A 1043 -85.45 12.64 9.34
C TRP A 1043 -85.84 13.84 8.48
N VAL A 1044 -87.13 14.12 8.33
CA VAL A 1044 -87.56 15.32 7.62
C VAL A 1044 -87.07 16.56 8.36
N PHE A 1045 -87.22 16.57 9.69
CA PHE A 1045 -86.72 17.68 10.49
C PHE A 1045 -85.21 17.83 10.32
N TYR A 1046 -84.48 16.71 10.36
CA TYR A 1046 -83.03 16.78 10.25
C TYR A 1046 -82.59 17.31 8.88
N VAL A 1047 -83.22 16.82 7.80
CA VAL A 1047 -82.81 17.27 6.48
C VAL A 1047 -83.17 18.73 6.27
N ILE A 1048 -84.31 19.17 6.80
CA ILE A 1048 -84.66 20.60 6.71
C ILE A 1048 -83.62 21.43 7.47
N TYR A 1049 -83.23 20.96 8.65
CA TYR A 1049 -82.23 21.67 9.44
C TYR A 1049 -80.90 21.78 8.70
N MET A 1050 -80.47 20.68 8.07
CA MET A 1050 -79.19 20.69 7.37
C MET A 1050 -79.25 21.58 6.13
N ALA A 1051 -80.35 21.49 5.36
CA ALA A 1051 -80.50 22.32 4.17
C ALA A 1051 -80.76 23.78 4.50
N ILE A 1052 -81.09 24.10 5.74
CA ILE A 1052 -81.13 25.49 6.16
C ILE A 1052 -79.77 25.95 6.65
N LEU A 1053 -79.04 25.09 7.35
CA LEU A 1053 -77.75 25.46 7.91
C LEU A 1053 -76.71 25.66 6.81
N TYR A 1054 -76.75 24.84 5.76
CA TYR A 1054 -75.72 24.95 4.72
C TYR A 1054 -75.66 26.33 4.08
N PRO A 1055 -76.76 26.90 3.58
CA PRO A 1055 -76.69 28.31 3.13
C PRO A 1055 -76.34 29.26 4.24
N LEU A 1056 -76.83 29.00 5.46
CA LEU A 1056 -76.47 29.83 6.60
C LEU A 1056 -74.97 29.75 6.88
N GLN A 1057 -74.40 28.55 6.79
CA GLN A 1057 -72.97 28.41 6.98
C GLN A 1057 -72.18 29.13 5.90
N PHE A 1058 -72.63 29.04 4.65
CA PHE A 1058 -71.94 29.76 3.58
C PHE A 1058 -72.00 31.26 3.78
N PHE A 1059 -73.18 31.77 4.20
CA PHE A 1059 -73.30 33.20 4.50
C PHE A 1059 -72.38 33.60 5.64
N SER A 1060 -72.29 32.76 6.67
CA SER A 1060 -71.39 33.04 7.79
C SER A 1060 -69.94 33.06 7.33
N TYR A 1061 -69.55 32.14 6.45
CA TYR A 1061 -68.20 32.15 5.91
C TYR A 1061 -67.92 33.42 5.11
N VAL A 1062 -68.89 33.84 4.29
CA VAL A 1062 -68.72 35.06 3.51
C VAL A 1062 -68.61 36.27 4.43
N GLY A 1063 -69.57 36.42 5.35
CA GLY A 1063 -69.56 37.55 6.25
C GLY A 1063 -69.91 38.87 5.56
N LEU A 1064 -69.79 39.94 6.35
CA LEU A 1064 -70.04 41.31 5.88
C LEU A 1064 -68.89 41.81 5.05
N PRO A 1065 -69.16 42.67 4.06
CA PRO A 1065 -68.07 43.22 3.24
C PRO A 1065 -67.18 44.14 4.04
N PRO A 1066 -65.87 44.11 3.81
CA PRO A 1066 -64.99 45.09 4.46
C PRO A 1066 -65.29 46.52 4.07
N ASP A 1067 -65.87 46.73 2.88
CA ASP A 1067 -66.27 48.07 2.47
C ASP A 1067 -67.36 48.63 3.37
N SER A 1068 -68.20 47.76 3.94
CA SER A 1068 -69.24 48.22 4.86
C SER A 1068 -68.64 48.82 6.12
N CYS A 1069 -67.47 48.32 6.55
CA CYS A 1069 -66.77 48.82 7.73
C CYS A 1069 -67.65 48.74 8.98
N ILE A 1070 -68.37 47.63 9.12
CA ILE A 1070 -69.22 47.38 10.27
C ILE A 1070 -68.65 46.20 11.03
N GLU A 1071 -68.39 46.40 12.33
CA GLU A 1071 -67.82 45.35 13.16
C GLU A 1071 -68.87 44.28 13.46
N TYR A 1072 -68.39 43.13 13.91
CA TYR A 1072 -69.22 42.00 14.25
C TYR A 1072 -69.46 41.93 15.76
N PRO A 1073 -70.63 41.43 16.19
CA PRO A 1073 -70.88 41.32 17.63
C PRO A 1073 -69.88 40.46 18.37
N TRP A 1074 -69.41 39.37 17.75
CA TRP A 1074 -68.48 38.46 18.40
C TRP A 1074 -67.05 39.00 18.46
N SER A 1075 -66.85 40.27 18.13
CA SER A 1075 -65.55 40.89 18.38
C SER A 1075 -65.46 41.43 19.81
N TYR A 1076 -66.54 41.33 20.59
CA TYR A 1076 -66.55 41.81 21.96
C TYR A 1076 -67.28 40.85 22.91
N TRP A 1077 -67.54 39.61 22.46
CA TRP A 1077 -68.17 38.64 23.35
C TRP A 1077 -67.31 38.32 24.56
N ILE A 1078 -66.01 38.14 24.35
CA ILE A 1078 -65.10 37.84 25.46
C ILE A 1078 -63.95 38.83 25.40
N PRO A 1079 -64.13 40.07 25.87
CA PRO A 1079 -63.01 41.03 25.87
C PRO A 1079 -61.95 40.73 26.91
N SER A 1080 -62.21 39.83 27.86
CA SER A 1080 -61.27 39.53 28.93
C SER A 1080 -60.06 38.74 28.44
N TYR A 1081 -60.08 38.24 27.21
CA TYR A 1081 -59.03 37.36 26.71
C TYR A 1081 -58.24 38.05 25.60
N SER A 1082 -57.29 37.33 25.01
CA SER A 1082 -56.45 37.87 23.96
C SER A 1082 -57.16 37.80 22.61
N ASP A 1083 -56.54 38.40 21.59
CA ASP A 1083 -57.13 38.41 20.26
C ASP A 1083 -57.18 37.00 19.66
N ASP A 1084 -56.17 36.18 19.97
CA ASP A 1084 -56.16 34.81 19.47
C ASP A 1084 -57.32 34.00 20.01
N ALA A 1085 -57.64 34.16 21.30
CA ALA A 1085 -58.75 33.43 21.89
C ALA A 1085 -60.07 33.82 21.24
N ARG A 1086 -60.28 35.12 21.03
CA ARG A 1086 -61.51 35.59 20.39
C ARG A 1086 -61.60 35.07 18.96
N PHE A 1087 -60.48 35.11 18.22
CA PHE A 1087 -60.49 34.61 16.86
C PHE A 1087 -60.82 33.13 16.80
N ASN A 1088 -60.22 32.34 17.70
CA ASN A 1088 -60.50 30.91 17.72
C ASN A 1088 -61.94 30.63 18.14
N LEU A 1089 -62.48 31.43 19.06
CA LEU A 1089 -63.87 31.26 19.48
C LEU A 1089 -64.82 31.53 18.32
N SER A 1090 -64.55 32.59 17.55
CA SER A 1090 -65.37 32.87 16.38
C SER A 1090 -65.20 31.81 15.31
N TYR A 1091 -63.98 31.25 15.19
CA TYR A 1091 -63.71 30.24 14.18
C TYR A 1091 -64.45 28.94 14.49
N LEU A 1092 -64.41 28.50 15.74
CA LEU A 1092 -65.07 27.25 16.11
C LEU A 1092 -66.58 27.38 16.03
N LEU A 1093 -67.12 28.56 16.35
CA LEU A 1093 -68.52 28.84 16.12
C LEU A 1093 -68.82 29.15 14.66
N ASN A 1094 -67.79 29.20 13.81
CA ASN A 1094 -67.94 29.50 12.39
C ASN A 1094 -68.61 30.85 12.16
N LEU A 1095 -68.23 31.83 12.98
CA LEU A 1095 -68.63 33.22 12.79
C LEU A 1095 -67.61 33.93 11.91
N SER A 1096 -68.10 34.90 11.15
CA SER A 1096 -67.26 35.52 10.12
C SER A 1096 -66.13 36.33 10.75
N ILE A 1097 -64.96 36.26 10.12
CA ILE A 1097 -63.80 37.06 10.48
C ILE A 1097 -63.36 37.81 9.25
N TYR A 1098 -63.05 39.09 9.41
CA TYR A 1098 -62.64 39.91 8.28
C TYR A 1098 -61.35 39.39 7.67
N GLY A 1099 -61.40 39.01 6.40
CA GLY A 1099 -60.23 38.53 5.69
C GLY A 1099 -59.63 37.24 6.21
N VAL A 1100 -60.48 36.24 6.46
CA VAL A 1100 -60.03 34.92 6.91
C VAL A 1100 -60.24 33.93 5.78
N ASN A 1101 -59.32 32.99 5.64
CA ASN A 1101 -59.39 31.97 4.59
C ASN A 1101 -60.10 30.74 5.15
N TRP A 1102 -61.42 30.68 4.94
CA TRP A 1102 -62.18 29.53 5.38
C TRP A 1102 -61.78 28.28 4.58
N PRO A 1103 -61.49 27.17 5.25
CA PRO A 1103 -61.11 25.96 4.51
C PRO A 1103 -62.28 25.39 3.73
N SER A 1104 -61.96 24.81 2.57
CA SER A 1104 -62.99 24.20 1.74
C SER A 1104 -63.41 22.84 2.25
N ALA A 1105 -62.62 22.22 3.14
CA ALA A 1105 -62.97 20.89 3.66
C ALA A 1105 -64.27 20.95 4.43
N TYR A 1106 -64.51 22.03 5.18
CA TYR A 1106 -65.77 22.19 5.89
C TYR A 1106 -66.95 22.14 4.93
N LEU A 1107 -66.86 22.92 3.84
CA LEU A 1107 -67.97 22.96 2.88
C LEU A 1107 -68.14 21.61 2.18
N ILE A 1108 -67.05 20.95 1.83
CA ILE A 1108 -67.15 19.65 1.17
C ILE A 1108 -67.81 18.64 2.09
N GLY A 1109 -67.40 18.60 3.35
CA GLY A 1109 -67.99 17.66 4.30
C GLY A 1109 -69.46 17.94 4.55
N ASP A 1110 -69.82 19.21 4.72
CA ASP A 1110 -71.23 19.54 4.93
C ASP A 1110 -72.06 19.24 3.69
N PHE A 1111 -71.50 19.46 2.50
CA PHE A 1111 -72.20 19.10 1.28
C PHE A 1111 -72.43 17.61 1.20
N PHE A 1112 -71.43 16.81 1.56
CA PHE A 1112 -71.60 15.37 1.51
C PHE A 1112 -72.63 14.90 2.51
N VAL A 1113 -72.65 15.52 3.69
CA VAL A 1113 -73.71 15.24 4.67
C VAL A 1113 -75.07 15.58 4.06
N LEU A 1114 -75.16 16.70 3.35
CA LEU A 1114 -76.43 17.08 2.72
C LEU A 1114 -76.84 16.09 1.64
N LEU A 1115 -75.89 15.65 0.81
CA LEU A 1115 -76.16 14.63 -0.19
C LEU A 1115 -76.72 13.38 0.45
N LEU A 1116 -76.03 12.86 1.47
CA LEU A 1116 -76.48 11.63 2.11
C LEU A 1116 -77.83 11.82 2.78
N ALA A 1117 -78.05 12.98 3.41
CA ALA A 1117 -79.33 13.23 4.07
C ALA A 1117 -80.47 13.27 3.06
N SER A 1118 -80.27 13.95 1.93
CA SER A 1118 -81.33 14.04 0.93
C SER A 1118 -81.61 12.68 0.31
N CYS A 1119 -80.56 11.91 -0.02
CA CYS A 1119 -80.78 10.62 -0.63
C CYS A 1119 -81.44 9.65 0.36
N GLN A 1120 -81.06 9.74 1.64
CA GLN A 1120 -81.69 8.90 2.65
C GLN A 1120 -83.13 9.32 2.90
N LEU A 1121 -83.44 10.61 2.78
CA LEU A 1121 -84.84 11.04 2.83
C LEU A 1121 -85.62 10.44 1.69
N ALA A 1122 -85.05 10.45 0.48
CA ALA A 1122 -85.72 9.84 -0.66
C ALA A 1122 -85.94 8.35 -0.43
N VAL A 1123 -84.97 7.67 0.18
CA VAL A 1123 -85.15 6.27 0.54
C VAL A 1123 -86.24 6.11 1.59
N PHE A 1124 -86.32 7.05 2.54
CA PHE A 1124 -87.30 6.95 3.60
C PHE A 1124 -88.72 7.10 3.07
N ARG A 1125 -88.92 8.01 2.11
CA ARG A 1125 -90.26 8.16 1.53
C ARG A 1125 -90.70 6.91 0.78
N ARG A 1126 -89.78 6.30 0.03
CA ARG A 1126 -90.08 5.08 -0.73
C ARG A 1126 -89.46 3.93 0.05
N GLU A 1127 -90.28 3.33 0.92
CA GLU A 1127 -89.78 2.32 1.85
C GLU A 1127 -90.96 1.63 2.51
N GLY A 1128 -90.80 0.33 2.77
CA GLY A 1128 -91.82 -0.43 3.47
C GLY A 1128 -91.39 -0.78 4.89
N GLU A 1129 -90.99 -2.04 5.09
CA GLU A 1129 -90.54 -2.52 6.40
C GLU A 1129 -89.28 -3.35 6.26
N ASP A 1130 -88.56 -3.18 5.15
CA ASP A 1130 -87.38 -4.01 4.88
C ASP A 1130 -86.18 -3.60 5.73
N ASN A 1131 -85.94 -2.29 5.87
CA ASN A 1131 -84.68 -1.82 6.45
C ASN A 1131 -84.64 -1.99 7.96
N ASP A 1132 -85.77 -1.81 8.65
CA ASP A 1132 -85.75 -1.79 10.10
C ASP A 1132 -85.51 -3.20 10.66
N SER A 1133 -85.44 -3.28 11.98
CA SER A 1133 -85.13 -4.53 12.66
C SER A 1133 -86.28 -5.52 12.51
N ILE A 1134 -85.91 -6.82 12.51
CA ILE A 1134 -86.89 -7.89 12.53
C ILE A 1134 -87.37 -8.21 13.94
N TYR A 1135 -86.93 -7.46 14.94
CA TYR A 1135 -87.25 -7.73 16.34
C TYR A 1135 -88.35 -6.82 16.86
N ASN A 1136 -89.05 -6.11 15.96
CA ASN A 1136 -90.14 -5.24 16.39
C ASN A 1136 -91.31 -6.01 16.98
N ASP A 1137 -91.37 -7.32 16.75
CA ASP A 1137 -92.45 -8.13 17.31
C ASP A 1137 -92.39 -8.16 18.83
N GLY A 1138 -91.20 -8.27 19.40
CA GLY A 1138 -91.00 -8.19 20.83
C GLY A 1138 -90.15 -9.30 21.42
N ASN A 1139 -90.31 -10.54 20.96
CA ASN A 1139 -89.53 -11.66 21.47
C ASN A 1139 -88.25 -11.79 20.67
N PHE A 1140 -87.20 -12.27 21.34
CA PHE A 1140 -85.86 -12.32 20.76
C PHE A 1140 -85.37 -13.74 20.51
N VAL A 1141 -86.27 -14.73 20.57
CA VAL A 1141 -85.93 -16.12 20.28
C VAL A 1141 -85.80 -16.28 18.78
N ILE A 1142 -85.28 -17.44 18.35
CA ILE A 1142 -85.14 -17.70 16.92
C ILE A 1142 -86.51 -17.67 16.26
N LYS A 1143 -86.64 -16.88 15.19
CA LYS A 1143 -87.90 -16.79 14.49
C LYS A 1143 -88.19 -18.10 13.76
N PRO A 1144 -89.47 -18.46 13.61
CA PRO A 1144 -89.81 -19.74 12.97
C PRO A 1144 -89.28 -19.86 11.55
N GLU A 1145 -89.63 -18.91 10.68
CA GLU A 1145 -89.30 -18.97 9.27
C GLU A 1145 -88.58 -17.70 8.86
N ASN A 1146 -87.54 -17.84 8.04
CA ASN A 1146 -86.83 -16.71 7.46
C ASN A 1146 -86.68 -16.90 5.95
N PRO A 1147 -86.75 -15.83 5.16
CA PRO A 1147 -86.76 -15.98 3.70
C PRO A 1147 -85.47 -16.51 3.12
N GLN A 1148 -84.36 -16.43 3.85
CA GLN A 1148 -83.06 -16.76 3.29
C GLN A 1148 -82.47 -18.01 3.94
N TYR A 1149 -81.75 -18.80 3.13
CA TYR A 1149 -81.27 -20.11 3.50
C TYR A 1149 -80.19 -20.05 4.58
N ASP A 1150 -79.67 -21.22 4.96
CA ASP A 1150 -78.58 -21.28 5.92
C ASP A 1150 -77.27 -21.13 5.15
N PHE A 1151 -76.78 -19.90 5.07
CA PHE A 1151 -75.62 -19.58 4.26
C PHE A 1151 -74.32 -20.17 4.80
N ILE A 1152 -74.29 -20.56 6.07
CA ILE A 1152 -73.04 -21.00 6.69
C ILE A 1152 -72.62 -22.37 6.15
N ASP A 1153 -73.55 -23.33 6.13
CA ASP A 1153 -73.21 -24.66 5.66
C ASP A 1153 -73.09 -24.72 4.14
N THR A 1154 -73.99 -24.04 3.43
CA THR A 1154 -73.96 -24.09 1.97
C THR A 1154 -72.83 -23.21 1.44
N LYS A 1155 -72.52 -23.41 0.16
CA LYS A 1155 -71.39 -22.76 -0.50
C LYS A 1155 -71.81 -22.23 -1.87
N LYS A 1156 -72.90 -21.46 -1.90
CA LYS A 1156 -73.47 -21.01 -3.17
C LYS A 1156 -72.44 -20.35 -4.07
N SER A 1157 -71.70 -19.37 -3.56
CA SER A 1157 -70.75 -18.63 -4.38
C SER A 1157 -69.72 -17.97 -3.47
N TYR A 1158 -68.83 -17.19 -4.09
CA TYR A 1158 -67.86 -16.41 -3.33
C TYR A 1158 -68.56 -15.33 -2.51
N VAL A 1159 -69.69 -14.83 -3.01
CA VAL A 1159 -70.50 -13.91 -2.22
C VAL A 1159 -70.98 -14.59 -0.95
N ASP A 1160 -71.26 -15.89 -1.02
CA ASP A 1160 -71.58 -16.64 0.19
C ASP A 1160 -70.39 -16.70 1.15
N TYR A 1161 -69.18 -16.85 0.60
CA TYR A 1161 -67.99 -16.82 1.44
C TYR A 1161 -67.87 -15.49 2.18
N PHE A 1162 -68.04 -14.38 1.45
CA PHE A 1162 -67.98 -13.07 2.08
C PHE A 1162 -69.09 -12.89 3.11
N LYS A 1163 -70.31 -13.36 2.79
CA LYS A 1163 -71.42 -13.28 3.72
C LYS A 1163 -71.10 -14.00 5.01
N SER A 1164 -70.59 -15.23 4.91
CA SER A 1164 -70.23 -15.98 6.10
C SER A 1164 -69.12 -15.28 6.88
N PHE A 1165 -68.12 -14.74 6.18
CA PHE A 1165 -67.02 -14.06 6.86
C PHE A 1165 -67.50 -12.85 7.65
N VAL A 1166 -68.40 -12.05 7.06
CA VAL A 1166 -68.74 -10.79 7.72
C VAL A 1166 -69.92 -10.94 8.67
N PHE A 1167 -70.78 -11.94 8.50
CA PHE A 1167 -71.87 -12.18 9.42
C PHE A 1167 -71.57 -13.28 10.45
N HIS A 1168 -70.36 -13.85 10.41
CA HIS A 1168 -69.94 -14.83 11.41
C HIS A 1168 -68.69 -14.42 12.17
N TYR A 1169 -67.85 -13.56 11.58
CA TYR A 1169 -66.66 -13.04 12.24
C TYR A 1169 -66.61 -11.52 12.21
N GLY A 1170 -67.70 -10.85 11.83
CA GLY A 1170 -67.69 -9.40 11.79
C GLY A 1170 -67.53 -8.77 13.16
N HIS A 1171 -68.10 -9.39 14.18
CA HIS A 1171 -67.95 -8.88 15.53
C HIS A 1171 -66.50 -8.89 15.97
N TRP A 1172 -65.72 -9.86 15.48
CA TRP A 1172 -64.29 -9.86 15.76
C TRP A 1172 -63.63 -8.60 15.21
N ILE A 1173 -63.99 -8.22 13.98
CA ILE A 1173 -63.42 -7.02 13.38
C ILE A 1173 -63.89 -5.78 14.13
N THR A 1174 -65.15 -5.78 14.59
CA THR A 1174 -65.66 -4.65 15.36
C THR A 1174 -64.88 -4.46 16.65
N LEU A 1175 -64.64 -5.57 17.38
CA LEU A 1175 -63.86 -5.48 18.61
C LEU A 1175 -62.43 -5.07 18.32
N MET A 1176 -61.87 -5.55 17.20
CA MET A 1176 -60.52 -5.10 16.82
C MET A 1176 -60.50 -3.58 16.61
N SER A 1177 -61.50 -3.06 15.92
CA SER A 1177 -61.56 -1.62 15.65
C SER A 1177 -61.68 -0.83 16.95
N THR A 1178 -62.56 -1.27 17.86
CA THR A 1178 -62.75 -0.49 19.08
C THR A 1178 -61.53 -0.59 20.00
N LEU A 1179 -60.87 -1.75 20.04
CA LEU A 1179 -59.65 -1.88 20.84
C LEU A 1179 -58.51 -1.05 20.25
N ALA A 1180 -58.40 -1.01 18.91
CA ALA A 1180 -57.40 -0.15 18.29
C ALA A 1180 -57.67 1.32 18.59
N ALA A 1181 -58.94 1.72 18.54
CA ALA A 1181 -59.28 3.10 18.87
C ALA A 1181 -58.93 3.42 20.31
N GLY A 1182 -59.21 2.50 21.23
CA GLY A 1182 -58.88 2.72 22.62
C GLY A 1182 -57.39 2.82 22.86
N ILE A 1183 -56.62 1.89 22.31
CA ILE A 1183 -55.18 1.87 22.55
C ILE A 1183 -54.51 3.06 21.88
N ALA A 1184 -55.06 3.53 20.76
CA ALA A 1184 -54.47 4.68 20.07
C ALA A 1184 -54.59 5.93 20.92
N GLY A 1185 -55.74 6.15 21.55
CA GLY A 1185 -55.93 7.34 22.35
C GLY A 1185 -55.27 7.25 23.72
N THR A 1186 -55.07 8.41 24.32
CA THR A 1186 -54.50 8.53 25.67
C THR A 1186 -55.42 9.41 26.50
N SER A 1187 -56.42 8.78 27.12
CA SER A 1187 -57.37 9.47 27.98
C SER A 1187 -58.16 8.42 28.74
N LEU A 1188 -58.94 8.87 29.73
CA LEU A 1188 -59.82 7.94 30.45
C LEU A 1188 -60.90 7.38 29.53
N PHE A 1189 -61.27 8.13 28.49
CA PHE A 1189 -62.17 7.58 27.48
C PHE A 1189 -61.55 6.38 26.80
N ALA A 1190 -60.26 6.45 26.50
CA ALA A 1190 -59.55 5.31 25.96
C ALA A 1190 -59.63 4.13 26.92
N LEU A 1191 -59.37 4.38 28.20
CA LEU A 1191 -59.48 3.32 29.21
C LEU A 1191 -60.87 2.71 29.19
N GLY A 1192 -61.90 3.53 28.98
CA GLY A 1192 -63.24 3.00 28.81
C GLY A 1192 -63.34 2.07 27.60
N TYR A 1193 -62.72 2.46 26.49
CA TYR A 1193 -62.66 1.56 25.34
C TYR A 1193 -62.05 0.22 25.71
N ILE A 1194 -60.86 0.23 26.34
CA ILE A 1194 -60.21 -1.04 26.68
C ILE A 1194 -61.07 -1.87 27.63
N ILE A 1195 -61.64 -1.26 28.67
CA ILE A 1195 -62.41 -2.06 29.62
C ILE A 1195 -63.65 -2.64 28.94
N PHE A 1196 -64.33 -1.84 28.12
CA PHE A 1196 -65.54 -2.33 27.44
C PHE A 1196 -65.20 -3.45 26.46
N THR A 1197 -64.12 -3.30 25.69
CA THR A 1197 -63.80 -4.33 24.71
C THR A 1197 -63.27 -5.59 25.37
N LEU A 1198 -62.61 -5.47 26.53
CA LEU A 1198 -62.18 -6.66 27.26
C LEU A 1198 -63.37 -7.37 27.90
N THR A 1199 -64.36 -6.61 28.38
CA THR A 1199 -65.58 -7.26 28.86
C THR A 1199 -66.32 -7.94 27.72
N MET A 1200 -66.34 -7.34 26.53
CA MET A 1200 -67.01 -7.94 25.39
C MET A 1200 -66.29 -9.21 24.93
N LEU A 1201 -65.02 -9.09 24.55
CA LEU A 1201 -64.30 -10.22 23.99
C LEU A 1201 -63.98 -11.27 25.06
N TRP A 1202 -64.06 -10.88 26.34
CA TRP A 1202 -63.86 -11.83 27.42
C TRP A 1202 -64.92 -12.92 27.41
N SER A 1203 -66.17 -12.54 27.18
CA SER A 1203 -67.25 -13.52 27.14
C SER A 1203 -67.27 -14.30 25.83
N GLY A 1204 -66.55 -13.83 24.81
CA GLY A 1204 -66.53 -14.53 23.54
C GLY A 1204 -67.90 -14.58 22.92
N ASN A 1205 -68.30 -15.78 22.48
CA ASN A 1205 -69.60 -16.00 21.86
C ASN A 1205 -70.62 -16.56 22.83
N ASN A 1206 -70.30 -16.61 24.13
CA ASN A 1206 -71.26 -17.07 25.12
C ASN A 1206 -72.48 -16.17 25.17
N LEU A 1207 -72.30 -14.87 24.97
CA LEU A 1207 -73.41 -13.94 24.98
C LEU A 1207 -74.11 -13.82 23.62
N TYR A 1208 -73.65 -14.53 22.60
CA TYR A 1208 -74.39 -14.65 21.35
C TYR A 1208 -75.27 -15.89 21.34
N VAL A 1209 -76.08 -16.08 22.39
CA VAL A 1209 -77.05 -17.17 22.47
C VAL A 1209 -78.31 -16.65 23.15
N MET A 1210 -79.29 -17.55 23.30
CA MET A 1210 -80.53 -17.27 24.00
C MET A 1210 -80.81 -18.33 25.07
N ASN A 1211 -79.76 -18.94 25.60
CA ASN A 1211 -79.91 -20.04 26.55
C ASN A 1211 -80.60 -19.57 27.83
N SER A 1212 -81.37 -20.47 28.43
CA SER A 1212 -82.07 -20.32 29.70
C SER A 1212 -83.22 -19.31 29.64
N THR A 1213 -83.42 -18.63 28.51
CA THR A 1213 -84.52 -17.68 28.34
C THR A 1213 -84.55 -16.65 29.47
N LEU A 1214 -83.37 -16.16 29.85
CA LEU A 1214 -83.20 -15.18 30.92
C LEU A 1214 -82.80 -13.82 30.35
N ARG A 1215 -83.40 -13.43 29.23
CA ARG A 1215 -83.12 -12.17 28.57
C ARG A 1215 -81.64 -12.08 28.17
N SER A 1216 -81.15 -13.16 27.56
CA SER A 1216 -79.73 -13.25 27.22
C SER A 1216 -79.38 -12.42 25.99
N PHE A 1217 -80.05 -12.68 24.86
CA PHE A 1217 -79.75 -11.93 23.65
C PHE A 1217 -80.16 -10.47 23.78
N GLU A 1218 -81.25 -10.20 24.50
CA GLU A 1218 -81.60 -8.81 24.77
C GLU A 1218 -80.54 -8.13 25.62
N HIS A 1219 -79.95 -8.87 26.57
CA HIS A 1219 -78.82 -8.31 27.32
C HIS A 1219 -77.62 -8.06 26.43
N THR A 1220 -77.37 -8.94 25.46
CA THR A 1220 -76.29 -8.70 24.50
C THR A 1220 -76.53 -7.43 23.70
N LEU A 1221 -77.75 -7.26 23.19
CA LEU A 1221 -78.08 -6.04 22.45
C LEU A 1221 -77.98 -4.81 23.35
N LYS A 1222 -78.40 -4.93 24.61
CA LYS A 1222 -78.29 -3.80 25.53
C LYS A 1222 -76.85 -3.42 25.79
N ARG A 1223 -75.96 -4.42 25.96
CA ARG A 1223 -74.56 -4.13 26.16
C ARG A 1223 -73.92 -3.50 24.93
N TRP A 1224 -74.29 -3.99 23.74
CA TRP A 1224 -73.77 -3.39 22.51
C TRP A 1224 -74.28 -1.96 22.33
N ASN A 1225 -75.54 -1.72 22.67
CA ASN A 1225 -76.07 -0.36 22.61
C ASN A 1225 -75.42 0.53 23.65
N ALA A 1226 -75.04 -0.05 24.80
CA ALA A 1226 -74.28 0.71 25.79
C ALA A 1226 -72.90 1.09 25.26
N LEU A 1227 -72.26 0.18 24.53
CA LEU A 1227 -70.99 0.51 23.89
C LEU A 1227 -71.18 1.61 22.86
N LEU A 1228 -72.25 1.52 22.07
CA LEU A 1228 -72.62 2.60 21.14
C LEU A 1228 -72.75 3.93 21.88
N GLY A 1229 -73.54 3.95 22.96
CA GLY A 1229 -73.76 5.17 23.70
C GLY A 1229 -72.50 5.71 24.32
N TYR A 1230 -71.59 4.83 24.76
CA TYR A 1230 -70.34 5.30 25.34
C TYR A 1230 -69.42 5.89 24.28
N THR A 1231 -69.35 5.26 23.10
CA THR A 1231 -68.56 5.84 22.02
C THR A 1231 -69.11 7.20 21.60
N LEU A 1232 -70.43 7.34 21.56
CA LEU A 1232 -71.00 8.64 21.22
C LEU A 1232 -70.82 9.64 22.36
N PHE A 1233 -70.84 9.17 23.60
CA PHE A 1233 -70.52 10.03 24.72
C PHE A 1233 -69.12 10.60 24.60
N THR A 1234 -68.15 9.75 24.27
CA THR A 1234 -66.76 10.22 24.19
C THR A 1234 -66.53 11.05 22.93
N ILE A 1235 -67.26 10.76 21.85
CA ILE A 1235 -67.14 11.62 20.67
C ILE A 1235 -67.67 13.02 20.98
N THR A 1236 -68.79 13.10 21.71
CA THR A 1236 -69.32 14.39 22.12
C THR A 1236 -68.36 15.09 23.08
N MET A 1237 -67.78 14.35 24.02
CA MET A 1237 -66.82 14.95 24.95
C MET A 1237 -65.60 15.49 24.24
N LYS A 1238 -65.08 14.75 23.25
CA LYS A 1238 -63.92 15.23 22.50
C LYS A 1238 -64.27 16.48 21.69
N VAL A 1239 -65.44 16.49 21.05
CA VAL A 1239 -65.84 17.67 20.28
C VAL A 1239 -66.00 18.88 21.19
N CYS A 1240 -66.63 18.69 22.36
CA CYS A 1240 -66.81 19.79 23.29
C CYS A 1240 -65.51 20.22 23.96
N LEU A 1241 -64.56 19.31 24.13
CA LEU A 1241 -63.26 19.64 24.68
C LEU A 1241 -62.34 20.28 23.65
N GLN A 1242 -62.64 20.15 22.36
CA GLN A 1242 -61.89 20.90 21.35
C GLN A 1242 -61.95 22.40 21.63
N ILE A 1243 -63.15 22.93 21.80
CA ILE A 1243 -63.29 24.37 22.09
C ILE A 1243 -62.78 24.67 23.50
N PHE A 1244 -62.90 23.72 24.41
CA PHE A 1244 -62.41 23.94 25.78
C PHE A 1244 -60.89 24.06 25.79
N GLY A 1245 -60.22 23.40 24.84
CA GLY A 1245 -58.78 23.49 24.73
C GLY A 1245 -58.25 24.56 23.80
N CYS A 1246 -59.08 25.09 22.90
CA CYS A 1246 -58.64 26.13 21.97
C CYS A 1246 -58.94 27.54 22.45
N VAL A 1247 -60.02 27.77 23.18
CA VAL A 1247 -60.31 29.09 23.72
C VAL A 1247 -60.48 29.10 25.23
N PHE A 1248 -60.83 27.97 25.85
CA PHE A 1248 -61.01 27.89 27.30
C PHE A 1248 -59.76 27.38 28.00
N LEU A 1249 -58.63 27.32 27.27
CA LEU A 1249 -57.38 26.87 27.87
C LEU A 1249 -56.77 27.91 28.82
N SER A 1250 -57.24 29.16 28.77
CA SER A 1250 -56.66 30.21 29.62
C SER A 1250 -57.00 30.04 31.10
N TRP A 1251 -58.10 29.35 31.43
CA TRP A 1251 -58.30 28.92 32.82
C TRP A 1251 -57.23 27.94 33.28
N PHE A 1252 -56.48 27.36 32.36
CA PHE A 1252 -55.44 26.40 32.73
C PHE A 1252 -54.11 27.05 33.03
N ASP A 1253 -54.00 28.38 32.89
CA ASP A 1253 -52.75 29.09 33.18
C ASP A 1253 -52.84 29.65 34.60
N GLN A 1254 -52.85 28.76 35.57
CA GLN A 1254 -52.84 29.11 36.98
C GLN A 1254 -51.45 28.92 37.57
N SER A 1255 -51.37 29.10 38.89
CA SER A 1255 -50.13 28.87 39.63
C SER A 1255 -49.97 27.37 39.89
N GLY A 1256 -49.06 27.01 40.78
CA GLY A 1256 -48.90 25.61 41.14
C GLY A 1256 -50.07 25.10 41.97
N GLY A 1257 -49.99 23.82 42.33
CA GLY A 1257 -51.00 23.24 43.19
C GLY A 1257 -52.29 22.95 42.43
N TRP A 1258 -53.31 23.78 42.66
CA TRP A 1258 -54.55 23.65 41.90
C TRP A 1258 -54.29 23.74 40.40
N GLY A 1259 -53.47 24.71 39.99
CA GLY A 1259 -53.10 24.79 38.58
C GLY A 1259 -52.32 23.58 38.11
N LYS A 1260 -51.43 23.07 38.96
CA LYS A 1260 -50.69 21.85 38.62
C LYS A 1260 -51.62 20.66 38.45
N THR A 1261 -52.60 20.52 39.33
CA THR A 1261 -53.54 19.40 39.24
C THR A 1261 -54.39 19.51 37.97
N LEU A 1262 -54.89 20.71 37.67
CA LEU A 1262 -55.68 20.87 36.46
C LEU A 1262 -54.83 20.76 35.20
N CYS A 1263 -53.54 21.11 35.30
CA CYS A 1263 -52.64 20.91 34.16
C CYS A 1263 -52.50 19.40 33.88
N ILE A 1264 -52.40 18.61 34.95
CA ILE A 1264 -52.33 17.16 34.81
C ILE A 1264 -53.63 16.60 34.25
N VAL A 1265 -54.78 17.11 34.71
CA VAL A 1265 -56.04 16.58 34.19
C VAL A 1265 -56.23 17.00 32.72
N ARG A 1266 -55.68 18.16 32.33
CA ARG A 1266 -55.64 18.51 30.93
C ARG A 1266 -54.80 17.51 30.14
N GLN A 1267 -53.65 17.12 30.69
CA GLN A 1267 -52.84 16.10 30.05
C GLN A 1267 -53.61 14.79 29.87
N LEU A 1268 -54.31 14.35 30.92
CA LEU A 1268 -54.89 13.01 30.92
C LEU A 1268 -56.29 12.98 30.32
N PHE A 1269 -56.87 14.14 30.00
CA PHE A 1269 -58.03 14.21 29.12
C PHE A 1269 -57.68 14.59 27.69
N SER A 1270 -56.40 14.77 27.38
CA SER A 1270 -55.93 15.13 26.04
C SER A 1270 -56.62 16.42 25.56
N ILE A 1271 -56.72 17.39 26.47
CA ILE A 1271 -57.35 18.68 26.17
C ILE A 1271 -56.34 19.49 25.38
N THR A 1272 -56.49 19.52 24.06
CA THR A 1272 -55.56 20.23 23.18
C THR A 1272 -56.33 20.72 21.96
N CYS A 1273 -55.60 21.21 20.97
CA CYS A 1273 -56.18 21.71 19.73
C CYS A 1273 -55.68 20.90 18.55
N VAL A 1274 -56.61 20.49 17.69
CA VAL A 1274 -56.27 19.75 16.48
C VAL A 1274 -56.65 20.50 15.21
N ASN A 1275 -57.63 21.40 15.28
CA ASN A 1275 -58.05 22.19 14.12
C ASN A 1275 -56.95 23.22 13.86
N ASN A 1276 -55.95 22.80 13.07
CA ASN A 1276 -54.72 23.56 12.94
C ASN A 1276 -54.91 24.95 12.34
N GLU A 1277 -56.05 25.20 11.69
CA GLU A 1277 -56.28 26.51 11.10
C GLU A 1277 -56.47 27.60 12.16
N CYS A 1278 -56.70 27.23 13.41
CA CYS A 1278 -56.86 28.22 14.46
C CYS A 1278 -55.52 28.88 14.77
N HIS A 1279 -55.58 30.15 15.17
CA HIS A 1279 -54.37 30.88 15.53
C HIS A 1279 -53.79 30.34 16.82
N VAL A 1280 -52.45 30.36 16.92
CA VAL A 1280 -51.79 29.92 18.13
C VAL A 1280 -52.02 30.93 19.26
N LEU A 1281 -52.07 30.43 20.48
CA LEU A 1281 -52.19 31.28 21.65
C LEU A 1281 -50.82 31.84 22.00
N LYS A 1282 -50.52 33.05 21.49
CA LYS A 1282 -49.19 33.63 21.58
C LYS A 1282 -48.82 34.08 22.99
N GLU A 1283 -49.77 34.08 23.93
CA GLU A 1283 -49.49 34.43 25.31
C GLU A 1283 -49.47 33.22 26.24
N LEU A 1284 -49.40 32.01 25.67
CA LEU A 1284 -49.59 30.81 26.48
C LEU A 1284 -48.63 29.68 26.09
N GLU A 1285 -47.52 29.98 25.42
CA GLU A 1285 -46.59 28.92 25.00
C GLU A 1285 -45.94 28.24 26.19
N ASP A 1286 -45.60 29.00 27.23
CA ASP A 1286 -44.89 28.42 28.38
C ASP A 1286 -45.75 27.39 29.09
N PHE A 1287 -47.07 27.63 29.18
CA PHE A 1287 -47.96 26.65 29.78
C PHE A 1287 -47.96 25.36 28.98
N SER A 1288 -48.02 25.47 27.64
CA SER A 1288 -47.95 24.26 26.81
C SER A 1288 -46.60 23.57 26.96
N LYS A 1289 -45.55 24.33 27.27
CA LYS A 1289 -44.27 23.73 27.59
C LYS A 1289 -44.35 22.93 28.88
N ALA A 1290 -45.08 23.46 29.87
CA ALA A 1290 -45.26 22.74 31.13
C ALA A 1290 -45.98 21.42 30.91
N CYS A 1291 -47.23 21.47 30.45
CA CYS A 1291 -47.98 20.28 30.05
C CYS A 1291 -47.99 20.23 28.53
N ALA A 1292 -47.17 19.34 27.96
CA ALA A 1292 -47.05 19.20 26.53
C ALA A 1292 -47.91 18.04 26.05
N VAL A 1293 -48.96 18.35 25.30
CA VAL A 1293 -49.85 17.35 24.71
C VAL A 1293 -49.67 17.39 23.20
N GLU A 1294 -49.25 16.26 22.63
CA GLU A 1294 -49.04 16.19 21.19
C GLU A 1294 -50.37 16.36 20.45
N THR A 1295 -50.29 16.98 19.27
CA THR A 1295 -51.49 17.40 18.55
C THR A 1295 -52.35 16.21 18.15
N LYS A 1296 -51.74 15.12 17.71
CA LYS A 1296 -52.50 13.99 17.17
C LYS A 1296 -53.06 13.11 18.28
N GLU A 1297 -53.72 13.73 19.27
CA GLU A 1297 -54.47 12.98 20.27
C GLU A 1297 -55.85 13.56 20.55
N GLY A 1298 -56.09 14.84 20.31
CA GLY A 1298 -57.43 15.37 20.39
C GLY A 1298 -58.30 15.01 19.22
N ASN A 1299 -57.71 14.58 18.11
CA ASN A 1299 -58.46 14.07 16.98
C ASN A 1299 -59.06 12.71 17.34
N ILE A 1300 -59.81 12.13 16.40
CA ILE A 1300 -60.58 10.91 16.67
C ILE A 1300 -60.12 9.76 15.79
N GLY A 1301 -60.27 9.88 14.46
CA GLY A 1301 -59.68 8.91 13.56
C GLY A 1301 -60.11 7.48 13.83
N PHE A 1302 -59.21 6.73 14.46
CA PHE A 1302 -59.53 5.41 14.96
C PHE A 1302 -60.88 5.39 15.66
N ASP A 1303 -61.23 6.46 16.37
CA ASP A 1303 -62.54 6.55 17.02
C ASP A 1303 -63.66 6.45 15.99
N VAL A 1304 -63.59 7.23 14.91
CA VAL A 1304 -64.70 7.22 13.96
C VAL A 1304 -64.72 5.92 13.16
N ILE A 1305 -63.57 5.33 12.87
CA ILE A 1305 -63.62 4.05 12.15
C ILE A 1305 -64.17 2.95 13.05
N ALA A 1306 -63.83 2.98 14.35
CA ALA A 1306 -64.45 2.03 15.29
C ALA A 1306 -65.94 2.25 15.37
N LEU A 1307 -66.39 3.52 15.36
CA LEU A 1307 -67.81 3.81 15.32
C LEU A 1307 -68.45 3.22 14.07
N SER A 1308 -67.79 3.36 12.93
CA SER A 1308 -68.27 2.77 11.68
C SER A 1308 -68.48 1.26 11.85
N PHE A 1309 -67.45 0.57 12.33
CA PHE A 1309 -67.53 -0.88 12.43
C PHE A 1309 -68.61 -1.31 13.42
N LEU A 1310 -68.72 -0.61 14.56
CA LEU A 1310 -69.69 -1.02 15.57
C LEU A 1310 -71.12 -0.69 15.17
N VAL A 1311 -71.35 0.43 14.48
CA VAL A 1311 -72.71 0.70 14.00
C VAL A 1311 -73.10 -0.28 12.91
N PHE A 1312 -72.15 -0.67 12.06
CA PHE A 1312 -72.43 -1.72 11.10
C PHE A 1312 -72.76 -3.04 11.80
N GLN A 1313 -72.03 -3.35 12.86
CA GLN A 1313 -72.31 -4.58 13.61
C GLN A 1313 -73.69 -4.53 14.27
N ILE A 1314 -74.08 -3.36 14.78
CA ILE A 1314 -75.43 -3.21 15.32
C ILE A 1314 -76.46 -3.47 14.23
N ARG A 1315 -76.21 -2.99 13.01
CA ARG A 1315 -77.12 -3.28 11.92
C ARG A 1315 -77.17 -4.78 11.63
N ILE A 1316 -76.02 -5.46 11.70
CA ILE A 1316 -75.99 -6.92 11.54
C ILE A 1316 -76.84 -7.59 12.61
N PHE A 1317 -76.79 -7.09 13.84
CA PHE A 1317 -77.46 -7.75 14.95
C PHE A 1317 -78.98 -7.80 14.79
N HIS A 1318 -79.55 -7.01 13.89
CA HIS A 1318 -80.98 -7.00 13.62
C HIS A 1318 -81.28 -7.47 12.20
N SER A 1319 -80.58 -8.51 11.75
CA SER A 1319 -80.73 -9.03 10.40
C SER A 1319 -81.11 -10.51 10.45
N TRP A 1320 -81.69 -10.99 9.34
CA TRP A 1320 -82.09 -12.39 9.26
C TRP A 1320 -80.89 -13.32 9.32
N TYR A 1321 -79.72 -12.83 8.87
CA TYR A 1321 -78.55 -13.69 8.79
C TYR A 1321 -78.06 -14.08 10.18
N PHE A 1322 -78.12 -13.13 11.13
CA PHE A 1322 -77.64 -13.41 12.48
C PHE A 1322 -78.49 -14.45 13.18
N GLN A 1323 -79.75 -14.63 12.77
CA GLN A 1323 -80.54 -15.74 13.29
C GLN A 1323 -79.88 -17.06 12.98
N HIS A 1324 -79.47 -17.25 11.72
CA HIS A 1324 -78.76 -18.48 11.37
C HIS A 1324 -77.38 -18.52 11.99
N CYS A 1325 -76.79 -17.35 12.27
CA CYS A 1325 -75.54 -17.33 13.02
C CYS A 1325 -75.72 -17.92 14.43
N MET A 1326 -76.81 -17.54 15.11
CA MET A 1326 -77.12 -18.15 16.40
C MET A 1326 -77.42 -19.64 16.23
N VAL A 1327 -78.14 -20.01 15.17
CA VAL A 1327 -78.43 -21.42 14.93
C VAL A 1327 -77.12 -22.21 14.83
N GLU A 1328 -76.13 -21.64 14.15
CA GLU A 1328 -74.81 -22.27 14.12
C GLU A 1328 -74.15 -22.25 15.49
N TYR A 1329 -74.42 -21.24 16.30
CA TYR A 1329 -73.90 -21.21 17.65
C TYR A 1329 -74.74 -22.07 18.59
N ARG A 1330 -76.02 -21.74 18.75
CA ARG A 1330 -76.86 -22.42 19.72
C ARG A 1330 -77.07 -23.87 19.33
N SER A 1331 -76.98 -24.76 20.33
CA SER A 1331 -77.23 -26.19 20.18
C SER A 1331 -76.24 -26.86 19.24
N GLU A 1332 -75.21 -26.13 18.81
CA GLU A 1332 -74.17 -26.69 17.96
C GLU A 1332 -72.77 -26.49 18.52
N VAL A 1333 -72.52 -25.38 19.23
CA VAL A 1333 -71.26 -25.25 19.97
C VAL A 1333 -71.27 -26.21 21.15
N ILE A 1334 -72.45 -26.62 21.62
CA ILE A 1334 -72.56 -27.62 22.67
C ILE A 1334 -72.16 -29.00 22.16
N LEU A 1335 -72.22 -29.21 20.84
CA LEU A 1335 -71.76 -30.46 20.21
C LEU A 1335 -70.25 -30.59 20.18
N ALA A 1336 -69.57 -29.65 20.85
CA ALA A 1336 -68.12 -29.69 20.93
C ALA A 1336 -67.62 -30.94 21.65
N ASN A 1337 -68.43 -31.48 22.58
CA ASN A 1337 -68.04 -32.71 23.26
C ASN A 1337 -67.93 -33.87 22.27
N ARG A 1338 -68.89 -33.99 21.36
CA ARG A 1338 -68.83 -35.01 20.33
C ARG A 1338 -67.74 -34.70 19.31
N GLY A 1339 -67.55 -33.43 19.01
CA GLY A 1339 -66.49 -33.05 18.08
C GLY A 1339 -65.11 -33.45 18.58
N ALA A 1340 -64.87 -33.26 19.89
CA ALA A 1340 -63.59 -33.66 20.46
C ALA A 1340 -63.38 -35.17 20.34
N VAL A 1341 -64.42 -35.95 20.61
CA VAL A 1341 -64.31 -37.41 20.53
C VAL A 1341 -64.02 -37.84 19.09
N LEU A 1342 -64.74 -37.26 18.12
CA LEU A 1342 -64.52 -37.66 16.73
C LEU A 1342 -63.13 -37.25 16.26
N LYS A 1343 -62.65 -36.07 16.68
CA LYS A 1343 -61.29 -35.67 16.34
C LYS A 1343 -60.28 -36.62 16.96
N ASN A 1344 -60.51 -37.05 18.20
CA ASN A 1344 -59.61 -38.00 18.84
C ASN A 1344 -59.58 -39.32 18.09
N GLN A 1345 -60.75 -39.81 17.66
CA GLN A 1345 -60.78 -41.04 16.88
C GLN A 1345 -60.04 -40.89 15.56
N LEU A 1346 -60.23 -39.75 14.88
CA LEU A 1346 -59.57 -39.54 13.60
C LEU A 1346 -58.06 -39.48 13.77
N ILE A 1347 -57.57 -38.77 14.79
CA ILE A 1347 -56.13 -38.68 14.99
C ILE A 1347 -55.55 -40.02 15.46
N GLU A 1348 -56.33 -40.82 16.21
CA GLU A 1348 -55.87 -42.16 16.55
C GLU A 1348 -55.77 -43.04 15.31
N LYS A 1349 -56.73 -42.92 14.39
CA LYS A 1349 -56.64 -43.64 13.13
C LYS A 1349 -55.42 -43.21 12.34
N GLU A 1350 -55.11 -41.91 12.34
CA GLU A 1350 -53.90 -41.43 11.68
C GLU A 1350 -52.65 -42.01 12.34
N MET A 1351 -52.66 -42.11 13.67
CA MET A 1351 -51.55 -42.75 14.38
C MET A 1351 -51.37 -44.20 13.95
N LYS A 1352 -52.48 -44.94 13.85
CA LYS A 1352 -52.40 -46.33 13.39
C LYS A 1352 -51.86 -46.40 11.97
N GLU A 1353 -52.30 -45.49 11.10
CA GLU A 1353 -51.83 -45.49 9.72
C GLU A 1353 -50.33 -45.23 9.64
N GLN A 1354 -49.84 -44.24 10.40
CA GLN A 1354 -48.41 -43.95 10.35
C GLN A 1354 -47.60 -45.07 10.99
N ASN A 1355 -48.16 -45.72 12.02
CA ASN A 1355 -47.47 -46.85 12.63
C ASN A 1355 -47.33 -48.01 11.65
N GLU A 1356 -48.41 -48.35 10.94
CA GLU A 1356 -48.34 -49.44 9.96
C GLU A 1356 -47.42 -49.07 8.82
N GLN A 1357 -47.41 -47.80 8.40
CA GLN A 1357 -46.47 -47.35 7.39
C GLN A 1357 -45.03 -47.53 7.87
N GLN A 1358 -44.76 -47.21 9.13
CA GLN A 1358 -43.40 -47.36 9.65
C GLN A 1358 -42.98 -48.81 9.73
N LYS A 1359 -43.87 -49.71 10.17
CA LYS A 1359 -43.44 -51.11 10.20
C LYS A 1359 -43.27 -51.68 8.79
N ALA A 1360 -44.09 -51.22 7.83
CA ALA A 1360 -43.88 -51.62 6.44
C ALA A 1360 -42.54 -51.12 5.93
N LYS A 1361 -42.18 -49.88 6.27
CA LYS A 1361 -40.89 -49.33 5.82
C LYS A 1361 -39.74 -50.09 6.47
N PHE A 1362 -39.87 -50.45 7.74
CA PHE A 1362 -38.84 -51.25 8.40
C PHE A 1362 -38.70 -52.62 7.74
N ASN A 1363 -39.83 -53.24 7.39
CA ASN A 1363 -39.79 -54.52 6.69
C ASN A 1363 -39.08 -54.37 5.34
N ASP A 1364 -39.37 -53.29 4.62
CA ASP A 1364 -38.72 -53.06 3.34
C ASP A 1364 -37.22 -52.87 3.50
N ILE A 1365 -36.80 -52.09 4.50
CA ILE A 1365 -35.38 -51.86 4.74
C ILE A 1365 -34.67 -53.16 5.10
N ARG A 1366 -35.28 -53.95 5.99
CA ARG A 1366 -34.68 -55.22 6.38
C ARG A 1366 -34.61 -56.19 5.21
N ARG A 1367 -35.65 -56.20 4.37
CA ARG A 1367 -35.64 -57.06 3.19
C ARG A 1367 -34.53 -56.65 2.22
N ARG A 1368 -34.35 -55.35 2.00
CA ARG A 1368 -33.29 -54.90 1.12
C ARG A 1368 -31.92 -55.23 1.67
N THR A 1369 -31.73 -55.04 2.98
CA THR A 1369 -30.45 -55.39 3.60
C THR A 1369 -30.16 -56.88 3.49
N GLU A 1370 -31.18 -57.72 3.73
CA GLU A 1370 -31.01 -59.15 3.61
C GLU A 1370 -30.70 -59.56 2.17
N ALA A 1371 -31.35 -58.90 1.20
CA ALA A 1371 -31.07 -59.19 -0.20
C ALA A 1371 -29.64 -58.84 -0.56
N ILE A 1372 -29.15 -57.68 -0.08
CA ILE A 1372 -27.78 -57.29 -0.34
C ILE A 1372 -26.81 -58.29 0.29
N ARG A 1373 -27.08 -58.69 1.53
CA ARG A 1373 -26.22 -59.64 2.21
C ARG A 1373 -26.20 -60.98 1.48
N GLU A 1374 -27.37 -61.46 1.04
CA GLU A 1374 -27.45 -62.73 0.34
C GLU A 1374 -26.71 -62.66 -0.99
N ARG A 1375 -26.83 -61.53 -1.70
CA ARG A 1375 -26.11 -61.37 -2.95
C ARG A 1375 -24.61 -61.41 -2.72
N TYR A 1376 -24.14 -60.73 -1.67
CA TYR A 1376 -22.71 -60.76 -1.35
C TYR A 1376 -22.25 -62.16 -1.00
N GLN A 1377 -23.04 -62.88 -0.19
CA GLN A 1377 -22.66 -64.24 0.21
C GLN A 1377 -22.61 -65.18 -0.99
N LYS A 1378 -23.61 -65.10 -1.88
CA LYS A 1378 -23.58 -65.99 -3.05
C LYS A 1378 -22.45 -65.61 -4.00
N GLN A 1379 -22.16 -64.31 -4.14
CA GLN A 1379 -21.06 -63.91 -4.99
C GLN A 1379 -19.73 -64.46 -4.48
N ILE A 1380 -19.49 -64.34 -3.17
CA ILE A 1380 -18.23 -64.88 -2.64
C ILE A 1380 -18.26 -66.41 -2.67
N GLU A 1381 -19.43 -67.03 -2.55
CA GLU A 1381 -19.51 -68.48 -2.65
C GLU A 1381 -19.09 -68.96 -4.03
N ARG A 1382 -19.56 -68.29 -5.08
CA ARG A 1382 -19.14 -68.66 -6.43
C ARG A 1382 -17.71 -68.24 -6.72
N GLY A 1383 -17.22 -67.17 -6.10
CA GLY A 1383 -15.88 -66.71 -6.34
C GLY A 1383 -14.80 -67.26 -5.42
N ALA A 1384 -15.16 -68.17 -4.51
CA ALA A 1384 -14.18 -68.78 -3.60
C ALA A 1384 -13.01 -69.43 -4.33
N ALA A 1385 -13.11 -69.66 -5.63
CA ALA A 1385 -11.97 -70.20 -6.38
C ALA A 1385 -10.79 -69.23 -6.34
N GLU A 1386 -11.05 -67.94 -6.54
CA GLU A 1386 -10.03 -66.91 -6.49
C GLU A 1386 -9.98 -66.18 -5.15
N ARG A 1387 -10.84 -66.54 -4.20
CA ARG A 1387 -10.80 -65.96 -2.87
C ARG A 1387 -9.62 -66.54 -2.10
N ASP A 1388 -8.48 -65.84 -2.14
CA ASP A 1388 -7.24 -66.36 -1.57
C ASP A 1388 -6.77 -65.59 -0.34
N PHE A 1389 -7.58 -64.66 0.17
CA PHE A 1389 -7.20 -63.90 1.36
C PHE A 1389 -8.46 -63.46 2.07
N GLU A 1390 -8.75 -64.09 3.21
CA GLU A 1390 -9.86 -63.64 4.06
C GLU A 1390 -9.41 -62.45 4.87
N PRO A 1391 -10.10 -61.30 4.78
CA PRO A 1391 -9.66 -60.13 5.53
C PRO A 1391 -9.72 -60.36 7.04
N VAL A 1392 -8.76 -59.78 7.75
CA VAL A 1392 -8.68 -59.89 9.19
C VAL A 1392 -8.82 -58.52 9.87
N THR A 1393 -8.47 -57.46 9.16
CA THR A 1393 -8.61 -56.09 9.65
C THR A 1393 -9.53 -55.29 8.73
N TYR A 1394 -9.76 -54.03 9.12
CA TYR A 1394 -10.62 -53.17 8.31
C TYR A 1394 -10.01 -52.89 6.95
N GLY A 1395 -8.69 -52.68 6.90
CA GLY A 1395 -8.06 -52.33 5.64
C GLY A 1395 -8.16 -53.44 4.61
N HIS A 1396 -7.94 -54.68 5.05
CA HIS A 1396 -8.07 -55.81 4.12
C HIS A 1396 -9.49 -55.94 3.60
N ALA A 1397 -10.49 -55.74 4.46
CA ALA A 1397 -11.88 -55.77 4.00
C ALA A 1397 -12.17 -54.66 3.00
N LYS A 1398 -11.66 -53.46 3.28
CA LYS A 1398 -11.85 -52.33 2.38
C LYS A 1398 -11.14 -52.55 1.05
N ARG A 1399 -10.07 -53.33 1.06
CA ARG A 1399 -9.21 -53.48 -0.10
C ARG A 1399 -9.31 -54.86 -0.73
N ALA A 1400 -10.31 -55.65 -0.34
CA ALA A 1400 -10.51 -56.99 -0.88
C ALA A 1400 -11.33 -56.99 -2.16
N GLY A 1401 -11.52 -55.83 -2.78
CA GLY A 1401 -12.25 -55.76 -4.04
C GLY A 1401 -11.60 -56.58 -5.13
N ASP A 1402 -12.39 -57.44 -5.79
CA ASP A 1402 -11.85 -58.33 -6.80
C ASP A 1402 -12.95 -58.69 -7.79
N TYR A 1403 -12.55 -59.39 -8.86
CA TYR A 1403 -13.47 -59.67 -9.95
C TYR A 1403 -14.61 -60.58 -9.52
N TYR A 1404 -14.37 -61.44 -8.52
CA TYR A 1404 -15.40 -62.41 -8.14
C TYR A 1404 -16.64 -61.74 -7.57
N MET A 1405 -16.54 -60.48 -7.14
CA MET A 1405 -17.69 -59.75 -6.63
C MET A 1405 -18.50 -59.08 -7.73
N PHE A 1406 -18.05 -59.16 -8.98
CA PHE A 1406 -18.75 -58.53 -10.09
C PHE A 1406 -19.18 -59.52 -11.16
N LYS A 1407 -19.09 -60.83 -10.90
CA LYS A 1407 -19.42 -61.84 -11.91
C LYS A 1407 -20.91 -62.21 -11.85
N TYR A 1408 -21.75 -61.20 -12.08
CA TYR A 1408 -23.18 -61.42 -12.22
C TYR A 1408 -23.79 -60.28 -13.00
N ASP A 1409 -24.86 -60.59 -13.73
CA ASP A 1409 -25.50 -59.59 -14.57
C ASP A 1409 -26.16 -58.52 -13.69
N PRO A 1410 -25.92 -57.24 -13.95
CA PRO A 1410 -26.56 -56.19 -13.14
C PRO A 1410 -28.05 -56.17 -13.37
N GLU A 1411 -28.81 -56.34 -12.29
CA GLU A 1411 -30.26 -56.36 -12.35
C GLU A 1411 -30.85 -54.98 -12.08
N GLN A 1594 -68.98 -22.86 -8.57
CA GLN A 1594 -68.63 -22.91 -7.14
C GLN A 1594 -68.88 -24.29 -6.57
N GLN A 1595 -67.87 -25.14 -6.62
CA GLN A 1595 -67.98 -26.52 -6.16
C GLN A 1595 -66.58 -26.94 -5.69
N LYS A 1596 -66.36 -28.25 -5.55
CA LYS A 1596 -65.07 -28.80 -5.14
C LYS A 1596 -63.97 -28.59 -6.17
N SER A 1597 -64.24 -27.86 -7.26
CA SER A 1597 -63.26 -27.65 -8.31
C SER A 1597 -62.04 -26.89 -7.79
N SER A 1598 -61.04 -26.76 -8.66
CA SER A 1598 -59.75 -26.19 -8.28
C SER A 1598 -59.81 -24.69 -8.03
N ALA A 1599 -60.94 -24.03 -8.30
CA ALA A 1599 -61.02 -22.59 -8.10
C ALA A 1599 -60.83 -22.22 -6.63
N THR A 1600 -61.46 -22.97 -5.73
CA THR A 1600 -61.42 -22.67 -4.30
C THR A 1600 -60.45 -23.55 -3.53
N ARG A 1601 -59.58 -24.29 -4.21
CA ARG A 1601 -58.67 -25.17 -3.52
C ARG A 1601 -57.72 -24.38 -2.62
N LEU A 1602 -57.20 -23.25 -3.12
CA LEU A 1602 -56.29 -22.44 -2.34
C LEU A 1602 -56.98 -21.84 -1.12
N LEU A 1603 -58.19 -21.33 -1.31
CA LEU A 1603 -58.93 -20.74 -0.20
C LEU A 1603 -59.20 -21.79 0.87
N ASN A 1604 -59.66 -22.97 0.46
CA ASN A 1604 -59.94 -24.04 1.43
C ASN A 1604 -58.68 -24.46 2.16
N ALA A 1605 -57.57 -24.62 1.43
CA ALA A 1605 -56.32 -25.04 2.06
C ALA A 1605 -55.83 -24.00 3.06
N VAL A 1606 -55.91 -22.71 2.69
CA VAL A 1606 -55.46 -21.66 3.59
C VAL A 1606 -56.33 -21.60 4.84
N VAL A 1607 -57.65 -21.71 4.68
CA VAL A 1607 -58.54 -21.67 5.83
C VAL A 1607 -58.26 -22.84 6.77
N ASN A 1608 -58.12 -24.05 6.19
CA ASN A 1608 -57.86 -25.22 7.02
C ASN A 1608 -56.52 -25.11 7.74
N CYS A 1609 -55.48 -24.65 7.03
CA CYS A 1609 -54.17 -24.52 7.64
C CYS A 1609 -54.18 -23.49 8.76
N ILE A 1610 -54.86 -22.36 8.56
CA ILE A 1610 -54.95 -21.34 9.59
C ILE A 1610 -55.69 -21.89 10.80
N GLY A 1611 -56.81 -22.58 10.57
CA GLY A 1611 -57.56 -23.14 11.68
C GLY A 1611 -56.77 -24.16 12.46
N ALA A 1612 -55.95 -24.96 11.77
CA ALA A 1612 -55.15 -25.97 12.45
C ALA A 1612 -53.95 -25.35 13.17
N HIS A 1613 -53.39 -24.26 12.65
CA HIS A 1613 -52.14 -23.70 13.15
C HIS A 1613 -52.33 -22.34 13.82
N THR A 1614 -53.57 -22.07 14.29
CA THR A 1614 -53.79 -20.92 15.16
C THR A 1614 -52.74 -20.79 16.25
N ASP A 1615 -52.29 -21.91 16.82
CA ASP A 1615 -51.35 -21.85 17.94
C ASP A 1615 -50.00 -21.28 17.50
N ILE A 1616 -49.42 -21.82 16.42
CA ILE A 1616 -48.13 -21.30 15.97
C ILE A 1616 -48.29 -19.89 15.43
N LEU A 1617 -49.44 -19.56 14.85
CA LEU A 1617 -49.70 -18.19 14.45
C LEU A 1617 -49.71 -17.26 15.66
N CYS A 1618 -50.28 -17.72 16.78
CA CYS A 1618 -50.30 -16.92 17.99
C CYS A 1618 -48.89 -16.73 18.55
N TYR A 1619 -48.07 -17.78 18.57
CA TYR A 1619 -46.70 -17.60 19.03
C TYR A 1619 -45.91 -16.68 18.10
N PHE A 1620 -46.16 -16.77 16.79
CA PHE A 1620 -45.50 -15.88 15.85
C PHE A 1620 -45.88 -14.43 16.12
N PHE A 1621 -47.17 -14.17 16.34
CA PHE A 1621 -47.59 -12.81 16.68
C PHE A 1621 -47.04 -12.36 18.02
N ALA A 1622 -46.88 -13.30 18.97
CA ALA A 1622 -46.22 -12.95 20.23
C ALA A 1622 -44.79 -12.50 19.98
N ILE A 1623 -44.08 -13.21 19.09
CA ILE A 1623 -42.71 -12.82 18.74
C ILE A 1623 -42.68 -11.44 18.11
N MET A 1624 -43.59 -11.18 17.16
CA MET A 1624 -43.62 -9.86 16.51
C MET A 1624 -43.92 -8.76 17.52
N THR A 1625 -44.92 -8.96 18.37
CA THR A 1625 -45.25 -7.98 19.40
C THR A 1625 -44.05 -7.74 20.29
N GLN A 1626 -43.33 -8.80 20.64
CA GLN A 1626 -42.13 -8.65 21.44
C GLN A 1626 -41.12 -7.77 20.73
N VAL A 1627 -40.87 -8.07 19.46
CA VAL A 1627 -39.71 -7.49 18.80
C VAL A 1627 -39.95 -6.04 18.39
N MET A 1628 -41.21 -5.65 18.16
CA MET A 1628 -41.48 -4.22 17.99
C MET A 1628 -41.74 -3.50 19.31
N THR A 1629 -41.79 -4.21 20.43
CA THR A 1629 -42.01 -3.60 21.74
C THR A 1629 -40.99 -4.16 22.74
N GLY A 1630 -39.71 -4.10 22.36
CA GLY A 1630 -38.64 -4.60 23.20
C GLY A 1630 -38.62 -3.97 24.58
N GLY A 1631 -38.95 -4.75 25.60
CA GLY A 1631 -38.95 -4.25 26.96
C GLY A 1631 -39.45 -5.31 27.91
N LEU A 1632 -39.02 -5.16 29.17
CA LEU A 1632 -39.14 -6.24 30.15
C LEU A 1632 -40.60 -6.60 30.44
N ILE A 1633 -41.53 -5.70 30.13
CA ILE A 1633 -42.93 -5.96 30.41
C ILE A 1633 -43.50 -6.86 29.32
N THR A 1634 -42.71 -7.11 28.28
CA THR A 1634 -43.16 -7.86 27.12
C THR A 1634 -42.47 -9.20 26.93
N LEU A 1635 -41.22 -9.36 27.41
CA LEU A 1635 -40.48 -10.61 27.34
C LEU A 1635 -41.23 -11.83 27.88
N PRO A 1636 -41.96 -11.73 28.99
CA PRO A 1636 -42.61 -12.93 29.53
C PRO A 1636 -43.50 -13.67 28.52
N LEU A 1637 -44.15 -12.97 27.59
CA LEU A 1637 -45.02 -13.69 26.64
C LEU A 1637 -44.24 -14.71 25.80
N PRO A 1638 -43.27 -14.31 24.97
CA PRO A 1638 -42.53 -15.33 24.20
C PRO A 1638 -41.77 -16.31 25.07
N LEU A 1639 -41.24 -15.85 26.22
CA LEU A 1639 -40.50 -16.77 27.09
C LEU A 1639 -41.42 -17.88 27.59
N MET A 1640 -42.56 -17.52 28.19
CA MET A 1640 -43.46 -18.56 28.71
C MET A 1640 -44.01 -19.41 27.59
N SER A 1641 -44.31 -18.81 26.44
CA SER A 1641 -44.78 -19.60 25.30
C SER A 1641 -43.74 -20.65 24.93
N LEU A 1642 -42.57 -20.19 24.47
CA LEU A 1642 -41.54 -21.09 23.96
C LEU A 1642 -41.08 -22.08 25.02
N PHE A 1643 -41.25 -21.75 26.30
CA PHE A 1643 -40.71 -22.61 27.35
C PHE A 1643 -41.72 -23.65 27.83
N TRP A 1644 -43.01 -23.30 27.85
CA TRP A 1644 -43.98 -24.12 28.56
C TRP A 1644 -45.20 -24.47 27.73
N GLY A 1645 -45.59 -23.62 26.78
CA GLY A 1645 -46.77 -23.89 25.99
C GLY A 1645 -46.44 -24.31 24.56
N ASN A 1646 -45.39 -23.71 24.00
CA ASN A 1646 -44.98 -24.09 22.65
C ASN A 1646 -44.48 -25.53 22.60
N LEU A 1647 -43.59 -25.91 23.51
CA LEU A 1647 -42.99 -27.24 23.52
C LEU A 1647 -43.84 -28.26 24.27
N SER A 1648 -45.03 -27.87 24.73
CA SER A 1648 -45.95 -28.84 25.30
C SER A 1648 -46.24 -29.93 24.29
N ASN A 1649 -45.90 -31.18 24.64
CA ASN A 1649 -46.03 -32.27 23.68
C ASN A 1649 -47.48 -32.46 23.26
N PRO A 1650 -48.48 -32.49 24.15
CA PRO A 1650 -49.86 -32.32 23.71
C PRO A 1650 -50.19 -30.85 23.57
N ARG A 1651 -51.46 -30.53 23.39
CA ARG A 1651 -51.85 -29.14 23.31
C ARG A 1651 -51.57 -28.43 24.64
N PRO A 1652 -51.22 -27.15 24.60
CA PRO A 1652 -51.11 -26.39 25.85
C PRO A 1652 -52.41 -26.44 26.63
N SER A 1653 -52.29 -26.57 27.95
CA SER A 1653 -53.48 -26.70 28.77
C SER A 1653 -54.26 -25.40 28.81
N LYS A 1654 -55.49 -25.48 29.35
CA LYS A 1654 -56.32 -24.29 29.50
C LYS A 1654 -55.63 -23.23 30.35
N PHE A 1655 -54.84 -23.66 31.33
CA PHE A 1655 -54.15 -22.71 32.20
C PHE A 1655 -53.19 -21.83 31.41
N PHE A 1656 -52.47 -22.42 30.45
CA PHE A 1656 -51.56 -21.64 29.62
C PHE A 1656 -52.30 -20.55 28.86
N TRP A 1657 -53.40 -20.91 28.21
CA TRP A 1657 -54.12 -19.92 27.40
C TRP A 1657 -54.75 -18.85 28.28
N VAL A 1658 -55.32 -19.23 29.42
CA VAL A 1658 -55.94 -18.22 30.27
C VAL A 1658 -54.90 -17.30 30.88
N THR A 1659 -53.72 -17.82 31.25
CA THR A 1659 -52.69 -16.94 31.80
C THR A 1659 -52.11 -16.04 30.73
N MET A 1660 -52.01 -16.52 29.49
CA MET A 1660 -51.63 -15.63 28.39
C MET A 1660 -52.66 -14.52 28.22
N ILE A 1661 -53.95 -14.86 28.27
CA ILE A 1661 -55.00 -13.87 28.11
C ILE A 1661 -54.89 -12.81 29.20
N THR A 1662 -54.76 -13.25 30.45
CA THR A 1662 -54.71 -12.31 31.57
C THR A 1662 -53.46 -11.44 31.51
N TYR A 1663 -52.31 -12.03 31.23
CA TYR A 1663 -51.09 -11.24 31.22
C TYR A 1663 -51.12 -10.25 30.05
N THR A 1664 -51.65 -10.68 28.91
CA THR A 1664 -51.73 -9.77 27.77
C THR A 1664 -52.67 -8.61 28.06
N GLU A 1665 -53.82 -8.87 28.68
CA GLU A 1665 -54.74 -7.77 28.96
C GLU A 1665 -54.11 -6.79 29.95
N CYS A 1666 -53.44 -7.30 31.00
CA CYS A 1666 -52.86 -6.37 31.95
C CYS A 1666 -51.65 -5.64 31.37
N VAL A 1667 -50.89 -6.25 30.47
CA VAL A 1667 -49.76 -5.54 29.87
C VAL A 1667 -50.27 -4.48 28.90
N ILE A 1668 -51.39 -4.75 28.22
CA ILE A 1668 -52.02 -3.71 27.41
C ILE A 1668 -52.47 -2.55 28.30
N VAL A 1669 -53.05 -2.86 29.46
CA VAL A 1669 -53.49 -1.81 30.37
C VAL A 1669 -52.31 -0.97 30.85
N ILE A 1670 -51.21 -1.63 31.25
CA ILE A 1670 -50.08 -0.89 31.79
C ILE A 1670 -49.39 -0.10 30.68
N LYS A 1671 -49.32 -0.65 29.47
CA LYS A 1671 -48.78 0.12 28.35
C LYS A 1671 -49.63 1.34 28.07
N PHE A 1672 -50.96 1.19 28.09
CA PHE A 1672 -51.85 2.32 27.83
C PHE A 1672 -51.67 3.40 28.89
N VAL A 1673 -51.59 3.01 30.16
CA VAL A 1673 -51.38 4.01 31.20
C VAL A 1673 -49.97 4.59 31.09
N CYS A 1674 -49.05 3.87 30.47
CA CYS A 1674 -47.72 4.41 30.21
C CYS A 1674 -47.72 5.43 29.08
N GLN A 1675 -48.65 5.33 28.13
CA GLN A 1675 -48.77 6.35 27.09
C GLN A 1675 -49.26 7.69 27.64
N PHE A 1676 -49.72 7.75 28.88
CA PHE A 1676 -50.17 9.00 29.46
C PHE A 1676 -49.02 10.00 29.58
N ALA A 1677 -49.37 11.23 29.94
CA ALA A 1677 -48.42 12.33 29.93
C ALA A 1677 -48.03 12.83 31.32
N PHE A 1678 -48.77 12.46 32.38
CA PHE A 1678 -48.40 12.95 33.70
C PHE A 1678 -47.08 12.36 34.17
N MET A 1679 -46.76 11.13 33.75
CA MET A 1679 -45.45 10.58 34.00
C MET A 1679 -44.39 11.37 33.20
N PRO A 1680 -43.19 11.51 33.74
CA PRO A 1680 -42.22 12.43 33.13
C PRO A 1680 -41.45 11.89 31.94
N TYR A 1681 -41.25 10.58 31.85
CA TYR A 1681 -40.50 10.02 30.74
C TYR A 1681 -41.22 10.13 29.40
N ASN A 1682 -42.54 10.31 29.42
CA ASN A 1682 -43.29 10.51 28.18
C ASN A 1682 -43.27 11.97 27.72
N SER A 1683 -42.75 12.87 28.52
CA SER A 1683 -42.64 14.27 28.11
C SER A 1683 -41.53 14.44 27.08
N ILE A 1684 -41.57 15.57 26.38
CA ILE A 1684 -40.59 15.83 25.33
C ILE A 1684 -39.20 15.99 25.95
N THR A 1685 -39.10 16.70 27.06
CA THR A 1685 -37.79 16.99 27.65
C THR A 1685 -37.07 15.70 28.06
N TRP A 1686 -37.78 14.78 28.73
CA TRP A 1686 -37.13 13.55 29.18
C TRP A 1686 -36.75 12.65 28.01
N ARG A 1687 -37.68 12.43 27.08
CA ARG A 1687 -37.39 11.64 25.89
C ARG A 1687 -36.19 12.17 25.11
N THR A 1688 -36.03 13.50 25.04
CA THR A 1688 -34.91 14.04 24.26
C THR A 1688 -33.65 14.10 25.11
N GLU A 1689 -33.79 14.03 26.43
CA GLU A 1689 -32.61 13.95 27.29
C GLU A 1689 -32.09 12.52 27.39
N HIS A 1690 -32.91 11.54 27.02
CA HIS A 1690 -32.59 10.13 27.23
C HIS A 1690 -32.89 9.27 26.01
N GLN A 1691 -32.44 9.69 24.82
CA GLN A 1691 -32.69 8.88 23.64
C GLN A 1691 -31.45 8.17 23.09
N MET A 1692 -30.24 8.59 23.49
CA MET A 1692 -29.04 7.86 23.07
C MET A 1692 -28.95 6.50 23.77
N ASP A 1693 -29.05 6.49 25.08
CA ASP A 1693 -28.92 5.24 25.82
C ASP A 1693 -30.13 4.33 25.59
N PRO A 1694 -29.93 3.08 25.18
CA PRO A 1694 -31.06 2.15 25.04
C PRO A 1694 -31.40 1.41 26.32
N MET A 1695 -30.54 1.50 27.33
CA MET A 1695 -30.78 0.88 28.64
C MET A 1695 -31.67 1.76 29.52
N SER A 1696 -32.05 2.94 29.02
CA SER A 1696 -32.88 3.86 29.79
C SER A 1696 -34.17 3.18 30.25
N LEU A 1697 -34.70 3.65 31.38
CA LEU A 1697 -35.75 2.92 32.08
C LEU A 1697 -36.99 2.74 31.22
N ASP A 1698 -37.41 3.79 30.52
CA ASP A 1698 -38.60 3.69 29.67
C ASP A 1698 -38.38 2.70 28.54
N LYS A 1699 -37.20 2.74 27.90
CA LYS A 1699 -36.91 1.80 26.84
C LYS A 1699 -36.58 0.42 27.38
N LEU A 1700 -35.97 0.36 28.57
CA LEU A 1700 -35.69 -0.94 29.19
C LEU A 1700 -36.99 -1.69 29.51
N PHE A 1701 -37.99 -0.98 30.04
CA PHE A 1701 -39.28 -1.59 30.33
C PHE A 1701 -40.09 -1.82 29.06
N GLY A 1702 -39.93 -0.98 28.04
CA GLY A 1702 -40.60 -1.19 26.78
C GLY A 1702 -41.75 -0.23 26.52
N VAL A 1703 -41.70 0.93 27.17
CA VAL A 1703 -42.74 1.96 27.02
C VAL A 1703 -42.08 3.24 26.53
N SER A 1704 -42.75 3.92 25.60
CA SER A 1704 -42.26 5.17 25.03
C SER A 1704 -43.45 5.88 24.39
N GLN A 1705 -43.16 6.98 23.69
CA GLN A 1705 -44.20 7.72 22.99
C GLN A 1705 -44.85 6.87 21.91
N ARG A 1706 -44.04 6.16 21.14
CA ARG A 1706 -44.49 5.26 20.08
C ARG A 1706 -45.44 5.99 19.12
N ASP A 1707 -44.85 6.95 18.41
CA ASP A 1707 -45.62 7.73 17.44
C ASP A 1707 -46.29 6.83 16.41
N SER A 1708 -45.61 5.77 15.98
CA SER A 1708 -46.26 4.76 15.15
C SER A 1708 -47.29 4.00 15.97
N PHE A 1709 -48.45 3.76 15.38
CA PHE A 1709 -49.55 3.12 16.08
C PHE A 1709 -49.23 1.64 16.27
N ALA A 1710 -48.99 1.22 17.51
CA ALA A 1710 -48.62 -0.15 17.83
C ALA A 1710 -49.87 -1.02 17.76
N LEU A 1711 -50.11 -1.59 16.57
CA LEU A 1711 -51.28 -2.43 16.35
C LEU A 1711 -51.01 -3.90 16.64
N TRP A 1712 -49.79 -4.26 17.05
CA TRP A 1712 -49.41 -5.67 17.11
C TRP A 1712 -50.00 -6.36 18.34
N ASP A 1713 -50.08 -5.68 19.48
CA ASP A 1713 -50.62 -6.34 20.67
C ASP A 1713 -52.13 -6.53 20.56
N ILE A 1714 -52.80 -5.68 19.78
CA ILE A 1714 -54.22 -5.91 19.51
C ILE A 1714 -54.41 -7.24 18.79
N VAL A 1715 -53.64 -7.45 17.71
CA VAL A 1715 -53.79 -8.68 16.95
C VAL A 1715 -53.28 -9.87 17.77
N LEU A 1716 -52.35 -9.65 18.70
CA LEU A 1716 -51.97 -10.71 19.62
C LEU A 1716 -53.16 -11.15 20.47
N LEU A 1717 -53.83 -10.18 21.11
CA LEU A 1717 -54.99 -10.51 21.92
C LEU A 1717 -56.06 -11.19 21.08
N PHE A 1718 -56.26 -10.73 19.85
CA PHE A 1718 -57.34 -11.27 19.06
C PHE A 1718 -57.01 -12.65 18.49
N SER A 1719 -55.75 -12.91 18.15
CA SER A 1719 -55.36 -14.26 17.78
C SER A 1719 -55.46 -15.21 18.97
N LEU A 1720 -55.11 -14.73 20.16
CA LEU A 1720 -55.25 -15.55 21.37
C LEU A 1720 -56.71 -15.92 21.61
N PHE A 1721 -57.60 -14.93 21.56
CA PHE A 1721 -59.02 -15.20 21.74
C PHE A 1721 -59.59 -16.01 20.58
N PHE A 1722 -59.01 -15.88 19.39
CA PHE A 1722 -59.46 -16.67 18.25
C PHE A 1722 -59.12 -18.15 18.45
N HIS A 1723 -57.90 -18.43 18.91
CA HIS A 1723 -57.53 -19.80 19.23
C HIS A 1723 -58.36 -20.35 20.39
N ARG A 1724 -58.65 -19.50 21.37
CA ARG A 1724 -59.55 -19.90 22.45
C ARG A 1724 -60.93 -20.25 21.92
N TYR A 1725 -61.44 -19.47 20.98
CA TYR A 1725 -62.74 -19.74 20.38
C TYR A 1725 -62.73 -21.05 19.61
N MET A 1726 -61.66 -21.32 18.86
CA MET A 1726 -61.57 -22.61 18.17
C MET A 1726 -61.48 -23.77 19.15
N LEU A 1727 -60.75 -23.61 20.25
CA LEU A 1727 -60.69 -24.67 21.26
C LEU A 1727 -62.07 -24.92 21.86
N ARG A 1728 -62.81 -23.85 22.13
CA ARG A 1728 -64.18 -24.01 22.63
C ARG A 1728 -65.08 -24.69 21.60
N LYS A 1729 -64.90 -24.32 20.32
CA LYS A 1729 -65.70 -24.91 19.26
C LYS A 1729 -65.44 -26.41 19.14
N LEU A 1730 -64.18 -26.83 19.23
CA LEU A 1730 -63.84 -28.24 19.11
C LEU A 1730 -64.06 -29.01 20.41
N GLY A 1731 -64.28 -28.33 21.53
CA GLY A 1731 -64.40 -28.98 22.81
C GLY A 1731 -63.07 -29.32 23.47
N LEU A 1732 -61.96 -28.96 22.83
CA LEU A 1732 -60.64 -29.25 23.38
C LEU A 1732 -60.15 -28.14 24.31
N TRP A 1733 -60.97 -27.10 24.52
CA TRP A 1733 -60.62 -26.03 25.44
C TRP A 1733 -60.54 -26.54 26.87
N LYS A 1734 -61.47 -27.41 27.27
CA LYS A 1734 -61.47 -27.96 28.62
C LYS A 1734 -60.40 -29.03 28.78
N GLN A 1809 -47.45 -39.32 39.72
CA GLN A 1809 -47.08 -38.17 40.54
C GLN A 1809 -45.96 -37.36 39.89
N SER A 1810 -44.91 -37.06 40.65
CA SER A 1810 -43.73 -36.29 40.26
C SER A 1810 -44.05 -34.82 40.02
N GLY A 1811 -45.24 -34.35 40.36
CA GLY A 1811 -45.58 -32.95 40.23
C GLY A 1811 -45.96 -32.58 38.82
N PRO A 1812 -46.51 -31.38 38.64
CA PRO A 1812 -46.86 -30.93 37.28
C PRO A 1812 -45.66 -30.87 36.35
N ILE A 1813 -44.49 -30.48 36.86
CA ILE A 1813 -43.29 -30.44 36.02
C ILE A 1813 -42.87 -31.84 35.61
N GLY A 1814 -42.93 -32.79 36.55
CA GLY A 1814 -42.61 -34.17 36.21
C GLY A 1814 -43.55 -34.75 35.18
N ARG A 1815 -44.85 -34.48 35.34
CA ARG A 1815 -45.82 -34.93 34.35
C ARG A 1815 -45.57 -34.28 33.00
N PHE A 1816 -45.22 -33.00 33.00
CA PHE A 1816 -44.88 -32.31 31.75
C PHE A 1816 -43.71 -32.99 31.05
N ILE A 1817 -42.65 -33.27 31.80
CA ILE A 1817 -41.48 -33.90 31.20
C ILE A 1817 -41.81 -35.30 30.70
N HIS A 1818 -42.60 -36.05 31.47
CA HIS A 1818 -42.98 -37.41 31.09
C HIS A 1818 -43.79 -37.41 29.80
N GLN A 1819 -44.77 -36.50 29.69
CA GLN A 1819 -45.58 -36.45 28.49
C GLN A 1819 -44.80 -35.88 27.31
N LEU A 1820 -43.78 -35.05 27.58
CA LEU A 1820 -42.95 -34.52 26.51
C LEU A 1820 -42.07 -35.61 25.92
N PHE A 1821 -41.46 -36.43 26.77
CA PHE A 1821 -40.54 -37.46 26.30
C PHE A 1821 -41.24 -38.76 25.94
N HIS A 1822 -42.53 -38.89 26.24
CA HIS A 1822 -43.32 -40.08 25.92
C HIS A 1822 -44.59 -39.62 25.20
N PRO A 1823 -44.50 -39.35 23.90
CA PRO A 1823 -45.65 -38.80 23.17
C PRO A 1823 -46.74 -39.84 22.97
N LYS A 1824 -47.85 -39.68 23.69
CA LYS A 1824 -49.02 -40.52 23.47
C LYS A 1824 -49.63 -40.26 22.11
N PHE A 1825 -49.69 -38.99 21.70
CA PHE A 1825 -50.05 -38.58 20.35
C PHE A 1825 -48.84 -37.92 19.70
N ARG A 1826 -48.50 -38.34 18.48
CA ARG A 1826 -47.34 -37.79 17.81
C ARG A 1826 -47.48 -37.96 16.31
N TYR A 1827 -46.78 -37.11 15.56
CA TYR A 1827 -46.57 -37.29 14.13
C TYR A 1827 -45.08 -37.49 13.87
N ILE A 1828 -44.76 -37.89 12.64
CA ILE A 1828 -43.38 -38.06 12.20
C ILE A 1828 -43.18 -37.27 10.91
N ARG A 1829 -42.15 -36.42 10.90
CA ARG A 1829 -41.80 -35.65 9.72
C ARG A 1829 -40.46 -34.96 9.94
N ASP A 1830 -39.60 -34.96 8.93
CA ASP A 1830 -38.28 -34.36 9.04
C ASP A 1830 -38.36 -32.88 8.67
N LEU A 1831 -38.11 -32.02 9.64
CA LEU A 1831 -38.13 -30.57 9.43
C LEU A 1831 -36.74 -29.96 9.54
N TYR A 1832 -35.69 -30.78 9.55
CA TYR A 1832 -34.33 -30.24 9.58
C TYR A 1832 -34.00 -29.36 8.39
N PRO A 1833 -34.39 -29.69 7.15
CA PRO A 1833 -34.17 -28.73 6.06
C PRO A 1833 -34.78 -27.37 6.33
N ILE A 1834 -35.97 -27.33 6.92
CA ILE A 1834 -36.62 -26.05 7.20
C ILE A 1834 -35.79 -25.21 8.16
N MET A 1835 -35.39 -25.80 9.29
CA MET A 1835 -34.63 -25.05 10.28
C MET A 1835 -33.25 -24.68 9.75
N PHE A 1836 -32.66 -25.55 8.91
CA PHE A 1836 -31.39 -25.21 8.28
C PHE A 1836 -31.55 -24.01 7.35
N GLY A 1837 -32.64 -23.98 6.59
CA GLY A 1837 -32.92 -22.79 5.80
C GLY A 1837 -33.06 -21.54 6.65
N ILE A 1838 -33.82 -21.64 7.74
CA ILE A 1838 -34.07 -20.47 8.57
C ILE A 1838 -32.78 -19.94 9.19
N ASP A 1839 -31.94 -20.83 9.73
CA ASP A 1839 -30.75 -20.33 10.39
C ASP A 1839 -29.65 -19.95 9.39
N VAL A 1840 -29.63 -20.53 8.19
CA VAL A 1840 -28.74 -19.99 7.16
C VAL A 1840 -29.19 -18.59 6.74
N ILE A 1841 -30.50 -18.35 6.66
CA ILE A 1841 -30.98 -17.02 6.33
C ILE A 1841 -30.61 -16.02 7.43
N CYS A 1842 -30.75 -16.42 8.70
CA CYS A 1842 -30.40 -15.48 9.75
C CYS A 1842 -28.89 -15.22 9.76
N PHE A 1843 -28.08 -16.25 9.50
CA PHE A 1843 -26.64 -16.05 9.35
C PHE A 1843 -26.33 -15.06 8.23
N LEU A 1844 -26.99 -15.22 7.09
CA LEU A 1844 -26.73 -14.36 5.94
C LEU A 1844 -27.14 -12.91 6.23
N ILE A 1845 -28.31 -12.72 6.84
CA ILE A 1845 -28.77 -11.36 7.12
C ILE A 1845 -27.93 -10.75 8.24
N MET A 1846 -27.35 -11.57 9.11
CA MET A 1846 -26.49 -11.06 10.16
C MET A 1846 -25.14 -10.62 9.64
N THR A 1847 -24.56 -11.39 8.71
CA THR A 1847 -23.26 -10.99 8.16
C THR A 1847 -23.43 -9.86 7.15
N PHE A 1848 -24.54 -9.83 6.43
CA PHE A 1848 -24.78 -8.74 5.49
C PHE A 1848 -25.14 -7.45 6.21
N GLY A 1849 -25.99 -7.55 7.24
CA GLY A 1849 -26.37 -6.39 8.02
C GLY A 1849 -25.42 -6.16 9.18
N TYR A 1850 -24.13 -6.42 8.94
CA TYR A 1850 -23.12 -6.31 10.00
C TYR A 1850 -22.89 -4.88 10.45
N SER A 1851 -23.34 -3.89 9.67
CA SER A 1851 -23.06 -2.50 10.01
C SER A 1851 -23.74 -2.09 11.32
N ALA A 1852 -24.98 -2.53 11.52
CA ALA A 1852 -25.76 -2.10 12.68
C ALA A 1852 -25.39 -2.85 13.96
N PHE A 1853 -24.60 -3.92 13.86
CA PHE A 1853 -24.18 -4.66 15.05
C PHE A 1853 -22.91 -4.10 15.68
N GLY A 1854 -22.33 -3.05 15.11
CA GLY A 1854 -21.17 -2.41 15.68
C GLY A 1854 -21.44 -0.98 16.11
N GLU A 1855 -20.85 -0.03 15.39
CA GLU A 1855 -21.06 1.40 15.63
C GLU A 1855 -20.70 1.80 17.07
N LYS A 1866 -19.28 8.09 11.26
CA LYS A 1866 -17.97 7.90 11.89
C LYS A 1866 -17.98 6.65 12.78
N ALA A 1867 -16.80 6.05 12.96
CA ALA A 1867 -16.61 4.84 13.76
C ALA A 1867 -17.38 3.65 13.18
N SER A 1868 -17.61 3.65 11.87
CA SER A 1868 -18.24 2.52 11.19
C SER A 1868 -17.13 1.53 10.84
N ARG A 1869 -16.59 0.88 11.87
CA ARG A 1869 -15.45 0.00 11.70
C ARG A 1869 -15.77 -1.32 12.39
N ILE A 1870 -15.22 -2.40 11.84
CA ILE A 1870 -15.64 -3.74 12.27
C ILE A 1870 -15.21 -3.99 13.71
N PRO A 1871 -16.12 -4.44 14.58
CA PRO A 1871 -15.75 -4.73 15.97
C PRO A 1871 -15.42 -6.20 16.18
N VAL A 1872 -14.83 -6.47 17.36
CA VAL A 1872 -14.58 -7.84 17.78
C VAL A 1872 -15.88 -8.55 18.09
N THR A 1873 -16.87 -7.83 18.63
CA THR A 1873 -18.16 -8.41 18.93
C THR A 1873 -18.78 -9.05 17.70
N LEU A 1874 -18.59 -8.42 16.53
CA LEU A 1874 -19.13 -8.97 15.29
C LEU A 1874 -18.53 -10.35 14.99
N VAL A 1875 -17.21 -10.46 15.01
CA VAL A 1875 -16.57 -11.72 14.64
C VAL A 1875 -16.87 -12.80 15.67
N VAL A 1876 -16.90 -12.45 16.96
CA VAL A 1876 -17.22 -13.46 17.96
C VAL A 1876 -18.67 -13.88 17.87
N MET A 1877 -19.55 -12.97 17.44
CA MET A 1877 -20.95 -13.33 17.19
C MET A 1877 -21.06 -14.32 16.04
N LEU A 1878 -20.30 -14.09 14.97
CA LEU A 1878 -20.27 -15.07 13.88
C LEU A 1878 -19.71 -16.40 14.35
N VAL A 1879 -18.69 -16.38 15.21
CA VAL A 1879 -18.16 -17.63 15.78
C VAL A 1879 -19.26 -18.37 16.52
N GLY A 1880 -20.00 -17.66 17.38
CA GLY A 1880 -21.06 -18.30 18.14
C GLY A 1880 -22.16 -18.84 17.26
N MET A 1881 -22.52 -18.10 16.21
CA MET A 1881 -23.56 -18.57 15.31
C MET A 1881 -23.11 -19.83 14.56
N THR A 1882 -21.87 -19.84 14.08
CA THR A 1882 -21.36 -21.03 13.41
C THR A 1882 -21.33 -22.23 14.35
N LEU A 1883 -20.89 -22.02 15.58
CA LEU A 1883 -20.91 -23.11 16.56
C LEU A 1883 -22.33 -23.58 16.85
N ALA A 1884 -23.30 -22.65 16.85
CA ALA A 1884 -24.69 -23.04 17.04
C ALA A 1884 -25.17 -23.91 15.90
N ILE A 1885 -24.83 -23.55 14.66
CA ILE A 1885 -25.20 -24.39 13.52
C ILE A 1885 -24.55 -25.76 13.65
N ILE A 1886 -23.28 -25.79 14.05
CA ILE A 1886 -22.56 -27.05 14.17
C ILE A 1886 -23.22 -27.95 15.22
N ILE A 1887 -23.55 -27.38 16.38
CA ILE A 1887 -24.15 -28.18 17.44
C ILE A 1887 -25.57 -28.59 17.08
N ASP A 1888 -26.29 -27.76 16.32
CA ASP A 1888 -27.61 -28.16 15.86
C ASP A 1888 -27.53 -29.36 14.94
N ARG A 1889 -26.60 -29.34 13.99
CA ARG A 1889 -26.42 -30.50 13.13
C ARG A 1889 -25.95 -31.72 13.91
N ALA A 1890 -25.12 -31.50 14.93
CA ALA A 1890 -24.67 -32.61 15.78
C ALA A 1890 -25.84 -33.26 16.49
N LEU A 1891 -26.72 -32.45 17.09
CA LEU A 1891 -27.87 -32.99 17.80
C LEU A 1891 -28.83 -33.68 16.84
N TYR A 1892 -28.99 -33.13 15.64
CA TYR A 1892 -29.82 -33.81 14.64
C TYR A 1892 -29.24 -35.17 14.26
N LEU A 1893 -27.92 -35.23 14.04
CA LEU A 1893 -27.31 -36.49 13.61
C LEU A 1893 -27.34 -37.53 14.73
N ARG A 1894 -27.11 -37.11 15.97
CA ARG A 1894 -27.17 -38.04 17.09
C ARG A 1894 -28.59 -38.30 17.57
N LYS A 1895 -29.57 -37.55 17.07
CA LYS A 1895 -30.98 -37.73 17.43
C LYS A 1895 -31.18 -37.65 18.94
N SER A 1896 -30.49 -36.70 19.57
CA SER A 1896 -30.58 -36.51 21.02
C SER A 1896 -31.73 -35.55 21.30
N VAL A 1897 -32.86 -36.12 21.72
CA VAL A 1897 -34.03 -35.30 22.02
C VAL A 1897 -33.76 -34.40 23.21
N VAL A 1898 -33.16 -34.95 24.27
CA VAL A 1898 -32.89 -34.15 25.46
C VAL A 1898 -31.82 -33.10 25.17
N GLY A 1899 -30.80 -33.47 24.38
CA GLY A 1899 -29.79 -32.50 24.01
C GLY A 1899 -30.35 -31.37 23.18
N LYS A 1900 -31.20 -31.70 22.21
CA LYS A 1900 -31.85 -30.65 21.42
C LYS A 1900 -32.74 -29.78 22.28
N LEU A 1901 -33.46 -30.37 23.22
CA LEU A 1901 -34.34 -29.59 24.08
C LEU A 1901 -33.54 -28.61 24.94
N ILE A 1902 -32.46 -29.08 25.55
CA ILE A 1902 -31.68 -28.21 26.44
C ILE A 1902 -30.97 -27.13 25.63
N TYR A 1903 -30.44 -27.50 24.46
CA TYR A 1903 -29.80 -26.50 23.60
C TYR A 1903 -30.80 -25.46 23.13
N GLN A 1904 -32.02 -25.90 22.80
CA GLN A 1904 -33.06 -24.97 22.36
C GLN A 1904 -33.46 -24.02 23.47
N VAL A 1905 -33.59 -24.52 24.70
CA VAL A 1905 -33.95 -23.66 25.82
C VAL A 1905 -32.86 -22.62 26.08
N LEU A 1906 -31.60 -23.09 26.15
CA LEU A 1906 -30.51 -22.15 26.37
C LEU A 1906 -30.37 -21.17 25.21
N MET A 1907 -30.68 -21.59 23.99
CA MET A 1907 -30.57 -20.70 22.85
C MET A 1907 -31.64 -19.61 22.90
N ILE A 1908 -32.87 -19.97 23.30
CA ILE A 1908 -33.89 -18.95 23.49
C ILE A 1908 -33.46 -17.96 24.56
N ALA A 1909 -32.99 -18.48 25.70
CA ALA A 1909 -32.57 -17.61 26.79
C ALA A 1909 -31.49 -16.65 26.34
N PHE A 1910 -30.43 -17.18 25.69
CA PHE A 1910 -29.35 -16.38 25.16
C PHE A 1910 -29.88 -15.33 24.20
N LEU A 1911 -30.45 -15.76 23.07
CA LEU A 1911 -31.01 -14.84 22.09
C LEU A 1911 -31.74 -13.68 22.76
N HIS A 1912 -32.66 -13.99 23.67
CA HIS A 1912 -33.45 -12.93 24.29
C HIS A 1912 -32.57 -11.96 25.08
N ILE A 1913 -31.77 -12.50 26.02
CA ILE A 1913 -31.03 -11.60 26.91
C ILE A 1913 -30.01 -10.80 26.12
N TRP A 1914 -29.28 -11.45 25.21
CA TRP A 1914 -28.29 -10.74 24.40
C TRP A 1914 -28.94 -9.67 23.55
N VAL A 1915 -29.91 -10.05 22.71
CA VAL A 1915 -30.53 -9.10 21.78
C VAL A 1915 -31.10 -7.91 22.54
N PHE A 1916 -31.58 -8.14 23.77
CA PHE A 1916 -32.38 -7.13 24.45
C PHE A 1916 -31.63 -6.32 25.51
N LEU A 1917 -30.48 -6.80 25.97
CA LEU A 1917 -29.70 -6.09 26.96
C LEU A 1917 -28.28 -5.78 26.52
N VAL A 1918 -27.62 -6.71 25.82
CA VAL A 1918 -26.21 -6.53 25.50
C VAL A 1918 -26.03 -5.83 24.17
N LEU A 1919 -26.76 -6.28 23.14
CA LEU A 1919 -26.66 -5.62 21.83
C LEU A 1919 -27.04 -4.15 21.90
N PRO A 1920 -28.15 -3.73 22.52
CA PRO A 1920 -28.37 -2.28 22.68
C PRO A 1920 -27.28 -1.59 23.47
N ASN A 1921 -26.73 -2.27 24.47
CA ASN A 1921 -25.65 -1.67 25.26
C ASN A 1921 -24.37 -1.57 24.46
N MET A 1922 -24.02 -2.61 23.71
CA MET A 1922 -22.76 -2.60 22.96
C MET A 1922 -22.84 -1.63 21.78
N THR A 1923 -23.93 -1.67 21.01
CA THR A 1923 -24.04 -0.86 19.81
C THR A 1923 -24.63 0.52 20.06
N ARG A 1924 -25.07 0.81 21.29
CA ARG A 1924 -25.67 2.09 21.63
C ARG A 1924 -26.86 2.42 20.74
N ARG A 1925 -27.59 1.39 20.32
CA ARG A 1925 -28.75 1.55 19.44
C ARG A 1925 -29.96 0.87 20.08
N SER A 1926 -31.08 1.58 20.10
CA SER A 1926 -32.29 1.04 20.72
C SER A 1926 -32.80 -0.16 19.92
N ALA A 1927 -33.44 -1.09 20.64
CA ALA A 1927 -34.01 -2.27 19.97
C ALA A 1927 -35.11 -1.90 18.99
N ILE A 1928 -35.79 -0.78 19.20
CA ILE A 1928 -36.79 -0.34 18.23
C ILE A 1928 -36.13 0.10 16.93
N SER A 1929 -34.99 0.78 17.02
CA SER A 1929 -34.25 1.26 15.87
C SER A 1929 -33.23 0.25 15.36
N ASN A 1930 -33.32 -1.01 15.79
CA ASN A 1930 -32.39 -2.06 15.43
C ASN A 1930 -32.99 -3.02 14.40
N HIS A 1931 -33.73 -2.47 13.43
CA HIS A 1931 -34.55 -3.21 12.47
C HIS A 1931 -33.91 -4.49 11.94
N VAL A 1932 -32.62 -4.44 11.59
CA VAL A 1932 -31.96 -5.65 11.08
C VAL A 1932 -31.83 -6.69 12.18
N ALA A 1933 -31.48 -6.26 13.41
CA ALA A 1933 -31.46 -7.18 14.53
C ALA A 1933 -32.86 -7.66 14.87
N GLN A 1934 -33.88 -6.81 14.64
CA GLN A 1934 -35.25 -7.25 14.82
C GLN A 1934 -35.61 -8.38 13.86
N ALA A 1935 -35.22 -8.24 12.59
CA ALA A 1935 -35.46 -9.31 11.62
C ALA A 1935 -34.69 -10.56 12.01
N LEU A 1936 -33.45 -10.41 12.48
CA LEU A 1936 -32.69 -11.56 12.93
C LEU A 1936 -33.38 -12.26 14.08
N TYR A 1937 -33.91 -11.50 15.04
CA TYR A 1937 -34.63 -12.08 16.17
C TYR A 1937 -35.88 -12.83 15.69
N VAL A 1938 -36.62 -12.24 14.75
CA VAL A 1938 -37.83 -12.90 14.24
C VAL A 1938 -37.46 -14.20 13.54
N ILE A 1939 -36.40 -14.19 12.74
CA ILE A 1939 -35.98 -15.39 12.03
C ILE A 1939 -35.53 -16.47 13.01
N LYS A 1940 -34.74 -16.09 14.02
CA LYS A 1940 -34.31 -17.07 15.00
C LYS A 1940 -35.49 -17.59 15.82
N SER A 1941 -36.51 -16.76 16.04
CA SER A 1941 -37.69 -17.22 16.76
C SER A 1941 -38.50 -18.20 15.91
N CYS A 1942 -38.55 -17.98 14.60
CA CYS A 1942 -39.16 -18.97 13.72
C CYS A 1942 -38.39 -20.28 13.74
N TYR A 1943 -37.06 -20.19 13.78
CA TYR A 1943 -36.24 -21.39 13.96
C TYR A 1943 -36.56 -22.08 15.27
N PHE A 1944 -36.78 -21.30 16.33
CA PHE A 1944 -37.18 -21.88 17.61
C PHE A 1944 -38.54 -22.57 17.49
N LEU A 1945 -39.46 -21.97 16.74
CA LEU A 1945 -40.77 -22.58 16.53
C LEU A 1945 -40.63 -23.95 15.87
N VAL A 1946 -39.87 -24.02 14.78
CA VAL A 1946 -39.75 -25.29 14.05
C VAL A 1946 -38.98 -26.30 14.88
N SER A 1947 -37.96 -25.86 15.62
CA SER A 1947 -37.22 -26.77 16.49
C SER A 1947 -38.09 -27.32 17.60
N ALA A 1948 -38.96 -26.47 18.18
CA ALA A 1948 -39.88 -26.94 19.19
C ALA A 1948 -40.88 -27.95 18.62
N TRP A 1949 -41.35 -27.70 17.39
CA TRP A 1949 -42.23 -28.67 16.73
C TRP A 1949 -41.51 -30.01 16.58
N GLN A 1950 -40.24 -29.97 16.14
CA GLN A 1950 -39.48 -31.20 15.95
C GLN A 1950 -39.28 -31.93 17.28
N ILE A 1951 -38.97 -31.19 18.34
CA ILE A 1951 -38.78 -31.80 19.66
C ILE A 1951 -40.09 -32.45 20.13
N ARG A 1952 -41.21 -31.75 19.94
CA ARG A 1952 -42.50 -32.29 20.34
C ARG A 1952 -42.82 -33.57 19.59
N ASN A 1953 -42.56 -33.59 18.29
CA ASN A 1953 -42.87 -34.75 17.47
C ASN A 1953 -41.73 -35.76 17.41
N GLY A 1954 -40.61 -35.48 18.09
CA GLY A 1954 -39.51 -36.42 18.14
C GLY A 1954 -38.68 -36.47 16.87
N TYR A 1955 -37.42 -36.86 17.00
CA TYR A 1955 -36.55 -36.97 15.84
C TYR A 1955 -37.00 -38.15 14.97
N PRO A 1956 -37.16 -37.96 13.67
CA PRO A 1956 -37.52 -39.08 12.81
C PRO A 1956 -36.40 -40.10 12.67
N GLU A 1957 -36.58 -41.26 13.27
CA GLU A 1957 -35.56 -42.32 13.22
C GLU A 1957 -35.48 -43.00 11.85
N LEU A 1958 -36.42 -42.72 10.96
CA LEU A 1958 -36.39 -43.28 9.62
C LEU A 1958 -35.17 -42.75 8.86
N CYS A 1959 -34.69 -43.55 7.91
CA CYS A 1959 -33.52 -43.17 7.13
C CYS A 1959 -33.76 -41.83 6.43
N ILE A 1960 -32.72 -41.00 6.42
CA ILE A 1960 -32.89 -39.59 6.05
C ILE A 1960 -32.20 -39.30 4.72
N GLY A 1961 -30.88 -39.46 4.69
CA GLY A 1961 -30.12 -39.20 3.48
C GLY A 1961 -29.37 -37.88 3.50
N ASN A 1962 -29.05 -37.34 2.32
CA ASN A 1962 -28.33 -36.08 2.20
C ASN A 1962 -29.27 -34.88 2.10
N LEU A 1963 -30.57 -35.11 2.02
CA LEU A 1963 -31.60 -34.07 2.07
C LEU A 1963 -31.60 -33.21 0.81
N LEU A 1964 -30.66 -33.48 -0.10
CA LEU A 1964 -30.54 -32.69 -1.32
C LEU A 1964 -30.48 -33.54 -2.58
N THR A 1965 -30.13 -34.83 -2.49
CA THR A 1965 -30.04 -35.70 -3.64
C THR A 1965 -31.21 -36.68 -3.70
N HIS A 1966 -32.30 -36.35 -3.01
CA HIS A 1966 -33.48 -37.21 -3.04
C HIS A 1966 -34.05 -37.31 -4.45
N SER A 1967 -34.11 -36.19 -5.17
CA SER A 1967 -34.59 -36.15 -6.53
C SER A 1967 -33.47 -35.66 -7.44
N TYR A 1968 -33.50 -36.13 -8.69
CA TYR A 1968 -32.48 -35.81 -9.69
C TYR A 1968 -33.10 -34.86 -10.71
N GLY A 1969 -32.70 -33.59 -10.65
CA GLY A 1969 -33.25 -32.59 -11.55
C GLY A 1969 -32.33 -31.40 -11.67
N MET A 1970 -32.71 -30.48 -12.58
CA MET A 1970 -31.89 -29.31 -12.84
C MET A 1970 -31.74 -28.44 -11.60
N THR A 1971 -32.83 -28.26 -10.84
CA THR A 1971 -32.74 -27.50 -9.60
C THR A 1971 -31.82 -28.17 -8.60
N ASN A 1972 -31.95 -29.49 -8.45
CA ASN A 1972 -31.05 -30.22 -7.57
C ASN A 1972 -29.62 -30.19 -8.11
N MET A 1973 -29.45 -30.27 -9.43
CA MET A 1973 -28.14 -30.13 -10.03
C MET A 1973 -27.48 -28.83 -9.61
N ILE A 1974 -28.19 -27.72 -9.79
CA ILE A 1974 -27.63 -26.41 -9.48
C ILE A 1974 -27.34 -26.28 -7.99
N ALA A 1975 -28.28 -26.73 -7.15
CA ALA A 1975 -28.11 -26.61 -5.71
C ALA A 1975 -26.89 -27.39 -5.24
N PHE A 1976 -26.75 -28.64 -5.69
CA PHE A 1976 -25.61 -29.45 -5.25
C PHE A 1976 -24.31 -28.93 -5.83
N LYS A 1977 -24.34 -28.45 -7.08
CA LYS A 1977 -23.12 -27.92 -7.69
C LYS A 1977 -22.64 -26.67 -6.96
N VAL A 1978 -23.55 -25.77 -6.60
CA VAL A 1978 -23.13 -24.59 -5.85
C VAL A 1978 -22.75 -24.95 -4.43
N PHE A 1979 -23.37 -25.96 -3.83
CA PHE A 1979 -22.97 -26.40 -2.49
C PHE A 1979 -21.53 -26.93 -2.51
N MET A 1980 -21.18 -27.74 -3.51
CA MET A 1980 -19.82 -28.23 -3.62
C MET A 1980 -18.85 -27.10 -3.98
N ASN A 1981 -19.25 -26.22 -4.88
CA ASN A 1981 -18.37 -25.16 -5.34
C ASN A 1981 -18.06 -24.17 -4.23
N ILE A 1982 -18.99 -23.95 -3.30
CA ILE A 1982 -18.74 -23.10 -2.15
C ILE A 1982 -17.67 -23.77 -1.31
N PRO A 1983 -16.54 -23.11 -1.06
CA PRO A 1983 -15.46 -23.75 -0.30
C PRO A 1983 -15.76 -23.76 1.19
N PHE A 1984 -15.14 -24.72 1.88
CA PHE A 1984 -15.23 -24.80 3.32
C PHE A 1984 -16.68 -24.94 3.79
N LEU A 1985 -17.48 -25.63 2.99
CA LEU A 1985 -18.85 -26.00 3.36
C LEU A 1985 -19.12 -27.48 3.15
N PHE A 1986 -18.57 -28.06 2.09
CA PHE A 1986 -18.77 -29.49 1.84
C PHE A 1986 -18.09 -30.34 2.90
N GLU A 1987 -16.80 -30.08 3.15
CA GLU A 1987 -16.07 -30.91 4.11
C GLU A 1987 -16.53 -30.62 5.53
N LEU A 1988 -17.06 -29.43 5.77
CA LEU A 1988 -17.71 -29.17 7.06
C LEU A 1988 -18.85 -30.15 7.28
N ARG A 1989 -19.76 -30.23 6.32
CA ARG A 1989 -20.91 -31.11 6.43
C ARG A 1989 -20.47 -32.57 6.53
N THR A 1990 -19.48 -32.97 5.73
CA THR A 1990 -19.04 -34.35 5.74
C THR A 1990 -18.36 -34.72 7.06
N ALA A 1991 -17.48 -33.86 7.56
CA ALA A 1991 -16.81 -34.14 8.83
C ALA A 1991 -17.81 -34.19 9.97
N ILE A 1992 -18.78 -33.28 9.99
CA ILE A 1992 -19.80 -33.28 11.02
C ILE A 1992 -20.60 -34.59 10.97
N ASP A 1993 -20.99 -35.01 9.77
CA ASP A 1993 -21.71 -36.27 9.65
C ASP A 1993 -20.87 -37.44 10.14
N TRP A 1994 -19.63 -37.55 9.66
CA TRP A 1994 -18.80 -38.70 10.01
C TRP A 1994 -18.57 -38.77 11.52
N THR A 1995 -18.30 -37.63 12.15
CA THR A 1995 -18.05 -37.62 13.59
C THR A 1995 -19.33 -37.90 14.37
N TRP A 1996 -20.48 -37.50 13.82
CA TRP A 1996 -21.70 -37.52 14.60
C TRP A 1996 -22.63 -38.69 14.26
N THR A 1997 -22.42 -39.37 13.13
CA THR A 1997 -23.16 -40.59 12.89
C THR A 1997 -22.34 -41.80 13.33
N ASP A 1998 -22.95 -42.97 13.24
CA ASP A 1998 -22.27 -44.22 13.56
C ASP A 1998 -21.84 -44.87 12.25
N THR A 1999 -20.54 -45.08 12.10
CA THR A 1999 -19.99 -45.71 10.90
C THR A 1999 -18.71 -46.45 11.27
N SER A 2000 -18.32 -47.38 10.43
CA SER A 2000 -17.17 -48.24 10.67
C SER A 2000 -15.99 -47.89 9.78
N MET A 2001 -15.96 -46.70 9.20
CA MET A 2001 -14.88 -46.36 8.29
C MET A 2001 -14.27 -45.03 8.66
N PRO A 2002 -12.96 -44.82 8.44
CA PRO A 2002 -12.28 -43.66 9.03
C PRO A 2002 -12.58 -42.33 8.36
N LEU A 2003 -11.85 -41.31 8.79
CA LEU A 2003 -12.16 -39.94 8.42
C LEU A 2003 -11.93 -39.71 6.92
N PHE A 2004 -10.68 -39.91 6.47
CA PHE A 2004 -10.33 -39.69 5.08
C PHE A 2004 -11.10 -40.61 4.14
N ASP A 2005 -11.31 -41.86 4.54
CA ASP A 2005 -12.12 -42.75 3.73
C ASP A 2005 -13.57 -42.25 3.65
N PHE A 2006 -14.06 -41.63 4.72
CA PHE A 2006 -15.42 -41.08 4.69
C PHE A 2006 -15.51 -39.93 3.71
N PHE A 2007 -14.52 -39.04 3.70
CA PHE A 2007 -14.52 -37.99 2.68
C PHE A 2007 -14.35 -38.56 1.27
N ASN A 2008 -13.56 -39.62 1.13
CA ASN A 2008 -13.45 -40.24 -0.19
C ASN A 2008 -14.79 -40.77 -0.66
N MET A 2009 -15.54 -41.43 0.23
CA MET A 2009 -16.86 -41.91 -0.12
C MET A 2009 -17.83 -40.78 -0.43
N GLU A 2010 -17.76 -39.69 0.35
CA GLU A 2010 -18.65 -38.56 0.08
C GLU A 2010 -18.33 -37.92 -1.27
N ASN A 2011 -17.05 -37.80 -1.61
CA ASN A 2011 -16.69 -37.29 -2.94
C ASN A 2011 -17.18 -38.23 -4.03
N PHE A 2012 -17.06 -39.54 -3.79
CA PHE A 2012 -17.55 -40.51 -4.76
C PHE A 2012 -19.06 -40.36 -4.97
N TYR A 2013 -19.81 -40.22 -3.87
CA TYR A 2013 -21.25 -40.03 -3.96
C TYR A 2013 -21.59 -38.74 -4.68
N ALA A 2014 -20.85 -37.66 -4.40
CA ALA A 2014 -21.08 -36.39 -5.07
C ALA A 2014 -20.88 -36.55 -6.58
N HIS A 2015 -19.78 -37.19 -6.98
CA HIS A 2015 -19.50 -37.37 -8.39
C HIS A 2015 -20.55 -38.24 -9.06
N ILE A 2016 -20.95 -39.34 -8.41
CA ILE A 2016 -21.91 -40.25 -9.01
C ILE A 2016 -23.29 -39.60 -9.11
N PHE A 2017 -23.70 -38.86 -8.08
CA PHE A 2017 -24.97 -38.17 -8.13
C PHE A 2017 -24.97 -37.10 -9.20
N ASN A 2018 -23.85 -36.38 -9.34
CA ASN A 2018 -23.76 -35.37 -10.39
C ASN A 2018 -23.88 -36.02 -11.76
N ILE A 2019 -23.21 -37.17 -11.96
CA ILE A 2019 -23.30 -37.87 -13.24
C ILE A 2019 -24.73 -38.32 -13.51
N LYS A 2020 -25.38 -38.93 -12.52
CA LYS A 2020 -26.73 -39.43 -12.72
C LYS A 2020 -27.71 -38.29 -12.98
N CYS A 2021 -27.53 -37.17 -12.27
CA CYS A 2021 -28.40 -36.02 -12.50
C CYS A 2021 -28.18 -35.44 -13.89
N ALA A 2022 -26.93 -35.43 -14.36
CA ALA A 2022 -26.67 -34.99 -15.73
C ALA A 2022 -27.34 -35.91 -16.74
N ARG A 2023 -27.30 -37.23 -16.49
CA ARG A 2023 -27.94 -38.17 -17.40
C ARG A 2023 -29.43 -37.92 -17.44
N GLN A 2024 -30.05 -37.72 -16.27
CA GLN A 2024 -31.48 -37.48 -16.19
C GLN A 2024 -31.87 -36.16 -16.87
N PHE A 2025 -31.06 -35.11 -16.66
CA PHE A 2025 -31.33 -33.83 -17.30
C PHE A 2025 -31.24 -33.94 -18.82
N GLU A 2026 -30.24 -34.66 -19.31
CA GLU A 2026 -30.11 -34.85 -20.75
C GLU A 2026 -31.29 -35.67 -21.29
N ALA A 2027 -31.76 -36.64 -20.52
CA ALA A 2027 -32.93 -37.40 -20.94
C ALA A 2027 -34.18 -36.54 -20.97
N ALA A 2028 -34.33 -35.62 -20.02
CA ALA A 2028 -35.50 -34.74 -20.00
C ALA A 2028 -35.52 -33.81 -21.20
N TYR A 2029 -34.35 -33.41 -21.68
CA TYR A 2029 -34.22 -32.53 -22.85
C TYR A 2029 -33.30 -33.21 -23.86
N PRO A 2030 -33.80 -34.22 -24.57
CA PRO A 2030 -32.95 -34.96 -25.50
C PRO A 2030 -32.61 -34.14 -26.73
N ALA A 2031 -31.52 -34.52 -27.39
CA ALA A 2031 -31.10 -33.89 -28.62
C ALA A 2031 -31.08 -34.90 -29.76
N PRO A 2032 -31.50 -34.50 -30.95
CA PRO A 2032 -31.56 -35.45 -32.07
C PRO A 2032 -30.18 -35.89 -32.52
N ARG A 2033 -30.15 -37.07 -33.16
CA ARG A 2033 -28.91 -37.66 -33.64
C ARG A 2033 -28.81 -37.42 -35.15
N GLY A 2034 -27.70 -36.80 -35.57
CA GLY A 2034 -27.47 -36.48 -36.96
C GLY A 2034 -27.88 -35.06 -37.35
N ILE A 2035 -28.71 -34.41 -36.55
CA ILE A 2035 -29.10 -33.03 -36.80
C ILE A 2035 -28.25 -32.11 -35.94
N PRO A 2036 -27.57 -31.13 -36.53
CA PRO A 2036 -26.70 -30.25 -35.73
C PRO A 2036 -27.51 -29.37 -34.80
N LYS A 2037 -26.85 -28.85 -33.77
CA LYS A 2037 -27.48 -27.89 -32.88
C LYS A 2037 -27.94 -26.67 -33.68
N GLY A 2038 -29.16 -26.22 -33.39
CA GLY A 2038 -29.71 -25.10 -34.14
C GLY A 2038 -28.88 -23.85 -33.96
N LYS A 2039 -28.84 -23.02 -35.01
CA LYS A 2039 -28.00 -21.83 -34.98
C LYS A 2039 -28.44 -20.86 -33.90
N LEU A 2040 -29.73 -20.86 -33.53
CA LEU A 2040 -30.21 -19.95 -32.50
C LEU A 2040 -29.63 -20.30 -31.13
N VAL A 2041 -29.66 -21.58 -30.78
CA VAL A 2041 -29.09 -22.02 -29.50
C VAL A 2041 -27.61 -21.69 -29.45
N LYS A 2042 -26.91 -21.91 -30.55
CA LYS A 2042 -25.51 -21.54 -30.57
C LYS A 2042 -25.40 -20.07 -30.31
N TYR A 2043 -26.22 -19.29 -30.99
CA TYR A 2043 -26.14 -17.83 -30.87
C TYR A 2043 -26.22 -17.40 -29.40
N MET A 2044 -27.34 -17.72 -28.73
CA MET A 2044 -27.46 -17.17 -27.38
C MET A 2044 -26.76 -18.02 -26.33
N MET A 2045 -26.05 -19.07 -26.74
CA MET A 2045 -25.09 -19.68 -25.83
C MET A 2045 -23.67 -19.18 -26.05
N GLY A 2046 -23.39 -18.66 -27.24
CA GLY A 2046 -22.07 -18.17 -27.58
C GLY A 2046 -21.82 -16.71 -27.27
N PHE A 2047 -22.77 -15.83 -27.57
CA PHE A 2047 -22.57 -14.44 -27.14
C PHE A 2047 -22.37 -14.30 -25.64
N PRO A 2048 -23.15 -14.94 -24.76
CA PRO A 2048 -22.87 -14.77 -23.32
C PRO A 2048 -21.46 -15.13 -22.92
N ILE A 2049 -20.98 -16.33 -23.27
CA ILE A 2049 -19.66 -16.76 -22.83
C ILE A 2049 -18.57 -15.86 -23.41
N ILE A 2050 -18.64 -15.55 -24.70
CA ILE A 2050 -17.58 -14.79 -25.34
C ILE A 2050 -17.54 -13.36 -24.80
N ILE A 2051 -18.71 -12.72 -24.72
CA ILE A 2051 -18.75 -11.35 -24.21
C ILE A 2051 -18.29 -11.31 -22.76
N GLY A 2052 -18.74 -12.28 -21.95
CA GLY A 2052 -18.32 -12.31 -20.55
C GLY A 2052 -16.82 -12.51 -20.39
N VAL A 2053 -16.24 -13.41 -21.17
CA VAL A 2053 -14.81 -13.65 -21.02
C VAL A 2053 -14.00 -12.45 -21.51
N VAL A 2054 -14.44 -11.80 -22.59
CA VAL A 2054 -13.71 -10.63 -23.07
C VAL A 2054 -13.82 -9.48 -22.07
N ILE A 2055 -15.01 -9.25 -21.52
CA ILE A 2055 -15.14 -8.18 -20.54
C ILE A 2055 -14.38 -8.54 -19.28
N PHE A 2056 -14.23 -9.83 -18.96
CA PHE A 2056 -13.38 -10.21 -17.85
C PHE A 2056 -11.91 -9.92 -18.15
N ILE A 2057 -11.49 -10.13 -19.40
CA ILE A 2057 -10.12 -9.81 -19.79
C ILE A 2057 -9.85 -8.33 -19.60
N PHE A 2058 -10.77 -7.49 -20.06
CA PHE A 2058 -10.53 -6.05 -20.14
C PHE A 2058 -11.20 -5.27 -19.00
N SER A 2059 -11.74 -5.94 -18.00
CA SER A 2059 -12.32 -5.27 -16.84
C SER A 2059 -11.26 -4.77 -15.85
N PRO A 2060 -10.14 -5.47 -15.61
CA PRO A 2060 -9.09 -4.83 -14.80
C PRO A 2060 -8.60 -3.53 -15.41
N LEU A 2061 -8.40 -3.52 -16.72
CA LEU A 2061 -8.01 -2.28 -17.40
C LEU A 2061 -9.12 -1.25 -17.34
N LEU A 2062 -10.37 -1.69 -17.45
CA LEU A 2062 -11.50 -0.76 -17.36
C LEU A 2062 -11.55 -0.08 -16.01
N LEU A 2063 -11.47 -0.86 -14.93
CA LEU A 2063 -11.52 -0.28 -13.60
C LEU A 2063 -10.28 0.56 -13.32
N TRP A 2064 -9.11 0.17 -13.85
CA TRP A 2064 -7.93 1.00 -13.70
C TRP A 2064 -8.12 2.35 -14.38
N SER A 2065 -8.64 2.35 -15.61
CA SER A 2065 -8.87 3.60 -16.33
C SER A 2065 -9.88 4.48 -15.61
N LEU A 2066 -10.97 3.88 -15.12
CA LEU A 2066 -11.95 4.64 -14.34
C LEU A 2066 -11.44 5.03 -12.97
N LEU A 2067 -10.31 4.46 -12.52
CA LEU A 2067 -9.74 4.78 -11.22
C LEU A 2067 -8.46 5.60 -11.32
N ASN A 2068 -7.82 5.63 -12.49
CA ASN A 2068 -6.55 6.34 -12.69
C ASN A 2068 -6.81 7.71 -13.31
N GLN A 2069 -7.88 8.37 -12.91
CA GLN A 2069 -8.31 9.61 -13.53
C GLN A 2069 -7.42 10.77 -13.11
N ILE A 2070 -7.50 11.86 -13.87
CA ILE A 2070 -6.68 13.04 -13.66
C ILE A 2070 -7.34 13.94 -12.63
N GLY A 2071 -6.54 14.43 -11.68
CA GLY A 2071 -7.03 15.34 -10.67
C GLY A 2071 -6.99 16.80 -11.11
N THR A 2072 -7.41 17.68 -10.20
CA THR A 2072 -7.43 19.11 -10.47
C THR A 2072 -7.28 19.89 -9.17
N ILE A 2073 -6.50 20.97 -9.22
CA ILE A 2073 -6.35 21.89 -8.11
C ILE A 2073 -6.78 23.28 -8.58
N SER A 2074 -7.45 24.01 -7.70
CA SER A 2074 -7.75 25.42 -7.94
C SER A 2074 -6.44 26.23 -7.93
N MET A 2075 -6.54 27.46 -8.39
CA MET A 2075 -5.35 28.31 -8.43
C MET A 2075 -4.88 28.61 -7.01
N PRO A 2076 -3.57 28.79 -6.82
CA PRO A 2076 -3.06 29.06 -5.47
C PRO A 2076 -3.73 30.28 -4.87
N GLU A 2077 -4.09 30.19 -3.59
CA GLU A 2077 -4.84 31.26 -2.95
C GLU A 2077 -3.92 32.38 -2.51
N LYS A 2078 -2.94 32.09 -1.65
CA LYS A 2078 -2.06 33.09 -1.08
C LYS A 2078 -0.63 32.86 -1.55
N VAL A 2079 0.06 33.94 -1.85
CA VAL A 2079 1.47 33.92 -2.25
C VAL A 2079 2.20 35.00 -1.46
N THR A 2080 3.42 34.68 -1.03
CA THR A 2080 4.22 35.58 -0.21
C THR A 2080 5.65 35.62 -0.72
N LEU A 2081 6.33 36.73 -0.42
CA LEU A 2081 7.72 36.95 -0.81
C LEU A 2081 8.51 37.37 0.42
N ARG A 2082 9.79 37.00 0.44
CA ARG A 2082 10.65 37.27 1.58
C ARG A 2082 12.08 37.50 1.09
N ILE A 2083 12.54 38.76 1.17
CA ILE A 2083 13.93 39.10 0.92
C ILE A 2083 14.62 39.31 2.26
N SER A 2084 15.78 38.69 2.44
CA SER A 2084 16.51 38.82 3.70
C SER A 2084 17.97 38.48 3.47
N ILE A 2085 18.80 38.86 4.44
CA ILE A 2085 20.16 38.39 4.48
C ILE A 2085 20.22 37.11 5.32
N GLU A 2086 21.14 36.22 4.94
CA GLU A 2086 21.11 34.84 5.40
C GLU A 2086 21.17 34.78 6.93
N GLY A 2087 20.20 34.10 7.53
CA GLY A 2087 20.14 33.97 8.98
C GLY A 2087 19.84 35.27 9.70
N TYR A 2088 18.94 36.08 9.14
CA TYR A 2088 18.58 37.36 9.72
C TYR A 2088 17.15 37.69 9.28
N PRO A 2089 16.50 38.67 9.91
CA PRO A 2089 15.06 38.83 9.72
C PRO A 2089 14.74 39.14 8.28
N PRO A 2090 13.49 38.93 7.86
CA PRO A 2090 13.09 39.32 6.51
C PRO A 2090 13.43 40.78 6.25
N LEU A 2091 14.43 41.00 5.42
CA LEU A 2091 14.83 42.36 5.08
C LEU A 2091 13.72 43.09 4.33
N TYR A 2092 12.91 42.35 3.58
CA TYR A 2092 11.78 42.93 2.88
C TYR A 2092 10.83 41.78 2.53
N GLU A 2093 9.68 41.72 3.18
CA GLU A 2093 8.77 40.59 3.04
C GLU A 2093 7.42 41.05 2.51
N MET A 2094 6.90 40.31 1.53
CA MET A 2094 5.61 40.55 0.90
C MET A 2094 4.68 39.37 1.08
N GLU A 2095 3.39 39.68 1.04
CA GLU A 2095 2.32 38.70 0.95
C GLU A 2095 1.07 39.43 0.45
N ALA A 2096 0.49 38.91 -0.62
CA ALA A 2096 -0.62 39.58 -1.29
C ALA A 2096 -1.40 38.55 -2.08
N GLN A 2097 -2.71 38.48 -1.86
CA GLN A 2097 -3.53 37.43 -2.44
C GLN A 2097 -4.95 37.93 -2.66
N GLY A 2098 -5.86 36.99 -2.92
CA GLY A 2098 -7.23 37.30 -3.30
C GLY A 2098 -7.52 36.85 -4.72
N SER A 2099 -8.20 35.72 -4.86
CA SER A 2099 -8.42 35.06 -6.15
C SER A 2099 -9.82 35.30 -6.70
N ASN A 2100 -10.37 36.50 -6.49
CA ASN A 2100 -11.70 36.82 -7.00
C ASN A 2100 -11.66 37.44 -8.40
N HIS A 2101 -10.49 37.51 -9.03
CA HIS A 2101 -10.30 38.00 -10.39
C HIS A 2101 -10.47 39.52 -10.45
N ASP A 2102 -10.86 40.13 -9.34
CA ASP A 2102 -10.99 41.57 -9.23
C ASP A 2102 -9.83 42.21 -8.49
N ASN A 2103 -8.91 41.41 -7.98
CA ASN A 2103 -7.78 41.95 -7.23
C ASN A 2103 -6.76 42.58 -8.17
N ALA A 2104 -6.22 43.73 -7.76
CA ALA A 2104 -5.19 44.41 -8.51
C ALA A 2104 -3.79 43.84 -8.25
N GLU A 2105 -3.65 42.99 -7.24
CA GLU A 2105 -2.36 42.38 -6.91
C GLU A 2105 -2.25 40.97 -7.47
N LEU A 2106 -3.13 40.07 -7.04
CA LEU A 2106 -3.18 38.72 -7.59
C LEU A 2106 -4.29 38.62 -8.63
N GLY A 2107 -3.98 39.11 -9.83
CA GLY A 2107 -4.93 39.04 -10.94
C GLY A 2107 -4.54 37.95 -11.92
N MET A 2108 -5.55 37.34 -12.52
CA MET A 2108 -5.30 36.35 -13.57
C MET A 2108 -4.82 37.05 -14.83
N ILE A 2109 -4.13 36.29 -15.68
CA ILE A 2109 -3.55 36.85 -16.90
C ILE A 2109 -4.67 37.28 -17.84
N LYS A 2110 -4.56 38.50 -18.38
CA LYS A 2110 -5.51 38.94 -19.37
C LYS A 2110 -5.20 38.29 -20.72
N PRO A 2111 -6.22 37.97 -21.52
CA PRO A 2111 -5.95 37.37 -22.83
C PRO A 2111 -5.07 38.23 -23.72
N ASP A 2112 -5.23 39.55 -23.68
CA ASP A 2112 -4.38 40.42 -24.49
C ASP A 2112 -2.92 40.36 -24.03
N GLN A 2113 -2.69 40.38 -22.72
CA GLN A 2113 -1.33 40.29 -22.22
C GLN A 2113 -0.69 38.95 -22.56
N LEU A 2114 -1.47 37.86 -22.44
CA LEU A 2114 -0.95 36.55 -22.82
C LEU A 2114 -0.63 36.50 -24.31
N ALA A 2115 -1.50 37.07 -25.15
CA ALA A 2115 -1.23 37.10 -26.59
C ALA A 2115 0.04 37.90 -26.90
N SER A 2116 0.21 39.04 -26.24
CA SER A 2116 1.41 39.85 -26.47
C SER A 2116 2.67 39.10 -26.03
N LEU A 2117 2.61 38.43 -24.87
CA LEU A 2117 3.74 37.65 -24.40
C LEU A 2117 4.07 36.52 -25.36
N ASN A 2118 3.04 35.83 -25.85
CA ASN A 2118 3.27 34.74 -26.80
C ASN A 2118 3.87 35.26 -28.10
N GLN A 2119 3.37 36.39 -28.60
CA GLN A 2119 3.93 36.98 -29.81
C GLN A 2119 5.39 37.38 -29.61
N ALA A 2120 5.71 37.98 -28.47
CA ALA A 2120 7.10 38.35 -28.18
C ALA A 2120 7.99 37.13 -28.08
N LEU A 2121 7.52 36.05 -27.46
CA LEU A 2121 8.31 34.81 -27.42
C LEU A 2121 8.50 34.23 -28.81
N THR A 2122 7.47 34.25 -29.65
CA THR A 2122 7.58 33.68 -30.99
C THR A 2122 8.56 34.47 -31.84
N ASP A 2123 8.46 35.79 -31.81
CA ASP A 2123 9.40 36.62 -32.55
C ASP A 2123 10.63 36.93 -31.69
N SER A 2124 11.36 35.88 -31.30
CA SER A 2124 12.60 36.02 -30.55
C SER A 2124 13.74 35.22 -31.17
N TYR A 2125 13.61 34.82 -32.43
CA TYR A 2125 14.59 33.99 -33.11
C TYR A 2125 15.41 34.82 -34.10
N THR A 2126 16.49 34.23 -34.57
CA THR A 2126 17.32 34.86 -35.59
C THR A 2126 17.13 34.17 -36.94
N THR A 2127 17.66 34.81 -37.99
CA THR A 2127 17.55 34.24 -39.33
C THR A 2127 18.27 32.90 -39.41
N ARG A 2128 19.59 32.92 -39.24
CA ARG A 2128 20.39 31.70 -39.11
C ARG A 2128 20.50 31.34 -37.63
N ASP A 2129 21.46 30.47 -37.28
CA ASP A 2129 21.63 29.96 -35.93
C ASP A 2129 20.39 29.19 -35.47
N THR A 2130 20.20 28.05 -36.12
CA THR A 2130 19.05 27.18 -35.85
C THR A 2130 18.96 26.75 -34.39
N ASN A 2131 19.99 27.03 -33.58
CA ASN A 2131 19.85 26.83 -32.14
C ASN A 2131 18.76 27.73 -31.58
N SER A 2132 18.69 28.98 -32.03
CA SER A 2132 17.60 29.86 -31.64
C SER A 2132 16.27 29.34 -32.17
N ILE A 2133 16.29 28.69 -33.34
CA ILE A 2133 15.10 28.04 -33.87
C ILE A 2133 14.58 26.99 -32.89
N LEU A 2134 15.47 26.11 -32.42
CA LEU A 2134 15.03 25.06 -31.52
C LEU A 2134 14.65 25.62 -30.15
N ARG A 2135 15.31 26.70 -29.73
CA ARG A 2135 14.96 27.33 -28.46
C ARG A 2135 13.56 27.95 -28.54
N SER A 2136 13.23 28.59 -29.67
CA SER A 2136 11.87 29.07 -29.86
C SER A 2136 10.87 27.93 -29.90
N ARG A 2137 11.23 26.84 -30.59
CA ARG A 2137 10.45 25.60 -30.51
C ARG A 2137 10.07 25.29 -29.07
N MET A 2138 11.08 25.08 -28.22
CA MET A 2138 10.82 24.61 -26.85
C MET A 2138 10.08 25.66 -26.04
N SER A 2139 10.43 26.95 -26.20
CA SER A 2139 9.80 27.99 -25.40
C SER A 2139 8.33 28.13 -25.71
N VAL A 2140 7.97 28.19 -27.00
CA VAL A 2140 6.57 28.32 -27.35
C VAL A 2140 5.80 27.04 -27.02
N SER A 2141 6.43 25.88 -27.18
CA SER A 2141 5.79 24.64 -26.79
C SER A 2141 5.48 24.63 -25.30
N TYR A 2142 6.41 25.12 -24.47
CA TYR A 2142 6.19 25.20 -23.04
C TYR A 2142 5.07 26.18 -22.70
N LEU A 2143 5.09 27.36 -23.31
CA LEU A 2143 4.09 28.38 -22.97
C LEU A 2143 2.70 27.94 -23.40
N LYS A 2144 2.56 27.44 -24.61
CA LYS A 2144 1.23 27.14 -25.14
C LYS A 2144 0.58 25.95 -24.47
N GLY A 2145 1.33 25.17 -23.68
CA GLY A 2145 0.75 24.08 -22.94
C GLY A 2145 -0.11 24.51 -21.76
N TYR A 2146 0.01 25.76 -21.32
CA TYR A 2146 -0.78 26.28 -20.20
C TYR A 2146 -1.76 27.31 -20.76
N THR A 2147 -3.04 27.15 -20.43
CA THR A 2147 -4.06 28.10 -20.86
C THR A 2147 -3.96 29.38 -20.02
N TYR A 2148 -4.87 30.32 -20.30
CA TYR A 2148 -4.89 31.56 -19.54
C TYR A 2148 -5.63 31.43 -18.22
N GLU A 2149 -6.23 30.27 -17.94
CA GLU A 2149 -6.72 29.96 -16.61
C GLU A 2149 -5.62 29.49 -15.67
N ASP A 2150 -4.48 29.08 -16.21
CA ASP A 2150 -3.39 28.51 -15.42
C ASP A 2150 -2.23 29.48 -15.22
N ILE A 2151 -2.40 30.74 -15.61
CA ILE A 2151 -1.36 31.75 -15.46
C ILE A 2151 -1.95 32.89 -14.64
N LEU A 2152 -1.28 33.25 -13.55
CA LEU A 2152 -1.74 34.31 -12.66
C LEU A 2152 -0.66 35.39 -12.59
N ILE A 2153 -1.08 36.65 -12.69
CA ILE A 2153 -0.16 37.77 -12.60
C ILE A 2153 -0.04 38.17 -11.14
N VAL A 2154 1.08 37.81 -10.52
CA VAL A 2154 1.36 38.14 -9.13
C VAL A 2154 2.13 39.45 -9.08
N ARG A 2155 1.64 40.40 -8.28
CA ARG A 2155 2.21 41.75 -8.23
C ARG A 2155 2.38 42.17 -6.77
N PHE A 2156 3.55 41.89 -6.21
CA PHE A 2156 3.86 42.34 -4.86
C PHE A 2156 4.10 43.85 -4.84
N ARG A 2157 3.73 44.47 -3.72
CA ARG A 2157 3.97 45.89 -3.54
C ARG A 2157 5.46 46.14 -3.27
N PRO A 2158 5.97 47.31 -3.66
CA PRO A 2158 7.39 47.60 -3.38
C PRO A 2158 7.66 47.98 -1.94
N GLU A 2159 6.75 48.71 -1.30
CA GLU A 2159 6.98 49.16 0.07
C GLU A 2159 6.86 48.00 1.04
N SER A 2160 7.70 48.01 2.06
CA SER A 2160 7.82 46.88 2.99
C SER A 2160 6.51 46.63 3.72
N GLU A 2161 6.24 45.36 3.97
CA GLU A 2161 4.98 44.95 4.58
C GLU A 2161 4.94 45.34 6.05
N ILE A 2162 6.05 45.10 6.75
CA ILE A 2162 6.22 45.45 8.16
C ILE A 2162 7.49 46.28 8.28
N TYR A 2163 7.54 47.16 9.27
CA TYR A 2163 8.79 47.85 9.56
C TYR A 2163 9.86 46.83 9.88
N TRP A 2164 11.07 47.07 9.38
CA TRP A 2164 12.18 46.13 9.54
C TRP A 2164 12.40 45.82 11.02
N PRO A 2165 12.04 44.62 11.47
CA PRO A 2165 12.12 44.27 12.89
C PRO A 2165 13.46 43.65 13.28
N ILE A 2166 14.52 44.46 13.25
CA ILE A 2166 15.87 44.00 13.54
C ILE A 2166 16.36 44.75 14.77
N SER A 2167 16.89 44.00 15.74
CA SER A 2167 17.46 44.64 16.92
C SER A 2167 18.73 45.38 16.55
N GLN A 2168 19.00 46.47 17.26
CA GLN A 2168 20.21 47.24 16.99
C GLN A 2168 21.46 46.38 17.17
N ASP A 2169 21.45 45.51 18.18
CA ASP A 2169 22.59 44.63 18.40
C ASP A 2169 22.71 43.61 17.26
N SER A 2170 21.59 43.02 16.84
CA SER A 2170 21.65 42.08 15.72
C SER A 2170 21.96 42.78 14.41
N ARG A 2171 21.51 44.03 14.24
CA ARG A 2171 21.91 44.79 13.06
C ARG A 2171 23.41 45.09 13.07
N ASN A 2172 23.97 45.36 14.26
CA ASN A 2172 25.41 45.52 14.37
C ASN A 2172 26.13 44.20 14.05
N ALA A 2173 25.52 43.08 14.45
CA ALA A 2173 26.06 41.78 14.06
C ALA A 2173 26.06 41.61 12.55
N MET A 2174 24.98 42.02 11.89
CA MET A 2174 24.93 42.01 10.43
C MET A 2174 26.06 42.85 9.85
N ILE A 2175 26.23 44.06 10.39
CA ILE A 2175 27.22 44.99 9.86
C ILE A 2175 28.62 44.42 9.99
N ASP A 2176 28.95 43.86 11.15
CA ASP A 2176 30.30 43.34 11.36
C ASP A 2176 30.51 42.00 10.68
N LYS A 2177 29.44 41.24 10.42
CA LYS A 2177 29.57 40.04 9.61
C LYS A 2177 29.84 40.39 8.15
N LEU A 2178 29.22 41.46 7.65
CA LEU A 2178 29.44 41.93 6.29
C LEU A 2178 30.65 42.84 6.18
N SER A 2179 31.57 42.78 7.15
CA SER A 2179 32.78 43.59 7.12
C SER A 2179 34.02 42.73 7.26
N ARG A 2180 33.94 41.46 6.84
CA ARG A 2180 35.06 40.54 6.94
C ARG A 2180 35.10 39.71 5.66
N ASN A 2181 36.04 38.77 5.59
CA ASN A 2181 36.14 37.84 4.48
C ASN A 2181 34.98 36.83 4.48
N THR A 2182 34.27 36.69 5.59
CA THR A 2182 33.14 35.77 5.65
C THR A 2182 32.10 36.14 4.61
N SER A 2183 31.66 35.13 3.86
CA SER A 2183 30.71 35.32 2.77
C SER A 2183 29.32 34.87 3.21
N VAL A 2184 28.34 35.76 3.09
CA VAL A 2184 26.95 35.47 3.42
C VAL A 2184 26.11 35.62 2.15
N ASN A 2185 24.94 35.00 2.14
CA ASN A 2185 24.10 34.92 0.96
C ASN A 2185 22.82 35.72 1.18
N PHE A 2186 22.43 36.50 0.17
CA PHE A 2186 21.10 37.09 0.20
C PHE A 2186 20.05 36.00 0.04
N GLU A 2187 18.94 36.16 0.75
CA GLU A 2187 17.85 35.21 0.74
C GLU A 2187 16.68 35.78 -0.06
N VAL A 2188 16.20 35.01 -1.03
CA VAL A 2188 15.05 35.39 -1.84
C VAL A 2188 14.06 34.22 -1.74
N SER A 2189 13.08 34.36 -0.85
CA SER A 2189 12.09 33.30 -0.62
C SER A 2189 10.73 33.75 -1.11
N LEU A 2190 10.16 32.96 -2.02
CA LEU A 2190 8.82 33.21 -2.53
C LEU A 2190 8.01 31.94 -2.34
N GLU A 2191 6.88 32.04 -1.66
CA GLU A 2191 6.08 30.87 -1.28
C GLU A 2191 4.71 30.95 -1.92
N PHE A 2192 4.37 29.94 -2.73
CA PHE A 2192 3.04 29.81 -3.30
C PHE A 2192 2.25 28.83 -2.44
N THR A 2193 1.13 29.29 -1.88
CA THR A 2193 0.29 28.47 -1.02
C THR A 2193 -1.05 28.23 -1.72
N ARG A 2194 -1.39 26.97 -1.89
CA ARG A 2194 -2.63 26.57 -2.53
C ARG A 2194 -3.78 26.58 -1.53
N PRO A 2195 -5.01 26.76 -1.99
CA PRO A 2195 -6.17 26.56 -1.11
C PRO A 2195 -6.32 25.09 -0.78
N TYR A 2196 -6.94 24.82 0.37
CA TYR A 2196 -7.04 23.46 0.86
C TYR A 2196 -7.92 22.63 -0.07
N ASP A 2197 -7.49 21.39 -0.31
CA ASP A 2197 -8.25 20.45 -1.11
C ASP A 2197 -8.66 19.26 -0.23
N PRO A 2198 -9.95 18.97 -0.10
CA PRO A 2198 -10.39 17.94 0.84
C PRO A 2198 -10.00 16.53 0.42
N ASN A 2199 -9.87 16.30 -0.89
CA ASN A 2199 -9.51 14.96 -1.36
C ASN A 2199 -8.11 14.57 -0.91
N GLU A 2200 -7.12 15.43 -1.17
CA GLU A 2200 -5.77 15.19 -0.66
C GLU A 2200 -5.66 15.56 0.82
N ASN A 2201 -6.37 16.59 1.25
CA ASN A 2201 -6.33 17.07 2.63
C ASN A 2201 -4.91 17.43 3.05
N ALA A 2202 -4.31 18.34 2.29
CA ALA A 2202 -2.97 18.84 2.60
C ALA A 2202 -2.81 20.26 2.08
N ALA A 2203 -2.39 21.17 2.97
CA ALA A 2203 -2.22 22.57 2.57
C ALA A 2203 -1.00 22.68 1.66
N LEU A 2204 -1.23 22.60 0.35
CA LEU A 2204 -0.13 22.55 -0.60
C LEU A 2204 0.58 23.90 -0.65
N LYS A 2205 1.78 23.94 -0.08
CA LYS A 2205 2.59 25.15 -0.05
C LYS A 2205 3.87 24.90 -0.84
N HIS A 2206 4.14 25.77 -1.80
CA HIS A 2206 5.31 25.65 -2.67
C HIS A 2206 6.23 26.83 -2.40
N SER A 2207 7.47 26.53 -2.00
CA SER A 2207 8.44 27.57 -1.68
C SER A 2207 9.77 27.24 -2.35
N LYS A 2208 10.48 28.29 -2.74
CA LYS A 2208 11.79 28.14 -3.33
C LYS A 2208 12.71 29.22 -2.76
N SER A 2209 13.96 28.83 -2.49
CA SER A 2209 14.95 29.73 -1.94
C SER A 2209 16.08 29.91 -2.95
N TRP A 2210 16.44 31.16 -3.21
CA TRP A 2210 17.49 31.50 -4.17
C TRP A 2210 18.60 32.24 -3.42
N LEU A 2211 19.61 31.50 -2.97
CA LEU A 2211 20.73 32.12 -2.27
C LEU A 2211 21.62 32.85 -3.25
N VAL A 2212 21.81 34.15 -3.03
CA VAL A 2212 22.61 35.00 -3.89
C VAL A 2212 23.89 35.35 -3.14
N PRO A 2213 25.04 34.81 -3.59
CA PRO A 2213 26.30 35.14 -2.91
C PRO A 2213 26.65 36.62 -3.08
N ILE A 2214 27.34 37.15 -2.08
CA ILE A 2214 27.79 38.53 -2.09
C ILE A 2214 29.25 38.58 -2.50
N SER A 2215 29.57 39.47 -3.44
CA SER A 2215 30.94 39.60 -3.91
C SER A 2215 31.87 39.98 -2.76
N LEU A 2216 33.05 39.38 -2.76
CA LEU A 2216 34.03 39.62 -1.71
C LEU A 2216 34.74 40.96 -1.87
N ASP A 2217 34.30 41.81 -2.79
CA ASP A 2217 34.90 43.13 -2.93
C ASP A 2217 34.55 44.00 -1.74
N MET A 2218 35.56 44.55 -1.09
CA MET A 2218 35.37 45.42 0.07
C MET A 2218 34.55 46.67 -0.25
N THR A 2219 34.68 47.23 -1.46
CA THR A 2219 33.91 48.40 -1.84
C THR A 2219 32.41 48.12 -1.85
N ILE A 2220 31.99 47.01 -2.47
CA ILE A 2220 30.58 46.65 -2.46
C ILE A 2220 30.13 46.32 -1.04
N ARG A 2221 30.95 45.59 -0.30
CA ARG A 2221 30.62 45.27 1.09
C ARG A 2221 30.51 46.52 1.93
N ALA A 2222 31.39 47.51 1.70
CA ALA A 2222 31.30 48.76 2.43
C ALA A 2222 30.00 49.49 2.12
N LYS A 2223 29.58 49.49 0.85
CA LYS A 2223 28.32 50.14 0.49
C LYS A 2223 27.14 49.43 1.14
N ILE A 2224 27.14 48.10 1.15
CA ILE A 2224 26.06 47.35 1.79
C ILE A 2224 26.03 47.63 3.28
N GLN A 2225 27.21 47.67 3.90
CA GLN A 2225 27.32 47.99 5.33
C GLN A 2225 26.75 49.37 5.63
N SER A 2226 27.13 50.37 4.83
CA SER A 2226 26.63 51.72 5.07
C SER A 2226 25.12 51.81 4.86
N ALA A 2227 24.60 51.12 3.84
CA ALA A 2227 23.16 51.13 3.61
C ALA A 2227 22.41 50.46 4.74
N LEU A 2228 22.93 49.33 5.25
CA LEU A 2228 22.29 48.65 6.35
C LEU A 2228 22.36 49.47 7.63
N ARG A 2229 23.43 50.24 7.81
CA ARG A 2229 23.54 51.08 9.00
C ARG A 2229 22.43 52.13 9.02
N GLY A 2230 22.12 52.71 7.87
CA GLY A 2230 21.05 53.69 7.79
C GLY A 2230 21.41 54.91 6.99
N ASP A 2231 22.60 54.92 6.39
CA ASP A 2231 23.04 56.07 5.62
C ASP A 2231 22.28 56.13 4.30
N PRO A 2232 21.58 57.22 4.02
CA PRO A 2232 20.83 57.32 2.76
C PRO A 2232 21.78 57.48 1.58
N GLY A 2233 21.27 57.10 0.40
CA GLY A 2233 21.99 57.24 -0.85
C GLY A 2233 22.64 55.96 -1.34
N HIS A 2234 22.84 54.99 -0.45
CA HIS A 2234 23.45 53.72 -0.82
C HIS A 2234 22.38 52.67 -1.03
N PRO A 2235 22.18 52.17 -2.25
CA PRO A 2235 21.17 51.14 -2.46
C PRO A 2235 21.73 49.73 -2.37
N ILE A 2236 20.96 48.81 -1.79
CA ILE A 2236 21.38 47.41 -1.81
C ILE A 2236 21.13 46.84 -3.19
N LEU A 2237 22.20 46.34 -3.82
CA LEU A 2237 22.11 45.78 -5.16
C LEU A 2237 22.15 44.26 -5.05
N ILE A 2238 21.17 43.61 -5.66
CA ILE A 2238 21.05 42.16 -5.59
C ILE A 2238 21.02 41.64 -7.03
N PRO A 2239 22.11 41.05 -7.52
CA PRO A 2239 22.19 40.71 -8.95
C PRO A 2239 21.57 39.35 -9.23
N GLN A 2240 20.65 39.32 -10.20
CA GLN A 2240 20.06 38.08 -10.71
C GLN A 2240 19.48 37.23 -9.58
N SER A 2241 18.46 37.78 -8.93
CA SER A 2241 17.92 37.19 -7.71
C SER A 2241 16.53 36.63 -7.91
N ILE A 2242 15.57 37.44 -8.35
CA ILE A 2242 14.18 37.02 -8.48
C ILE A 2242 13.93 36.66 -9.94
N PRO A 2243 13.27 35.55 -10.22
CA PRO A 2243 12.82 35.29 -11.60
C PRO A 2243 11.44 35.86 -11.86
N ALA A 2244 11.26 36.49 -13.02
CA ALA A 2244 9.96 37.04 -13.38
C ALA A 2244 8.94 35.96 -13.73
N PHE A 2245 9.38 34.77 -14.14
CA PHE A 2245 8.50 33.71 -14.56
C PHE A 2245 8.70 32.50 -13.67
N ILE A 2246 7.58 32.00 -13.12
CA ILE A 2246 7.59 30.86 -12.20
C ILE A 2246 6.60 29.83 -12.69
N GLN A 2247 6.98 28.56 -12.62
CA GLN A 2247 6.04 27.46 -12.80
C GLN A 2247 5.69 26.90 -11.43
N VAL A 2248 4.40 26.86 -11.11
CA VAL A 2248 3.91 26.34 -9.85
C VAL A 2248 3.38 24.93 -10.11
N PRO A 2249 4.12 23.88 -9.76
CA PRO A 2249 3.63 22.53 -10.04
C PRO A 2249 2.68 22.03 -8.97
N ASN A 2250 2.27 20.78 -9.07
CA ASN A 2250 1.32 20.23 -8.11
C ASN A 2250 1.95 20.03 -6.74
N GLN A 2251 3.17 19.52 -6.67
CA GLN A 2251 3.72 19.13 -5.37
C GLN A 2251 5.20 19.46 -5.17
N GLY A 2252 5.84 20.10 -6.15
CA GLY A 2252 7.26 20.36 -6.03
C GLY A 2252 7.66 21.81 -5.79
N GLU A 2253 8.95 22.10 -5.88
CA GLU A 2253 9.44 23.47 -5.82
C GLU A 2253 8.89 24.30 -6.98
N LEU A 2254 9.12 25.60 -6.91
CA LEU A 2254 8.83 26.46 -8.04
C LEU A 2254 9.84 26.19 -9.14
N THR A 2255 9.45 25.37 -10.12
CA THR A 2255 10.33 24.97 -11.21
C THR A 2255 10.52 26.14 -12.15
N LEU A 2256 11.77 26.44 -12.47
CA LEU A 2256 12.06 27.54 -13.37
C LEU A 2256 11.68 27.17 -14.81
N PRO A 2257 11.05 28.08 -15.54
CA PRO A 2257 10.79 27.84 -16.98
C PRO A 2257 12.10 27.87 -17.77
N THR A 2258 12.85 26.77 -17.68
CA THR A 2258 14.19 26.72 -18.21
C THR A 2258 14.26 27.01 -19.71
N SER A 2259 13.20 26.68 -20.46
CA SER A 2259 13.19 27.03 -21.87
C SER A 2259 13.06 28.53 -22.07
N ILE A 2260 12.12 29.16 -21.36
CA ILE A 2260 11.99 30.61 -21.40
C ILE A 2260 13.24 31.25 -20.84
N GLY A 2261 13.86 30.63 -19.83
CA GLY A 2261 15.12 31.16 -19.31
C GLY A 2261 16.21 31.17 -20.36
N ASN A 2262 16.35 30.07 -21.10
CA ASN A 2262 17.34 30.02 -22.17
C ASN A 2262 17.02 31.06 -23.24
N THR A 2263 15.73 31.22 -23.56
CA THR A 2263 15.34 32.24 -24.54
C THR A 2263 15.78 33.63 -24.09
N ILE A 2264 15.56 33.95 -22.81
CA ILE A 2264 15.98 35.24 -22.29
C ILE A 2264 17.49 35.38 -22.32
N ILE A 2265 18.21 34.31 -21.98
CA ILE A 2265 19.67 34.39 -21.89
C ILE A 2265 20.28 34.64 -23.26
N ASN A 2266 19.88 33.87 -24.27
CA ASN A 2266 20.61 33.90 -25.54
C ASN A 2266 19.68 34.11 -26.73
N ASP A 2267 18.63 34.90 -26.55
CA ASP A 2267 17.82 35.33 -27.70
C ASP A 2267 17.54 36.82 -27.75
N GLY A 2268 17.53 37.54 -26.62
CA GLY A 2268 17.42 38.97 -26.67
C GLY A 2268 18.68 39.59 -27.26
N ASN A 2269 18.50 40.76 -27.88
CA ASN A 2269 19.63 41.43 -28.53
C ASN A 2269 20.76 41.76 -27.55
N PRO A 2270 20.51 42.29 -26.35
CA PRO A 2270 21.59 42.34 -25.36
C PRO A 2270 21.91 40.96 -24.81
N ARG A 2271 22.61 40.14 -25.58
CA ARG A 2271 22.90 38.78 -25.15
C ARG A 2271 23.75 38.80 -23.88
N ILE A 2272 23.35 38.01 -22.89
CA ILE A 2272 24.05 37.97 -21.62
C ILE A 2272 25.35 37.21 -21.78
N ASN A 2273 26.45 37.81 -21.30
CA ASN A 2273 27.77 37.20 -21.40
C ASN A 2273 27.85 36.05 -20.39
N THR A 2274 27.21 34.94 -20.75
CA THR A 2274 27.15 33.75 -19.91
C THR A 2274 28.24 32.75 -20.25
N THR A 2275 29.35 33.20 -20.86
CA THR A 2275 30.42 32.29 -21.23
C THR A 2275 31.00 31.61 -20.00
N GLY A 2276 31.61 32.37 -19.10
CA GLY A 2276 32.14 31.81 -17.88
C GLY A 2276 31.23 32.00 -16.68
N MET A 2277 30.44 30.97 -16.36
CA MET A 2277 29.59 30.98 -15.18
C MET A 2277 29.46 29.56 -14.66
N GLU A 2278 29.32 29.44 -13.34
CA GLU A 2278 29.09 28.15 -12.73
C GLU A 2278 27.70 27.63 -13.11
N LYS A 2279 27.59 26.31 -13.24
CA LYS A 2279 26.42 25.71 -13.88
C LYS A 2279 25.12 26.11 -13.18
N SER A 2280 25.07 26.01 -11.85
CA SER A 2280 23.86 26.41 -11.13
C SER A 2280 23.63 27.91 -11.23
N ASP A 2281 24.69 28.69 -11.42
CA ASP A 2281 24.55 30.14 -11.50
C ASP A 2281 23.99 30.59 -12.85
N GLU A 2282 24.38 29.94 -13.94
CA GLU A 2282 23.94 30.41 -15.25
C GLU A 2282 22.46 30.10 -15.49
N ALA A 2283 21.91 29.14 -14.75
CA ALA A 2283 20.47 28.88 -14.84
C ALA A 2283 19.67 30.06 -14.27
N ARG A 2284 20.27 30.84 -13.37
CA ARG A 2284 19.65 32.02 -12.81
C ARG A 2284 20.09 33.31 -13.48
N ALA A 2285 20.84 33.21 -14.58
CA ALA A 2285 21.37 34.39 -15.25
C ALA A 2285 20.27 35.27 -15.84
N TRP A 2286 19.07 34.75 -16.05
CA TRP A 2286 17.97 35.52 -16.59
C TRP A 2286 17.07 36.10 -15.52
N PHE A 2287 17.46 35.99 -14.25
CA PHE A 2287 16.65 36.52 -13.17
C PHE A 2287 16.72 38.04 -13.14
N ASP A 2288 15.73 38.64 -12.50
CA ASP A 2288 15.72 40.08 -12.32
C ASP A 2288 16.64 40.49 -11.17
N SER A 2289 16.86 41.79 -11.03
CA SER A 2289 17.74 42.34 -10.00
C SER A 2289 16.97 43.38 -9.21
N LEU A 2290 16.62 43.05 -7.96
CA LEU A 2290 15.99 44.01 -7.07
C LEU A 2290 17.01 45.07 -6.61
N THR A 2291 16.46 46.22 -6.21
CA THR A 2291 17.27 47.27 -5.60
C THR A 2291 16.55 47.68 -4.31
N LEU A 2292 17.22 47.48 -3.19
CA LEU A 2292 16.62 47.71 -1.88
C LEU A 2292 17.10 49.03 -1.30
N ASN A 2293 16.16 49.89 -0.93
CA ASN A 2293 16.46 51.20 -0.37
C ASN A 2293 15.76 51.33 0.98
N LEU A 2294 16.55 51.42 2.04
CA LEU A 2294 15.98 51.64 3.37
C LEU A 2294 15.44 53.07 3.45
N GLU A 2295 14.30 53.22 4.14
CA GLU A 2295 13.64 54.51 4.30
C GLU A 2295 13.36 54.72 5.79
N GLN A 2296 14.23 55.45 6.46
CA GLN A 2296 14.02 55.75 7.88
C GLN A 2296 12.79 56.64 8.07
N GLY A 2297 12.72 57.75 7.32
CA GLY A 2297 11.70 58.74 7.61
C GLY A 2297 11.96 59.36 8.96
N LYS A 2298 11.14 58.99 9.94
CA LYS A 2298 11.39 59.37 11.33
C LYS A 2298 12.47 58.48 11.93
N SER A 2299 12.57 58.46 13.26
CA SER A 2299 13.67 57.83 13.98
C SER A 2299 13.91 56.38 13.57
N GLN A 2300 15.10 55.86 13.90
CA GLN A 2300 15.57 54.57 13.41
C GLN A 2300 14.64 53.41 13.70
N ASN A 2301 13.64 53.59 14.55
CA ASN A 2301 12.71 52.51 14.85
C ASN A 2301 11.84 52.14 13.65
N GLU A 2302 11.77 52.99 12.63
CA GLU A 2302 10.80 52.82 11.54
C GLU A 2302 11.51 52.47 10.24
N LYS A 2303 12.51 51.59 10.32
CA LYS A 2303 13.19 51.15 9.11
C LYS A 2303 12.20 50.47 8.17
N MET A 2304 12.19 50.92 6.92
CA MET A 2304 11.33 50.36 5.89
C MET A 2304 12.13 50.21 4.60
N TRP A 2305 11.91 49.09 3.91
CA TRP A 2305 12.65 48.77 2.70
C TRP A 2305 11.72 48.76 1.50
N ILE A 2306 12.16 49.38 0.41
CA ILE A 2306 11.41 49.42 -0.84
C ILE A 2306 12.24 48.73 -1.91
N ALA A 2307 11.61 47.86 -2.69
CA ALA A 2307 12.30 47.05 -3.68
C ALA A 2307 11.86 47.44 -5.08
N THR A 2308 12.83 47.63 -5.97
CA THR A 2308 12.57 47.89 -7.38
C THR A 2308 13.35 46.87 -8.21
N SER A 2309 12.66 46.21 -9.14
CA SER A 2309 13.24 45.15 -9.94
C SER A 2309 13.57 45.66 -11.33
N GLU A 2310 14.78 45.35 -11.79
CA GLU A 2310 15.23 45.71 -13.14
C GLU A 2310 15.48 44.42 -13.93
N HIS A 2311 14.85 44.33 -15.10
CA HIS A 2311 15.00 43.15 -15.93
C HIS A 2311 16.42 43.04 -16.48
N PRO A 2312 16.93 41.83 -16.60
CA PRO A 2312 18.27 41.66 -17.17
C PRO A 2312 18.29 41.94 -18.66
N GLY A 2313 19.47 42.33 -19.14
CA GLY A 2313 19.64 42.68 -20.54
C GLY A 2313 18.92 43.97 -20.90
N ASP A 2314 17.85 43.86 -21.68
CA ASP A 2314 17.05 45.00 -22.10
C ASP A 2314 15.75 45.02 -21.31
N GLN A 2315 15.51 46.11 -20.59
CA GLN A 2315 14.29 46.22 -19.79
C GLN A 2315 13.08 46.49 -20.68
N ASN A 2316 13.30 47.08 -21.85
CA ASN A 2316 12.21 47.45 -22.73
C ASN A 2316 11.82 46.35 -23.72
N ALA A 2317 12.40 45.16 -23.58
CA ALA A 2317 12.07 44.07 -24.48
C ALA A 2317 10.59 43.68 -24.33
N LYS A 2318 9.98 43.31 -25.46
CA LYS A 2318 8.57 42.97 -25.47
C LYS A 2318 8.26 41.67 -24.73
N LEU A 2319 9.27 40.84 -24.46
CA LEU A 2319 9.02 39.57 -23.79
C LEU A 2319 8.53 39.80 -22.36
N TRP A 2320 9.06 40.82 -21.69
CA TRP A 2320 8.64 41.14 -20.33
C TRP A 2320 7.20 41.63 -20.33
N ILE A 2321 6.56 41.49 -19.16
CA ILE A 2321 5.21 42.00 -18.93
C ILE A 2321 5.33 43.31 -18.17
N LYS A 2322 4.68 44.36 -18.66
CA LYS A 2322 4.81 45.67 -18.06
C LYS A 2322 4.24 45.69 -16.65
N THR A 2323 4.93 46.40 -15.76
CA THR A 2323 4.54 46.54 -14.37
C THR A 2323 3.85 47.88 -14.20
N ALA A 2324 2.57 47.85 -13.81
CA ALA A 2324 1.84 49.09 -13.56
C ALA A 2324 2.31 49.71 -12.24
N ASN A 2325 2.42 51.02 -12.22
CA ASN A 2325 2.87 51.72 -11.03
C ASN A 2325 1.84 51.63 -9.92
N THR A 2326 2.30 51.83 -8.69
CA THR A 2326 1.39 51.82 -7.55
C THR A 2326 0.38 52.95 -7.67
N THR A 2327 -0.89 52.61 -7.47
CA THR A 2327 -1.96 53.60 -7.48
C THR A 2327 -1.99 54.44 -6.21
N TYR A 2328 -1.17 54.10 -5.22
CA TYR A 2328 -1.15 54.79 -3.94
C TYR A 2328 0.12 55.57 -3.66
N SER A 2329 1.25 55.17 -4.25
CA SER A 2329 2.52 55.83 -3.96
C SER A 2329 3.20 56.29 -5.24
N GLY A 2330 3.11 55.50 -6.31
CA GLY A 2330 3.74 55.85 -7.57
C GLY A 2330 5.05 55.12 -7.80
N ARG A 2331 5.08 53.83 -7.47
CA ARG A 2331 6.24 52.98 -7.71
C ARG A 2331 5.82 51.73 -8.45
N PRO A 2332 6.72 51.15 -9.25
CA PRO A 2332 6.36 49.92 -9.97
C PRO A 2332 6.13 48.75 -9.02
N TYR A 2333 5.20 47.88 -9.38
CA TYR A 2333 5.00 46.65 -8.64
C TYR A 2333 6.12 45.66 -8.95
N LEU A 2334 6.26 44.66 -8.09
CA LEU A 2334 7.16 43.54 -8.35
C LEU A 2334 6.34 42.41 -8.95
N GLN A 2335 6.54 42.15 -10.24
CA GLN A 2335 5.73 41.19 -10.98
C GLN A 2335 6.41 39.83 -11.02
N VAL A 2336 5.64 38.78 -10.70
CA VAL A 2336 6.11 37.41 -10.80
C VAL A 2336 5.05 36.60 -11.54
N VAL A 2337 5.33 36.24 -12.79
CA VAL A 2337 4.38 35.50 -13.60
C VAL A 2337 4.40 34.03 -13.17
N GLY A 2338 3.22 33.48 -12.91
CA GLY A 2338 3.12 32.10 -12.46
C GLY A 2338 2.56 31.17 -13.50
N PHE A 2339 3.22 30.02 -13.69
CA PHE A 2339 2.74 28.98 -14.62
C PHE A 2339 2.27 27.79 -13.79
N ILE A 2340 0.98 27.79 -13.47
CA ILE A 2340 0.44 26.86 -12.49
C ILE A 2340 -0.02 25.58 -13.16
N ASP A 2341 0.39 24.45 -12.61
CA ASP A 2341 -0.08 23.14 -13.03
C ASP A 2341 -1.34 22.75 -12.24
N ARG A 2342 -2.22 21.98 -12.88
CA ARG A 2342 -3.47 21.62 -12.25
C ARG A 2342 -3.64 20.12 -12.00
N ALA A 2343 -2.93 19.26 -12.72
CA ALA A 2343 -3.11 17.81 -12.60
C ALA A 2343 -2.27 17.27 -11.47
N PHE A 2344 -2.82 16.33 -10.70
CA PHE A 2344 -2.05 15.60 -9.71
C PHE A 2344 -2.36 14.12 -9.92
N PRO A 2345 -1.43 13.24 -9.57
CA PRO A 2345 -1.72 11.80 -9.69
C PRO A 2345 -2.50 11.29 -8.49
N SER A 2346 -3.68 10.72 -8.78
CA SER A 2346 -4.51 10.17 -7.72
C SER A 2346 -3.81 9.00 -7.04
N PHE A 2347 -3.25 8.08 -7.82
CA PHE A 2347 -2.48 6.98 -7.28
C PHE A 2347 -1.20 6.70 -8.05
N LEU A 2348 -0.95 7.41 -9.15
CA LEU A 2348 0.23 7.14 -9.97
C LEU A 2348 0.51 5.64 -10.02
N ALA A 2349 -0.51 4.85 -10.33
CA ALA A 2349 -0.37 3.40 -10.42
C ALA A 2349 0.38 2.84 -9.21
N LYS A 2350 0.16 3.46 -8.06
CA LYS A 2350 0.76 3.04 -6.79
C LYS A 2350 2.28 2.93 -6.91
N VAL A 2351 2.90 4.07 -7.19
CA VAL A 2351 4.35 4.16 -7.41
C VAL A 2351 4.78 3.21 -8.53
N PHE A 2352 4.28 3.52 -9.72
CA PHE A 2352 4.42 2.67 -10.91
C PHE A 2352 5.84 2.17 -11.11
N LYS A 2353 6.02 0.86 -11.01
CA LYS A 2353 7.30 0.20 -11.25
C LYS A 2353 7.17 -0.99 -12.19
N GLY A 2354 6.04 -1.11 -12.89
CA GLY A 2354 5.73 -2.29 -13.67
C GLY A 2354 4.99 -3.36 -12.90
N GLY A 2355 4.82 -3.19 -11.59
CA GLY A 2355 4.15 -4.20 -10.80
C GLY A 2355 2.67 -4.34 -11.14
N VAL A 2356 2.01 -3.22 -11.45
CA VAL A 2356 0.59 -3.27 -11.77
C VAL A 2356 0.35 -4.10 -13.03
N ILE A 2357 1.18 -3.90 -14.06
CA ILE A 2357 1.14 -4.78 -15.22
C ILE A 2357 1.54 -6.19 -14.83
N ALA A 2358 2.57 -6.32 -13.98
CA ALA A 2358 3.01 -7.64 -13.54
C ALA A 2358 1.92 -8.35 -12.77
N VAL A 2359 1.26 -7.65 -11.84
CA VAL A 2359 0.21 -8.30 -11.07
C VAL A 2359 -1.01 -8.59 -11.93
N TYR A 2360 -1.28 -7.75 -12.93
CA TYR A 2360 -2.37 -8.03 -13.86
C TYR A 2360 -2.11 -9.32 -14.63
N LEU A 2361 -0.92 -9.46 -15.20
CA LEU A 2361 -0.58 -10.68 -15.92
C LEU A 2361 -0.58 -11.89 -14.99
N SER A 2362 -0.08 -11.71 -13.76
CA SER A 2362 -0.05 -12.82 -12.82
C SER A 2362 -1.44 -13.28 -12.44
N VAL A 2363 -2.36 -12.35 -12.18
CA VAL A 2363 -3.71 -12.72 -11.81
C VAL A 2363 -4.43 -13.35 -13.00
N ILE A 2364 -4.15 -12.86 -14.22
CA ILE A 2364 -4.71 -13.51 -15.41
C ILE A 2364 -4.24 -14.96 -15.50
N LEU A 2365 -2.93 -15.17 -15.34
CA LEU A 2365 -2.37 -16.51 -15.38
C LEU A 2365 -3.05 -17.42 -14.37
N VAL A 2366 -3.12 -16.96 -13.11
CA VAL A 2366 -3.61 -17.84 -12.05
C VAL A 2366 -5.10 -18.10 -12.22
N VAL A 2367 -5.89 -17.08 -12.55
CA VAL A 2367 -7.33 -17.29 -12.71
C VAL A 2367 -7.61 -18.23 -13.86
N GLY A 2368 -6.91 -18.06 -14.98
CA GLY A 2368 -7.07 -18.97 -16.10
C GLY A 2368 -6.74 -20.39 -15.71
N ARG A 2369 -5.47 -20.64 -15.37
CA ARG A 2369 -5.01 -22.00 -15.15
C ARG A 2369 -5.63 -22.64 -13.92
N GLY A 2370 -6.31 -21.87 -13.08
CA GLY A 2370 -6.99 -22.44 -11.93
C GLY A 2370 -8.46 -22.73 -12.17
N LEU A 2371 -9.16 -21.83 -12.88
CA LEU A 2371 -10.60 -22.00 -13.03
C LEU A 2371 -10.95 -22.60 -14.40
N VAL A 2372 -10.53 -21.95 -15.48
CA VAL A 2372 -11.09 -22.34 -16.76
C VAL A 2372 -10.51 -23.68 -17.22
N ARG A 2373 -9.19 -23.84 -17.14
CA ARG A 2373 -8.57 -25.08 -17.61
C ARG A 2373 -9.02 -26.27 -16.77
N GLY A 2374 -9.45 -26.03 -15.53
CA GLY A 2374 -9.88 -27.10 -14.66
C GLY A 2374 -11.34 -27.46 -14.76
N ILE A 2375 -12.22 -26.48 -14.54
CA ILE A 2375 -13.66 -26.75 -14.48
C ILE A 2375 -14.25 -26.70 -15.89
N PHE A 2376 -13.42 -26.42 -16.88
CA PHE A 2376 -13.93 -26.06 -18.19
C PHE A 2376 -13.50 -27.02 -19.29
N THR A 2377 -12.28 -27.55 -19.21
CA THR A 2377 -11.80 -28.62 -20.11
C THR A 2377 -11.42 -29.82 -19.26
N THR A 2378 -12.18 -30.91 -19.40
CA THR A 2378 -11.93 -32.10 -18.61
C THR A 2378 -10.60 -32.75 -18.99
N SER A 2379 -9.86 -33.21 -17.99
CA SER A 2379 -8.59 -33.86 -18.24
C SER A 2379 -8.80 -35.20 -18.96
N PRO A 2380 -7.83 -35.63 -19.77
CA PRO A 2380 -7.95 -36.94 -20.42
C PRO A 2380 -8.13 -38.09 -19.45
N SER A 2381 -7.80 -37.93 -18.18
CA SER A 2381 -8.06 -38.96 -17.18
C SER A 2381 -9.48 -38.90 -16.64
N THR A 2382 -10.12 -37.73 -16.68
CA THR A 2382 -11.45 -37.58 -16.11
C THR A 2382 -12.52 -38.22 -16.98
N VAL A 2383 -12.28 -38.30 -18.29
CA VAL A 2383 -13.31 -38.81 -19.21
C VAL A 2383 -13.70 -40.24 -18.85
N MET A 2384 -12.76 -41.01 -18.27
CA MET A 2384 -13.07 -42.36 -17.86
C MET A 2384 -14.15 -42.41 -16.79
N PHE A 2385 -14.34 -41.32 -16.04
CA PHE A 2385 -15.33 -41.27 -14.97
C PHE A 2385 -16.43 -40.25 -15.16
N THR A 2386 -16.25 -39.23 -16.01
CA THR A 2386 -17.27 -38.20 -16.19
C THR A 2386 -18.13 -38.46 -17.42
N GLU A 2387 -17.92 -39.56 -18.12
CA GLU A 2387 -18.69 -39.90 -19.33
C GLU A 2387 -19.24 -41.31 -19.23
N LEU A 2388 -19.82 -41.64 -18.09
CA LEU A 2388 -20.47 -42.94 -17.91
C LEU A 2388 -21.87 -42.91 -18.51
N PRO A 2389 -22.20 -43.82 -19.42
CA PRO A 2389 -23.56 -43.82 -19.99
C PRO A 2389 -24.66 -43.92 -18.95
N ASN A 2390 -24.62 -44.94 -18.08
CA ASN A 2390 -25.66 -45.14 -17.07
C ASN A 2390 -24.99 -45.35 -15.73
N ALA A 2391 -25.11 -44.36 -14.84
CA ALA A 2391 -24.58 -44.45 -13.49
C ALA A 2391 -25.62 -44.92 -12.49
N ASP A 2392 -26.73 -45.48 -12.97
CA ASP A 2392 -27.78 -45.94 -12.06
C ASP A 2392 -27.29 -47.04 -11.14
N HIS A 2393 -26.50 -47.97 -11.68
CA HIS A 2393 -25.97 -49.05 -10.85
C HIS A 2393 -25.03 -48.52 -9.76
N LEU A 2394 -24.16 -47.58 -10.13
CA LEU A 2394 -23.25 -47.00 -9.14
C LEU A 2394 -24.01 -46.24 -8.06
N LEU A 2395 -25.03 -45.47 -8.47
CA LEU A 2395 -25.85 -44.78 -7.49
C LEU A 2395 -26.61 -45.76 -6.61
N LYS A 2396 -27.08 -46.87 -7.17
CA LYS A 2396 -27.74 -47.88 -6.37
C LYS A 2396 -26.79 -48.47 -5.35
N ILE A 2397 -25.56 -48.76 -5.75
CA ILE A 2397 -24.56 -49.29 -4.82
C ILE A 2397 -24.31 -48.31 -3.69
N CYS A 2398 -24.12 -47.03 -4.03
CA CYS A 2398 -23.79 -46.05 -3.00
C CYS A 2398 -24.97 -45.80 -2.07
N LEU A 2399 -26.19 -45.74 -2.61
CA LEU A 2399 -27.37 -45.60 -1.77
C LEU A 2399 -27.58 -46.83 -0.89
N ASP A 2400 -27.23 -48.01 -1.39
CA ASP A 2400 -27.29 -49.21 -0.56
C ASP A 2400 -26.30 -49.12 0.58
N ILE A 2401 -25.10 -48.59 0.33
CA ILE A 2401 -24.13 -48.39 1.40
C ILE A 2401 -24.69 -47.41 2.44
N TYR A 2402 -25.32 -46.33 1.96
CA TYR A 2402 -25.90 -45.35 2.88
C TYR A 2402 -27.00 -45.98 3.71
N LEU A 2403 -27.85 -46.80 3.09
CA LEU A 2403 -28.92 -47.46 3.82
C LEU A 2403 -28.36 -48.43 4.85
N VAL A 2404 -27.30 -49.15 4.49
CA VAL A 2404 -26.66 -50.06 5.44
C VAL A 2404 -26.10 -49.29 6.63
N ARG A 2405 -25.44 -48.16 6.37
CA ARG A 2405 -24.91 -47.35 7.46
C ARG A 2405 -26.01 -46.82 8.36
N GLU A 2406 -27.08 -46.30 7.76
CA GLU A 2406 -28.17 -45.71 8.53
C GLU A 2406 -29.08 -46.76 9.17
N ALA A 2407 -28.93 -48.03 8.80
CA ALA A 2407 -29.65 -49.12 9.44
C ALA A 2407 -28.89 -49.72 10.61
N LYS A 2408 -27.87 -49.00 11.10
CA LYS A 2408 -27.04 -49.45 12.22
C LYS A 2408 -26.38 -50.79 11.94
N ASP A 2409 -26.03 -51.03 10.68
CA ASP A 2409 -25.31 -52.23 10.26
C ASP A 2409 -24.00 -51.81 9.64
N PHE A 2410 -22.92 -52.51 10.00
CA PHE A 2410 -21.58 -52.20 9.52
C PHE A 2410 -20.83 -53.41 9.00
N MET A 2411 -21.40 -54.61 9.12
CA MET A 2411 -20.79 -55.79 8.54
C MET A 2411 -20.72 -55.69 7.02
N LEU A 2412 -21.77 -55.12 6.42
CA LEU A 2412 -21.84 -55.03 4.96
C LEU A 2412 -21.28 -53.73 4.42
N GLU A 2413 -21.15 -52.71 5.28
CA GLU A 2413 -20.72 -51.39 4.80
C GLU A 2413 -19.32 -51.44 4.23
N GLN A 2414 -18.38 -52.10 4.93
CA GLN A 2414 -17.01 -52.18 4.44
C GLN A 2414 -16.92 -53.00 3.17
N ASP A 2415 -17.67 -54.11 3.10
CA ASP A 2415 -17.65 -54.94 1.89
C ASP A 2415 -18.19 -54.16 0.69
N LEU A 2416 -19.28 -53.43 0.87
CA LEU A 2416 -19.83 -52.66 -0.24
C LEU A 2416 -18.92 -51.50 -0.63
N PHE A 2417 -18.25 -50.88 0.35
CA PHE A 2417 -17.29 -49.84 0.03
C PHE A 2417 -16.10 -50.41 -0.74
N ALA A 2418 -15.67 -51.62 -0.39
CA ALA A 2418 -14.63 -52.30 -1.16
C ALA A 2418 -15.10 -52.58 -2.58
N LYS A 2419 -16.37 -52.98 -2.73
CA LYS A 2419 -16.94 -53.15 -4.06
C LYS A 2419 -16.86 -51.87 -4.86
N LEU A 2420 -17.21 -50.74 -4.24
CA LEU A 2420 -17.13 -49.46 -4.92
C LEU A 2420 -15.69 -49.10 -5.28
N ILE A 2421 -14.75 -49.35 -4.37
CA ILE A 2421 -13.34 -49.05 -4.64
C ILE A 2421 -12.83 -49.87 -5.82
N PHE A 2422 -13.15 -51.16 -5.85
CA PHE A 2422 -12.74 -51.98 -6.98
C PHE A 2422 -13.41 -51.53 -8.27
N LEU A 2423 -14.68 -51.13 -8.19
CA LEU A 2423 -15.38 -50.63 -9.36
C LEU A 2423 -14.70 -49.39 -9.92
N PHE A 2424 -14.27 -48.49 -9.05
CA PHE A 2424 -13.52 -47.30 -9.47
C PHE A 2424 -12.05 -47.60 -9.76
N ARG A 2425 -11.59 -48.81 -9.47
CA ARG A 2425 -10.18 -49.15 -9.62
C ARG A 2425 -9.89 -49.98 -10.86
N SER A 2426 -10.84 -50.79 -11.33
CA SER A 2426 -10.67 -51.61 -12.53
C SER A 2426 -11.60 -51.07 -13.61
N PRO A 2427 -11.08 -50.34 -14.58
CA PRO A 2427 -11.96 -49.74 -15.59
C PRO A 2427 -12.73 -50.74 -16.42
N ALA A 2428 -12.23 -51.96 -16.59
CA ALA A 2428 -12.99 -52.97 -17.33
C ALA A 2428 -14.30 -53.28 -16.61
N THR A 2429 -14.24 -53.47 -15.29
CA THR A 2429 -15.45 -53.68 -14.52
C THR A 2429 -16.37 -52.47 -14.58
N LEU A 2430 -15.80 -51.27 -14.57
CA LEU A 2430 -16.61 -50.06 -14.71
C LEU A 2430 -17.34 -50.05 -16.05
N ILE A 2431 -16.68 -50.48 -17.11
CA ILE A 2431 -17.35 -50.60 -18.41
C ILE A 2431 -18.47 -51.62 -18.34
N GLU A 2432 -18.20 -52.80 -17.73
CA GLU A 2432 -19.23 -53.82 -17.66
C GLU A 2432 -20.34 -53.49 -16.66
N TRP A 2433 -20.11 -52.52 -15.78
CA TRP A 2433 -21.07 -52.20 -14.73
C TRP A 2433 -21.75 -50.85 -14.96
N THR A 2434 -21.78 -50.37 -16.20
CA THR A 2434 -22.33 -49.06 -16.49
C THR A 2434 -23.23 -49.07 -17.72
N ARG A 2435 -23.21 -50.14 -18.52
CA ARG A 2435 -24.00 -50.20 -19.75
C ARG A 2435 -25.47 -49.92 -19.48
N MET A 2436 -26.08 -49.14 -20.35
CA MET A 2436 -27.46 -48.68 -20.16
C MET A 2436 -28.44 -49.83 -20.31
N SER A 2437 -29.33 -49.96 -19.33
CA SER A 2437 -30.41 -50.95 -19.33
C SER A 2437 -29.93 -52.35 -19.67
N LYS A 2438 -30.28 -52.83 -20.85
CA LYS A 2438 -29.90 -54.18 -21.28
C LYS A 2438 -28.43 -54.24 -21.66
N MET B 1 -64.78 -15.97 34.12
CA MET B 1 -65.17 -17.07 34.98
C MET B 1 -63.97 -17.59 35.78
N THR B 2 -62.79 -17.52 35.18
CA THR B 2 -61.58 -18.02 35.82
C THR B 2 -61.14 -17.05 36.91
N VAL B 3 -61.90 -17.00 38.00
CA VAL B 3 -61.61 -16.09 39.10
C VAL B 3 -60.66 -16.80 40.06
N PRO B 4 -59.44 -16.30 40.25
CA PRO B 4 -58.51 -16.93 41.19
C PRO B 4 -58.84 -16.54 42.62
N PRO B 5 -59.38 -17.46 43.42
CA PRO B 5 -59.74 -17.10 44.79
C PRO B 5 -58.52 -16.85 45.67
N LEU B 6 -57.57 -17.79 45.66
CA LEU B 6 -56.39 -17.65 46.49
C LEU B 6 -55.54 -16.45 46.09
N LEU B 7 -55.37 -16.24 44.77
CA LEU B 7 -54.51 -15.15 44.31
C LEU B 7 -55.07 -13.79 44.74
N LYS B 8 -56.35 -13.53 44.45
CA LYS B 8 -56.92 -12.24 44.80
C LYS B 8 -57.10 -12.10 46.31
N SER B 9 -57.38 -13.20 47.01
CA SER B 9 -57.47 -13.15 48.46
C SER B 9 -56.13 -12.74 49.07
N CYS B 10 -55.03 -13.31 48.56
CA CYS B 10 -53.70 -12.93 49.02
C CYS B 10 -53.38 -11.48 48.65
N VAL B 11 -53.78 -11.06 47.44
CA VAL B 11 -53.58 -9.68 47.03
C VAL B 11 -54.24 -8.74 48.03
N VAL B 12 -55.51 -9.00 48.36
CA VAL B 12 -56.18 -8.22 49.40
C VAL B 12 -55.36 -8.26 50.68
N LYS B 13 -55.23 -9.46 51.26
CA LYS B 13 -54.76 -9.63 52.63
C LYS B 13 -53.33 -9.13 52.82
N LEU B 14 -52.58 -8.98 51.74
CA LEU B 14 -51.21 -8.49 51.84
C LEU B 14 -51.07 -7.05 51.39
N LEU B 15 -51.49 -6.72 50.17
CA LEU B 15 -51.22 -5.38 49.65
C LEU B 15 -52.15 -4.33 50.24
N LEU B 16 -53.44 -4.66 50.46
CA LEU B 16 -54.30 -3.59 50.97
C LEU B 16 -53.85 -3.17 52.36
N PRO B 17 -53.51 -4.10 53.27
CA PRO B 17 -52.81 -3.67 54.49
C PRO B 17 -51.50 -2.96 54.22
N ALA B 18 -50.77 -3.30 53.15
CA ALA B 18 -49.49 -2.65 52.88
C ALA B 18 -49.66 -1.18 52.54
N ALA B 19 -50.47 -0.88 51.52
CA ALA B 19 -50.78 0.50 51.20
C ALA B 19 -51.52 1.17 52.35
N LEU B 20 -52.27 0.41 53.14
CA LEU B 20 -52.94 0.91 54.33
C LEU B 20 -51.92 1.48 55.31
N LEU B 21 -50.89 0.70 55.62
CA LEU B 21 -49.85 1.10 56.55
C LEU B 21 -49.02 2.24 55.96
N ALA B 22 -48.86 2.25 54.64
CA ALA B 22 -48.17 3.38 54.01
C ALA B 22 -48.94 4.67 54.22
N ALA B 23 -50.22 4.68 53.88
CA ALA B 23 -51.05 5.87 54.07
C ALA B 23 -51.20 6.21 55.55
N ALA B 24 -51.07 5.22 56.43
CA ALA B 24 -51.09 5.49 57.87
C ALA B 24 -49.83 6.21 58.30
N ILE B 25 -48.66 5.61 58.07
CA ILE B 25 -47.39 6.24 58.42
C ILE B 25 -47.20 7.57 57.70
N ILE B 26 -48.01 7.86 56.68
CA ILE B 26 -48.02 9.19 56.10
C ILE B 26 -48.44 10.22 57.13
N ARG B 27 -49.57 10.00 57.82
CA ARG B 27 -50.08 10.94 58.82
C ARG B 27 -50.89 10.22 59.88
N PRO B 28 -50.68 10.51 61.17
CA PRO B 28 -51.47 9.89 62.24
C PRO B 28 -52.66 10.73 62.67
N SER B 29 -53.76 10.04 62.94
CA SER B 29 -55.01 10.65 63.38
C SER B 29 -55.90 9.55 63.96
N PHE B 30 -57.19 9.84 64.15
CA PHE B 30 -58.15 8.77 64.44
C PHE B 30 -58.21 7.75 63.32
N LEU B 31 -57.80 8.16 62.10
CA LEU B 31 -57.59 7.21 61.02
C LEU B 31 -56.65 6.10 61.46
N SER B 32 -55.66 6.41 62.30
CA SER B 32 -54.84 5.36 62.89
C SER B 32 -55.70 4.27 63.49
N ILE B 33 -56.50 4.62 64.51
CA ILE B 33 -57.33 3.64 65.20
C ILE B 33 -58.17 2.88 64.19
N GLY B 34 -59.03 3.59 63.45
CA GLY B 34 -60.00 2.90 62.61
C GLY B 34 -59.35 2.06 61.53
N TYR B 35 -58.35 2.62 60.84
CA TYR B 35 -57.82 2.04 59.62
C TYR B 35 -56.84 0.92 59.94
N VAL B 36 -55.98 1.11 60.95
CA VAL B 36 -55.12 0.04 61.41
C VAL B 36 -55.96 -1.08 62.02
N LEU B 37 -57.07 -0.75 62.68
CA LEU B 37 -57.96 -1.81 63.18
C LEU B 37 -58.57 -2.61 62.03
N LEU B 38 -59.00 -1.91 60.98
CA LEU B 38 -59.49 -2.62 59.80
C LEU B 38 -58.43 -3.55 59.22
N ALA B 39 -57.17 -3.12 59.25
CA ALA B 39 -56.09 -4.00 58.80
C ALA B 39 -55.95 -5.21 59.71
N LEU B 40 -55.91 -4.98 61.03
CA LEU B 40 -55.52 -6.02 61.98
C LEU B 40 -56.64 -6.99 62.32
N VAL B 41 -57.90 -6.65 62.02
CA VAL B 41 -58.98 -7.62 62.24
C VAL B 41 -58.81 -8.83 61.33
N SER B 42 -58.32 -8.61 60.11
CA SER B 42 -58.13 -9.72 59.18
C SER B 42 -57.21 -10.79 59.77
N ALA B 43 -56.03 -10.38 60.24
CA ALA B 43 -55.06 -11.28 60.87
C ALA B 43 -54.84 -12.54 60.04
N VAL B 44 -55.34 -13.67 60.53
CA VAL B 44 -55.34 -14.92 59.78
C VAL B 44 -56.79 -15.28 59.49
N LEU B 45 -57.32 -14.72 58.40
CA LEU B 45 -58.71 -14.92 58.04
C LEU B 45 -58.91 -16.29 57.39
N PRO B 46 -60.12 -16.85 57.51
CA PRO B 46 -60.41 -18.12 56.82
C PRO B 46 -60.23 -17.97 55.32
N PRO B 47 -59.33 -18.76 54.72
CA PRO B 47 -59.08 -18.62 53.29
C PRO B 47 -60.28 -19.05 52.45
N ILE B 48 -60.42 -18.40 51.29
CA ILE B 48 -61.51 -18.74 50.35
C ILE B 48 -60.97 -19.84 49.45
N ARG B 49 -61.06 -21.07 49.94
CA ARG B 49 -60.55 -22.23 49.22
C ARG B 49 -61.63 -22.90 48.37
N LYS B 50 -62.28 -22.12 47.52
CA LYS B 50 -63.34 -22.58 46.62
C LYS B 50 -64.48 -23.26 47.36
N SER B 51 -64.68 -22.93 48.64
CA SER B 51 -65.72 -23.54 49.46
C SER B 51 -66.63 -22.45 50.03
N LEU B 52 -67.93 -22.71 49.98
CA LEU B 52 -68.98 -21.82 50.51
C LEU B 52 -68.79 -20.37 50.10
N ALA B 53 -68.17 -20.15 48.94
CA ALA B 53 -67.85 -18.82 48.44
C ALA B 53 -67.10 -18.01 49.49
N LEU B 54 -67.39 -16.72 49.57
CA LEU B 54 -66.75 -15.87 50.57
C LEU B 54 -67.26 -16.25 51.96
N PRO B 55 -66.38 -16.38 52.95
CA PRO B 55 -66.84 -16.73 54.30
C PRO B 55 -67.76 -15.66 54.87
N LYS B 56 -68.74 -16.12 55.65
CA LYS B 56 -69.72 -15.19 56.23
C LYS B 56 -69.05 -14.21 57.18
N LEU B 57 -68.18 -14.69 58.06
CA LEU B 57 -67.45 -13.79 58.95
C LEU B 57 -66.50 -12.89 58.19
N VAL B 58 -65.80 -13.44 57.20
CA VAL B 58 -64.92 -12.63 56.36
C VAL B 58 -65.73 -11.60 55.59
N GLY B 59 -66.88 -12.01 55.04
CA GLY B 59 -67.73 -11.06 54.34
C GLY B 59 -68.23 -9.95 55.25
N THR B 60 -68.58 -10.29 56.49
CA THR B 60 -69.03 -9.28 57.44
C THR B 60 -67.90 -8.30 57.76
N PHE B 61 -66.69 -8.80 57.99
CA PHE B 61 -65.56 -7.91 58.25
C PHE B 61 -65.29 -7.02 57.06
N VAL B 62 -65.37 -7.57 55.85
CA VAL B 62 -65.08 -6.79 54.65
C VAL B 62 -66.16 -5.73 54.42
N ILE B 63 -67.43 -6.05 54.66
CA ILE B 63 -68.47 -5.04 54.48
C ILE B 63 -68.39 -3.96 55.56
N ILE B 64 -67.94 -4.35 56.76
CA ILE B 64 -67.64 -3.34 57.78
C ILE B 64 -66.53 -2.42 57.28
N THR B 65 -65.53 -2.99 56.61
CA THR B 65 -64.48 -2.17 56.00
C THR B 65 -65.06 -1.21 54.97
N PHE B 66 -65.95 -1.71 54.10
CA PHE B 66 -66.66 -0.83 53.18
C PHE B 66 -67.29 0.35 53.89
N LEU B 67 -68.15 0.06 54.87
CA LEU B 67 -68.91 1.12 55.53
C LEU B 67 -67.98 2.13 56.21
N PHE B 68 -67.00 1.63 56.97
CA PHE B 68 -66.13 2.53 57.73
C PHE B 68 -65.28 3.37 56.79
N CYS B 69 -64.69 2.75 55.76
CA CYS B 69 -63.83 3.49 54.84
C CYS B 69 -64.63 4.54 54.07
N LEU B 70 -65.83 4.18 53.59
CA LEU B 70 -66.64 5.15 52.86
C LEU B 70 -67.05 6.31 53.76
N ALA B 71 -67.47 6.01 55.00
CA ALA B 71 -67.85 7.07 55.92
C ALA B 71 -66.67 7.98 56.24
N VAL B 72 -65.50 7.40 56.47
CA VAL B 72 -64.32 8.20 56.80
C VAL B 72 -63.93 9.09 55.64
N ALA B 73 -63.91 8.53 54.42
CA ALA B 73 -63.53 9.32 53.25
C ALA B 73 -64.51 10.45 53.01
N LEU B 74 -65.82 10.17 53.09
CA LEU B 74 -66.82 11.21 52.89
C LEU B 74 -66.72 12.28 53.97
N GLY B 75 -66.50 11.88 55.22
CA GLY B 75 -66.37 12.86 56.28
C GLY B 75 -65.15 13.76 56.12
N VAL B 76 -64.01 13.17 55.76
CA VAL B 76 -62.81 13.97 55.56
C VAL B 76 -63.01 14.93 54.39
N GLY B 77 -63.61 14.45 53.29
CA GLY B 77 -63.86 15.33 52.17
C GLY B 77 -64.80 16.48 52.51
N SER B 78 -65.88 16.18 53.22
CA SER B 78 -66.84 17.21 53.61
C SER B 78 -66.20 18.23 54.56
N TYR B 79 -65.40 17.74 55.52
CA TYR B 79 -64.75 18.65 56.46
C TYR B 79 -63.72 19.54 55.76
N GLN B 80 -62.98 18.97 54.80
CA GLN B 80 -62.04 19.78 54.04
C GLN B 80 -62.76 20.83 53.21
N ILE B 81 -63.89 20.46 52.60
CA ILE B 81 -64.67 21.42 51.82
C ILE B 81 -65.19 22.54 52.73
N SER B 82 -65.69 22.18 53.91
CA SER B 82 -66.19 23.18 54.85
C SER B 82 -65.06 24.11 55.31
N GLU B 83 -63.88 23.56 55.57
CA GLU B 83 -62.74 24.39 55.96
C GLU B 83 -62.34 25.34 54.84
N GLN B 84 -62.36 24.85 53.60
CA GLN B 84 -62.03 25.71 52.47
C GLN B 84 -63.05 26.83 52.32
N VAL B 85 -64.34 26.52 52.49
CA VAL B 85 -65.37 27.55 52.37
C VAL B 85 -65.24 28.57 53.49
N VAL B 86 -65.01 28.12 54.72
CA VAL B 86 -64.94 29.03 55.86
C VAL B 86 -63.58 29.71 55.94
N HIS B 87 -62.52 28.94 56.07
CA HIS B 87 -61.17 29.49 56.17
C HIS B 87 -60.62 29.87 54.80
N ASN B 96 -53.28 26.89 66.68
CA ASN B 96 -53.10 25.83 67.66
C ASN B 96 -54.14 25.93 68.78
N ARG B 97 -55.36 25.52 68.47
CA ARG B 97 -56.46 25.57 69.42
C ARG B 97 -57.09 24.18 69.52
N SER B 98 -58.06 24.04 70.43
CA SER B 98 -58.72 22.75 70.61
C SER B 98 -59.41 22.29 69.33
N ASP B 99 -60.04 23.22 68.61
CA ASP B 99 -60.59 22.90 67.31
C ASP B 99 -59.49 22.41 66.37
N THR B 100 -58.32 23.03 66.43
CA THR B 100 -57.19 22.56 65.62
C THR B 100 -56.67 21.21 66.10
N THR B 101 -56.73 20.96 67.42
CA THR B 101 -56.35 19.65 67.91
C THR B 101 -57.24 18.56 67.32
N LEU B 102 -58.56 18.81 67.31
CA LEU B 102 -59.47 17.88 66.66
C LEU B 102 -59.24 17.85 65.16
N PHE B 103 -58.78 18.96 64.58
CA PHE B 103 -58.48 19.00 63.14
C PHE B 103 -57.38 18.01 62.80
N ARG B 104 -56.28 18.02 63.55
CA ARG B 104 -55.26 16.98 63.35
C ARG B 104 -55.79 15.59 63.71
N SER B 105 -56.55 15.48 64.80
CA SER B 105 -56.94 14.15 65.29
C SER B 105 -57.91 13.44 64.36
N ILE B 106 -58.75 14.18 63.63
CA ILE B 106 -59.73 13.53 62.75
C ILE B 106 -59.05 12.89 61.55
N GLY B 107 -58.11 13.59 60.93
CA GLY B 107 -57.45 13.08 59.74
C GLY B 107 -57.17 14.17 58.71
N LEU B 108 -57.58 15.38 59.01
CA LEU B 108 -57.34 16.50 58.11
C LEU B 108 -56.00 17.17 58.42
N VAL B 109 -55.49 17.90 57.43
CA VAL B 109 -54.24 18.62 57.57
C VAL B 109 -54.30 19.85 56.67
N ARG B 110 -53.63 20.92 57.09
CA ARG B 110 -53.65 22.17 56.35
C ARG B 110 -53.03 21.99 54.97
N PHE B 111 -53.56 22.73 54.00
CA PHE B 111 -53.15 22.62 52.61
C PHE B 111 -52.21 23.78 52.28
N HIS B 112 -51.04 23.46 51.72
CA HIS B 112 -50.10 24.46 51.26
C HIS B 112 -49.61 24.06 49.87
N PRO B 113 -49.25 25.03 49.03
CA PRO B 113 -48.91 24.72 47.64
C PRO B 113 -47.44 24.36 47.42
N THR B 114 -46.70 24.07 48.48
CA THR B 114 -45.24 23.93 48.40
C THR B 114 -44.78 22.57 48.91
N GLY B 115 -45.35 21.48 48.41
CA GLY B 115 -44.90 20.16 48.80
C GLY B 115 -45.09 19.08 47.75
N THR B 116 -44.01 18.37 47.42
CA THR B 116 -44.14 17.20 46.54
C THR B 116 -44.83 16.06 47.27
N PHE B 117 -44.40 15.77 48.49
CA PHE B 117 -45.05 14.78 49.34
C PHE B 117 -45.92 15.45 50.41
N GLU B 118 -46.14 16.75 50.31
CA GLU B 118 -46.88 17.50 51.32
C GLU B 118 -48.16 18.13 50.77
N SER B 119 -48.08 18.79 49.61
CA SER B 119 -49.31 19.33 49.01
C SER B 119 -50.25 18.21 48.61
N THR B 120 -49.72 17.12 48.05
CA THR B 120 -50.54 15.94 47.79
C THR B 120 -51.02 15.32 49.10
N ARG B 121 -50.20 15.41 50.15
CA ARG B 121 -50.51 14.81 51.44
C ARG B 121 -51.80 15.36 52.05
N ALA B 122 -52.24 16.54 51.61
CA ALA B 122 -53.46 17.12 52.15
C ALA B 122 -54.68 16.28 51.83
N PHE B 123 -54.63 15.48 50.77
CA PHE B 123 -55.78 14.68 50.36
C PHE B 123 -55.40 13.25 50.00
N LEU B 124 -54.12 12.89 50.03
CA LEU B 124 -53.70 11.56 49.62
C LEU B 124 -54.31 10.43 50.45
N PRO B 125 -54.36 10.50 51.79
CA PRO B 125 -54.92 9.36 52.54
C PRO B 125 -56.33 9.00 52.14
N GLU B 126 -57.20 9.98 51.92
CA GLU B 126 -58.58 9.66 51.54
C GLU B 126 -58.64 9.14 50.10
N ILE B 127 -57.73 9.61 49.24
CA ILE B 127 -57.66 9.08 47.88
C ILE B 127 -57.28 7.60 47.91
N ILE B 128 -56.28 7.26 48.73
CA ILE B 128 -55.87 5.86 48.86
C ILE B 128 -57.00 5.03 49.48
N ALA B 129 -57.71 5.60 50.45
CA ALA B 129 -58.84 4.89 51.04
C ALA B 129 -59.93 4.62 50.00
N THR B 130 -60.25 5.60 49.17
CA THR B 130 -61.26 5.41 48.13
C THR B 130 -60.80 4.39 47.09
N SER B 131 -59.52 4.42 46.73
CA SER B 131 -59.00 3.42 45.80
C SER B 131 -59.10 2.02 46.38
N ALA B 132 -58.74 1.87 47.65
CA ALA B 132 -58.87 0.57 48.30
C ALA B 132 -60.32 0.13 48.36
N ALA B 133 -61.24 1.07 48.62
CA ALA B 133 -62.66 0.74 48.64
C ALA B 133 -63.13 0.25 47.27
N LEU B 134 -62.71 0.93 46.20
CA LEU B 134 -63.09 0.50 44.85
C LEU B 134 -62.52 -0.88 44.52
N LEU B 135 -61.27 -1.12 44.89
CA LEU B 135 -60.69 -2.44 44.67
C LEU B 135 -61.43 -3.51 45.45
N THR B 136 -61.84 -3.20 46.69
CA THR B 136 -62.62 -4.15 47.47
C THR B 136 -63.97 -4.42 46.80
N ILE B 137 -64.61 -3.38 46.26
CA ILE B 137 -65.86 -3.56 45.53
C ILE B 137 -65.66 -4.55 44.39
N ILE B 138 -64.62 -4.30 43.58
CA ILE B 138 -64.37 -5.15 42.42
C ILE B 138 -64.11 -6.58 42.86
N ILE B 139 -63.28 -6.77 43.89
CA ILE B 139 -62.87 -8.11 44.29
C ILE B 139 -64.04 -8.86 44.92
N VAL B 140 -64.87 -8.19 45.72
CA VAL B 140 -66.00 -8.88 46.34
C VAL B 140 -67.06 -9.22 45.29
N MET B 141 -67.26 -8.36 44.29
CA MET B 141 -68.20 -8.69 43.23
C MET B 141 -67.64 -9.69 42.23
N PHE B 142 -66.33 -9.90 42.20
CA PHE B 142 -65.72 -10.81 41.24
C PHE B 142 -65.42 -12.19 41.84
N LEU B 143 -65.19 -12.27 43.15
CA LEU B 143 -64.81 -13.53 43.77
C LEU B 143 -65.98 -14.51 43.90
N SER B 144 -67.21 -14.04 43.73
CA SER B 144 -68.37 -14.90 43.91
C SER B 144 -68.57 -15.84 42.72
N HIS B 145 -67.64 -16.77 42.53
CA HIS B 145 -67.74 -17.74 41.45
C HIS B 145 -66.87 -18.95 41.73
N SER B 179 -42.57 -35.31 53.31
CA SER B 179 -42.71 -34.08 54.08
C SER B 179 -41.64 -33.99 55.16
N ALA B 180 -40.66 -34.89 55.10
CA ALA B 180 -39.55 -34.86 56.05
C ALA B 180 -38.77 -33.57 55.94
N ILE B 181 -38.41 -33.18 54.72
CA ILE B 181 -37.78 -31.88 54.50
C ILE B 181 -38.76 -30.76 54.81
N GLY B 182 -40.04 -30.94 54.54
CA GLY B 182 -41.03 -29.95 54.92
C GLY B 182 -41.11 -29.75 56.42
N ASN B 183 -41.10 -30.86 57.18
CA ASN B 183 -41.12 -30.76 58.63
C ASN B 183 -39.84 -30.13 59.16
N SER B 184 -38.68 -30.47 58.57
CA SER B 184 -37.43 -29.86 58.99
C SER B 184 -37.45 -28.35 58.72
N LEU B 185 -37.96 -27.93 57.58
CA LEU B 185 -38.07 -26.52 57.27
C LEU B 185 -39.07 -25.82 58.19
N ARG B 186 -40.16 -26.50 58.55
CA ARG B 186 -41.11 -25.91 59.49
C ARG B 186 -40.48 -25.70 60.85
N ARG B 187 -39.71 -26.67 61.33
CA ARG B 187 -39.01 -26.47 62.60
C ARG B 187 -37.93 -25.41 62.49
N LEU B 188 -37.27 -25.31 61.33
CA LEU B 188 -36.27 -24.26 61.14
C LEU B 188 -36.91 -22.89 61.14
N THR B 189 -38.07 -22.73 60.52
CA THR B 189 -38.74 -21.44 60.53
C THR B 189 -39.35 -21.14 61.90
N ASN B 190 -39.76 -22.16 62.65
CA ASN B 190 -40.12 -21.94 64.05
C ASN B 190 -38.92 -21.44 64.85
N PHE B 191 -37.74 -22.01 64.59
CA PHE B 191 -36.53 -21.55 65.28
C PHE B 191 -36.18 -20.12 64.90
N VAL B 192 -36.34 -19.76 63.62
CA VAL B 192 -36.01 -18.39 63.25
C VAL B 192 -37.07 -17.42 63.76
N LEU B 193 -38.32 -17.89 63.93
CA LEU B 193 -39.32 -17.07 64.59
C LEU B 193 -38.99 -16.89 66.08
N PHE B 194 -38.43 -17.92 66.70
CA PHE B 194 -37.91 -17.81 68.06
C PHE B 194 -36.80 -16.75 68.13
N LEU B 195 -35.87 -16.80 67.18
CA LEU B 195 -34.82 -15.79 67.09
C LEU B 195 -35.40 -14.41 66.81
N PHE B 196 -36.51 -14.34 66.06
CA PHE B 196 -37.13 -13.05 65.78
C PHE B 196 -37.83 -12.50 67.01
N THR B 197 -38.45 -13.36 67.82
CA THR B 197 -38.94 -12.92 69.12
C THR B 197 -37.81 -12.34 69.95
N ALA B 198 -36.67 -13.04 69.98
CA ALA B 198 -35.51 -12.51 70.69
C ALA B 198 -35.10 -11.15 70.13
N TYR B 199 -35.01 -11.03 68.80
CA TYR B 199 -34.52 -9.81 68.19
C TYR B 199 -35.46 -8.63 68.43
N VAL B 200 -36.77 -8.85 68.31
CA VAL B 200 -37.71 -7.76 68.55
C VAL B 200 -37.77 -7.40 70.04
N GLY B 201 -37.44 -8.35 70.92
CA GLY B 201 -37.20 -7.97 72.30
C GLY B 201 -35.94 -7.14 72.45
N ILE B 202 -34.92 -7.44 71.65
CA ILE B 202 -33.63 -6.75 71.76
C ILE B 202 -33.75 -5.30 71.28
N VAL B 203 -34.49 -5.09 70.19
CA VAL B 203 -34.45 -3.81 69.48
C VAL B 203 -34.92 -2.67 70.38
N LYS B 204 -35.94 -2.91 71.21
CA LYS B 204 -36.41 -1.93 72.18
C LYS B 204 -36.53 -2.60 73.55
N PRO B 205 -35.46 -2.62 74.32
CA PRO B 205 -35.53 -3.18 75.67
C PRO B 205 -36.33 -2.28 76.60
N SER B 206 -37.56 -2.70 76.90
CA SER B 206 -38.49 -1.92 77.70
C SER B 206 -39.70 -2.81 77.99
N LEU B 207 -40.65 -2.27 78.75
CA LEU B 207 -41.84 -3.04 79.12
C LEU B 207 -42.68 -3.37 77.89
N SER B 208 -42.52 -2.63 76.79
CA SER B 208 -43.18 -3.03 75.55
C SER B 208 -42.64 -4.35 75.04
N ASN B 209 -41.35 -4.60 75.21
CA ASN B 209 -40.75 -5.87 74.82
C ASN B 209 -40.30 -6.70 76.02
N SER B 210 -40.52 -6.23 77.25
CA SER B 210 -40.21 -7.05 78.41
C SER B 210 -41.08 -8.30 78.44
N ILE B 211 -42.37 -8.16 78.12
CA ILE B 211 -43.24 -9.33 78.04
C ILE B 211 -42.83 -10.23 76.87
N TYR B 212 -42.31 -9.63 75.80
CA TYR B 212 -41.78 -10.44 74.69
C TYR B 212 -40.63 -11.30 75.18
N PHE B 213 -39.70 -10.70 75.92
CA PHE B 213 -38.56 -11.45 76.43
C PHE B 213 -38.98 -12.48 77.47
N LEU B 214 -40.00 -12.15 78.28
CA LEU B 214 -40.49 -13.11 79.27
C LEU B 214 -41.13 -14.33 78.59
N ALA B 215 -41.95 -14.10 77.57
CA ALA B 215 -42.51 -15.22 76.81
C ALA B 215 -41.41 -16.00 76.12
N PHE B 216 -40.42 -15.28 75.57
CA PHE B 216 -39.25 -15.93 74.97
C PHE B 216 -38.58 -16.89 75.94
N LEU B 217 -38.26 -16.40 77.14
CA LEU B 217 -37.56 -17.24 78.11
C LEU B 217 -38.44 -18.37 78.61
N PHE B 218 -39.74 -18.13 78.79
CA PHE B 218 -40.63 -19.17 79.27
C PHE B 218 -40.75 -20.30 78.26
N ILE B 219 -41.01 -19.96 77.00
CA ILE B 219 -41.12 -21.01 75.98
C ILE B 219 -39.77 -21.68 75.77
N SER B 220 -38.67 -20.94 75.92
CA SER B 220 -37.35 -21.54 75.74
C SER B 220 -37.05 -22.55 76.85
N THR B 221 -37.43 -22.23 78.09
CA THR B 221 -37.22 -23.16 79.18
C THR B 221 -38.13 -24.38 79.05
N TRP B 222 -39.38 -24.18 78.62
CA TRP B 222 -40.25 -25.32 78.39
C TRP B 222 -39.71 -26.22 77.28
N TRP B 223 -39.20 -25.62 76.21
CA TRP B 223 -38.62 -26.39 75.11
C TRP B 223 -37.29 -27.02 75.52
N SER B 224 -36.63 -26.45 76.54
CA SER B 224 -35.34 -26.97 76.98
C SER B 224 -35.49 -28.24 77.79
N THR B 225 -36.60 -28.39 78.52
CA THR B 225 -36.85 -29.62 79.27
C THR B 225 -37.10 -30.80 78.36
N TYR B 226 -37.25 -30.57 77.06
CA TYR B 226 -37.46 -31.63 76.05
C TYR B 226 -38.81 -32.31 76.27
N THR B 227 -39.65 -31.69 77.08
CA THR B 227 -41.03 -32.12 77.25
C THR B 227 -41.84 -31.60 76.07
N PRO B 228 -42.50 -32.47 75.30
CA PRO B 228 -43.25 -31.98 74.13
C PRO B 228 -44.38 -31.05 74.55
N LEU B 229 -44.25 -29.77 74.22
CA LEU B 229 -45.24 -28.78 74.61
C LEU B 229 -46.50 -28.97 73.77
N ARG B 230 -47.65 -29.02 74.44
CA ARG B 230 -48.91 -29.30 73.76
C ARG B 230 -49.24 -28.21 72.75
N HIS B 231 -49.85 -28.62 71.63
CA HIS B 231 -50.24 -27.66 70.61
C HIS B 231 -51.28 -26.67 71.13
N GLY B 232 -52.05 -27.05 72.15
CA GLY B 232 -52.95 -26.08 72.78
C GLY B 232 -52.20 -24.97 73.48
N VAL B 233 -51.14 -25.32 74.22
CA VAL B 233 -50.32 -24.31 74.88
C VAL B 233 -49.60 -23.45 73.85
N TYR B 234 -49.13 -24.07 72.76
CA TYR B 234 -48.47 -23.31 71.69
C TYR B 234 -49.45 -22.34 71.05
N ASN B 235 -50.69 -22.77 70.82
CA ASN B 235 -51.70 -21.90 70.26
C ASN B 235 -52.05 -20.76 71.22
N GLN B 236 -52.12 -21.06 72.52
CA GLN B 236 -52.39 -20.02 73.50
C GLN B 236 -51.26 -18.98 73.53
N ILE B 237 -50.01 -19.45 73.47
CA ILE B 237 -48.87 -18.54 73.44
C ILE B 237 -48.92 -17.67 72.19
N LYS B 238 -49.23 -18.27 71.04
CA LYS B 238 -49.35 -17.50 69.81
C LYS B 238 -50.46 -16.47 69.89
N LYS B 239 -51.61 -16.85 70.47
CA LYS B 239 -52.73 -15.92 70.60
C LYS B 239 -52.38 -14.75 71.51
N PHE B 240 -51.72 -15.04 72.64
CA PHE B 240 -51.29 -13.97 73.52
C PHE B 240 -50.28 -13.06 72.83
N LEU B 241 -49.36 -13.65 72.07
CA LEU B 241 -48.37 -12.84 71.33
C LEU B 241 -49.06 -11.94 70.32
N ILE B 242 -50.03 -12.47 69.57
CA ILE B 242 -50.73 -11.67 68.57
C ILE B 242 -51.53 -10.56 69.23
N PHE B 243 -52.22 -10.86 70.33
CA PHE B 243 -53.01 -9.84 71.02
C PHE B 243 -52.12 -8.73 71.55
N TYR B 244 -51.02 -9.08 72.21
CA TYR B 244 -50.15 -8.05 72.76
C TYR B 244 -49.41 -7.31 71.66
N SER B 245 -49.15 -7.96 70.53
CA SER B 245 -48.54 -7.26 69.40
C SER B 245 -49.51 -6.25 68.81
N ALA B 246 -50.80 -6.60 68.69
CA ALA B 246 -51.79 -5.65 68.24
C ALA B 246 -51.90 -4.47 69.19
N LEU B 247 -51.88 -4.75 70.49
CA LEU B 247 -51.87 -3.66 71.48
C LEU B 247 -50.62 -2.81 71.33
N HIS B 248 -49.49 -3.43 71.01
CA HIS B 248 -48.23 -2.71 70.84
C HIS B 248 -48.30 -1.77 69.65
N PHE B 249 -48.79 -2.26 68.51
CA PHE B 249 -49.02 -1.39 67.36
C PHE B 249 -49.94 -0.24 67.73
N LEU B 250 -51.05 -0.56 68.41
CA LEU B 250 -52.02 0.47 68.77
C LEU B 250 -51.37 1.56 69.60
N VAL B 251 -50.67 1.18 70.68
CA VAL B 251 -50.10 2.18 71.56
C VAL B 251 -48.98 2.96 70.85
N LEU B 252 -48.12 2.27 70.10
CA LEU B 252 -46.99 2.95 69.48
C LEU B 252 -47.46 3.96 68.45
N TYR B 253 -48.49 3.62 67.67
CA TYR B 253 -48.86 4.54 66.62
C TYR B 253 -49.84 5.60 67.10
N THR B 254 -50.83 5.23 67.92
CA THR B 254 -51.72 6.24 68.48
C THR B 254 -50.95 7.23 69.34
N TYR B 255 -49.81 6.78 69.91
CA TYR B 255 -48.93 7.72 70.58
C TYR B 255 -48.10 8.54 69.60
N GLN B 256 -47.92 8.05 68.37
CA GLN B 256 -47.21 8.81 67.36
C GLN B 256 -48.03 9.99 66.83
N ILE B 257 -49.31 10.04 67.17
CA ILE B 257 -50.13 11.20 66.77
C ILE B 257 -49.58 12.45 67.46
N PRO B 258 -49.44 13.58 66.75
CA PRO B 258 -48.85 14.76 67.39
C PRO B 258 -49.57 15.21 68.65
N ILE B 259 -50.90 15.10 68.67
CA ILE B 259 -51.67 15.63 69.81
C ILE B 259 -51.40 14.81 71.07
N VAL B 260 -51.23 13.49 70.94
CA VAL B 260 -51.09 12.65 72.12
C VAL B 260 -49.82 12.99 72.87
N HIS B 261 -48.68 13.02 72.17
CA HIS B 261 -47.41 13.33 72.81
C HIS B 261 -47.29 14.80 73.20
N HIS B 262 -48.03 15.69 72.51
CA HIS B 262 -47.99 17.10 72.85
C HIS B 262 -48.76 17.39 74.14
N SER B 263 -49.91 16.74 74.31
CA SER B 263 -50.84 17.09 75.38
C SER B 263 -50.83 16.08 76.53
N TRP B 264 -51.09 14.80 76.23
CA TRP B 264 -51.30 13.84 77.31
C TRP B 264 -50.02 13.60 78.10
N LEU B 265 -48.90 13.40 77.42
CA LEU B 265 -47.61 13.25 78.08
C LEU B 265 -46.48 13.47 77.08
N PRO B 266 -45.41 14.15 77.48
CA PRO B 266 -44.36 14.51 76.51
C PRO B 266 -43.60 13.29 76.02
N THR B 267 -43.00 13.44 74.84
CA THR B 267 -42.19 12.37 74.27
C THR B 267 -40.97 12.09 75.15
N GLY B 268 -40.70 10.81 75.39
CA GLY B 268 -39.59 10.42 76.23
C GLY B 268 -39.76 10.80 77.69
N SER B 269 -40.99 10.75 78.20
CA SER B 269 -41.25 11.02 79.60
C SER B 269 -41.16 9.70 80.39
N PHE B 270 -41.66 9.69 81.63
CA PHE B 270 -41.49 8.52 82.49
C PHE B 270 -42.05 7.25 81.85
N LEU B 271 -43.30 7.31 81.39
CA LEU B 271 -43.89 6.12 80.76
C LEU B 271 -43.19 5.73 79.47
N PRO B 272 -42.91 6.64 78.53
CA PRO B 272 -42.09 6.24 77.37
C PRO B 272 -40.73 5.71 77.73
N ARG B 273 -40.11 6.24 78.78
CA ARG B 273 -38.80 5.75 79.19
C ARG B 273 -38.91 4.37 79.82
N LEU B 274 -40.06 4.06 80.42
CA LEU B 274 -40.26 2.79 81.11
C LEU B 274 -40.91 1.74 80.20
N PHE B 275 -42.10 2.01 79.70
CA PHE B 275 -42.79 1.03 78.86
C PHE B 275 -42.17 0.98 77.47
N GLY B 276 -41.77 2.14 76.94
CA GLY B 276 -41.17 2.23 75.62
C GLY B 276 -42.09 2.88 74.62
N LEU B 277 -41.90 4.18 74.40
CA LEU B 277 -42.75 4.94 73.47
C LEU B 277 -41.86 5.95 72.78
N THR B 278 -41.65 5.78 71.47
CA THR B 278 -40.82 6.69 70.69
C THR B 278 -41.62 7.21 69.52
N VAL B 279 -41.59 8.53 69.31
CA VAL B 279 -42.27 9.15 68.18
C VAL B 279 -41.28 9.32 67.04
N LEU B 280 -41.63 8.81 65.86
CA LEU B 280 -40.75 8.82 64.71
C LEU B 280 -40.86 10.12 63.91
N MET B 281 -42.06 10.44 63.43
CA MET B 281 -42.26 11.59 62.55
C MET B 281 -43.03 12.66 63.31
N ASP B 282 -42.47 13.88 63.35
CA ASP B 282 -43.15 15.03 63.93
C ASP B 282 -43.26 16.21 62.97
N SER B 283 -42.68 16.12 61.78
CA SER B 283 -42.79 17.19 60.80
C SER B 283 -44.23 17.28 60.29
N SER B 284 -44.77 18.50 60.30
CA SER B 284 -46.14 18.75 59.88
C SER B 284 -46.14 19.85 58.83
N CYS B 285 -47.35 20.24 58.40
CA CYS B 285 -47.49 21.30 57.43
C CYS B 285 -47.11 22.63 58.06
N PRO B 286 -46.69 23.62 57.24
CA PRO B 286 -46.35 24.95 57.76
C PRO B 286 -47.38 25.51 58.71
N GLU B 287 -46.97 25.74 59.96
CA GLU B 287 -47.87 26.25 60.99
C GLU B 287 -47.99 27.77 60.90
N ASP B 297 -36.63 13.85 63.19
CA ASP B 297 -37.50 14.70 64.00
C ASP B 297 -37.74 14.07 65.36
N PHE B 298 -36.87 13.14 65.75
CA PHE B 298 -37.00 12.40 67.00
C PHE B 298 -35.81 12.68 67.90
N ASN B 299 -36.09 13.02 69.16
CA ASN B 299 -35.08 13.21 70.20
C ASN B 299 -33.91 14.08 69.73
N ASP B 300 -32.79 13.44 69.43
CA ASP B 300 -31.59 14.13 68.98
C ASP B 300 -30.87 13.25 67.95
N ASP B 301 -30.03 13.89 67.14
CA ASP B 301 -29.27 13.19 66.11
C ASP B 301 -27.78 13.21 66.42
N ASP B 302 -27.41 13.03 67.68
CA ASP B 302 -26.00 12.94 68.05
C ASP B 302 -25.35 11.74 67.37
N LEU B 303 -26.04 10.61 67.34
CA LEU B 303 -25.61 9.44 66.58
C LEU B 303 -26.49 9.35 65.35
N ILE B 304 -25.88 9.37 64.16
CA ILE B 304 -26.64 9.50 62.92
C ILE B 304 -27.46 8.24 62.65
N MET B 305 -26.87 7.06 62.89
CA MET B 305 -27.51 5.81 62.51
C MET B 305 -28.84 5.59 63.21
N LYS B 306 -28.81 5.40 64.53
CA LYS B 306 -30.00 5.12 65.33
C LYS B 306 -30.85 4.03 64.68
N TRP B 307 -30.20 2.93 64.31
CA TRP B 307 -30.89 1.86 63.58
C TRP B 307 -32.04 1.24 64.35
N PRO B 308 -31.91 0.86 65.63
CA PRO B 308 -33.06 0.24 66.31
C PRO B 308 -34.30 1.12 66.36
N LEU B 309 -34.12 2.41 66.62
CA LEU B 309 -35.27 3.30 66.78
C LEU B 309 -36.03 3.45 65.46
N TYR B 310 -35.31 3.59 64.35
CA TYR B 310 -35.97 3.70 63.05
C TYR B 310 -36.50 2.35 62.58
N ALA B 311 -35.91 1.26 63.02
CA ALA B 311 -36.28 -0.06 62.53
C ALA B 311 -37.38 -0.72 63.33
N ASN B 312 -37.69 -0.21 64.53
CA ASN B 312 -38.74 -0.80 65.35
C ASN B 312 -40.05 -1.01 64.62
N PRO B 313 -40.64 -0.01 63.93
CA PRO B 313 -41.94 -0.25 63.28
C PRO B 313 -41.90 -1.37 62.25
N ILE B 314 -40.97 -1.31 61.30
CA ILE B 314 -40.93 -2.29 60.23
C ILE B 314 -40.56 -3.67 60.75
N VAL B 315 -39.62 -3.75 61.70
CA VAL B 315 -39.22 -5.04 62.25
C VAL B 315 -40.39 -5.69 62.97
N VAL B 316 -41.11 -4.92 63.80
CA VAL B 316 -42.24 -5.51 64.51
C VAL B 316 -43.38 -5.82 63.54
N LEU B 317 -43.52 -5.06 62.47
CA LEU B 317 -44.55 -5.36 61.46
C LEU B 317 -44.26 -6.68 60.75
N VAL B 318 -43.02 -6.87 60.31
CA VAL B 318 -42.68 -8.14 59.65
C VAL B 318 -42.73 -9.29 60.65
N PHE B 319 -42.45 -9.02 61.93
CA PHE B 319 -42.66 -10.01 62.96
C PHE B 319 -44.12 -10.43 63.04
N PHE B 320 -45.03 -9.45 63.08
CA PHE B 320 -46.47 -9.74 63.06
C PHE B 320 -46.85 -10.58 61.86
N TYR B 321 -46.36 -10.20 60.68
CA TYR B 321 -46.71 -10.92 59.46
C TYR B 321 -46.20 -12.36 59.50
N LEU B 322 -44.95 -12.55 59.93
CA LEU B 322 -44.41 -13.90 60.01
C LEU B 322 -45.17 -14.75 61.02
N THR B 323 -45.52 -14.17 62.18
CA THR B 323 -46.25 -14.92 63.19
C THR B 323 -47.63 -15.32 62.71
N VAL B 324 -48.35 -14.41 62.05
CA VAL B 324 -49.69 -14.74 61.58
C VAL B 324 -49.61 -15.77 60.45
N ALA B 325 -48.58 -15.65 59.60
CA ALA B 325 -48.39 -16.65 58.55
C ALA B 325 -48.09 -18.02 59.14
N GLN B 326 -47.26 -18.08 60.18
CA GLN B 326 -46.94 -19.36 60.81
C GLN B 326 -48.15 -19.94 61.51
N TYR B 327 -48.97 -19.09 62.13
CA TYR B 327 -50.23 -19.54 62.71
C TYR B 327 -51.15 -20.13 61.65
N LYS B 328 -51.26 -19.46 60.51
CA LYS B 328 -52.08 -19.97 59.43
C LYS B 328 -51.49 -21.25 58.84
N PHE B 329 -50.17 -21.30 58.70
CA PHE B 329 -49.49 -22.48 58.15
C PHE B 329 -49.61 -23.67 59.09
N SER B 449 -21.11 -43.71 50.09
CA SER B 449 -21.48 -42.96 51.29
C SER B 449 -20.66 -43.42 52.48
N ALA B 450 -20.80 -42.71 53.60
CA ALA B 450 -20.09 -43.02 54.84
C ALA B 450 -20.93 -43.87 55.79
N ALA B 451 -22.12 -44.29 55.37
CA ALA B 451 -23.00 -45.14 56.16
C ALA B 451 -23.42 -44.45 57.47
N SER B 452 -24.19 -45.16 58.30
CA SER B 452 -24.65 -44.59 59.56
C SER B 452 -23.50 -44.35 60.54
N LYS B 453 -22.38 -45.05 60.36
CA LYS B 453 -21.27 -44.93 61.31
C LYS B 453 -20.72 -43.51 61.34
N GLY B 454 -20.64 -42.85 60.18
CA GLY B 454 -20.14 -41.50 60.09
C GLY B 454 -20.85 -40.52 61.00
N MET B 455 -22.13 -40.25 60.73
CA MET B 455 -22.82 -39.26 61.55
C MET B 455 -23.21 -39.80 62.92
N ILE B 456 -23.22 -41.13 63.14
CA ILE B 456 -23.43 -41.58 64.51
C ILE B 456 -22.20 -41.25 65.37
N ALA B 457 -20.99 -41.42 64.80
CA ALA B 457 -19.79 -40.98 65.50
C ALA B 457 -19.74 -39.47 65.63
N VAL B 458 -20.22 -38.74 64.62
CA VAL B 458 -20.30 -37.28 64.72
C VAL B 458 -21.19 -36.88 65.89
N MET B 459 -22.35 -37.51 66.02
CA MET B 459 -23.27 -37.16 67.10
C MET B 459 -22.73 -37.61 68.45
N THR B 460 -21.99 -38.72 68.48
CA THR B 460 -21.32 -39.13 69.71
C THR B 460 -20.30 -38.10 70.16
N PHE B 461 -19.49 -37.61 69.22
CA PHE B 461 -18.55 -36.54 69.56
C PHE B 461 -19.30 -35.26 69.97
N VAL B 462 -20.44 -34.99 69.34
CA VAL B 462 -21.22 -33.81 69.70
C VAL B 462 -21.71 -33.91 71.15
N ILE B 463 -22.24 -35.07 71.53
CA ILE B 463 -22.74 -35.23 72.89
C ILE B 463 -21.62 -35.38 73.91
N PHE B 464 -20.41 -35.73 73.47
CA PHE B 464 -19.26 -35.79 74.37
C PHE B 464 -18.53 -34.46 74.49
N HIS B 465 -18.75 -33.52 73.58
CA HIS B 465 -18.10 -32.22 73.63
C HIS B 465 -19.07 -31.05 73.68
N SER B 466 -20.37 -31.31 73.89
CA SER B 466 -21.33 -30.23 73.99
C SER B 466 -21.05 -29.34 75.18
N TYR B 467 -20.77 -29.94 76.35
CA TYR B 467 -20.43 -29.12 77.51
C TYR B 467 -19.13 -28.36 77.29
N SER B 468 -18.16 -28.98 76.60
CA SER B 468 -16.90 -28.29 76.32
C SER B 468 -17.11 -27.07 75.43
N ILE B 469 -17.88 -27.22 74.35
CA ILE B 469 -18.08 -26.11 73.43
C ILE B 469 -18.94 -25.03 74.09
N ALA B 470 -19.94 -25.43 74.88
CA ALA B 470 -20.75 -24.45 75.59
C ALA B 470 -19.92 -23.70 76.61
N LEU B 471 -18.99 -24.38 77.28
CA LEU B 471 -18.16 -23.72 78.28
C LEU B 471 -17.16 -22.78 77.61
N THR B 472 -16.65 -23.16 76.44
CA THR B 472 -15.76 -22.26 75.70
C THR B 472 -16.52 -21.00 75.25
N ALA B 473 -17.76 -21.17 74.78
CA ALA B 473 -18.59 -20.01 74.49
C ALA B 473 -18.85 -19.19 75.75
N MET B 474 -18.95 -19.87 76.89
CA MET B 474 -19.19 -19.18 78.16
C MET B 474 -17.98 -18.30 78.50
N MET B 475 -16.78 -18.83 78.29
CA MET B 475 -15.56 -18.01 78.38
C MET B 475 -15.67 -16.83 77.42
N THR B 476 -16.05 -17.08 76.17
CA THR B 476 -16.19 -16.01 75.18
C THR B 476 -17.08 -14.90 75.70
N TRP B 477 -18.17 -15.27 76.39
CA TRP B 477 -18.98 -14.29 77.08
C TRP B 477 -18.15 -13.55 78.13
N ALA B 478 -17.34 -14.28 78.90
CA ALA B 478 -16.48 -13.63 79.88
C ALA B 478 -15.49 -12.68 79.24
N LEU B 479 -14.97 -13.00 78.04
CA LEU B 479 -14.09 -12.06 77.33
C LEU B 479 -14.84 -10.81 76.90
N LEU B 480 -15.97 -10.97 76.23
CA LEU B 480 -16.72 -9.84 75.68
C LEU B 480 -17.23 -8.89 76.76
N TYR B 481 -17.72 -9.43 77.87
CA TYR B 481 -18.43 -8.62 78.86
C TYR B 481 -17.69 -8.67 80.19
N HIS B 482 -17.62 -7.54 80.86
CA HIS B 482 -16.84 -7.39 82.09
C HIS B 482 -17.78 -7.21 83.28
N SER B 483 -17.61 -8.07 84.29
CA SER B 483 -18.36 -7.99 85.53
C SER B 483 -17.68 -8.88 86.56
N ILE B 484 -17.88 -8.55 87.83
CA ILE B 484 -17.56 -9.51 88.88
C ILE B 484 -18.47 -10.71 88.76
N PHE B 485 -19.68 -10.52 88.24
CA PHE B 485 -20.44 -11.66 87.74
C PHE B 485 -19.63 -12.44 86.71
N GLY B 486 -19.00 -11.74 85.77
CA GLY B 486 -18.12 -12.41 84.82
C GLY B 486 -16.96 -13.11 85.50
N LEU B 487 -16.46 -12.53 86.60
CA LEU B 487 -15.48 -13.22 87.41
C LEU B 487 -16.06 -14.50 87.99
N ILE B 488 -17.30 -14.44 88.47
CA ILE B 488 -17.98 -15.66 88.90
C ILE B 488 -18.11 -16.63 87.74
N LEU B 489 -18.41 -16.11 86.54
CA LEU B 489 -18.51 -16.97 85.37
C LEU B 489 -17.21 -17.72 85.12
N LEU B 490 -16.08 -17.02 85.19
CA LEU B 490 -14.80 -17.67 84.90
C LEU B 490 -14.38 -18.63 86.01
N ILE B 491 -14.69 -18.29 87.27
CA ILE B 491 -14.32 -19.23 88.34
C ILE B 491 -15.16 -20.49 88.27
N LEU B 492 -16.46 -20.36 87.95
CA LEU B 492 -17.27 -21.55 87.72
C LEU B 492 -16.78 -22.31 86.50
N THR B 493 -16.32 -21.60 85.46
CA THR B 493 -15.76 -22.23 84.29
C THR B 493 -14.56 -23.10 84.64
N CYS B 494 -13.62 -22.53 85.40
CA CYS B 494 -12.43 -23.30 85.74
C CYS B 494 -12.75 -24.43 86.72
N ILE B 495 -13.73 -24.23 87.60
CA ILE B 495 -14.16 -25.32 88.48
C ILE B 495 -14.73 -26.48 87.66
N LEU B 496 -15.55 -26.16 86.66
CA LEU B 496 -16.12 -27.20 85.82
C LEU B 496 -15.10 -27.85 84.91
N TRP B 497 -14.06 -27.12 84.51
CA TRP B 497 -13.06 -27.65 83.58
C TRP B 497 -11.77 -28.07 84.27
N ILE B 498 -11.75 -28.15 85.60
CA ILE B 498 -10.57 -28.57 86.34
C ILE B 498 -10.62 -30.03 86.77
N PHE B 499 -11.81 -30.60 86.95
CA PHE B 499 -11.97 -31.93 87.51
C PHE B 499 -12.11 -32.97 86.38
N ARG B 500 -12.08 -34.25 86.78
CA ARG B 500 -12.25 -35.36 85.87
C ARG B 500 -13.70 -35.57 85.44
N ASP B 501 -14.66 -35.11 86.26
CA ASP B 501 -16.07 -35.41 86.03
C ASP B 501 -16.76 -34.28 85.25
N THR B 502 -16.04 -33.69 84.29
CA THR B 502 -16.57 -32.57 83.52
C THR B 502 -17.97 -32.83 82.98
N ARG B 503 -18.15 -33.98 82.32
CA ARG B 503 -19.49 -34.35 81.85
C ARG B 503 -20.46 -34.50 83.00
N LYS B 504 -20.03 -35.20 84.07
CA LYS B 504 -20.90 -35.38 85.22
C LYS B 504 -21.11 -34.06 85.97
N SER B 505 -20.08 -33.22 86.02
CA SER B 505 -20.22 -31.92 86.67
C SER B 505 -21.26 -31.07 85.96
N SER B 506 -21.20 -31.03 84.63
CA SER B 506 -22.24 -30.33 83.86
C SER B 506 -23.60 -30.97 84.08
N PHE B 507 -23.65 -32.30 84.04
CA PHE B 507 -24.90 -33.03 84.28
C PHE B 507 -25.54 -32.65 85.61
N ALA B 508 -24.71 -32.42 86.64
CA ALA B 508 -25.23 -32.12 87.96
C ALA B 508 -25.54 -30.65 88.18
N MET B 509 -24.71 -29.73 87.67
CA MET B 509 -24.89 -28.30 87.93
C MET B 509 -25.43 -27.54 86.72
N ALA B 510 -26.04 -28.22 85.75
CA ALA B 510 -26.68 -27.51 84.65
C ALA B 510 -27.83 -26.60 85.09
N PRO B 511 -28.76 -27.01 85.96
CA PRO B 511 -29.81 -26.07 86.39
C PRO B 511 -29.25 -24.82 87.07
N ILE B 512 -28.18 -24.98 87.87
CA ILE B 512 -27.63 -23.84 88.59
C ILE B 512 -27.02 -22.84 87.63
N ILE B 513 -26.23 -23.32 86.65
CA ILE B 513 -25.62 -22.42 85.70
C ILE B 513 -26.67 -21.78 84.80
N LEU B 514 -27.74 -22.53 84.48
CA LEU B 514 -28.84 -21.92 83.73
C LEU B 514 -29.50 -20.79 84.51
N MET B 515 -29.75 -21.03 85.81
CA MET B 515 -30.36 -19.98 86.62
C MET B 515 -29.45 -18.76 86.67
N TYR B 516 -28.14 -18.98 86.85
CA TYR B 516 -27.20 -17.85 86.91
C TYR B 516 -27.18 -17.08 85.60
N ILE B 517 -27.12 -17.78 84.47
CA ILE B 517 -27.01 -17.08 83.19
C ILE B 517 -28.31 -16.36 82.86
N GLU B 518 -29.45 -16.97 83.18
CA GLU B 518 -30.73 -16.29 82.93
C GLU B 518 -30.88 -15.07 83.83
N PHE B 519 -30.41 -15.16 85.08
CA PHE B 519 -30.41 -13.99 85.95
C PHE B 519 -29.51 -12.91 85.38
N LEU B 520 -28.35 -13.29 84.82
CA LEU B 520 -27.47 -12.31 84.20
C LEU B 520 -28.12 -11.67 82.98
N LEU B 521 -28.83 -12.47 82.16
CA LEU B 521 -29.59 -11.92 81.04
C LEU B 521 -30.60 -10.89 81.51
N ILE B 522 -31.40 -11.25 82.51
CA ILE B 522 -32.44 -10.32 82.95
C ILE B 522 -31.82 -9.10 83.63
N LEU B 523 -30.66 -9.27 84.27
CA LEU B 523 -30.00 -8.14 84.94
C LEU B 523 -29.43 -7.17 83.93
N GLN B 524 -28.77 -7.66 82.89
CA GLN B 524 -28.27 -6.76 81.84
C GLN B 524 -29.42 -6.18 81.03
N TYR B 525 -30.53 -6.90 80.93
CA TYR B 525 -31.72 -6.35 80.30
C TYR B 525 -32.27 -5.17 81.10
N PHE B 526 -32.45 -5.36 82.41
CA PHE B 526 -32.83 -4.27 83.30
C PHE B 526 -31.85 -3.11 83.21
N LEU B 527 -30.56 -3.42 83.12
CA LEU B 527 -29.57 -2.37 82.98
C LEU B 527 -29.66 -1.72 81.60
N SER B 528 -30.16 -2.44 80.60
CA SER B 528 -30.32 -1.92 79.25
C SER B 528 -31.75 -1.47 78.93
N MET B 529 -32.65 -1.42 79.92
CA MET B 529 -33.96 -0.82 79.71
C MET B 529 -33.86 0.55 79.06
N ASP B 530 -34.97 0.96 78.46
CA ASP B 530 -35.09 2.31 77.92
C ASP B 530 -34.99 3.36 79.00
N ILE B 531 -35.16 2.97 80.27
CA ILE B 531 -34.99 3.91 81.36
C ILE B 531 -33.53 4.39 81.40
N HIS B 532 -33.36 5.64 81.83
CA HIS B 532 -32.01 6.21 81.96
C HIS B 532 -32.04 7.21 83.11
N ALA B 533 -31.10 7.05 84.03
CA ALA B 533 -30.95 7.94 85.19
C ALA B 533 -32.14 7.87 86.14
N GLU B 534 -33.10 6.98 85.86
CA GLU B 534 -34.22 6.81 86.76
C GLU B 534 -33.80 6.08 88.03
N ILE B 535 -32.95 5.06 87.88
CA ILE B 535 -32.46 4.32 89.05
C ILE B 535 -31.25 5.02 89.65
N GLY B 536 -30.53 5.80 88.85
CA GLY B 536 -29.32 6.45 89.31
C GLY B 536 -28.09 5.62 89.02
N ASP B 537 -27.12 5.62 89.93
CA ASP B 537 -25.93 4.78 89.87
C ASP B 537 -25.70 4.13 91.23
N PRO B 538 -26.46 3.07 91.54
CA PRO B 538 -26.36 2.47 92.88
C PRO B 538 -25.07 1.70 93.11
N ALA B 539 -24.97 1.05 94.26
CA ALA B 539 -23.73 0.35 94.64
C ALA B 539 -23.39 -0.78 93.69
N TRP B 540 -24.35 -1.31 92.94
CA TRP B 540 -24.09 -2.36 91.97
C TRP B 540 -23.46 -1.84 90.69
N MET B 541 -23.30 -0.53 90.54
CA MET B 541 -22.67 0.05 89.36
C MET B 541 -21.20 0.39 89.59
N ASN B 542 -20.90 1.21 90.59
CA ASN B 542 -19.52 1.64 90.81
C ASN B 542 -18.61 0.45 91.14
N PHE B 543 -19.10 -0.47 91.96
CA PHE B 543 -18.28 -1.61 92.36
C PHE B 543 -18.20 -2.65 91.25
N VAL B 544 -19.29 -2.86 90.52
CA VAL B 544 -19.36 -3.98 89.58
C VAL B 544 -18.99 -3.55 88.16
N GLY B 545 -19.72 -2.61 87.58
CA GLY B 545 -19.27 -1.99 86.35
C GLY B 545 -19.67 -2.62 85.01
N ILE B 546 -20.96 -2.74 84.74
CA ILE B 546 -21.46 -3.03 83.40
C ILE B 546 -22.09 -1.76 82.85
N GLU B 547 -21.83 -1.46 81.58
CA GLU B 547 -22.28 -0.21 80.99
C GLU B 547 -23.80 -0.13 80.92
N TRP B 548 -24.31 1.09 81.07
CA TRP B 548 -25.73 1.41 80.94
C TRP B 548 -26.25 1.30 79.50
N THR B 549 -25.37 1.14 78.52
CA THR B 549 -25.76 1.06 77.11
C THR B 549 -26.64 2.26 76.71
N THR B 550 -26.05 3.45 76.86
CA THR B 550 -26.77 4.66 76.53
C THR B 550 -27.15 4.70 75.06
N LEU B 551 -26.23 4.29 74.20
CA LEU B 551 -26.51 4.20 72.78
C LEU B 551 -27.18 2.86 72.47
N PRO B 552 -28.34 2.86 71.80
CA PRO B 552 -29.00 1.58 71.50
C PRO B 552 -28.40 0.84 70.33
N VAL B 553 -27.66 1.51 69.46
CA VAL B 553 -27.05 0.84 68.30
C VAL B 553 -26.06 -0.22 68.76
N HIS B 554 -25.22 0.11 69.74
CA HIS B 554 -24.33 -0.89 70.31
C HIS B 554 -25.08 -1.91 71.17
N ALA B 555 -26.13 -1.46 71.88
CA ALA B 555 -26.85 -2.35 72.78
C ALA B 555 -27.52 -3.49 72.04
N VAL B 556 -28.16 -3.18 70.90
CA VAL B 556 -28.84 -4.23 70.14
C VAL B 556 -27.85 -5.29 69.67
N ILE B 557 -26.70 -4.85 69.16
CA ILE B 557 -25.70 -5.80 68.66
C ILE B 557 -25.13 -6.64 69.79
N ILE B 558 -24.80 -6.00 70.92
CA ILE B 558 -24.17 -6.75 72.00
C ILE B 558 -25.15 -7.74 72.61
N LEU B 559 -26.43 -7.37 72.73
CA LEU B 559 -27.36 -8.31 73.35
C LEU B 559 -27.75 -9.41 72.37
N CYS B 560 -27.77 -9.13 71.06
CA CYS B 560 -27.92 -10.20 70.08
C CYS B 560 -26.76 -11.18 70.15
N VAL B 561 -25.53 -10.66 70.29
CA VAL B 561 -24.38 -11.54 70.50
C VAL B 561 -24.58 -12.35 71.78
N GLN B 562 -25.12 -11.72 72.82
CA GLN B 562 -25.34 -12.41 74.08
C GLN B 562 -26.29 -13.59 73.92
N THR B 563 -27.41 -13.39 73.21
CA THR B 563 -28.37 -14.49 73.09
C THR B 563 -27.86 -15.57 72.14
N LEU B 564 -27.23 -15.19 71.02
CA LEU B 564 -26.66 -16.19 70.13
C LEU B 564 -25.50 -16.93 70.77
N LEU B 565 -24.89 -16.37 71.81
CA LEU B 565 -23.87 -17.06 72.57
C LEU B 565 -24.43 -17.93 73.69
N THR B 566 -25.53 -17.50 74.32
CA THR B 566 -26.14 -18.28 75.38
C THR B 566 -27.00 -19.42 74.85
N LEU B 567 -27.25 -19.46 73.53
CA LEU B 567 -27.99 -20.58 72.96
C LEU B 567 -27.37 -21.94 73.27
N PRO B 568 -26.07 -22.19 73.09
CA PRO B 568 -25.55 -23.54 73.37
C PRO B 568 -25.45 -23.88 74.84
N VAL B 569 -25.07 -22.90 75.69
CA VAL B 569 -25.07 -23.14 77.12
C VAL B 569 -26.48 -23.38 77.63
N PHE B 570 -27.49 -22.99 76.83
CA PHE B 570 -28.87 -23.35 77.14
C PHE B 570 -29.19 -24.75 76.64
N LEU B 571 -28.67 -25.12 75.46
CA LEU B 571 -28.89 -26.46 74.92
C LEU B 571 -28.23 -27.56 75.74
N LEU B 572 -27.21 -27.21 76.54
CA LEU B 572 -26.55 -28.25 77.32
C LEU B 572 -27.52 -28.84 78.35
N LEU B 573 -28.39 -28.02 78.94
CA LEU B 573 -29.42 -28.58 79.81
C LEU B 573 -30.41 -29.44 79.05
N ARG B 574 -30.73 -29.06 77.81
CA ARG B 574 -31.58 -29.90 76.97
C ARG B 574 -30.99 -31.30 76.84
N LEU B 575 -29.71 -31.37 76.44
CA LEU B 575 -29.04 -32.66 76.31
C LEU B 575 -28.96 -33.39 77.64
N ALA B 576 -28.66 -32.67 78.73
CA ALA B 576 -28.54 -33.29 80.04
C ALA B 576 -29.86 -33.91 80.48
N ARG B 577 -30.97 -33.19 80.31
CA ARG B 577 -32.27 -33.72 80.68
C ARG B 577 -32.66 -34.91 79.82
N ARG B 578 -32.38 -34.83 78.51
CA ARG B 578 -32.67 -35.93 77.61
C ARG B 578 -31.93 -37.20 78.05
N GLU B 579 -30.62 -37.09 78.24
CA GLU B 579 -29.85 -38.21 78.73
C GLU B 579 -30.40 -38.69 80.08
N LYS B 580 -30.74 -37.74 80.96
CA LYS B 580 -31.17 -38.09 82.30
C LYS B 580 -32.42 -38.97 82.28
N PHE B 581 -33.41 -38.63 81.46
CA PHE B 581 -34.56 -39.52 81.47
C PHE B 581 -34.38 -40.72 80.54
N TYR B 582 -33.30 -40.78 79.76
CA TYR B 582 -32.99 -42.05 79.10
C TYR B 582 -32.63 -43.16 80.10
N GLU B 583 -31.91 -42.85 81.17
CA GLU B 583 -31.73 -43.89 82.19
C GLU B 583 -32.84 -43.79 83.23
N SER B 620 -12.23 -50.31 61.20
CA SER B 620 -12.67 -50.47 62.58
C SER B 620 -11.47 -50.74 63.49
N ARG B 621 -10.82 -51.89 63.26
CA ARG B 621 -9.64 -52.22 64.03
C ARG B 621 -8.51 -51.22 63.80
N LYS B 622 -8.32 -50.80 62.54
CA LYS B 622 -7.32 -49.79 62.25
C LYS B 622 -7.66 -48.47 62.94
N PHE B 623 -8.94 -48.11 63.00
CA PHE B 623 -9.33 -46.88 63.68
C PHE B 623 -8.97 -46.94 65.16
N ALA B 624 -9.21 -48.08 65.81
CA ALA B 624 -8.80 -48.23 67.20
C ALA B 624 -7.28 -48.16 67.34
N ALA B 625 -6.56 -48.73 66.38
CA ALA B 625 -5.10 -48.66 66.41
C ALA B 625 -4.61 -47.22 66.35
N PHE B 626 -5.16 -46.43 65.43
CA PHE B 626 -4.81 -45.01 65.37
C PHE B 626 -5.22 -44.29 66.65
N VAL B 627 -6.39 -44.60 67.19
CA VAL B 627 -6.84 -43.95 68.42
C VAL B 627 -5.81 -44.15 69.52
N GLU B 628 -5.41 -45.41 69.75
CA GLU B 628 -4.47 -45.72 70.81
C GLU B 628 -3.11 -45.09 70.54
N TYR B 629 -2.59 -45.25 69.31
CA TYR B 629 -1.24 -44.78 69.01
C TYR B 629 -1.15 -43.26 69.09
N LEU B 630 -2.13 -42.55 68.51
CA LEU B 630 -2.12 -41.09 68.58
C LEU B 630 -2.43 -40.58 69.98
N SER B 631 -3.22 -41.32 70.78
CA SER B 631 -3.41 -40.91 72.17
C SER B 631 -2.10 -40.98 72.94
N ASN B 632 -1.35 -42.08 72.77
CA ASN B 632 -0.05 -42.19 73.43
C ASN B 632 0.92 -41.12 72.92
N LYS B 633 0.93 -40.88 71.60
CA LYS B 633 1.83 -39.90 71.03
C LYS B 633 1.52 -38.49 71.53
N VAL B 634 0.23 -38.15 71.64
CA VAL B 634 -0.16 -36.85 72.18
C VAL B 634 0.24 -36.76 73.64
N SER B 635 -0.01 -37.82 74.42
CA SER B 635 0.34 -37.78 75.84
C SER B 635 1.83 -37.61 76.06
N VAL B 636 2.66 -38.14 75.14
CA VAL B 636 4.11 -38.02 75.30
C VAL B 636 4.68 -36.77 74.66
N TYR B 637 4.00 -36.19 73.66
CA TYR B 637 4.52 -35.04 72.93
C TYR B 637 3.85 -33.73 73.30
N PHE B 638 2.87 -33.73 74.21
CA PHE B 638 2.11 -32.51 74.49
C PHE B 638 2.93 -31.51 75.28
N ILE B 639 4.08 -31.92 75.82
CA ILE B 639 4.98 -30.98 76.50
C ILE B 639 5.52 -29.97 75.51
N PHE B 640 5.86 -30.42 74.29
CA PHE B 640 6.31 -29.48 73.27
C PHE B 640 5.19 -28.50 72.91
N VAL B 641 3.95 -28.98 72.82
CA VAL B 641 2.84 -28.11 72.47
C VAL B 641 2.61 -27.07 73.56
N VAL B 642 2.63 -27.47 74.83
CA VAL B 642 2.42 -26.51 75.90
C VAL B 642 3.57 -25.52 75.97
N SER B 643 4.81 -25.99 75.74
CA SER B 643 5.95 -25.08 75.75
C SER B 643 5.84 -24.05 74.63
N VAL B 644 5.46 -24.48 73.43
CA VAL B 644 5.40 -23.55 72.31
C VAL B 644 4.24 -22.57 72.49
N VAL B 645 3.10 -23.05 73.01
CA VAL B 645 1.98 -22.12 73.19
C VAL B 645 2.29 -21.12 74.30
N LEU B 646 3.01 -21.54 75.35
CA LEU B 646 3.39 -20.59 76.39
C LEU B 646 4.41 -19.60 75.84
N LEU B 647 5.30 -20.06 74.96
CA LEU B 647 6.22 -19.13 74.30
C LEU B 647 5.47 -18.10 73.48
N VAL B 648 4.43 -18.54 72.76
CA VAL B 648 3.62 -17.61 71.98
C VAL B 648 2.92 -16.60 72.88
N VAL B 649 2.32 -17.05 73.98
CA VAL B 649 1.63 -16.13 74.88
C VAL B 649 2.58 -15.27 75.71
N SER B 650 3.87 -15.64 75.78
CA SER B 650 4.84 -14.89 76.55
C SER B 650 5.85 -14.13 75.69
N THR B 651 5.71 -14.15 74.38
CA THR B 651 6.60 -13.37 73.53
C THR B 651 5.87 -12.57 72.46
N CYS B 652 4.63 -12.94 72.13
CA CYS B 652 3.93 -12.34 71.00
C CYS B 652 2.81 -11.40 71.42
N PHE B 653 2.81 -10.92 72.67
CA PHE B 653 1.79 -9.95 73.08
C PHE B 653 2.36 -8.59 73.44
N ALA B 654 3.22 -8.50 74.45
CA ALA B 654 3.63 -7.21 74.99
C ALA B 654 4.70 -7.44 76.05
N PRO B 655 5.49 -6.41 76.38
CA PRO B 655 6.45 -6.50 77.50
C PRO B 655 5.82 -6.11 78.84
N ASN B 656 4.97 -6.97 79.36
CA ASN B 656 4.32 -6.77 80.64
C ASN B 656 4.97 -7.66 81.70
N PHE B 657 4.99 -7.17 82.94
CA PHE B 657 5.75 -7.83 84.00
C PHE B 657 5.26 -9.26 84.22
N TYR B 658 3.94 -9.48 84.20
CA TYR B 658 3.42 -10.84 84.29
C TYR B 658 3.84 -11.65 83.07
N ASN B 659 3.84 -11.03 81.89
CA ASN B 659 4.35 -11.67 80.69
C ASN B 659 5.85 -11.96 80.83
N ILE B 660 6.60 -11.04 81.41
CA ILE B 660 8.02 -11.26 81.63
C ILE B 660 8.24 -12.46 82.54
N LEU B 661 7.41 -12.59 83.58
CA LEU B 661 7.57 -13.71 84.50
C LEU B 661 7.11 -15.02 83.85
N PHE B 662 6.10 -14.97 82.99
CA PHE B 662 5.76 -16.13 82.16
C PHE B 662 6.97 -16.62 81.39
N PHE B 663 7.61 -15.71 80.66
CA PHE B 663 8.75 -16.09 79.82
C PHE B 663 9.91 -16.58 80.68
N ALA B 664 10.13 -15.92 81.83
CA ALA B 664 11.21 -16.33 82.72
C ALA B 664 10.96 -17.73 83.28
N LEU B 665 9.72 -18.03 83.64
CA LEU B 665 9.40 -19.36 84.14
C LEU B 665 9.57 -20.42 83.05
N TRP B 666 9.18 -20.09 81.82
CA TRP B 666 9.38 -21.01 80.71
C TRP B 666 10.87 -21.29 80.49
N ALA B 667 11.68 -20.25 80.48
CA ALA B 667 13.12 -20.43 80.29
C ALA B 667 13.74 -21.18 81.46
N LEU B 668 13.26 -20.92 82.68
CA LEU B 668 13.76 -21.65 83.85
C LEU B 668 13.41 -23.13 83.75
N ASN B 669 12.19 -23.44 83.29
CA ASN B 669 11.80 -24.83 83.10
C ASN B 669 12.71 -25.51 82.08
N LEU B 670 12.98 -24.83 80.97
CA LEU B 670 13.86 -25.42 79.96
C LEU B 670 15.27 -25.61 80.49
N ILE B 671 15.77 -24.64 81.26
CA ILE B 671 17.11 -24.76 81.85
C ILE B 671 17.16 -25.92 82.82
N TYR B 672 16.13 -26.07 83.64
CA TYR B 672 16.10 -27.16 84.62
C TYR B 672 16.00 -28.51 83.93
N LEU B 673 15.28 -28.57 82.81
CA LEU B 673 15.26 -29.78 81.98
C LEU B 673 16.65 -30.08 81.45
N LYS B 674 17.36 -29.04 80.97
CA LYS B 674 18.70 -29.24 80.43
C LYS B 674 19.68 -29.68 81.51
N PHE B 675 19.45 -29.27 82.75
CA PHE B 675 20.33 -29.67 83.84
C PHE B 675 20.34 -31.19 84.01
N SER B 676 19.16 -31.77 84.22
CA SER B 676 19.04 -33.22 84.37
C SER B 676 17.58 -33.60 84.16
N PHE B 677 17.34 -34.55 83.27
CA PHE B 677 15.97 -35.01 83.03
C PHE B 677 15.38 -35.67 84.27
N ARG B 678 16.22 -36.26 85.12
CA ARG B 678 15.72 -36.86 86.37
C ARG B 678 15.06 -35.80 87.25
N LEU B 679 15.77 -34.70 87.50
CA LEU B 679 15.23 -33.65 88.37
C LEU B 679 14.02 -32.98 87.73
N TYR B 680 14.06 -32.74 86.42
CA TYR B 680 12.94 -32.12 85.73
C TYR B 680 11.70 -33.00 85.79
N ARG B 681 11.88 -34.31 85.59
CA ARG B 681 10.75 -35.23 85.71
C ARG B 681 10.23 -35.29 87.14
N GLY B 682 11.13 -35.27 88.11
CA GLY B 682 10.69 -35.31 89.51
C GLY B 682 9.94 -34.05 89.91
N LEU B 683 10.38 -32.89 89.42
CA LEU B 683 9.78 -31.61 89.78
C LEU B 683 8.81 -31.09 88.74
N ALA B 684 8.46 -31.91 87.74
CA ALA B 684 7.51 -31.46 86.72
C ALA B 684 6.14 -31.18 87.33
N TYR B 685 5.68 -32.04 88.23
CA TYR B 685 4.34 -31.90 88.80
C TYR B 685 4.20 -30.58 89.57
N ALA B 686 5.15 -30.30 90.47
CA ALA B 686 5.10 -29.07 91.26
C ALA B 686 5.24 -27.85 90.36
N PHE B 687 6.10 -27.94 89.34
CA PHE B 687 6.22 -26.84 88.39
C PHE B 687 4.90 -26.56 87.69
N TRP B 688 4.19 -27.62 87.28
CA TRP B 688 2.91 -27.43 86.59
C TRP B 688 1.87 -26.82 87.53
N LEU B 689 1.83 -27.27 88.79
CA LEU B 689 0.90 -26.67 89.73
C LEU B 689 1.21 -25.20 89.97
N THR B 690 2.49 -24.85 90.14
CA THR B 690 2.84 -23.45 90.32
C THR B 690 2.47 -22.62 89.10
N LEU B 691 2.75 -23.15 87.91
CA LEU B 691 2.42 -22.43 86.68
C LEU B 691 0.93 -22.17 86.56
N THR B 692 0.12 -23.22 86.75
CA THR B 692 -1.33 -23.05 86.58
C THR B 692 -1.90 -22.13 87.67
N PHE B 693 -1.41 -22.25 88.91
CA PHE B 693 -1.89 -21.38 89.97
C PHE B 693 -1.56 -19.92 89.67
N TYR B 694 -0.32 -19.64 89.25
CA TYR B 694 0.06 -18.25 89.04
C TYR B 694 -0.65 -17.67 87.81
N THR B 695 -0.82 -18.47 86.76
CA THR B 695 -1.52 -17.95 85.59
C THR B 695 -3.00 -17.73 85.89
N SER B 696 -3.61 -18.59 86.72
CA SER B 696 -4.98 -18.32 87.16
C SER B 696 -5.04 -17.04 87.97
N ILE B 697 -4.10 -16.84 88.88
CA ILE B 697 -4.11 -15.65 89.73
C ILE B 697 -3.98 -14.39 88.88
N VAL B 698 -3.06 -14.40 87.91
CA VAL B 698 -2.86 -13.22 87.08
C VAL B 698 -4.07 -13.00 86.17
N ILE B 699 -4.73 -14.08 85.74
CA ILE B 699 -5.96 -13.93 84.95
C ILE B 699 -7.04 -13.23 85.78
N ILE B 700 -7.22 -13.67 87.03
CA ILE B 700 -8.20 -13.00 87.90
C ILE B 700 -7.83 -11.54 88.12
N ALA B 701 -6.56 -11.26 88.39
CA ALA B 701 -6.15 -9.88 88.64
C ALA B 701 -6.38 -9.01 87.41
N LEU B 702 -6.01 -9.51 86.23
CA LEU B 702 -6.19 -8.75 85.01
C LEU B 702 -7.66 -8.52 84.72
N TYR B 703 -8.51 -9.53 84.92
CA TYR B 703 -9.94 -9.38 84.67
C TYR B 703 -10.55 -8.35 85.62
N ILE B 704 -10.23 -8.45 86.91
CA ILE B 704 -10.82 -7.51 87.86
C ILE B 704 -10.25 -6.12 87.67
N TYR B 705 -9.07 -5.99 87.05
CA TYR B 705 -8.57 -4.66 86.75
C TYR B 705 -9.29 -4.03 85.57
N GLN B 706 -9.71 -4.84 84.60
CA GLN B 706 -10.34 -4.32 83.40
C GLN B 706 -11.75 -3.82 83.71
N PHE B 707 -11.83 -2.66 84.36
CA PHE B 707 -13.11 -2.09 84.79
C PHE B 707 -12.92 -0.60 84.91
N PRO B 708 -13.97 0.19 84.74
CA PRO B 708 -13.89 1.61 85.13
C PRO B 708 -13.87 1.77 86.64
N GLY B 709 -14.87 1.19 87.30
CA GLY B 709 -15.01 1.37 88.74
C GLY B 709 -13.90 0.70 89.53
N VAL B 710 -13.55 -0.53 89.18
CA VAL B 710 -12.53 -1.25 89.95
C VAL B 710 -11.16 -0.64 89.72
N SER B 711 -10.87 -0.20 88.48
CA SER B 711 -9.61 0.49 88.24
C SER B 711 -9.55 1.81 88.99
N GLN B 712 -10.67 2.53 89.06
CA GLN B 712 -10.71 3.75 89.87
C GLN B 712 -10.43 3.43 91.33
N TRP B 713 -11.05 2.37 91.85
CA TRP B 713 -10.82 1.96 93.24
C TRP B 713 -9.37 1.60 93.48
N ILE B 714 -8.75 0.89 92.53
CA ILE B 714 -7.36 0.48 92.67
C ILE B 714 -6.44 1.70 92.66
N ILE B 715 -6.65 2.61 91.71
CA ILE B 715 -5.82 3.81 91.66
C ILE B 715 -6.09 4.73 92.85
N ARG B 716 -7.22 4.55 93.52
CA ARG B 716 -7.51 5.36 94.70
C ARG B 716 -6.83 4.79 95.95
N ASN B 717 -6.92 3.48 96.16
CA ASN B 717 -6.44 2.88 97.39
C ASN B 717 -5.00 2.37 97.30
N THR B 718 -4.64 1.66 96.24
CA THR B 718 -3.30 1.08 96.13
C THR B 718 -2.23 2.17 96.00
N SER B 719 -2.61 3.34 95.50
CA SER B 719 -1.68 4.47 95.31
C SER B 719 -0.51 4.06 94.41
N LEU B 720 -0.84 3.40 93.30
CA LEU B 720 0.14 2.97 92.32
C LEU B 720 0.08 3.91 91.13
N SER B 721 1.25 4.42 90.72
CA SER B 721 1.29 5.38 89.62
C SER B 721 0.85 4.73 88.32
N GLN B 722 0.29 5.56 87.42
CA GLN B 722 -0.25 5.04 86.17
C GLN B 722 0.81 4.39 85.31
N GLU B 723 2.01 5.00 85.22
CA GLU B 723 3.06 4.43 84.38
C GLU B 723 3.54 3.09 84.94
N TRP B 724 3.71 2.99 86.26
CA TRP B 724 4.06 1.71 86.86
C TRP B 724 2.95 0.68 86.69
N LEU B 725 1.70 1.13 86.85
CA LEU B 725 0.57 0.21 86.78
C LEU B 725 0.41 -0.32 85.35
N ASN B 726 0.76 0.49 84.35
CA ASN B 726 0.77 0.03 82.97
C ASN B 726 1.96 -0.89 82.70
N ALA B 727 3.14 -0.54 83.23
CA ALA B 727 4.34 -1.32 82.98
C ALA B 727 4.23 -2.73 83.56
N ILE B 728 3.64 -2.85 84.76
CA ILE B 728 3.50 -4.17 85.36
C ILE B 728 2.58 -5.05 84.52
N GLY B 729 1.64 -4.44 83.80
CA GLY B 729 0.80 -5.19 82.88
C GLY B 729 -0.67 -4.86 82.98
N LEU B 730 -1.12 -4.48 84.17
CA LEU B 730 -2.53 -4.17 84.39
C LEU B 730 -2.86 -2.78 83.84
N VAL B 731 -3.24 -2.72 82.57
CA VAL B 731 -3.64 -1.47 81.94
C VAL B 731 -5.04 -1.66 81.34
N ASP B 732 -5.90 -0.67 81.54
CA ASP B 732 -7.29 -0.76 81.10
C ASP B 732 -7.37 -0.50 79.60
N PHE B 733 -7.71 -1.53 78.84
CA PHE B 733 -7.81 -1.40 77.39
C PHE B 733 -9.11 -0.71 76.95
N ARG B 734 -10.11 -0.63 77.82
CA ARG B 734 -11.32 0.11 77.48
C ARG B 734 -11.05 1.58 77.24
N ALA B 735 -10.19 2.20 78.06
CA ALA B 735 -9.75 3.55 77.77
C ALA B 735 -8.93 3.60 76.48
N ILE B 736 -8.08 2.60 76.27
CA ILE B 736 -7.32 2.51 75.02
C ILE B 736 -8.27 2.28 73.85
N GLY B 737 -9.24 1.40 74.01
CA GLY B 737 -10.22 1.12 72.98
C GLY B 737 -9.88 -0.01 72.04
N GLU B 738 -8.67 -0.57 72.13
CA GLU B 738 -8.27 -1.67 71.26
C GLU B 738 -8.89 -2.96 71.79
N SER B 739 -10.01 -3.35 71.18
CA SER B 739 -10.75 -4.52 71.68
C SER B 739 -10.04 -5.82 71.33
N GLY B 740 -9.53 -5.95 70.11
CA GLY B 740 -8.90 -7.20 69.71
C GLY B 740 -7.69 -7.56 70.56
N ALA B 741 -6.93 -6.54 70.97
CA ALA B 741 -5.82 -6.78 71.88
C ALA B 741 -6.31 -7.34 73.21
N LEU B 742 -7.45 -6.85 73.71
CA LEU B 742 -8.02 -7.40 74.93
C LEU B 742 -8.51 -8.83 74.72
N PHE B 743 -9.08 -9.11 73.54
CA PHE B 743 -9.52 -10.47 73.25
C PHE B 743 -8.33 -11.44 73.27
N LEU B 744 -7.21 -11.03 72.68
CA LEU B 744 -6.00 -11.84 72.77
C LEU B 744 -5.52 -11.95 74.21
N GLN B 745 -5.49 -10.83 74.93
CA GLN B 745 -5.04 -10.74 76.31
C GLN B 745 -5.84 -11.64 77.24
N LEU B 746 -7.09 -11.95 76.89
CA LEU B 746 -7.84 -12.94 77.66
C LEU B 746 -7.63 -14.34 77.10
N LEU B 747 -7.92 -14.54 75.81
CA LEU B 747 -7.90 -15.88 75.23
C LEU B 747 -6.58 -16.59 75.47
N ALA B 748 -5.45 -15.94 75.16
CA ALA B 748 -4.16 -16.59 75.24
C ALA B 748 -3.81 -17.05 76.66
N PRO B 749 -4.02 -16.23 77.70
CA PRO B 749 -3.78 -16.74 79.06
C PRO B 749 -4.70 -17.88 79.46
N ILE B 750 -6.02 -17.76 79.23
CA ILE B 750 -6.89 -18.90 79.48
C ILE B 750 -6.63 -20.04 78.49
N ALA B 751 -6.10 -19.75 77.31
CA ALA B 751 -5.63 -20.83 76.45
C ALA B 751 -4.51 -21.62 77.13
N LEU B 752 -3.54 -20.92 77.71
CA LEU B 752 -2.48 -21.59 78.45
C LEU B 752 -3.05 -22.34 79.65
N PHE B 753 -4.05 -21.75 80.30
CA PHE B 753 -4.67 -22.40 81.45
C PHE B 753 -5.34 -23.71 81.07
N VAL B 754 -6.14 -23.70 80.00
CA VAL B 754 -6.82 -24.92 79.58
C VAL B 754 -5.82 -25.94 79.06
N VAL B 755 -4.75 -25.47 78.39
CA VAL B 755 -3.69 -26.37 77.97
C VAL B 755 -3.02 -27.05 79.18
N THR B 756 -2.77 -26.28 80.25
CA THR B 756 -2.17 -26.86 81.44
C THR B 756 -3.09 -27.87 82.10
N MET B 757 -4.37 -27.50 82.30
CA MET B 757 -5.31 -28.44 82.91
C MET B 757 -5.56 -29.66 82.03
N LEU B 758 -5.37 -29.54 80.72
CA LEU B 758 -5.44 -30.68 79.82
C LEU B 758 -4.16 -31.51 79.86
N GLN B 759 -3.04 -30.91 80.27
CA GLN B 759 -1.85 -31.68 80.59
C GLN B 759 -1.97 -32.40 81.92
N LEU B 760 -2.52 -31.72 82.93
CA LEU B 760 -2.66 -32.33 84.26
C LEU B 760 -3.83 -33.30 84.28
N LYS B 761 -3.66 -34.38 85.06
CA LYS B 761 -4.70 -35.38 85.29
C LYS B 761 -5.08 -36.13 84.01
N PHE B 762 -4.43 -35.81 82.90
CA PHE B 762 -4.73 -36.47 81.63
C PHE B 762 -3.54 -37.18 81.03
N PHE B 763 -2.38 -36.52 80.92
CA PHE B 763 -1.21 -37.14 80.32
C PHE B 763 -0.04 -37.17 81.29
N HIS B 764 -0.10 -36.38 82.38
CA HIS B 764 1.01 -36.36 83.32
C HIS B 764 1.26 -37.74 83.91
N GLY B 765 0.23 -38.58 83.98
CA GLY B 765 0.40 -39.96 84.34
C GLY B 765 1.03 -40.79 83.23
N PRO B 766 0.36 -40.85 82.07
CA PRO B 766 0.94 -41.60 80.94
C PRO B 766 2.33 -41.12 80.54
N TRP B 767 2.58 -39.81 80.56
CA TRP B 767 3.91 -39.31 80.25
C TRP B 767 4.93 -39.79 81.28
N SER B 768 4.55 -39.77 82.57
CA SER B 768 5.45 -40.28 83.60
C SER B 768 5.75 -41.76 83.40
N ARG B 769 4.73 -42.55 83.03
CA ARG B 769 4.96 -43.96 82.75
C ARG B 769 5.89 -44.14 81.56
N ALA B 770 5.70 -43.33 80.51
CA ALA B 770 6.56 -43.44 79.33
C ALA B 770 8.00 -43.07 79.66
N THR B 771 8.21 -42.06 80.50
CA THR B 771 9.54 -41.61 80.88
C THR B 771 10.01 -42.16 82.22
N SER B 772 9.28 -43.13 82.78
CA SER B 772 9.69 -43.71 84.06
C SER B 772 11.07 -44.37 84.01
N PRO B 773 11.40 -45.23 83.03
CA PRO B 773 12.77 -45.77 83.04
C PRO B 773 13.83 -44.71 82.76
N VAL B 808 1.11 -51.32 54.20
CA VAL B 808 2.14 -50.32 54.41
C VAL B 808 3.13 -50.79 55.47
N LYS B 809 3.26 -52.11 55.60
CA LYS B 809 4.22 -52.66 56.57
C LYS B 809 5.64 -52.26 56.22
N LYS B 810 6.00 -52.33 54.93
CA LYS B 810 7.31 -51.85 54.50
C LYS B 810 7.44 -50.35 54.74
N LEU B 811 6.36 -49.60 54.50
CA LEU B 811 6.38 -48.17 54.78
C LEU B 811 6.61 -47.91 56.26
N HIS B 812 5.95 -48.68 57.13
CA HIS B 812 6.15 -48.51 58.57
C HIS B 812 7.59 -48.83 58.96
N LYS B 813 8.14 -49.93 58.44
CA LYS B 813 9.51 -50.30 58.76
C LYS B 813 10.49 -49.23 58.30
N LEU B 814 10.32 -48.72 57.09
CA LEU B 814 11.25 -47.70 56.59
C LEU B 814 11.08 -46.40 57.37
N ALA B 815 9.86 -46.10 57.81
CA ALA B 815 9.65 -44.92 58.64
C ALA B 815 10.40 -45.04 59.95
N ASN B 816 10.31 -46.21 60.60
CA ASN B 816 11.05 -46.42 61.85
C ASN B 816 12.55 -46.33 61.63
N GLN B 817 13.04 -46.95 60.54
CA GLN B 817 14.48 -46.89 60.26
C GLN B 817 14.94 -45.47 60.00
N THR B 818 14.16 -44.70 59.22
CA THR B 818 14.54 -43.32 58.95
C THR B 818 14.53 -42.48 60.21
N ILE B 819 13.54 -42.68 61.08
CA ILE B 819 13.52 -41.95 62.35
C ILE B 819 14.75 -42.29 63.17
N GLU B 820 15.11 -43.57 63.23
CA GLU B 820 16.28 -43.97 64.02
C GLU B 820 17.55 -43.35 63.46
N LEU B 821 17.74 -43.39 62.14
CA LEU B 821 18.95 -42.82 61.55
C LEU B 821 18.99 -41.31 61.72
N LEU B 822 17.84 -40.63 61.58
CA LEU B 822 17.81 -39.20 61.78
C LEU B 822 18.15 -38.83 63.22
N TRP B 823 17.63 -39.61 64.19
CA TRP B 823 17.94 -39.29 65.58
C TRP B 823 19.38 -39.64 65.94
N ARG B 824 19.99 -40.61 65.26
CA ARG B 824 21.42 -40.85 65.47
C ARG B 824 22.26 -39.71 64.87
N PHE B 825 21.91 -39.28 63.66
CA PHE B 825 22.55 -38.10 63.08
C PHE B 825 22.42 -36.91 64.02
N PHE B 826 21.26 -36.76 64.65
CA PHE B 826 21.07 -35.67 65.59
C PHE B 826 21.93 -35.85 66.83
N GLU B 827 21.94 -37.04 67.42
CA GLU B 827 22.74 -37.23 68.63
C GLU B 827 24.22 -37.05 68.37
N VAL B 828 24.65 -37.19 67.11
CA VAL B 828 26.08 -37.01 66.82
C VAL B 828 26.43 -35.59 66.40
N HIS B 829 25.52 -34.84 65.79
CA HIS B 829 25.87 -33.51 65.28
C HIS B 829 24.97 -32.38 65.79
N ILE B 830 24.18 -32.61 66.83
CA ILE B 830 23.30 -31.58 67.33
C ILE B 830 24.07 -30.50 68.09
N SER B 831 25.17 -30.87 68.74
CA SER B 831 26.03 -29.85 69.36
C SER B 831 26.57 -28.91 68.29
N LYS B 832 27.04 -29.46 67.17
CA LYS B 832 27.50 -28.63 66.07
C LYS B 832 26.38 -27.76 65.52
N ILE B 833 25.18 -28.32 65.38
CA ILE B 833 24.07 -27.56 64.83
C ILE B 833 23.70 -26.39 65.74
N VAL B 834 23.63 -26.64 67.05
CA VAL B 834 23.25 -25.58 67.97
C VAL B 834 24.34 -24.52 68.06
N PHE B 835 25.61 -24.94 68.03
CA PHE B 835 26.70 -23.97 67.98
C PHE B 835 26.59 -23.12 66.72
N VAL B 836 26.26 -23.74 65.59
CA VAL B 836 26.15 -23.02 64.34
C VAL B 836 25.05 -21.97 64.41
N ILE B 837 23.86 -22.34 64.89
CA ILE B 837 22.76 -21.38 64.90
C ILE B 837 23.04 -20.25 65.89
N ILE B 838 23.58 -20.59 67.07
CA ILE B 838 23.90 -19.57 68.06
C ILE B 838 24.92 -18.59 67.49
N ALA B 839 25.95 -19.10 66.80
CA ALA B 839 26.98 -18.21 66.29
C ALA B 839 26.49 -17.38 65.12
N ILE B 840 25.60 -17.93 64.29
CA ILE B 840 25.00 -17.13 63.21
C ILE B 840 24.20 -15.97 63.80
N PHE B 841 23.39 -16.24 64.82
CA PHE B 841 22.69 -15.15 65.48
C PHE B 841 23.66 -14.13 66.07
N ILE B 842 24.67 -14.59 66.78
CA ILE B 842 25.49 -13.65 67.52
C ILE B 842 26.45 -12.91 66.58
N ALA B 843 26.66 -13.44 65.38
CA ALA B 843 27.32 -12.67 64.33
C ALA B 843 26.37 -11.66 63.71
N ASN B 844 25.06 -11.97 63.68
CA ASN B 844 24.09 -10.98 63.24
C ASN B 844 23.90 -9.87 64.27
N ASN B 845 24.45 -10.04 65.47
CA ASN B 845 24.35 -9.07 66.56
C ASN B 845 25.72 -8.94 67.21
N ILE B 846 26.49 -7.96 66.76
CA ILE B 846 27.88 -7.78 67.20
C ILE B 846 27.96 -6.84 68.40
N ASN B 847 26.85 -6.62 69.10
CA ASN B 847 26.79 -5.71 70.23
C ASN B 847 27.67 -6.20 71.39
N ALA B 848 27.76 -5.38 72.44
CA ALA B 848 28.60 -5.67 73.60
C ALA B 848 27.94 -6.61 74.59
N LEU B 849 26.63 -6.84 74.48
CA LEU B 849 25.92 -7.56 75.52
C LEU B 849 26.16 -9.06 75.44
N TYR B 850 26.66 -9.56 74.31
CA TYR B 850 26.89 -10.99 74.14
C TYR B 850 28.36 -11.37 74.18
N ILE B 851 29.25 -10.48 74.63
CA ILE B 851 30.66 -10.83 74.79
C ILE B 851 30.86 -11.99 75.76
N PRO B 852 30.21 -12.02 76.94
CA PRO B 852 30.30 -13.24 77.75
C PRO B 852 29.81 -14.47 77.01
N LEU B 853 28.82 -14.31 76.12
CA LEU B 853 28.31 -15.46 75.41
C LEU B 853 29.30 -15.97 74.36
N VAL B 854 30.02 -15.08 73.67
CA VAL B 854 31.06 -15.58 72.76
C VAL B 854 32.17 -16.26 73.55
N ILE B 855 32.56 -15.67 74.69
CA ILE B 855 33.61 -16.29 75.48
C ILE B 855 33.19 -17.68 75.96
N LEU B 856 31.95 -17.79 76.43
CA LEU B 856 31.49 -19.07 76.99
C LEU B 856 31.22 -20.09 75.90
N LEU B 857 30.74 -19.65 74.73
CA LEU B 857 30.56 -20.56 73.61
C LEU B 857 31.90 -21.07 73.10
N SER B 858 32.92 -20.20 73.06
CA SER B 858 34.26 -20.64 72.70
C SER B 858 34.79 -21.64 73.72
N LEU B 859 34.53 -21.40 75.00
CA LEU B 859 34.92 -22.37 76.02
C LEU B 859 34.23 -23.70 75.81
N ALA B 860 32.94 -23.66 75.48
CA ALA B 860 32.18 -24.90 75.27
C ALA B 860 32.72 -25.68 74.06
N ILE B 861 32.98 -24.98 72.96
CA ILE B 861 33.45 -25.66 71.76
C ILE B 861 34.89 -26.14 71.92
N CYS B 862 35.69 -25.45 72.74
CA CYS B 862 37.08 -25.84 72.91
C CYS B 862 37.21 -27.23 73.52
N LEU B 863 36.40 -27.52 74.55
CA LEU B 863 36.37 -28.84 75.18
C LEU B 863 34.91 -29.30 75.32
N PRO B 864 34.31 -29.74 74.22
CA PRO B 864 32.93 -30.23 74.26
C PRO B 864 32.91 -31.70 74.69
N SER B 865 31.69 -32.24 74.78
CA SER B 865 31.46 -33.63 75.15
C SER B 865 31.99 -33.94 76.55
N ALA B 866 33.30 -33.80 76.75
CA ALA B 866 33.89 -34.03 78.05
C ALA B 866 33.39 -33.00 79.06
N ALA B 867 33.50 -33.37 80.34
CA ALA B 867 32.99 -32.56 81.45
C ALA B 867 31.49 -32.29 81.31
N ASP B 868 30.78 -33.27 80.75
CA ASP B 868 29.33 -33.20 80.53
C ASP B 868 29.02 -31.98 79.66
N GLY B 869 27.80 -31.45 79.75
CA GLY B 869 27.42 -30.28 79.00
C GLY B 869 27.19 -29.08 79.89
N ILE B 870 28.07 -28.89 80.88
CA ILE B 870 27.90 -27.79 81.83
C ILE B 870 27.98 -26.44 81.11
N PHE B 871 28.96 -26.28 80.21
CA PHE B 871 29.09 -25.01 79.49
C PHE B 871 27.83 -24.68 78.73
N SER B 872 27.14 -25.70 78.21
CA SER B 872 25.84 -25.48 77.61
C SER B 872 24.84 -24.94 78.62
N LEU B 873 24.89 -25.45 79.85
CA LEU B 873 24.02 -24.95 80.91
C LEU B 873 24.29 -23.46 81.17
N PHE B 874 25.55 -23.09 81.32
CA PHE B 874 25.86 -21.68 81.58
C PHE B 874 25.48 -20.79 80.41
N MET B 875 25.67 -21.25 79.16
CA MET B 875 25.32 -20.38 78.04
C MET B 875 23.81 -20.28 77.86
N CYS B 876 23.06 -21.35 78.16
CA CYS B 876 21.61 -21.24 78.17
C CYS B 876 21.14 -20.30 79.26
N ALA B 877 21.77 -20.35 80.43
CA ALA B 877 21.43 -19.43 81.51
C ALA B 877 21.72 -17.99 81.11
N TYR B 878 22.86 -17.76 80.44
CA TYR B 878 23.17 -16.40 79.97
C TYR B 878 22.19 -15.94 78.91
N LEU B 879 21.74 -16.84 78.03
CA LEU B 879 20.73 -16.47 77.05
C LEU B 879 19.42 -16.09 77.74
N PHE B 880 19.04 -16.84 78.77
CA PHE B 880 17.86 -16.47 79.56
C PHE B 880 18.05 -15.11 80.21
N LEU B 881 19.22 -14.86 80.78
CA LEU B 881 19.48 -13.59 81.45
C LEU B 881 19.44 -12.42 80.48
N VAL B 882 20.04 -12.59 79.29
CA VAL B 882 20.06 -11.50 78.33
C VAL B 882 18.66 -11.23 77.78
N ALA B 883 17.88 -12.28 77.55
CA ALA B 883 16.51 -12.09 77.11
C ALA B 883 15.67 -11.39 78.18
N LEU B 884 15.88 -11.77 79.45
CA LEU B 884 15.17 -11.10 80.54
C LEU B 884 15.57 -9.63 80.62
N SER B 885 16.86 -9.32 80.46
CA SER B 885 17.31 -7.94 80.51
C SER B 885 16.70 -7.12 79.38
N LYS B 886 16.63 -7.70 78.17
CA LYS B 886 15.99 -7.01 77.06
C LYS B 886 14.50 -6.80 77.35
N MET B 887 13.86 -7.77 78.01
CA MET B 887 12.46 -7.61 78.40
C MET B 887 12.29 -6.45 79.37
N ILE B 888 13.18 -6.33 80.36
CA ILE B 888 13.09 -5.21 81.30
C ILE B 888 13.32 -3.89 80.59
N TYR B 889 14.30 -3.83 79.70
CA TYR B 889 14.58 -2.57 79.00
C TYR B 889 13.41 -2.17 78.12
N GLN B 890 12.80 -3.13 77.42
CA GLN B 890 11.62 -2.82 76.62
C GLN B 890 10.46 -2.39 77.51
N LEU B 891 10.42 -2.88 78.75
CA LEU B 891 9.43 -2.45 79.72
C LEU B 891 9.70 -1.00 80.13
N ASP B 892 8.63 -0.30 80.52
CA ASP B 892 8.65 1.16 80.56
C ASP B 892 9.28 1.75 81.83
N ILE B 893 9.52 0.94 82.86
CA ILE B 893 10.05 1.49 84.12
C ILE B 893 11.46 2.01 83.94
N VAL B 894 12.25 1.40 83.04
CA VAL B 894 13.65 1.81 82.90
C VAL B 894 13.72 3.27 82.47
N PRO B 895 14.66 4.06 82.99
CA PRO B 895 14.70 5.49 82.62
C PRO B 895 15.00 5.73 81.15
N GLU B 896 16.09 5.15 80.67
CA GLU B 896 16.49 5.33 79.28
C GLU B 896 16.17 4.08 78.45
N HIS B 911 32.29 9.47 67.30
CA HIS B 911 31.87 8.79 68.52
C HIS B 911 30.45 9.19 68.91
N GLY B 912 29.87 10.11 68.15
CA GLY B 912 28.52 10.56 68.41
C GLY B 912 27.47 9.86 67.58
N ASN B 913 27.92 9.06 66.61
CA ASN B 913 27.00 8.32 65.76
C ASN B 913 26.30 7.18 66.50
N ILE B 914 26.94 6.61 67.53
CA ILE B 914 26.37 5.49 68.27
C ILE B 914 26.33 5.89 69.75
N SER B 915 25.19 5.62 70.38
CA SER B 915 24.98 5.90 71.79
C SER B 915 25.12 4.62 72.62
N MET B 916 24.86 4.74 73.91
CA MET B 916 25.07 3.63 74.84
C MET B 916 24.23 2.40 74.51
N PRO B 917 22.88 2.49 74.36
CA PRO B 917 22.09 1.26 74.30
C PRO B 917 22.31 0.42 73.06
N GLU B 918 22.37 1.04 71.88
CA GLU B 918 22.50 0.25 70.65
C GLU B 918 23.90 -0.35 70.53
N TRP B 919 24.91 0.34 71.05
CA TRP B 919 26.23 -0.28 71.14
C TRP B 919 26.21 -1.44 72.12
N PHE B 920 25.49 -1.27 73.22
CA PHE B 920 25.34 -2.33 74.21
C PHE B 920 24.24 -3.31 73.84
N GLY B 921 23.52 -3.06 72.75
CA GLY B 921 22.47 -3.92 72.27
C GLY B 921 21.21 -3.94 73.10
N LEU B 922 21.25 -3.47 74.34
CA LEU B 922 20.08 -3.43 75.21
C LEU B 922 19.32 -2.11 74.97
N LYS B 923 18.75 -2.01 73.77
CA LYS B 923 18.14 -0.78 73.31
C LYS B 923 16.63 -0.80 73.52
N LYS B 924 16.04 0.38 73.46
CA LYS B 924 14.59 0.57 73.62
C LYS B 924 13.95 0.52 72.24
N GLU B 925 13.23 -0.56 71.96
CA GLU B 925 12.57 -0.71 70.67
C GLU B 925 11.36 0.21 70.58
N VAL B 926 10.84 0.35 69.36
CA VAL B 926 9.66 1.17 69.14
C VAL B 926 8.46 0.53 69.86
N GLU B 927 7.70 1.37 70.55
CA GLU B 927 6.53 0.88 71.27
C GLU B 927 5.51 0.30 70.31
N GLY B 928 4.89 -0.80 70.72
CA GLY B 928 3.94 -1.53 69.89
C GLY B 928 4.56 -2.68 69.11
N THR B 929 5.88 -2.66 68.93
CA THR B 929 6.56 -3.78 68.28
C THR B 929 6.53 -5.00 69.19
N GLU B 930 6.29 -6.16 68.60
CA GLU B 930 6.15 -7.38 69.39
C GLU B 930 7.51 -7.81 69.94
N PRO B 931 7.62 -8.15 71.22
CA PRO B 931 8.92 -8.53 71.78
C PRO B 931 9.56 -9.74 71.11
N ILE B 932 8.77 -10.56 70.41
CA ILE B 932 9.34 -11.73 69.74
C ILE B 932 10.23 -11.31 68.57
N TYR B 933 9.95 -10.15 67.97
CA TYR B 933 10.63 -9.78 66.73
C TYR B 933 12.12 -9.53 66.95
N MET B 934 12.46 -8.71 67.95
CA MET B 934 13.87 -8.43 68.19
C MET B 934 14.51 -9.41 69.17
N LEU B 935 13.77 -10.40 69.66
CA LEU B 935 14.35 -11.55 70.36
C LEU B 935 14.01 -12.87 69.69
N PHE B 936 13.80 -12.86 68.37
CA PHE B 936 13.52 -14.11 67.67
C PHE B 936 14.70 -15.07 67.75
N GLY B 937 15.91 -14.57 67.48
CA GLY B 937 17.06 -15.45 67.50
C GLY B 937 17.37 -15.99 68.88
N VAL B 938 17.12 -15.20 69.92
CA VAL B 938 17.37 -15.66 71.28
C VAL B 938 16.48 -16.85 71.62
N ILE B 939 15.19 -16.76 71.31
CA ILE B 939 14.29 -17.88 71.60
C ILE B 939 14.58 -19.05 70.67
N VAL B 940 15.01 -18.79 69.43
CA VAL B 940 15.40 -19.88 68.55
C VAL B 940 16.59 -20.63 69.12
N SER B 941 17.58 -19.90 69.64
CA SER B 941 18.73 -20.55 70.27
C SER B 941 18.32 -21.32 71.51
N ILE B 942 17.39 -20.76 72.30
CA ILE B 942 16.92 -21.45 73.50
C ILE B 942 16.23 -22.76 73.11
N ILE B 943 15.38 -22.71 72.09
CA ILE B 943 14.69 -23.92 71.62
C ILE B 943 15.69 -24.91 71.06
N ALA B 944 16.73 -24.43 70.37
CA ALA B 944 17.75 -25.33 69.84
C ALA B 944 18.50 -26.02 70.97
N LEU B 945 18.83 -25.29 72.04
CA LEU B 945 19.49 -25.92 73.19
C LEU B 945 18.59 -26.95 73.85
N ALA B 946 17.31 -26.62 74.01
CA ALA B 946 16.36 -27.58 74.59
C ALA B 946 16.23 -28.81 73.70
N PHE B 947 16.22 -28.62 72.38
CA PHE B 947 16.13 -29.73 71.44
C PHE B 947 17.36 -30.61 71.52
N GLN B 948 18.54 -29.98 71.65
CA GLN B 948 19.79 -30.71 71.87
C GLN B 948 19.69 -31.57 73.13
N SER B 949 19.23 -30.98 74.23
CA SER B 949 19.13 -31.69 75.49
C SER B 949 18.16 -32.87 75.39
N ILE B 950 17.00 -32.64 74.77
CA ILE B 950 16.01 -33.71 74.71
C ILE B 950 16.47 -34.81 73.76
N VAL B 951 17.23 -34.47 72.72
CA VAL B 951 17.82 -35.51 71.89
C VAL B 951 18.79 -36.37 72.71
N ILE B 952 19.64 -35.71 73.50
CA ILE B 952 20.55 -36.47 74.36
C ILE B 952 19.76 -37.40 75.27
N TYR B 953 18.74 -36.88 75.94
CA TYR B 953 18.01 -37.66 76.93
C TYR B 953 17.25 -38.80 76.27
N ARG B 954 16.58 -38.55 75.14
CA ARG B 954 15.81 -39.60 74.48
C ARG B 954 16.72 -40.66 73.89
N GLN B 955 17.89 -40.27 73.35
CA GLN B 955 18.81 -41.26 72.83
C GLN B 955 19.38 -42.11 73.95
N ARG B 956 19.68 -41.50 75.11
CA ARG B 956 20.12 -42.27 76.26
C ARG B 956 19.03 -43.24 76.72
N HIS B 957 17.78 -42.78 76.74
CA HIS B 957 16.67 -43.65 77.12
C HIS B 957 16.54 -44.83 76.16
N TYR B 958 16.62 -44.58 74.87
CA TYR B 958 16.47 -45.66 73.89
C TYR B 958 17.63 -46.64 73.99
N ARG B 959 18.87 -46.14 74.16
CA ARG B 959 20.00 -47.04 74.27
C ARG B 959 19.96 -47.84 75.56
N ALA B 960 19.43 -47.26 76.65
CA ALA B 960 19.25 -48.03 77.87
C ALA B 960 18.16 -49.09 77.71
N SER B 961 17.08 -48.76 77.00
CA SER B 961 16.02 -49.73 76.77
C SER B 961 16.50 -50.89 75.90
N LEU B 962 17.31 -50.59 74.89
CA LEU B 962 17.94 -51.63 74.07
C LEU B 962 19.24 -52.15 74.66
N GLY B 963 19.66 -51.65 75.81
CA GLY B 963 20.91 -52.08 76.42
C GLY B 963 22.14 -51.70 75.64
N LEU B 964 22.16 -50.50 75.06
CA LEU B 964 23.31 -50.02 74.30
C LEU B 964 24.10 -49.05 75.16
N PRO B 965 25.39 -49.28 75.38
CA PRO B 965 26.17 -48.37 76.23
C PRO B 965 26.51 -47.07 75.51
N GLU B 966 27.26 -46.20 76.19
CA GLU B 966 27.61 -44.90 75.61
C GLU B 966 28.63 -45.02 74.47
N SER B 967 29.28 -46.18 74.33
CA SER B 967 30.26 -46.34 73.27
C SER B 967 29.61 -46.32 71.88
N MET B 968 28.33 -46.69 71.80
CA MET B 968 27.65 -46.70 70.51
C MET B 968 27.32 -45.30 70.02
N ARG B 969 27.40 -44.29 70.89
CA ARG B 969 27.08 -42.92 70.48
C ARG B 969 28.11 -42.35 69.52
N ALA B 970 29.33 -42.90 69.49
CA ALA B 970 30.35 -42.37 68.60
C ALA B 970 29.99 -42.58 67.14
N LYS B 971 29.45 -43.75 66.81
CA LYS B 971 29.12 -44.10 65.44
C LYS B 971 27.71 -43.67 65.08
N VAL B 972 27.48 -43.49 63.78
CA VAL B 972 26.16 -43.21 63.24
C VAL B 972 25.47 -44.47 62.74
N PHE B 973 26.21 -45.32 62.04
CA PHE B 973 25.72 -46.62 61.61
C PHE B 973 26.51 -47.71 62.33
N PRO B 974 26.11 -48.09 63.54
CA PRO B 974 26.89 -49.10 64.29
C PRO B 974 26.96 -50.45 63.59
N ASP B 975 25.94 -50.83 62.83
CA ASP B 975 25.96 -52.10 62.12
C ASP B 975 26.90 -52.10 60.92
N PHE B 976 27.40 -50.94 60.52
CA PHE B 976 28.26 -50.82 59.35
C PHE B 976 29.65 -50.33 59.78
N HIS B 977 30.67 -51.00 59.27
CA HIS B 977 32.06 -50.63 59.55
C HIS B 977 32.68 -50.01 58.30
N HIS B 978 33.60 -49.07 58.51
CA HIS B 978 34.13 -48.28 57.40
C HIS B 978 34.88 -49.12 56.37
N SER B 979 35.28 -50.35 56.73
CA SER B 979 35.95 -51.22 55.76
C SER B 979 34.98 -51.89 54.80
N HIS B 980 33.67 -51.75 55.02
CA HIS B 980 32.66 -52.35 54.17
C HIS B 980 32.00 -51.34 53.24
N PHE B 981 32.64 -50.20 52.99
CA PHE B 981 32.03 -49.14 52.20
C PHE B 981 32.01 -49.48 50.72
N ASP B 982 32.90 -50.37 50.27
CA ASP B 982 33.09 -50.58 48.85
C ASP B 982 32.10 -51.58 48.24
N ARG B 983 31.21 -52.18 49.05
CA ARG B 983 30.28 -53.15 48.49
C ARG B 983 29.20 -52.48 47.66
N SER B 984 28.73 -51.31 48.08
CA SER B 984 27.67 -50.61 47.36
C SER B 984 27.76 -49.12 47.63
N LEU B 985 27.07 -48.34 46.81
CA LEU B 985 27.11 -46.88 46.94
C LEU B 985 26.43 -46.43 48.23
N LYS B 986 25.41 -47.14 48.69
CA LYS B 986 24.77 -46.79 49.95
C LYS B 986 25.74 -46.97 51.11
N ASN B 987 26.55 -48.03 51.08
CA ASN B 987 27.60 -48.19 52.08
C ASN B 987 28.62 -47.08 51.99
N ALA B 988 28.93 -46.61 50.78
CA ALA B 988 29.83 -45.47 50.64
C ALA B 988 29.24 -44.21 51.26
N ILE B 989 27.95 -43.98 51.08
CA ILE B 989 27.31 -42.81 51.67
C ILE B 989 27.30 -42.92 53.19
N GLN B 990 27.03 -44.12 53.72
CA GLN B 990 27.09 -44.32 55.16
C GLN B 990 28.50 -44.09 55.69
N PHE B 991 29.51 -44.58 54.97
CA PHE B 991 30.89 -44.34 55.37
C PHE B 991 31.22 -42.86 55.38
N LEU B 992 30.75 -42.13 54.37
CA LEU B 992 30.92 -40.68 54.36
C LEU B 992 30.32 -40.11 55.63
N ILE B 993 29.00 -40.24 55.80
CA ILE B 993 28.30 -39.66 56.93
C ILE B 993 28.89 -40.05 58.27
N ASP B 994 29.51 -41.23 58.37
CA ASP B 994 30.04 -41.71 59.64
C ASP B 994 31.47 -41.23 59.88
N TYR B 995 32.41 -41.59 59.01
CA TYR B 995 33.83 -41.38 59.26
C TYR B 995 34.53 -40.58 58.16
N GLY B 996 33.81 -39.80 57.35
CA GLY B 996 34.47 -39.01 56.33
C GLY B 996 35.39 -37.98 56.94
N PHE B 997 34.94 -37.29 57.98
CA PHE B 997 35.83 -36.39 58.68
C PHE B 997 36.92 -37.15 59.43
N TYR B 998 36.58 -38.29 60.03
CA TYR B 998 37.61 -39.05 60.75
C TYR B 998 38.75 -39.43 59.82
N LYS B 999 38.47 -39.58 58.53
CA LYS B 999 39.51 -39.90 57.56
C LYS B 999 40.15 -38.69 56.91
N PHE B 1000 39.40 -37.60 56.68
CA PHE B 1000 39.91 -36.45 55.92
C PHE B 1000 39.82 -35.16 56.72
N GLY B 1001 40.04 -35.24 58.04
CA GLY B 1001 39.95 -34.06 58.87
C GLY B 1001 40.93 -32.98 58.49
N LEU B 1002 42.18 -33.38 58.20
CA LEU B 1002 43.18 -32.40 57.80
C LEU B 1002 42.75 -31.68 56.53
N GLU B 1003 42.32 -32.44 55.52
CA GLU B 1003 41.89 -31.82 54.27
C GLU B 1003 40.72 -30.87 54.50
N ILE B 1004 39.73 -31.29 55.28
CA ILE B 1004 38.55 -30.46 55.46
C ILE B 1004 38.88 -29.19 56.26
N THR B 1005 39.78 -29.31 57.24
CA THR B 1005 40.13 -28.12 58.00
C THR B 1005 40.97 -27.15 57.18
N MET B 1006 41.82 -27.66 56.26
CA MET B 1006 42.49 -26.73 55.35
C MET B 1006 41.48 -26.10 54.39
N ILE B 1007 40.42 -26.83 54.04
CA ILE B 1007 39.35 -26.22 53.25
C ILE B 1007 38.73 -25.06 54.01
N ALA B 1008 38.46 -25.27 55.30
CA ALA B 1008 37.91 -24.20 56.12
C ALA B 1008 38.87 -23.01 56.20
N ILE B 1009 40.17 -23.29 56.35
CA ILE B 1009 41.17 -22.22 56.38
C ILE B 1009 41.14 -21.43 55.09
N GLY B 1010 41.10 -22.13 53.95
CA GLY B 1010 41.10 -21.44 52.67
C GLY B 1010 39.87 -20.60 52.45
N ILE B 1011 38.70 -21.15 52.82
CA ILE B 1011 37.46 -20.38 52.67
C ILE B 1011 37.49 -19.15 53.57
N ASP B 1012 37.98 -19.29 54.80
CA ASP B 1012 38.08 -18.16 55.71
C ASP B 1012 39.01 -17.10 55.14
N ILE B 1013 40.16 -17.51 54.59
CA ILE B 1013 41.11 -16.57 54.01
C ILE B 1013 40.48 -15.85 52.83
N PHE B 1014 39.79 -16.60 51.96
CA PHE B 1014 39.04 -15.98 50.86
C PHE B 1014 37.97 -15.03 51.36
N ASN B 1015 37.45 -15.24 52.56
CA ASN B 1015 36.43 -14.36 53.11
C ASN B 1015 36.99 -13.16 53.85
N ARG B 1016 38.28 -13.17 54.20
CA ARG B 1016 38.84 -12.10 55.03
C ARG B 1016 39.81 -11.19 54.28
N MET B 1017 40.90 -11.74 53.72
CA MET B 1017 42.00 -10.96 53.18
C MET B 1017 42.46 -9.87 54.16
N ASP B 1018 42.95 -10.30 55.31
CA ASP B 1018 43.44 -9.33 56.30
C ASP B 1018 44.54 -9.89 57.19
N ALA B 1019 44.88 -9.18 58.27
CA ALA B 1019 45.98 -9.59 59.13
C ALA B 1019 45.68 -10.90 59.84
N LEU B 1020 44.45 -11.06 60.33
CA LEU B 1020 44.05 -12.36 60.88
C LEU B 1020 44.08 -13.44 59.82
N ALA B 1021 43.69 -13.10 58.59
CA ALA B 1021 43.88 -14.03 57.48
C ALA B 1021 45.36 -14.31 57.26
N ALA B 1022 46.24 -13.33 57.53
CA ALA B 1022 47.67 -13.56 57.35
C ALA B 1022 48.22 -14.54 58.38
N ILE B 1023 47.82 -14.39 59.65
CA ILE B 1023 48.30 -15.32 60.67
C ILE B 1023 47.68 -16.70 60.48
N GLN B 1024 46.41 -16.75 60.06
CA GLN B 1024 45.80 -18.03 59.70
C GLN B 1024 46.52 -18.67 58.52
N CYS B 1025 46.99 -17.84 57.58
CA CYS B 1025 47.81 -18.32 56.47
C CYS B 1025 49.13 -18.88 56.95
N PHE B 1026 49.76 -18.23 57.93
CA PHE B 1026 50.99 -18.77 58.50
C PHE B 1026 50.74 -20.12 59.15
N TRP B 1027 49.63 -20.25 59.87
CA TRP B 1027 49.24 -21.54 60.44
C TRP B 1027 49.04 -22.58 59.34
N LEU B 1028 48.39 -22.19 58.25
CA LEU B 1028 48.16 -23.11 57.14
C LEU B 1028 49.48 -23.56 56.51
N VAL B 1029 50.42 -22.62 56.35
CA VAL B 1029 51.72 -22.96 55.77
C VAL B 1029 52.48 -23.91 56.66
N LEU B 1030 52.45 -23.67 57.98
CA LEU B 1030 53.16 -24.57 58.88
C LEU B 1030 52.46 -25.93 58.94
N PHE B 1031 51.15 -25.96 58.69
CA PHE B 1031 50.42 -27.24 58.66
C PHE B 1031 50.78 -28.06 57.43
N ALA B 1032 50.76 -27.44 56.25
CA ALA B 1032 50.78 -28.21 55.01
C ALA B 1032 52.14 -28.87 54.77
N LEU B 1033 53.22 -28.12 54.93
CA LEU B 1033 54.55 -28.59 54.56
C LEU B 1033 55.19 -29.45 55.65
N ASN B 1034 54.39 -29.96 56.58
CA ASN B 1034 54.89 -30.81 57.66
C ASN B 1034 54.10 -32.11 57.68
N LYS B 1035 54.75 -33.17 58.16
CA LYS B 1035 54.10 -34.46 58.23
C LYS B 1035 53.04 -34.47 59.33
N ARG B 1036 52.26 -35.56 59.36
CA ARG B 1036 51.14 -35.65 60.29
C ARG B 1036 51.58 -35.71 61.75
N VAL B 1037 52.80 -36.17 62.03
CA VAL B 1037 53.27 -36.22 63.42
C VAL B 1037 53.39 -34.81 63.98
N PHE B 1038 53.97 -33.89 63.22
CA PHE B 1038 54.09 -32.51 63.67
C PHE B 1038 52.73 -31.87 63.88
N VAL B 1039 51.80 -32.12 62.96
CA VAL B 1039 50.44 -31.59 63.10
C VAL B 1039 49.77 -32.14 64.34
N ARG B 1040 49.96 -33.43 64.62
CA ARG B 1040 49.43 -34.02 65.85
C ARG B 1040 50.03 -33.36 67.08
N ARG B 1041 51.32 -33.04 67.03
CA ARG B 1041 51.97 -32.38 68.16
C ARG B 1041 51.48 -30.94 68.36
N ILE B 1042 51.16 -30.22 67.29
CA ILE B 1042 50.88 -28.80 67.40
C ILE B 1042 49.39 -28.47 67.30
N TRP B 1043 48.53 -29.47 67.12
CA TRP B 1043 47.12 -29.15 66.93
C TRP B 1043 46.47 -28.65 68.20
N VAL B 1044 46.92 -29.12 69.37
CA VAL B 1044 46.41 -28.58 70.63
C VAL B 1044 46.76 -27.10 70.74
N PHE B 1045 48.00 -26.74 70.40
CA PHE B 1045 48.40 -25.34 70.41
C PHE B 1045 47.54 -24.53 69.46
N TYR B 1046 47.31 -25.06 68.25
CA TYR B 1046 46.54 -24.32 67.26
C TYR B 1046 45.09 -24.11 67.71
N VAL B 1047 44.46 -25.16 68.26
CA VAL B 1047 43.07 -25.02 68.67
C VAL B 1047 42.96 -24.09 69.87
N ILE B 1048 43.92 -24.13 70.80
CA ILE B 1048 43.92 -23.17 71.89
C ILE B 1048 44.05 -21.75 71.37
N TYR B 1049 44.95 -21.56 70.40
CA TYR B 1049 45.13 -20.23 69.81
C TYR B 1049 43.85 -19.72 69.16
N MET B 1050 43.17 -20.59 68.40
CA MET B 1050 41.95 -20.18 67.72
C MET B 1050 40.82 -19.89 68.71
N ALA B 1051 40.66 -20.74 69.73
CA ALA B 1051 39.64 -20.54 70.74
C ALA B 1051 39.94 -19.38 71.67
N ILE B 1052 41.18 -18.89 71.67
CA ILE B 1052 41.47 -17.64 72.38
C ILE B 1052 41.23 -16.44 71.48
N LEU B 1053 41.58 -16.57 70.19
CA LEU B 1053 41.45 -15.44 69.28
C LEU B 1053 39.99 -15.11 69.00
N TYR B 1054 39.12 -16.13 68.92
CA TYR B 1054 37.72 -15.87 68.58
C TYR B 1054 37.04 -14.93 69.57
N PRO B 1055 37.07 -15.18 70.88
CA PRO B 1055 36.55 -14.15 71.81
C PRO B 1055 37.32 -12.84 71.73
N LEU B 1056 38.63 -12.91 71.51
CA LEU B 1056 39.41 -11.70 71.34
C LEU B 1056 38.97 -10.93 70.11
N GLN B 1057 38.70 -11.64 69.01
CA GLN B 1057 38.22 -10.98 67.81
C GLN B 1057 36.85 -10.36 68.03
N PHE B 1058 35.96 -11.06 68.73
CA PHE B 1058 34.64 -10.48 69.01
C PHE B 1058 34.76 -9.23 69.88
N PHE B 1059 35.64 -9.27 70.88
CA PHE B 1059 35.86 -8.08 71.71
C PHE B 1059 36.43 -6.94 70.88
N SER B 1060 37.35 -7.25 69.97
CA SER B 1060 37.90 -6.21 69.10
C SER B 1060 36.81 -5.61 68.20
N TYR B 1061 35.91 -6.46 67.68
CA TYR B 1061 34.82 -5.94 66.87
C TYR B 1061 33.89 -5.04 67.69
N VAL B 1062 33.60 -5.45 68.93
CA VAL B 1062 32.75 -4.62 69.78
C VAL B 1062 33.43 -3.30 70.10
N GLY B 1063 34.67 -3.36 70.58
CA GLY B 1063 35.40 -2.15 70.93
C GLY B 1063 34.86 -1.48 72.19
N LEU B 1064 35.43 -0.30 72.47
CA LEU B 1064 35.06 0.52 73.61
C LEU B 1064 33.73 1.24 73.34
N PRO B 1065 32.93 1.48 74.38
CA PRO B 1065 31.67 2.19 74.19
C PRO B 1065 31.91 3.64 73.80
N PRO B 1066 31.09 4.19 72.89
CA PRO B 1066 31.20 5.63 72.60
C PRO B 1066 30.90 6.50 73.80
N ASP B 1067 30.12 6.00 74.76
CA ASP B 1067 29.85 6.76 75.97
C ASP B 1067 31.12 6.96 76.79
N SER B 1068 32.06 6.03 76.71
CA SER B 1068 33.33 6.18 77.42
C SER B 1068 34.13 7.36 76.90
N CYS B 1069 33.98 7.68 75.60
CA CYS B 1069 34.68 8.81 74.98
C CYS B 1069 36.19 8.70 75.15
N ILE B 1070 36.72 7.50 74.98
CA ILE B 1070 38.15 7.25 75.07
C ILE B 1070 38.64 6.81 73.69
N GLU B 1071 39.65 7.52 73.18
CA GLU B 1071 40.18 7.22 71.86
C GLU B 1071 41.01 5.93 71.90
N TYR B 1072 41.25 5.38 70.70
CA TYR B 1072 42.02 4.16 70.55
C TYR B 1072 43.46 4.48 70.16
N PRO B 1073 44.41 3.63 70.57
CA PRO B 1073 45.82 3.88 70.20
C PRO B 1073 46.05 3.92 68.71
N TRP B 1074 45.37 3.07 67.94
CA TRP B 1074 45.57 3.01 66.51
C TRP B 1074 44.92 4.17 65.75
N SER B 1075 44.45 5.19 66.46
CA SER B 1075 44.03 6.42 65.79
C SER B 1075 45.20 7.36 65.54
N TYR B 1076 46.40 6.99 66.00
CA TYR B 1076 47.60 7.81 65.82
C TYR B 1076 48.82 6.98 65.48
N TRP B 1077 48.63 5.71 65.09
CA TRP B 1077 49.77 4.88 64.69
C TRP B 1077 50.47 5.45 63.45
N ILE B 1078 49.69 5.87 62.46
CA ILE B 1078 50.27 6.44 61.24
C ILE B 1078 49.61 7.79 60.99
N PRO B 1079 50.03 8.85 61.69
CA PRO B 1079 49.45 10.17 61.43
C PRO B 1079 49.90 10.80 60.12
N SER B 1080 50.92 10.25 59.46
CA SER B 1080 51.44 10.82 58.22
C SER B 1080 50.50 10.62 57.04
N TYR B 1081 49.46 9.81 57.18
CA TYR B 1081 48.58 9.46 56.07
C TYR B 1081 47.19 10.06 56.29
N SER B 1082 46.28 9.75 55.36
CA SER B 1082 44.92 10.27 55.42
C SER B 1082 44.08 9.43 56.37
N ASP B 1083 42.84 9.90 56.61
CA ASP B 1083 41.93 9.18 57.51
C ASP B 1083 41.52 7.83 56.92
N ASP B 1084 41.38 7.77 55.60
CA ASP B 1084 41.02 6.51 54.94
C ASP B 1084 42.09 5.45 55.15
N ALA B 1085 43.37 5.84 55.03
CA ALA B 1085 44.45 4.87 55.21
C ALA B 1085 44.47 4.34 56.64
N ARG B 1086 44.30 5.23 57.62
CA ARG B 1086 44.26 4.77 59.01
C ARG B 1086 43.08 3.86 59.27
N PHE B 1087 41.91 4.21 58.73
CA PHE B 1087 40.73 3.37 58.91
C PHE B 1087 40.94 1.99 58.30
N ASN B 1088 41.50 1.93 57.09
CA ASN B 1088 41.75 0.65 56.44
C ASN B 1088 42.80 -0.16 57.19
N LEU B 1089 43.82 0.52 57.75
CA LEU B 1089 44.85 -0.18 58.52
C LEU B 1089 44.25 -0.80 59.77
N SER B 1090 43.37 -0.06 60.46
CA SER B 1090 42.70 -0.61 61.63
C SER B 1090 41.74 -1.73 61.25
N TYR B 1091 41.11 -1.61 60.07
CA TYR B 1091 40.16 -2.62 59.63
C TYR B 1091 40.86 -3.94 59.30
N LEU B 1092 41.97 -3.87 58.58
CA LEU B 1092 42.69 -5.09 58.20
C LEU B 1092 43.31 -5.75 59.43
N LEU B 1093 43.77 -4.96 60.39
CA LEU B 1093 44.20 -5.51 61.67
C LEU B 1093 43.03 -5.87 62.57
N ASN B 1094 41.80 -5.60 62.13
CA ASN B 1094 40.59 -5.88 62.91
C ASN B 1094 40.61 -5.20 64.27
N LEU B 1095 41.09 -3.96 64.29
CA LEU B 1095 41.02 -3.10 65.46
C LEU B 1095 39.73 -2.30 65.43
N SER B 1096 39.21 -2.01 66.62
CA SER B 1096 37.88 -1.41 66.72
C SER B 1096 37.86 0.00 66.16
N ILE B 1097 36.76 0.32 65.47
CA ILE B 1097 36.50 1.66 64.96
C ILE B 1097 35.14 2.09 65.50
N TYR B 1098 35.06 3.33 65.97
CA TYR B 1098 33.82 3.83 66.54
C TYR B 1098 32.72 3.86 65.49
N GLY B 1099 31.65 3.11 65.74
CA GLY B 1099 30.50 3.08 64.84
C GLY B 1099 30.77 2.50 63.48
N VAL B 1100 31.45 1.36 63.41
CA VAL B 1100 31.72 0.66 62.16
C VAL B 1100 30.88 -0.61 62.14
N ASN B 1101 30.40 -0.96 60.95
CA ASN B 1101 29.56 -2.16 60.77
C ASN B 1101 30.46 -3.31 60.37
N TRP B 1102 30.90 -4.08 61.37
CA TRP B 1102 31.71 -5.25 61.10
C TRP B 1102 30.91 -6.32 60.36
N PRO B 1103 31.43 -6.86 59.25
CA PRO B 1103 30.69 -7.88 58.52
C PRO B 1103 30.59 -9.17 59.32
N SER B 1104 29.44 -9.85 59.15
CA SER B 1104 29.22 -11.12 59.82
C SER B 1104 29.97 -12.27 59.16
N ALA B 1105 30.41 -12.10 57.90
CA ALA B 1105 31.12 -13.16 57.21
C ALA B 1105 32.41 -13.52 57.94
N TYR B 1106 33.11 -12.53 58.48
CA TYR B 1106 34.32 -12.80 59.26
C TYR B 1106 34.02 -13.73 60.42
N LEU B 1107 32.97 -13.40 61.19
CA LEU B 1107 32.63 -14.22 62.35
C LEU B 1107 32.18 -15.62 61.93
N ILE B 1108 31.40 -15.73 60.86
CA ILE B 1108 30.95 -17.04 60.41
C ILE B 1108 32.14 -17.90 59.98
N GLY B 1109 33.07 -17.31 59.22
CA GLY B 1109 34.24 -18.06 58.78
C GLY B 1109 35.11 -18.48 59.94
N ASP B 1110 35.35 -17.58 60.90
CA ASP B 1110 36.17 -17.94 62.04
C ASP B 1110 35.48 -18.99 62.90
N PHE B 1111 34.16 -18.92 63.03
CA PHE B 1111 33.43 -19.95 63.75
C PHE B 1111 33.56 -21.30 63.07
N PHE B 1112 33.47 -21.32 61.74
CA PHE B 1112 33.59 -22.60 61.03
C PHE B 1112 35.00 -23.16 61.18
N VAL B 1113 36.01 -22.29 61.15
CA VAL B 1113 37.38 -22.73 61.43
C VAL B 1113 37.45 -23.32 62.83
N LEU B 1114 36.79 -22.69 63.81
CA LEU B 1114 36.80 -23.21 65.17
C LEU B 1114 36.11 -24.57 65.27
N LEU B 1115 34.96 -24.71 64.59
CA LEU B 1115 34.27 -25.99 64.53
C LEU B 1115 35.17 -27.09 64.00
N LEU B 1116 35.78 -26.83 62.83
CA LEU B 1116 36.63 -27.84 62.22
C LEU B 1116 37.85 -28.14 63.09
N ALA B 1117 38.43 -27.11 63.71
CA ALA B 1117 39.58 -27.33 64.58
C ALA B 1117 39.22 -28.18 65.79
N SER B 1118 38.09 -27.90 66.43
CA SER B 1118 37.69 -28.67 67.59
C SER B 1118 37.37 -30.11 67.22
N CYS B 1119 36.64 -30.31 66.12
CA CYS B 1119 36.28 -31.67 65.72
C CYS B 1119 37.52 -32.45 65.30
N GLN B 1120 38.47 -31.78 64.63
CA GLN B 1120 39.72 -32.45 64.26
C GLN B 1120 40.57 -32.74 65.48
N LEU B 1121 40.53 -31.90 66.51
CA LEU B 1121 41.20 -32.21 67.76
C LEU B 1121 40.60 -33.46 68.38
N ALA B 1122 39.26 -33.56 68.38
CA ALA B 1122 38.60 -34.74 68.90
C ALA B 1122 39.00 -35.98 68.12
N VAL B 1123 39.14 -35.86 66.80
CA VAL B 1123 39.62 -36.97 65.98
C VAL B 1123 41.07 -37.30 66.33
N PHE B 1124 41.88 -36.28 66.61
CA PHE B 1124 43.30 -36.51 66.91
C PHE B 1124 43.47 -37.26 68.22
N ARG B 1125 42.66 -36.93 69.24
CA ARG B 1125 42.76 -37.65 70.50
C ARG B 1125 42.37 -39.12 70.34
N ARG B 1126 41.32 -39.39 69.57
CA ARG B 1126 40.88 -40.77 69.34
C ARG B 1126 41.35 -41.15 67.94
N GLU B 1127 42.54 -41.75 67.88
CA GLU B 1127 43.19 -42.03 66.62
C GLU B 1127 44.37 -42.96 66.85
N GLY B 1128 44.61 -43.85 65.88
CA GLY B 1128 45.75 -44.73 65.94
C GLY B 1128 46.83 -44.36 64.93
N GLU B 1129 46.91 -45.11 63.84
CA GLU B 1129 47.88 -44.86 62.78
C GLU B 1129 47.22 -44.95 61.41
N ASP B 1130 45.89 -44.81 61.35
CA ASP B 1130 45.16 -44.98 60.10
C ASP B 1130 45.33 -43.78 59.17
N ASN B 1131 45.26 -42.56 59.72
CA ASN B 1131 45.16 -41.37 58.87
C ASN B 1131 46.49 -41.00 58.22
N ASP B 1132 47.60 -41.19 58.92
CA ASP B 1132 48.88 -40.71 58.42
C ASP B 1132 49.34 -41.54 57.22
N SER B 1133 50.50 -41.15 56.67
CA SER B 1133 51.02 -41.79 55.48
C SER B 1133 51.49 -43.21 55.79
N ILE B 1134 51.40 -44.07 54.76
CA ILE B 1134 51.95 -45.42 54.84
C ILE B 1134 53.43 -45.47 54.53
N TYR B 1135 54.06 -44.33 54.29
CA TYR B 1135 55.46 -44.25 53.89
C TYR B 1135 56.37 -43.89 55.07
N ASN B 1136 55.86 -43.95 56.29
CA ASN B 1136 56.69 -43.65 57.46
C ASN B 1136 57.81 -44.66 57.66
N ASP B 1137 57.72 -45.84 57.02
CA ASP B 1137 58.77 -46.84 57.14
C ASP B 1137 60.09 -46.35 56.56
N GLY B 1138 60.04 -45.66 55.43
CA GLY B 1138 61.21 -45.04 54.84
C GLY B 1138 61.41 -45.33 53.37
N ASN B 1139 61.15 -46.56 52.92
CA ASN B 1139 61.31 -46.92 51.50
C ASN B 1139 60.02 -46.63 50.76
N PHE B 1140 60.15 -46.28 49.48
CA PHE B 1140 59.03 -45.85 48.66
C PHE B 1140 58.67 -46.84 47.56
N VAL B 1141 59.21 -48.06 47.62
CA VAL B 1141 58.88 -49.10 46.66
C VAL B 1141 57.50 -49.66 46.98
N ILE B 1142 56.95 -50.47 46.08
CA ILE B 1142 55.65 -51.07 46.30
C ILE B 1142 55.71 -51.93 47.56
N LYS B 1143 54.77 -51.70 48.48
CA LYS B 1143 54.72 -52.48 49.70
C LYS B 1143 54.30 -53.92 49.39
N PRO B 1144 54.78 -54.88 50.17
CA PRO B 1144 54.46 -56.30 49.89
C PRO B 1144 52.97 -56.59 49.92
N GLU B 1145 52.30 -56.27 51.03
CA GLU B 1145 50.90 -56.60 51.23
C GLU B 1145 50.13 -55.35 51.59
N ASN B 1146 48.93 -55.21 51.03
CA ASN B 1146 48.01 -54.14 51.37
C ASN B 1146 46.63 -54.70 51.66
N PRO B 1147 45.89 -54.11 52.61
CA PRO B 1147 44.62 -54.72 53.04
C PRO B 1147 43.53 -54.68 51.97
N GLN B 1148 43.67 -53.84 50.95
CA GLN B 1148 42.58 -53.65 50.00
C GLN B 1148 42.97 -54.15 48.61
N TYR B 1149 41.97 -54.69 47.90
CA TYR B 1149 42.15 -55.40 46.66
C TYR B 1149 42.60 -54.46 45.52
N ASP B 1150 42.77 -55.03 44.33
CA ASP B 1150 43.12 -54.23 43.16
C ASP B 1150 41.83 -53.71 42.55
N PHE B 1151 41.44 -52.50 42.95
CA PHE B 1151 40.15 -51.92 42.55
C PHE B 1151 40.08 -51.58 41.07
N ILE B 1152 41.21 -51.47 40.38
CA ILE B 1152 41.20 -51.01 39.00
C ILE B 1152 40.63 -52.09 38.07
N ASP B 1153 41.11 -53.33 38.21
CA ASP B 1153 40.61 -54.39 37.33
C ASP B 1153 39.22 -54.85 37.72
N THR B 1154 38.97 -54.98 39.03
CA THR B 1154 37.67 -55.47 39.48
C THR B 1154 36.61 -54.37 39.35
N LYS B 1155 35.35 -54.79 39.44
CA LYS B 1155 34.21 -53.91 39.22
C LYS B 1155 33.16 -54.14 40.30
N LYS B 1156 33.58 -54.06 41.57
CA LYS B 1156 32.70 -54.40 42.68
C LYS B 1156 31.37 -53.63 42.63
N SER B 1157 31.43 -52.31 42.48
CA SER B 1157 30.20 -51.51 42.49
C SER B 1157 30.49 -50.17 41.81
N TYR B 1158 29.48 -49.30 41.84
CA TYR B 1158 29.66 -47.94 41.32
C TYR B 1158 30.63 -47.15 42.19
N VAL B 1159 30.68 -47.47 43.48
CA VAL B 1159 31.70 -46.88 44.34
C VAL B 1159 33.09 -47.26 43.86
N ASP B 1160 33.25 -48.47 43.33
CA ASP B 1160 34.51 -48.85 42.70
C ASP B 1160 34.80 -48.00 41.47
N TYR B 1161 33.77 -47.69 40.68
CA TYR B 1161 33.95 -46.81 39.53
C TYR B 1161 34.46 -45.44 39.97
N PHE B 1162 33.83 -44.87 41.00
CA PHE B 1162 34.27 -43.58 41.51
C PHE B 1162 35.69 -43.65 42.08
N LYS B 1163 35.99 -44.74 42.80
CA LYS B 1163 37.33 -44.92 43.36
C LYS B 1163 38.37 -44.94 42.26
N SER B 1164 38.12 -45.71 41.19
CA SER B 1164 39.05 -45.75 40.07
C SER B 1164 39.18 -44.39 39.41
N PHE B 1165 38.06 -43.68 39.24
CA PHE B 1165 38.11 -42.37 38.59
C PHE B 1165 38.94 -41.38 39.38
N VAL B 1166 38.80 -41.37 40.71
CA VAL B 1166 39.44 -40.31 41.47
C VAL B 1166 40.85 -40.71 41.92
N PHE B 1167 41.16 -42.01 42.02
CA PHE B 1167 42.51 -42.44 42.36
C PHE B 1167 43.33 -42.84 41.15
N HIS B 1168 42.78 -42.72 39.94
CA HIS B 1168 43.53 -42.98 38.72
C HIS B 1168 43.59 -41.79 37.79
N TYR B 1169 42.63 -40.86 37.88
CA TYR B 1169 42.63 -39.65 37.08
C TYR B 1169 42.48 -38.40 37.94
N GLY B 1170 42.60 -38.53 39.27
CA GLY B 1170 42.47 -37.37 40.13
C GLY B 1170 43.57 -36.34 39.92
N HIS B 1171 44.78 -36.80 39.61
CA HIS B 1171 45.87 -35.88 39.34
C HIS B 1171 45.58 -35.03 38.11
N TRP B 1172 44.85 -35.58 37.14
CA TRP B 1172 44.43 -34.78 35.99
C TRP B 1172 43.56 -33.61 36.44
N ILE B 1173 42.61 -33.87 37.34
CA ILE B 1173 41.73 -32.81 37.85
C ILE B 1173 42.54 -31.80 38.66
N THR B 1174 43.52 -32.28 39.42
CA THR B 1174 44.37 -31.38 40.20
C THR B 1174 45.14 -30.42 39.28
N LEU B 1175 45.74 -30.97 38.21
CA LEU B 1175 46.46 -30.12 37.28
C LEU B 1175 45.50 -29.17 36.57
N MET B 1176 44.30 -29.63 36.25
CA MET B 1176 43.30 -28.73 35.67
C MET B 1176 43.01 -27.57 36.60
N SER B 1177 42.83 -27.85 37.88
CA SER B 1177 42.53 -26.80 38.86
C SER B 1177 43.68 -25.81 38.96
N THR B 1178 44.91 -26.31 39.05
CA THR B 1178 46.04 -25.38 39.21
C THR B 1178 46.28 -24.57 37.94
N LEU B 1179 46.08 -25.16 36.76
CA LEU B 1179 46.23 -24.42 35.53
C LEU B 1179 45.13 -23.36 35.39
N ALA B 1180 43.90 -23.71 35.79
CA ALA B 1180 42.83 -22.72 35.77
C ALA B 1180 43.13 -21.57 36.72
N ALA B 1181 43.64 -21.88 37.91
CA ALA B 1181 44.01 -20.83 38.86
C ALA B 1181 45.10 -19.94 38.29
N GLY B 1182 46.10 -20.54 37.64
CA GLY B 1182 47.16 -19.74 37.05
C GLY B 1182 46.67 -18.84 35.92
N ILE B 1183 45.88 -19.40 35.01
CA ILE B 1183 45.43 -18.62 33.85
C ILE B 1183 44.45 -17.54 34.30
N ALA B 1184 43.68 -17.79 35.35
CA ALA B 1184 42.74 -16.79 35.83
C ALA B 1184 43.45 -15.56 36.36
N GLY B 1185 44.53 -15.76 37.12
CA GLY B 1185 45.25 -14.63 37.69
C GLY B 1185 46.14 -13.95 36.68
N THR B 1186 46.53 -12.71 37.01
CA THR B 1186 47.43 -11.91 36.20
C THR B 1186 48.55 -11.38 37.10
N SER B 1187 49.59 -12.19 37.26
CA SER B 1187 50.75 -11.83 38.07
C SER B 1187 51.86 -12.82 37.76
N LEU B 1188 53.06 -12.53 38.26
CA LEU B 1188 54.16 -13.49 38.12
C LEU B 1188 53.90 -14.76 38.89
N PHE B 1189 53.10 -14.68 39.96
CA PHE B 1189 52.67 -15.89 40.65
C PHE B 1189 51.85 -16.78 39.73
N ALA B 1190 50.98 -16.16 38.92
CA ALA B 1190 50.24 -16.93 37.92
C ALA B 1190 51.20 -17.60 36.94
N LEU B 1191 52.21 -16.86 36.47
CA LEU B 1191 53.21 -17.44 35.58
C LEU B 1191 53.88 -18.64 36.25
N GLY B 1192 54.12 -18.55 37.56
CA GLY B 1192 54.63 -19.69 38.28
C GLY B 1192 53.68 -20.88 38.23
N TYR B 1193 52.38 -20.62 38.39
CA TYR B 1193 51.38 -21.69 38.21
C TYR B 1193 51.52 -22.35 36.84
N ILE B 1194 51.52 -21.55 35.77
CA ILE B 1194 51.60 -22.14 34.44
C ILE B 1194 52.89 -22.93 34.26
N ILE B 1195 54.04 -22.38 34.67
CA ILE B 1195 55.29 -23.11 34.44
C ILE B 1195 55.31 -24.41 35.24
N PHE B 1196 54.84 -24.37 36.50
CA PHE B 1196 54.83 -25.58 37.32
C PHE B 1196 53.89 -26.63 36.75
N THR B 1197 52.69 -26.21 36.31
CA THR B 1197 51.74 -27.20 35.81
C THR B 1197 52.17 -27.74 34.45
N LEU B 1198 52.87 -26.95 33.65
CA LEU B 1198 53.39 -27.46 32.38
C LEU B 1198 54.55 -28.42 32.62
N THR B 1199 55.39 -28.15 33.62
CA THR B 1199 56.42 -29.12 33.97
C THR B 1199 55.81 -30.42 34.51
N MET B 1200 54.73 -30.31 35.29
CA MET B 1200 54.07 -31.49 35.81
C MET B 1200 53.42 -32.31 34.71
N LEU B 1201 52.49 -31.71 33.96
CA LEU B 1201 51.72 -32.44 32.96
C LEU B 1201 52.58 -32.78 31.75
N TRP B 1202 53.73 -32.10 31.60
CA TRP B 1202 54.65 -32.41 30.53
C TRP B 1202 55.20 -33.83 30.66
N SER B 1203 55.56 -34.22 31.89
CA SER B 1203 56.09 -35.56 32.12
C SER B 1203 54.99 -36.61 32.12
N GLY B 1204 53.73 -36.21 32.22
CA GLY B 1204 52.64 -37.16 32.23
C GLY B 1204 52.73 -38.10 33.43
N ASN B 1205 52.61 -39.38 33.16
CA ASN B 1205 52.68 -40.42 34.19
C ASN B 1205 54.05 -41.06 34.29
N ASN B 1206 55.05 -40.52 33.58
CA ASN B 1206 56.40 -41.07 33.68
C ASN B 1206 56.96 -40.92 35.08
N LEU B 1207 56.61 -39.83 35.77
CA LEU B 1207 57.06 -39.63 37.14
C LEU B 1207 56.20 -40.33 38.19
N TYR B 1208 55.12 -40.99 37.78
CA TYR B 1208 54.36 -41.87 38.68
C TYR B 1208 54.85 -43.31 38.61
N VAL B 1209 56.16 -43.52 38.74
CA VAL B 1209 56.74 -44.86 38.78
C VAL B 1209 57.91 -44.85 39.76
N MET B 1210 58.55 -46.00 39.91
CA MET B 1210 59.73 -46.17 40.74
C MET B 1210 60.87 -46.82 39.97
N ASN B 1211 60.90 -46.63 38.65
CA ASN B 1211 61.87 -47.28 37.79
C ASN B 1211 63.29 -46.83 38.13
N SER B 1212 64.24 -47.75 37.96
CA SER B 1212 65.68 -47.56 38.13
C SER B 1212 66.10 -47.34 39.58
N THR B 1213 65.15 -47.26 40.51
CA THR B 1213 65.45 -47.08 41.94
C THR B 1213 66.40 -45.90 42.17
N LEU B 1214 66.14 -44.81 41.47
CA LEU B 1214 66.94 -43.60 41.56
C LEU B 1214 66.18 -42.48 42.25
N ARG B 1215 65.44 -42.82 43.31
CA ARG B 1215 64.63 -41.87 44.07
C ARG B 1215 63.59 -41.19 43.17
N SER B 1216 62.89 -42.02 42.40
CA SER B 1216 61.94 -41.50 41.41
C SER B 1216 60.65 -41.05 42.06
N PHE B 1217 59.97 -41.95 42.79
CA PHE B 1217 58.71 -41.59 43.41
C PHE B 1217 58.93 -40.57 44.53
N GLU B 1218 60.04 -40.66 45.25
CA GLU B 1218 60.36 -39.63 46.22
C GLU B 1218 60.57 -38.27 45.55
N HIS B 1219 61.18 -38.27 44.37
CA HIS B 1219 61.28 -37.02 43.61
C HIS B 1219 59.92 -36.51 43.18
N THR B 1220 59.01 -37.41 42.81
CA THR B 1220 57.64 -37.00 42.48
C THR B 1220 56.97 -36.34 43.68
N LEU B 1221 57.07 -36.96 44.85
CA LEU B 1221 56.50 -36.38 46.06
C LEU B 1221 57.16 -35.05 46.41
N LYS B 1222 58.47 -34.95 46.21
CA LYS B 1222 59.17 -33.69 46.47
C LYS B 1222 58.70 -32.60 45.53
N ARG B 1223 58.50 -32.91 44.25
CA ARG B 1223 58.02 -31.91 43.32
C ARG B 1223 56.59 -31.49 43.65
N TRP B 1224 55.74 -32.43 44.04
CA TRP B 1224 54.37 -32.09 44.42
C TRP B 1224 54.36 -31.24 45.70
N ASN B 1225 55.22 -31.57 46.66
CA ASN B 1225 55.33 -30.75 47.87
C ASN B 1225 55.90 -29.37 47.55
N ALA B 1226 56.76 -29.29 46.55
CA ALA B 1226 57.24 -27.98 46.09
C ALA B 1226 56.11 -27.16 45.49
N LEU B 1227 55.23 -27.81 44.72
CA LEU B 1227 54.05 -27.11 44.20
C LEU B 1227 53.15 -26.66 45.35
N LEU B 1228 52.96 -27.51 46.35
CA LEU B 1228 52.25 -27.12 47.57
C LEU B 1228 52.87 -25.87 48.19
N GLY B 1229 54.18 -25.92 48.41
CA GLY B 1229 54.87 -24.80 49.03
C GLY B 1229 54.79 -23.53 48.21
N TYR B 1230 54.81 -23.65 46.88
CA TYR B 1230 54.71 -22.47 46.04
C TYR B 1230 53.31 -21.87 46.07
N THR B 1231 52.28 -22.73 46.07
CA THR B 1231 50.92 -22.21 46.19
C THR B 1231 50.71 -21.53 47.53
N LEU B 1232 51.29 -22.08 48.60
CA LEU B 1232 51.16 -21.42 49.90
C LEU B 1232 52.02 -20.15 49.96
N PHE B 1233 53.15 -20.15 49.27
CA PHE B 1233 53.95 -18.93 49.15
C PHE B 1233 53.15 -17.82 48.50
N THR B 1234 52.46 -18.13 47.40
CA THR B 1234 51.72 -17.09 46.70
C THR B 1234 50.44 -16.71 47.44
N ILE B 1235 49.84 -17.64 48.17
CA ILE B 1235 48.69 -17.27 49.00
C ILE B 1235 49.12 -16.31 50.10
N THR B 1236 50.28 -16.57 50.72
CA THR B 1236 50.81 -15.65 51.73
C THR B 1236 51.16 -14.31 51.11
N MET B 1237 51.76 -14.31 49.91
CA MET B 1237 52.11 -13.07 49.25
C MET B 1237 50.87 -12.24 48.92
N LYS B 1238 49.81 -12.90 48.43
CA LYS B 1238 48.58 -12.17 48.13
C LYS B 1238 47.95 -11.60 49.40
N VAL B 1239 47.92 -12.38 50.48
CA VAL B 1239 47.34 -11.86 51.72
C VAL B 1239 48.16 -10.68 52.24
N CYS B 1240 49.48 -10.78 52.20
CA CYS B 1240 50.33 -9.68 52.66
C CYS B 1240 50.28 -8.47 51.72
N LEU B 1241 50.04 -8.68 50.43
CA LEU B 1241 49.91 -7.59 49.47
C LEU B 1241 48.53 -6.94 49.53
N GLN B 1242 47.54 -7.61 50.12
CA GLN B 1242 46.25 -6.96 50.36
C GLN B 1242 46.42 -5.69 51.18
N ILE B 1243 47.10 -5.80 52.32
CA ILE B 1243 47.33 -4.63 53.16
C ILE B 1243 48.31 -3.67 52.48
N PHE B 1244 49.25 -4.20 51.70
CA PHE B 1244 50.21 -3.35 51.00
C PHE B 1244 49.50 -2.50 49.95
N GLY B 1245 48.40 -3.00 49.40
CA GLY B 1245 47.62 -2.24 48.43
C GLY B 1245 46.48 -1.42 48.99
N CYS B 1246 46.03 -1.69 50.22
CA CYS B 1246 44.95 -0.93 50.82
C CYS B 1246 45.42 0.22 51.70
N VAL B 1247 46.55 0.10 52.39
CA VAL B 1247 47.08 1.19 53.19
C VAL B 1247 48.49 1.59 52.80
N PHE B 1248 49.27 0.72 52.18
CA PHE B 1248 50.64 1.02 51.78
C PHE B 1248 50.70 1.46 50.31
N LEU B 1249 49.55 1.73 49.70
CA LEU B 1249 49.53 2.18 48.31
C LEU B 1249 50.01 3.62 48.15
N SER B 1250 50.10 4.39 49.25
CA SER B 1250 50.51 5.79 49.13
C SER B 1250 52.00 5.96 48.78
N TRP B 1251 52.84 4.97 49.07
CA TRP B 1251 54.18 4.97 48.49
C TRP B 1251 54.17 4.85 46.97
N PHE B 1252 53.04 4.46 46.40
CA PHE B 1252 52.94 4.32 44.96
C PHE B 1252 52.55 5.60 44.25
N ASP B 1253 52.28 6.69 44.99
CA ASP B 1253 51.92 7.97 44.39
C ASP B 1253 53.17 8.84 44.30
N GLN B 1254 54.10 8.41 43.44
CA GLN B 1254 55.32 9.15 43.18
C GLN B 1254 55.21 9.88 41.84
N SER B 1255 56.32 10.48 41.42
CA SER B 1255 56.41 11.15 40.13
C SER B 1255 56.66 10.10 39.05
N GLY B 1256 57.05 10.55 37.86
CA GLY B 1256 57.38 9.62 36.80
C GLY B 1256 58.69 8.89 37.07
N GLY B 1257 59.06 8.02 36.14
CA GLY B 1257 60.32 7.32 36.26
C GLY B 1257 60.27 6.20 37.28
N TRP B 1258 60.90 6.43 38.44
CA TRP B 1258 60.81 5.48 39.54
C TRP B 1258 59.36 5.20 39.90
N GLY B 1259 58.54 6.25 40.02
CA GLY B 1259 57.13 6.06 40.28
C GLY B 1259 56.43 5.32 39.15
N LYS B 1260 56.81 5.61 37.91
CA LYS B 1260 56.23 4.89 36.77
C LYS B 1260 56.59 3.41 36.82
N THR B 1261 57.84 3.09 37.15
CA THR B 1261 58.27 1.69 37.22
C THR B 1261 57.53 0.95 38.33
N LEU B 1262 57.42 1.58 39.52
CA LEU B 1262 56.71 0.92 40.60
C LEU B 1262 55.21 0.86 40.34
N CYS B 1263 54.67 1.81 39.57
CA CYS B 1263 53.27 1.71 39.18
C CYS B 1263 53.05 0.50 38.29
N ILE B 1264 54.00 0.25 37.38
CA ILE B 1264 53.94 -0.94 36.53
C ILE B 1264 54.09 -2.22 37.35
N VAL B 1265 54.98 -2.22 38.34
CA VAL B 1265 55.14 -3.44 39.13
C VAL B 1265 53.92 -3.66 40.01
N ARG B 1266 53.25 -2.58 40.43
CA ARG B 1266 51.95 -2.72 41.08
C ARG B 1266 50.94 -3.37 40.16
N GLN B 1267 50.93 -2.94 38.89
CA GLN B 1267 50.03 -3.57 37.92
C GLN B 1267 50.32 -5.06 37.78
N LEU B 1268 51.61 -5.42 37.66
CA LEU B 1268 51.96 -6.80 37.31
C LEU B 1268 52.08 -7.71 38.53
N PHE B 1269 52.00 -7.16 39.74
CA PHE B 1269 51.76 -7.96 40.93
C PHE B 1269 50.31 -7.94 41.39
N SER B 1270 49.43 -7.26 40.66
CA SER B 1270 48.00 -7.16 41.00
C SER B 1270 47.81 -6.62 42.41
N ILE B 1271 48.60 -5.60 42.75
CA ILE B 1271 48.54 -4.96 44.06
C ILE B 1271 47.32 -4.06 44.07
N THR B 1272 46.22 -4.53 44.65
CA THR B 1272 44.97 -3.78 44.69
C THR B 1272 44.21 -4.17 45.95
N CYS B 1273 42.97 -3.72 46.06
CA CYS B 1273 42.12 -4.00 47.20
C CYS B 1273 40.89 -4.78 46.76
N VAL B 1274 40.59 -5.85 47.49
CA VAL B 1274 39.41 -6.67 47.23
C VAL B 1274 38.42 -6.66 48.38
N ASN B 1275 38.88 -6.40 49.60
CA ASN B 1275 37.99 -6.33 50.77
C ASN B 1275 37.19 -5.04 50.66
N ASN B 1276 36.06 -5.13 49.96
CA ASN B 1276 35.31 -3.95 49.53
C ASN B 1276 34.78 -3.12 50.70
N GLU B 1277 34.73 -3.69 51.90
CA GLU B 1277 34.23 -2.93 53.05
C GLU B 1277 35.18 -1.81 53.46
N CYS B 1278 36.42 -1.83 52.98
CA CYS B 1278 37.35 -0.76 53.31
C CYS B 1278 36.96 0.54 52.61
N HIS B 1279 37.26 1.65 53.26
CA HIS B 1279 36.97 2.96 52.68
C HIS B 1279 37.87 3.23 51.49
N VAL B 1280 37.34 3.94 50.49
CA VAL B 1280 38.12 4.30 49.33
C VAL B 1280 39.16 5.35 49.71
N LEU B 1281 40.30 5.32 49.03
CA LEU B 1281 41.34 6.32 49.23
C LEU B 1281 40.97 7.57 48.43
N LYS B 1282 40.31 8.52 49.09
CA LYS B 1282 39.73 9.68 48.42
C LYS B 1282 40.77 10.68 47.94
N GLU B 1283 42.03 10.51 48.30
CA GLU B 1283 43.11 11.38 47.83
C GLU B 1283 43.99 10.71 46.79
N LEU B 1284 43.54 9.57 46.22
CA LEU B 1284 44.42 8.78 45.37
C LEU B 1284 43.70 8.22 44.15
N GLU B 1285 42.57 8.79 43.74
CA GLU B 1285 41.85 8.26 42.59
C GLU B 1285 42.64 8.42 41.30
N ASP B 1286 43.34 9.54 41.13
CA ASP B 1286 44.08 9.78 39.89
C ASP B 1286 45.17 8.75 39.67
N PHE B 1287 45.84 8.33 40.74
CA PHE B 1287 46.85 7.29 40.61
C PHE B 1287 46.22 5.98 40.13
N SER B 1288 45.07 5.61 40.69
CA SER B 1288 44.38 4.41 40.23
C SER B 1288 43.92 4.57 38.77
N LYS B 1289 43.66 5.80 38.34
CA LYS B 1289 43.39 6.06 36.94
C LYS B 1289 44.62 5.79 36.09
N ALA B 1290 45.80 6.16 36.60
CA ALA B 1290 47.05 5.90 35.88
C ALA B 1290 47.27 4.40 35.71
N CYS B 1291 47.44 3.68 36.81
CA CYS B 1291 47.51 2.21 36.80
C CYS B 1291 46.17 1.68 37.30
N ALA B 1292 45.36 1.20 36.37
CA ALA B 1292 44.04 0.68 36.70
C ALA B 1292 44.10 -0.85 36.81
N VAL B 1293 43.89 -1.35 38.02
CA VAL B 1293 43.85 -2.78 38.28
C VAL B 1293 42.43 -3.14 38.69
N GLU B 1294 41.81 -4.04 37.91
CA GLU B 1294 40.44 -4.45 38.23
C GLU B 1294 40.39 -5.21 39.55
N THR B 1295 39.28 -5.05 40.25
CA THR B 1295 39.17 -5.53 41.63
C THR B 1295 39.30 -7.05 41.70
N LYS B 1296 38.69 -7.76 40.76
CA LYS B 1296 38.65 -9.23 40.85
C LYS B 1296 39.94 -9.86 40.37
N GLU B 1297 41.08 -9.37 40.86
CA GLU B 1297 42.37 -10.02 40.64
C GLU B 1297 43.22 -10.15 41.89
N GLY B 1298 43.03 -9.31 42.89
CA GLY B 1298 43.68 -9.52 44.17
C GLY B 1298 43.09 -10.62 45.00
N ASN B 1299 41.85 -11.03 44.69
CA ASN B 1299 41.24 -12.18 45.32
C ASN B 1299 41.92 -13.46 44.86
N ILE B 1300 41.49 -14.60 45.39
CA ILE B 1300 42.15 -15.87 45.15
C ILE B 1300 41.24 -16.86 44.43
N GLY B 1301 40.13 -17.26 45.07
CA GLY B 1301 39.12 -18.04 44.38
C GLY B 1301 39.65 -19.32 43.76
N PHE B 1302 39.83 -19.28 42.44
CA PHE B 1302 40.52 -20.35 41.74
C PHE B 1302 41.78 -20.81 42.46
N ASP B 1303 42.49 -19.88 43.11
CA ASP B 1303 43.66 -20.25 43.90
C ASP B 1303 43.28 -21.22 45.01
N VAL B 1304 42.24 -20.90 45.79
CA VAL B 1304 41.92 -21.77 46.93
C VAL B 1304 41.31 -23.08 46.46
N ILE B 1305 40.54 -23.09 45.36
CA ILE B 1305 40.01 -24.37 44.90
C ILE B 1305 41.15 -25.24 44.34
N ALA B 1306 42.14 -24.64 43.68
CA ALA B 1306 43.30 -25.40 43.25
C ALA B 1306 44.07 -25.94 44.45
N LEU B 1307 44.18 -25.14 45.51
CA LEU B 1307 44.78 -25.62 46.74
C LEU B 1307 44.02 -26.82 47.30
N SER B 1308 42.69 -26.74 47.29
CA SER B 1308 41.85 -27.86 47.72
C SER B 1308 42.20 -29.12 46.94
N PHE B 1309 42.18 -29.02 45.60
CA PHE B 1309 42.41 -30.20 44.78
C PHE B 1309 43.82 -30.75 44.98
N LEU B 1310 44.83 -29.89 45.08
CA LEU B 1310 46.18 -30.38 45.20
C LEU B 1310 46.48 -30.95 46.59
N VAL B 1311 45.90 -30.38 47.65
CA VAL B 1311 46.10 -30.98 48.97
C VAL B 1311 45.38 -32.32 49.06
N PHE B 1312 44.21 -32.43 48.42
CA PHE B 1312 43.56 -33.73 48.34
C PHE B 1312 44.42 -34.73 47.58
N GLN B 1313 45.04 -34.28 46.48
CA GLN B 1313 45.91 -35.18 45.71
C GLN B 1313 47.13 -35.61 46.53
N ILE B 1314 47.69 -34.69 47.33
CA ILE B 1314 48.78 -35.06 48.22
C ILE B 1314 48.32 -36.14 49.20
N ARG B 1315 47.09 -36.01 49.72
CA ARG B 1315 46.56 -37.05 50.59
C ARG B 1315 46.44 -38.38 49.84
N ILE B 1316 46.00 -38.34 48.58
CA ILE B 1316 45.95 -39.56 47.76
C ILE B 1316 47.33 -40.18 47.61
N PHE B 1317 48.35 -39.35 47.45
CA PHE B 1317 49.69 -39.87 47.18
C PHE B 1317 50.26 -40.70 48.31
N HIS B 1318 49.68 -40.64 49.50
CA HIS B 1318 50.10 -41.43 50.65
C HIS B 1318 49.01 -42.40 51.08
N SER B 1319 48.37 -43.04 50.12
CA SER B 1319 47.27 -43.97 50.38
C SER B 1319 47.59 -45.34 49.79
N TRP B 1320 46.92 -46.36 50.30
CA TRP B 1320 47.12 -47.72 49.81
C TRP B 1320 46.67 -47.85 48.35
N TYR B 1321 45.70 -47.03 47.94
CA TYR B 1321 45.15 -47.16 46.59
C TYR B 1321 46.17 -46.79 45.54
N PHE B 1322 46.98 -45.76 45.82
CA PHE B 1322 47.96 -45.30 44.84
C PHE B 1322 49.05 -46.34 44.61
N GLN B 1323 49.27 -47.24 45.57
CA GLN B 1323 50.18 -48.36 45.32
C GLN B 1323 49.68 -49.21 44.16
N HIS B 1324 48.39 -49.57 44.18
CA HIS B 1324 47.83 -50.31 43.07
C HIS B 1324 47.74 -49.45 41.81
N CYS B 1325 47.64 -48.13 41.97
CA CYS B 1325 47.72 -47.26 40.80
C CYS B 1325 49.08 -47.37 40.12
N MET B 1326 50.17 -47.38 40.90
CA MET B 1326 51.49 -47.63 40.34
C MET B 1326 51.58 -49.02 39.73
N VAL B 1327 51.00 -50.02 40.41
CA VAL B 1327 51.01 -51.38 39.87
C VAL B 1327 50.38 -51.41 38.49
N GLU B 1328 49.27 -50.67 38.32
CA GLU B 1328 48.66 -50.54 37.00
C GLU B 1328 49.57 -49.76 36.05
N TYR B 1329 50.35 -48.81 36.58
CA TYR B 1329 51.31 -48.10 35.74
C TYR B 1329 52.58 -48.91 35.53
N ARG B 1330 53.29 -49.22 36.62
CA ARG B 1330 54.58 -49.87 36.50
C ARG B 1330 54.43 -51.28 35.94
N SER B 1331 55.33 -51.63 35.00
CA SER B 1331 55.41 -52.96 34.40
C SER B 1331 54.16 -53.31 33.60
N GLU B 1332 53.25 -52.35 33.43
CA GLU B 1332 52.06 -52.55 32.63
C GLU B 1332 51.89 -51.52 31.52
N VAL B 1333 52.32 -50.28 31.75
CA VAL B 1333 52.38 -49.31 30.65
C VAL B 1333 53.49 -49.71 29.68
N ILE B 1334 54.48 -50.48 30.15
CA ILE B 1334 55.52 -51.00 29.28
C ILE B 1334 54.99 -52.08 28.36
N LEU B 1335 53.86 -52.70 28.72
CA LEU B 1335 53.17 -53.69 27.88
C LEU B 1335 52.44 -53.04 26.70
N ALA B 1336 52.67 -51.74 26.51
CA ALA B 1336 52.07 -51.03 25.40
C ALA B 1336 52.55 -51.57 24.06
N ASN B 1337 53.77 -52.10 24.01
CA ASN B 1337 54.28 -52.68 22.78
C ASN B 1337 53.43 -53.88 22.35
N ARG B 1338 53.08 -54.75 23.30
CA ARG B 1338 52.21 -55.88 23.01
C ARG B 1338 50.79 -55.42 22.74
N GLY B 1339 50.34 -54.38 23.45
CA GLY B 1339 49.01 -53.84 23.21
C GLY B 1339 48.84 -53.32 21.80
N ALA B 1340 49.86 -52.64 21.28
CA ALA B 1340 49.81 -52.14 19.91
C ALA B 1340 49.70 -53.30 18.92
N VAL B 1341 50.47 -54.36 19.14
CA VAL B 1341 50.44 -55.51 18.22
C VAL B 1341 49.07 -56.17 18.25
N LEU B 1342 48.51 -56.36 19.44
CA LEU B 1342 47.21 -57.02 19.53
C LEU B 1342 46.11 -56.16 18.91
N LYS B 1343 46.19 -54.83 19.11
CA LYS B 1343 45.23 -53.94 18.47
C LYS B 1343 45.35 -54.00 16.95
N ASN B 1344 46.59 -54.07 16.44
CA ASN B 1344 46.80 -54.19 15.00
C ASN B 1344 46.21 -55.48 14.47
N GLN B 1345 46.40 -56.60 15.19
CA GLN B 1345 45.82 -57.86 14.75
C GLN B 1345 44.29 -57.79 14.75
N LEU B 1346 43.70 -57.19 15.79
CA LEU B 1346 42.25 -57.09 15.87
C LEU B 1346 41.69 -56.24 14.74
N ILE B 1347 42.32 -55.10 14.45
CA ILE B 1347 41.82 -54.25 13.37
C ILE B 1347 42.07 -54.90 12.01
N GLU B 1348 43.13 -55.68 11.85
CA GLU B 1348 43.31 -56.42 10.60
C GLU B 1348 42.23 -57.49 10.44
N LYS B 1349 41.86 -58.16 11.53
CA LYS B 1349 40.75 -59.10 11.48
C LYS B 1349 39.44 -58.41 11.11
N GLU B 1350 39.23 -57.20 11.64
CA GLU B 1350 38.06 -56.42 11.26
C GLU B 1350 38.09 -56.06 9.77
N MET B 1351 39.27 -55.73 9.26
CA MET B 1351 39.43 -55.46 7.84
C MET B 1351 39.06 -56.69 7.01
N LYS B 1352 39.54 -57.86 7.42
CA LYS B 1352 39.19 -59.08 6.69
C LYS B 1352 37.68 -59.33 6.74
N GLU B 1353 37.06 -59.10 7.90
CA GLU B 1353 35.62 -59.31 8.02
C GLU B 1353 34.84 -58.37 7.11
N GLN B 1354 35.22 -57.09 7.07
CA GLN B 1354 34.50 -56.16 6.21
C GLN B 1354 34.76 -56.46 4.74
N ASN B 1355 35.97 -56.93 4.41
CA ASN B 1355 36.25 -57.32 3.03
C ASN B 1355 35.40 -58.50 2.58
N GLU B 1356 35.29 -59.53 3.43
CA GLU B 1356 34.47 -60.68 3.06
C GLU B 1356 32.99 -60.30 3.00
N GLN B 1357 32.56 -59.40 3.89
CA GLN B 1357 31.19 -58.90 3.81
C GLN B 1357 30.95 -58.17 2.48
N GLN B 1358 31.93 -57.38 2.04
CA GLN B 1358 31.77 -56.66 0.78
C GLN B 1358 31.74 -57.59 -0.43
N LYS B 1359 32.60 -58.62 -0.45
CA LYS B 1359 32.51 -59.52 -1.60
C LYS B 1359 31.23 -60.35 -1.56
N ALA B 1360 30.73 -60.70 -0.36
CA ALA B 1360 29.44 -61.36 -0.28
C ALA B 1360 28.32 -60.46 -0.79
N LYS B 1361 28.36 -59.17 -0.44
CA LYS B 1361 27.36 -58.24 -0.91
C LYS B 1361 27.43 -58.06 -2.43
N PHE B 1362 28.64 -58.01 -2.98
CA PHE B 1362 28.80 -57.94 -4.43
C PHE B 1362 28.23 -59.19 -5.10
N ASN B 1363 28.50 -60.37 -4.52
CA ASN B 1363 27.94 -61.59 -5.07
C ASN B 1363 26.41 -61.56 -5.03
N ASP B 1364 25.83 -61.06 -3.93
CA ASP B 1364 24.38 -60.96 -3.84
C ASP B 1364 23.83 -60.01 -4.90
N ILE B 1365 24.47 -58.85 -5.08
CA ILE B 1365 23.99 -57.88 -6.08
C ILE B 1365 24.07 -58.48 -7.48
N ARG B 1366 25.19 -59.12 -7.80
CA ARG B 1366 25.34 -59.74 -9.12
C ARG B 1366 24.33 -60.85 -9.33
N ARG B 1367 24.08 -61.65 -8.30
CA ARG B 1367 23.08 -62.71 -8.40
C ARG B 1367 21.69 -62.14 -8.64
N ARG B 1368 21.32 -61.07 -7.93
CA ARG B 1368 20.02 -60.47 -8.14
C ARG B 1368 19.90 -59.88 -9.54
N THR B 1369 20.96 -59.21 -10.02
CA THR B 1369 20.92 -58.66 -11.36
C THR B 1369 20.80 -59.76 -12.41
N GLU B 1370 21.53 -60.86 -12.24
CA GLU B 1370 21.43 -61.98 -13.17
C GLU B 1370 20.06 -62.61 -13.14
N ALA B 1371 19.46 -62.71 -11.94
CA ALA B 1371 18.11 -63.25 -11.83
C ALA B 1371 17.10 -62.37 -12.56
N ILE B 1372 17.22 -61.05 -12.39
CA ILE B 1372 16.33 -60.13 -13.09
C ILE B 1372 16.50 -60.26 -14.60
N ARG B 1373 17.75 -60.32 -15.07
CA ARG B 1373 18.01 -60.44 -16.49
C ARG B 1373 17.45 -61.75 -17.03
N GLU B 1374 17.63 -62.85 -16.31
CA GLU B 1374 17.13 -64.15 -16.76
C GLU B 1374 15.60 -64.15 -16.80
N ARG B 1375 14.97 -63.52 -15.80
CA ARG B 1375 13.52 -63.43 -15.81
C ARG B 1375 13.02 -62.65 -17.02
N TYR B 1376 13.69 -61.53 -17.33
CA TYR B 1376 13.31 -60.74 -18.50
C TYR B 1376 13.50 -61.54 -19.78
N GLN B 1377 14.62 -62.25 -19.90
CA GLN B 1377 14.89 -63.03 -21.11
C GLN B 1377 13.87 -64.15 -21.28
N LYS B 1378 13.54 -64.87 -20.21
CA LYS B 1378 12.56 -65.94 -20.34
C LYS B 1378 11.17 -65.38 -20.62
N GLN B 1379 10.82 -64.23 -20.04
CA GLN B 1379 9.53 -63.64 -20.31
C GLN B 1379 9.41 -63.25 -21.79
N ILE B 1380 10.45 -62.62 -22.35
CA ILE B 1380 10.36 -62.27 -23.76
C ILE B 1380 10.43 -63.52 -24.63
N GLU B 1381 11.13 -64.56 -24.17
CA GLU B 1381 11.17 -65.81 -24.93
C GLU B 1381 9.79 -66.43 -25.05
N ARG B 1382 9.04 -66.46 -23.95
CA ARG B 1382 7.68 -66.99 -24.01
C ARG B 1382 6.72 -66.03 -24.71
N GLY B 1383 6.99 -64.72 -24.65
CA GLY B 1383 6.12 -63.76 -25.29
C GLY B 1383 6.46 -63.38 -26.71
N ALA B 1384 7.49 -64.00 -27.30
CA ALA B 1384 7.88 -63.72 -28.68
C ALA B 1384 6.74 -63.89 -29.68
N ALA B 1385 5.64 -64.55 -29.29
CA ALA B 1385 4.50 -64.65 -30.20
C ALA B 1385 3.91 -63.27 -30.50
N GLU B 1386 3.78 -62.44 -29.48
CA GLU B 1386 3.28 -61.07 -29.65
C GLU B 1386 4.39 -60.04 -29.72
N ARG B 1387 5.66 -60.46 -29.62
CA ARG B 1387 6.76 -59.53 -29.77
C ARG B 1387 6.94 -59.16 -31.23
N ASP B 1388 6.33 -58.05 -31.66
CA ASP B 1388 6.30 -57.67 -33.07
C ASP B 1388 7.11 -56.43 -33.37
N PHE B 1389 7.87 -55.91 -32.41
CA PHE B 1389 8.70 -54.73 -32.65
C PHE B 1389 9.88 -54.77 -31.71
N GLU B 1390 11.06 -55.06 -32.25
CA GLU B 1390 12.29 -54.98 -31.48
C GLU B 1390 12.73 -53.52 -31.38
N PRO B 1391 12.90 -52.97 -30.18
CA PRO B 1391 13.29 -51.55 -30.06
C PRO B 1391 14.65 -51.30 -30.67
N VAL B 1392 14.79 -50.13 -31.28
CA VAL B 1392 16.05 -49.71 -31.90
C VAL B 1392 16.61 -48.46 -31.23
N THR B 1393 15.75 -47.66 -30.61
CA THR B 1393 16.17 -46.47 -29.88
C THR B 1393 15.73 -46.57 -28.42
N TYR B 1394 16.11 -45.54 -27.65
CA TYR B 1394 15.74 -45.53 -26.23
C TYR B 1394 14.23 -45.44 -26.06
N GLY B 1395 13.56 -44.63 -26.88
CA GLY B 1395 12.13 -44.44 -26.71
C GLY B 1395 11.33 -45.71 -26.93
N HIS B 1396 11.70 -46.47 -27.96
CA HIS B 1396 11.02 -47.74 -28.21
C HIS B 1396 11.22 -48.72 -27.07
N ALA B 1397 12.43 -48.78 -26.51
CA ALA B 1397 12.68 -49.65 -25.36
C ALA B 1397 11.85 -49.20 -24.16
N LYS B 1398 11.79 -47.89 -23.91
CA LYS B 1398 11.00 -47.37 -22.80
C LYS B 1398 9.52 -47.61 -23.00
N ARG B 1399 9.08 -47.70 -24.25
CA ARG B 1399 7.66 -47.78 -24.57
C ARG B 1399 7.25 -49.15 -25.09
N ALA B 1400 8.11 -50.15 -24.96
CA ALA B 1400 7.81 -51.51 -25.40
C ALA B 1400 7.06 -52.32 -24.37
N GLY B 1401 6.52 -51.68 -23.33
CA GLY B 1401 5.76 -52.39 -22.33
C GLY B 1401 4.54 -53.09 -22.91
N ASP B 1402 4.37 -54.37 -22.60
CA ASP B 1402 3.29 -55.14 -23.18
C ASP B 1402 2.95 -56.29 -22.24
N TYR B 1403 1.87 -57.00 -22.59
CA TYR B 1403 1.35 -58.04 -21.69
C TYR B 1403 2.31 -59.20 -21.54
N TYR B 1404 3.14 -59.46 -22.56
CA TYR B 1404 4.02 -60.63 -22.50
C TYR B 1404 5.06 -60.52 -21.39
N MET B 1405 5.31 -59.31 -20.89
CA MET B 1405 6.25 -59.13 -19.78
C MET B 1405 5.62 -59.35 -18.42
N PHE B 1406 4.30 -59.58 -18.36
CA PHE B 1406 3.60 -59.78 -17.10
C PHE B 1406 2.92 -61.14 -17.00
N LYS B 1407 3.19 -62.06 -17.91
CA LYS B 1407 2.53 -63.36 -17.93
C LYS B 1407 3.29 -64.38 -17.07
N TYR B 1408 3.41 -64.06 -15.79
CA TYR B 1408 3.98 -64.99 -14.82
C TYR B 1408 3.49 -64.62 -13.43
N ASP B 1409 3.36 -65.63 -12.58
CA ASP B 1409 2.87 -65.42 -11.23
C ASP B 1409 3.87 -64.60 -10.43
N PRO B 1410 3.44 -63.53 -9.76
CA PRO B 1410 4.38 -62.74 -8.96
C PRO B 1410 4.87 -63.54 -7.75
N GLU B 1411 6.19 -63.70 -7.67
CA GLU B 1411 6.81 -64.46 -6.60
C GLU B 1411 7.23 -63.54 -5.46
N GLN B 1594 25.97 -55.38 40.15
CA GLN B 1594 27.06 -54.80 39.39
C GLN B 1594 27.78 -55.85 38.56
N GLN B 1595 27.31 -56.05 37.33
CA GLN B 1595 27.87 -57.07 36.45
C GLN B 1595 27.65 -56.57 35.02
N LYS B 1596 27.76 -57.47 34.04
CA LYS B 1596 27.57 -57.14 32.63
C LYS B 1596 26.12 -56.76 32.30
N SER B 1597 25.25 -56.65 33.30
CA SER B 1597 23.85 -56.34 33.06
C SER B 1597 23.70 -54.95 32.43
N SER B 1598 22.46 -54.63 32.07
CA SER B 1598 22.14 -53.41 31.34
C SER B 1598 22.30 -52.14 32.17
N ALA B 1599 22.54 -52.26 33.47
CA ALA B 1599 22.66 -51.07 34.31
C ALA B 1599 23.85 -50.21 33.90
N THR B 1600 24.99 -50.84 33.60
CA THR B 1600 26.21 -50.12 33.27
C THR B 1600 26.50 -50.10 31.77
N ARG B 1601 25.54 -50.49 30.93
CA ARG B 1601 25.78 -50.52 29.50
C ARG B 1601 26.08 -49.12 28.96
N LEU B 1602 25.33 -48.12 29.42
CA LEU B 1602 25.55 -46.76 28.95
C LEU B 1602 26.90 -46.23 29.40
N LEU B 1603 27.27 -46.48 30.65
CA LEU B 1603 28.55 -46.02 31.15
C LEU B 1603 29.70 -46.65 30.37
N ASN B 1604 29.62 -47.97 30.15
CA ASN B 1604 30.68 -48.65 29.41
C ASN B 1604 30.76 -48.14 27.97
N ALA B 1605 29.61 -47.96 27.32
CA ALA B 1605 29.61 -47.47 25.95
C ALA B 1605 30.20 -46.07 25.86
N VAL B 1606 29.83 -45.19 26.79
CA VAL B 1606 30.35 -43.82 26.76
C VAL B 1606 31.84 -43.81 27.01
N VAL B 1607 32.32 -44.60 27.97
CA VAL B 1607 33.76 -44.64 28.25
C VAL B 1607 34.53 -45.15 27.05
N ASN B 1608 34.03 -46.24 26.43
CA ASN B 1608 34.72 -46.79 25.27
C ASN B 1608 34.73 -45.81 24.10
N CYS B 1609 33.59 -45.15 23.85
CA CYS B 1609 33.51 -44.20 22.75
C CYS B 1609 34.44 -43.02 22.99
N ILE B 1610 34.49 -42.50 24.22
CA ILE B 1610 35.38 -41.39 24.52
C ILE B 1610 36.84 -41.81 24.33
N GLY B 1611 37.20 -43.00 24.83
CA GLY B 1611 38.57 -43.47 24.67
C GLY B 1611 38.95 -43.65 23.22
N ALA B 1612 38.00 -44.11 22.39
CA ALA B 1612 38.30 -44.31 20.97
C ALA B 1612 38.35 -42.99 20.21
N HIS B 1613 37.55 -41.99 20.62
CA HIS B 1613 37.38 -40.76 19.87
C HIS B 1613 37.97 -39.55 20.57
N THR B 1614 38.94 -39.78 21.47
CA THR B 1614 39.74 -38.69 22.02
C THR B 1614 40.22 -37.73 20.94
N ASP B 1615 40.58 -38.22 19.76
CA ASP B 1615 41.12 -37.35 18.72
C ASP B 1615 40.07 -36.36 18.22
N ILE B 1616 38.88 -36.85 17.85
CA ILE B 1616 37.86 -35.94 17.36
C ILE B 1616 37.35 -35.05 18.48
N LEU B 1617 37.36 -35.55 19.72
CA LEU B 1617 37.04 -34.69 20.85
C LEU B 1617 38.04 -33.56 20.99
N CYS B 1618 39.32 -33.86 20.76
CA CYS B 1618 40.36 -32.83 20.82
C CYS B 1618 40.19 -31.80 19.71
N TYR B 1619 39.89 -32.24 18.49
CA TYR B 1619 39.65 -31.26 17.43
C TYR B 1619 38.41 -30.42 17.70
N PHE B 1620 37.37 -31.04 18.28
CA PHE B 1620 36.17 -30.30 18.65
C PHE B 1620 36.49 -29.23 19.69
N PHE B 1621 37.27 -29.59 20.71
CA PHE B 1621 37.67 -28.59 21.69
C PHE B 1621 38.57 -27.52 21.09
N ALA B 1622 39.40 -27.89 20.10
CA ALA B 1622 40.17 -26.90 19.39
C ALA B 1622 39.26 -25.89 18.69
N ILE B 1623 38.19 -26.40 18.06
CA ILE B 1623 37.23 -25.53 17.40
C ILE B 1623 36.56 -24.59 18.41
N MET B 1624 36.14 -25.13 19.55
CA MET B 1624 35.49 -24.29 20.57
C MET B 1624 36.44 -23.23 21.09
N THR B 1625 37.67 -23.62 21.41
CA THR B 1625 38.67 -22.66 21.87
C THR B 1625 38.89 -21.58 20.84
N GLN B 1626 38.93 -21.98 19.56
CA GLN B 1626 39.08 -21.00 18.50
C GLN B 1626 37.91 -20.03 18.51
N VAL B 1627 36.69 -20.54 18.59
CA VAL B 1627 35.53 -19.70 18.30
C VAL B 1627 35.20 -18.79 19.47
N MET B 1628 35.55 -19.17 20.71
CA MET B 1628 35.44 -18.21 21.80
C MET B 1628 36.67 -17.32 21.96
N THR B 1629 37.73 -17.57 21.19
CA THR B 1629 38.95 -16.76 21.26
C THR B 1629 39.39 -16.39 19.84
N GLY B 1630 38.46 -15.83 19.07
CA GLY B 1630 38.74 -15.44 17.70
C GLY B 1630 39.91 -14.48 17.58
N GLY B 1631 41.01 -14.95 17.02
CA GLY B 1631 42.18 -14.10 16.85
C GLY B 1631 43.33 -14.90 16.26
N LEU B 1632 44.23 -14.16 15.61
CA LEU B 1632 45.22 -14.78 14.72
C LEU B 1632 46.17 -15.70 15.49
N ILE B 1633 46.28 -15.53 16.80
CA ILE B 1633 47.18 -16.35 17.60
C ILE B 1633 46.55 -17.72 17.84
N THR B 1634 45.28 -17.85 17.48
CA THR B 1634 44.51 -19.06 17.77
C THR B 1634 44.12 -19.85 16.53
N LEU B 1635 43.97 -19.21 15.37
CA LEU B 1635 43.64 -19.87 14.10
C LEU B 1635 44.54 -21.06 13.76
N PRO B 1636 45.87 -20.99 13.98
CA PRO B 1636 46.72 -22.12 13.57
C PRO B 1636 46.29 -23.46 14.13
N LEU B 1637 45.72 -23.52 15.34
CA LEU B 1637 45.34 -24.84 15.87
C LEU B 1637 44.30 -25.54 15.00
N PRO B 1638 43.08 -25.00 14.81
CA PRO B 1638 42.13 -25.71 13.93
C PRO B 1638 42.61 -25.84 12.50
N LEU B 1639 43.34 -24.85 11.98
CA LEU B 1639 43.84 -24.94 10.61
C LEU B 1639 44.77 -26.13 10.44
N MET B 1640 45.80 -26.23 11.30
CA MET B 1640 46.74 -27.32 11.16
C MET B 1640 46.07 -28.65 11.45
N SER B 1641 45.16 -28.69 12.43
CA SER B 1641 44.42 -29.91 12.70
C SER B 1641 43.68 -30.36 11.44
N LEU B 1642 42.71 -29.56 11.01
CA LEU B 1642 41.83 -29.94 9.91
C LEU B 1642 42.61 -30.17 8.62
N PHE B 1643 43.80 -29.58 8.50
CA PHE B 1643 44.53 -29.68 7.24
C PHE B 1643 45.50 -30.86 7.21
N TRP B 1644 46.10 -31.21 8.35
CA TRP B 1644 47.22 -32.14 8.32
C TRP B 1644 47.08 -33.28 9.31
N GLY B 1645 46.36 -33.09 10.43
CA GLY B 1645 46.23 -34.14 11.41
C GLY B 1645 44.85 -34.77 11.40
N ASN B 1646 43.82 -33.96 11.17
CA ASN B 1646 42.46 -34.49 11.11
C ASN B 1646 42.29 -35.42 9.92
N LEU B 1647 42.71 -34.99 8.73
CA LEU B 1647 42.51 -35.77 7.52
C LEU B 1647 43.64 -36.78 7.28
N SER B 1648 44.56 -36.90 8.22
CA SER B 1648 45.57 -37.96 8.14
C SER B 1648 44.88 -39.32 8.05
N ASN B 1649 45.11 -40.03 6.95
CA ASN B 1649 44.40 -41.29 6.75
C ASN B 1649 44.71 -42.31 7.84
N PRO B 1650 45.97 -42.53 8.24
CA PRO B 1650 46.20 -43.23 9.50
C PRO B 1650 46.14 -42.24 10.67
N ARG B 1651 46.55 -42.66 11.85
CA ARG B 1651 46.56 -41.76 12.98
C ARG B 1651 47.56 -40.63 12.72
N PRO B 1652 47.29 -39.43 13.24
CA PRO B 1652 48.29 -38.36 13.17
C PRO B 1652 49.59 -38.79 13.83
N SER B 1653 50.70 -38.42 13.21
CA SER B 1653 52.00 -38.85 13.72
C SER B 1653 52.31 -38.18 15.06
N LYS B 1654 53.35 -38.67 15.71
CA LYS B 1654 53.78 -38.08 16.97
C LYS B 1654 54.17 -36.61 16.80
N PHE B 1655 54.69 -36.25 15.62
CA PHE B 1655 55.07 -34.86 15.39
C PHE B 1655 53.87 -33.94 15.46
N PHE B 1656 52.72 -34.35 14.92
CA PHE B 1656 51.52 -33.54 14.99
C PHE B 1656 51.13 -33.27 16.44
N TRP B 1657 51.08 -34.32 17.26
CA TRP B 1657 50.64 -34.13 18.64
C TRP B 1657 51.63 -33.30 19.43
N VAL B 1658 52.94 -33.52 19.23
CA VAL B 1658 53.91 -32.74 20.00
C VAL B 1658 53.90 -31.28 19.56
N THR B 1659 53.72 -31.00 18.25
CA THR B 1659 53.67 -29.61 17.84
C THR B 1659 52.39 -28.94 18.30
N MET B 1660 51.27 -29.68 18.37
CA MET B 1660 50.07 -29.12 18.99
C MET B 1660 50.33 -28.79 20.46
N ILE B 1661 50.99 -29.70 21.19
CA ILE B 1661 51.28 -29.45 22.59
C ILE B 1661 52.12 -28.19 22.76
N THR B 1662 53.21 -28.09 21.98
CA THR B 1662 54.11 -26.94 22.11
C THR B 1662 53.41 -25.64 21.73
N TYR B 1663 52.67 -25.64 20.61
CA TYR B 1663 52.04 -24.40 20.21
C TYR B 1663 50.97 -23.99 21.21
N THR B 1664 50.22 -24.96 21.74
CA THR B 1664 49.19 -24.63 22.72
C THR B 1664 49.81 -24.07 23.99
N GLU B 1665 50.91 -24.66 24.46
CA GLU B 1665 51.51 -24.13 25.69
C GLU B 1665 52.04 -22.72 25.46
N CYS B 1666 52.67 -22.46 24.30
CA CYS B 1666 53.19 -21.11 24.10
C CYS B 1666 52.07 -20.10 23.84
N VAL B 1667 50.96 -20.52 23.22
CA VAL B 1667 49.87 -19.57 23.03
C VAL B 1667 49.18 -19.28 24.36
N ILE B 1668 49.10 -20.27 25.25
CA ILE B 1668 48.62 -20.00 26.60
C ILE B 1668 49.53 -19.00 27.30
N VAL B 1669 50.85 -19.17 27.15
CA VAL B 1669 51.79 -18.25 27.78
C VAL B 1669 51.61 -16.83 27.24
N ILE B 1670 51.50 -16.69 25.91
CA ILE B 1670 51.39 -15.36 25.33
C ILE B 1670 50.05 -14.74 25.67
N LYS B 1671 48.98 -15.53 25.71
CA LYS B 1671 47.69 -15.00 26.15
C LYS B 1671 47.76 -14.53 27.59
N PHE B 1672 48.40 -15.31 28.46
CA PHE B 1672 48.52 -14.91 29.87
C PHE B 1672 49.29 -13.61 30.01
N VAL B 1673 50.41 -13.48 29.29
CA VAL B 1673 51.17 -12.24 29.35
C VAL B 1673 50.38 -11.10 28.70
N CYS B 1674 49.44 -11.43 27.81
CA CYS B 1674 48.56 -10.41 27.24
C CYS B 1674 47.49 -9.95 28.23
N GLN B 1675 47.10 -10.80 29.18
CA GLN B 1675 46.18 -10.37 30.22
C GLN B 1675 46.79 -9.36 31.18
N PHE B 1676 48.10 -9.13 31.13
CA PHE B 1676 48.74 -8.16 32.00
C PHE B 1676 48.25 -6.75 31.69
N ALA B 1677 48.65 -5.81 32.56
CA ALA B 1677 48.13 -4.45 32.50
C ALA B 1677 49.14 -3.42 32.03
N PHE B 1678 50.43 -3.74 32.00
CA PHE B 1678 51.41 -2.74 31.56
C PHE B 1678 51.25 -2.41 30.08
N MET B 1679 50.81 -3.38 29.27
CA MET B 1679 50.45 -3.09 27.90
C MET B 1679 49.21 -2.19 27.86
N PRO B 1680 49.11 -1.30 26.87
CA PRO B 1680 48.07 -0.28 26.92
C PRO B 1680 46.69 -0.71 26.45
N TYR B 1681 46.60 -1.71 25.56
CA TYR B 1681 45.30 -2.13 25.05
C TYR B 1681 44.46 -2.83 26.11
N ASN B 1682 45.07 -3.34 27.19
CA ASN B 1682 44.32 -3.94 28.27
C ASN B 1682 43.80 -2.91 29.27
N SER B 1683 44.21 -1.66 29.14
CA SER B 1683 43.71 -0.61 30.02
C SER B 1683 42.28 -0.25 29.66
N ILE B 1684 41.60 0.41 30.60
CA ILE B 1684 40.20 0.78 30.38
C ILE B 1684 40.08 1.79 29.24
N THR B 1685 40.98 2.77 29.21
CA THR B 1685 40.88 3.83 28.21
C THR B 1685 40.98 3.29 26.80
N TRP B 1686 41.96 2.41 26.54
CA TRP B 1686 42.14 1.89 25.19
C TRP B 1686 40.98 0.97 24.78
N ARG B 1687 40.61 0.03 25.66
CA ARG B 1687 39.48 -0.84 25.39
C ARG B 1687 38.20 -0.06 25.09
N THR B 1688 37.97 1.06 25.78
CA THR B 1688 36.74 1.80 25.54
C THR B 1688 36.88 2.75 24.36
N GLU B 1689 38.13 3.04 23.96
CA GLU B 1689 38.35 3.84 22.76
C GLU B 1689 38.29 2.97 21.51
N HIS B 1690 38.40 1.66 21.66
CA HIS B 1690 38.53 0.74 20.52
C HIS B 1690 37.65 -0.49 20.67
N GLN B 1691 36.37 -0.31 20.97
CA GLN B 1691 35.48 -1.47 21.09
C GLN B 1691 34.47 -1.59 19.96
N MET B 1692 34.23 -0.54 19.19
CA MET B 1692 33.36 -0.66 18.02
C MET B 1692 34.01 -1.49 16.90
N ASP B 1693 35.22 -1.14 16.52
CA ASP B 1693 35.89 -1.84 15.45
C ASP B 1693 36.32 -3.24 15.87
N PRO B 1694 35.93 -4.29 15.14
CA PRO B 1694 36.40 -5.65 15.48
C PRO B 1694 37.74 -5.99 14.84
N MET B 1695 38.23 -5.18 13.92
CA MET B 1695 39.54 -5.38 13.29
C MET B 1695 40.67 -4.82 14.16
N SER B 1696 40.33 -4.22 15.29
CA SER B 1696 41.33 -3.64 16.18
C SER B 1696 42.38 -4.69 16.57
N LEU B 1697 43.59 -4.20 16.85
CA LEU B 1697 44.75 -5.09 16.95
C LEU B 1697 44.58 -6.12 18.06
N ASP B 1698 44.08 -5.70 19.22
CA ASP B 1698 43.90 -6.65 20.32
C ASP B 1698 42.86 -7.70 19.96
N LYS B 1699 41.75 -7.29 19.34
CA LYS B 1699 40.73 -8.26 18.94
C LYS B 1699 41.15 -9.02 17.70
N LEU B 1700 41.92 -8.39 16.81
CA LEU B 1700 42.42 -9.11 15.64
C LEU B 1700 43.36 -10.25 16.04
N PHE B 1701 44.24 -10.00 17.01
CA PHE B 1701 45.13 -11.04 17.49
C PHE B 1701 44.41 -12.05 18.38
N GLY B 1702 43.38 -11.60 19.10
CA GLY B 1702 42.60 -12.51 19.92
C GLY B 1702 42.84 -12.38 21.40
N VAL B 1703 43.31 -11.22 21.84
CA VAL B 1703 43.59 -10.95 23.25
C VAL B 1703 42.77 -9.75 23.69
N SER B 1704 42.22 -9.83 24.89
CA SER B 1704 41.42 -8.76 25.46
C SER B 1704 41.34 -8.98 26.97
N GLN B 1705 40.52 -8.17 27.64
CA GLN B 1705 40.34 -8.32 29.09
C GLN B 1705 39.74 -9.67 29.43
N ARG B 1706 38.72 -10.08 28.68
CA ARG B 1706 38.06 -11.39 28.85
C ARG B 1706 37.61 -11.56 30.30
N ASP B 1707 36.64 -10.72 30.68
CA ASP B 1707 36.09 -10.78 32.03
C ASP B 1707 35.55 -12.17 32.35
N SER B 1708 34.94 -12.83 31.38
CA SER B 1708 34.56 -14.23 31.55
C SER B 1708 35.81 -15.09 31.57
N PHE B 1709 35.85 -16.05 32.49
CA PHE B 1709 37.03 -16.89 32.68
C PHE B 1709 37.13 -17.87 31.52
N ALA B 1710 38.14 -17.68 30.67
CA ALA B 1710 38.35 -18.51 29.49
C ALA B 1710 38.91 -19.85 29.91
N LEU B 1711 38.02 -20.81 30.17
CA LEU B 1711 38.42 -22.14 30.60
C LEU B 1711 38.64 -23.10 29.44
N TRP B 1712 38.46 -22.65 28.20
CA TRP B 1712 38.44 -23.59 27.07
C TRP B 1712 39.84 -24.05 26.68
N ASP B 1713 40.84 -23.17 26.74
CA ASP B 1713 42.18 -23.58 26.34
C ASP B 1713 42.80 -24.53 27.38
N ILE B 1714 42.37 -24.43 28.64
CA ILE B 1714 42.80 -25.40 29.64
C ILE B 1714 42.34 -26.79 29.25
N VAL B 1715 41.05 -26.93 28.93
CA VAL B 1715 40.53 -28.24 28.57
C VAL B 1715 41.09 -28.68 27.22
N LEU B 1716 41.47 -27.75 26.35
CA LEU B 1716 42.17 -28.12 25.13
C LEU B 1716 43.49 -28.80 25.46
N LEU B 1717 44.32 -28.14 26.28
CA LEU B 1717 45.59 -28.73 26.68
C LEU B 1717 45.39 -30.08 27.35
N PHE B 1718 44.37 -30.19 28.18
CA PHE B 1718 44.20 -31.43 28.94
C PHE B 1718 43.64 -32.55 28.09
N SER B 1719 42.77 -32.24 27.12
CA SER B 1719 42.35 -33.27 26.16
C SER B 1719 43.51 -33.70 25.28
N LEU B 1720 44.37 -32.75 24.89
CA LEU B 1720 45.56 -33.09 24.11
C LEU B 1720 46.47 -34.03 24.88
N PHE B 1721 46.78 -33.69 26.13
CA PHE B 1721 47.61 -34.56 26.94
C PHE B 1721 46.91 -35.87 27.28
N PHE B 1722 45.58 -35.87 27.35
CA PHE B 1722 44.82 -37.09 27.60
C PHE B 1722 44.95 -38.05 26.42
N HIS B 1723 44.81 -37.52 25.20
CA HIS B 1723 45.00 -38.34 24.01
C HIS B 1723 46.44 -38.82 23.90
N ARG B 1724 47.39 -37.96 24.28
CA ARG B 1724 48.79 -38.38 24.33
C ARG B 1724 48.99 -39.53 25.32
N TYR B 1725 48.33 -39.45 26.48
CA TYR B 1725 48.43 -40.51 27.48
C TYR B 1725 47.83 -41.81 26.97
N MET B 1726 46.69 -41.73 26.28
CA MET B 1726 46.12 -42.95 25.70
C MET B 1726 47.02 -43.54 24.62
N LEU B 1727 47.64 -42.69 23.79
CA LEU B 1727 48.57 -43.19 22.79
C LEU B 1727 49.76 -43.88 23.44
N ARG B 1728 50.29 -43.30 24.53
CA ARG B 1728 51.37 -43.95 25.26
C ARG B 1728 50.91 -45.27 25.88
N LYS B 1729 49.67 -45.30 26.40
CA LYS B 1729 49.14 -46.51 27.00
C LYS B 1729 49.03 -47.63 25.98
N LEU B 1730 48.54 -47.31 24.78
CA LEU B 1730 48.37 -48.32 23.75
C LEU B 1730 49.67 -48.64 23.01
N GLY B 1731 50.72 -47.84 23.19
CA GLY B 1731 51.95 -48.00 22.44
C GLY B 1731 51.93 -47.42 21.06
N LEU B 1732 50.83 -46.78 20.66
CA LEU B 1732 50.72 -46.18 19.34
C LEU B 1732 51.25 -44.76 19.30
N TRP B 1733 51.74 -44.25 20.45
CA TRP B 1733 52.33 -42.92 20.50
C TRP B 1733 53.59 -42.83 19.65
N LYS B 1734 54.43 -43.86 19.69
CA LYS B 1734 55.65 -43.88 18.91
C LYS B 1734 55.36 -44.16 17.44
N GLN B 1809 59.68 -42.55 -1.86
CA GLN B 1809 60.15 -41.18 -1.74
C GLN B 1809 59.00 -40.17 -1.85
N SER B 1810 59.17 -39.17 -2.72
CA SER B 1810 58.23 -38.08 -2.99
C SER B 1810 58.08 -37.12 -1.81
N GLY B 1811 58.89 -37.23 -0.78
CA GLY B 1811 58.85 -36.31 0.33
C GLY B 1811 57.76 -36.66 1.32
N PRO B 1812 57.77 -36.02 2.49
CA PRO B 1812 56.70 -36.25 3.47
C PRO B 1812 55.32 -35.91 2.94
N ILE B 1813 55.20 -34.86 2.14
CA ILE B 1813 53.90 -34.49 1.57
C ILE B 1813 53.44 -35.55 0.58
N GLY B 1814 54.35 -36.05 -0.26
CA GLY B 1814 53.99 -37.11 -1.18
C GLY B 1814 53.56 -38.38 -0.47
N ARG B 1815 54.28 -38.76 0.58
CA ARG B 1815 53.89 -39.93 1.37
C ARG B 1815 52.54 -39.71 2.03
N PHE B 1816 52.29 -38.49 2.52
CA PHE B 1816 50.99 -38.17 3.11
C PHE B 1816 49.88 -38.36 2.09
N ILE B 1817 50.06 -37.82 0.89
CA ILE B 1817 49.02 -37.94 -0.14
C ILE B 1817 48.83 -39.40 -0.53
N HIS B 1818 49.94 -40.15 -0.66
CA HIS B 1818 49.84 -41.55 -1.06
C HIS B 1818 49.09 -42.36 -0.02
N GLN B 1819 49.39 -42.15 1.27
CA GLN B 1819 48.69 -42.90 2.31
C GLN B 1819 47.27 -42.42 2.47
N LEU B 1820 46.98 -41.17 2.12
CA LEU B 1820 45.61 -40.68 2.19
C LEU B 1820 44.75 -41.30 1.10
N PHE B 1821 45.27 -41.39 -0.12
CA PHE B 1821 44.50 -41.92 -1.23
C PHE B 1821 44.59 -43.43 -1.35
N HIS B 1822 45.46 -44.08 -0.58
CA HIS B 1822 45.62 -45.53 -0.60
C HIS B 1822 45.55 -46.03 0.85
N PRO B 1823 44.34 -46.17 1.39
CA PRO B 1823 44.19 -46.53 2.81
C PRO B 1823 44.59 -47.98 3.07
N LYS B 1824 45.73 -48.16 3.73
CA LYS B 1824 46.14 -49.49 4.16
C LYS B 1824 45.20 -50.02 5.24
N PHE B 1825 44.78 -49.16 6.16
CA PHE B 1825 43.72 -49.44 7.13
C PHE B 1825 42.55 -48.51 6.85
N ARG B 1826 41.35 -49.08 6.77
CA ARG B 1826 40.17 -48.27 6.48
C ARG B 1826 38.92 -48.95 6.99
N TYR B 1827 37.89 -48.16 7.23
CA TYR B 1827 36.53 -48.66 7.46
C TYR B 1827 35.63 -48.18 6.34
N ILE B 1828 34.42 -48.72 6.30
CA ILE B 1828 33.40 -48.32 5.33
C ILE B 1828 32.12 -48.01 6.09
N ARG B 1829 31.57 -46.80 5.85
CA ARG B 1829 30.32 -46.39 6.45
C ARG B 1829 29.85 -45.10 5.79
N ASP B 1830 28.56 -45.00 5.50
CA ASP B 1830 28.00 -43.82 4.85
C ASP B 1830 27.62 -42.79 5.90
N LEU B 1831 28.31 -41.65 5.90
CA LEU B 1831 28.03 -40.56 6.82
C LEU B 1831 27.45 -39.34 6.12
N TYR B 1832 27.01 -39.49 4.86
CA TYR B 1832 26.38 -38.36 4.18
C TYR B 1832 25.12 -37.87 4.87
N PRO B 1833 24.22 -38.72 5.37
CA PRO B 1833 23.08 -38.18 6.15
C PRO B 1833 23.52 -37.31 7.31
N ILE B 1834 24.60 -37.67 8.00
CA ILE B 1834 25.06 -36.88 9.13
C ILE B 1834 25.47 -35.48 8.68
N MET B 1835 26.32 -35.39 7.66
CA MET B 1835 26.79 -34.09 7.20
C MET B 1835 25.66 -33.29 6.59
N PHE B 1836 24.71 -33.96 5.93
CA PHE B 1836 23.53 -33.27 5.41
C PHE B 1836 22.72 -32.67 6.55
N GLY B 1837 22.55 -33.43 7.64
CA GLY B 1837 21.89 -32.86 8.81
C GLY B 1837 22.63 -31.64 9.34
N ILE B 1838 23.95 -31.76 9.48
CA ILE B 1838 24.74 -30.67 10.07
C ILE B 1838 24.64 -29.40 9.22
N ASP B 1839 24.79 -29.54 7.90
CA ASP B 1839 24.78 -28.32 7.09
C ASP B 1839 23.37 -27.79 6.84
N VAL B 1840 22.32 -28.64 6.90
CA VAL B 1840 20.97 -28.09 6.92
C VAL B 1840 20.73 -27.32 8.21
N ILE B 1841 21.25 -27.80 9.34
CA ILE B 1841 21.09 -27.07 10.59
C ILE B 1841 21.83 -25.73 10.52
N CYS B 1842 23.04 -25.71 9.96
CA CYS B 1842 23.74 -24.44 9.88
C CYS B 1842 23.04 -23.48 8.93
N PHE B 1843 22.49 -23.99 7.82
CA PHE B 1843 21.68 -23.17 6.94
C PHE B 1843 20.49 -22.57 7.67
N LEU B 1844 19.80 -23.40 8.46
CA LEU B 1844 18.60 -22.93 9.16
C LEU B 1844 18.95 -21.89 10.21
N ILE B 1845 20.02 -22.12 10.98
CA ILE B 1845 20.39 -21.15 12.01
C ILE B 1845 20.95 -19.88 11.37
N MET B 1846 21.50 -19.98 10.16
CA MET B 1846 22.01 -18.81 9.47
C MET B 1846 20.88 -17.95 8.92
N THR B 1847 19.84 -18.58 8.35
CA THR B 1847 18.73 -17.80 7.83
C THR B 1847 17.84 -17.28 8.96
N PHE B 1848 17.72 -18.04 10.04
CA PHE B 1848 16.92 -17.58 11.18
C PHE B 1848 17.65 -16.49 11.96
N GLY B 1849 18.95 -16.66 12.17
CA GLY B 1849 19.75 -15.65 12.85
C GLY B 1849 20.31 -14.63 11.89
N TYR B 1850 19.52 -14.28 10.87
CA TYR B 1850 19.98 -13.35 9.84
C TYR B 1850 20.18 -11.94 10.36
N SER B 1851 19.64 -11.61 11.53
CA SER B 1851 19.72 -10.25 12.03
C SER B 1851 21.16 -9.83 12.32
N ALA B 1852 21.95 -10.73 12.91
CA ALA B 1852 23.31 -10.40 13.32
C ALA B 1852 24.31 -10.42 12.18
N PHE B 1853 23.93 -10.91 11.00
CA PHE B 1853 24.83 -10.93 9.85
C PHE B 1853 24.76 -9.64 9.03
N GLY B 1854 23.92 -8.69 9.42
CA GLY B 1854 23.85 -7.42 8.74
C GLY B 1854 24.26 -6.26 9.64
N GLU B 1855 23.28 -5.43 10.00
CA GLU B 1855 23.50 -4.30 10.91
C GLU B 1855 24.57 -3.35 10.39
N LYS B 1866 18.39 0.58 15.03
CA LYS B 1866 18.34 1.28 13.75
C LYS B 1866 19.21 0.55 12.72
N ALA B 1867 18.85 0.71 11.44
CA ALA B 1867 19.55 0.08 10.32
C ALA B 1867 19.48 -1.45 10.37
N SER B 1868 18.43 -1.98 10.99
CA SER B 1868 18.19 -3.42 11.03
C SER B 1868 17.43 -3.79 9.75
N ARG B 1869 18.13 -3.71 8.63
CA ARG B 1869 17.51 -3.91 7.32
C ARG B 1869 18.36 -4.92 6.55
N ILE B 1870 17.69 -5.69 5.70
CA ILE B 1870 18.35 -6.85 5.08
C ILE B 1870 19.44 -6.37 4.12
N PRO B 1871 20.65 -6.90 4.23
CA PRO B 1871 21.73 -6.52 3.32
C PRO B 1871 21.86 -7.46 2.13
N VAL B 1872 22.63 -7.01 1.14
CA VAL B 1872 22.98 -7.86 0.00
C VAL B 1872 23.92 -8.98 0.43
N THR B 1873 24.80 -8.71 1.40
CA THR B 1873 25.71 -9.73 1.90
C THR B 1873 24.94 -10.95 2.40
N LEU B 1874 23.79 -10.72 3.03
CA LEU B 1874 22.98 -11.83 3.53
C LEU B 1874 22.53 -12.74 2.39
N VAL B 1875 21.93 -12.16 1.35
CA VAL B 1875 21.39 -12.99 0.27
C VAL B 1875 22.51 -13.67 -0.50
N VAL B 1876 23.64 -13.00 -0.71
CA VAL B 1876 24.74 -13.65 -1.42
C VAL B 1876 25.35 -14.74 -0.56
N MET B 1877 25.33 -14.58 0.76
CA MET B 1877 25.79 -15.64 1.66
C MET B 1877 24.88 -16.86 1.56
N LEU B 1878 23.56 -16.65 1.50
CA LEU B 1878 22.65 -17.76 1.27
C LEU B 1878 22.89 -18.43 -0.08
N VAL B 1879 23.18 -17.61 -1.11
CA VAL B 1879 23.51 -18.18 -2.41
C VAL B 1879 24.73 -19.09 -2.29
N GLY B 1880 25.78 -18.61 -1.64
CA GLY B 1880 26.99 -19.40 -1.50
C GLY B 1880 26.76 -20.67 -0.70
N MET B 1881 25.96 -20.58 0.36
CA MET B 1881 25.67 -21.78 1.16
C MET B 1881 24.89 -22.80 0.35
N THR B 1882 23.89 -22.35 -0.42
CA THR B 1882 23.13 -23.27 -1.25
C THR B 1882 24.02 -23.93 -2.30
N LEU B 1883 24.90 -23.15 -2.93
CA LEU B 1883 25.84 -23.72 -3.89
C LEU B 1883 26.79 -24.71 -3.21
N ALA B 1884 27.17 -24.43 -1.97
CA ALA B 1884 28.02 -25.38 -1.23
C ALA B 1884 27.29 -26.69 -1.00
N ILE B 1885 26.01 -26.63 -0.61
CA ILE B 1885 25.24 -27.85 -0.45
C ILE B 1885 25.14 -28.60 -1.77
N ILE B 1886 24.90 -27.86 -2.85
CA ILE B 1886 24.75 -28.49 -4.17
C ILE B 1886 26.05 -29.20 -4.57
N ILE B 1887 27.19 -28.53 -4.39
CA ILE B 1887 28.45 -29.14 -4.79
C ILE B 1887 28.83 -30.29 -3.86
N ASP B 1888 28.43 -30.22 -2.58
CA ASP B 1888 28.67 -31.35 -1.68
C ASP B 1888 27.90 -32.57 -2.13
N ARG B 1889 26.63 -32.39 -2.49
CA ARG B 1889 25.85 -33.52 -3.00
C ARG B 1889 26.41 -34.02 -4.32
N ALA B 1890 26.91 -33.10 -5.16
CA ALA B 1890 27.51 -33.50 -6.42
C ALA B 1890 28.73 -34.38 -6.20
N LEU B 1891 29.60 -33.97 -5.28
CA LEU B 1891 30.81 -34.75 -4.99
C LEU B 1891 30.47 -36.09 -4.36
N TYR B 1892 29.42 -36.12 -3.53
CA TYR B 1892 28.98 -37.39 -2.97
C TYR B 1892 28.45 -38.33 -4.05
N LEU B 1893 27.67 -37.80 -4.98
CA LEU B 1893 27.09 -38.64 -6.02
C LEU B 1893 28.14 -39.14 -6.99
N ARG B 1894 29.11 -38.29 -7.35
CA ARG B 1894 30.19 -38.71 -8.22
C ARG B 1894 31.28 -39.47 -7.50
N LYS B 1895 31.25 -39.51 -6.16
CA LYS B 1895 32.24 -40.24 -5.36
C LYS B 1895 33.66 -39.78 -5.69
N SER B 1896 33.84 -38.48 -5.86
CA SER B 1896 35.13 -37.90 -6.18
C SER B 1896 35.87 -37.61 -4.87
N VAL B 1897 36.80 -38.49 -4.52
CA VAL B 1897 37.55 -38.32 -3.27
C VAL B 1897 38.42 -37.07 -3.35
N VAL B 1898 39.11 -36.88 -4.48
CA VAL B 1898 39.98 -35.72 -4.63
C VAL B 1898 39.16 -34.44 -4.69
N GLY B 1899 38.02 -34.48 -5.38
CA GLY B 1899 37.15 -33.32 -5.43
C GLY B 1899 36.61 -32.95 -4.06
N LYS B 1900 36.17 -33.95 -3.30
CA LYS B 1900 35.70 -33.67 -1.94
C LYS B 1900 36.82 -33.13 -1.07
N LEU B 1901 38.03 -33.68 -1.22
CA LEU B 1901 39.15 -33.20 -0.41
C LEU B 1901 39.46 -31.73 -0.71
N ILE B 1902 39.54 -31.38 -2.00
CA ILE B 1902 39.90 -30.01 -2.36
C ILE B 1902 38.78 -29.05 -1.97
N TYR B 1903 37.52 -29.46 -2.18
CA TYR B 1903 36.41 -28.62 -1.76
C TYR B 1903 36.40 -28.42 -0.25
N GLN B 1904 36.69 -29.48 0.50
CA GLN B 1904 36.73 -29.39 1.96
C GLN B 1904 37.84 -28.46 2.43
N VAL B 1905 39.01 -28.53 1.81
CA VAL B 1905 40.12 -27.66 2.19
C VAL B 1905 39.77 -26.21 1.90
N LEU B 1906 39.28 -25.93 0.69
CA LEU B 1906 38.90 -24.56 0.36
C LEU B 1906 37.75 -24.07 1.23
N MET B 1907 36.84 -24.96 1.62
CA MET B 1907 35.72 -24.56 2.46
C MET B 1907 36.20 -24.19 3.86
N ILE B 1908 37.14 -24.96 4.42
CA ILE B 1908 37.73 -24.58 5.71
C ILE B 1908 38.40 -23.22 5.60
N ALA B 1909 39.23 -23.04 4.56
CA ALA B 1909 39.94 -21.80 4.39
C ALA B 1909 38.97 -20.63 4.31
N PHE B 1910 37.95 -20.73 3.45
CA PHE B 1910 36.92 -19.71 3.31
C PHE B 1910 36.25 -19.43 4.64
N LEU B 1911 35.55 -20.43 5.19
CA LEU B 1911 34.88 -20.28 6.48
C LEU B 1911 35.73 -19.50 7.47
N HIS B 1912 36.99 -19.91 7.66
CA HIS B 1912 37.84 -19.24 8.64
C HIS B 1912 38.05 -17.78 8.27
N ILE B 1913 38.55 -17.50 7.07
CA ILE B 1913 38.94 -16.13 6.74
C ILE B 1913 37.71 -15.23 6.74
N TRP B 1914 36.61 -15.68 6.13
CA TRP B 1914 35.39 -14.89 6.09
C TRP B 1914 34.88 -14.61 7.50
N VAL B 1915 34.60 -15.67 8.27
CA VAL B 1915 34.01 -15.50 9.60
C VAL B 1915 34.87 -14.59 10.47
N PHE B 1916 36.20 -14.61 10.25
CA PHE B 1916 37.10 -13.98 11.21
C PHE B 1916 37.63 -12.62 10.75
N LEU B 1917 37.54 -12.28 9.47
CA LEU B 1917 38.01 -11.00 8.98
C LEU B 1917 36.93 -10.19 8.27
N VAL B 1918 36.07 -10.83 7.48
CA VAL B 1918 35.12 -10.09 6.66
C VAL B 1918 33.81 -9.87 7.41
N LEU B 1919 33.27 -10.92 8.02
CA LEU B 1919 32.03 -10.77 8.79
C LEU B 1919 32.17 -9.74 9.90
N PRO B 1920 33.21 -9.75 10.74
CA PRO B 1920 33.35 -8.65 11.71
C PRO B 1920 33.51 -7.30 11.04
N ASN B 1921 34.18 -7.24 9.89
CA ASN B 1921 34.35 -5.98 9.19
C ASN B 1921 33.03 -5.51 8.58
N MET B 1922 32.26 -6.42 7.96
CA MET B 1922 31.03 -6.04 7.32
C MET B 1922 29.95 -5.67 8.33
N THR B 1923 29.78 -6.48 9.37
CA THR B 1923 28.72 -6.28 10.35
C THR B 1923 29.13 -5.36 11.49
N ARG B 1924 30.40 -4.96 11.57
CA ARG B 1924 30.89 -4.11 12.65
C ARG B 1924 30.64 -4.72 14.02
N ARG B 1925 30.67 -6.05 14.11
CA ARG B 1925 30.42 -6.77 15.34
C ARG B 1925 31.59 -7.71 15.61
N SER B 1926 32.09 -7.69 16.84
CA SER B 1926 33.23 -8.53 17.20
C SER B 1926 32.85 -10.01 17.16
N ALA B 1927 33.83 -10.85 16.83
CA ALA B 1927 33.58 -12.29 16.78
C ALA B 1927 33.20 -12.86 18.13
N ILE B 1928 33.63 -12.22 19.22
CA ILE B 1928 33.22 -12.67 20.55
C ILE B 1928 31.73 -12.41 20.76
N SER B 1929 31.24 -11.25 20.30
CA SER B 1929 29.85 -10.88 20.43
C SER B 1929 28.99 -11.35 19.26
N ASN B 1930 29.50 -12.27 18.46
CA ASN B 1930 28.80 -12.77 17.27
C ASN B 1930 28.23 -14.17 17.50
N HIS B 1931 27.69 -14.40 18.70
CA HIS B 1931 27.28 -15.72 19.19
C HIS B 1931 26.59 -16.61 18.16
N VAL B 1932 25.67 -16.04 17.36
CA VAL B 1932 25.00 -16.85 16.34
C VAL B 1932 25.99 -17.28 15.26
N ALA B 1933 26.87 -16.36 14.84
CA ALA B 1933 27.91 -16.74 13.90
C ALA B 1933 28.90 -17.71 14.53
N GLN B 1934 29.11 -17.60 15.85
CA GLN B 1934 29.95 -18.58 16.54
C GLN B 1934 29.33 -19.97 16.46
N ALA B 1935 28.03 -20.08 16.70
CA ALA B 1935 27.35 -21.37 16.58
C ALA B 1935 27.40 -21.88 15.15
N LEU B 1936 27.24 -20.99 14.18
CA LEU B 1936 27.35 -21.39 12.78
C LEU B 1936 28.74 -21.94 12.47
N TYR B 1937 29.78 -21.28 12.99
CA TYR B 1937 31.14 -21.75 12.78
C TYR B 1937 31.37 -23.11 13.43
N VAL B 1938 30.84 -23.30 14.64
CA VAL B 1938 30.98 -24.60 15.31
C VAL B 1938 30.29 -25.70 14.52
N ILE B 1939 29.08 -25.42 14.02
CA ILE B 1939 28.34 -26.41 13.26
C ILE B 1939 29.07 -26.75 11.96
N LYS B 1940 29.56 -25.73 11.26
CA LYS B 1940 30.30 -25.99 10.02
C LYS B 1940 31.60 -26.73 10.30
N SER B 1941 32.21 -26.49 11.46
CA SER B 1941 33.43 -27.23 11.81
C SER B 1941 33.12 -28.68 12.13
N CYS B 1942 31.97 -28.95 12.74
CA CYS B 1942 31.54 -30.34 12.92
C CYS B 1942 31.29 -31.00 11.57
N TYR B 1943 30.70 -30.26 10.63
CA TYR B 1943 30.56 -30.76 9.27
C TYR B 1943 31.91 -31.06 8.65
N PHE B 1944 32.89 -30.20 8.90
CA PHE B 1944 34.25 -30.45 8.42
C PHE B 1944 34.81 -31.72 9.05
N LEU B 1945 34.55 -31.93 10.33
CA LEU B 1945 35.01 -33.15 11.01
C LEU B 1945 34.45 -34.39 10.33
N VAL B 1946 33.13 -34.42 10.11
CA VAL B 1946 32.52 -35.62 9.53
C VAL B 1946 32.96 -35.79 8.08
N SER B 1947 33.11 -34.69 7.34
CA SER B 1947 33.59 -34.78 5.96
C SER B 1947 35.02 -35.31 5.90
N ALA B 1948 35.87 -34.87 6.83
CA ALA B 1948 37.24 -35.38 6.89
C ALA B 1948 37.25 -36.86 7.23
N TRP B 1949 36.37 -37.29 8.14
CA TRP B 1949 36.25 -38.71 8.44
C TRP B 1949 35.88 -39.49 7.18
N GLN B 1950 34.90 -38.97 6.43
CA GLN B 1950 34.46 -39.65 5.21
C GLN B 1950 35.58 -39.72 4.18
N ILE B 1951 36.33 -38.62 4.02
CA ILE B 1951 37.44 -38.60 3.08
C ILE B 1951 38.50 -39.62 3.49
N ARG B 1952 38.82 -39.67 4.78
CA ARG B 1952 39.81 -40.61 5.28
C ARG B 1952 39.37 -42.05 5.02
N ASN B 1953 38.11 -42.35 5.26
CA ASN B 1953 37.61 -43.71 5.09
C ASN B 1953 37.09 -43.97 3.68
N GLY B 1954 37.16 -42.99 2.79
CA GLY B 1954 36.75 -43.18 1.42
C GLY B 1954 35.25 -43.21 1.22
N TYR B 1955 34.80 -42.86 0.02
CA TYR B 1955 33.37 -42.90 -0.29
C TYR B 1955 32.89 -44.35 -0.35
N PRO B 1956 31.80 -44.69 0.32
CA PRO B 1956 31.28 -46.06 0.23
C PRO B 1956 30.71 -46.36 -1.14
N GLU B 1957 31.39 -47.20 -1.91
CA GLU B 1957 30.95 -47.56 -3.25
C GLU B 1957 29.75 -48.50 -3.24
N LEU B 1958 29.38 -49.04 -2.08
CA LEU B 1958 28.21 -49.90 -1.97
C LEU B 1958 26.95 -49.11 -2.30
N CYS B 1959 25.93 -49.82 -2.79
CA CYS B 1959 24.68 -49.19 -3.16
C CYS B 1959 24.09 -48.45 -1.97
N ILE B 1960 23.54 -47.26 -2.23
CA ILE B 1960 23.20 -46.34 -1.16
C ILE B 1960 21.69 -46.18 -1.03
N GLY B 1961 21.05 -45.66 -2.08
CA GLY B 1961 19.62 -45.46 -2.07
C GLY B 1961 19.20 -44.02 -1.86
N ASN B 1962 17.98 -43.81 -1.37
CA ASN B 1962 17.46 -42.47 -1.11
C ASN B 1962 17.71 -42.00 0.30
N LEU B 1963 18.27 -42.86 1.16
CA LEU B 1963 18.73 -42.51 2.51
C LEU B 1963 17.56 -42.23 3.44
N LEU B 1964 16.34 -42.26 2.90
CA LEU B 1964 15.15 -41.95 3.69
C LEU B 1964 14.06 -43.02 3.58
N THR B 1965 14.07 -43.84 2.54
CA THR B 1965 13.06 -44.88 2.36
C THR B 1965 13.62 -46.27 2.66
N HIS B 1966 14.71 -46.32 3.42
CA HIS B 1966 15.29 -47.62 3.79
C HIS B 1966 14.32 -48.43 4.64
N SER B 1967 13.63 -47.77 5.59
CA SER B 1967 12.65 -48.42 6.43
C SER B 1967 11.30 -47.77 6.21
N TYR B 1968 10.24 -48.55 6.38
CA TYR B 1968 8.87 -48.11 6.16
C TYR B 1968 8.19 -47.98 7.52
N GLY B 1969 7.97 -46.73 7.96
CA GLY B 1969 7.37 -46.49 9.25
C GLY B 1969 6.76 -45.11 9.32
N MET B 1970 6.08 -44.85 10.45
CA MET B 1970 5.39 -43.58 10.62
C MET B 1970 6.36 -42.41 10.59
N THR B 1971 7.51 -42.56 11.24
CA THR B 1971 8.52 -41.50 11.20
C THR B 1971 9.02 -41.27 9.78
N ASN B 1972 9.30 -42.35 9.06
CA ASN B 1972 9.70 -42.21 7.66
C ASN B 1972 8.57 -41.65 6.82
N MET B 1973 7.33 -42.06 7.11
CA MET B 1973 6.18 -41.48 6.43
C MET B 1973 6.15 -39.97 6.56
N ILE B 1974 6.25 -39.49 7.80
CA ILE B 1974 6.17 -38.05 8.04
C ILE B 1974 7.36 -37.32 7.40
N ALA B 1975 8.56 -37.89 7.54
CA ALA B 1975 9.74 -37.24 6.98
C ALA B 1975 9.65 -37.12 5.47
N PHE B 1976 9.27 -38.20 4.79
CA PHE B 1976 9.17 -38.15 3.34
C PHE B 1976 8.02 -37.27 2.88
N LYS B 1977 6.91 -37.29 3.61
CA LYS B 1977 5.76 -36.46 3.24
C LYS B 1977 6.10 -34.99 3.35
N VAL B 1978 6.79 -34.60 4.44
CA VAL B 1978 7.17 -33.19 4.56
C VAL B 1978 8.28 -32.83 3.58
N PHE B 1979 9.17 -33.77 3.24
CA PHE B 1979 10.18 -33.50 2.23
C PHE B 1979 9.54 -33.22 0.88
N MET B 1980 8.55 -34.02 0.48
CA MET B 1980 7.85 -33.77 -0.77
C MET B 1980 7.01 -32.50 -0.69
N ASN B 1981 6.34 -32.28 0.43
CA ASN B 1981 5.45 -31.13 0.56
C ASN B 1981 6.23 -29.81 0.53
N ILE B 1982 7.46 -29.81 1.02
CA ILE B 1982 8.31 -28.62 0.95
C ILE B 1982 8.59 -28.36 -0.53
N PRO B 1983 8.25 -27.19 -1.05
CA PRO B 1983 8.46 -26.94 -2.48
C PRO B 1983 9.91 -26.61 -2.77
N PHE B 1984 10.30 -26.86 -4.03
CA PHE B 1984 11.63 -26.51 -4.51
C PHE B 1984 12.72 -27.19 -3.68
N LEU B 1985 12.43 -28.40 -3.22
CA LEU B 1985 13.41 -29.25 -2.57
C LEU B 1985 13.45 -30.65 -3.16
N PHE B 1986 12.29 -31.21 -3.54
CA PHE B 1986 12.27 -32.52 -4.15
C PHE B 1986 12.93 -32.53 -5.51
N GLU B 1987 12.54 -31.62 -6.40
CA GLU B 1987 13.11 -31.62 -7.74
C GLU B 1987 14.55 -31.15 -7.73
N LEU B 1988 14.94 -30.37 -6.72
CA LEU B 1988 16.35 -30.06 -6.54
C LEU B 1988 17.15 -31.35 -6.34
N ARG B 1989 16.73 -32.17 -5.38
CA ARG B 1989 17.41 -33.43 -5.11
C ARG B 1989 17.40 -34.35 -6.32
N THR B 1990 16.25 -34.44 -6.99
CA THR B 1990 16.14 -35.33 -8.14
C THR B 1990 17.02 -34.88 -9.31
N ALA B 1991 17.00 -33.58 -9.62
CA ALA B 1991 17.83 -33.07 -10.71
C ALA B 1991 19.31 -33.25 -10.40
N ILE B 1992 19.71 -32.98 -9.15
CA ILE B 1992 21.10 -33.16 -8.77
C ILE B 1992 21.50 -34.62 -8.93
N ASP B 1993 20.66 -35.54 -8.48
CA ASP B 1993 20.96 -36.96 -8.64
C ASP B 1993 21.08 -37.32 -10.12
N TRP B 1994 20.09 -36.95 -10.93
CA TRP B 1994 20.10 -37.36 -12.33
C TRP B 1994 21.32 -36.82 -13.05
N THR B 1995 21.68 -35.56 -12.80
CA THR B 1995 22.83 -34.98 -13.47
C THR B 1995 24.13 -35.58 -12.96
N TRP B 1996 24.16 -35.99 -11.71
CA TRP B 1996 25.42 -36.38 -11.08
C TRP B 1996 25.62 -37.88 -10.97
N THR B 1997 24.57 -38.69 -11.13
CA THR B 1997 24.78 -40.12 -11.22
C THR B 1997 24.87 -40.55 -12.68
N ASP B 1998 25.15 -41.83 -12.90
CA ASP B 1998 25.20 -42.40 -14.23
C ASP B 1998 23.88 -43.13 -14.47
N THR B 1999 23.15 -42.70 -15.51
CA THR B 1999 21.89 -43.32 -15.87
C THR B 1999 21.67 -43.16 -17.37
N SER B 2000 20.80 -44.01 -17.92
CA SER B 2000 20.54 -44.04 -19.34
C SER B 2000 19.18 -43.45 -19.71
N MET B 2001 18.57 -42.68 -18.82
CA MET B 2001 17.24 -42.15 -19.11
C MET B 2001 17.21 -40.66 -18.90
N PRO B 2002 16.39 -39.91 -19.66
CA PRO B 2002 16.53 -38.45 -19.69
C PRO B 2002 15.99 -37.75 -18.46
N LEU B 2003 15.96 -36.41 -18.54
CA LEU B 2003 15.68 -35.57 -17.39
C LEU B 2003 14.24 -35.76 -16.91
N PHE B 2004 13.28 -35.45 -17.78
CA PHE B 2004 11.86 -35.54 -17.43
C PHE B 2004 11.45 -36.97 -17.08
N ASP B 2005 11.99 -37.95 -17.80
CA ASP B 2005 11.72 -39.34 -17.44
C ASP B 2005 12.28 -39.67 -16.07
N PHE B 2006 13.41 -39.07 -15.72
CA PHE B 2006 13.97 -39.31 -14.39
C PHE B 2006 13.07 -38.74 -13.30
N PHE B 2007 12.55 -37.53 -13.50
CA PHE B 2007 11.58 -37.01 -12.54
C PHE B 2007 10.30 -37.83 -12.51
N ASN B 2008 9.86 -38.35 -13.66
CA ASN B 2008 8.70 -39.22 -13.66
C ASN B 2008 8.95 -40.46 -12.82
N MET B 2009 10.12 -41.07 -12.97
CA MET B 2009 10.46 -42.24 -12.16
C MET B 2009 10.56 -41.90 -10.69
N GLU B 2010 11.14 -40.73 -10.36
CA GLU B 2010 11.23 -40.35 -8.96
C GLU B 2010 9.87 -40.11 -8.34
N ASN B 2011 8.96 -39.49 -9.09
CA ASN B 2011 7.60 -39.32 -8.61
C ASN B 2011 6.90 -40.67 -8.43
N PHE B 2012 7.14 -41.60 -9.36
CA PHE B 2012 6.59 -42.93 -9.23
C PHE B 2012 7.09 -43.62 -7.98
N TYR B 2013 8.39 -43.53 -7.72
CA TYR B 2013 8.97 -44.12 -6.52
C TYR B 2013 8.41 -43.48 -5.26
N ALA B 2014 8.25 -42.15 -5.28
CA ALA B 2014 7.67 -41.46 -4.13
C ALA B 2014 6.27 -41.96 -3.85
N HIS B 2015 5.44 -42.06 -4.90
CA HIS B 2015 4.07 -42.52 -4.73
C HIS B 2015 4.03 -43.96 -4.22
N ILE B 2016 4.86 -44.84 -4.81
CA ILE B 2016 4.83 -46.25 -4.43
C ILE B 2016 5.35 -46.43 -3.01
N PHE B 2017 6.40 -45.71 -2.63
CA PHE B 2017 6.91 -45.80 -1.27
C PHE B 2017 5.89 -45.27 -0.27
N ASN B 2018 5.19 -44.18 -0.62
CA ASN B 2018 4.16 -43.66 0.26
C ASN B 2018 3.04 -44.68 0.44
N ILE B 2019 2.64 -45.34 -0.66
CA ILE B 2019 1.59 -46.36 -0.57
C ILE B 2019 2.04 -47.52 0.31
N LYS B 2020 3.27 -48.02 0.08
CA LYS B 2020 3.75 -49.16 0.86
C LYS B 2020 3.89 -48.80 2.33
N CYS B 2021 4.37 -47.59 2.63
CA CYS B 2021 4.50 -47.16 4.00
C CYS B 2021 3.13 -47.02 4.67
N ALA B 2022 2.13 -46.55 3.91
CA ALA B 2022 0.77 -46.50 4.44
C ALA B 2022 0.25 -47.91 4.75
N ARG B 2023 0.53 -48.86 3.85
CA ARG B 2023 0.10 -50.23 4.09
C ARG B 2023 0.73 -50.79 5.35
N GLN B 2024 2.04 -50.56 5.51
CA GLN B 2024 2.76 -51.05 6.69
C GLN B 2024 2.26 -50.39 7.96
N PHE B 2025 2.00 -49.08 7.92
CA PHE B 2025 1.48 -48.38 9.09
C PHE B 2025 0.11 -48.91 9.47
N GLU B 2026 -0.75 -49.15 8.49
CA GLU B 2026 -2.07 -49.71 8.79
C GLU B 2026 -1.96 -51.12 9.35
N ALA B 2027 -0.98 -51.89 8.86
CA ALA B 2027 -0.76 -53.23 9.42
C ALA B 2027 -0.27 -53.16 10.85
N ALA B 2028 0.58 -52.18 11.18
CA ALA B 2028 1.09 -52.05 12.54
C ALA B 2028 -0.02 -51.69 13.51
N TYR B 2029 -1.03 -50.94 13.06
CA TYR B 2029 -2.17 -50.55 13.87
C TYR B 2029 -3.44 -50.96 13.14
N PRO B 2030 -3.77 -52.25 13.16
CA PRO B 2030 -4.94 -52.72 12.42
C PRO B 2030 -6.24 -52.29 13.08
N ALA B 2031 -7.30 -52.26 12.28
CA ALA B 2031 -8.62 -51.93 12.77
C ALA B 2031 -9.57 -53.11 12.55
N PRO B 2032 -10.46 -53.38 13.51
CA PRO B 2032 -11.36 -54.53 13.37
C PRO B 2032 -12.36 -54.35 12.26
N ARG B 2033 -12.86 -55.48 11.75
CA ARG B 2033 -13.83 -55.50 10.67
C ARG B 2033 -15.23 -55.74 11.25
N GLY B 2034 -16.15 -54.83 10.95
CA GLY B 2034 -17.51 -54.90 11.44
C GLY B 2034 -17.75 -54.08 12.70
N ILE B 2035 -16.70 -53.71 13.42
CA ILE B 2035 -16.83 -52.87 14.61
C ILE B 2035 -16.53 -51.43 14.23
N PRO B 2036 -17.43 -50.49 14.50
CA PRO B 2036 -17.18 -49.09 14.10
C PRO B 2036 -16.04 -48.49 14.90
N LYS B 2037 -15.48 -47.41 14.37
CA LYS B 2037 -14.46 -46.66 15.09
C LYS B 2037 -15.02 -46.17 16.42
N GLY B 2038 -14.24 -46.31 17.48
CA GLY B 2038 -14.71 -45.92 18.79
C GLY B 2038 -15.03 -44.44 18.85
N LYS B 2039 -16.02 -44.09 19.68
CA LYS B 2039 -16.47 -42.71 19.75
C LYS B 2039 -15.36 -41.79 20.26
N LEU B 2040 -14.45 -42.31 21.08
CA LEU B 2040 -13.36 -41.49 21.62
C LEU B 2040 -12.42 -41.04 20.52
N VAL B 2041 -12.00 -41.97 19.66
CA VAL B 2041 -11.12 -41.64 18.56
C VAL B 2041 -11.78 -40.63 17.64
N LYS B 2042 -13.04 -40.81 17.32
CA LYS B 2042 -13.65 -39.79 16.52
C LYS B 2042 -13.53 -38.49 17.29
N TYR B 2043 -13.94 -38.49 18.56
CA TYR B 2043 -13.95 -37.24 19.31
C TYR B 2043 -12.65 -36.46 19.13
N MET B 2044 -11.52 -37.06 19.52
CA MET B 2044 -10.30 -36.24 19.48
C MET B 2044 -9.65 -36.23 18.11
N MET B 2045 -10.27 -36.85 17.10
CA MET B 2045 -9.86 -36.59 15.73
C MET B 2045 -10.77 -35.56 15.06
N GLY B 2046 -11.98 -35.38 15.57
CA GLY B 2046 -12.92 -34.43 14.99
C GLY B 2046 -12.86 -33.03 15.56
N PHE B 2047 -12.74 -32.89 16.89
CA PHE B 2047 -12.54 -31.54 17.41
C PHE B 2047 -11.32 -30.83 16.82
N PRO B 2048 -10.15 -31.46 16.72
CA PRO B 2048 -9.01 -30.73 16.13
C PRO B 2048 -9.29 -30.18 14.73
N ILE B 2049 -9.74 -31.03 13.81
CA ILE B 2049 -9.93 -30.59 12.43
C ILE B 2049 -11.01 -29.50 12.35
N ILE B 2050 -12.14 -29.70 13.02
CA ILE B 2050 -13.25 -28.76 12.92
C ILE B 2050 -12.89 -27.42 13.55
N ILE B 2051 -12.31 -27.46 14.75
CA ILE B 2051 -11.92 -26.21 15.41
C ILE B 2051 -10.86 -25.48 14.59
N GLY B 2052 -9.88 -26.23 14.07
CA GLY B 2052 -8.84 -25.60 13.28
C GLY B 2052 -9.37 -24.96 12.01
N VAL B 2053 -10.28 -25.65 11.31
CA VAL B 2053 -10.79 -25.10 10.07
C VAL B 2053 -11.68 -23.88 10.36
N VAL B 2054 -12.48 -23.92 11.43
CA VAL B 2054 -13.32 -22.77 11.75
C VAL B 2054 -12.46 -21.57 12.15
N ILE B 2055 -11.43 -21.80 12.97
CA ILE B 2055 -10.58 -20.68 13.36
C ILE B 2055 -9.78 -20.19 12.15
N PHE B 2056 -9.50 -21.06 11.18
CA PHE B 2056 -8.89 -20.59 9.95
C PHE B 2056 -9.85 -19.73 9.15
N ILE B 2057 -11.13 -20.08 9.15
CA ILE B 2057 -12.13 -19.27 8.46
C ILE B 2057 -12.19 -17.88 9.06
N PHE B 2058 -12.22 -17.81 10.39
CA PHE B 2058 -12.50 -16.55 11.08
C PHE B 2058 -11.25 -15.88 11.64
N SER B 2059 -10.05 -16.37 11.30
CA SER B 2059 -8.81 -15.75 11.73
C SER B 2059 -8.46 -14.50 10.91
N PRO B 2060 -8.72 -14.44 9.59
CA PRO B 2060 -8.53 -13.15 8.92
C PRO B 2060 -9.38 -12.05 9.52
N LEU B 2061 -10.65 -12.36 9.83
CA LEU B 2061 -11.49 -11.38 10.50
C LEU B 2061 -10.99 -11.08 11.90
N LEU B 2062 -10.47 -12.09 12.60
CA LEU B 2062 -9.95 -11.87 13.95
C LEU B 2062 -8.76 -10.91 13.93
N LEU B 2063 -7.80 -11.16 13.03
CA LEU B 2063 -6.64 -10.28 12.95
C LEU B 2063 -7.02 -8.89 12.43
N TRP B 2064 -8.00 -8.82 11.54
CA TRP B 2064 -8.49 -7.51 11.10
C TRP B 2064 -9.08 -6.73 12.27
N SER B 2065 -9.92 -7.39 13.08
CA SER B 2065 -10.53 -6.72 14.22
C SER B 2065 -9.48 -6.28 15.24
N LEU B 2066 -8.51 -7.15 15.52
CA LEU B 2066 -7.42 -6.77 16.41
C LEU B 2066 -6.47 -5.76 15.80
N LEU B 2067 -6.55 -5.52 14.49
CA LEU B 2067 -5.70 -4.56 13.80
C LEU B 2067 -6.44 -3.30 13.37
N ASN B 2068 -7.76 -3.33 13.32
CA ASN B 2068 -8.58 -2.19 12.87
C ASN B 2068 -9.10 -1.41 14.09
N GLN B 2069 -8.27 -1.29 15.12
CA GLN B 2069 -8.72 -0.69 16.37
C GLN B 2069 -8.84 0.82 16.26
N ILE B 2070 -9.53 1.41 17.22
CA ILE B 2070 -9.81 2.85 17.24
C ILE B 2070 -8.65 3.58 17.89
N GLY B 2071 -8.22 4.67 17.27
CA GLY B 2071 -7.16 5.49 17.81
C GLY B 2071 -7.65 6.54 18.78
N THR B 2072 -6.71 7.33 19.30
CA THR B 2072 -7.04 8.39 20.25
C THR B 2072 -6.01 9.51 20.16
N ILE B 2073 -6.49 10.76 20.22
CA ILE B 2073 -5.63 11.92 20.28
C ILE B 2073 -5.94 12.68 21.58
N SER B 2074 -4.90 13.23 22.18
CA SER B 2074 -5.06 14.14 23.31
C SER B 2074 -5.70 15.44 22.83
N MET B 2075 -6.15 16.26 23.78
CA MET B 2075 -6.80 17.51 23.42
C MET B 2075 -5.79 18.44 22.75
N PRO B 2076 -6.23 19.29 21.83
CA PRO B 2076 -5.29 20.20 21.15
C PRO B 2076 -4.53 21.04 22.17
N GLU B 2077 -3.23 21.18 21.93
CA GLU B 2077 -2.39 21.89 22.89
C GLU B 2077 -2.50 23.40 22.73
N LYS B 2078 -2.17 23.92 21.54
CA LYS B 2078 -2.15 25.35 21.29
C LYS B 2078 -3.21 25.72 20.26
N VAL B 2079 -3.88 26.84 20.50
CA VAL B 2079 -4.86 27.40 19.59
C VAL B 2079 -4.59 28.88 19.41
N THR B 2080 -4.74 29.37 18.18
CA THR B 2080 -4.46 30.75 17.85
C THR B 2080 -5.57 31.33 16.99
N LEU B 2081 -5.70 32.66 17.05
CA LEU B 2081 -6.70 33.40 16.29
C LEU B 2081 -6.01 34.52 15.53
N ARG B 2082 -6.56 34.87 14.36
CA ARG B 2082 -5.97 35.87 13.49
C ARG B 2082 -7.09 36.61 12.76
N ILE B 2083 -7.30 37.88 13.12
CA ILE B 2083 -8.19 38.76 12.39
C ILE B 2083 -7.35 39.71 11.55
N SER B 2084 -7.69 39.84 10.27
CA SER B 2084 -6.93 40.71 9.38
C SER B 2084 -7.78 41.08 8.19
N ILE B 2085 -7.33 42.11 7.48
CA ILE B 2085 -7.90 42.43 6.17
C ILE B 2085 -7.11 41.69 5.09
N GLU B 2086 -7.82 41.30 4.03
CA GLU B 2086 -7.30 40.32 3.08
C GLU B 2086 -5.98 40.79 2.48
N GLY B 2087 -4.95 39.96 2.59
CA GLY B 2087 -3.64 40.29 2.06
C GLY B 2087 -2.94 41.42 2.79
N TYR B 2088 -3.07 41.44 4.12
CA TYR B 2088 -2.48 42.48 4.94
C TYR B 2088 -2.21 41.90 6.34
N PRO B 2089 -1.43 42.58 7.17
CA PRO B 2089 -0.94 41.93 8.38
C PRO B 2089 -2.08 41.56 9.30
N PRO B 2090 -1.86 40.63 10.23
CA PRO B 2090 -2.89 40.32 11.22
C PRO B 2090 -3.36 41.59 11.92
N LEU B 2091 -4.59 41.99 11.60
CA LEU B 2091 -5.17 43.18 12.21
C LEU B 2091 -5.34 42.98 13.71
N TYR B 2092 -5.59 41.74 14.13
CA TYR B 2092 -5.72 41.42 15.54
C TYR B 2092 -5.51 39.92 15.67
N GLU B 2093 -4.40 39.50 16.27
CA GLU B 2093 -4.03 38.09 16.33
C GLU B 2093 -3.91 37.63 17.77
N MET B 2094 -4.48 36.46 18.05
CA MET B 2094 -4.44 35.81 19.35
C MET B 2094 -3.78 34.45 19.28
N GLU B 2095 -3.23 34.05 20.42
CA GLU B 2095 -2.75 32.69 20.67
C GLU B 2095 -2.66 32.51 22.17
N ALA B 2096 -3.31 31.46 22.67
CA ALA B 2096 -3.42 31.24 24.11
C ALA B 2096 -3.69 29.76 24.35
N GLN B 2097 -2.89 29.13 25.20
CA GLN B 2097 -2.95 27.69 25.38
C GLN B 2097 -2.52 27.32 26.79
N GLY B 2098 -2.26 26.03 27.00
CA GLY B 2098 -1.98 25.48 28.31
C GLY B 2098 -3.08 24.52 28.74
N SER B 2099 -2.80 23.22 28.63
CA SER B 2099 -3.81 22.17 28.85
C SER B 2099 -3.65 21.49 30.21
N ASN B 2100 -3.29 22.25 31.24
CA ASN B 2100 -3.15 21.69 32.58
C ASN B 2100 -4.43 21.76 33.39
N HIS B 2101 -5.53 22.19 32.79
CA HIS B 2101 -6.87 22.25 33.40
C HIS B 2101 -6.94 23.37 34.44
N ASP B 2102 -5.81 24.03 34.70
CA ASP B 2102 -5.75 25.16 35.61
C ASP B 2102 -5.67 26.49 34.88
N ASN B 2103 -5.60 26.47 33.56
CA ASN B 2103 -5.50 27.70 32.79
C ASN B 2103 -6.84 28.41 32.74
N ALA B 2104 -6.81 29.74 32.88
CA ALA B 2104 -8.00 30.56 32.77
C ALA B 2104 -8.37 30.88 31.33
N GLU B 2105 -7.49 30.58 30.37
CA GLU B 2105 -7.76 30.84 28.96
C GLU B 2105 -8.21 29.58 28.24
N LEU B 2106 -7.37 28.55 28.21
CA LEU B 2106 -7.74 27.25 27.64
C LEU B 2106 -8.14 26.29 28.76
N GLY B 2107 -9.37 26.46 29.23
CA GLY B 2107 -9.90 25.58 30.25
C GLY B 2107 -10.89 24.57 29.66
N MET B 2108 -10.91 23.39 30.26
CA MET B 2108 -11.88 22.39 29.87
C MET B 2108 -13.27 22.78 30.35
N ILE B 2109 -14.29 22.23 29.69
CA ILE B 2109 -15.67 22.58 30.02
C ILE B 2109 -16.01 22.07 31.41
N LYS B 2110 -16.61 22.94 32.21
CA LYS B 2110 -17.08 22.51 33.52
C LYS B 2110 -18.37 21.70 33.38
N PRO B 2111 -18.58 20.69 34.21
CA PRO B 2111 -19.83 19.91 34.12
C PRO B 2111 -21.08 20.76 34.27
N ASP B 2112 -21.05 21.77 35.15
CA ASP B 2112 -22.21 22.63 35.32
C ASP B 2112 -22.49 23.44 34.06
N GLN B 2113 -21.44 23.99 33.45
CA GLN B 2113 -21.62 24.76 32.22
C GLN B 2113 -22.14 23.88 31.09
N LEU B 2114 -21.61 22.66 30.98
CA LEU B 2114 -22.09 21.73 29.96
C LEU B 2114 -23.55 21.38 30.19
N ALA B 2115 -23.93 21.14 31.46
CA ALA B 2115 -25.31 20.83 31.77
C ALA B 2115 -26.23 22.00 31.42
N SER B 2116 -25.81 23.23 31.74
CA SER B 2116 -26.61 24.40 31.40
C SER B 2116 -26.77 24.56 29.89
N LEU B 2117 -25.67 24.36 29.16
CA LEU B 2117 -25.73 24.44 27.70
C LEU B 2117 -26.66 23.38 27.12
N ASN B 2118 -26.58 22.16 27.64
CA ASN B 2118 -27.45 21.09 27.16
C ASN B 2118 -28.91 21.39 27.47
N GLN B 2119 -29.18 21.91 28.67
CA GLN B 2119 -30.56 22.26 29.02
C GLN B 2119 -31.09 23.37 28.12
N ALA B 2120 -30.27 24.39 27.85
CA ALA B 2120 -30.67 25.45 26.95
C ALA B 2120 -30.93 24.95 25.53
N LEU B 2121 -30.09 24.04 25.04
CA LEU B 2121 -30.34 23.44 23.72
C LEU B 2121 -31.62 22.63 23.71
N THR B 2122 -31.88 21.87 24.77
CA THR B 2122 -33.07 21.03 24.81
C THR B 2122 -34.34 21.88 24.85
N ASP B 2123 -34.36 22.91 25.70
CA ASP B 2123 -35.49 23.81 25.73
C ASP B 2123 -35.33 24.94 24.72
N SER B 2124 -35.25 24.58 23.43
CA SER B 2124 -35.17 25.55 22.35
C SER B 2124 -36.20 25.26 21.25
N TYR B 2125 -37.23 24.47 21.54
CA TYR B 2125 -38.23 24.08 20.57
C TYR B 2125 -39.53 24.84 20.81
N THR B 2126 -40.42 24.75 19.82
CA THR B 2126 -41.74 25.34 19.95
C THR B 2126 -42.80 24.26 20.14
N THR B 2127 -44.01 24.70 20.48
CA THR B 2127 -45.12 23.76 20.68
C THR B 2127 -45.44 23.01 19.39
N ARG B 2128 -45.89 23.73 18.38
CA ARG B 2128 -46.08 23.18 17.04
C ARG B 2128 -44.80 23.43 16.23
N ASP B 2129 -44.88 23.30 14.91
CA ASP B 2129 -43.72 23.41 14.01
C ASP B 2129 -42.70 22.32 14.31
N THR B 2130 -43.10 21.09 14.02
CA THR B 2130 -42.27 19.91 14.25
C THR B 2130 -40.91 19.99 13.57
N ASN B 2131 -40.69 20.98 12.69
CA ASN B 2131 -39.35 21.22 12.18
C ASN B 2131 -38.40 21.58 13.32
N SER B 2132 -38.86 22.42 14.26
CA SER B 2132 -38.06 22.70 15.44
C SER B 2132 -37.88 21.45 16.30
N ILE B 2133 -38.89 20.58 16.30
CA ILE B 2133 -38.76 19.28 16.97
C ILE B 2133 -37.58 18.49 16.40
N LEU B 2134 -37.51 18.37 15.07
CA LEU B 2134 -36.44 17.59 14.47
C LEU B 2134 -35.10 18.29 14.61
N ARG B 2135 -35.11 19.63 14.62
CA ARG B 2135 -33.87 20.36 14.82
C ARG B 2135 -33.32 20.15 16.22
N SER B 2136 -34.20 20.14 17.23
CA SER B 2136 -33.79 19.81 18.58
C SER B 2136 -33.27 18.37 18.65
N ARG B 2137 -33.98 17.44 17.99
CA ARG B 2137 -33.46 16.08 17.80
C ARG B 2137 -31.98 16.11 17.41
N MET B 2138 -31.70 16.70 16.25
CA MET B 2138 -30.35 16.65 15.71
C MET B 2138 -29.35 17.38 16.59
N SER B 2139 -29.73 18.54 17.13
CA SER B 2139 -28.80 19.33 17.92
C SER B 2139 -28.41 18.61 19.21
N VAL B 2140 -29.38 18.06 19.94
CA VAL B 2140 -29.05 17.37 21.17
C VAL B 2140 -28.32 16.07 20.86
N SER B 2141 -28.68 15.38 19.76
CA SER B 2141 -27.94 14.18 19.38
C SER B 2141 -26.48 14.50 19.10
N TYR B 2142 -26.23 15.63 18.42
CA TYR B 2142 -24.87 16.04 18.14
C TYR B 2142 -24.10 16.38 19.41
N LEU B 2143 -24.73 17.15 20.30
CA LEU B 2143 -24.03 17.59 21.51
C LEU B 2143 -23.73 16.41 22.42
N LYS B 2144 -24.70 15.54 22.66
CA LYS B 2144 -24.54 14.47 23.64
C LYS B 2144 -23.57 13.40 23.18
N GLY B 2145 -23.17 13.40 21.91
CA GLY B 2145 -22.17 12.47 21.44
C GLY B 2145 -20.76 12.76 21.92
N TYR B 2146 -20.51 13.98 22.41
CA TYR B 2146 -19.19 14.37 22.92
C TYR B 2146 -19.29 14.53 24.43
N THR B 2147 -18.39 13.89 25.16
CA THR B 2147 -18.36 14.00 26.61
C THR B 2147 -17.75 15.35 27.00
N TYR B 2148 -17.64 15.57 28.32
CA TYR B 2148 -17.04 16.81 28.79
C TYR B 2148 -15.52 16.76 28.80
N GLU B 2149 -14.92 15.61 28.48
CA GLU B 2149 -13.49 15.54 28.20
C GLU B 2149 -13.15 16.01 26.79
N ASP B 2150 -14.13 16.07 25.89
CA ASP B 2150 -13.89 16.41 24.49
C ASP B 2150 -14.31 17.82 24.15
N ILE B 2151 -14.67 18.64 25.14
CA ILE B 2151 -15.08 20.01 24.92
C ILE B 2151 -14.17 20.91 25.75
N LEU B 2152 -13.53 21.87 25.09
CA LEU B 2152 -12.60 22.79 25.74
C LEU B 2152 -13.12 24.21 25.56
N ILE B 2153 -13.08 24.99 26.64
CA ILE B 2153 -13.51 26.38 26.60
C ILE B 2153 -12.30 27.23 26.23
N VAL B 2154 -12.25 27.71 24.99
CA VAL B 2154 -11.18 28.54 24.50
C VAL B 2154 -11.58 30.00 24.68
N ARG B 2155 -10.71 30.78 25.33
CA ARG B 2155 -11.01 32.16 25.68
C ARG B 2155 -9.82 33.06 25.30
N PHE B 2156 -9.85 33.59 24.08
CA PHE B 2156 -8.84 34.55 23.67
C PHE B 2156 -9.04 35.89 24.37
N ARG B 2157 -7.91 36.55 24.62
CA ARG B 2157 -7.96 37.89 25.21
C ARG B 2157 -8.42 38.92 24.18
N PRO B 2158 -9.08 39.99 24.62
CA PRO B 2158 -9.51 41.01 23.65
C PRO B 2158 -8.39 41.91 23.18
N GLU B 2159 -7.45 42.26 24.05
CA GLU B 2159 -6.38 43.17 23.69
C GLU B 2159 -5.39 42.48 22.76
N SER B 2160 -4.87 43.25 21.79
CA SER B 2160 -4.05 42.68 20.74
C SER B 2160 -2.77 42.07 21.30
N GLU B 2161 -2.33 40.98 20.66
CA GLU B 2161 -1.19 40.22 21.13
C GLU B 2161 0.10 41.00 20.88
N ILE B 2162 0.23 41.57 19.69
CA ILE B 2162 1.37 42.39 19.29
C ILE B 2162 0.82 43.73 18.81
N TYR B 2163 1.62 44.78 18.94
CA TYR B 2163 1.25 46.05 18.34
C TYR B 2163 1.10 45.86 16.84
N TRP B 2164 0.08 46.49 16.26
CA TRP B 2164 -0.23 46.34 14.84
C TRP B 2164 0.99 46.67 13.99
N PRO B 2165 1.63 45.67 13.40
CA PRO B 2165 2.88 45.88 12.65
C PRO B 2165 2.64 46.17 11.16
N ILE B 2166 2.06 47.33 10.88
CA ILE B 2166 1.72 47.72 9.52
C ILE B 2166 2.53 48.97 9.17
N SER B 2167 3.19 48.94 8.01
CA SER B 2167 3.93 50.11 7.56
C SER B 2167 2.96 51.22 7.18
N GLN B 2168 3.40 52.46 7.39
CA GLN B 2168 2.54 53.60 7.05
C GLN B 2168 2.18 53.58 5.56
N ASP B 2169 3.14 53.20 4.71
CA ASP B 2169 2.84 53.11 3.28
C ASP B 2169 1.86 51.99 2.99
N SER B 2170 2.04 50.82 3.61
CA SER B 2170 1.09 49.74 3.39
C SER B 2170 -0.26 50.04 4.03
N ARG B 2171 -0.28 50.77 5.14
CA ARG B 2171 -1.55 51.20 5.71
C ARG B 2171 -2.26 52.19 4.78
N ASN B 2172 -1.49 53.06 4.12
CA ASN B 2172 -2.07 53.94 3.12
C ASN B 2172 -2.60 53.13 1.94
N ALA B 2173 -1.90 52.06 1.57
CA ALA B 2173 -2.41 51.15 0.55
C ALA B 2173 -3.73 50.54 0.97
N MET B 2174 -3.84 50.12 2.23
CA MET B 2174 -5.11 49.61 2.77
C MET B 2174 -6.20 50.66 2.63
N ILE B 2175 -5.88 51.90 3.03
CA ILE B 2175 -6.86 52.97 3.03
C ILE B 2175 -7.36 53.24 1.62
N ASP B 2176 -6.45 53.32 0.65
CA ASP B 2176 -6.85 53.65 -0.71
C ASP B 2176 -7.48 52.45 -1.42
N LYS B 2177 -7.16 51.22 -0.99
CA LYS B 2177 -7.85 50.06 -1.51
C LYS B 2177 -9.29 50.00 -1.00
N LEU B 2178 -9.51 50.40 0.25
CA LEU B 2178 -10.85 50.46 0.83
C LEU B 2178 -11.57 51.76 0.51
N SER B 2179 -11.13 52.48 -0.53
CA SER B 2179 -11.78 53.72 -0.94
C SER B 2179 -12.18 53.68 -2.40
N ARG B 2180 -12.42 52.49 -2.94
CA ARG B 2180 -12.79 52.33 -4.34
C ARG B 2180 -13.90 51.27 -4.41
N ASN B 2181 -14.33 50.96 -5.64
CA ASN B 2181 -15.28 49.89 -5.87
C ASN B 2181 -14.70 48.51 -5.61
N THR B 2182 -13.38 48.40 -5.55
CA THR B 2182 -12.73 47.12 -5.28
C THR B 2182 -13.19 46.56 -3.95
N SER B 2183 -13.59 45.28 -3.95
CA SER B 2183 -14.12 44.62 -2.77
C SER B 2183 -13.06 43.71 -2.17
N VAL B 2184 -12.77 43.91 -0.89
CA VAL B 2184 -11.82 43.09 -0.15
C VAL B 2184 -12.54 42.39 0.99
N ASN B 2185 -11.97 41.30 1.48
CA ASN B 2185 -12.61 40.45 2.46
C ASN B 2185 -11.89 40.53 3.80
N PHE B 2186 -12.64 40.64 4.88
CA PHE B 2186 -12.04 40.46 6.19
C PHE B 2186 -11.62 39.01 6.38
N GLU B 2187 -10.49 38.82 7.05
CA GLU B 2187 -9.92 37.50 7.30
C GLU B 2187 -10.12 37.14 8.76
N VAL B 2188 -10.71 35.97 9.00
CA VAL B 2188 -10.92 35.44 10.34
C VAL B 2188 -10.29 34.05 10.35
N SER B 2189 -9.06 33.95 10.84
CA SER B 2189 -8.33 32.69 10.87
C SER B 2189 -8.16 32.21 12.30
N LEU B 2190 -8.64 31.00 12.57
CA LEU B 2190 -8.49 30.37 13.87
C LEU B 2190 -7.86 29.01 13.65
N GLU B 2191 -6.74 28.73 14.31
CA GLU B 2191 -5.96 27.53 14.07
C GLU B 2191 -5.90 26.71 15.36
N PHE B 2192 -6.39 25.47 15.28
CA PHE B 2192 -6.26 24.52 16.38
C PHE B 2192 -5.07 23.61 16.10
N THR B 2193 -4.09 23.61 16.98
CA THR B 2193 -2.89 22.80 16.83
C THR B 2193 -2.86 21.73 17.91
N ARG B 2194 -2.77 20.48 17.48
CA ARG B 2194 -2.73 19.34 18.37
C ARG B 2194 -1.31 19.10 18.89
N PRO B 2195 -1.17 18.49 20.06
CA PRO B 2195 0.16 18.03 20.48
C PRO B 2195 0.62 16.88 19.62
N TYR B 2196 1.94 16.72 19.52
CA TYR B 2196 2.51 15.73 18.63
C TYR B 2196 2.15 14.32 19.11
N ASP B 2197 1.81 13.46 18.15
CA ASP B 2197 1.53 12.06 18.42
C ASP B 2197 2.57 11.19 17.73
N PRO B 2198 3.30 10.35 18.46
CA PRO B 2198 4.40 9.60 17.85
C PRO B 2198 3.94 8.53 16.89
N ASN B 2199 2.74 7.98 17.10
CA ASN B 2199 2.24 6.93 16.22
C ASN B 2199 2.03 7.46 14.81
N GLU B 2200 1.28 8.55 14.67
CA GLU B 2200 1.11 9.19 13.37
C GLU B 2200 2.34 10.02 12.99
N ASN B 2201 2.98 10.63 13.98
CA ASN B 2201 4.15 11.48 13.76
C ASN B 2201 3.84 12.62 12.78
N ALA B 2202 2.82 13.41 13.13
CA ALA B 2202 2.44 14.57 12.34
C ALA B 2202 1.84 15.63 13.23
N ALA B 2203 2.35 16.86 13.15
CA ALA B 2203 1.83 17.94 13.98
C ALA B 2203 0.45 18.35 13.47
N LEU B 2204 -0.58 17.75 14.04
CA LEU B 2204 -1.93 17.95 13.53
C LEU B 2204 -2.39 19.38 13.81
N LYS B 2205 -2.46 20.19 12.75
CA LYS B 2205 -2.88 21.57 12.86
C LYS B 2205 -4.16 21.75 12.05
N HIS B 2206 -5.19 22.28 12.69
CA HIS B 2206 -6.49 22.49 12.06
C HIS B 2206 -6.76 23.98 11.99
N SER B 2207 -6.96 24.48 10.77
CA SER B 2207 -7.19 25.90 10.55
C SER B 2207 -8.38 26.08 9.62
N LYS B 2208 -9.12 27.16 9.84
CA LYS B 2208 -10.24 27.51 8.99
C LYS B 2208 -10.25 29.01 8.75
N SER B 2209 -10.55 29.40 7.52
CA SER B 2209 -10.60 30.80 7.12
C SER B 2209 -12.02 31.17 6.75
N TRP B 2210 -12.50 32.28 7.31
CA TRP B 2210 -13.86 32.77 7.06
C TRP B 2210 -13.75 34.15 6.43
N LEU B 2211 -13.79 34.20 5.10
CA LEU B 2211 -13.72 35.48 4.41
C LEU B 2211 -15.06 36.20 4.51
N VAL B 2212 -15.03 37.41 5.06
CA VAL B 2212 -16.22 38.22 5.26
C VAL B 2212 -16.18 39.38 4.27
N PRO B 2213 -17.06 39.37 3.28
CA PRO B 2213 -17.07 40.48 2.30
C PRO B 2213 -17.48 41.79 2.98
N ILE B 2214 -16.95 42.88 2.43
CA ILE B 2214 -17.26 44.21 2.92
C ILE B 2214 -18.30 44.84 2.01
N SER B 2215 -19.34 45.42 2.62
CA SER B 2215 -20.40 46.05 1.86
C SER B 2215 -19.85 47.19 1.01
N LEU B 2216 -20.34 47.29 -0.22
CA LEU B 2216 -19.89 48.31 -1.16
C LEU B 2216 -20.44 49.70 -0.84
N ASP B 2217 -21.12 49.86 0.29
CA ASP B 2217 -21.61 51.18 0.69
C ASP B 2217 -20.44 52.08 1.05
N MET B 2218 -20.38 53.25 0.41
CA MET B 2218 -19.32 54.22 0.65
C MET B 2218 -19.30 54.72 2.10
N THR B 2219 -20.47 54.85 2.74
CA THR B 2219 -20.52 55.29 4.12
C THR B 2219 -19.82 54.32 5.07
N ILE B 2220 -20.10 53.03 4.93
CA ILE B 2220 -19.41 52.03 5.75
C ILE B 2220 -17.93 52.00 5.41
N ARG B 2221 -17.60 52.06 4.12
CA ARG B 2221 -16.21 52.07 3.70
C ARG B 2221 -15.49 53.30 4.23
N ALA B 2222 -16.17 54.46 4.25
CA ALA B 2222 -15.56 55.66 4.79
C ALA B 2222 -15.28 55.50 6.28
N LYS B 2223 -16.20 54.89 7.02
CA LYS B 2223 -15.97 54.67 8.45
C LYS B 2223 -14.81 53.72 8.68
N ILE B 2224 -14.72 52.65 7.90
CA ILE B 2224 -13.61 51.72 8.03
C ILE B 2224 -12.29 52.41 7.70
N GLN B 2225 -12.30 53.24 6.65
CA GLN B 2225 -11.11 53.99 6.27
C GLN B 2225 -10.66 54.93 7.39
N SER B 2226 -11.61 55.66 7.98
CA SER B 2226 -11.26 56.58 9.05
C SER B 2226 -10.75 55.83 10.28
N ALA B 2227 -11.36 54.70 10.61
CA ALA B 2227 -10.90 53.91 11.74
C ALA B 2227 -9.50 53.37 11.51
N LEU B 2228 -9.23 52.88 10.30
CA LEU B 2228 -7.90 52.36 9.99
C LEU B 2228 -6.86 53.46 9.99
N ARG B 2229 -7.25 54.67 9.58
CA ARG B 2229 -6.32 55.79 9.60
C ARG B 2229 -5.84 56.10 11.01
N GLY B 2230 -6.75 56.04 11.99
CA GLY B 2230 -6.38 56.27 13.37
C GLY B 2230 -7.35 57.18 14.10
N ASP B 2231 -8.42 57.59 13.43
CA ASP B 2231 -9.38 58.49 14.05
C ASP B 2231 -10.20 57.74 15.09
N PRO B 2232 -10.19 58.18 16.35
CA PRO B 2232 -10.97 57.49 17.38
C PRO B 2232 -12.46 57.71 17.19
N GLY B 2233 -13.24 56.77 17.74
CA GLY B 2233 -14.68 56.84 17.72
C GLY B 2233 -15.33 55.97 16.65
N HIS B 2234 -14.58 55.57 15.64
CA HIS B 2234 -15.12 54.73 14.57
C HIS B 2234 -14.73 53.29 14.81
N PRO B 2235 -15.68 52.40 15.09
CA PRO B 2235 -15.33 50.99 15.29
C PRO B 2235 -15.43 50.16 14.03
N ILE B 2236 -14.49 49.23 13.85
CA ILE B 2236 -14.61 48.30 12.73
C ILE B 2236 -15.68 47.27 13.05
N LEU B 2237 -16.69 47.19 12.20
CA LEU B 2237 -17.81 46.27 12.38
C LEU B 2237 -17.63 45.11 11.42
N ILE B 2238 -17.66 43.90 11.97
CA ILE B 2238 -17.45 42.69 11.18
C ILE B 2238 -18.68 41.79 11.40
N PRO B 2239 -19.57 41.70 10.42
CA PRO B 2239 -20.85 41.01 10.66
C PRO B 2239 -20.74 39.50 10.40
N GLN B 2240 -21.16 38.71 11.40
CA GLN B 2240 -21.26 37.26 11.28
C GLN B 2240 -19.94 36.65 10.82
N SER B 2241 -18.92 36.80 11.66
CA SER B 2241 -17.56 36.44 11.30
C SER B 2241 -17.04 35.23 12.06
N ILE B 2242 -17.04 35.28 13.39
CA ILE B 2242 -16.49 34.21 14.21
C ILE B 2242 -17.64 33.32 14.69
N PRO B 2243 -17.51 32.01 14.61
CA PRO B 2243 -18.49 31.13 15.26
C PRO B 2243 -18.12 30.83 16.70
N ALA B 2244 -19.11 30.87 17.60
CA ALA B 2244 -18.86 30.56 19.00
C ALA B 2244 -18.62 29.07 19.23
N PHE B 2245 -19.11 28.21 18.36
CA PHE B 2245 -19.00 26.76 18.53
C PHE B 2245 -18.22 26.17 17.37
N ILE B 2246 -17.20 25.39 17.69
CA ILE B 2246 -16.31 24.77 16.71
C ILE B 2246 -16.20 23.29 17.01
N GLN B 2247 -16.23 22.48 15.95
CA GLN B 2247 -15.90 21.07 16.05
C GLN B 2247 -14.48 20.88 15.51
N VAL B 2248 -13.60 20.31 16.34
CA VAL B 2248 -12.23 20.05 15.95
C VAL B 2248 -12.12 18.57 15.61
N PRO B 2249 -12.08 18.20 14.33
CA PRO B 2249 -12.02 16.77 13.99
C PRO B 2249 -10.60 16.25 14.03
N ASN B 2250 -10.41 15.00 13.63
CA ASN B 2250 -9.09 14.39 13.67
C ASN B 2250 -8.15 14.98 12.62
N GLN B 2251 -8.63 15.20 11.40
CA GLN B 2251 -7.71 15.57 10.33
C GLN B 2251 -8.25 16.63 9.37
N GLY B 2252 -9.45 17.15 9.60
CA GLY B 2252 -10.02 18.10 8.68
C GLY B 2252 -10.09 19.54 9.16
N GLU B 2253 -10.79 20.40 8.41
CA GLU B 2253 -11.05 21.77 8.83
C GLU B 2253 -11.88 21.78 10.11
N LEU B 2254 -12.00 22.97 10.69
CA LEU B 2254 -12.93 23.17 11.79
C LEU B 2254 -14.35 23.09 11.27
N THR B 2255 -14.97 21.93 11.41
CA THR B 2255 -16.32 21.69 10.91
C THR B 2255 -17.32 22.43 11.78
N LEU B 2256 -18.20 23.19 11.15
CA LEU B 2256 -19.20 23.93 11.89
C LEU B 2256 -20.27 22.99 12.43
N PRO B 2257 -20.68 23.18 13.68
CA PRO B 2257 -21.81 22.41 14.23
C PRO B 2257 -23.12 22.81 13.56
N THR B 2258 -23.32 22.32 12.33
CA THR B 2258 -24.41 22.78 11.49
C THR B 2258 -25.78 22.57 12.14
N SER B 2259 -25.94 21.55 12.98
CA SER B 2259 -27.21 21.36 13.66
C SER B 2259 -27.41 22.44 14.72
N ILE B 2260 -26.38 22.71 15.53
CA ILE B 2260 -26.46 23.80 16.49
C ILE B 2260 -26.59 25.13 15.75
N GLY B 2261 -25.94 25.25 14.59
CA GLY B 2261 -26.10 26.46 13.80
C GLY B 2261 -27.54 26.68 13.37
N ASN B 2262 -28.19 25.63 12.86
CA ASN B 2262 -29.59 25.74 12.48
C ASN B 2262 -30.45 26.07 13.69
N THR B 2263 -30.15 25.46 14.85
CA THR B 2263 -30.90 25.77 16.06
C THR B 2263 -30.79 27.26 16.40
N ILE B 2264 -29.58 27.82 16.31
CA ILE B 2264 -29.40 29.23 16.59
C ILE B 2264 -30.14 30.08 15.56
N ILE B 2265 -30.09 29.69 14.29
CA ILE B 2265 -30.70 30.50 13.24
C ILE B 2265 -32.22 30.57 13.41
N ASN B 2266 -32.87 29.43 13.59
CA ASN B 2266 -34.33 29.41 13.51
C ASN B 2266 -34.97 28.74 14.72
N ASP B 2267 -34.38 28.91 15.90
CA ASP B 2267 -35.04 28.49 17.14
C ASP B 2267 -35.05 29.54 18.23
N GLY B 2268 -34.09 30.47 18.27
CA GLY B 2268 -34.18 31.56 19.21
C GLY B 2268 -35.32 32.51 18.85
N ASN B 2269 -35.87 33.15 19.88
CA ASN B 2269 -37.01 34.05 19.66
C ASN B 2269 -36.70 35.18 18.71
N PRO B 2270 -35.55 35.88 18.79
CA PRO B 2270 -35.17 36.78 17.68
C PRO B 2270 -34.75 35.99 16.44
N ARG B 2271 -35.71 35.42 15.72
CA ARG B 2271 -35.37 34.60 14.56
C ARG B 2271 -34.65 35.45 13.50
N ILE B 2272 -33.54 34.93 13.00
CA ILE B 2272 -32.74 35.66 12.03
C ILE B 2272 -33.44 35.64 10.68
N ASN B 2273 -33.57 36.82 10.07
CA ASN B 2273 -34.22 36.95 8.77
C ASN B 2273 -33.30 36.38 7.70
N THR B 2274 -33.24 35.05 7.64
CA THR B 2274 -32.39 34.33 6.69
C THR B 2274 -33.13 33.95 5.42
N THR B 2275 -34.21 34.67 5.09
CA THR B 2275 -34.98 34.35 3.89
C THR B 2275 -34.12 34.48 2.64
N GLY B 2276 -33.66 35.69 2.33
CA GLY B 2276 -32.79 35.89 1.19
C GLY B 2276 -31.33 35.98 1.56
N MET B 2277 -30.61 34.86 1.43
CA MET B 2277 -29.17 34.82 1.66
C MET B 2277 -28.56 33.77 0.74
N GLU B 2278 -27.32 34.02 0.33
CA GLU B 2278 -26.58 33.07 -0.48
C GLU B 2278 -26.24 31.85 0.37
N LYS B 2279 -26.22 30.68 -0.28
CA LYS B 2279 -26.19 29.40 0.45
C LYS B 2279 -25.00 29.31 1.39
N SER B 2280 -23.81 29.64 0.90
CA SER B 2280 -22.64 29.59 1.78
C SER B 2280 -22.71 30.65 2.87
N ASP B 2281 -23.42 31.75 2.62
CA ASP B 2281 -23.53 32.82 3.61
C ASP B 2281 -24.48 32.48 4.74
N GLU B 2282 -25.60 31.80 4.45
CA GLU B 2282 -26.57 31.53 5.50
C GLU B 2282 -26.07 30.47 6.48
N ALA B 2283 -25.09 29.66 6.07
CA ALA B 2283 -24.48 28.73 7.00
C ALA B 2283 -23.70 29.45 8.09
N ARG B 2284 -23.23 30.67 7.79
CA ARG B 2284 -22.51 31.49 8.75
C ARG B 2284 -23.41 32.54 9.40
N ALA B 2285 -24.72 32.48 9.18
CA ALA B 2285 -25.63 33.47 9.72
C ALA B 2285 -25.70 33.46 11.23
N TRP B 2286 -25.29 32.37 11.88
CA TRP B 2286 -25.31 32.27 13.33
C TRP B 2286 -23.98 32.64 13.96
N PHE B 2287 -23.04 33.15 13.17
CA PHE B 2287 -21.74 33.52 13.71
C PHE B 2287 -21.84 34.79 14.54
N ASP B 2288 -20.86 34.99 15.41
CA ASP B 2288 -20.80 36.21 16.20
C ASP B 2288 -20.22 37.36 15.36
N SER B 2289 -20.28 38.57 15.92
CA SER B 2289 -19.83 39.77 15.25
C SER B 2289 -18.83 40.50 16.14
N LEU B 2290 -17.55 40.45 15.77
CA LEU B 2290 -16.53 41.20 16.49
C LEU B 2290 -16.66 42.70 16.22
N THR B 2291 -16.14 43.49 17.15
CA THR B 2291 -16.05 44.93 16.97
C THR B 2291 -14.60 45.32 17.29
N LEU B 2292 -13.90 45.86 16.29
CA LEU B 2292 -12.48 46.16 16.42
C LEU B 2292 -12.29 47.65 16.65
N ASN B 2293 -11.58 47.99 17.72
CA ASN B 2293 -11.30 49.38 18.07
C ASN B 2293 -9.80 49.57 18.20
N LEU B 2294 -9.23 50.37 17.31
CA LEU B 2294 -7.82 50.70 17.40
C LEU B 2294 -7.57 51.60 18.60
N GLU B 2295 -6.45 51.38 19.30
CA GLU B 2295 -6.08 52.15 20.48
C GLU B 2295 -4.65 52.64 20.29
N GLN B 2296 -4.51 53.90 19.85
CA GLN B 2296 -3.18 54.48 19.71
C GLN B 2296 -2.50 54.67 21.07
N GLY B 2297 -3.19 55.27 22.02
CA GLY B 2297 -2.54 55.66 23.25
C GLY B 2297 -1.50 56.72 22.97
N LYS B 2298 -0.24 56.33 23.00
CA LYS B 2298 0.85 57.20 22.57
C LYS B 2298 0.94 57.21 21.05
N SER B 2299 2.06 57.67 20.51
CA SER B 2299 2.23 57.94 19.08
C SER B 2299 1.86 56.75 18.19
N GLN B 2300 1.63 57.03 16.91
CA GLN B 2300 1.05 56.07 15.97
C GLN B 2300 1.83 54.77 15.88
N ASN B 2301 3.03 54.69 16.43
CA ASN B 2301 3.80 53.44 16.38
C ASN B 2301 3.17 52.34 17.21
N GLU B 2302 2.24 52.66 18.11
CA GLU B 2302 1.75 51.70 19.09
C GLU B 2302 0.29 51.36 18.81
N LYS B 2303 -0.05 51.16 17.54
CA LYS B 2303 -1.41 50.75 17.19
C LYS B 2303 -1.73 49.41 17.84
N MET B 2304 -2.87 49.37 18.54
CA MET B 2304 -3.33 48.16 19.19
C MET B 2304 -4.84 48.02 18.97
N TRP B 2305 -5.28 46.79 18.71
CA TRP B 2305 -6.67 46.51 18.39
C TRP B 2305 -7.29 45.66 19.48
N ILE B 2306 -8.50 46.02 19.90
CA ILE B 2306 -9.26 45.29 20.90
C ILE B 2306 -10.54 44.80 20.24
N ALA B 2307 -10.88 43.54 20.47
CA ALA B 2307 -12.02 42.90 19.82
C ALA B 2307 -13.08 42.55 20.86
N THR B 2308 -14.33 42.90 20.57
CA THR B 2308 -15.48 42.53 21.39
C THR B 2308 -16.50 41.83 20.50
N SER B 2309 -16.95 40.66 20.94
CA SER B 2309 -17.87 39.83 20.17
C SER B 2309 -19.28 39.97 20.70
N GLU B 2310 -20.23 40.16 19.79
CA GLU B 2310 -21.65 40.25 20.13
C GLU B 2310 -22.38 39.08 19.47
N HIS B 2311 -23.12 38.32 20.27
CA HIS B 2311 -23.84 37.17 19.76
C HIS B 2311 -24.98 37.62 18.85
N PRO B 2312 -25.25 36.85 17.80
CA PRO B 2312 -26.36 37.19 16.90
C PRO B 2312 -27.71 36.96 17.57
N GLY B 2313 -28.70 37.70 17.10
CA GLY B 2313 -30.03 37.62 17.66
C GLY B 2313 -30.10 38.18 19.06
N ASP B 2314 -30.29 37.31 20.05
CA ASP B 2314 -30.37 37.71 21.45
C ASP B 2314 -29.07 37.33 22.14
N GLN B 2315 -28.38 38.32 22.72
CA GLN B 2315 -27.12 38.06 23.40
C GLN B 2315 -27.36 37.40 24.76
N ASN B 2316 -28.53 37.61 25.34
CA ASN B 2316 -28.83 37.08 26.67
C ASN B 2316 -29.45 35.69 26.64
N ALA B 2317 -29.52 35.06 25.47
CA ALA B 2317 -30.09 33.72 25.38
C ALA B 2317 -29.24 32.73 26.18
N LYS B 2318 -29.93 31.77 26.80
CA LYS B 2318 -29.26 30.79 27.64
C LYS B 2318 -28.38 29.82 26.86
N LEU B 2319 -28.57 29.73 25.53
CA LEU B 2319 -27.76 28.80 24.74
C LEU B 2319 -26.29 29.21 24.74
N TRP B 2320 -26.02 30.51 24.71
CA TRP B 2320 -24.65 30.99 24.75
C TRP B 2320 -24.00 30.67 26.09
N ILE B 2321 -22.67 30.61 26.09
CA ILE B 2321 -21.87 30.44 27.30
C ILE B 2321 -21.33 31.79 27.71
N LYS B 2322 -21.54 32.16 28.97
CA LYS B 2322 -21.15 33.47 29.45
C LYS B 2322 -19.64 33.66 29.39
N THR B 2323 -19.23 34.87 28.99
CA THR B 2323 -17.83 35.23 28.89
C THR B 2323 -17.43 36.03 30.13
N ALA B 2324 -16.51 35.49 30.91
CA ALA B 2324 -16.02 36.21 32.08
C ALA B 2324 -15.12 37.36 31.65
N ASN B 2325 -15.23 38.49 32.34
CA ASN B 2325 -14.44 39.65 32.00
C ASN B 2325 -12.97 39.42 32.33
N THR B 2326 -12.11 40.21 31.68
CA THR B 2326 -10.68 40.12 31.95
C THR B 2326 -10.39 40.49 33.40
N THR B 2327 -9.61 39.64 34.06
CA THR B 2327 -9.18 39.91 35.43
C THR B 2327 -8.10 40.99 35.51
N TYR B 2328 -7.59 41.43 34.37
CA TYR B 2328 -6.50 42.41 34.32
C TYR B 2328 -6.91 43.75 33.75
N SER B 2329 -7.92 43.80 32.88
CA SER B 2329 -8.31 45.06 32.25
C SER B 2329 -9.78 45.36 32.46
N GLY B 2330 -10.62 44.33 32.42
CA GLY B 2330 -12.05 44.53 32.59
C GLY B 2330 -12.82 44.51 31.29
N ARG B 2331 -12.46 43.59 30.40
CA ARG B 2331 -13.15 43.42 29.13
C ARG B 2331 -13.53 41.95 28.96
N PRO B 2332 -14.61 41.66 28.24
CA PRO B 2332 -15.00 40.27 28.03
C PRO B 2332 -13.98 39.52 27.18
N TYR B 2333 -13.82 38.23 27.48
CA TYR B 2333 -12.99 37.37 26.65
C TYR B 2333 -13.71 37.03 25.35
N LEU B 2334 -12.95 36.58 24.36
CA LEU B 2334 -13.54 36.03 23.15
C LEU B 2334 -13.61 34.52 23.29
N GLN B 2335 -14.82 33.99 23.42
CA GLN B 2335 -15.03 32.58 23.71
C GLN B 2335 -15.30 31.80 22.43
N VAL B 2336 -14.59 30.68 22.27
CA VAL B 2336 -14.81 29.77 21.16
C VAL B 2336 -14.91 28.36 21.71
N VAL B 2337 -16.12 27.82 21.72
CA VAL B 2337 -16.35 26.48 22.27
C VAL B 2337 -15.89 25.44 21.24
N GLY B 2338 -15.07 24.49 21.69
CA GLY B 2338 -14.54 23.48 20.81
C GLY B 2338 -15.13 22.11 21.02
N PHE B 2339 -15.53 21.45 19.94
CA PHE B 2339 -16.06 20.08 19.99
C PHE B 2339 -15.04 19.15 19.35
N ILE B 2340 -14.15 18.62 20.19
CA ILE B 2340 -12.98 17.91 19.70
C ILE B 2340 -13.28 16.43 19.53
N ASP B 2341 -12.91 15.89 18.37
CA ASP B 2341 -12.97 14.47 18.10
C ASP B 2341 -11.67 13.79 18.52
N ARG B 2342 -11.78 12.53 18.93
CA ARG B 2342 -10.61 11.81 19.42
C ARG B 2342 -10.21 10.60 18.58
N ALA B 2343 -11.12 10.02 17.81
CA ALA B 2343 -10.84 8.80 17.05
C ALA B 2343 -10.20 9.15 15.72
N PHE B 2344 -9.20 8.37 15.32
CA PHE B 2344 -8.64 8.47 13.98
C PHE B 2344 -8.60 7.06 13.41
N PRO B 2345 -8.65 6.91 12.10
CA PRO B 2345 -8.52 5.58 11.50
C PRO B 2345 -7.07 5.16 11.37
N SER B 2346 -6.75 4.02 11.99
CA SER B 2346 -5.38 3.50 11.93
C SER B 2346 -5.03 3.12 10.49
N PHE B 2347 -5.91 2.40 9.81
CA PHE B 2347 -5.72 2.08 8.40
C PHE B 2347 -6.98 2.23 7.56
N LEU B 2348 -8.11 2.58 8.17
CA LEU B 2348 -9.37 2.68 7.43
C LEU B 2348 -9.45 1.60 6.36
N ALA B 2349 -9.21 0.36 6.77
CA ALA B 2349 -9.25 -0.78 5.83
C ALA B 2349 -8.49 -0.47 4.54
N LYS B 2350 -7.41 0.30 4.68
CA LYS B 2350 -6.54 0.66 3.56
C LYS B 2350 -7.35 1.28 2.42
N VAL B 2351 -7.96 2.43 2.71
CA VAL B 2351 -8.84 3.14 1.79
C VAL B 2351 -9.96 2.23 1.30
N PHE B 2352 -10.81 1.85 2.26
CA PHE B 2352 -11.85 0.85 2.06
C PHE B 2352 -12.66 1.09 0.79
N LYS B 2353 -12.58 0.15 -0.14
CA LYS B 2353 -13.34 0.18 -1.38
C LYS B 2353 -14.03 -1.15 -1.65
N GLY B 2354 -14.12 -2.03 -0.66
CA GLY B 2354 -14.58 -3.39 -0.85
C GLY B 2354 -13.49 -4.37 -1.22
N GLY B 2355 -12.27 -3.90 -1.44
CA GLY B 2355 -11.18 -4.80 -1.80
C GLY B 2355 -10.80 -5.75 -0.69
N VAL B 2356 -10.83 -5.27 0.56
CA VAL B 2356 -10.46 -6.12 1.70
C VAL B 2356 -11.40 -7.31 1.81
N ILE B 2357 -12.70 -7.06 1.66
CA ILE B 2357 -13.65 -8.16 1.58
C ILE B 2357 -13.41 -8.98 0.32
N ALA B 2358 -13.14 -8.30 -0.80
CA ALA B 2358 -12.86 -9.01 -2.04
C ALA B 2358 -11.62 -9.87 -1.93
N VAL B 2359 -10.54 -9.34 -1.35
CA VAL B 2359 -9.33 -10.14 -1.23
C VAL B 2359 -9.52 -11.25 -0.21
N TYR B 2360 -10.32 -11.03 0.83
CA TYR B 2360 -10.62 -12.10 1.79
C TYR B 2360 -11.34 -13.26 1.11
N LEU B 2361 -12.39 -12.96 0.35
CA LEU B 2361 -13.10 -14.01 -0.37
C LEU B 2361 -12.19 -14.68 -1.41
N SER B 2362 -11.36 -13.90 -2.09
CA SER B 2362 -10.47 -14.48 -3.09
C SER B 2362 -9.46 -15.43 -2.46
N VAL B 2363 -8.86 -15.03 -1.34
CA VAL B 2363 -7.88 -15.89 -0.69
C VAL B 2363 -8.55 -17.13 -0.13
N ILE B 2364 -9.79 -16.99 0.38
CA ILE B 2364 -10.54 -18.17 0.81
C ILE B 2364 -10.75 -19.13 -0.35
N LEU B 2365 -11.21 -18.61 -1.49
CA LEU B 2365 -11.41 -19.43 -2.67
C LEU B 2365 -10.13 -20.17 -3.05
N VAL B 2366 -9.02 -19.44 -3.16
CA VAL B 2366 -7.80 -20.05 -3.68
C VAL B 2366 -7.25 -21.06 -2.67
N VAL B 2367 -7.24 -20.72 -1.38
CA VAL B 2367 -6.69 -21.66 -0.40
C VAL B 2367 -7.52 -22.93 -0.36
N GLY B 2368 -8.85 -22.80 -0.38
CA GLY B 2368 -9.70 -23.97 -0.42
C GLY B 2368 -9.41 -24.84 -1.62
N ARG B 2369 -9.69 -24.29 -2.81
CA ARG B 2369 -9.62 -25.09 -4.03
C ARG B 2369 -8.20 -25.52 -4.37
N GLY B 2370 -7.18 -24.97 -3.70
CA GLY B 2370 -5.83 -25.41 -3.93
C GLY B 2370 -5.35 -26.44 -2.94
N LEU B 2371 -5.69 -26.29 -1.67
CA LEU B 2371 -5.16 -27.19 -0.65
C LEU B 2371 -6.16 -28.28 -0.28
N VAL B 2372 -7.35 -27.89 0.16
CA VAL B 2372 -8.20 -28.90 0.79
C VAL B 2372 -8.79 -29.84 -0.25
N ARG B 2373 -9.32 -29.29 -1.36
CA ARG B 2373 -9.94 -30.13 -2.37
C ARG B 2373 -8.92 -31.05 -3.03
N GLY B 2374 -7.64 -30.67 -2.99
CA GLY B 2374 -6.59 -31.47 -3.62
C GLY B 2374 -5.98 -32.52 -2.72
N ILE B 2375 -5.44 -32.09 -1.58
CA ILE B 2375 -4.71 -33.00 -0.70
C ILE B 2375 -5.67 -33.71 0.25
N PHE B 2376 -6.96 -33.38 0.15
CA PHE B 2376 -7.91 -33.77 1.18
C PHE B 2376 -9.00 -34.69 0.67
N THR B 2377 -9.47 -34.48 -0.56
CA THR B 2377 -10.41 -35.39 -1.22
C THR B 2377 -9.76 -35.90 -2.50
N THR B 2378 -9.46 -37.20 -2.54
CA THR B 2378 -8.80 -37.79 -3.70
C THR B 2378 -9.72 -37.78 -4.90
N SER B 2379 -9.15 -37.46 -6.06
CA SER B 2379 -9.92 -37.43 -7.30
C SER B 2379 -10.37 -38.85 -7.68
N PRO B 2380 -11.51 -38.98 -8.37
CA PRO B 2380 -11.94 -40.30 -8.83
C PRO B 2380 -10.92 -41.02 -9.70
N SER B 2381 -9.97 -40.30 -10.29
CA SER B 2381 -8.89 -40.95 -11.04
C SER B 2381 -7.76 -41.43 -10.15
N THR B 2382 -7.58 -40.81 -8.97
CA THR B 2382 -6.46 -41.18 -8.11
C THR B 2382 -6.70 -42.50 -7.39
N VAL B 2383 -7.96 -42.87 -7.18
CA VAL B 2383 -8.26 -44.08 -6.41
C VAL B 2383 -7.67 -45.31 -7.07
N MET B 2384 -7.54 -45.29 -8.41
CA MET B 2384 -6.94 -46.40 -9.12
C MET B 2384 -5.49 -46.63 -8.73
N PHE B 2385 -4.82 -45.60 -8.20
CA PHE B 2385 -3.42 -45.71 -7.82
C PHE B 2385 -3.14 -45.49 -6.34
N THR B 2386 -4.02 -44.85 -5.59
CA THR B 2386 -3.80 -44.58 -4.18
C THR B 2386 -4.46 -45.61 -3.27
N GLU B 2387 -5.11 -46.63 -3.83
CA GLU B 2387 -5.79 -47.66 -3.06
C GLU B 2387 -5.36 -49.05 -3.51
N LEU B 2388 -4.06 -49.23 -3.67
CA LEU B 2388 -3.52 -50.54 -4.02
C LEU B 2388 -3.40 -51.41 -2.76
N PRO B 2389 -3.98 -52.60 -2.75
CA PRO B 2389 -3.86 -53.46 -1.55
C PRO B 2389 -2.43 -53.76 -1.16
N ASN B 2390 -1.61 -54.27 -2.08
CA ASN B 2390 -0.23 -54.62 -1.79
C ASN B 2390 0.67 -54.03 -2.86
N ALA B 2391 1.44 -53.01 -2.49
CA ALA B 2391 2.40 -52.39 -3.40
C ALA B 2391 3.79 -52.97 -3.25
N ASP B 2392 3.93 -54.12 -2.60
CA ASP B 2392 5.24 -54.72 -2.40
C ASP B 2392 5.89 -55.07 -3.74
N HIS B 2393 5.12 -55.60 -4.69
CA HIS B 2393 5.67 -55.95 -5.98
C HIS B 2393 6.15 -54.71 -6.74
N LEU B 2394 5.37 -53.63 -6.70
CA LEU B 2394 5.79 -52.39 -7.36
C LEU B 2394 7.04 -51.81 -6.73
N LEU B 2395 7.10 -51.83 -5.39
CA LEU B 2395 8.30 -51.36 -4.71
C LEU B 2395 9.50 -52.25 -5.04
N LYS B 2396 9.30 -53.56 -5.15
CA LYS B 2396 10.38 -54.45 -5.53
C LYS B 2396 10.88 -54.12 -6.93
N ILE B 2397 9.96 -53.87 -7.86
CA ILE B 2397 10.36 -53.51 -9.22
C ILE B 2397 11.18 -52.23 -9.22
N CYS B 2398 10.70 -51.22 -8.49
CA CYS B 2398 11.39 -49.93 -8.50
C CYS B 2398 12.76 -50.02 -7.82
N LEU B 2399 12.84 -50.74 -6.70
CA LEU B 2399 14.12 -50.95 -6.05
C LEU B 2399 15.07 -51.76 -6.91
N ASP B 2400 14.54 -52.70 -7.69
CA ASP B 2400 15.38 -53.44 -8.63
C ASP B 2400 15.93 -52.51 -9.71
N ILE B 2401 15.11 -51.57 -10.18
CA ILE B 2401 15.60 -50.58 -11.14
C ILE B 2401 16.71 -49.74 -10.52
N TYR B 2402 16.50 -49.32 -9.26
CA TYR B 2402 17.52 -48.53 -8.57
C TYR B 2402 18.82 -49.32 -8.42
N LEU B 2403 18.71 -50.60 -8.06
CA LEU B 2403 19.89 -51.43 -7.92
C LEU B 2403 20.61 -51.61 -9.25
N VAL B 2404 19.85 -51.77 -10.33
CA VAL B 2404 20.45 -51.88 -11.66
C VAL B 2404 21.20 -50.61 -12.01
N ARG B 2405 20.58 -49.45 -11.75
CA ARG B 2405 21.24 -48.18 -12.05
C ARG B 2405 22.51 -48.01 -11.23
N GLU B 2406 22.44 -48.32 -9.93
CA GLU B 2406 23.60 -48.14 -9.06
C GLU B 2406 24.65 -49.23 -9.23
N ALA B 2407 24.34 -50.30 -9.95
CA ALA B 2407 25.30 -51.33 -10.28
C ALA B 2407 26.03 -51.06 -11.59
N LYS B 2408 25.94 -49.82 -12.09
CA LYS B 2408 26.58 -49.42 -13.34
C LYS B 2408 26.10 -50.26 -14.53
N ASP B 2409 24.84 -50.68 -14.48
CA ASP B 2409 24.22 -51.43 -15.56
C ASP B 2409 23.03 -50.64 -16.08
N PHE B 2410 22.90 -50.55 -17.40
CA PHE B 2410 21.82 -49.80 -18.03
C PHE B 2410 21.10 -50.56 -19.12
N MET B 2411 21.55 -51.78 -19.45
CA MET B 2411 20.83 -52.62 -20.39
C MET B 2411 19.45 -52.98 -19.85
N LEU B 2412 19.36 -53.23 -18.55
CA LEU B 2412 18.11 -53.67 -17.95
C LEU B 2412 17.28 -52.51 -17.41
N GLU B 2413 17.91 -51.35 -17.19
CA GLU B 2413 17.21 -50.22 -16.57
C GLU B 2413 16.05 -49.76 -17.44
N GLN B 2414 16.28 -49.60 -18.75
CA GLN B 2414 15.22 -49.14 -19.62
C GLN B 2414 14.11 -50.16 -19.75
N ASP B 2415 14.46 -51.45 -19.82
CA ASP B 2415 13.45 -52.49 -19.90
C ASP B 2415 12.58 -52.53 -18.64
N LEU B 2416 13.20 -52.41 -17.47
CA LEU B 2416 12.42 -52.43 -16.23
C LEU B 2416 11.59 -51.15 -16.10
N PHE B 2417 12.10 -50.02 -16.56
CA PHE B 2417 11.30 -48.80 -16.55
C PHE B 2417 10.10 -48.93 -17.49
N ALA B 2418 10.29 -49.57 -18.64
CA ALA B 2418 9.18 -49.85 -19.53
C ALA B 2418 8.16 -50.76 -18.87
N LYS B 2419 8.64 -51.76 -18.12
CA LYS B 2419 7.74 -52.61 -17.35
C LYS B 2419 6.91 -51.79 -16.38
N LEU B 2420 7.55 -50.85 -15.67
CA LEU B 2420 6.83 -50.00 -14.74
C LEU B 2420 5.81 -49.11 -15.47
N ILE B 2421 6.20 -48.56 -16.62
CA ILE B 2421 5.29 -47.70 -17.38
C ILE B 2421 4.06 -48.49 -17.83
N PHE B 2422 4.27 -49.70 -18.34
CA PHE B 2422 3.14 -50.52 -18.74
C PHE B 2422 2.27 -50.90 -17.54
N LEU B 2423 2.92 -51.18 -16.40
CA LEU B 2423 2.16 -51.50 -15.19
C LEU B 2423 1.28 -50.34 -14.77
N PHE B 2424 1.78 -49.11 -14.86
CA PHE B 2424 1.00 -47.92 -14.57
C PHE B 2424 0.08 -47.53 -15.72
N ARG B 2425 0.18 -48.19 -16.87
CA ARG B 2425 -0.57 -47.81 -18.06
C ARG B 2425 -1.75 -48.73 -18.33
N SER B 2426 -1.66 -50.01 -17.95
CA SER B 2426 -2.74 -50.97 -18.13
C SER B 2426 -3.30 -51.34 -16.77
N PRO B 2427 -4.46 -50.80 -16.39
CA PRO B 2427 -4.98 -51.07 -15.03
C PRO B 2427 -5.28 -52.53 -14.77
N ALA B 2428 -5.59 -53.33 -15.80
CA ALA B 2428 -5.82 -54.75 -15.59
C ALA B 2428 -4.56 -55.43 -15.05
N THR B 2429 -3.41 -55.12 -15.66
CA THR B 2429 -2.15 -55.66 -15.16
C THR B 2429 -1.86 -55.14 -13.75
N LEU B 2430 -2.19 -53.89 -13.47
CA LEU B 2430 -2.03 -53.36 -12.12
C LEU B 2430 -2.86 -54.15 -11.12
N ILE B 2431 -4.08 -54.50 -11.49
CA ILE B 2431 -4.91 -55.35 -10.63
C ILE B 2431 -4.26 -56.71 -10.43
N GLU B 2432 -3.77 -57.33 -11.52
CA GLU B 2432 -3.17 -58.65 -11.39
C GLU B 2432 -1.79 -58.60 -10.73
N TRP B 2433 -1.18 -57.42 -10.62
CA TRP B 2433 0.18 -57.30 -10.09
C TRP B 2433 0.21 -56.63 -8.72
N THR B 2434 -0.91 -56.65 -8.00
CA THR B 2434 -1.00 -55.96 -6.72
C THR B 2434 -1.67 -56.81 -5.64
N ARG B 2435 -2.30 -57.92 -6.01
CA ARG B 2435 -3.02 -58.75 -5.05
C ARG B 2435 -2.12 -59.17 -3.91
N MET B 2436 -2.66 -59.12 -2.69
CA MET B 2436 -1.89 -59.36 -1.48
C MET B 2436 -1.49 -60.83 -1.38
N SER B 2437 -0.19 -61.06 -1.14
CA SER B 2437 0.36 -62.40 -0.93
C SER B 2437 -0.06 -63.39 -1.99
N LYS B 2438 -0.91 -64.34 -1.61
CA LYS B 2438 -1.37 -65.38 -2.52
C LYS B 2438 -2.39 -64.82 -3.52
N MET C 1 61.27 -34.07 26.49
CA MET C 1 62.28 -34.88 25.82
C MET C 1 62.46 -34.45 24.38
N THR C 2 61.37 -33.99 23.76
CA THR C 2 61.41 -33.60 22.35
C THR C 2 62.10 -32.25 22.22
N VAL C 3 63.42 -32.23 22.43
CA VAL C 3 64.20 -31.01 22.37
C VAL C 3 64.65 -30.80 20.93
N PRO C 4 64.22 -29.73 20.27
CA PRO C 4 64.66 -29.48 18.89
C PRO C 4 66.05 -28.86 18.88
N PRO C 5 67.07 -29.62 18.45
CA PRO C 5 68.43 -29.07 18.45
C PRO C 5 68.62 -27.98 17.42
N LEU C 6 68.23 -28.27 16.17
CA LEU C 6 68.40 -27.30 15.10
C LEU C 6 67.57 -26.05 15.32
N LEU C 7 66.32 -26.22 15.77
CA LEU C 7 65.44 -25.06 15.93
C LEU C 7 65.99 -24.10 16.99
N LYS C 8 66.31 -24.62 18.18
CA LYS C 8 66.81 -23.75 19.23
C LYS C 8 68.22 -23.24 18.94
N SER C 9 69.03 -24.04 18.25
CA SER C 9 70.35 -23.57 17.85
C SER C 9 70.24 -22.39 16.90
N CYS C 10 69.31 -22.47 15.94
CA CYS C 10 69.09 -21.35 15.02
C CYS C 10 68.51 -20.15 15.77
N VAL C 11 67.60 -20.40 16.72
CA VAL C 11 67.05 -19.31 17.52
C VAL C 11 68.18 -18.55 18.22
N VAL C 12 69.08 -19.29 18.88
CA VAL C 12 70.25 -18.66 19.47
C VAL C 12 71.02 -17.88 18.40
N LYS C 13 71.54 -18.60 17.42
CA LYS C 13 72.55 -18.06 16.50
C LYS C 13 72.02 -16.90 15.67
N LEU C 14 70.70 -16.74 15.58
CA LEU C 14 70.13 -15.64 14.83
C LEU C 14 69.57 -14.54 15.73
N LEU C 15 68.67 -14.88 16.65
CA LEU C 15 67.99 -13.83 17.41
C LEU C 15 68.88 -13.25 18.51
N LEU C 16 69.69 -14.08 19.20
CA LEU C 16 70.46 -13.49 20.27
C LEU C 16 71.47 -12.47 19.71
N PRO C 17 72.17 -12.77 18.61
CA PRO C 17 72.90 -11.69 17.92
C PRO C 17 72.00 -10.55 17.46
N ALA C 18 70.74 -10.81 17.10
CA ALA C 18 69.87 -9.74 16.63
C ALA C 18 69.55 -8.74 17.75
N ALA C 19 69.00 -9.23 18.85
CA ALA C 19 68.78 -8.38 20.01
C ALA C 19 70.09 -7.82 20.56
N LEU C 20 71.18 -8.56 20.38
CA LEU C 20 72.51 -8.10 20.76
C LEU C 20 72.87 -6.83 20.01
N LEU C 21 72.72 -6.85 18.69
CA LEU C 21 73.03 -5.71 17.84
C LEU C 21 72.06 -4.57 18.10
N ALA C 22 70.81 -4.90 18.44
CA ALA C 22 69.85 -3.85 18.81
C ALA C 22 70.31 -3.11 20.07
N ALA C 23 70.61 -3.86 21.13
CA ALA C 23 71.09 -3.25 22.36
C ALA C 23 72.44 -2.57 22.17
N ALA C 24 73.22 -3.02 21.19
CA ALA C 24 74.48 -2.36 20.88
C ALA C 24 74.23 -1.00 20.22
N ILE C 25 73.53 -1.00 19.09
CA ILE C 25 73.20 0.26 18.41
C ILE C 25 72.40 1.20 19.30
N ILE C 26 71.85 0.70 20.41
CA ILE C 26 71.25 1.59 21.40
C ILE C 26 72.29 2.55 21.96
N ARG C 27 73.44 2.02 22.41
CA ARG C 27 74.50 2.84 23.00
C ARG C 27 75.87 2.20 22.80
N PRO C 28 76.88 2.96 22.38
CA PRO C 28 78.22 2.41 22.24
C PRO C 28 79.11 2.64 23.45
N SER C 29 79.91 1.62 23.76
CA SER C 29 80.84 1.64 24.89
C SER C 29 81.83 0.48 24.70
N PHE C 30 82.58 0.14 25.75
CA PHE C 30 83.35 -1.10 25.72
C PHE C 30 82.46 -2.32 25.56
N LEU C 31 81.17 -2.18 25.91
CA LEU C 31 80.18 -3.18 25.57
C LEU C 31 80.20 -3.47 24.08
N SER C 32 80.46 -2.46 23.24
CA SER C 32 80.67 -2.71 21.82
C SER C 32 81.68 -3.84 21.62
N ILE C 33 82.91 -3.61 22.06
CA ILE C 33 83.97 -4.60 21.86
C ILE C 33 83.53 -5.96 22.38
N GLY C 34 83.24 -6.04 23.68
CA GLY C 34 82.97 -7.35 24.28
C GLY C 34 81.77 -8.05 23.66
N TYR C 35 80.68 -7.33 23.51
CA TYR C 35 79.38 -7.92 23.19
C TYR C 35 79.28 -8.24 21.71
N VAL C 36 79.76 -7.33 20.85
CA VAL C 36 79.84 -7.63 19.42
C VAL C 36 80.84 -8.75 19.16
N LEU C 37 81.92 -8.82 19.95
CA LEU C 37 82.84 -9.95 19.81
C LEU C 37 82.16 -11.26 20.19
N LEU C 38 81.38 -11.26 21.27
CA LEU C 38 80.62 -12.46 21.63
C LEU C 38 79.69 -12.87 20.49
N ALA C 39 79.09 -11.88 19.82
CA ALA C 39 78.26 -12.20 18.66
C ALA C 39 79.07 -12.82 17.53
N LEU C 40 80.20 -12.19 17.19
CA LEU C 40 80.92 -12.53 15.97
C LEU C 40 81.81 -13.75 16.10
N VAL C 41 82.10 -14.20 17.32
CA VAL C 41 82.87 -15.44 17.48
C VAL C 41 82.06 -16.62 16.95
N SER C 42 80.74 -16.61 17.13
CA SER C 42 79.90 -17.71 16.66
C SER C 42 80.06 -17.92 15.16
N ALA C 43 79.91 -16.86 14.38
CA ALA C 43 80.07 -16.90 12.93
C ALA C 43 79.31 -18.07 12.32
N VAL C 44 80.04 -19.07 11.84
CA VAL C 44 79.46 -20.33 11.37
C VAL C 44 79.92 -21.43 12.33
N LEU C 45 79.16 -21.59 13.41
CA LEU C 45 79.51 -22.56 14.44
C LEU C 45 79.12 -23.98 14.00
N PRO C 46 79.81 -24.99 14.52
CA PRO C 46 79.43 -26.37 14.23
C PRO C 46 78.00 -26.65 14.70
N PRO C 47 77.11 -27.02 13.79
CA PRO C 47 75.72 -27.26 14.18
C PRO C 47 75.58 -28.45 15.09
N ILE C 48 74.57 -28.38 15.96
CA ILE C 48 74.26 -29.48 16.89
C ILE C 48 73.28 -30.39 16.17
N ARG C 49 73.84 -31.28 15.33
CA ARG C 49 73.04 -32.19 14.52
C ARG C 49 72.84 -33.54 15.22
N LYS C 50 72.34 -33.50 16.45
CA LYS C 50 72.07 -34.70 17.26
C LYS C 50 73.30 -35.57 17.44
N SER C 51 74.49 -35.00 17.34
CA SER C 51 75.74 -35.74 17.48
C SER C 51 76.59 -35.13 18.58
N LEU C 52 77.18 -36.00 19.40
CA LEU C 52 78.08 -35.63 20.50
C LEU C 52 77.53 -34.50 21.36
N ALA C 53 76.20 -34.38 21.42
CA ALA C 53 75.52 -33.31 22.16
C ALA C 53 76.05 -31.94 21.72
N LEU C 54 76.17 -31.02 22.66
CA LEU C 54 76.70 -29.70 22.34
C LEU C 54 78.18 -29.80 22.02
N PRO C 55 78.67 -29.17 20.96
CA PRO C 55 80.10 -29.25 20.63
C PRO C 55 80.95 -28.66 21.74
N LYS C 56 82.14 -29.25 21.92
CA LYS C 56 83.03 -28.81 22.98
C LYS C 56 83.50 -27.39 22.75
N LEU C 57 83.90 -27.06 21.52
CA LEU C 57 84.30 -25.69 21.20
C LEU C 57 83.12 -24.73 21.30
N VAL C 58 81.95 -25.15 20.80
CA VAL C 58 80.75 -24.33 20.92
C VAL C 58 80.38 -24.14 22.38
N GLY C 59 80.46 -25.22 23.16
CA GLY C 59 80.18 -25.10 24.59
C GLY C 59 81.14 -24.16 25.30
N THR C 60 82.42 -24.21 24.94
CA THR C 60 83.40 -23.31 25.53
C THR C 60 83.10 -21.85 25.16
N PHE C 61 82.77 -21.59 23.90
CA PHE C 61 82.42 -20.23 23.51
C PHE C 61 81.17 -19.75 24.25
N VAL C 62 80.18 -20.63 24.39
CA VAL C 62 78.94 -20.23 25.05
C VAL C 62 79.17 -19.97 26.53
N ILE C 63 79.99 -20.79 27.20
CA ILE C 63 80.25 -20.56 28.62
C ILE C 63 81.09 -19.30 28.82
N ILE C 64 81.97 -19.01 27.85
CA ILE C 64 82.67 -17.71 27.87
C ILE C 64 81.65 -16.58 27.77
N THR C 65 80.63 -16.76 26.93
CA THR C 65 79.56 -15.78 26.85
C THR C 65 78.85 -15.61 28.19
N PHE C 66 78.53 -16.74 28.86
CA PHE C 66 77.97 -16.68 30.21
C PHE C 66 78.83 -15.81 31.11
N LEU C 67 80.12 -16.16 31.24
CA LEU C 67 80.98 -15.46 32.19
C LEU C 67 81.08 -13.97 31.87
N PHE C 68 81.34 -13.64 30.60
CA PHE C 68 81.53 -12.25 30.23
C PHE C 68 80.26 -11.44 30.41
N CYS C 69 79.11 -11.99 29.97
CA CYS C 69 77.86 -11.26 30.10
C CYS C 69 77.49 -11.05 31.56
N LEU C 70 77.64 -12.08 32.39
CA LEU C 70 77.32 -11.95 33.81
C LEU C 70 78.21 -10.91 34.47
N ALA C 71 79.52 -10.97 34.18
CA ALA C 71 80.45 -10.01 34.77
C ALA C 71 80.12 -8.59 34.33
N VAL C 72 79.81 -8.40 33.05
CA VAL C 72 79.52 -7.07 32.55
C VAL C 72 78.24 -6.53 33.18
N ALA C 73 77.20 -7.36 33.25
CA ALA C 73 75.94 -6.91 33.84
C ALA C 73 76.11 -6.55 35.31
N LEU C 74 76.80 -7.41 36.06
CA LEU C 74 77.02 -7.12 37.48
C LEU C 74 77.85 -5.87 37.67
N GLY C 75 78.89 -5.69 36.84
CA GLY C 75 79.71 -4.49 36.95
C GLY C 75 78.94 -3.22 36.64
N VAL C 76 78.13 -3.23 35.58
CA VAL C 76 77.33 -2.05 35.25
C VAL C 76 76.34 -1.75 36.35
N GLY C 77 75.67 -2.78 36.88
CA GLY C 77 74.74 -2.56 37.97
C GLY C 77 75.41 -1.98 39.21
N SER C 78 76.57 -2.54 39.59
CA SER C 78 77.27 -2.05 40.77
C SER C 78 77.75 -0.62 40.56
N TYR C 79 78.26 -0.30 39.37
CA TYR C 79 78.72 1.05 39.11
C TYR C 79 77.57 2.04 39.11
N GLN C 80 76.41 1.66 38.55
CA GLN C 80 75.25 2.53 38.60
C GLN C 80 74.79 2.76 40.04
N ILE C 81 74.80 1.70 40.86
CA ILE C 81 74.42 1.84 42.26
C ILE C 81 75.39 2.77 42.98
N SER C 82 76.69 2.62 42.72
CA SER C 82 77.68 3.49 43.36
C SER C 82 77.51 4.93 42.93
N GLU C 83 77.23 5.16 41.64
CA GLU C 83 76.99 6.52 41.16
C GLU C 83 75.74 7.12 41.81
N GLN C 84 74.68 6.33 41.95
CA GLN C 84 73.48 6.82 42.61
C GLN C 84 73.75 7.18 44.07
N VAL C 85 74.52 6.34 44.77
CA VAL C 85 74.82 6.62 46.17
C VAL C 85 75.68 7.87 46.29
N VAL C 86 76.70 8.01 45.43
CA VAL C 86 77.61 9.14 45.53
C VAL C 86 77.00 10.40 44.91
N HIS C 87 76.67 10.33 43.63
CA HIS C 87 76.10 11.48 42.92
C HIS C 87 74.62 11.62 43.21
N ASN C 96 81.90 16.66 32.01
CA ASN C 96 82.75 16.21 30.92
C ASN C 96 84.20 16.14 31.36
N ARG C 97 84.53 15.10 32.13
CA ARG C 97 85.89 14.89 32.63
C ARG C 97 86.34 13.49 32.24
N SER C 98 87.60 13.18 32.56
CA SER C 98 88.16 11.88 32.22
C SER C 98 87.37 10.76 32.90
N ASP C 99 86.98 10.96 34.15
CA ASP C 99 86.10 10.01 34.82
C ASP C 99 84.79 9.86 34.05
N THR C 100 84.26 10.96 33.53
CA THR C 100 83.05 10.89 32.71
C THR C 100 83.33 10.22 31.37
N THR C 101 84.53 10.40 30.81
CA THR C 101 84.87 9.68 29.59
C THR C 101 84.83 8.18 29.82
N LEU C 102 85.43 7.72 30.93
CA LEU C 102 85.34 6.31 31.28
C LEU C 102 83.90 5.92 31.61
N PHE C 103 83.10 6.86 32.12
CA PHE C 103 81.69 6.59 32.41
C PHE C 103 80.94 6.21 31.14
N ARG C 104 81.10 7.00 30.08
CA ARG C 104 80.52 6.61 28.79
C ARG C 104 81.17 5.35 28.24
N SER C 105 82.49 5.22 28.36
CA SER C 105 83.19 4.12 27.70
C SER C 105 82.87 2.76 28.32
N ILE C 106 82.56 2.70 29.61
CA ILE C 106 82.28 1.42 30.26
C ILE C 106 80.95 0.85 29.79
N GLY C 107 79.92 1.69 29.72
CA GLY C 107 78.60 1.22 29.36
C GLY C 107 77.49 1.91 30.12
N LEU C 108 77.87 2.78 31.06
CA LEU C 108 76.89 3.52 31.84
C LEU C 108 76.50 4.81 31.14
N VAL C 109 75.33 5.34 31.53
CA VAL C 109 74.83 6.60 30.99
C VAL C 109 73.99 7.27 32.07
N ARG C 110 73.98 8.60 32.05
CA ARG C 110 73.24 9.36 33.05
C ARG C 110 71.75 9.08 32.96
N PHE C 111 71.10 9.09 34.12
CA PHE C 111 69.68 8.77 34.23
C PHE C 111 68.88 10.07 34.34
N HIS C 112 67.87 10.21 33.48
CA HIS C 112 66.95 11.34 33.53
C HIS C 112 65.52 10.82 33.42
N PRO C 113 64.55 11.51 34.02
CA PRO C 113 63.19 10.97 34.06
C PRO C 113 62.33 11.34 32.86
N THR C 114 62.95 11.82 31.77
CA THR C 114 62.22 12.39 30.64
C THR C 114 62.53 11.70 29.32
N GLY C 115 62.42 10.36 29.29
CA GLY C 115 62.64 9.66 28.04
C GLY C 115 61.87 8.35 27.91
N THR C 116 61.12 8.20 26.81
CA THR C 116 60.49 6.93 26.53
C THR C 116 61.53 5.89 26.10
N PHE C 117 62.42 6.26 25.19
CA PHE C 117 63.54 5.42 24.81
C PHE C 117 64.84 5.86 25.47
N GLU C 118 64.78 6.76 26.44
CA GLU C 118 65.97 7.32 27.08
C GLU C 118 66.02 7.03 28.57
N SER C 119 64.93 7.23 29.30
CA SER C 119 64.92 6.87 30.71
C SER C 119 65.09 5.36 30.89
N THR C 120 64.41 4.56 30.06
CA THR C 120 64.65 3.13 30.05
C THR C 120 66.07 2.81 29.59
N ARG C 121 66.60 3.62 28.68
CA ARG C 121 67.93 3.39 28.12
C ARG C 121 69.02 3.39 29.18
N ALA C 122 68.77 4.00 30.34
CA ALA C 122 69.78 4.04 31.40
C ALA C 122 70.12 2.64 31.91
N PHE C 123 69.20 1.68 31.77
CA PHE C 123 69.44 0.34 32.28
C PHE C 123 69.02 -0.74 31.29
N LEU C 124 68.48 -0.38 30.12
CA LEU C 124 68.01 -1.39 29.17
C LEU C 124 69.10 -2.33 28.68
N PRO C 125 70.31 -1.87 28.30
CA PRO C 125 71.30 -2.83 27.78
C PRO C 125 71.64 -3.96 28.74
N GLU C 126 71.78 -3.66 30.04
CA GLU C 126 72.10 -4.72 30.98
C GLU C 126 70.90 -5.63 31.21
N ILE C 127 69.68 -5.08 31.13
CA ILE C 127 68.49 -5.92 31.22
C ILE C 127 68.42 -6.91 30.07
N ILE C 128 68.71 -6.43 28.85
CA ILE C 128 68.73 -7.31 27.69
C ILE C 128 69.85 -8.34 27.82
N ALA C 129 71.01 -7.93 28.35
CA ALA C 129 72.09 -8.87 28.56
C ALA C 129 71.70 -9.97 29.55
N THR C 130 71.04 -9.58 30.64
CA THR C 130 70.62 -10.58 31.63
C THR C 130 69.55 -11.50 31.05
N SER C 131 68.63 -10.96 30.25
CA SER C 131 67.63 -11.81 29.61
C SER C 131 68.28 -12.80 28.66
N ALA C 132 69.25 -12.34 27.87
CA ALA C 132 69.97 -13.24 26.97
C ALA C 132 70.73 -14.30 27.77
N ALA C 133 71.31 -13.92 28.90
CA ALA C 133 72.01 -14.88 29.74
C ALA C 133 71.05 -15.94 30.28
N LEU C 134 69.87 -15.53 30.72
CA LEU C 134 68.89 -16.50 31.22
C LEU C 134 68.42 -17.43 30.12
N LEU C 135 68.17 -16.89 28.92
CA LEU C 135 67.80 -17.75 27.79
C LEU C 135 68.91 -18.73 27.45
N THR C 136 70.16 -18.28 27.50
CA THR C 136 71.27 -19.19 27.25
C THR C 136 71.35 -20.27 28.31
N ILE C 137 71.09 -19.92 29.58
CA ILE C 137 71.04 -20.94 30.64
C ILE C 137 70.00 -21.99 30.30
N ILE C 138 68.80 -21.54 29.96
CA ILE C 138 67.70 -22.48 29.68
C ILE C 138 68.05 -23.36 28.50
N ILE C 139 68.59 -22.76 27.43
CA ILE C 139 68.85 -23.52 26.21
C ILE C 139 70.00 -24.51 26.40
N VAL C 140 71.05 -24.12 27.14
CA VAL C 140 72.16 -25.03 27.34
C VAL C 140 71.75 -26.18 28.27
N MET C 141 70.91 -25.90 29.28
CA MET C 141 70.43 -26.97 30.14
C MET C 141 69.36 -27.83 29.48
N PHE C 142 68.72 -27.34 28.40
CA PHE C 142 67.66 -28.10 27.75
C PHE C 142 68.13 -28.86 26.52
N LEU C 143 69.19 -28.40 25.86
CA LEU C 143 69.64 -29.03 24.63
C LEU C 143 70.36 -30.36 24.86
N SER C 144 70.76 -30.65 26.09
CA SER C 144 71.51 -31.86 26.38
C SER C 144 70.62 -33.08 26.39
N HIS C 145 70.07 -33.44 25.23
CA HIS C 145 69.23 -34.62 25.10
C HIS C 145 69.16 -35.08 23.65
N SER C 179 69.14 -32.53 -7.74
CA SER C 179 69.82 -31.37 -7.18
C SER C 179 70.27 -30.42 -8.29
N ALA C 180 69.82 -30.68 -9.52
CA ALA C 180 70.15 -29.80 -10.63
C ALA C 180 69.60 -28.39 -10.41
N ILE C 181 68.32 -28.31 -10.02
CA ILE C 181 67.76 -27.02 -9.65
C ILE C 181 68.41 -26.48 -8.38
N GLY C 182 68.78 -27.37 -7.45
CA GLY C 182 69.50 -26.93 -6.28
C GLY C 182 70.86 -26.33 -6.61
N ASN C 183 71.58 -26.98 -7.53
CA ASN C 183 72.88 -26.44 -7.97
C ASN C 183 72.71 -25.13 -8.71
N SER C 184 71.68 -25.03 -9.55
CA SER C 184 71.43 -23.77 -10.26
C SER C 184 71.10 -22.65 -9.28
N LEU C 185 70.30 -22.94 -8.26
CA LEU C 185 69.99 -21.94 -7.25
C LEU C 185 71.21 -21.58 -6.42
N ARG C 186 72.09 -22.55 -6.14
CA ARG C 186 73.32 -22.25 -5.42
C ARG C 186 74.22 -21.33 -6.22
N ARG C 187 74.34 -21.57 -7.53
CA ARG C 187 75.13 -20.67 -8.35
C ARG C 187 74.46 -19.31 -8.49
N LEU C 188 73.13 -19.27 -8.52
CA LEU C 188 72.42 -17.99 -8.57
C LEU C 188 72.64 -17.18 -7.30
N THR C 189 72.61 -17.85 -6.14
CA THR C 189 72.85 -17.12 -4.89
C THR C 189 74.32 -16.76 -4.73
N ASN C 190 75.24 -17.53 -5.30
CA ASN C 190 76.63 -17.09 -5.38
C ASN C 190 76.75 -15.84 -6.24
N PHE C 191 76.01 -15.79 -7.35
CA PHE C 191 76.02 -14.61 -8.21
C PHE C 191 75.43 -13.39 -7.50
N VAL C 192 74.36 -13.58 -6.73
CA VAL C 192 73.79 -12.43 -6.04
C VAL C 192 74.66 -12.03 -4.86
N LEU C 193 75.42 -12.97 -4.29
CA LEU C 193 76.42 -12.59 -3.30
C LEU C 193 77.57 -11.80 -3.94
N PHE C 194 77.92 -12.16 -5.17
CA PHE C 194 78.87 -11.38 -5.96
C PHE C 194 78.36 -9.96 -6.17
N LEU C 195 77.09 -9.84 -6.56
CA LEU C 195 76.46 -8.53 -6.71
C LEU C 195 76.39 -7.79 -5.37
N PHE C 196 76.23 -8.52 -4.27
CA PHE C 196 76.19 -7.88 -2.96
C PHE C 196 77.56 -7.38 -2.54
N THR C 197 78.62 -8.13 -2.87
CA THR C 197 79.97 -7.60 -2.69
C THR C 197 80.15 -6.30 -3.47
N ALA C 198 79.70 -6.30 -4.72
CA ALA C 198 79.73 -5.07 -5.52
C ALA C 198 78.97 -3.95 -4.82
N TYR C 199 77.75 -4.23 -4.37
CA TYR C 199 76.89 -3.19 -3.79
C TYR C 199 77.46 -2.63 -2.50
N VAL C 200 77.99 -3.49 -1.63
CA VAL C 200 78.57 -3.01 -0.37
C VAL C 200 79.87 -2.27 -0.63
N GLY C 201 80.57 -2.60 -1.73
CA GLY C 201 81.65 -1.73 -2.16
C GLY C 201 81.15 -0.38 -2.65
N ILE C 202 79.98 -0.36 -3.29
CA ILE C 202 79.45 0.87 -3.87
C ILE C 202 78.98 1.81 -2.78
N VAL C 203 78.33 1.27 -1.74
CA VAL C 203 77.62 2.10 -0.77
C VAL C 203 78.55 3.07 -0.07
N LYS C 204 79.77 2.64 0.25
CA LYS C 204 80.79 3.51 0.85
C LYS C 204 82.09 3.34 0.07
N PRO C 205 82.28 4.12 -0.99
CA PRO C 205 83.54 4.05 -1.73
C PRO C 205 84.68 4.68 -0.95
N SER C 206 85.54 3.83 -0.39
CA SER C 206 86.63 4.25 0.48
C SER C 206 87.50 3.03 0.74
N LEU C 207 88.58 3.24 1.50
CA LEU C 207 89.50 2.14 1.80
C LEU C 207 88.84 1.06 2.64
N SER C 208 87.74 1.39 3.33
CA SER C 208 86.98 0.36 4.01
C SER C 208 86.36 -0.63 3.03
N ASN C 209 85.93 -0.13 1.86
CA ASN C 209 85.39 -0.98 0.81
C ASN C 209 86.29 -1.05 -0.42
N SER C 210 87.45 -0.38 -0.40
CA SER C 210 88.39 -0.52 -1.50
C SER C 210 88.90 -1.95 -1.61
N ILE C 211 89.21 -2.58 -0.47
CA ILE C 211 89.62 -3.98 -0.50
C ILE C 211 88.46 -4.87 -0.93
N TYR C 212 87.22 -4.47 -0.59
CA TYR C 212 86.06 -5.21 -1.07
C TYR C 212 86.00 -5.19 -2.58
N PHE C 213 86.19 -4.00 -3.17
CA PHE C 213 86.15 -3.88 -4.63
C PHE C 213 87.34 -4.59 -5.27
N LEU C 214 88.50 -4.57 -4.61
CA LEU C 214 89.66 -5.27 -5.15
C LEU C 214 89.44 -6.78 -5.16
N ALA C 215 88.91 -7.33 -4.07
CA ALA C 215 88.58 -8.76 -4.06
C ALA C 215 87.50 -9.06 -5.09
N PHE C 216 86.51 -8.17 -5.22
CA PHE C 216 85.48 -8.31 -6.24
C PHE C 216 86.09 -8.44 -7.63
N LEU C 217 86.97 -7.51 -7.99
CA LEU C 217 87.55 -7.53 -9.32
C LEU C 217 88.48 -8.72 -9.51
N PHE C 218 89.22 -9.10 -8.47
CA PHE C 218 90.13 -10.24 -8.60
C PHE C 218 89.37 -11.53 -8.84
N ILE C 219 88.35 -11.79 -8.01
CA ILE C 219 87.57 -13.01 -8.19
C ILE C 219 86.79 -12.96 -9.50
N SER C 220 86.37 -11.77 -9.92
CA SER C 220 85.65 -11.66 -11.18
C SER C 220 86.54 -11.95 -12.37
N THR C 221 87.80 -11.50 -12.33
CA THR C 221 88.73 -11.80 -13.41
C THR C 221 89.12 -13.27 -13.42
N TRP C 222 89.29 -13.87 -12.23
CA TRP C 222 89.57 -15.30 -12.18
C TRP C 222 88.40 -16.11 -12.72
N TRP C 223 87.17 -15.71 -12.39
CA TRP C 223 85.99 -16.39 -12.89
C TRP C 223 85.77 -16.11 -14.37
N SER C 224 86.33 -15.00 -14.87
CA SER C 224 86.15 -14.65 -16.27
C SER C 224 87.04 -15.49 -17.18
N THR C 225 88.19 -15.93 -16.70
CA THR C 225 89.05 -16.79 -17.49
C THR C 225 88.45 -18.17 -17.70
N TYR C 226 87.35 -18.48 -17.01
CA TYR C 226 86.62 -19.74 -17.13
C TYR C 226 87.49 -20.91 -16.61
N THR C 227 88.56 -20.56 -15.91
CA THR C 227 89.38 -21.54 -15.20
C THR C 227 88.67 -21.89 -13.91
N PRO C 228 88.36 -23.17 -13.66
CA PRO C 228 87.64 -23.52 -12.42
C PRO C 228 88.47 -23.20 -11.19
N LEU C 229 88.03 -22.20 -10.43
CA LEU C 229 88.77 -21.78 -9.25
C LEU C 229 88.63 -22.82 -8.15
N ARG C 230 89.76 -23.21 -7.56
CA ARG C 230 89.77 -24.28 -6.57
C ARG C 230 88.96 -23.89 -5.35
N HIS C 231 88.28 -24.88 -4.76
CA HIS C 231 87.50 -24.63 -3.55
C HIS C 231 88.37 -24.17 -2.39
N GLY C 232 89.66 -24.53 -2.39
CA GLY C 232 90.57 -24.00 -1.38
C GLY C 232 90.77 -22.50 -1.53
N VAL C 233 90.95 -22.03 -2.76
CA VAL C 233 91.08 -20.60 -3.00
C VAL C 233 89.79 -19.88 -2.66
N TYR C 234 88.65 -20.48 -3.00
CA TYR C 234 87.35 -19.89 -2.67
C TYR C 234 87.17 -19.79 -1.16
N ASN C 235 87.57 -20.83 -0.44
CA ASN C 235 87.50 -20.80 1.03
C ASN C 235 88.42 -19.75 1.61
N GLN C 236 89.62 -19.61 1.04
CA GLN C 236 90.56 -18.58 1.51
C GLN C 236 89.98 -17.18 1.27
N ILE C 237 89.38 -16.97 0.11
CA ILE C 237 88.76 -15.68 -0.18
C ILE C 237 87.63 -15.40 0.79
N LYS C 238 86.80 -16.40 1.06
CA LYS C 238 85.71 -16.24 2.02
C LYS C 238 86.25 -15.93 3.41
N LYS C 239 87.30 -16.62 3.83
CA LYS C 239 87.87 -16.38 5.16
C LYS C 239 88.44 -14.97 5.27
N PHE C 240 89.15 -14.52 4.24
CA PHE C 240 89.67 -13.15 4.24
C PHE C 240 88.52 -12.14 4.28
N LEU C 241 87.46 -12.39 3.52
CA LEU C 241 86.31 -11.51 3.51
C LEU C 241 85.67 -11.44 4.89
N ILE C 242 85.49 -12.59 5.55
CA ILE C 242 84.88 -12.61 6.88
C ILE C 242 85.76 -11.88 7.89
N PHE C 243 87.08 -12.13 7.84
CA PHE C 243 87.98 -11.48 8.78
C PHE C 243 87.98 -9.97 8.60
N TYR C 244 88.07 -9.50 7.35
CA TYR C 244 88.09 -8.06 7.14
C TYR C 244 86.72 -7.44 7.40
N SER C 245 85.64 -8.19 7.22
CA SER C 245 84.31 -7.69 7.57
C SER C 245 84.18 -7.55 9.09
N ALA C 246 84.70 -8.51 9.84
CA ALA C 246 84.68 -8.38 11.30
C ALA C 246 85.50 -7.18 11.74
N LEU C 247 86.67 -6.98 11.12
CA LEU C 247 87.46 -5.78 11.41
C LEU C 247 86.70 -4.52 11.04
N HIS C 248 85.93 -4.56 9.96
CA HIS C 248 85.15 -3.40 9.52
C HIS C 248 84.06 -3.06 10.53
N PHE C 249 83.32 -4.07 10.99
CA PHE C 249 82.35 -3.85 12.07
C PHE C 249 83.03 -3.26 13.29
N LEU C 250 84.17 -3.84 13.69
CA LEU C 250 84.87 -3.39 14.88
C LEU C 250 85.23 -1.90 14.76
N VAL C 251 85.89 -1.53 13.65
CA VAL C 251 86.32 -0.14 13.51
C VAL C 251 85.14 0.80 13.40
N LEU C 252 84.12 0.43 12.61
CA LEU C 252 83.00 1.34 12.39
C LEU C 252 82.24 1.60 13.69
N TYR C 253 82.06 0.57 14.51
CA TYR C 253 81.22 0.78 15.68
C TYR C 253 82.05 1.31 16.86
N THR C 254 83.25 0.78 17.08
CA THR C 254 84.10 1.33 18.13
C THR C 254 84.44 2.79 17.85
N TYR C 255 84.44 3.18 16.57
CA TYR C 255 84.56 4.59 16.24
C TYR C 255 83.25 5.34 16.45
N GLN C 256 82.12 4.64 16.45
CA GLN C 256 80.84 5.28 16.73
C GLN C 256 80.69 5.66 18.19
N ILE C 257 81.57 5.18 19.06
CA ILE C 257 81.53 5.58 20.46
C ILE C 257 81.80 7.07 20.56
N PRO C 258 81.04 7.83 21.36
CA PRO C 258 81.25 9.29 21.40
C PRO C 258 82.66 9.69 21.76
N ILE C 259 83.31 8.95 22.67
CA ILE C 259 84.63 9.36 23.14
C ILE C 259 85.68 9.24 22.04
N VAL C 260 85.58 8.22 21.19
CA VAL C 260 86.61 7.99 20.18
C VAL C 260 86.66 9.15 19.19
N HIS C 261 85.50 9.49 18.62
CA HIS C 261 85.46 10.59 17.65
C HIS C 261 85.65 11.95 18.29
N HIS C 262 85.33 12.08 19.58
CA HIS C 262 85.52 13.35 20.27
C HIS C 262 86.99 13.62 20.57
N SER C 263 87.73 12.57 20.97
CA SER C 263 89.08 12.74 21.49
C SER C 263 90.15 12.30 20.50
N TRP C 264 90.10 11.04 20.04
CA TRP C 264 91.21 10.51 19.25
C TRP C 264 91.33 11.20 17.91
N LEU C 265 90.21 11.38 17.20
CA LEU C 265 90.22 12.10 15.93
C LEU C 265 88.79 12.52 15.58
N PRO C 266 88.59 13.73 15.06
CA PRO C 266 87.24 14.23 14.82
C PRO C 266 86.52 13.47 13.71
N THR C 267 85.20 13.50 13.77
CA THR C 267 84.38 12.86 12.75
C THR C 267 84.61 13.51 11.39
N GLY C 268 84.78 12.70 10.37
CA GLY C 268 85.04 13.20 9.03
C GLY C 268 86.38 13.89 8.88
N SER C 269 87.40 13.41 9.57
CA SER C 269 88.76 13.95 9.44
C SER C 269 89.48 13.17 8.34
N PHE C 270 90.81 13.31 8.27
CA PHE C 270 91.57 12.73 7.17
C PHE C 270 91.35 11.23 7.05
N LEU C 271 91.52 10.50 8.15
CA LEU C 271 91.32 9.05 8.11
C LEU C 271 89.87 8.67 7.81
N PRO C 272 88.85 9.25 8.46
CA PRO C 272 87.48 8.95 8.04
C PRO C 272 87.19 9.31 6.60
N ARG C 273 87.79 10.40 6.09
CA ARG C 273 87.59 10.76 4.69
C ARG C 273 88.29 9.81 3.75
N LEU C 274 89.37 9.17 4.21
CA LEU C 274 90.16 8.27 3.38
C LEU C 274 89.72 6.81 3.54
N PHE C 275 89.81 6.27 4.76
CA PHE C 275 89.45 4.87 4.97
C PHE C 275 87.95 4.69 4.97
N GLY C 276 87.21 5.66 5.53
CA GLY C 276 85.77 5.61 5.59
C GLY C 276 85.27 5.36 6.99
N LEU C 277 84.89 6.43 7.70
CA LEU C 277 84.42 6.33 9.07
C LEU C 277 83.34 7.36 9.26
N THR C 278 82.09 6.92 9.45
CA THR C 278 80.96 7.81 9.64
C THR C 278 80.26 7.45 10.94
N VAL C 279 79.98 8.46 11.75
CA VAL C 279 79.26 8.27 13.01
C VAL C 279 77.78 8.53 12.77
N LEU C 280 76.93 7.56 13.14
CA LEU C 280 75.50 7.64 12.89
C LEU C 280 74.77 8.38 14.01
N MET C 281 74.87 7.90 15.25
CA MET C 281 74.13 8.45 16.37
C MET C 281 75.08 9.18 17.31
N ASP C 282 74.77 10.43 17.60
CA ASP C 282 75.53 11.22 18.56
C ASP C 282 74.66 11.80 19.66
N SER C 283 73.34 11.64 19.59
CA SER C 283 72.46 12.14 20.64
C SER C 283 72.67 11.34 21.92
N SER C 284 72.85 12.06 23.03
CA SER C 284 73.10 11.45 24.33
C SER C 284 72.10 12.00 25.34
N CYS C 285 72.26 11.58 26.59
CA CYS C 285 71.40 12.06 27.65
C CYS C 285 71.69 13.53 27.94
N PRO C 286 70.70 14.25 28.50
CA PRO C 286 70.91 15.66 28.84
C PRO C 286 72.21 15.92 29.60
N GLU C 287 73.10 16.70 29.01
CA GLU C 287 74.39 17.01 29.61
C GLU C 287 74.27 18.15 30.62
N ASP C 297 71.92 13.26 13.33
CA ASP C 297 72.98 13.77 14.19
C ASP C 297 74.35 13.58 13.54
N PHE C 298 74.34 13.39 12.21
CA PHE C 298 75.56 13.13 11.46
C PHE C 298 75.77 14.24 10.44
N ASN C 299 77.00 14.77 10.40
CA ASN C 299 77.43 15.76 9.43
C ASN C 299 76.42 16.88 9.24
N ASP C 300 75.67 16.83 8.14
CA ASP C 300 74.67 17.85 7.82
C ASP C 300 73.50 17.17 7.13
N ASP C 301 72.35 17.82 7.17
CA ASP C 301 71.12 17.31 6.55
C ASP C 301 70.70 18.16 5.36
N ASP C 302 71.66 18.61 4.55
CA ASP C 302 71.33 19.35 3.34
C ASP C 302 70.51 18.49 2.38
N LEU C 303 70.88 17.22 2.24
CA LEU C 303 70.09 16.25 1.51
C LEU C 303 69.41 15.34 2.53
N ILE C 304 68.07 15.29 2.49
CA ILE C 304 67.33 14.61 3.55
C ILE C 304 67.55 13.10 3.50
N MET C 305 67.57 12.52 2.30
CA MET C 305 67.60 11.07 2.17
C MET C 305 68.85 10.45 2.77
N LYS C 306 70.02 10.75 2.18
CA LYS C 306 71.30 10.18 2.62
C LYS C 306 71.20 8.67 2.83
N TRP C 307 70.62 7.99 1.83
CA TRP C 307 70.37 6.56 1.96
C TRP C 307 71.64 5.72 2.18
N PRO C 308 72.73 5.89 1.42
CA PRO C 308 73.90 5.04 1.66
C PRO C 308 74.47 5.15 3.08
N LEU C 309 74.53 6.38 3.62
CA LEU C 309 75.15 6.56 4.93
C LEU C 309 74.33 5.89 6.03
N TYR C 310 73.00 6.00 5.95
CA TYR C 310 72.15 5.36 6.95
C TYR C 310 72.07 3.85 6.72
N ALA C 311 72.25 3.40 5.48
CA ALA C 311 72.08 1.99 5.15
C ALA C 311 73.34 1.17 5.29
N ASN C 312 74.51 1.82 5.41
CA ASN C 312 75.76 1.08 5.55
C ASN C 312 75.75 0.03 6.65
N PRO C 313 75.34 0.33 7.89
CA PRO C 313 75.38 -0.73 8.93
C PRO C 313 74.53 -1.94 8.61
N ILE C 314 73.26 -1.73 8.28
CA ILE C 314 72.34 -2.85 8.04
C ILE C 314 72.74 -3.62 6.78
N VAL C 315 73.14 -2.91 5.72
CA VAL C 315 73.53 -3.57 4.49
C VAL C 315 74.76 -4.44 4.72
N VAL C 316 75.77 -3.92 5.42
CA VAL C 316 76.96 -4.73 5.65
C VAL C 316 76.66 -5.86 6.63
N LEU C 317 75.71 -5.65 7.56
CA LEU C 317 75.32 -6.72 8.48
C LEU C 317 74.65 -7.87 7.74
N VAL C 318 73.69 -7.56 6.86
CA VAL C 318 73.03 -8.62 6.11
C VAL C 318 74.01 -9.26 5.12
N PHE C 319 75.00 -8.48 4.64
CA PHE C 319 76.07 -9.07 3.85
C PHE C 319 76.85 -10.11 4.65
N PHE C 320 77.24 -9.75 5.88
CA PHE C 320 77.91 -10.70 6.77
C PHE C 320 77.08 -11.96 6.97
N TYR C 321 75.79 -11.78 7.23
CA TYR C 321 74.92 -12.93 7.49
C TYR C 321 74.81 -13.82 6.26
N LEU C 322 74.62 -13.22 5.08
CA LEU C 322 74.54 -14.02 3.86
C LEU C 322 75.84 -14.76 3.58
N THR C 323 76.98 -14.09 3.78
CA THR C 323 78.26 -14.74 3.52
C THR C 323 78.51 -15.90 4.47
N VAL C 324 78.21 -15.72 5.76
CA VAL C 324 78.43 -16.81 6.71
C VAL C 324 77.46 -17.96 6.44
N ALA C 325 76.22 -17.63 6.04
CA ALA C 325 75.27 -18.67 5.67
C ALA C 325 75.75 -19.46 4.45
N GLN C 326 76.27 -18.76 3.45
CA GLN C 326 76.76 -19.42 2.25
C GLN C 326 77.99 -20.27 2.56
N TYR C 327 78.86 -19.78 3.44
CA TYR C 327 79.99 -20.58 3.90
C TYR C 327 79.52 -21.86 4.59
N LYS C 328 78.52 -21.73 5.47
CA LYS C 328 77.98 -22.91 6.14
C LYS C 328 77.27 -23.84 5.16
N PHE C 329 76.54 -23.26 4.20
CA PHE C 329 75.81 -24.05 3.22
C PHE C 329 76.77 -24.78 2.28
N SER C 449 56.88 -29.72 -27.31
CA SER C 449 58.07 -28.91 -27.01
C SER C 449 58.78 -28.50 -28.29
N ALA C 450 59.78 -27.63 -28.15
CA ALA C 450 60.56 -27.14 -29.27
C ALA C 450 61.85 -27.93 -29.50
N ALA C 451 62.05 -29.00 -28.72
CA ALA C 451 63.23 -29.86 -28.84
C ALA C 451 64.52 -29.10 -28.59
N SER C 452 65.66 -29.78 -28.72
CA SER C 452 66.95 -29.14 -28.48
C SER C 452 67.26 -28.07 -29.51
N LYS C 453 66.64 -28.14 -30.69
CA LYS C 453 66.95 -27.18 -31.75
C LYS C 453 66.62 -25.76 -31.33
N GLY C 454 65.52 -25.56 -30.61
CA GLY C 454 65.13 -24.24 -30.16
C GLY C 454 66.19 -23.52 -29.37
N MET C 455 66.53 -24.02 -28.18
CA MET C 455 67.51 -23.30 -27.38
C MET C 455 68.94 -23.49 -27.89
N ILE C 456 69.23 -24.49 -28.72
CA ILE C 456 70.56 -24.53 -29.31
C ILE C 456 70.72 -23.39 -30.31
N ALA C 457 69.67 -23.10 -31.09
CA ALA C 457 69.71 -21.92 -31.96
C ALA C 457 69.70 -20.64 -31.16
N VAL C 458 68.99 -20.62 -30.02
CA VAL C 458 69.01 -19.44 -29.16
C VAL C 458 70.43 -19.18 -28.67
N MET C 459 71.12 -20.23 -28.22
CA MET C 459 72.48 -20.05 -27.71
C MET C 459 73.46 -19.71 -28.84
N THR C 460 73.20 -20.24 -30.04
CA THR C 460 74.01 -19.85 -31.19
C THR C 460 73.87 -18.36 -31.50
N PHE C 461 72.63 -17.86 -31.49
CA PHE C 461 72.42 -16.43 -31.66
C PHE C 461 73.05 -15.63 -30.51
N VAL C 462 73.01 -16.18 -29.29
CA VAL C 462 73.61 -15.50 -28.15
C VAL C 462 75.12 -15.36 -28.34
N ILE C 463 75.78 -16.44 -28.77
CA ILE C 463 77.22 -16.37 -28.96
C ILE C 463 77.61 -15.62 -30.22
N PHE C 464 76.69 -15.45 -31.16
CA PHE C 464 76.96 -14.63 -32.34
C PHE C 464 76.64 -13.16 -32.14
N HIS C 465 75.87 -12.80 -31.12
CA HIS C 465 75.52 -11.41 -30.86
C HIS C 465 75.95 -10.93 -29.47
N SER C 466 76.75 -11.72 -28.75
CA SER C 466 77.22 -11.29 -27.43
C SER C 466 78.08 -10.05 -27.54
N TYR C 467 79.02 -10.02 -28.49
CA TYR C 467 79.84 -8.82 -28.66
C TYR C 467 78.98 -7.63 -29.09
N SER C 468 77.97 -7.87 -29.93
CA SER C 468 77.09 -6.78 -30.36
C SER C 468 76.33 -6.19 -29.17
N ILE C 469 75.74 -7.04 -28.33
CA ILE C 469 74.95 -6.54 -27.21
C ILE C 469 75.85 -5.88 -26.18
N ALA C 470 77.05 -6.44 -25.94
CA ALA C 470 77.98 -5.83 -25.02
C ALA C 470 78.45 -4.48 -25.54
N LEU C 471 78.67 -4.36 -26.85
CA LEU C 471 79.11 -3.09 -27.41
C LEU C 471 77.99 -2.05 -27.38
N THR C 472 76.74 -2.47 -27.57
CA THR C 472 75.62 -1.55 -27.43
C THR C 472 75.50 -1.05 -25.99
N ALA C 473 75.67 -1.95 -25.02
CA ALA C 473 75.72 -1.52 -23.63
C ALA C 473 76.90 -0.59 -23.40
N MET C 474 78.01 -0.82 -24.10
CA MET C 474 79.18 0.03 -23.97
C MET C 474 78.88 1.45 -24.46
N MET C 475 78.16 1.55 -25.58
CA MET C 475 77.61 2.83 -26.00
C MET C 475 76.75 3.44 -24.91
N THR C 476 75.84 2.64 -24.35
CA THR C 476 74.96 3.12 -23.29
C THR C 476 75.77 3.74 -22.15
N TRP C 477 76.90 3.12 -21.81
CA TRP C 477 77.83 3.73 -20.88
C TRP C 477 78.31 5.08 -21.42
N ALA C 478 78.66 5.14 -22.70
CA ALA C 478 79.09 6.40 -23.28
C ALA C 478 77.98 7.46 -23.23
N LEU C 479 76.72 7.07 -23.39
CA LEU C 479 75.62 8.03 -23.24
C LEU C 479 75.50 8.54 -21.81
N LEU C 480 75.46 7.63 -20.84
CA LEU C 480 75.25 8.00 -19.44
C LEU C 480 76.37 8.86 -18.88
N TYR C 481 77.61 8.54 -19.23
CA TYR C 481 78.77 9.15 -18.57
C TYR C 481 79.60 9.90 -19.60
N HIS C 482 80.08 11.07 -19.21
CA HIS C 482 80.80 11.97 -20.11
C HIS C 482 82.28 12.04 -19.74
N SER C 483 83.13 11.74 -20.71
CA SER C 483 84.59 11.83 -20.53
C SER C 483 85.23 11.78 -21.91
N ILE C 484 86.43 12.36 -22.00
CA ILE C 484 87.27 12.08 -23.17
C ILE C 484 87.67 10.60 -23.16
N PHE C 485 87.75 10.00 -21.98
CA PHE C 485 87.74 8.54 -21.92
C PHE C 485 86.50 7.98 -22.61
N GLY C 486 85.33 8.56 -22.34
CA GLY C 486 84.13 8.15 -23.05
C GLY C 486 84.24 8.39 -24.55
N LEU C 487 84.94 9.45 -24.95
CA LEU C 487 85.24 9.64 -26.36
C LEU C 487 86.11 8.50 -26.89
N ILE C 488 87.11 8.09 -26.10
CA ILE C 488 87.89 6.91 -26.46
C ILE C 488 86.99 5.69 -26.54
N LEU C 489 86.02 5.58 -25.61
CA LEU C 489 85.10 4.45 -25.64
C LEU C 489 84.32 4.41 -26.95
N LEU C 490 83.81 5.56 -27.39
CA LEU C 490 83.00 5.58 -28.61
C LEU C 490 83.85 5.37 -29.86
N ILE C 491 85.09 5.89 -29.87
CA ILE C 491 85.92 5.66 -31.05
C ILE C 491 86.32 4.20 -31.15
N LEU C 492 86.64 3.56 -30.02
CA LEU C 492 86.89 2.13 -30.04
C LEU C 492 85.63 1.37 -30.43
N THR C 493 84.47 1.83 -29.98
CA THR C 493 83.20 1.22 -30.36
C THR C 493 83.01 1.23 -31.88
N CYS C 494 83.21 2.40 -32.50
CA CYS C 494 83.01 2.48 -33.95
C CYS C 494 84.09 1.72 -34.70
N ILE C 495 85.31 1.68 -34.16
CA ILE C 495 86.37 0.86 -34.79
C ILE C 495 85.98 -0.61 -34.78
N LEU C 496 85.46 -1.08 -33.64
CA LEU C 496 85.05 -2.47 -33.53
C LEU C 496 83.82 -2.78 -34.37
N TRP C 497 82.93 -1.81 -34.57
CA TRP C 497 81.68 -2.04 -35.29
C TRP C 497 81.71 -1.52 -36.72
N ILE C 498 82.89 -1.15 -37.23
CA ILE C 498 83.01 -0.66 -38.60
C ILE C 498 83.53 -1.73 -39.56
N PHE C 499 84.26 -2.72 -39.09
CA PHE C 499 84.91 -3.70 -39.94
C PHE C 499 84.05 -4.96 -40.06
N ARG C 500 84.47 -5.85 -40.96
CA ARG C 500 83.82 -7.14 -41.19
C ARG C 500 84.14 -8.16 -40.10
N ASP C 501 85.27 -8.00 -39.40
CA ASP C 501 85.74 -9.01 -38.46
C ASP C 501 85.30 -8.69 -37.04
N THR C 502 84.08 -8.17 -36.87
CA THR C 502 83.57 -7.77 -35.57
C THR C 502 83.76 -8.85 -34.51
N ARG C 503 83.34 -10.08 -34.83
CA ARG C 503 83.57 -11.19 -33.90
C ARG C 503 85.05 -11.42 -33.68
N LYS C 504 85.84 -11.43 -34.76
CA LYS C 504 87.27 -11.64 -34.62
C LYS C 504 87.95 -10.44 -33.96
N SER C 505 87.46 -9.24 -34.23
CA SER C 505 88.02 -8.05 -33.59
C SER C 505 87.81 -8.09 -32.08
N SER C 506 86.60 -8.47 -31.64
CA SER C 506 86.37 -8.66 -30.21
C SER C 506 87.23 -9.79 -29.66
N PHE C 507 87.32 -10.90 -30.40
CA PHE C 507 88.15 -12.03 -30.00
C PHE C 507 89.60 -11.61 -29.76
N ALA C 508 90.10 -10.68 -30.57
CA ALA C 508 91.50 -10.27 -30.47
C ALA C 508 91.74 -9.17 -29.46
N MET C 509 90.84 -8.18 -29.36
CA MET C 509 91.06 -7.04 -28.47
C MET C 509 90.20 -7.07 -27.22
N ALA C 510 89.67 -8.24 -26.85
CA ALA C 510 88.94 -8.34 -25.57
C ALA C 510 89.80 -8.02 -24.35
N PRO C 511 91.03 -8.55 -24.20
CA PRO C 511 91.83 -8.15 -23.03
C PRO C 511 92.09 -6.66 -22.95
N ILE C 512 92.32 -6.00 -24.08
CA ILE C 512 92.63 -4.58 -24.08
C ILE C 512 91.42 -3.77 -23.60
N ILE C 513 90.23 -4.09 -24.13
CA ILE C 513 89.04 -3.36 -23.73
C ILE C 513 88.70 -3.66 -22.27
N LEU C 514 88.96 -4.89 -21.82
CA LEU C 514 88.76 -5.19 -20.39
C LEU C 514 89.69 -4.34 -19.53
N MET C 515 90.97 -4.25 -19.91
CA MET C 515 91.90 -3.44 -19.14
C MET C 515 91.45 -2.00 -19.10
N TYR C 516 91.01 -1.47 -20.25
CA TYR C 516 90.56 -0.08 -20.31
C TYR C 516 89.33 0.14 -19.42
N ILE C 517 88.35 -0.75 -19.49
CA ILE C 517 87.13 -0.54 -18.72
C ILE C 517 87.39 -0.71 -17.23
N GLU C 518 88.25 -1.67 -16.85
CA GLU C 518 88.57 -1.83 -15.44
C GLU C 518 89.36 -0.63 -14.91
N PHE C 519 90.25 -0.07 -15.74
CA PHE C 519 90.94 1.15 -15.35
C PHE C 519 89.95 2.29 -15.19
N LEU C 520 88.95 2.38 -16.07
CA LEU C 520 87.92 3.41 -15.93
C LEU C 520 87.10 3.21 -14.65
N LEU C 521 86.76 1.95 -14.32
CA LEU C 521 86.09 1.65 -13.06
C LEU C 521 86.91 2.14 -11.87
N ILE C 522 88.19 1.77 -11.83
CA ILE C 522 89.00 2.15 -10.68
C ILE C 522 89.23 3.66 -10.66
N LEU C 523 89.27 4.30 -11.83
CA LEU C 523 89.48 5.75 -11.87
C LEU C 523 88.26 6.51 -11.37
N GLN C 524 87.06 6.09 -11.80
CA GLN C 524 85.86 6.73 -11.28
C GLN C 524 85.63 6.38 -9.82
N TYR C 525 86.11 5.22 -9.38
CA TYR C 525 86.07 4.86 -7.97
C TYR C 525 86.95 5.81 -7.15
N PHE C 526 88.20 5.97 -7.59
CA PHE C 526 89.10 6.95 -6.97
C PHE C 526 88.48 8.34 -6.98
N LEU C 527 87.83 8.71 -8.08
CA LEU C 527 87.17 10.01 -8.13
C LEU C 527 85.95 10.04 -7.22
N SER C 528 85.35 8.88 -6.93
CA SER C 528 84.20 8.80 -6.05
C SER C 528 84.55 8.35 -4.62
N MET C 529 85.83 8.26 -4.28
CA MET C 529 86.23 8.02 -2.89
C MET C 529 85.52 8.98 -1.93
N ASP C 530 85.47 8.57 -0.66
CA ASP C 530 84.96 9.42 0.39
C ASP C 530 85.80 10.67 0.56
N ILE C 531 87.03 10.67 0.02
CA ILE C 531 87.86 11.88 0.08
C ILE C 531 87.18 12.99 -0.72
N HIS C 532 87.39 14.22 -0.26
CA HIS C 532 86.85 15.38 -0.97
C HIS C 532 87.81 16.55 -0.76
N ALA C 533 88.21 17.19 -1.86
CA ALA C 533 89.09 18.35 -1.85
C ALA C 533 90.49 18.01 -1.33
N GLU C 534 90.75 16.72 -1.06
CA GLU C 534 92.09 16.32 -0.64
C GLU C 534 93.06 16.34 -1.82
N ILE C 535 92.60 15.89 -2.99
CA ILE C 535 93.45 15.91 -4.17
C ILE C 535 93.36 17.27 -4.86
N GLY C 536 92.27 18.00 -4.66
CA GLY C 536 92.07 19.27 -5.32
C GLY C 536 91.29 19.12 -6.62
N ASP C 537 91.66 19.90 -7.63
CA ASP C 537 91.10 19.78 -8.98
C ASP C 537 92.24 19.80 -10.00
N PRO C 538 92.93 18.68 -10.18
CA PRO C 538 94.11 18.67 -11.05
C PRO C 538 93.76 18.76 -12.52
N ALA C 539 94.77 18.65 -13.38
CA ALA C 539 94.59 18.83 -14.82
C ALA C 539 93.66 17.78 -15.43
N TRP C 540 93.47 16.64 -14.76
CA TRP C 540 92.57 15.60 -15.24
C TRP C 540 91.10 15.93 -14.96
N MET C 541 90.82 17.01 -14.24
CA MET C 541 89.45 17.42 -13.97
C MET C 541 88.94 18.49 -14.92
N ASN C 542 89.64 19.62 -15.01
CA ASN C 542 89.16 20.72 -15.84
C ASN C 542 89.10 20.32 -17.32
N PHE C 543 90.12 19.60 -17.79
CA PHE C 543 90.15 19.21 -19.19
C PHE C 543 89.22 18.05 -19.49
N VAL C 544 89.08 17.11 -18.56
CA VAL C 544 88.36 15.87 -18.84
C VAL C 544 86.91 15.95 -18.38
N GLY C 545 86.67 16.16 -17.09
CA GLY C 545 85.34 16.49 -16.62
C GLY C 545 84.39 15.36 -16.25
N ILE C 546 84.76 14.53 -15.28
CA ILE C 546 83.81 13.63 -14.62
C ILE C 546 83.55 14.16 -13.22
N GLU C 547 82.29 14.12 -12.80
CA GLU C 547 81.89 14.72 -11.54
C GLU C 547 82.53 14.01 -10.36
N TRP C 548 82.82 14.79 -9.31
CA TRP C 548 83.34 14.30 -8.03
C TRP C 548 82.33 13.49 -7.23
N THR C 549 81.05 13.49 -7.63
CA THR C 549 80.00 12.78 -6.91
C THR C 549 79.97 13.18 -5.43
N THR C 550 79.76 14.48 -5.21
CA THR C 550 79.73 15.01 -3.85
C THR C 550 78.60 14.37 -3.05
N LEU C 551 77.43 14.23 -3.68
CA LEU C 551 76.31 13.55 -3.04
C LEU C 551 76.44 12.05 -3.22
N PRO C 552 76.39 11.26 -2.14
CA PRO C 552 76.52 9.79 -2.30
C PRO C 552 75.26 9.12 -2.78
N VAL C 553 74.09 9.75 -2.63
CA VAL C 553 72.83 9.14 -3.08
C VAL C 553 72.84 8.92 -4.58
N HIS C 554 73.30 9.92 -5.34
CA HIS C 554 73.46 9.74 -6.77
C HIS C 554 74.63 8.82 -7.11
N ALA C 555 75.70 8.89 -6.32
CA ALA C 555 76.90 8.10 -6.63
C ALA C 555 76.63 6.61 -6.54
N VAL C 556 75.90 6.18 -5.51
CA VAL C 556 75.62 4.75 -5.36
C VAL C 556 74.82 4.23 -6.55
N ILE C 557 73.80 4.99 -6.97
CA ILE C 557 72.95 4.56 -8.07
C ILE C 557 73.74 4.53 -9.37
N ILE C 558 74.55 5.57 -9.63
CA ILE C 558 75.25 5.63 -10.91
C ILE C 558 76.31 4.53 -10.98
N LEU C 559 76.99 4.24 -9.86
CA LEU C 559 78.03 3.22 -9.93
C LEU C 559 77.42 1.82 -9.97
N CYS C 560 76.25 1.62 -9.34
CA CYS C 560 75.53 0.36 -9.51
C CYS C 560 75.12 0.18 -10.97
N VAL C 561 74.63 1.24 -11.61
CA VAL C 561 74.35 1.17 -13.04
C VAL C 561 75.62 0.83 -13.81
N GLN C 562 76.75 1.40 -13.39
CA GLN C 562 78.01 1.14 -14.07
C GLN C 562 78.39 -0.34 -14.01
N THR C 563 78.27 -0.96 -12.84
CA THR C 563 78.67 -2.36 -12.74
C THR C 563 77.66 -3.28 -13.42
N LEU C 564 76.36 -3.02 -13.27
CA LEU C 564 75.37 -3.83 -13.97
C LEU C 564 75.45 -3.65 -15.48
N LEU C 565 76.05 -2.57 -15.95
CA LEU C 565 76.29 -2.37 -17.38
C LEU C 565 77.59 -2.99 -17.85
N THR C 566 78.63 -2.99 -17.01
CA THR C 566 79.91 -3.58 -17.39
C THR C 566 79.91 -5.09 -17.23
N LEU C 567 78.87 -5.67 -16.63
CA LEU C 567 78.78 -7.13 -16.54
C LEU C 567 78.86 -7.83 -17.90
N PRO C 568 78.10 -7.44 -18.94
CA PRO C 568 78.19 -8.18 -20.21
C PRO C 568 79.47 -7.93 -20.98
N VAL C 569 79.98 -6.69 -20.98
CA VAL C 569 81.26 -6.42 -21.62
C VAL C 569 82.38 -7.15 -20.89
N PHE C 570 82.12 -7.58 -19.66
CA PHE C 570 83.05 -8.46 -18.96
C PHE C 570 82.86 -9.91 -19.37
N LEU C 571 81.60 -10.33 -19.56
CA LEU C 571 81.30 -11.69 -19.99
C LEU C 571 81.79 -11.99 -21.41
N LEU C 572 82.01 -10.95 -22.22
CA LEU C 572 82.46 -11.21 -23.59
C LEU C 572 83.86 -11.85 -23.57
N LEU C 573 84.73 -11.42 -22.65
CA LEU C 573 86.02 -12.11 -22.52
C LEU C 573 85.85 -13.53 -22.04
N ARG C 574 84.88 -13.78 -21.16
CA ARG C 574 84.59 -15.15 -20.75
C ARG C 574 84.29 -16.02 -21.96
N LEU C 575 83.36 -15.58 -22.80
CA LEU C 575 83.01 -16.33 -23.99
C LEU C 575 84.19 -16.45 -24.95
N ALA C 576 84.97 -15.37 -25.12
CA ALA C 576 86.11 -15.40 -26.02
C ALA C 576 87.16 -16.41 -25.56
N ARG C 577 87.48 -16.43 -24.27
CA ARG C 577 88.45 -17.39 -23.76
C ARG C 577 87.93 -18.82 -23.88
N ARG C 578 86.64 -19.03 -23.57
CA ARG C 578 86.06 -20.36 -23.70
C ARG C 578 86.18 -20.88 -25.13
N GLU C 579 85.73 -20.07 -26.10
CA GLU C 579 85.89 -20.44 -27.50
C GLU C 579 87.35 -20.67 -27.83
N LYS C 580 88.24 -19.79 -27.33
CA LYS C 580 89.64 -19.85 -27.67
C LYS C 580 90.26 -21.18 -27.26
N PHE C 581 89.97 -21.66 -26.06
CA PHE C 581 90.58 -22.94 -25.74
C PHE C 581 89.74 -24.12 -26.26
N TYR C 582 88.56 -23.89 -26.82
CA TYR C 582 87.92 -24.98 -27.56
C TYR C 582 88.71 -25.37 -28.81
N GLU C 583 89.29 -24.42 -29.55
CA GLU C 583 90.18 -24.85 -30.63
C GLU C 583 91.61 -24.99 -30.10
N SER C 620 63.00 -27.09 -41.49
CA SER C 620 64.42 -26.99 -41.75
C SER C 620 64.70 -26.33 -43.10
N ARG C 621 64.26 -27.00 -44.17
CA ARG C 621 64.42 -26.44 -45.51
C ARG C 621 63.63 -25.15 -45.66
N LYS C 622 62.41 -25.12 -45.12
CA LYS C 622 61.62 -23.90 -45.16
C LYS C 622 62.29 -22.78 -44.38
N PHE C 623 62.92 -23.11 -43.25
CA PHE C 623 63.63 -22.09 -42.48
C PHE C 623 64.77 -21.48 -43.27
N ALA C 624 65.52 -22.31 -44.00
CA ALA C 624 66.57 -21.79 -44.87
C ALA C 624 65.99 -20.94 -45.99
N ALA C 625 64.83 -21.35 -46.52
CA ALA C 625 64.19 -20.56 -47.56
C ALA C 625 63.81 -19.17 -47.05
N PHE C 626 63.20 -19.10 -45.87
CA PHE C 626 62.89 -17.79 -45.28
C PHE C 626 64.16 -17.01 -45.00
N VAL C 627 65.21 -17.67 -44.50
CA VAL C 627 66.45 -16.97 -44.21
C VAL C 627 66.97 -16.27 -45.46
N GLU C 628 67.06 -17.02 -46.56
CA GLU C 628 67.58 -16.45 -47.81
C GLU C 628 66.66 -15.36 -48.34
N TYR C 629 65.36 -15.62 -48.40
CA TYR C 629 64.44 -14.68 -49.01
C TYR C 629 64.37 -13.38 -48.21
N LEU C 630 64.27 -13.47 -46.88
CA LEU C 630 64.22 -12.27 -46.06
C LEU C 630 65.57 -11.57 -46.01
N SER C 631 66.68 -12.29 -46.13
CA SER C 631 67.98 -11.61 -46.23
C SER C 631 68.05 -10.77 -47.50
N ASN C 632 67.63 -11.35 -48.62
CA ASN C 632 67.61 -10.58 -49.87
C ASN C 632 66.64 -9.40 -49.78
N LYS C 633 65.46 -9.62 -49.20
CA LYS C 633 64.47 -8.56 -49.09
C LYS C 633 64.97 -7.43 -48.21
N VAL C 634 65.63 -7.76 -47.10
CA VAL C 634 66.22 -6.72 -46.25
C VAL C 634 67.31 -5.98 -46.99
N SER C 635 68.18 -6.71 -47.69
CA SER C 635 69.28 -6.05 -48.41
C SER C 635 68.76 -5.10 -49.48
N VAL C 636 67.61 -5.42 -50.09
CA VAL C 636 67.07 -4.55 -51.13
C VAL C 636 66.15 -3.46 -50.59
N TYR C 637 65.55 -3.66 -49.41
CA TYR C 637 64.59 -2.70 -48.87
C TYR C 637 65.14 -1.85 -47.73
N PHE C 638 66.40 -2.07 -47.32
CA PHE C 638 66.92 -1.36 -46.16
C PHE C 638 67.16 0.12 -46.44
N ILE C 639 67.14 0.53 -47.71
CA ILE C 639 67.26 1.94 -48.04
C ILE C 639 66.06 2.71 -47.51
N PHE C 640 64.86 2.13 -47.61
CA PHE C 640 63.69 2.78 -47.03
C PHE C 640 63.83 2.91 -45.52
N VAL C 641 64.35 1.87 -44.86
CA VAL C 641 64.52 1.91 -43.41
C VAL C 641 65.51 3.00 -43.00
N VAL C 642 66.64 3.08 -43.70
CA VAL C 642 67.63 4.10 -43.34
C VAL C 642 67.09 5.50 -43.64
N SER C 643 66.35 5.65 -44.74
CA SER C 643 65.76 6.95 -45.04
C SER C 643 64.76 7.37 -43.97
N VAL C 644 63.90 6.45 -43.54
CA VAL C 644 62.88 6.81 -42.56
C VAL C 644 63.51 7.08 -41.20
N VAL C 645 64.53 6.30 -40.82
CA VAL C 645 65.16 6.55 -39.52
C VAL C 645 65.92 7.87 -39.54
N LEU C 646 66.55 8.22 -40.67
CA LEU C 646 67.22 9.51 -40.75
C LEU C 646 66.21 10.65 -40.74
N LEU C 647 65.04 10.43 -41.36
CA LEU C 647 63.97 11.42 -41.26
C LEU C 647 63.53 11.62 -39.82
N VAL C 648 63.40 10.52 -39.06
CA VAL C 648 63.03 10.62 -37.66
C VAL C 648 64.09 11.38 -36.86
N VAL C 649 65.37 11.07 -37.07
CA VAL C 649 66.42 11.76 -36.33
C VAL C 649 66.65 13.18 -36.81
N SER C 650 66.14 13.55 -37.99
CA SER C 650 66.32 14.88 -38.52
C SER C 650 65.05 15.72 -38.54
N THR C 651 63.95 15.21 -37.98
CA THR C 651 62.74 16.02 -37.90
C THR C 651 62.07 15.96 -36.52
N CYS C 652 62.38 14.94 -35.71
CA CYS C 652 61.68 14.71 -34.46
C CYS C 652 62.51 15.05 -33.23
N PHE C 653 63.58 15.84 -33.38
CA PHE C 653 64.35 16.25 -32.21
C PHE C 653 64.31 17.75 -31.95
N ALA C 654 64.80 18.57 -32.87
CA ALA C 654 65.00 19.99 -32.60
C ALA C 654 65.46 20.67 -33.88
N PRO C 655 65.32 22.01 -33.98
CA PRO C 655 65.87 22.76 -35.11
C PRO C 655 67.32 23.19 -34.88
N ASN C 656 68.23 22.24 -34.95
CA ASN C 656 69.65 22.49 -34.79
C ASN C 656 70.33 22.44 -36.15
N PHE C 657 71.40 23.24 -36.30
CA PHE C 657 72.02 23.41 -37.61
C PHE C 657 72.54 22.09 -38.16
N TYR C 658 73.14 21.26 -37.31
CA TYR C 658 73.55 19.93 -37.77
C TYR C 658 72.33 19.09 -38.13
N ASN C 659 71.26 19.21 -37.35
CA ASN C 659 70.00 18.57 -37.70
C ASN C 659 69.45 19.11 -39.02
N ILE C 660 69.54 20.42 -39.22
CA ILE C 660 69.09 21.02 -40.48
C ILE C 660 69.87 20.45 -41.65
N LEU C 661 71.18 20.27 -41.48
CA LEU C 661 71.99 19.73 -42.57
C LEU C 661 71.72 18.24 -42.78
N PHE C 662 71.42 17.50 -41.70
CA PHE C 662 70.94 16.14 -41.86
C PHE C 662 69.72 16.09 -42.76
N PHE C 663 68.72 16.91 -42.45
CA PHE C 663 67.48 16.90 -43.22
C PHE C 663 67.73 17.36 -44.66
N ALA C 664 68.59 18.36 -44.82
CA ALA C 664 68.91 18.85 -46.16
C ALA C 664 69.60 17.78 -46.99
N LEU C 665 70.53 17.03 -46.38
CA LEU C 665 71.20 15.96 -47.10
C LEU C 665 70.23 14.85 -47.47
N TRP C 666 69.29 14.53 -46.56
CA TRP C 666 68.28 13.52 -46.87
C TRP C 666 67.42 13.96 -48.06
N ALA C 667 66.96 15.21 -48.04
CA ALA C 667 66.15 15.71 -49.14
C ALA C 667 66.93 15.78 -50.43
N LEU C 668 68.22 16.16 -50.35
CA LEU C 668 69.06 16.18 -51.54
C LEU C 668 69.25 14.78 -52.12
N ASN C 669 69.41 13.78 -51.25
CA ASN C 669 69.51 12.41 -51.71
C ASN C 669 68.25 11.97 -52.42
N LEU C 670 67.09 12.31 -51.85
CA LEU C 670 65.82 11.94 -52.49
C LEU C 670 65.65 12.66 -53.82
N ILE C 671 66.04 13.94 -53.88
CA ILE C 671 65.95 14.69 -55.13
C ILE C 671 66.85 14.09 -56.19
N TYR C 672 68.08 13.72 -55.80
CA TYR C 672 69.02 13.14 -56.75
C TYR C 672 68.54 11.77 -57.24
N LEU C 673 67.89 11.02 -56.35
CA LEU C 673 67.25 9.78 -56.77
C LEU C 673 66.15 10.04 -57.78
N LYS C 674 65.33 11.07 -57.53
CA LYS C 674 64.24 11.41 -58.44
C LYS C 674 64.77 11.89 -59.79
N PHE C 675 65.95 12.50 -59.81
CA PHE C 675 66.54 12.96 -61.07
C PHE C 675 66.78 11.79 -62.01
N SER C 676 67.55 10.80 -61.57
CA SER C 676 67.83 9.62 -62.38
C SER C 676 68.35 8.53 -61.47
N PHE C 677 67.73 7.35 -61.53
CA PHE C 677 68.19 6.23 -60.72
C PHE C 677 69.60 5.80 -61.09
N ARG C 678 70.00 6.01 -62.35
CA ARG C 678 71.37 5.68 -62.76
C ARG C 678 72.39 6.49 -61.96
N LEU C 679 72.21 7.81 -61.92
CA LEU C 679 73.15 8.67 -61.20
C LEU C 679 73.12 8.41 -59.71
N TYR C 680 71.92 8.21 -59.15
CA TYR C 680 71.79 7.92 -57.72
C TYR C 680 72.48 6.62 -57.35
N ARG C 681 72.31 5.59 -58.17
CA ARG C 681 72.99 4.32 -57.94
C ARG C 681 74.49 4.47 -58.07
N GLY C 682 74.94 5.24 -59.06
CA GLY C 682 76.37 5.44 -59.23
C GLY C 682 77.00 6.22 -58.09
N LEU C 683 76.29 7.21 -57.56
CA LEU C 683 76.80 8.07 -56.50
C LEU C 683 76.29 7.67 -55.12
N ALA C 684 75.63 6.52 -55.00
CA ALA C 684 75.14 6.08 -53.69
C ALA C 684 76.29 5.83 -52.72
N TYR C 685 77.37 5.19 -53.21
CA TYR C 685 78.48 4.83 -52.33
C TYR C 685 79.13 6.07 -51.73
N ALA C 686 79.47 7.05 -52.57
CA ALA C 686 80.11 8.26 -52.08
C ALA C 686 79.18 9.04 -51.15
N PHE C 687 77.88 9.07 -51.49
CA PHE C 687 76.92 9.71 -50.60
C PHE C 687 76.89 9.06 -49.23
N TRP C 688 76.92 7.72 -49.19
CA TRP C 688 76.90 7.02 -47.91
C TRP C 688 78.18 7.30 -47.11
N LEU C 689 79.33 7.31 -47.77
CA LEU C 689 80.56 7.63 -47.06
C LEU C 689 80.53 9.05 -46.50
N THR C 690 80.07 10.02 -47.30
CA THR C 690 79.97 11.39 -46.80
C THR C 690 79.01 11.48 -45.62
N LEU C 691 77.86 10.81 -45.73
CA LEU C 691 76.88 10.84 -44.65
C LEU C 691 77.46 10.27 -43.36
N THR C 692 78.07 9.08 -43.44
CA THR C 692 78.59 8.45 -42.23
C THR C 692 79.75 9.26 -41.65
N PHE C 693 80.62 9.81 -42.50
CA PHE C 693 81.73 10.61 -42.00
C PHE C 693 81.22 11.85 -41.29
N TYR C 694 80.24 12.56 -41.88
CA TYR C 694 79.80 13.79 -41.26
C TYR C 694 79.00 13.53 -39.99
N THR C 695 78.20 12.45 -39.97
CA THR C 695 77.46 12.15 -38.76
C THR C 695 78.40 11.71 -37.63
N SER C 696 79.47 10.98 -37.98
CA SER C 696 80.47 10.65 -36.97
C SER C 696 81.14 11.91 -36.45
N ILE C 697 81.49 12.83 -37.34
CA ILE C 697 82.17 14.06 -36.93
C ILE C 697 81.27 14.86 -35.99
N VAL C 698 79.99 14.99 -36.35
CA VAL C 698 79.10 15.78 -35.51
C VAL C 698 78.84 15.08 -34.18
N ILE C 699 78.83 13.74 -34.18
CA ILE C 699 78.70 13.00 -32.92
C ILE C 699 79.88 13.29 -32.01
N ILE C 700 81.11 13.25 -32.56
CA ILE C 700 82.28 13.58 -31.75
C ILE C 700 82.21 15.01 -31.23
N ALA C 701 81.84 15.96 -32.09
CA ALA C 701 81.78 17.35 -31.67
C ALA C 701 80.75 17.55 -30.57
N LEU C 702 79.57 16.95 -30.72
CA LEU C 702 78.52 17.08 -29.73
C LEU C 702 78.94 16.44 -28.41
N TYR C 703 79.57 15.28 -28.46
CA TYR C 703 80.00 14.61 -27.24
C TYR C 703 81.06 15.44 -26.52
N ILE C 704 82.05 15.93 -27.24
CA ILE C 704 83.11 16.70 -26.59
C ILE C 704 82.59 18.05 -26.12
N TYR C 705 81.49 18.54 -26.70
CA TYR C 705 80.90 19.77 -26.19
C TYR C 705 80.15 19.53 -24.89
N GLN C 706 79.54 18.37 -24.72
CA GLN C 706 78.73 18.09 -23.53
C GLN C 706 79.63 17.89 -22.32
N PHE C 707 80.18 18.99 -21.80
CA PHE C 707 81.11 18.97 -20.68
C PHE C 707 81.03 20.30 -19.98
N PRO C 708 81.32 20.36 -18.68
CA PRO C 708 81.52 21.67 -18.05
C PRO C 708 82.85 22.29 -18.49
N GLY C 709 83.93 21.54 -18.32
CA GLY C 709 85.25 22.07 -18.61
C GLY C 709 85.48 22.35 -20.09
N VAL C 710 85.09 21.41 -20.94
CA VAL C 710 85.34 21.58 -22.38
C VAL C 710 84.45 22.68 -22.94
N SER C 711 83.21 22.78 -22.48
CA SER C 711 82.36 23.88 -22.92
C SER C 711 82.91 25.23 -22.45
N GLN C 712 83.45 25.27 -21.22
CA GLN C 712 84.10 26.49 -20.76
C GLN C 712 85.29 26.84 -21.65
N TRP C 713 86.10 25.84 -22.00
CA TRP C 713 87.24 26.07 -22.87
C TRP C 713 86.80 26.58 -24.24
N ILE C 714 85.72 26.00 -24.77
CA ILE C 714 85.23 26.41 -26.09
C ILE C 714 84.71 27.85 -26.04
N ILE C 715 83.91 28.17 -25.03
CA ILE C 715 83.40 29.53 -24.91
C ILE C 715 84.52 30.52 -24.59
N ARG C 716 85.65 30.04 -24.09
CA ARG C 716 86.78 30.92 -23.81
C ARG C 716 87.60 31.20 -25.07
N ASN C 717 87.91 30.17 -25.85
CA ASN C 717 88.81 30.32 -26.99
C ASN C 717 88.10 30.59 -28.30
N THR C 718 87.04 29.85 -28.62
CA THR C 718 86.36 30.02 -29.90
C THR C 718 85.67 31.38 -30.00
N SER C 719 85.33 31.98 -28.86
CA SER C 719 84.66 33.29 -28.82
C SER C 719 83.36 33.25 -29.61
N LEU C 720 82.57 32.20 -29.38
CA LEU C 720 81.27 32.02 -30.01
C LEU C 720 80.19 32.37 -29.01
N SER C 721 79.25 33.23 -29.43
CA SER C 721 78.20 33.68 -28.52
C SER C 721 77.29 32.51 -28.13
N GLN C 722 76.72 32.62 -26.93
CA GLN C 722 75.89 31.54 -26.41
C GLN C 722 74.67 31.26 -27.27
N GLU C 723 74.01 32.32 -27.76
CA GLU C 723 72.81 32.11 -28.58
C GLU C 723 73.16 31.44 -29.91
N TRP C 724 74.26 31.87 -30.55
CA TRP C 724 74.71 31.20 -31.76
C TRP C 724 75.14 29.78 -31.47
N LEU C 725 75.84 29.55 -30.36
CA LEU C 725 76.36 28.23 -30.05
C LEU C 725 75.21 27.27 -29.74
N ASN C 726 74.11 27.77 -29.20
CA ASN C 726 72.92 26.97 -29.00
C ASN C 726 72.18 26.73 -30.32
N ALA C 727 72.08 27.77 -31.16
CA ALA C 727 71.35 27.64 -32.41
C ALA C 727 72.01 26.65 -33.35
N ILE C 728 73.34 26.64 -33.40
CA ILE C 728 74.03 25.69 -34.28
C ILE C 728 73.78 24.26 -33.83
N GLY C 729 73.53 24.06 -32.54
CA GLY C 729 73.16 22.74 -32.05
C GLY C 729 73.90 22.31 -30.81
N LEU C 730 75.15 22.78 -30.67
CA LEU C 730 75.97 22.40 -29.52
C LEU C 730 75.55 23.18 -28.28
N VAL C 731 74.60 22.63 -27.52
CA VAL C 731 74.16 23.24 -26.28
C VAL C 731 74.29 22.20 -25.17
N ASP C 732 74.79 22.64 -24.02
CA ASP C 732 75.06 21.74 -22.90
C ASP C 732 73.76 21.43 -22.17
N PHE C 733 73.31 20.18 -22.27
CA PHE C 733 72.07 19.77 -21.62
C PHE C 733 72.23 19.55 -20.12
N ARG C 734 73.46 19.40 -19.63
CA ARG C 734 73.68 19.28 -18.19
C ARG C 734 73.24 20.53 -17.45
N ALA C 735 73.53 21.71 -17.99
CA ALA C 735 72.98 22.94 -17.43
C ALA C 735 71.46 22.96 -17.56
N ILE C 736 70.94 22.51 -18.70
CA ILE C 736 69.50 22.42 -18.87
C ILE C 736 68.90 21.39 -17.92
N GLY C 737 69.56 20.24 -17.77
CA GLY C 737 69.13 19.21 -16.86
C GLY C 737 68.21 18.16 -17.45
N GLU C 738 67.77 18.33 -18.70
CA GLU C 738 66.88 17.36 -19.34
C GLU C 738 67.71 16.18 -19.82
N SER C 739 67.74 15.12 -19.03
CA SER C 739 68.59 13.97 -19.33
C SER C 739 68.05 13.16 -20.50
N GLY C 740 66.73 12.92 -20.53
CA GLY C 740 66.17 12.09 -21.59
C GLY C 740 66.38 12.68 -22.98
N ALA C 741 66.32 14.01 -23.08
CA ALA C 741 66.63 14.65 -24.35
C ALA C 741 68.06 14.38 -24.77
N LEU C 742 69.00 14.38 -23.82
CA LEU C 742 70.38 14.04 -24.14
C LEU C 742 70.51 12.58 -24.56
N PHE C 743 69.76 11.69 -23.89
CA PHE C 743 69.79 10.28 -24.27
C PHE C 743 69.32 10.10 -25.71
N LEU C 744 68.25 10.79 -26.10
CA LEU C 744 67.82 10.77 -27.49
C LEU C 744 68.87 11.37 -28.41
N GLN C 745 69.43 12.53 -28.02
CA GLN C 745 70.45 13.26 -28.75
C GLN C 745 71.69 12.44 -29.02
N LEU C 746 71.97 11.46 -28.18
CA LEU C 746 73.07 10.53 -28.46
C LEU C 746 72.57 9.32 -29.24
N LEU C 747 71.57 8.61 -28.70
CA LEU C 747 71.14 7.35 -29.30
C LEU C 747 70.80 7.51 -30.78
N ALA C 748 69.95 8.49 -31.11
CA ALA C 748 69.46 8.63 -32.47
C ALA C 748 70.58 8.89 -33.48
N PRO C 749 71.54 9.78 -33.21
CA PRO C 749 72.67 9.92 -34.14
C PRO C 749 73.52 8.67 -34.28
N ILE C 750 73.92 8.05 -33.17
CA ILE C 750 74.62 6.77 -33.28
C ILE C 750 73.70 5.67 -33.79
N ALA C 751 72.39 5.79 -33.61
CA ALA C 751 71.48 4.87 -34.29
C ALA C 751 71.61 5.01 -35.81
N LEU C 752 71.63 6.24 -36.31
CA LEU C 752 71.83 6.45 -37.74
C LEU C 752 73.21 5.95 -38.17
N PHE C 753 74.22 6.14 -37.31
CA PHE C 753 75.57 5.67 -37.63
C PHE C 753 75.62 4.16 -37.78
N VAL C 754 75.05 3.43 -36.82
CA VAL C 754 75.07 1.97 -36.89
C VAL C 754 74.21 1.49 -38.04
N VAL C 755 73.10 2.17 -38.33
CA VAL C 755 72.29 1.84 -39.49
C VAL C 755 73.09 2.01 -40.79
N THR C 756 73.87 3.10 -40.89
CA THR C 756 74.68 3.31 -42.09
C THR C 756 75.76 2.25 -42.22
N MET C 757 76.50 1.98 -41.14
CA MET C 757 77.53 0.95 -41.20
C MET C 757 76.96 -0.44 -41.44
N LEU C 758 75.70 -0.67 -41.05
CA LEU C 758 75.01 -1.91 -41.37
C LEU C 758 74.51 -1.94 -42.80
N GLN C 759 74.31 -0.76 -43.42
CA GLN C 759 74.08 -0.69 -44.86
C GLN C 759 75.37 -0.91 -45.64
N LEU C 760 76.48 -0.31 -45.19
CA LEU C 760 77.75 -0.45 -45.89
C LEU C 760 78.37 -1.80 -45.61
N LYS C 761 79.05 -2.34 -46.63
CA LYS C 761 79.80 -3.59 -46.54
C LYS C 761 78.90 -4.79 -46.27
N PHE C 762 77.60 -4.57 -46.17
CA PHE C 762 76.66 -5.66 -45.89
C PHE C 762 75.63 -5.83 -46.99
N PHE C 763 74.95 -4.76 -47.40
CA PHE C 763 73.91 -4.87 -48.43
C PHE C 763 74.22 -4.00 -49.65
N HIS C 764 75.16 -3.05 -49.50
CA HIS C 764 75.48 -2.18 -50.63
C HIS C 764 75.97 -2.98 -51.83
N GLY C 765 76.56 -4.14 -51.59
CA GLY C 765 76.91 -5.07 -52.64
C GLY C 765 75.68 -5.77 -53.21
N PRO C 766 74.97 -6.53 -52.36
CA PRO C 766 73.75 -7.21 -52.83
C PRO C 766 72.72 -6.26 -53.44
N TRP C 767 72.55 -5.07 -52.85
CA TRP C 767 71.62 -4.11 -53.43
C TRP C 767 72.07 -3.66 -54.82
N SER C 768 73.39 -3.43 -54.98
CA SER C 768 73.91 -3.05 -56.29
C SER C 768 73.69 -4.17 -57.30
N ARG C 769 73.89 -5.42 -56.89
CA ARG C 769 73.64 -6.55 -57.79
C ARG C 769 72.16 -6.62 -58.16
N ALA C 770 71.27 -6.39 -57.19
CA ALA C 770 69.84 -6.42 -57.48
C ALA C 770 69.44 -5.31 -58.44
N THR C 771 70.02 -4.12 -58.29
CA THR C 771 69.69 -2.97 -59.13
C THR C 771 70.70 -2.76 -60.25
N SER C 772 71.60 -3.72 -60.49
CA SER C 772 72.58 -3.58 -61.56
C SER C 772 71.94 -3.44 -62.94
N PRO C 773 70.97 -4.29 -63.35
CA PRO C 773 70.39 -4.04 -64.67
C PRO C 773 69.57 -2.76 -64.73
N VAL C 808 50.69 -23.54 -49.49
CA VAL C 808 50.33 -22.15 -49.74
C VAL C 808 50.84 -21.70 -51.09
N LYS C 809 50.97 -22.65 -52.02
CA LYS C 809 51.42 -22.32 -53.37
C LYS C 809 50.42 -21.40 -54.07
N LYS C 810 49.13 -21.69 -53.92
CA LYS C 810 48.11 -20.80 -54.45
C LYS C 810 48.16 -19.45 -53.76
N LEU C 811 48.39 -19.46 -52.44
CA LEU C 811 48.54 -18.19 -51.71
C LEU C 811 49.73 -17.39 -52.23
N HIS C 812 50.86 -18.06 -52.50
CA HIS C 812 52.02 -17.37 -53.04
C HIS C 812 51.73 -16.79 -54.42
N LYS C 813 51.07 -17.58 -55.28
CA LYS C 813 50.75 -17.09 -56.62
C LYS C 813 49.81 -15.88 -56.56
N LEU C 814 48.79 -15.94 -55.72
CA LEU C 814 47.86 -14.82 -55.63
C LEU C 814 48.53 -13.61 -55.01
N ALA C 815 49.47 -13.83 -54.08
CA ALA C 815 50.23 -12.71 -53.52
C ALA C 815 51.04 -12.02 -54.61
N ASN C 816 51.73 -12.80 -55.44
CA ASN C 816 52.51 -12.20 -56.53
C ASN C 816 51.60 -11.46 -57.51
N GLN C 817 50.47 -12.06 -57.85
CA GLN C 817 49.54 -11.40 -58.78
C GLN C 817 49.00 -10.10 -58.19
N THR C 818 48.63 -10.12 -56.91
CA THR C 818 48.12 -8.90 -56.28
C THR C 818 49.18 -7.83 -56.21
N ILE C 819 50.42 -8.20 -55.91
CA ILE C 819 51.51 -7.22 -55.89
C ILE C 819 51.69 -6.61 -57.29
N GLU C 820 51.66 -7.45 -58.32
CA GLU C 820 51.83 -6.94 -59.68
C GLU C 820 50.71 -5.98 -60.06
N LEU C 821 49.46 -6.35 -59.76
CA LEU C 821 48.34 -5.48 -60.12
C LEU C 821 48.38 -4.18 -59.32
N LEU C 822 48.74 -4.25 -58.04
CA LEU C 822 48.84 -3.04 -57.23
C LEU C 822 49.92 -2.13 -57.77
N TRP C 823 51.06 -2.69 -58.18
CA TRP C 823 52.13 -1.84 -58.70
C TRP C 823 51.81 -1.29 -60.08
N ARG C 824 50.99 -1.99 -60.86
CA ARG C 824 50.51 -1.41 -62.12
C ARG C 824 49.54 -0.27 -61.86
N PHE C 825 48.60 -0.48 -60.93
CA PHE C 825 47.72 0.60 -60.51
C PHE C 825 48.52 1.81 -60.05
N PHE C 826 49.61 1.56 -59.31
CA PHE C 826 50.46 2.64 -58.86
C PHE C 826 51.17 3.32 -60.03
N GLU C 827 51.76 2.55 -60.94
CA GLU C 827 52.48 3.18 -62.05
C GLU C 827 51.53 3.97 -62.95
N VAL C 828 50.23 3.67 -62.91
CA VAL C 828 49.31 4.43 -63.75
C VAL C 828 48.67 5.62 -63.03
N HIS C 829 48.51 5.58 -61.71
CA HIS C 829 47.81 6.66 -61.01
C HIS C 829 48.61 7.29 -59.87
N ILE C 830 49.92 7.05 -59.79
CA ILE C 830 50.70 7.60 -58.70
C ILE C 830 50.94 9.10 -58.89
N SER C 831 51.03 9.56 -60.15
CA SER C 831 51.10 11.00 -60.38
C SER C 831 49.85 11.69 -59.86
N LYS C 832 48.68 11.11 -60.14
CA LYS C 832 47.43 11.66 -59.63
C LYS C 832 47.42 11.64 -58.11
N ILE C 833 47.88 10.54 -57.50
CA ILE C 833 47.86 10.43 -56.04
C ILE C 833 48.76 11.48 -55.40
N VAL C 834 49.97 11.66 -55.95
CA VAL C 834 50.89 12.63 -55.37
C VAL C 834 50.40 14.05 -55.57
N PHE C 835 49.80 14.33 -56.74
CA PHE C 835 49.19 15.64 -56.95
C PHE C 835 48.07 15.88 -55.95
N VAL C 836 47.26 14.85 -55.69
CA VAL C 836 46.16 14.97 -54.75
C VAL C 836 46.67 15.30 -53.35
N ILE C 837 47.67 14.56 -52.86
CA ILE C 837 48.13 14.79 -51.49
C ILE C 837 48.81 16.16 -51.38
N ILE C 838 49.61 16.54 -52.38
CA ILE C 838 50.27 17.83 -52.35
C ILE C 838 49.23 18.95 -52.32
N ALA C 839 48.18 18.82 -53.14
CA ALA C 839 47.19 19.90 -53.20
C ALA C 839 46.33 19.94 -51.95
N ILE C 840 46.04 18.79 -51.33
CA ILE C 840 45.33 18.79 -50.06
C ILE C 840 46.14 19.53 -49.01
N PHE C 841 47.44 19.23 -48.91
CA PHE C 841 48.27 19.98 -47.98
C PHE C 841 48.28 21.47 -48.30
N ILE C 842 48.47 21.83 -49.57
CA ILE C 842 48.67 23.24 -49.86
C ILE C 842 47.35 24.00 -49.80
N ALA C 843 46.22 23.29 -49.86
CA ALA C 843 44.95 23.90 -49.53
C ALA C 843 44.78 24.06 -48.03
N ASN C 844 45.37 23.15 -47.24
CA ASN C 844 45.37 23.32 -45.80
C ASN C 844 46.29 24.45 -45.36
N ASN C 845 47.11 24.96 -46.28
CA ASN C 845 48.05 26.05 -46.00
C ASN C 845 47.98 27.05 -47.15
N ILE C 846 47.16 28.08 -47.01
CA ILE C 846 46.90 29.05 -48.07
C ILE C 846 47.86 30.23 -47.99
N ASN C 847 48.98 30.08 -47.28
CA ASN C 847 49.95 31.15 -47.09
C ASN C 847 50.59 31.56 -48.42
N ALA C 848 51.43 32.60 -48.35
CA ALA C 848 52.08 33.15 -49.54
C ALA C 848 53.33 32.39 -49.95
N LEU C 849 53.84 31.52 -49.09
CA LEU C 849 55.14 30.92 -49.34
C LEU C 849 55.07 29.80 -50.38
N TYR C 850 53.87 29.28 -50.65
CA TYR C 850 53.69 28.19 -51.60
C TYR C 850 53.07 28.62 -52.92
N ILE C 851 53.00 29.93 -53.19
CA ILE C 851 52.50 30.39 -54.50
C ILE C 851 53.36 29.87 -55.66
N PRO C 852 54.69 29.90 -55.60
CA PRO C 852 55.45 29.22 -56.67
C PRO C 852 55.10 27.75 -56.77
N LEU C 853 54.77 27.10 -55.64
CA LEU C 853 54.45 25.68 -55.69
C LEU C 853 53.10 25.43 -56.36
N VAL C 854 52.09 26.29 -56.13
CA VAL C 854 50.84 26.11 -56.87
C VAL C 854 51.06 26.36 -58.36
N ILE C 855 51.85 27.40 -58.69
CA ILE C 855 52.11 27.67 -60.11
C ILE C 855 52.81 26.49 -60.77
N LEU C 856 53.81 25.93 -60.09
CA LEU C 856 54.61 24.86 -60.69
C LEU C 856 53.84 23.55 -60.72
N LEU C 857 52.99 23.30 -59.71
CA LEU C 857 52.14 22.11 -59.72
C LEU C 857 51.11 22.20 -60.83
N SER C 858 50.54 23.39 -61.04
CA SER C 858 49.63 23.59 -62.16
C SER C 858 50.34 23.36 -63.49
N LEU C 859 51.59 23.84 -63.61
CA LEU C 859 52.36 23.59 -64.82
C LEU C 859 52.60 22.09 -65.01
N ALA C 860 52.90 21.38 -63.92
CA ALA C 860 53.13 19.94 -64.02
C ALA C 860 51.88 19.20 -64.46
N ILE C 861 50.74 19.53 -63.87
CA ILE C 861 49.50 18.83 -64.20
C ILE C 861 49.01 19.21 -65.60
N CYS C 862 49.32 20.43 -66.06
CA CYS C 862 48.85 20.85 -67.38
C CYS C 862 49.42 19.98 -68.48
N LEU C 863 50.71 19.68 -68.40
CA LEU C 863 51.37 18.81 -69.38
C LEU C 863 52.19 17.75 -68.63
N PRO C 864 51.54 16.75 -68.07
CA PRO C 864 52.25 15.68 -67.36
C PRO C 864 52.74 14.63 -68.35
N SER C 865 53.42 13.62 -67.80
CA SER C 865 53.94 12.50 -68.58
C SER C 865 54.95 12.96 -69.62
N ALA C 866 54.51 13.78 -70.56
CA ALA C 866 55.40 14.31 -71.59
C ALA C 866 56.46 15.21 -70.97
N ALA C 867 57.55 15.38 -71.70
CA ALA C 867 58.72 16.14 -71.23
C ALA C 867 59.27 15.57 -69.94
N ASP C 868 59.18 14.24 -69.78
CA ASP C 868 59.66 13.51 -68.60
C ASP C 868 58.94 14.07 -67.36
N GLY C 869 59.56 13.92 -66.19
CA GLY C 869 59.00 14.43 -64.97
C GLY C 869 59.81 15.57 -64.40
N ILE C 870 60.26 16.48 -65.27
CA ILE C 870 61.10 17.59 -64.82
C ILE C 870 60.36 18.49 -63.84
N PHE C 871 59.09 18.81 -64.16
CA PHE C 871 58.32 19.67 -63.27
C PHE C 871 58.21 19.07 -61.89
N SER C 872 58.13 17.74 -61.81
CA SER C 872 58.19 17.07 -60.51
C SER C 872 59.52 17.34 -59.81
N LEU C 873 60.61 17.35 -60.57
CA LEU C 873 61.92 17.67 -60.00
C LEU C 873 61.93 19.08 -59.42
N PHE C 874 61.44 20.05 -60.17
CA PHE C 874 61.44 21.43 -59.66
C PHE C 874 60.52 21.58 -58.45
N MET C 875 59.37 20.91 -58.45
CA MET C 875 58.48 21.07 -57.29
C MET C 875 59.02 20.36 -56.06
N CYS C 876 59.70 19.21 -56.24
CA CYS C 876 60.37 18.58 -55.12
C CYS C 876 61.50 19.46 -54.59
N ALA C 877 62.24 20.11 -55.49
CA ALA C 877 63.29 21.03 -55.07
C ALA C 877 62.71 22.21 -54.30
N TYR C 878 61.57 22.74 -54.76
CA TYR C 878 60.94 23.84 -54.04
C TYR C 878 60.40 23.39 -52.69
N LEU C 879 59.90 22.16 -52.59
CA LEU C 879 59.49 21.64 -51.28
C LEU C 879 60.68 21.53 -50.34
N PHE C 880 61.82 21.06 -50.86
CA PHE C 880 63.03 21.02 -50.04
C PHE C 880 63.44 22.42 -49.60
N LEU C 881 63.38 23.39 -50.52
CA LEU C 881 63.77 24.76 -50.19
C LEU C 881 62.85 25.37 -49.15
N VAL C 882 61.53 25.15 -49.27
CA VAL C 882 60.61 25.73 -48.31
C VAL C 882 60.76 25.08 -46.95
N ALA C 883 60.98 23.77 -46.91
CA ALA C 883 61.22 23.11 -45.64
C ALA C 883 62.50 23.60 -44.99
N LEU C 884 63.55 23.80 -45.79
CA LEU C 884 64.79 24.36 -45.25
C LEU C 884 64.59 25.75 -44.71
N SER C 885 63.83 26.59 -45.43
CA SER C 885 63.57 27.95 -44.96
C SER C 885 62.80 27.94 -43.64
N LYS C 886 61.81 27.05 -43.52
CA LYS C 886 61.08 26.93 -42.26
C LYS C 886 62.02 26.46 -41.15
N MET C 887 62.96 25.57 -41.48
CA MET C 887 63.94 25.14 -40.49
C MET C 887 64.80 26.29 -40.01
N ILE C 888 65.25 27.14 -40.94
CA ILE C 888 66.06 28.31 -40.55
C ILE C 888 65.24 29.26 -39.69
N TYR C 889 63.99 29.52 -40.08
CA TYR C 889 63.16 30.44 -39.30
C TYR C 889 62.89 29.89 -37.90
N GLN C 890 62.63 28.60 -37.77
CA GLN C 890 62.46 28.01 -36.45
C GLN C 890 63.76 28.06 -35.65
N LEU C 891 64.89 28.05 -36.34
CA LEU C 891 66.18 28.21 -35.69
C LEU C 891 66.33 29.65 -35.18
N ASP C 892 67.12 29.81 -34.11
CA ASP C 892 67.05 31.02 -33.29
C ASP C 892 67.84 32.21 -33.84
N ILE C 893 68.70 32.01 -34.85
CA ILE C 893 69.52 33.11 -35.33
C ILE C 893 68.67 34.18 -36.01
N VAL C 894 67.56 33.79 -36.64
CA VAL C 894 66.76 34.77 -37.39
C VAL C 894 66.24 35.84 -36.43
N PRO C 895 66.22 37.12 -36.82
CA PRO C 895 65.78 38.17 -35.90
C PRO C 895 64.33 38.04 -35.47
N GLU C 896 63.43 37.96 -36.45
CA GLU C 896 62.00 37.86 -36.16
C GLU C 896 61.50 36.43 -36.38
N HIS C 911 43.82 45.20 -41.22
CA HIS C 911 45.13 44.83 -41.73
C HIS C 911 46.11 44.57 -40.58
N GLY C 912 45.65 44.79 -39.36
CA GLY C 912 46.48 44.57 -38.19
C GLY C 912 46.27 43.21 -37.55
N ASN C 913 45.27 42.48 -38.02
CA ASN C 913 44.99 41.15 -37.48
C ASN C 913 46.04 40.11 -37.90
N ILE C 914 46.69 40.31 -39.05
CA ILE C 914 47.69 39.36 -39.55
C ILE C 914 48.98 40.12 -39.78
N SER C 915 50.08 39.56 -39.32
CA SER C 915 51.41 40.14 -39.50
C SER C 915 52.15 39.42 -40.62
N MET C 916 53.42 39.81 -40.81
CA MET C 916 54.21 39.31 -41.93
C MET C 916 54.38 37.80 -41.92
N PRO C 917 54.88 37.17 -40.83
CA PRO C 917 55.27 35.75 -40.94
C PRO C 917 54.12 34.79 -41.17
N GLU C 918 53.02 34.93 -40.45
CA GLU C 918 51.93 33.97 -40.59
C GLU C 918 51.21 34.13 -41.92
N TRP C 919 51.15 35.37 -42.45
CA TRP C 919 50.66 35.55 -43.80
C TRP C 919 51.60 34.92 -44.81
N PHE C 920 52.91 35.04 -44.56
CA PHE C 920 53.92 34.44 -45.41
C PHE C 920 54.17 32.98 -45.05
N GLY C 921 53.52 32.48 -44.00
CA GLY C 921 53.64 31.10 -43.57
C GLY C 921 54.96 30.73 -42.94
N LEU C 922 56.00 31.54 -43.12
CA LEU C 922 57.31 31.26 -42.53
C LEU C 922 57.37 31.87 -41.13
N LYS C 923 56.58 31.28 -40.24
CA LYS C 923 56.37 31.83 -38.90
C LYS C 923 57.25 31.13 -37.88
N LYS C 924 57.40 31.77 -36.72
CA LYS C 924 58.19 31.26 -35.62
C LYS C 924 57.28 30.46 -34.71
N GLU C 925 57.44 29.14 -34.70
CA GLU C 925 56.61 28.28 -33.87
C GLU C 925 57.04 28.40 -32.41
N VAL C 926 56.19 27.86 -31.53
CA VAL C 926 56.50 27.86 -30.11
C VAL C 926 57.72 26.99 -29.85
N GLU C 927 58.64 27.51 -29.03
CA GLU C 927 59.86 26.76 -28.73
C GLU C 927 59.51 25.48 -27.98
N GLY C 928 60.24 24.41 -28.30
CA GLY C 928 59.99 23.10 -27.76
C GLY C 928 59.09 22.24 -28.61
N THR C 929 58.32 22.84 -29.52
CA THR C 929 57.50 22.06 -30.44
C THR C 929 58.40 21.35 -31.45
N GLU C 930 58.07 20.11 -31.76
CA GLU C 930 58.91 19.31 -32.63
C GLU C 930 58.78 19.81 -34.07
N PRO C 931 59.89 19.99 -34.79
CA PRO C 931 59.80 20.52 -36.16
C PRO C 931 58.99 19.64 -37.11
N ILE C 932 58.79 18.36 -36.77
CA ILE C 932 58.01 17.49 -37.64
C ILE C 932 56.55 17.89 -37.65
N TYR C 933 56.06 18.50 -36.56
CA TYR C 933 54.63 18.73 -36.42
C TYR C 933 54.12 19.74 -37.44
N MET C 934 54.79 20.90 -37.55
CA MET C 934 54.33 21.90 -38.51
C MET C 934 54.96 21.74 -39.89
N LEU C 935 55.80 20.72 -40.09
CA LEU C 935 56.23 20.31 -41.42
C LEU C 935 55.87 18.87 -41.73
N PHE C 936 54.81 18.34 -41.11
CA PHE C 936 54.40 16.97 -41.39
C PHE C 936 53.98 16.81 -42.85
N GLY C 937 53.15 17.72 -43.36
CA GLY C 937 52.68 17.59 -44.72
C GLY C 937 53.80 17.74 -45.75
N VAL C 938 54.78 18.60 -45.45
CA VAL C 938 55.90 18.78 -46.37
C VAL C 938 56.69 17.49 -46.53
N ILE C 939 57.01 16.83 -45.42
CA ILE C 939 57.75 15.58 -45.52
C ILE C 939 56.88 14.47 -46.09
N VAL C 940 55.57 14.50 -45.84
CA VAL C 940 54.67 13.52 -46.46
C VAL C 940 54.68 13.69 -47.97
N SER C 941 54.63 14.94 -48.45
CA SER C 941 54.69 15.18 -49.89
C SER C 941 56.03 14.76 -50.46
N ILE C 942 57.12 15.00 -49.73
CA ILE C 942 58.45 14.59 -50.19
C ILE C 942 58.51 13.07 -50.32
N ILE C 943 58.00 12.36 -49.32
CA ILE C 943 57.98 10.90 -49.36
C ILE C 943 57.08 10.41 -50.49
N ALA C 944 55.97 11.10 -50.73
CA ALA C 944 55.09 10.71 -51.82
C ALA C 944 55.77 10.88 -53.18
N LEU C 945 56.52 11.96 -53.35
CA LEU C 945 57.26 12.17 -54.59
C LEU C 945 58.34 11.09 -54.76
N ALA C 946 59.05 10.78 -53.69
CA ALA C 946 60.05 9.72 -53.75
C ALA C 946 59.42 8.38 -54.08
N PHE C 947 58.24 8.10 -53.50
CA PHE C 947 57.54 6.86 -53.76
C PHE C 947 57.09 6.79 -55.22
N GLN C 948 56.61 7.92 -55.75
CA GLN C 948 56.28 8.02 -57.17
C GLN C 948 57.49 7.68 -58.03
N SER C 949 58.64 8.28 -57.72
CA SER C 949 59.85 8.05 -58.51
C SER C 949 60.30 6.60 -58.45
N ILE C 950 60.26 6.01 -57.25
CA ILE C 950 60.73 4.63 -57.13
C ILE C 950 59.76 3.67 -57.79
N VAL C 951 58.46 3.98 -57.79
CA VAL C 951 57.52 3.17 -58.55
C VAL C 951 57.84 3.22 -60.03
N ILE C 952 58.11 4.43 -60.55
CA ILE C 952 58.50 4.55 -61.96
C ILE C 952 59.72 3.69 -62.25
N TYR C 953 60.75 3.82 -61.41
CA TYR C 953 62.02 3.15 -61.67
C TYR C 953 61.87 1.63 -61.56
N ARG C 954 61.16 1.15 -60.54
CA ARG C 954 61.00 -0.29 -60.36
C ARG C 954 60.13 -0.89 -61.46
N GLN C 955 59.08 -0.18 -61.88
CA GLN C 955 58.26 -0.68 -62.97
C GLN C 955 59.05 -0.72 -64.28
N ARG C 956 59.89 0.29 -64.53
CA ARG C 956 60.75 0.25 -65.70
C ARG C 956 61.72 -0.92 -65.63
N HIS C 957 62.29 -1.16 -64.45
CA HIS C 957 63.20 -2.29 -64.28
C HIS C 957 62.50 -3.62 -64.54
N TYR C 958 61.30 -3.79 -64.01
CA TYR C 958 60.57 -5.04 -64.20
C TYR C 958 60.18 -5.24 -65.65
N ARG C 959 59.73 -4.17 -66.32
CA ARG C 959 59.36 -4.29 -67.73
C ARG C 959 60.57 -4.55 -68.60
N ALA C 960 61.74 -4.01 -68.25
CA ALA C 960 62.95 -4.32 -68.98
C ALA C 960 63.38 -5.76 -68.75
N SER C 961 63.24 -6.25 -67.52
CA SER C 961 63.60 -7.64 -67.24
C SER C 961 62.67 -8.61 -67.97
N LEU C 962 61.38 -8.30 -68.05
CA LEU C 962 60.44 -9.09 -68.82
C LEU C 962 60.38 -8.68 -70.29
N GLY C 963 61.17 -7.69 -70.70
CA GLY C 963 61.16 -7.22 -72.08
C GLY C 963 59.88 -6.55 -72.50
N LEU C 964 59.27 -5.77 -71.61
CA LEU C 964 58.04 -5.05 -71.91
C LEU C 964 58.36 -3.59 -72.22
N PRO C 965 57.98 -3.08 -73.38
CA PRO C 965 58.30 -1.68 -73.70
C PRO C 965 57.43 -0.69 -72.95
N GLU C 966 57.62 0.60 -73.22
CA GLU C 966 56.86 1.63 -72.52
C GLU C 966 55.40 1.68 -72.95
N SER C 967 55.05 1.02 -74.06
CA SER C 967 53.65 1.03 -74.51
C SER C 967 52.74 0.28 -73.54
N MET C 968 53.28 -0.67 -72.79
CA MET C 968 52.47 -1.44 -71.84
C MET C 968 52.10 -0.62 -70.62
N ARG C 969 52.76 0.52 -70.38
CA ARG C 969 52.46 1.32 -69.21
C ARG C 969 51.08 1.99 -69.30
N ALA C 970 50.54 2.14 -70.50
CA ALA C 970 49.23 2.79 -70.65
C ALA C 970 48.13 1.97 -70.00
N LYS C 971 48.17 0.66 -70.16
CA LYS C 971 47.13 -0.23 -69.67
C LYS C 971 47.45 -0.70 -68.25
N VAL C 972 46.39 -1.08 -67.54
CA VAL C 972 46.51 -1.68 -66.22
C VAL C 972 46.47 -3.19 -66.29
N PHE C 973 45.56 -3.74 -67.08
CA PHE C 973 45.49 -5.17 -67.34
C PHE C 973 45.83 -5.43 -68.80
N PRO C 974 47.11 -5.55 -69.14
CA PRO C 974 47.48 -5.74 -70.56
C PRO C 974 46.90 -7.01 -71.17
N ASP C 975 46.74 -8.07 -70.38
CA ASP C 975 46.19 -9.32 -70.90
C ASP C 975 44.70 -9.23 -71.19
N PHE C 976 44.03 -8.18 -70.73
CA PHE C 976 42.59 -8.02 -70.89
C PHE C 976 42.29 -6.82 -71.76
N HIS C 977 41.41 -7.00 -72.74
CA HIS C 977 40.98 -5.93 -73.63
C HIS C 977 39.55 -5.52 -73.29
N HIS C 978 39.25 -4.24 -73.49
CA HIS C 978 37.98 -3.69 -73.03
C HIS C 978 36.77 -4.32 -73.74
N SER C 979 36.98 -5.01 -74.86
CA SER C 979 35.87 -5.68 -75.53
C SER C 979 35.53 -7.02 -74.89
N HIS C 980 36.32 -7.48 -73.92
CA HIS C 980 36.07 -8.74 -73.24
C HIS C 980 35.49 -8.54 -71.83
N PHE C 981 34.89 -7.39 -71.57
CA PHE C 981 34.42 -7.09 -70.22
C PHE C 981 33.14 -7.85 -69.89
N ASP C 982 32.39 -8.28 -70.91
CA ASP C 982 31.05 -8.81 -70.69
C ASP C 982 31.04 -10.29 -70.35
N ARG C 983 32.20 -10.96 -70.31
CA ARG C 983 32.22 -12.38 -70.01
C ARG C 983 31.93 -12.64 -68.54
N SER C 984 32.45 -11.80 -67.64
CA SER C 984 32.26 -11.99 -66.22
C SER C 984 32.36 -10.65 -65.51
N LEU C 985 31.90 -10.63 -64.26
CA LEU C 985 31.92 -9.39 -63.48
C LEU C 985 33.33 -8.95 -63.15
N LYS C 986 34.26 -9.89 -62.98
CA LYS C 986 35.65 -9.51 -62.74
C LYS C 986 36.24 -8.81 -63.95
N ASN C 987 35.89 -9.27 -65.16
CA ASN C 987 36.32 -8.56 -66.37
C ASN C 987 35.67 -7.18 -66.44
N ALA C 988 34.44 -7.04 -65.96
CA ALA C 988 33.81 -5.72 -65.91
C ALA C 988 34.56 -4.79 -64.97
N ILE C 989 34.98 -5.31 -63.80
CA ILE C 989 35.73 -4.50 -62.86
C ILE C 989 37.08 -4.10 -63.44
N GLN C 990 37.75 -5.03 -64.13
CA GLN C 990 39.01 -4.70 -64.78
C GLN C 990 38.80 -3.65 -65.86
N PHE C 991 37.73 -3.77 -66.64
CA PHE C 991 37.42 -2.77 -67.66
C PHE C 991 37.18 -1.41 -67.03
N LEU C 992 36.47 -1.37 -65.91
CA LEU C 992 36.30 -0.12 -65.19
C LEU C 992 37.66 0.45 -64.84
N ILE C 993 38.42 -0.25 -64.01
CA ILE C 993 39.71 0.23 -63.53
C ILE C 993 40.64 0.64 -64.67
N ASP C 994 40.52 0.02 -65.84
CA ASP C 994 41.43 0.30 -66.95
C ASP C 994 40.95 1.48 -67.81
N TYR C 995 39.76 1.37 -68.41
CA TYR C 995 39.31 2.33 -69.41
C TYR C 995 37.96 2.97 -69.08
N GLY C 996 37.54 2.98 -67.81
CA GLY C 996 36.28 3.62 -67.49
C GLY C 996 36.31 5.10 -67.76
N PHE C 997 37.40 5.77 -67.39
CA PHE C 997 37.54 7.16 -67.75
C PHE C 997 37.74 7.33 -69.25
N TYR C 998 38.51 6.44 -69.88
CA TYR C 998 38.72 6.56 -71.32
C TYR C 998 37.39 6.52 -72.07
N LYS C 999 36.39 5.85 -71.51
CA LYS C 999 35.08 5.79 -72.13
C LYS C 999 34.12 6.88 -71.66
N PHE C 1000 34.19 7.32 -70.40
CA PHE C 1000 33.22 8.25 -69.84
C PHE C 1000 33.88 9.50 -69.30
N GLY C 1001 34.95 9.97 -69.94
CA GLY C 1001 35.65 11.14 -69.46
C GLY C 1001 34.78 12.38 -69.44
N LEU C 1002 33.98 12.59 -70.48
CA LEU C 1002 33.10 13.75 -70.50
C LEU C 1002 32.12 13.71 -69.34
N GLU C 1003 31.49 12.55 -69.11
CA GLU C 1003 30.54 12.45 -68.01
C GLU C 1003 31.22 12.71 -66.68
N ILE C 1004 32.40 12.13 -66.46
CA ILE C 1004 33.06 12.27 -65.16
C ILE C 1004 33.52 13.71 -64.95
N THR C 1005 33.98 14.38 -66.01
CA THR C 1005 34.41 15.75 -65.83
C THR C 1005 33.23 16.69 -65.60
N MET C 1006 32.06 16.41 -66.20
CA MET C 1006 30.87 17.19 -65.82
C MET C 1006 30.45 16.89 -64.40
N ILE C 1007 30.68 15.66 -63.92
CA ILE C 1007 30.45 15.37 -62.51
C ILE C 1007 31.34 16.25 -61.64
N ALA C 1008 32.61 16.36 -62.00
CA ALA C 1008 33.53 17.22 -61.25
C ALA C 1008 33.07 18.67 -61.29
N ILE C 1009 32.62 19.14 -62.45
CA ILE C 1009 32.12 20.51 -62.58
C ILE C 1009 30.93 20.73 -61.65
N GLY C 1010 30.00 19.77 -61.64
CA GLY C 1010 28.82 19.92 -60.80
C GLY C 1010 29.14 19.90 -59.32
N ILE C 1011 30.04 19.01 -58.91
CA ILE C 1011 30.44 18.97 -57.50
C ILE C 1011 31.14 20.26 -57.11
N ASP C 1012 32.01 20.78 -57.97
CA ASP C 1012 32.69 22.04 -57.69
C ASP C 1012 31.69 23.19 -57.56
N ILE C 1013 30.70 23.23 -58.46
CA ILE C 1013 29.68 24.28 -58.40
C ILE C 1013 28.88 24.17 -57.11
N PHE C 1014 28.48 22.95 -56.74
CA PHE C 1014 27.82 22.73 -55.46
C PHE C 1014 28.69 23.13 -54.28
N ASN C 1015 30.01 23.08 -54.44
CA ASN C 1015 30.91 23.46 -53.36
C ASN C 1015 31.22 24.95 -53.33
N ARG C 1016 30.94 25.69 -54.40
CA ARG C 1016 31.34 27.09 -54.47
C ARG C 1016 30.17 28.07 -54.39
N MET C 1017 29.22 27.98 -55.32
CA MET C 1017 28.16 29.00 -55.48
C MET C 1017 28.74 30.41 -55.51
N ASP C 1018 29.56 30.68 -56.53
CA ASP C 1018 30.15 32.02 -56.65
C ASP C 1018 30.46 32.39 -58.10
N ALA C 1019 31.20 33.48 -58.29
CA ALA C 1019 31.48 33.97 -59.64
C ALA C 1019 32.33 32.99 -60.43
N LEU C 1020 33.34 32.41 -59.79
CA LEU C 1020 34.11 31.35 -60.45
C LEU C 1020 33.22 30.15 -60.75
N ALA C 1021 32.30 29.83 -59.83
CA ALA C 1021 31.29 28.82 -60.14
C ALA C 1021 30.43 29.25 -61.31
N ALA C 1022 30.19 30.56 -61.48
CA ALA C 1022 29.38 31.04 -62.60
C ALA C 1022 30.10 30.84 -63.93
N ILE C 1023 31.40 31.17 -63.98
CA ILE C 1023 32.13 30.99 -65.23
C ILE C 1023 32.34 29.50 -65.52
N GLN C 1024 32.56 28.70 -64.48
CA GLN C 1024 32.62 27.26 -64.67
C GLN C 1024 31.27 26.71 -65.15
N CYS C 1025 30.18 27.31 -64.69
CA CYS C 1025 28.85 26.98 -65.19
C CYS C 1025 28.70 27.34 -66.65
N PHE C 1026 29.22 28.49 -67.07
CA PHE C 1026 29.19 28.84 -68.48
C PHE C 1026 29.97 27.83 -69.32
N TRP C 1027 31.14 27.41 -68.82
CA TRP C 1027 31.90 26.36 -69.49
C TRP C 1027 31.10 25.06 -69.58
N LEU C 1028 30.41 24.71 -68.50
CA LEU C 1028 29.59 23.50 -68.49
C LEU C 1028 28.46 23.59 -69.51
N VAL C 1029 27.82 24.76 -69.58
CA VAL C 1029 26.71 24.95 -70.53
C VAL C 1029 27.22 24.84 -71.96
N LEU C 1030 28.38 25.45 -72.26
CA LEU C 1030 28.91 25.35 -73.60
C LEU C 1030 29.37 23.93 -73.91
N PHE C 1031 29.76 23.17 -72.88
CA PHE C 1031 30.15 21.78 -73.08
C PHE C 1031 28.95 20.90 -73.41
N ALA C 1032 27.88 21.01 -72.62
CA ALA C 1032 26.82 20.00 -72.67
C ALA C 1032 26.03 20.06 -73.97
N LEU C 1033 25.61 21.26 -74.38
CA LEU C 1033 24.70 21.41 -75.50
C LEU C 1033 25.42 21.39 -76.85
N ASN C 1034 26.65 20.88 -76.90
CA ASN C 1034 27.42 20.79 -78.12
C ASN C 1034 27.90 19.35 -78.31
N LYS C 1035 28.08 18.97 -79.57
CA LYS C 1035 28.53 17.62 -79.88
C LYS C 1035 29.99 17.44 -79.48
N ARG C 1036 30.45 16.20 -79.57
CA ARG C 1036 31.80 15.86 -79.10
C ARG C 1036 32.89 16.50 -79.96
N VAL C 1037 32.60 16.82 -81.22
CA VAL C 1037 33.61 17.46 -82.08
C VAL C 1037 33.98 18.84 -81.53
N PHE C 1038 32.96 19.62 -81.15
CA PHE C 1038 33.21 20.94 -80.60
C PHE C 1038 33.99 20.85 -79.28
N VAL C 1039 33.63 19.88 -78.44
CA VAL C 1039 34.34 19.69 -77.18
C VAL C 1039 35.79 19.32 -77.44
N ARG C 1040 36.03 18.45 -78.42
CA ARG C 1040 37.40 18.11 -78.79
C ARG C 1040 38.17 19.34 -79.27
N ARG C 1041 37.50 20.22 -80.01
CA ARG C 1041 38.15 21.43 -80.49
C ARG C 1041 38.47 22.42 -79.37
N ILE C 1042 37.62 22.50 -78.34
CA ILE C 1042 37.75 23.55 -77.32
C ILE C 1042 38.35 23.04 -76.02
N TRP C 1043 38.64 21.74 -75.90
CA TRP C 1043 39.11 21.24 -74.62
C TRP C 1043 40.52 21.73 -74.29
N VAL C 1044 41.36 21.95 -75.29
CA VAL C 1044 42.67 22.53 -75.03
C VAL C 1044 42.52 23.94 -74.46
N PHE C 1045 41.62 24.73 -75.04
CA PHE C 1045 41.35 26.07 -74.52
C PHE C 1045 40.85 25.99 -73.08
N TYR C 1046 39.92 25.06 -72.81
CA TYR C 1046 39.37 24.96 -71.47
C TYR C 1046 40.42 24.56 -70.45
N VAL C 1047 41.26 23.58 -70.79
CA VAL C 1047 42.27 23.13 -69.82
C VAL C 1047 43.32 24.21 -69.60
N ILE C 1048 43.68 24.95 -70.66
CA ILE C 1048 44.60 26.07 -70.47
C ILE C 1048 43.97 27.11 -69.56
N TYR C 1049 42.69 27.41 -69.75
CA TYR C 1049 42.00 28.39 -68.92
C TYR C 1049 41.99 27.95 -67.46
N MET C 1050 41.70 26.67 -67.21
CA MET C 1050 41.63 26.18 -65.84
C MET C 1050 43.02 26.18 -65.19
N ALA C 1051 44.03 25.73 -65.92
CA ALA C 1051 45.40 25.70 -65.38
C ALA C 1051 46.00 27.09 -65.25
N ILE C 1052 45.39 28.10 -65.88
CA ILE C 1052 45.80 29.47 -65.60
C ILE C 1052 45.04 30.04 -64.41
N LEU C 1053 43.75 29.70 -64.30
CA LEU C 1053 42.93 30.25 -63.22
C LEU C 1053 43.34 29.71 -61.87
N TYR C 1054 43.74 28.43 -61.80
CA TYR C 1054 44.07 27.84 -60.50
C TYR C 1054 45.20 28.56 -59.80
N PRO C 1055 46.37 28.81 -60.42
CA PRO C 1055 47.36 29.67 -59.75
C PRO C 1055 46.85 31.08 -59.50
N LEU C 1056 46.05 31.61 -60.44
CA LEU C 1056 45.46 32.93 -60.24
C LEU C 1056 44.52 32.93 -59.04
N GLN C 1057 43.73 31.88 -58.89
CA GLN C 1057 42.84 31.78 -57.74
C GLN C 1057 43.63 31.68 -56.45
N PHE C 1058 44.72 30.90 -56.44
CA PHE C 1058 45.53 30.80 -55.24
C PHE C 1058 46.17 32.14 -54.88
N PHE C 1059 46.65 32.87 -55.89
CA PHE C 1059 47.19 34.20 -55.65
C PHE C 1059 46.13 35.14 -55.11
N SER C 1060 44.92 35.06 -55.65
CA SER C 1060 43.82 35.89 -55.14
C SER C 1060 43.49 35.54 -53.69
N TYR C 1061 43.50 34.26 -53.35
CA TYR C 1061 43.27 33.87 -51.96
C TYR C 1061 44.36 34.39 -51.04
N VAL C 1062 45.62 34.32 -51.49
CA VAL C 1062 46.72 34.84 -50.67
C VAL C 1062 46.60 36.35 -50.50
N GLY C 1063 46.44 37.07 -51.62
CA GLY C 1063 46.34 38.51 -51.56
C GLY C 1063 47.65 39.19 -51.20
N LEU C 1064 47.55 40.52 -51.03
CA LEU C 1064 48.69 41.36 -50.66
C LEU C 1064 49.01 41.20 -49.18
N PRO C 1065 50.28 41.33 -48.80
CA PRO C 1065 50.66 41.22 -47.40
C PRO C 1065 50.11 42.38 -46.59
N PRO C 1066 49.65 42.13 -45.36
CA PRO C 1066 49.26 43.25 -44.48
C PRO C 1066 50.40 44.18 -44.17
N ASP C 1067 51.64 43.71 -44.21
CA ASP C 1067 52.79 44.57 -43.99
C ASP C 1067 52.91 45.63 -45.08
N SER C 1068 52.46 45.31 -46.29
CA SER C 1068 52.49 46.29 -47.37
C SER C 1068 51.58 47.48 -47.09
N CYS C 1069 50.48 47.24 -46.37
CA CYS C 1069 49.54 48.30 -45.99
C CYS C 1069 48.99 49.02 -47.22
N ILE C 1070 48.67 48.25 -48.26
CA ILE C 1070 48.09 48.79 -49.49
C ILE C 1070 46.68 48.24 -49.63
N GLU C 1071 45.72 49.15 -49.77
CA GLU C 1071 44.32 48.74 -49.89
C GLU C 1071 44.05 48.13 -51.26
N TYR C 1072 42.93 47.42 -51.36
CA TYR C 1072 42.51 46.77 -52.58
C TYR C 1072 41.48 47.61 -53.32
N PRO C 1073 41.46 47.54 -54.66
CA PRO C 1073 40.47 48.32 -55.42
C PRO C 1073 39.03 47.99 -55.06
N TRP C 1074 38.73 46.71 -54.79
CA TRP C 1074 37.37 46.30 -54.48
C TRP C 1074 36.93 46.67 -53.07
N SER C 1075 37.70 47.50 -52.37
CA SER C 1075 37.22 48.06 -51.11
C SER C 1075 36.40 49.33 -51.34
N TYR C 1076 36.28 49.77 -52.59
CA TYR C 1076 35.51 50.97 -52.93
C TYR C 1076 34.68 50.79 -54.19
N TRP C 1077 34.52 49.55 -54.67
CA TRP C 1077 33.68 49.31 -55.85
C TRP C 1077 32.24 49.72 -55.60
N ILE C 1078 31.69 49.36 -54.44
CA ILE C 1078 30.31 49.72 -54.11
C ILE C 1078 30.31 50.40 -52.75
N PRO C 1079 30.66 51.69 -52.68
CA PRO C 1079 30.61 52.39 -51.39
C PRO C 1079 29.21 52.70 -50.90
N SER C 1080 28.19 52.55 -51.75
CA SER C 1080 26.82 52.87 -51.37
C SER C 1080 26.22 51.87 -50.40
N TYR C 1081 26.88 50.74 -50.14
CA TYR C 1081 26.33 49.67 -49.33
C TYR C 1081 27.13 49.53 -48.03
N SER C 1082 26.75 48.53 -47.22
CA SER C 1082 27.40 48.30 -45.95
C SER C 1082 28.69 47.50 -46.14
N ASP C 1083 29.44 47.35 -45.05
CA ASP C 1083 30.70 46.61 -45.11
C ASP C 1083 30.47 45.13 -45.40
N ASP C 1084 29.38 44.58 -44.87
CA ASP C 1084 29.05 43.18 -45.12
C ASP C 1084 28.79 42.92 -46.60
N ALA C 1085 28.07 43.82 -47.26
CA ALA C 1085 27.80 43.63 -48.69
C ALA C 1085 29.07 43.68 -49.50
N ARG C 1086 29.97 44.61 -49.20
CA ARG C 1086 31.23 44.68 -49.92
C ARG C 1086 32.08 43.44 -49.68
N PHE C 1087 32.12 42.97 -48.43
CA PHE C 1087 32.89 41.76 -48.12
C PHE C 1087 32.33 40.56 -48.87
N ASN C 1088 31.01 40.40 -48.90
CA ASN C 1088 30.42 39.28 -49.61
C ASN C 1088 30.63 39.39 -51.12
N LEU C 1089 30.61 40.62 -51.65
CA LEU C 1089 30.86 40.82 -53.08
C LEU C 1089 32.28 40.42 -53.44
N SER C 1090 33.25 40.80 -52.58
CA SER C 1090 34.63 40.40 -52.83
C SER C 1090 34.81 38.90 -52.64
N TYR C 1091 34.06 38.31 -51.71
CA TYR C 1091 34.17 36.88 -51.45
C TYR C 1091 33.65 36.05 -52.62
N LEU C 1092 32.48 36.43 -53.15
CA LEU C 1092 31.90 35.68 -54.27
C LEU C 1092 32.73 35.84 -55.54
N LEU C 1093 33.32 37.01 -55.73
CA LEU C 1093 34.29 37.20 -56.81
C LEU C 1093 35.65 36.61 -56.48
N ASN C 1094 35.83 36.09 -55.26
CA ASN C 1094 37.08 35.50 -54.81
C ASN C 1094 38.23 36.50 -54.88
N LEU C 1095 37.94 37.75 -54.52
CA LEU C 1095 38.95 38.79 -54.37
C LEU C 1095 39.48 38.78 -52.94
N SER C 1096 40.75 39.13 -52.79
CA SER C 1096 41.42 38.99 -51.51
C SER C 1096 40.83 39.94 -50.46
N ILE C 1097 40.71 39.44 -49.24
CA ILE C 1097 40.30 40.22 -48.08
C ILE C 1097 41.38 40.07 -47.02
N TYR C 1098 41.75 41.18 -46.39
CA TYR C 1098 42.80 41.15 -45.38
C TYR C 1098 42.38 40.30 -44.19
N GLY C 1099 43.16 39.24 -43.94
CA GLY C 1099 42.90 38.36 -42.82
C GLY C 1099 41.60 37.59 -42.88
N VAL C 1100 41.31 36.99 -44.03
CA VAL C 1100 40.12 36.15 -44.21
C VAL C 1100 40.57 34.71 -44.33
N ASN C 1101 39.77 33.80 -43.76
CA ASN C 1101 40.06 32.37 -43.80
C ASN C 1101 39.37 31.75 -45.00
N TRP C 1102 40.11 31.66 -46.10
CA TRP C 1102 39.57 31.04 -47.31
C TRP C 1102 39.35 29.54 -47.08
N PRO C 1103 38.18 29.01 -47.41
CA PRO C 1103 37.94 27.58 -47.21
C PRO C 1103 38.78 26.74 -48.16
N SER C 1104 39.19 25.57 -47.67
CA SER C 1104 39.97 24.65 -48.48
C SER C 1104 39.12 23.88 -49.47
N ALA C 1105 37.80 23.85 -49.26
CA ALA C 1105 36.92 23.11 -50.17
C ALA C 1105 36.98 23.69 -51.58
N TYR C 1106 37.08 25.01 -51.69
CA TYR C 1106 37.22 25.65 -53.01
C TYR C 1106 38.45 25.12 -53.73
N LEU C 1107 39.59 25.11 -53.04
CA LEU C 1107 40.83 24.65 -53.66
C LEU C 1107 40.76 23.17 -54.02
N ILE C 1108 40.18 22.35 -53.13
CA ILE C 1108 40.07 20.92 -53.42
C ILE C 1108 39.20 20.68 -54.65
N GLY C 1109 38.06 21.37 -54.72
CA GLY C 1109 37.18 21.21 -55.87
C GLY C 1109 37.82 21.67 -57.16
N ASP C 1110 38.49 22.82 -57.14
CA ASP C 1110 39.15 23.30 -58.33
C ASP C 1110 40.30 22.39 -58.74
N PHE C 1111 41.02 21.83 -57.77
CA PHE C 1111 42.07 20.87 -58.09
C PHE C 1111 41.49 19.63 -58.74
N PHE C 1112 40.37 19.13 -58.23
CA PHE C 1112 39.76 17.94 -58.83
C PHE C 1112 39.28 18.23 -60.24
N VAL C 1113 38.72 19.43 -60.46
CA VAL C 1113 38.37 19.84 -61.81
C VAL C 1113 39.61 19.84 -62.71
N LEU C 1114 40.73 20.34 -62.19
CA LEU C 1114 41.97 20.36 -62.96
C LEU C 1114 42.47 18.95 -63.28
N LEU C 1115 42.41 18.05 -62.29
CA LEU C 1115 42.77 16.66 -62.51
C LEU C 1115 41.94 16.06 -63.63
N LEU C 1116 40.61 16.19 -63.54
CA LEU C 1116 39.73 15.60 -64.54
C LEU C 1116 39.97 16.24 -65.90
N ALA C 1117 40.18 17.55 -65.95
CA ALA C 1117 40.41 18.22 -67.22
C ALA C 1117 41.71 17.75 -67.87
N SER C 1118 42.78 17.62 -67.09
CA SER C 1118 44.05 17.17 -67.65
C SER C 1118 43.97 15.73 -68.13
N CYS C 1119 43.34 14.85 -67.33
CA CYS C 1119 43.24 13.45 -67.73
C CYS C 1119 42.35 13.30 -68.95
N GLN C 1120 41.27 14.09 -69.03
CA GLN C 1120 40.41 14.06 -70.21
C GLN C 1120 41.11 14.63 -71.42
N LEU C 1121 41.98 15.63 -71.25
CA LEU C 1121 42.79 16.09 -72.36
C LEU C 1121 43.71 14.99 -72.85
N ALA C 1122 44.33 14.25 -71.93
CA ALA C 1122 45.18 13.14 -72.32
C ALA C 1122 44.37 12.09 -73.08
N VAL C 1123 43.14 11.83 -72.65
CA VAL C 1123 42.26 10.91 -73.38
C VAL C 1123 41.92 11.47 -74.75
N PHE C 1124 41.73 12.79 -74.84
CA PHE C 1124 41.35 13.40 -76.12
C PHE C 1124 42.48 13.30 -77.14
N ARG C 1125 43.73 13.49 -76.69
CA ARG C 1125 44.85 13.36 -77.63
C ARG C 1125 44.98 11.93 -78.15
N ARG C 1126 44.81 10.94 -77.28
CA ARG C 1126 44.90 9.54 -77.68
C ARG C 1126 43.46 9.02 -77.77
N GLU C 1127 42.91 9.10 -78.97
CA GLU C 1127 41.50 8.79 -79.18
C GLU C 1127 41.22 8.70 -80.67
N GLY C 1128 40.31 7.79 -81.04
CA GLY C 1128 39.89 7.67 -82.42
C GLY C 1128 38.47 8.18 -82.64
N GLU C 1129 37.52 7.27 -82.77
CA GLU C 1129 36.12 7.61 -82.96
C GLU C 1129 35.22 6.77 -82.07
N ASP C 1130 35.78 6.20 -81.00
CA ASP C 1130 35.02 5.30 -80.13
C ASP C 1130 34.04 6.06 -79.22
N ASN C 1131 34.48 7.18 -78.65
CA ASN C 1131 33.71 7.81 -77.59
C ASN C 1131 32.49 8.57 -78.12
N ASP C 1132 32.60 9.18 -79.29
CA ASP C 1132 31.53 10.05 -79.77
C ASP C 1132 30.32 9.23 -80.19
N SER C 1133 29.27 9.93 -80.62
CA SER C 1133 28.01 9.30 -80.97
C SER C 1133 28.15 8.48 -82.25
N ILE C 1134 27.34 7.42 -82.34
CA ILE C 1134 27.26 6.63 -83.56
C ILE C 1134 26.29 7.22 -84.57
N TYR C 1135 25.71 8.38 -84.28
CA TYR C 1135 24.71 9.01 -85.13
C TYR C 1135 25.30 10.13 -85.99
N ASN C 1136 26.62 10.22 -86.07
CA ASN C 1136 27.25 11.24 -86.90
C ASN C 1136 26.97 11.04 -88.39
N ASP C 1137 26.52 9.84 -88.79
CA ASP C 1137 26.22 9.60 -90.19
C ASP C 1137 25.05 10.46 -90.67
N GLY C 1138 24.02 10.63 -89.84
CA GLY C 1138 22.92 11.52 -90.13
C GLY C 1138 21.55 10.92 -89.95
N ASN C 1139 21.35 9.65 -90.32
CA ASN C 1139 20.05 8.99 -90.17
C ASN C 1139 19.97 8.34 -88.79
N PHE C 1140 18.77 8.28 -88.25
CA PHE C 1140 18.54 7.81 -86.88
C PHE C 1140 17.80 6.48 -86.84
N VAL C 1141 17.67 5.79 -87.95
CA VAL C 1141 17.04 4.47 -88.00
C VAL C 1141 18.01 3.44 -87.43
N ILE C 1142 17.51 2.23 -87.19
CA ILE C 1142 18.36 1.16 -86.66
C ILE C 1142 19.50 0.90 -87.64
N LYS C 1143 20.73 0.92 -87.13
CA LYS C 1143 21.88 0.66 -87.97
C LYS C 1143 21.90 -0.82 -88.40
N PRO C 1144 22.42 -1.11 -89.59
CA PRO C 1144 22.43 -2.50 -90.08
C PRO C 1144 23.15 -3.46 -89.16
N GLU C 1145 24.42 -3.18 -88.87
CA GLU C 1145 25.27 -4.08 -88.11
C GLU C 1145 25.87 -3.33 -86.93
N ASN C 1146 25.93 -4.00 -85.78
CA ASN C 1146 26.59 -3.48 -84.59
C ASN C 1146 27.53 -4.52 -84.01
N PRO C 1147 28.67 -4.11 -83.45
CA PRO C 1147 29.66 -5.09 -83.01
C PRO C 1147 29.23 -5.94 -81.83
N GLN C 1148 28.21 -5.53 -81.09
CA GLN C 1148 27.86 -6.21 -79.85
C GLN C 1148 26.49 -6.87 -79.95
N TYR C 1149 26.36 -8.02 -79.29
CA TYR C 1149 25.21 -8.90 -79.41
C TYR C 1149 23.96 -8.30 -78.80
N ASP C 1150 22.86 -9.04 -78.86
CA ASP C 1150 21.61 -8.60 -78.24
C ASP C 1150 21.64 -9.03 -76.77
N PHE C 1151 22.09 -8.10 -75.92
CA PHE C 1151 22.30 -8.41 -74.50
C PHE C 1151 21.00 -8.63 -73.74
N ILE C 1152 19.86 -8.22 -74.27
CA ILE C 1152 18.61 -8.28 -73.52
C ILE C 1152 18.14 -9.73 -73.41
N ASP C 1153 18.11 -10.46 -74.53
CA ASP C 1153 17.64 -11.83 -74.50
C ASP C 1153 18.67 -12.77 -73.88
N THR C 1154 19.94 -12.59 -74.21
CA THR C 1154 20.98 -13.48 -73.70
C THR C 1154 21.28 -13.16 -72.24
N LYS C 1155 21.97 -14.10 -71.60
CA LYS C 1155 22.25 -14.02 -70.16
C LYS C 1155 23.70 -14.38 -69.89
N LYS C 1156 24.63 -13.71 -70.59
CA LYS C 1156 26.04 -14.06 -70.53
C LYS C 1156 26.56 -14.11 -69.09
N SER C 1157 26.32 -13.07 -68.30
CA SER C 1157 26.84 -13.01 -66.94
C SER C 1157 26.03 -12.01 -66.13
N TYR C 1158 26.45 -11.80 -64.89
CA TYR C 1158 25.83 -10.79 -64.05
C TYR C 1158 26.09 -9.39 -64.59
N VAL C 1159 27.23 -9.20 -65.27
CA VAL C 1159 27.49 -7.95 -65.95
C VAL C 1159 26.43 -7.72 -67.03
N ASP C 1160 25.97 -8.79 -67.67
CA ASP C 1160 24.86 -8.67 -68.61
C ASP C 1160 23.59 -8.23 -67.90
N TYR C 1161 23.34 -8.76 -66.70
CA TYR C 1161 22.18 -8.31 -65.92
C TYR C 1161 22.25 -6.82 -65.64
N PHE C 1162 23.41 -6.34 -65.19
CA PHE C 1162 23.57 -4.91 -64.93
C PHE C 1162 23.42 -4.09 -66.21
N LYS C 1163 23.99 -4.58 -67.32
CA LYS C 1163 23.87 -3.89 -68.60
C LYS C 1163 22.41 -3.74 -69.00
N SER C 1164 21.64 -4.83 -68.90
CA SER C 1164 20.21 -4.76 -69.23
C SER C 1164 19.49 -3.80 -68.30
N PHE C 1165 19.80 -3.84 -67.00
CA PHE C 1165 19.13 -2.98 -66.04
C PHE C 1165 19.38 -1.50 -66.35
N VAL C 1166 20.61 -1.15 -66.69
CA VAL C 1166 20.92 0.27 -66.80
C VAL C 1166 20.69 0.80 -68.23
N PHE C 1167 20.72 -0.06 -69.25
CA PHE C 1167 20.43 0.36 -70.60
C PHE C 1167 18.99 0.06 -71.03
N HIS C 1168 18.18 -0.51 -70.14
CA HIS C 1168 16.77 -0.73 -70.42
C HIS C 1168 15.84 -0.04 -69.44
N TYR C 1169 16.30 0.25 -68.22
CA TYR C 1169 15.52 0.99 -67.25
C TYR C 1169 16.27 2.19 -66.70
N GLY C 1170 17.39 2.58 -67.32
CA GLY C 1170 18.14 3.72 -66.83
C GLY C 1170 17.38 5.03 -66.96
N HIS C 1171 16.57 5.15 -68.03
CA HIS C 1171 15.77 6.36 -68.18
C HIS C 1171 14.76 6.51 -67.05
N TRP C 1172 14.27 5.39 -66.50
CA TRP C 1172 13.41 5.46 -65.34
C TRP C 1172 14.13 6.11 -64.17
N ILE C 1173 15.39 5.72 -63.93
CA ILE C 1173 16.16 6.31 -62.85
C ILE C 1173 16.44 7.78 -63.12
N THR C 1174 16.69 8.12 -64.39
CA THR C 1174 16.92 9.52 -64.75
C THR C 1174 15.70 10.38 -64.45
N LEU C 1175 14.52 9.90 -64.83
CA LEU C 1175 13.30 10.64 -64.53
C LEU C 1175 13.05 10.71 -63.04
N MET C 1176 13.36 9.63 -62.31
CA MET C 1176 13.25 9.68 -60.84
C MET C 1176 14.13 10.77 -60.27
N SER C 1177 15.37 10.87 -60.76
CA SER C 1177 16.30 11.87 -60.25
C SER C 1177 15.80 13.28 -60.55
N THR C 1178 15.32 13.52 -61.78
CA THR C 1178 14.89 14.87 -62.11
C THR C 1178 13.61 15.25 -61.38
N LEU C 1179 12.70 14.29 -61.18
CA LEU C 1179 11.49 14.57 -60.42
C LEU C 1179 11.80 14.83 -58.96
N ALA C 1180 12.74 14.07 -58.39
CA ALA C 1180 13.17 14.33 -57.01
C ALA C 1180 13.80 15.71 -56.88
N ALA C 1181 14.63 16.10 -57.85
CA ALA C 1181 15.23 17.43 -57.83
C ALA C 1181 14.16 18.51 -57.92
N GLY C 1182 13.16 18.31 -58.77
CA GLY C 1182 12.10 19.29 -58.88
C GLY C 1182 11.27 19.42 -57.62
N ILE C 1183 10.86 18.29 -57.04
CA ILE C 1183 10.00 18.32 -55.87
C ILE C 1183 10.78 18.85 -54.65
N ALA C 1184 12.09 18.60 -54.62
CA ALA C 1184 12.88 19.09 -53.50
C ALA C 1184 12.94 20.61 -53.48
N GLY C 1185 13.13 21.23 -54.65
CA GLY C 1185 13.22 22.67 -54.71
C GLY C 1185 11.86 23.36 -54.62
N THR C 1186 11.90 24.64 -54.29
CA THR C 1186 10.71 25.48 -54.19
C THR C 1186 10.95 26.74 -55.02
N SER C 1187 10.65 26.66 -56.31
CA SER C 1187 10.81 27.79 -57.24
C SER C 1187 10.08 27.44 -58.52
N LEU C 1188 9.95 28.43 -59.41
CA LEU C 1188 9.38 28.15 -60.72
C LEU C 1188 10.27 27.24 -61.55
N PHE C 1189 11.57 27.25 -61.28
CA PHE C 1189 12.47 26.29 -61.90
C PHE C 1189 12.09 24.86 -61.50
N ALA C 1190 11.74 24.67 -60.24
CA ALA C 1190 11.25 23.37 -59.80
C ALA C 1190 9.99 23.00 -60.56
N LEU C 1191 9.05 23.94 -60.70
CA LEU C 1191 7.84 23.68 -61.47
C LEU C 1191 8.18 23.26 -62.91
N GLY C 1192 9.23 23.87 -63.47
CA GLY C 1192 9.71 23.43 -64.77
C GLY C 1192 10.19 21.98 -64.74
N TYR C 1193 10.91 21.60 -63.68
CA TYR C 1193 11.28 20.19 -63.53
C TYR C 1193 10.06 19.28 -63.54
N ILE C 1194 9.05 19.59 -62.71
CA ILE C 1194 7.88 18.72 -62.66
C ILE C 1194 7.16 18.66 -64.00
N ILE C 1195 6.97 19.80 -64.66
CA ILE C 1195 6.24 19.76 -65.92
C ILE C 1195 7.01 18.98 -66.97
N PHE C 1196 8.34 19.18 -67.05
CA PHE C 1196 9.15 18.47 -68.03
C PHE C 1196 9.15 16.97 -67.77
N THR C 1197 9.29 16.57 -66.49
CA THR C 1197 9.35 15.14 -66.20
C THR C 1197 7.99 14.48 -66.36
N LEU C 1198 6.90 15.22 -66.14
CA LEU C 1198 5.59 14.65 -66.39
C LEU C 1198 5.31 14.53 -67.88
N THR C 1199 5.78 15.48 -68.69
CA THR C 1199 5.68 15.32 -70.13
C THR C 1199 6.52 14.14 -70.62
N MET C 1200 7.71 13.95 -70.04
CA MET C 1200 8.56 12.83 -70.42
C MET C 1200 7.93 11.50 -70.05
N LEU C 1201 7.68 11.28 -68.76
CA LEU C 1201 7.19 9.99 -68.29
C LEU C 1201 5.73 9.76 -68.70
N TRP C 1202 5.04 10.83 -69.09
CA TRP C 1202 3.68 10.69 -69.58
C TRP C 1202 3.64 9.86 -70.86
N SER C 1203 4.57 10.11 -71.78
CA SER C 1203 4.62 9.37 -73.02
C SER C 1203 5.20 7.98 -72.84
N GLY C 1204 5.84 7.70 -71.71
CA GLY C 1204 6.43 6.40 -71.47
C GLY C 1204 7.51 6.07 -72.49
N ASN C 1205 7.41 4.89 -73.07
CA ASN C 1205 8.35 4.42 -74.08
C ASN C 1205 7.84 4.61 -75.50
N ASN C 1206 6.72 5.31 -75.67
CA ASN C 1206 6.20 5.57 -77.01
C ASN C 1206 7.18 6.42 -77.82
N LEU C 1207 7.88 7.34 -77.17
CA LEU C 1207 8.87 8.17 -77.86
C LEU C 1207 10.24 7.51 -77.98
N TYR C 1208 10.43 6.31 -77.43
CA TYR C 1208 11.63 5.52 -77.71
C TYR C 1208 11.43 4.57 -78.89
N VAL C 1209 10.95 5.10 -80.02
CA VAL C 1209 10.80 4.31 -81.24
C VAL C 1209 11.13 5.22 -82.43
N MET C 1210 11.03 4.65 -83.63
CA MET C 1210 11.23 5.36 -84.88
C MET C 1210 10.06 5.15 -85.83
N ASN C 1211 8.87 4.91 -85.28
CA ASN C 1211 7.71 4.59 -86.09
C ASN C 1211 7.31 5.76 -86.98
N SER C 1212 6.78 5.43 -88.16
CA SER C 1212 6.25 6.35 -89.17
C SER C 1212 7.33 7.20 -89.84
N THR C 1213 8.59 7.09 -89.42
CA THR C 1213 9.69 7.85 -90.02
C THR C 1213 9.38 9.33 -90.11
N LEU C 1214 8.81 9.87 -89.03
CA LEU C 1214 8.44 11.28 -88.94
C LEU C 1214 9.33 12.02 -87.96
N ARG C 1215 10.63 11.72 -87.98
CA ARG C 1215 11.62 12.33 -87.09
C ARG C 1215 11.26 12.06 -85.63
N SER C 1216 10.95 10.81 -85.33
CA SER C 1216 10.49 10.44 -83.99
C SER C 1216 11.65 10.37 -83.00
N PHE C 1217 12.65 9.54 -83.28
CA PHE C 1217 13.78 9.42 -82.36
C PHE C 1217 14.59 10.70 -82.29
N GLU C 1218 14.71 11.42 -83.42
CA GLU C 1218 15.36 12.71 -83.38
C GLU C 1218 14.58 13.68 -82.51
N HIS C 1219 13.25 13.62 -82.55
CA HIS C 1219 12.45 14.44 -81.64
C HIS C 1219 12.67 14.04 -80.19
N THR C 1220 12.83 12.74 -79.92
CA THR C 1220 13.14 12.29 -78.56
C THR C 1220 14.47 12.88 -78.09
N LEU C 1221 15.49 12.80 -78.93
CA LEU C 1221 16.79 13.37 -78.60
C LEU C 1221 16.70 14.88 -78.41
N LYS C 1222 15.91 15.55 -79.25
CA LYS C 1222 15.75 17.00 -79.12
C LYS C 1222 15.06 17.35 -77.81
N ARG C 1223 14.04 16.59 -77.41
CA ARG C 1223 13.37 16.85 -76.14
C ARG C 1223 14.31 16.59 -74.96
N TRP C 1224 15.11 15.53 -75.02
CA TRP C 1224 16.06 15.26 -73.95
C TRP C 1224 17.14 16.34 -73.89
N ASN C 1225 17.60 16.82 -75.04
CA ASN C 1225 18.57 17.91 -75.05
C ASN C 1225 17.93 19.21 -74.55
N ALA C 1226 16.63 19.39 -74.78
CA ALA C 1226 15.93 20.53 -74.22
C ALA C 1226 15.87 20.43 -72.70
N LEU C 1227 15.64 19.22 -72.17
CA LEU C 1227 15.69 19.03 -70.72
C LEU C 1227 17.08 19.33 -70.18
N LEU C 1228 18.12 18.87 -70.89
CA LEU C 1228 19.50 19.23 -70.55
C LEU C 1228 19.69 20.74 -70.49
N GLY C 1229 19.26 21.42 -71.55
CA GLY C 1229 19.42 22.86 -71.61
C GLY C 1229 18.65 23.59 -70.53
N TYR C 1230 17.48 23.07 -70.17
CA TYR C 1230 16.70 23.71 -69.11
C TYR C 1230 17.34 23.50 -67.75
N THR C 1231 17.87 22.31 -67.48
CA THR C 1231 18.58 22.09 -66.23
C THR C 1231 19.82 22.97 -66.14
N LEU C 1232 20.53 23.15 -67.24
CA LEU C 1232 21.69 24.04 -67.21
C LEU C 1232 21.27 25.50 -67.12
N PHE C 1233 20.13 25.84 -67.72
CA PHE C 1233 19.58 27.18 -67.55
C PHE C 1233 19.30 27.48 -66.08
N THR C 1234 18.67 26.53 -65.38
CA THR C 1234 18.32 26.78 -63.98
C THR C 1234 19.55 26.70 -63.08
N ILE C 1235 20.54 25.88 -63.44
CA ILE C 1235 21.78 25.87 -62.66
C ILE C 1235 22.49 27.21 -62.79
N THR C 1236 22.51 27.77 -64.01
CA THR C 1236 23.09 29.10 -64.19
C THR C 1236 22.30 30.17 -63.46
N MET C 1237 20.96 30.07 -63.49
CA MET C 1237 20.14 31.05 -62.79
C MET C 1237 20.35 30.98 -61.28
N LYS C 1238 20.47 29.78 -60.73
CA LYS C 1238 20.73 29.65 -59.29
C LYS C 1238 22.11 30.21 -58.92
N VAL C 1239 23.12 29.92 -59.73
CA VAL C 1239 24.46 30.44 -59.44
C VAL C 1239 24.46 31.97 -59.51
N CYS C 1240 23.81 32.53 -60.53
CA CYS C 1240 23.74 33.98 -60.66
C CYS C 1240 22.86 34.64 -59.60
N LEU C 1241 21.85 33.93 -59.11
CA LEU C 1241 21.01 34.44 -58.03
C LEU C 1241 21.65 34.30 -56.67
N GLN C 1242 22.67 33.46 -56.54
CA GLN C 1242 23.43 33.42 -55.29
C GLN C 1242 24.00 34.80 -54.95
N ILE C 1243 24.70 35.41 -55.90
CA ILE C 1243 25.26 36.74 -55.67
C ILE C 1243 24.14 37.78 -55.59
N PHE C 1244 23.05 37.56 -56.33
CA PHE C 1244 21.94 38.50 -56.29
C PHE C 1244 21.28 38.50 -54.92
N GLY C 1245 21.33 37.38 -54.21
CA GLY C 1245 20.80 37.29 -52.87
C GLY C 1245 21.77 37.58 -51.74
N CYS C 1246 23.07 37.53 -52.00
CA CYS C 1246 24.06 37.79 -50.95
C CYS C 1246 24.55 39.24 -50.93
N VAL C 1247 24.63 39.92 -52.06
CA VAL C 1247 25.02 41.32 -52.09
C VAL C 1247 24.00 42.23 -52.74
N PHE C 1248 23.14 41.70 -53.63
CA PHE C 1248 22.13 42.49 -54.32
C PHE C 1248 20.78 42.41 -53.61
N LEU C 1249 20.76 41.87 -52.39
CA LEU C 1249 19.51 41.77 -51.63
C LEU C 1249 19.06 43.12 -51.09
N SER C 1250 19.93 44.14 -51.08
CA SER C 1250 19.55 45.43 -50.52
C SER C 1250 18.54 46.20 -51.39
N TRP C 1251 18.46 45.90 -52.69
CA TRP C 1251 17.33 46.39 -53.48
C TRP C 1251 16.01 45.80 -53.01
N PHE C 1252 16.04 44.74 -52.22
CA PHE C 1252 14.82 44.12 -51.74
C PHE C 1252 14.30 44.73 -50.45
N ASP C 1253 15.01 45.71 -49.87
CA ASP C 1253 14.57 46.38 -48.64
C ASP C 1253 13.85 47.67 -49.03
N GLN C 1254 12.68 47.51 -49.66
CA GLN C 1254 11.83 48.63 -50.04
C GLN C 1254 10.65 48.73 -49.07
N SER C 1255 9.74 49.64 -49.39
CA SER C 1255 8.51 49.81 -48.62
C SER C 1255 7.50 48.74 -49.04
N GLY C 1256 6.25 48.91 -48.67
CA GLY C 1256 5.21 47.98 -49.09
C GLY C 1256 4.90 48.13 -50.57
N GLY C 1257 3.95 47.31 -51.03
CA GLY C 1257 3.52 47.41 -52.41
C GLY C 1257 4.52 46.81 -53.38
N TRP C 1258 5.24 47.68 -54.10
CA TRP C 1258 6.32 47.22 -54.97
C TRP C 1258 7.33 46.39 -54.20
N GLY C 1259 7.74 46.87 -53.02
CA GLY C 1259 8.64 46.09 -52.18
C GLY C 1259 8.01 44.79 -51.72
N LYS C 1260 6.72 44.82 -51.40
CA LYS C 1260 6.03 43.59 -51.02
C LYS C 1260 6.00 42.59 -52.16
N THR C 1261 5.73 43.06 -53.38
CA THR C 1261 5.69 42.16 -54.53
C THR C 1261 7.07 41.55 -54.80
N LEU C 1262 8.11 42.38 -54.76
CA LEU C 1262 9.45 41.86 -54.99
C LEU C 1262 9.92 40.97 -53.84
N CYS C 1263 9.43 41.22 -52.63
CA CYS C 1263 9.75 40.32 -51.52
C CYS C 1263 9.14 38.95 -51.77
N ILE C 1264 7.91 38.93 -52.30
CA ILE C 1264 7.26 37.67 -52.65
C ILE C 1264 8.00 36.97 -53.80
N VAL C 1265 8.45 37.73 -54.80
CA VAL C 1265 9.17 37.08 -55.90
C VAL C 1265 10.53 36.57 -55.44
N ARG C 1266 11.14 37.25 -54.46
CA ARG C 1266 12.33 36.70 -53.81
C ARG C 1266 12.01 35.38 -53.12
N GLN C 1267 10.88 35.31 -52.43
CA GLN C 1267 10.47 34.05 -51.81
C GLN C 1267 10.31 32.95 -52.85
N LEU C 1268 9.64 33.26 -53.97
CA LEU C 1268 9.26 32.21 -54.91
C LEU C 1268 10.34 31.92 -55.95
N PHE C 1269 11.41 32.71 -55.99
CA PHE C 1269 12.63 32.33 -56.70
C PHE C 1269 13.70 31.77 -55.77
N SER C 1270 13.42 31.64 -54.47
CA SER C 1270 14.37 31.13 -53.49
C SER C 1270 15.67 31.93 -53.51
N ILE C 1271 15.54 33.25 -53.61
CA ILE C 1271 16.68 34.16 -53.64
C ILE C 1271 17.20 34.28 -52.21
N THR C 1272 18.26 33.55 -51.89
CA THR C 1272 18.82 33.54 -50.54
C THR C 1272 20.31 33.26 -50.65
N CYS C 1273 20.95 33.04 -49.50
CA CYS C 1273 22.38 32.75 -49.43
C CYS C 1273 22.61 31.37 -48.85
N VAL C 1274 23.46 30.60 -49.50
CA VAL C 1274 23.83 29.27 -49.02
C VAL C 1274 25.31 29.15 -48.69
N ASN C 1275 26.17 29.98 -49.29
CA ASN C 1275 27.59 29.97 -49.00
C ASN C 1275 27.79 30.58 -47.61
N ASN C 1276 27.70 29.72 -46.60
CA ASN C 1276 27.59 30.17 -45.21
C ASN C 1276 28.82 30.95 -44.74
N GLU C 1277 29.94 30.85 -45.45
CA GLU C 1277 31.13 31.58 -45.03
C GLU C 1277 30.99 33.09 -45.21
N CYS C 1278 29.99 33.53 -45.96
CA CYS C 1278 29.78 34.97 -46.14
C CYS C 1278 29.26 35.60 -44.85
N HIS C 1279 29.62 36.85 -44.64
CA HIS C 1279 29.16 37.58 -43.46
C HIS C 1279 27.67 37.86 -43.56
N VAL C 1280 26.99 37.85 -42.40
CA VAL C 1280 25.57 38.16 -42.37
C VAL C 1280 25.36 39.64 -42.65
N LEU C 1281 24.22 39.96 -43.26
CA LEU C 1281 23.85 41.35 -43.51
C LEU C 1281 23.24 41.92 -42.23
N LYS C 1282 24.08 42.57 -41.41
CA LYS C 1282 23.68 43.01 -40.08
C LYS C 1282 22.70 44.17 -40.10
N GLU C 1283 22.45 44.78 -41.25
CA GLU C 1283 21.48 45.86 -41.36
C GLU C 1283 20.18 45.42 -42.04
N LEU C 1284 19.97 44.10 -42.19
CA LEU C 1284 18.86 43.63 -43.01
C LEU C 1284 18.14 42.43 -42.39
N GLU C 1285 18.28 42.20 -41.08
CA GLU C 1285 17.63 41.04 -40.47
C GLU C 1285 16.11 41.15 -40.52
N ASP C 1286 15.57 42.35 -40.32
CA ASP C 1286 14.12 42.51 -40.28
C ASP C 1286 13.47 42.15 -41.62
N PHE C 1287 14.14 42.49 -42.73
CA PHE C 1287 13.63 42.10 -44.03
C PHE C 1287 13.58 40.59 -44.18
N SER C 1288 14.64 39.90 -43.74
CA SER C 1288 14.62 38.43 -43.77
C SER C 1288 13.54 37.87 -42.85
N LYS C 1289 13.21 38.60 -41.78
CA LYS C 1289 12.07 38.22 -40.96
C LYS C 1289 10.76 38.34 -41.73
N ALA C 1290 10.64 39.39 -42.55
CA ALA C 1290 9.45 39.56 -43.37
C ALA C 1290 9.29 38.41 -44.35
N CYS C 1291 10.23 38.26 -45.28
CA CYS C 1291 10.28 37.11 -46.19
C CYS C 1291 11.38 36.18 -45.68
N ALA C 1292 10.97 35.09 -45.06
CA ALA C 1292 11.90 34.12 -44.50
C ALA C 1292 12.07 32.96 -45.48
N VAL C 1293 13.27 32.83 -46.04
CA VAL C 1293 13.61 31.74 -46.95
C VAL C 1293 14.66 30.88 -46.26
N GLU C 1294 14.33 29.60 -46.04
CA GLU C 1294 15.25 28.69 -45.40
C GLU C 1294 16.50 28.48 -46.26
N THR C 1295 17.63 28.27 -45.59
CA THR C 1295 18.93 28.27 -46.26
C THR C 1295 19.04 27.13 -47.27
N LYS C 1296 18.53 25.95 -46.92
CA LYS C 1296 18.72 24.78 -47.78
C LYS C 1296 17.73 24.76 -48.93
N GLU C 1297 17.61 25.87 -49.65
CA GLU C 1297 16.86 25.91 -50.90
C GLU C 1297 17.57 26.64 -52.03
N GLY C 1298 18.50 27.54 -51.74
CA GLY C 1298 19.33 28.10 -52.78
C GLY C 1298 20.42 27.17 -53.28
N ASN C 1299 20.74 26.14 -52.50
CA ASN C 1299 21.66 25.12 -52.95
C ASN C 1299 21.01 24.27 -54.04
N ILE C 1300 21.76 23.30 -54.56
CA ILE C 1300 21.32 22.52 -55.72
C ILE C 1300 21.18 21.04 -55.38
N GLY C 1301 22.28 20.38 -55.03
CA GLY C 1301 22.19 19.03 -54.51
C GLY C 1301 21.48 18.06 -55.43
N PHE C 1302 20.23 17.76 -55.09
CA PHE C 1302 19.35 17.00 -55.98
C PHE C 1302 19.45 17.50 -57.42
N ASP C 1303 19.63 18.80 -57.62
CA ASP C 1303 19.80 19.33 -58.96
C ASP C 1303 21.03 18.73 -59.64
N VAL C 1304 22.17 18.72 -58.95
CA VAL C 1304 23.38 18.22 -59.61
C VAL C 1304 23.35 16.71 -59.78
N ILE C 1305 22.72 15.97 -58.84
CA ILE C 1305 22.64 14.53 -59.05
C ILE C 1305 21.69 14.21 -60.20
N ALA C 1306 20.59 14.97 -60.35
CA ALA C 1306 19.72 14.80 -61.50
C ALA C 1306 20.47 15.12 -62.78
N LEU C 1307 21.30 16.16 -62.76
CA LEU C 1307 22.14 16.47 -63.92
C LEU C 1307 23.07 15.30 -64.24
N SER C 1308 23.67 14.70 -63.23
CA SER C 1308 24.51 13.52 -63.41
C SER C 1308 23.74 12.43 -64.14
N PHE C 1309 22.56 12.07 -63.61
CA PHE C 1309 21.81 10.97 -64.18
C PHE C 1309 21.37 11.28 -65.62
N LEU C 1310 20.93 12.52 -65.88
CA LEU C 1310 20.45 12.83 -67.20
C LEU C 1310 21.56 12.96 -68.23
N VAL C 1311 22.74 13.47 -67.84
CA VAL C 1311 23.85 13.51 -68.79
C VAL C 1311 24.34 12.09 -69.07
N PHE C 1312 24.33 11.23 -68.06
CA PHE C 1312 24.65 9.83 -68.32
C PHE C 1312 23.64 9.20 -69.28
N GLN C 1313 22.35 9.52 -69.10
CA GLN C 1313 21.33 8.98 -70.00
C GLN C 1313 21.51 9.50 -71.42
N ILE C 1314 21.89 10.78 -71.57
CA ILE C 1314 22.21 11.30 -72.89
C ILE C 1314 23.36 10.52 -73.52
N ARG C 1315 24.37 10.18 -72.72
CA ARG C 1315 25.46 9.35 -73.25
C ARG C 1315 24.94 7.97 -73.68
N ILE C 1316 24.02 7.39 -72.90
CA ILE C 1316 23.41 6.12 -73.29
C ILE C 1316 22.67 6.25 -74.62
N PHE C 1317 22.00 7.38 -74.83
CA PHE C 1317 21.16 7.54 -76.02
C PHE C 1317 21.97 7.51 -77.32
N HIS C 1318 23.29 7.66 -77.26
CA HIS C 1318 24.15 7.59 -78.43
C HIS C 1318 25.11 6.41 -78.35
N SER C 1319 24.60 5.26 -77.92
CA SER C 1319 25.39 4.05 -77.75
C SER C 1319 24.80 2.92 -78.58
N TRP C 1320 25.65 1.92 -78.86
CA TRP C 1320 25.20 0.76 -79.63
C TRP C 1320 24.13 -0.03 -78.89
N TYR C 1321 24.16 0.02 -77.56
CA TYR C 1321 23.25 -0.79 -76.76
C TYR C 1321 21.81 -0.32 -76.94
N PHE C 1322 21.62 1.00 -77.02
CA PHE C 1322 20.26 1.54 -77.13
C PHE C 1322 19.62 1.17 -78.46
N GLN C 1323 20.42 0.86 -79.49
CA GLN C 1323 19.87 0.33 -80.72
C GLN C 1323 19.12 -0.98 -80.46
N HIS C 1324 19.75 -1.89 -79.73
CA HIS C 1324 19.08 -3.13 -79.37
C HIS C 1324 17.96 -2.89 -78.37
N CYS C 1325 18.06 -1.82 -77.58
CA CYS C 1325 16.94 -1.45 -76.72
C CYS C 1325 15.71 -1.08 -77.55
N MET C 1326 15.90 -0.31 -78.62
CA MET C 1326 14.80 -0.03 -79.55
C MET C 1326 14.32 -1.30 -80.23
N VAL C 1327 15.24 -2.18 -80.61
CA VAL C 1327 14.85 -3.44 -81.23
C VAL C 1327 13.93 -4.22 -80.31
N GLU C 1328 14.25 -4.23 -79.01
CA GLU C 1328 13.36 -4.85 -78.04
C GLU C 1328 12.05 -4.07 -77.92
N TYR C 1329 12.08 -2.75 -78.10
CA TYR C 1329 10.86 -1.97 -78.11
C TYR C 1329 10.13 -2.06 -79.45
N ARG C 1330 10.78 -1.61 -80.52
CA ARG C 1330 10.12 -1.54 -81.81
C ARG C 1330 9.78 -2.93 -82.34
N SER C 1331 8.56 -3.07 -82.87
CA SER C 1331 8.08 -4.29 -83.51
C SER C 1331 7.99 -5.45 -82.53
N GLU C 1332 8.19 -5.19 -81.24
CA GLU C 1332 8.05 -6.19 -80.21
C GLU C 1332 7.08 -5.79 -79.10
N VAL C 1333 6.99 -4.50 -78.76
CA VAL C 1333 5.94 -4.05 -77.87
C VAL C 1333 4.59 -4.13 -78.58
N ILE C 1334 4.61 -4.10 -79.92
CA ILE C 1334 3.38 -4.29 -80.68
C ILE C 1334 2.89 -5.72 -80.61
N LEU C 1335 3.77 -6.67 -80.28
CA LEU C 1335 3.41 -8.08 -80.06
C LEU C 1335 2.67 -8.29 -78.75
N ALA C 1336 2.32 -7.19 -78.08
CA ALA C 1336 1.57 -7.27 -76.84
C ALA C 1336 0.19 -7.89 -77.05
N ASN C 1337 -0.39 -7.73 -78.24
CA ASN C 1337 -1.67 -8.35 -78.53
C ASN C 1337 -1.58 -9.88 -78.47
N ARG C 1338 -0.52 -10.44 -79.05
CA ARG C 1338 -0.30 -11.88 -78.97
C ARG C 1338 0.09 -12.30 -77.56
N GLY C 1339 0.86 -11.45 -76.87
CA GLY C 1339 1.24 -11.76 -75.49
C GLY C 1339 0.03 -11.87 -74.58
N ALA C 1340 -0.94 -10.98 -74.75
CA ALA C 1340 -2.16 -11.05 -73.95
C ALA C 1340 -2.92 -12.35 -74.21
N VAL C 1341 -3.01 -12.76 -75.47
CA VAL C 1341 -3.73 -13.99 -75.81
C VAL C 1341 -3.03 -15.19 -75.20
N LEU C 1342 -1.70 -15.24 -75.32
CA LEU C 1342 -0.97 -16.40 -74.77
C LEU C 1342 -1.07 -16.44 -73.26
N LYS C 1343 -1.02 -15.27 -72.60
CA LYS C 1343 -1.20 -15.23 -71.15
C LYS C 1343 -2.60 -15.70 -70.77
N ASN C 1344 -3.61 -15.31 -71.54
CA ASN C 1344 -4.97 -15.75 -71.27
C ASN C 1344 -5.09 -17.26 -71.40
N GLN C 1345 -4.47 -17.84 -72.44
CA GLN C 1345 -4.50 -19.29 -72.60
C GLN C 1345 -3.79 -19.99 -71.45
N LEU C 1346 -2.64 -19.46 -71.02
CA LEU C 1346 -1.90 -20.08 -69.93
C LEU C 1346 -2.70 -20.03 -68.62
N ILE C 1347 -3.32 -18.89 -68.33
CA ILE C 1347 -4.09 -18.79 -67.09
C ILE C 1347 -5.37 -19.63 -67.18
N GLU C 1348 -5.96 -19.79 -68.37
CA GLU C 1348 -7.09 -20.70 -68.51
C GLU C 1348 -6.66 -22.15 -68.28
N LYS C 1349 -5.48 -22.52 -68.77
CA LYS C 1349 -4.95 -23.85 -68.49
C LYS C 1349 -4.72 -24.05 -67.00
N GLU C 1350 -4.22 -23.02 -66.32
CA GLU C 1350 -4.06 -23.09 -64.87
C GLU C 1350 -5.42 -23.26 -64.18
N MET C 1351 -6.45 -22.57 -64.68
CA MET C 1351 -7.79 -22.73 -64.15
C MET C 1351 -8.28 -24.17 -64.31
N LYS C 1352 -8.05 -24.75 -65.48
CA LYS C 1352 -8.45 -26.14 -65.69
C LYS C 1352 -7.69 -27.08 -64.75
N GLU C 1353 -6.39 -26.82 -64.56
CA GLU C 1353 -5.60 -27.66 -63.67
C GLU C 1353 -6.11 -27.59 -62.24
N GLN C 1354 -6.41 -26.38 -61.74
CA GLN C 1354 -6.89 -26.26 -60.37
C GLN C 1354 -8.30 -26.85 -60.24
N ASN C 1355 -9.12 -26.74 -61.28
CA ASN C 1355 -10.44 -27.34 -61.25
C ASN C 1355 -10.36 -28.86 -61.17
N GLU C 1356 -9.50 -29.48 -61.97
CA GLU C 1356 -9.37 -30.93 -61.92
C GLU C 1356 -8.76 -31.37 -60.60
N GLN C 1357 -7.83 -30.58 -60.05
CA GLN C 1357 -7.30 -30.88 -58.73
C GLN C 1357 -8.40 -30.84 -57.68
N GLN C 1358 -9.31 -29.85 -57.77
CA GLN C 1358 -10.39 -29.75 -56.80
C GLN C 1358 -11.37 -30.91 -56.91
N LYS C 1359 -11.73 -31.32 -58.13
CA LYS C 1359 -12.64 -32.46 -58.22
C LYS C 1359 -11.96 -33.75 -57.77
N ALA C 1360 -10.65 -33.89 -58.02
CA ALA C 1360 -9.93 -35.04 -57.48
C ALA C 1360 -9.92 -35.04 -55.96
N LYS C 1361 -9.72 -33.86 -55.36
CA LYS C 1361 -9.73 -33.76 -53.91
C LYS C 1361 -11.11 -34.07 -53.34
N PHE C 1362 -12.17 -33.60 -54.01
CA PHE C 1362 -13.52 -33.93 -53.58
C PHE C 1362 -13.77 -35.43 -53.67
N ASN C 1363 -13.31 -36.06 -54.76
CA ASN C 1363 -13.45 -37.51 -54.88
C ASN C 1363 -12.71 -38.22 -53.76
N ASP C 1364 -11.51 -37.76 -53.41
CA ASP C 1364 -10.76 -38.37 -52.32
C ASP C 1364 -11.49 -38.22 -50.99
N ILE C 1365 -12.03 -37.02 -50.72
CA ILE C 1365 -12.74 -36.79 -49.46
C ILE C 1365 -13.98 -37.68 -49.39
N ARG C 1366 -14.75 -37.75 -50.48
CA ARG C 1366 -15.94 -38.59 -50.49
C ARG C 1366 -15.58 -40.06 -50.33
N ARG C 1367 -14.50 -40.50 -50.97
CA ARG C 1367 -14.06 -41.89 -50.83
C ARG C 1367 -13.67 -42.19 -49.39
N ARG C 1368 -12.94 -41.28 -48.74
CA ARG C 1368 -12.56 -41.51 -47.35
C ARG C 1368 -13.77 -41.54 -46.44
N THR C 1369 -14.73 -40.63 -46.66
CA THR C 1369 -15.94 -40.64 -45.85
C THR C 1369 -16.74 -41.92 -46.04
N GLU C 1370 -16.86 -42.39 -47.29
CA GLU C 1370 -17.56 -43.63 -47.55
C GLU C 1370 -16.85 -44.82 -46.92
N ALA C 1371 -15.51 -44.81 -46.96
CA ALA C 1371 -14.76 -45.89 -46.31
C ALA C 1371 -14.98 -45.91 -44.82
N ILE C 1372 -14.98 -44.73 -44.18
CA ILE C 1372 -15.24 -44.66 -42.74
C ILE C 1372 -16.65 -45.15 -42.43
N ARG C 1373 -17.63 -44.73 -43.23
CA ARG C 1373 -19.00 -45.16 -43.00
C ARG C 1373 -19.14 -46.67 -43.16
N GLU C 1374 -18.51 -47.23 -44.20
CA GLU C 1374 -18.58 -48.66 -44.44
C GLU C 1374 -17.91 -49.44 -43.31
N ARG C 1375 -16.78 -48.93 -42.80
CA ARG C 1375 -16.11 -49.58 -41.69
C ARG C 1375 -17.01 -49.57 -40.45
N TYR C 1376 -17.66 -48.45 -40.18
CA TYR C 1376 -18.57 -48.37 -39.04
C TYR C 1376 -19.74 -49.33 -39.20
N GLN C 1377 -20.32 -49.39 -40.40
CA GLN C 1377 -21.46 -50.27 -40.64
C GLN C 1377 -21.07 -51.74 -40.49
N LYS C 1378 -19.92 -52.14 -41.04
CA LYS C 1378 -19.51 -53.54 -40.90
C LYS C 1378 -19.14 -53.86 -39.46
N GLN C 1379 -18.54 -52.92 -38.74
CA GLN C 1379 -18.23 -53.16 -37.33
C GLN C 1379 -19.50 -53.38 -36.52
N ILE C 1380 -20.52 -52.54 -36.72
CA ILE C 1380 -21.75 -52.75 -35.97
C ILE C 1380 -22.47 -54.00 -36.46
N GLU C 1381 -22.32 -54.35 -37.74
CA GLU C 1381 -22.93 -55.58 -38.24
C GLU C 1381 -22.35 -56.80 -37.55
N ARG C 1382 -21.02 -56.85 -37.40
CA ARG C 1382 -20.41 -57.97 -36.68
C ARG C 1382 -20.66 -57.89 -35.18
N GLY C 1383 -20.81 -56.69 -34.62
CA GLY C 1383 -21.03 -56.55 -33.20
C GLY C 1383 -22.47 -56.52 -32.74
N ALA C 1384 -23.43 -56.71 -33.67
CA ALA C 1384 -24.84 -56.72 -33.31
C ALA C 1384 -25.19 -57.74 -32.23
N ALA C 1385 -24.30 -58.69 -31.94
CA ALA C 1385 -24.55 -59.64 -30.85
C ALA C 1385 -24.64 -58.91 -29.52
N GLU C 1386 -23.73 -57.98 -29.27
CA GLU C 1386 -23.73 -57.18 -28.04
C GLU C 1386 -24.38 -55.81 -28.23
N ARG C 1387 -24.85 -55.49 -29.43
CA ARG C 1387 -25.56 -54.24 -29.66
C ARG C 1387 -26.96 -54.32 -29.06
N ASP C 1388 -27.12 -53.87 -27.83
CA ASP C 1388 -28.37 -54.04 -27.10
C ASP C 1388 -29.10 -52.72 -26.86
N PHE C 1389 -28.64 -51.62 -27.45
CA PHE C 1389 -29.32 -50.33 -27.27
C PHE C 1389 -29.04 -49.47 -28.50
N GLU C 1390 -30.04 -49.30 -29.34
CA GLU C 1390 -29.93 -48.37 -30.46
C GLU C 1390 -30.15 -46.95 -29.97
N PRO C 1391 -29.20 -46.04 -30.17
CA PRO C 1391 -29.37 -44.67 -29.67
C PRO C 1391 -30.56 -43.98 -30.32
N VAL C 1392 -31.24 -43.16 -29.53
CA VAL C 1392 -32.40 -42.40 -29.98
C VAL C 1392 -32.15 -40.90 -29.90
N THR C 1393 -31.25 -40.47 -29.02
CA THR C 1393 -30.88 -39.08 -28.86
C THR C 1393 -29.38 -38.90 -29.10
N TYR C 1394 -28.93 -37.64 -29.04
CA TYR C 1394 -27.52 -37.36 -29.25
C TYR C 1394 -26.67 -37.98 -28.15
N GLY C 1395 -27.14 -37.92 -26.90
CA GLY C 1395 -26.33 -38.42 -25.80
C GLY C 1395 -26.08 -39.91 -25.89
N HIS C 1396 -27.11 -40.68 -26.24
CA HIS C 1396 -26.93 -42.11 -26.40
C HIS C 1396 -25.94 -42.43 -27.52
N ALA C 1397 -26.02 -41.71 -28.63
CA ALA C 1397 -25.05 -41.91 -29.71
C ALA C 1397 -23.65 -41.58 -29.26
N LYS C 1398 -23.48 -40.47 -28.53
CA LYS C 1398 -22.17 -40.09 -28.04
C LYS C 1398 -21.64 -41.09 -27.02
N ARG C 1399 -22.53 -41.78 -26.32
CA ARG C 1399 -22.16 -42.63 -25.21
C ARG C 1399 -22.32 -44.12 -25.53
N ALA C 1400 -22.55 -44.46 -26.80
CA ALA C 1400 -22.71 -45.84 -27.22
C ALA C 1400 -21.39 -46.55 -27.50
N GLY C 1401 -20.28 -45.97 -27.09
CA GLY C 1401 -18.98 -46.60 -27.28
C GLY C 1401 -18.89 -47.94 -26.60
N ASP C 1402 -18.46 -48.97 -27.34
CA ASP C 1402 -18.41 -50.32 -26.80
C ASP C 1402 -17.35 -51.11 -27.55
N TYR C 1403 -17.11 -52.33 -27.05
CA TYR C 1403 -16.02 -53.14 -27.58
C TYR C 1403 -16.25 -53.55 -29.03
N TYR C 1404 -17.51 -53.67 -29.44
CA TYR C 1404 -17.80 -54.17 -30.79
C TYR C 1404 -17.31 -53.21 -31.86
N MET C 1405 -17.06 -51.94 -31.52
CA MET C 1405 -16.53 -50.98 -32.48
C MET C 1405 -15.02 -51.03 -32.59
N PHE C 1406 -14.35 -51.86 -31.79
CA PHE C 1406 -12.89 -51.96 -31.82
C PHE C 1406 -12.39 -53.36 -32.17
N LYS C 1407 -13.27 -54.26 -32.59
CA LYS C 1407 -12.89 -55.65 -32.86
C LYS C 1407 -12.42 -55.82 -34.31
N TYR C 1408 -11.36 -55.09 -34.65
CA TYR C 1408 -10.71 -55.25 -35.94
C TYR C 1408 -9.28 -54.75 -35.85
N ASP C 1409 -8.41 -55.36 -36.63
CA ASP C 1409 -6.99 -55.00 -36.61
C ASP C 1409 -6.81 -53.58 -37.14
N PRO C 1410 -6.09 -52.71 -36.43
CA PRO C 1410 -5.86 -51.35 -36.93
C PRO C 1410 -4.99 -51.37 -38.17
N GLU C 1411 -5.52 -50.82 -39.26
CA GLU C 1411 -4.80 -50.79 -40.53
C GLU C 1411 -4.05 -49.47 -40.70
N GLN C 1594 27.00 -19.00 -65.30
CA GLN C 1594 25.78 -18.22 -65.50
C GLN C 1594 24.78 -18.98 -66.36
N GLN C 1595 23.92 -19.77 -65.71
CA GLN C 1595 22.95 -20.60 -66.41
C GLN C 1595 21.75 -20.76 -65.47
N LYS C 1596 20.90 -21.75 -65.74
CA LYS C 1596 19.72 -22.03 -64.91
C LYS C 1596 20.08 -22.54 -63.52
N SER C 1597 21.36 -22.57 -63.17
CA SER C 1597 21.79 -23.09 -61.87
C SER C 1597 21.20 -22.24 -60.74
N SER C 1598 21.44 -22.71 -59.50
CA SER C 1598 20.86 -22.12 -58.31
C SER C 1598 21.44 -20.75 -57.97
N ALA C 1599 22.49 -20.31 -58.66
CA ALA C 1599 23.10 -19.02 -58.34
C ALA C 1599 22.11 -17.87 -58.57
N THR C 1600 21.37 -17.91 -59.67
CA THR C 1600 20.46 -16.83 -60.02
C THR C 1600 19.00 -17.15 -59.72
N ARG C 1601 18.74 -18.21 -58.95
CA ARG C 1601 17.35 -18.57 -58.66
C ARG C 1601 16.65 -17.47 -57.87
N LEU C 1602 17.34 -16.88 -56.89
CA LEU C 1602 16.74 -15.83 -56.09
C LEU C 1602 16.47 -14.59 -56.92
N LEU C 1603 17.43 -14.20 -57.77
CA LEU C 1603 17.24 -13.03 -58.62
C LEU C 1603 16.05 -13.23 -59.56
N ASN C 1604 15.99 -14.40 -60.20
CA ASN C 1604 14.88 -14.67 -61.12
C ASN C 1604 13.54 -14.67 -60.40
N ALA C 1605 13.49 -15.29 -59.22
CA ALA C 1605 12.24 -15.35 -58.46
C ALA C 1605 11.80 -13.95 -58.04
N VAL C 1606 12.74 -13.13 -57.57
CA VAL C 1606 12.38 -11.77 -57.14
C VAL C 1606 11.91 -10.95 -58.33
N VAL C 1607 12.59 -11.04 -59.46
CA VAL C 1607 12.17 -10.27 -60.63
C VAL C 1607 10.78 -10.69 -61.09
N ASN C 1608 10.54 -12.01 -61.15
CA ASN C 1608 9.23 -12.49 -61.58
C ASN C 1608 8.13 -12.06 -60.61
N CYS C 1609 8.39 -12.17 -59.30
CA CYS C 1609 7.40 -11.80 -58.30
C CYS C 1609 7.09 -10.31 -58.38
N ILE C 1610 8.13 -9.47 -58.53
CA ILE C 1610 7.90 -8.04 -58.65
C ILE C 1610 7.10 -7.72 -59.89
N GLY C 1611 7.44 -8.33 -61.03
CA GLY C 1611 6.70 -8.09 -62.25
C GLY C 1611 5.25 -8.51 -62.14
N ALA C 1612 4.98 -9.61 -61.43
CA ALA C 1612 3.61 -10.08 -61.28
C ALA C 1612 2.83 -9.24 -60.28
N HIS C 1613 3.49 -8.70 -59.25
CA HIS C 1613 2.82 -8.03 -58.14
C HIS C 1613 3.10 -6.53 -58.11
N THR C 1614 3.46 -5.95 -59.27
CA THR C 1614 3.50 -4.50 -59.39
C THR C 1614 2.26 -3.83 -58.81
N ASP C 1615 1.08 -4.43 -58.96
CA ASP C 1615 -0.14 -3.79 -58.49
C ASP C 1615 -0.17 -3.67 -56.97
N ILE C 1616 0.09 -4.77 -56.26
CA ILE C 1616 0.08 -4.71 -54.81
C ILE C 1616 1.25 -3.87 -54.30
N LEU C 1617 2.37 -3.87 -55.03
CA LEU C 1617 3.47 -2.98 -54.68
C LEU C 1617 3.04 -1.52 -54.79
N CYS C 1618 2.26 -1.21 -55.83
CA CYS C 1618 1.77 0.16 -56.00
C CYS C 1618 0.81 0.55 -54.89
N TYR C 1619 -0.11 -0.34 -54.52
CA TYR C 1619 -1.00 -0.01 -53.41
C TYR C 1619 -0.22 0.13 -52.09
N PHE C 1620 0.81 -0.69 -51.89
CA PHE C 1620 1.63 -0.57 -50.71
C PHE C 1620 2.33 0.78 -50.67
N PHE C 1621 2.89 1.21 -51.80
CA PHE C 1621 3.51 2.53 -51.85
C PHE C 1621 2.49 3.65 -51.67
N ALA C 1622 1.26 3.44 -52.16
CA ALA C 1622 0.21 4.40 -51.90
C ALA C 1622 -0.05 4.53 -50.41
N ILE C 1623 -0.07 3.39 -49.70
CA ILE C 1623 -0.26 3.42 -48.25
C ILE C 1623 0.87 4.16 -47.57
N MET C 1624 2.11 3.88 -47.97
CA MET C 1624 3.25 4.56 -47.34
C MET C 1624 3.21 6.06 -47.60
N THR C 1625 2.94 6.45 -48.84
CA THR C 1625 2.83 7.87 -49.16
C THR C 1625 1.74 8.52 -48.34
N GLN C 1626 0.62 7.81 -48.16
CA GLN C 1626 -0.45 8.33 -47.33
C GLN C 1626 0.03 8.55 -45.91
N VAL C 1627 0.71 7.55 -45.34
CA VAL C 1627 0.93 7.56 -43.90
C VAL C 1627 2.07 8.50 -43.52
N MET C 1628 3.01 8.77 -44.43
CA MET C 1628 3.97 9.84 -44.16
C MET C 1628 3.48 11.21 -44.59
N THR C 1629 2.33 11.30 -45.25
CA THR C 1629 1.77 12.58 -45.71
C THR C 1629 0.29 12.64 -45.32
N GLY C 1630 0.01 12.38 -44.05
CA GLY C 1630 -1.36 12.40 -43.56
C GLY C 1630 -2.07 13.72 -43.80
N GLY C 1631 -3.05 13.70 -44.70
CA GLY C 1631 -3.80 14.91 -45.00
C GLY C 1631 -4.80 14.65 -46.10
N LEU C 1632 -5.85 15.47 -46.11
CA LEU C 1632 -7.04 15.19 -46.90
C LEU C 1632 -6.76 15.16 -48.40
N ILE C 1633 -5.66 15.77 -48.83
CA ILE C 1633 -5.32 15.81 -50.25
C ILE C 1633 -4.71 14.47 -50.67
N THR C 1634 -4.44 13.62 -49.68
CA THR C 1634 -3.75 12.36 -49.93
C THR C 1634 -4.60 11.13 -49.68
N LEU C 1635 -5.61 11.20 -48.79
CA LEU C 1635 -6.52 10.10 -48.52
C LEU C 1635 -7.17 9.47 -49.75
N PRO C 1636 -7.60 10.26 -50.75
CA PRO C 1636 -8.28 9.64 -51.90
C PRO C 1636 -7.50 8.51 -52.57
N LEU C 1637 -6.16 8.57 -52.60
CA LEU C 1637 -5.43 7.50 -53.27
C LEU C 1637 -5.68 6.13 -52.63
N PRO C 1638 -5.31 5.90 -51.35
CA PRO C 1638 -5.60 4.58 -50.77
C PRO C 1638 -7.08 4.25 -50.71
N LEU C 1639 -7.94 5.25 -50.48
CA LEU C 1639 -9.37 4.98 -50.42
C LEU C 1639 -9.88 4.44 -51.75
N MET C 1640 -9.60 5.15 -52.86
CA MET C 1640 -10.08 4.68 -54.16
C MET C 1640 -9.42 3.36 -54.53
N SER C 1641 -8.14 3.20 -54.23
CA SER C 1641 -7.48 1.93 -54.50
C SER C 1641 -8.22 0.80 -53.79
N LEU C 1642 -8.19 0.82 -52.44
CA LEU C 1642 -8.74 -0.27 -51.66
C LEU C 1642 -10.22 -0.48 -51.93
N PHE C 1643 -10.92 0.55 -52.40
CA PHE C 1643 -12.37 0.42 -52.56
C PHE C 1643 -12.77 -0.06 -53.96
N TRP C 1644 -12.01 0.32 -54.99
CA TRP C 1644 -12.50 0.12 -56.35
C TRP C 1644 -11.48 -0.56 -57.25
N GLY C 1645 -10.18 -0.40 -57.00
CA GLY C 1645 -9.19 -1.01 -57.86
C GLY C 1645 -8.51 -2.20 -57.22
N ASN C 1646 -8.29 -2.12 -55.90
CA ASN C 1646 -7.67 -3.24 -55.19
C ASN C 1646 -8.58 -4.47 -55.21
N LEU C 1647 -9.84 -4.30 -54.85
CA LEU C 1647 -10.79 -5.41 -54.76
C LEU C 1647 -11.45 -5.74 -56.08
N SER C 1648 -11.04 -5.08 -57.17
CA SER C 1648 -11.52 -5.46 -58.48
C SER C 1648 -11.17 -6.92 -58.74
N ASN C 1649 -12.22 -7.74 -58.96
CA ASN C 1649 -11.99 -9.17 -59.11
C ASN C 1649 -11.10 -9.50 -60.29
N PRO C 1650 -11.31 -8.92 -61.49
CA PRO C 1650 -10.25 -8.96 -62.51
C PRO C 1650 -9.28 -7.83 -62.28
N ARG C 1651 -8.38 -7.59 -63.24
CA ARG C 1651 -7.45 -6.49 -63.10
C ARG C 1651 -8.22 -5.16 -63.09
N PRO C 1652 -7.71 -4.16 -62.37
CA PRO C 1652 -8.32 -2.83 -62.45
C PRO C 1652 -8.30 -2.32 -63.88
N SER C 1653 -9.39 -1.67 -64.27
CA SER C 1653 -9.51 -1.21 -65.65
C SER C 1653 -8.53 -0.08 -65.93
N LYS C 1654 -8.40 0.24 -67.21
CA LYS C 1654 -7.52 1.34 -67.62
C LYS C 1654 -7.95 2.66 -66.97
N PHE C 1655 -9.25 2.83 -66.74
CA PHE C 1655 -9.74 4.06 -66.13
C PHE C 1655 -9.16 4.24 -64.73
N PHE C 1656 -9.09 3.17 -63.95
CA PHE C 1656 -8.51 3.25 -62.61
C PHE C 1656 -7.07 3.74 -62.66
N TRP C 1657 -6.27 3.13 -63.52
CA TRP C 1657 -4.85 3.49 -63.57
C TRP C 1657 -4.66 4.92 -64.08
N VAL C 1658 -5.43 5.33 -65.09
CA VAL C 1658 -5.26 6.68 -65.62
C VAL C 1658 -5.74 7.72 -64.60
N THR C 1659 -6.82 7.43 -63.87
CA THR C 1659 -7.26 8.40 -62.86
C THR C 1659 -6.30 8.46 -61.69
N MET C 1660 -5.66 7.33 -61.33
CA MET C 1660 -4.60 7.39 -60.34
C MET C 1660 -3.44 8.25 -60.83
N ILE C 1661 -3.05 8.08 -62.09
CA ILE C 1661 -1.95 8.87 -62.65
C ILE C 1661 -2.28 10.35 -62.58
N THR C 1662 -3.48 10.72 -63.05
CA THR C 1662 -3.85 12.14 -63.09
C THR C 1662 -3.96 12.72 -61.68
N TYR C 1663 -4.59 12.00 -60.75
CA TYR C 1663 -4.75 12.56 -59.42
C TYR C 1663 -3.40 12.67 -58.73
N THR C 1664 -2.51 11.69 -58.94
CA THR C 1664 -1.19 11.76 -58.33
C THR C 1664 -0.39 12.93 -58.89
N GLU C 1665 -0.44 13.16 -60.20
CA GLU C 1665 0.31 14.27 -60.76
C GLU C 1665 -0.22 15.60 -60.23
N CYS C 1666 -1.55 15.74 -60.16
CA CYS C 1666 -2.05 17.03 -59.67
C CYS C 1666 -1.83 17.20 -58.18
N VAL C 1667 -1.83 16.13 -57.39
CA VAL C 1667 -1.55 16.28 -55.96
C VAL C 1667 -0.08 16.60 -55.74
N ILE C 1668 0.80 16.06 -56.58
CA ILE C 1668 2.21 16.46 -56.53
C ILE C 1668 2.33 17.94 -56.85
N VAL C 1669 1.60 18.42 -57.87
CA VAL C 1669 1.66 19.83 -58.24
C VAL C 1669 1.17 20.71 -57.08
N ILE C 1670 0.04 20.34 -56.46
CA ILE C 1670 -0.50 21.18 -55.41
C ILE C 1670 0.37 21.12 -54.16
N LYS C 1671 0.96 19.96 -53.87
CA LYS C 1671 1.91 19.89 -52.76
C LYS C 1671 3.12 20.77 -53.02
N PHE C 1672 3.65 20.74 -54.25
CA PHE C 1672 4.81 21.56 -54.59
C PHE C 1672 4.48 23.04 -54.45
N VAL C 1673 3.32 23.47 -54.94
CA VAL C 1673 2.95 24.87 -54.79
C VAL C 1673 2.67 25.19 -53.33
N CYS C 1674 2.34 24.18 -52.53
CA CYS C 1674 2.18 24.38 -51.09
C CYS C 1674 3.52 24.54 -50.37
N GLN C 1675 4.59 23.96 -50.90
CA GLN C 1675 5.92 24.19 -50.33
C GLN C 1675 6.41 25.62 -50.52
N PHE C 1676 5.74 26.43 -51.33
CA PHE C 1676 6.15 27.81 -51.53
C PHE C 1676 6.02 28.60 -50.24
N ALA C 1677 6.53 29.84 -50.27
CA ALA C 1677 6.64 30.66 -49.07
C ALA C 1677 5.68 31.85 -49.04
N PHE C 1678 5.07 32.22 -50.18
CA PHE C 1678 4.17 33.37 -50.16
C PHE C 1678 2.92 33.08 -49.34
N MET C 1679 2.47 31.82 -49.31
CA MET C 1679 1.40 31.44 -48.41
C MET C 1679 1.89 31.54 -46.96
N PRO C 1680 1.00 31.89 -46.02
CA PRO C 1680 1.46 32.21 -44.67
C PRO C 1680 1.71 31.03 -43.74
N TYR C 1681 1.03 29.90 -43.96
CA TYR C 1681 1.22 28.75 -43.09
C TYR C 1681 2.59 28.10 -43.24
N ASN C 1682 3.28 28.34 -44.36
CA ASN C 1682 4.63 27.83 -44.53
C ASN C 1682 5.69 28.73 -43.89
N SER C 1683 5.30 29.90 -43.41
CA SER C 1683 6.25 30.78 -42.73
C SER C 1683 6.56 30.24 -41.34
N ILE C 1684 7.67 30.74 -40.78
CA ILE C 1684 8.10 30.28 -39.46
C ILE C 1684 7.09 30.67 -38.39
N THR C 1685 6.57 31.90 -38.46
CA THR C 1685 5.67 32.38 -37.42
C THR C 1685 4.41 31.54 -37.33
N TRP C 1686 3.79 31.24 -38.47
CA TRP C 1686 2.55 30.47 -38.45
C TRP C 1686 2.79 29.03 -38.00
N ARG C 1687 3.80 28.37 -38.58
CA ARG C 1687 4.14 27.01 -38.17
C ARG C 1687 4.41 26.92 -36.67
N THR C 1688 5.05 27.93 -36.08
CA THR C 1688 5.36 27.83 -34.66
C THR C 1688 4.19 28.30 -33.81
N GLU C 1689 3.24 29.02 -34.41
CA GLU C 1689 2.03 29.38 -33.69
C GLU C 1689 1.01 28.26 -33.72
N HIS C 1690 1.18 27.30 -34.63
CA HIS C 1690 0.18 26.27 -34.88
C HIS C 1690 0.79 24.88 -35.00
N GLN C 1691 1.64 24.49 -34.06
CA GLN C 1691 2.24 23.15 -34.13
C GLN C 1691 1.71 22.19 -33.08
N MET C 1692 1.07 22.67 -32.01
CA MET C 1692 0.45 21.77 -31.05
C MET C 1692 -0.77 21.07 -31.63
N ASP C 1693 -1.70 21.83 -32.17
CA ASP C 1693 -2.92 21.25 -32.72
C ASP C 1693 -2.64 20.46 -34.00
N PRO C 1694 -3.05 19.19 -34.08
CA PRO C 1694 -2.88 18.43 -35.33
C PRO C 1694 -4.04 18.61 -36.30
N MET C 1695 -5.13 19.22 -35.86
CA MET C 1695 -6.27 19.51 -36.72
C MET C 1695 -6.08 20.79 -37.52
N SER C 1696 -4.96 21.48 -37.32
CA SER C 1696 -4.68 22.72 -38.02
C SER C 1696 -4.75 22.53 -39.53
N LEU C 1697 -5.10 23.60 -40.23
CA LEU C 1697 -5.49 23.49 -41.64
C LEU C 1697 -4.37 22.93 -42.49
N ASP C 1698 -3.14 23.39 -42.29
CA ASP C 1698 -2.02 22.89 -43.08
C ASP C 1698 -1.78 21.42 -42.82
N LYS C 1699 -1.84 21.00 -41.55
CA LYS C 1699 -1.66 19.59 -41.23
C LYS C 1699 -2.90 18.77 -41.56
N LEU C 1700 -4.09 19.38 -41.45
CA LEU C 1700 -5.31 18.68 -41.83
C LEU C 1700 -5.30 18.35 -43.33
N PHE C 1701 -4.88 19.30 -44.16
CA PHE C 1701 -4.80 19.04 -45.59
C PHE C 1701 -3.61 18.17 -45.95
N GLY C 1702 -2.53 18.25 -45.19
CA GLY C 1702 -1.39 17.39 -45.42
C GLY C 1702 -0.19 18.08 -46.04
N VAL C 1703 -0.10 19.39 -45.85
CA VAL C 1703 1.00 20.20 -46.39
C VAL C 1703 1.69 20.91 -45.23
N SER C 1704 3.01 20.96 -45.29
CA SER C 1704 3.82 21.60 -44.26
C SER C 1704 5.19 21.87 -44.85
N GLN C 1705 6.12 22.33 -44.00
CA GLN C 1705 7.48 22.59 -44.45
C GLN C 1705 8.15 21.31 -44.92
N ARG C 1706 7.99 20.23 -44.16
CA ARG C 1706 8.53 18.91 -44.50
C ARG C 1706 10.04 19.00 -44.77
N ASP C 1707 10.77 19.32 -43.70
CA ASP C 1707 12.22 19.44 -43.79
C ASP C 1707 12.84 18.15 -44.33
N SER C 1708 12.32 17.00 -43.91
CA SER C 1708 12.73 15.74 -44.52
C SER C 1708 12.22 15.66 -45.95
N PHE C 1709 13.08 15.21 -46.86
CA PHE C 1709 12.76 15.17 -48.28
C PHE C 1709 11.74 14.07 -48.53
N ALA C 1710 10.52 14.44 -48.88
CA ALA C 1710 9.42 13.50 -49.10
C ALA C 1710 9.63 12.83 -50.46
N LEU C 1711 10.33 11.70 -50.45
CA LEU C 1711 10.61 10.96 -51.67
C LEU C 1711 9.55 9.92 -52.00
N TRP C 1712 8.51 9.79 -51.19
CA TRP C 1712 7.58 8.67 -51.33
C TRP C 1712 6.62 8.87 -52.48
N ASP C 1713 6.15 10.09 -52.72
CA ASP C 1713 5.20 10.29 -53.82
C ASP C 1713 5.88 10.17 -55.18
N ILE C 1714 7.20 10.45 -55.24
CA ILE C 1714 7.95 10.19 -56.47
C ILE C 1714 7.90 8.71 -56.81
N VAL C 1715 8.23 7.86 -55.83
CA VAL C 1715 8.24 6.43 -56.10
C VAL C 1715 6.81 5.92 -56.30
N LEU C 1716 5.81 6.58 -55.73
CA LEU C 1716 4.43 6.24 -56.06
C LEU C 1716 4.15 6.46 -57.54
N LEU C 1717 4.46 7.66 -58.03
CA LEU C 1717 4.24 7.94 -59.45
C LEU C 1717 5.02 6.97 -60.33
N PHE C 1718 6.24 6.64 -59.93
CA PHE C 1718 7.06 5.80 -60.79
C PHE C 1718 6.65 4.34 -60.74
N SER C 1719 6.18 3.84 -59.59
CA SER C 1719 5.60 2.50 -59.56
C SER C 1719 4.30 2.45 -60.36
N LEU C 1720 3.50 3.51 -60.30
CA LEU C 1720 2.28 3.57 -61.10
C LEU C 1720 2.59 3.51 -62.58
N PHE C 1721 3.53 4.34 -63.04
CA PHE C 1721 3.92 4.31 -64.44
C PHE C 1721 4.64 3.01 -64.81
N PHE C 1722 5.32 2.38 -63.85
CA PHE C 1722 5.96 1.11 -64.10
C PHE C 1722 4.93 0.01 -64.35
N HIS C 1723 3.88 -0.03 -63.52
CA HIS C 1723 2.79 -0.98 -63.73
C HIS C 1723 2.06 -0.68 -65.04
N ARG C 1724 1.89 0.61 -65.37
CA ARG C 1724 1.32 0.98 -66.66
C ARG C 1724 2.17 0.47 -67.81
N TYR C 1725 3.50 0.58 -67.69
CA TYR C 1725 4.40 0.09 -68.72
C TYR C 1725 4.31 -1.42 -68.86
N MET C 1726 4.23 -2.14 -67.75
CA MET C 1726 4.06 -3.59 -67.84
C MET C 1726 2.73 -3.97 -68.48
N LEU C 1727 1.66 -3.24 -68.14
CA LEU C 1727 0.37 -3.51 -68.78
C LEU C 1727 0.44 -3.26 -70.28
N ARG C 1728 1.11 -2.19 -70.70
CA ARG C 1728 1.30 -1.94 -72.13
C ARG C 1728 2.15 -3.04 -72.77
N LYS C 1729 3.18 -3.51 -72.07
CA LYS C 1729 4.04 -4.56 -72.59
C LYS C 1729 3.27 -5.84 -72.81
N LEU C 1730 2.41 -6.21 -71.86
CA LEU C 1730 1.64 -7.44 -71.97
C LEU C 1730 0.41 -7.30 -72.86
N GLY C 1731 0.02 -6.07 -73.22
CA GLY C 1731 -1.19 -5.83 -73.97
C GLY C 1731 -2.45 -5.81 -73.13
N LEU C 1732 -2.33 -5.96 -71.82
CA LEU C 1732 -3.48 -5.96 -70.93
C LEU C 1732 -3.85 -4.56 -70.47
N TRP C 1733 -3.10 -3.54 -70.92
CA TRP C 1733 -3.42 -2.16 -70.59
C TRP C 1733 -4.76 -1.74 -71.17
N LYS C 1734 -5.05 -2.14 -72.41
CA LYS C 1734 -6.30 -1.79 -73.06
C LYS C 1734 -7.45 -2.63 -72.50
N GLN C 1809 -26.60 -5.37 -68.12
CA GLN C 1809 -26.81 -3.99 -67.70
C GLN C 1809 -26.43 -3.79 -66.22
N SER C 1810 -27.34 -3.17 -65.46
CA SER C 1810 -27.22 -2.85 -64.04
C SER C 1810 -26.17 -1.78 -63.76
N GLY C 1811 -25.63 -1.12 -64.79
CA GLY C 1811 -24.68 -0.05 -64.59
C GLY C 1811 -23.28 -0.56 -64.33
N PRO C 1812 -22.30 0.35 -64.37
CA PRO C 1812 -20.92 -0.06 -64.06
C PRO C 1812 -20.76 -0.64 -62.66
N ILE C 1813 -21.50 -0.10 -61.67
CA ILE C 1813 -21.42 -0.63 -60.32
C ILE C 1813 -22.00 -2.04 -60.27
N GLY C 1814 -23.14 -2.26 -60.94
CA GLY C 1814 -23.72 -3.58 -60.98
C GLY C 1814 -22.81 -4.60 -61.65
N ARG C 1815 -22.18 -4.20 -62.76
CA ARG C 1815 -21.23 -5.10 -63.42
C ARG C 1815 -20.04 -5.38 -62.53
N PHE C 1816 -19.56 -4.36 -61.81
CA PHE C 1816 -18.46 -4.55 -60.87
C PHE C 1816 -18.83 -5.59 -59.81
N ILE C 1817 -20.01 -5.45 -59.21
CA ILE C 1817 -20.43 -6.38 -58.17
C ILE C 1817 -20.60 -7.78 -58.76
N HIS C 1818 -21.18 -7.88 -59.96
CA HIS C 1818 -21.39 -9.18 -60.58
C HIS C 1818 -20.07 -9.88 -60.86
N GLN C 1819 -19.08 -9.15 -61.40
CA GLN C 1819 -17.80 -9.77 -61.69
C GLN C 1819 -17.01 -10.04 -60.41
N LEU C 1820 -17.28 -9.28 -59.34
CA LEU C 1820 -16.60 -9.53 -58.08
C LEU C 1820 -17.12 -10.82 -57.43
N PHE C 1821 -18.44 -11.02 -57.45
CA PHE C 1821 -19.03 -12.19 -56.81
C PHE C 1821 -19.09 -13.40 -57.73
N HIS C 1822 -18.77 -13.24 -59.01
CA HIS C 1822 -18.76 -14.35 -59.97
C HIS C 1822 -17.42 -14.32 -60.71
N PRO C 1823 -16.37 -14.86 -60.09
CA PRO C 1823 -15.02 -14.77 -60.68
C PRO C 1823 -14.89 -15.66 -61.91
N LYS C 1824 -14.82 -15.03 -63.08
CA LYS C 1824 -14.54 -15.77 -64.30
C LYS C 1824 -13.12 -16.32 -64.29
N PHE C 1825 -12.17 -15.53 -63.80
CA PHE C 1825 -10.80 -15.97 -63.53
C PHE C 1825 -10.57 -15.88 -62.02
N ARG C 1826 -10.04 -16.97 -61.44
CA ARG C 1826 -9.81 -16.99 -60.01
C ARG C 1826 -8.73 -18.00 -59.67
N TYR C 1827 -8.08 -17.80 -58.52
CA TYR C 1827 -7.21 -18.80 -57.90
C TYR C 1827 -7.82 -19.21 -56.57
N ILE C 1828 -7.26 -20.27 -55.98
CA ILE C 1828 -7.66 -20.75 -54.67
C ILE C 1828 -6.43 -20.88 -53.81
N ARG C 1829 -6.46 -20.27 -52.63
CA ARG C 1829 -5.38 -20.36 -51.66
C ARG C 1829 -5.83 -19.77 -50.33
N ASP C 1830 -5.48 -20.42 -49.23
CA ASP C 1830 -5.88 -19.95 -47.91
C ASP C 1830 -4.84 -18.98 -47.38
N LEU C 1831 -5.24 -17.72 -47.22
CA LEU C 1831 -4.36 -16.67 -46.69
C LEU C 1831 -4.79 -16.21 -45.30
N TYR C 1832 -5.68 -16.93 -44.64
CA TYR C 1832 -6.07 -16.57 -43.29
C TYR C 1832 -4.91 -16.57 -42.31
N PRO C 1833 -3.99 -17.54 -42.32
CA PRO C 1833 -2.81 -17.42 -41.44
C PRO C 1833 -2.04 -16.13 -41.64
N ILE C 1834 -1.92 -15.66 -42.88
CA ILE C 1834 -1.18 -14.43 -43.15
C ILE C 1834 -1.86 -13.25 -42.47
N MET C 1835 -3.16 -13.08 -42.70
CA MET C 1835 -3.87 -11.94 -42.13
C MET C 1835 -3.95 -12.05 -40.61
N PHE C 1836 -4.03 -13.28 -40.08
CA PHE C 1836 -3.99 -13.46 -38.63
C PHE C 1836 -2.64 -13.03 -38.07
N GLY C 1837 -1.56 -13.37 -38.76
CA GLY C 1837 -0.26 -12.86 -38.36
C GLY C 1837 -0.20 -11.34 -38.36
N ILE C 1838 -0.69 -10.73 -39.44
CA ILE C 1838 -0.61 -9.28 -39.59
C ILE C 1838 -1.40 -8.58 -38.48
N ASP C 1839 -2.62 -9.04 -38.22
CA ASP C 1839 -3.41 -8.32 -37.22
C ASP C 1839 -3.01 -8.67 -35.79
N VAL C 1840 -2.42 -9.85 -35.54
CA VAL C 1840 -1.81 -10.07 -34.24
C VAL C 1840 -0.60 -9.16 -34.04
N ILE C 1841 0.18 -8.93 -35.10
CA ILE C 1841 1.31 -8.01 -34.98
C ILE C 1841 0.83 -6.59 -34.71
N CYS C 1842 -0.24 -6.15 -35.40
CA CYS C 1842 -0.71 -4.80 -35.13
C CYS C 1842 -1.29 -4.68 -33.73
N PHE C 1843 -1.97 -5.72 -33.25
CA PHE C 1843 -2.45 -5.74 -31.87
C PHE C 1843 -1.27 -5.61 -30.90
N LEU C 1844 -0.20 -6.37 -31.14
CA LEU C 1844 0.94 -6.36 -30.24
C LEU C 1844 1.63 -5.01 -30.24
N ILE C 1845 1.83 -4.42 -31.42
CA ILE C 1845 2.51 -3.13 -31.47
C ILE C 1845 1.60 -2.03 -30.93
N MET C 1846 0.28 -2.22 -30.98
CA MET C 1846 -0.63 -1.25 -30.43
C MET C 1846 -0.66 -1.29 -28.90
N THR C 1847 -0.63 -2.49 -28.31
CA THR C 1847 -0.63 -2.58 -26.86
C THR C 1847 0.74 -2.24 -26.29
N PHE C 1848 1.81 -2.57 -27.03
CA PHE C 1848 3.15 -2.23 -26.56
C PHE C 1848 3.43 -0.74 -26.72
N GLY C 1849 3.02 -0.16 -27.85
CA GLY C 1849 3.19 1.26 -28.07
C GLY C 1849 2.02 2.06 -27.56
N TYR C 1850 1.46 1.63 -26.43
CA TYR C 1850 0.28 2.27 -25.85
C TYR C 1850 0.54 3.68 -25.36
N SER C 1851 1.81 4.05 -25.17
CA SER C 1851 2.13 5.35 -24.60
C SER C 1851 1.69 6.49 -25.52
N ALA C 1852 1.90 6.34 -26.82
CA ALA C 1852 1.61 7.41 -27.77
C ALA C 1852 0.14 7.53 -28.12
N PHE C 1853 -0.69 6.57 -27.73
CA PHE C 1853 -2.12 6.64 -28.01
C PHE C 1853 -2.90 7.38 -26.92
N GLY C 1854 -2.23 7.85 -25.87
CA GLY C 1854 -2.88 8.63 -24.85
C GLY C 1854 -2.34 10.05 -24.78
N GLU C 1855 -1.62 10.36 -23.70
CA GLU C 1855 -1.00 11.67 -23.50
C GLU C 1855 -2.02 12.80 -23.55
N LYS C 1866 4.70 14.39 -18.30
CA LYS C 1866 3.54 14.52 -17.42
C LYS C 1866 2.27 14.03 -18.13
N ALA C 1867 1.29 13.58 -17.35
CA ALA C 1867 0.03 13.06 -17.84
C ALA C 1867 0.20 11.80 -18.70
N SER C 1868 1.27 11.05 -18.45
CA SER C 1868 1.51 9.78 -19.14
C SER C 1868 0.76 8.70 -18.35
N ARG C 1869 -0.56 8.74 -18.43
CA ARG C 1869 -1.42 7.86 -17.65
C ARG C 1869 -2.43 7.23 -18.60
N ILE C 1870 -2.81 6.00 -18.28
CA ILE C 1870 -3.59 5.19 -19.22
C ILE C 1870 -4.97 5.80 -19.41
N PRO C 1871 -5.41 6.02 -20.66
CA PRO C 1871 -6.74 6.57 -20.90
C PRO C 1871 -7.79 5.49 -21.16
N VAL C 1872 -9.06 5.92 -21.11
CA VAL C 1872 -10.17 5.04 -21.47
C VAL C 1872 -10.15 4.74 -22.96
N THR C 1873 -9.72 5.71 -23.78
CA THR C 1873 -9.63 5.49 -25.22
C THR C 1873 -8.75 4.29 -25.54
N LEU C 1874 -7.68 4.10 -24.78
CA LEU C 1874 -6.78 2.96 -25.01
C LEU C 1874 -7.52 1.64 -24.82
N VAL C 1875 -8.21 1.48 -23.69
CA VAL C 1875 -8.86 0.20 -23.41
C VAL C 1875 -10.01 -0.05 -24.36
N VAL C 1876 -10.76 1.00 -24.73
CA VAL C 1876 -11.86 0.78 -25.67
C VAL C 1876 -11.31 0.48 -27.06
N MET C 1877 -10.14 1.03 -27.40
CA MET C 1877 -9.50 0.68 -28.66
C MET C 1877 -9.09 -0.78 -28.68
N LEU C 1878 -8.54 -1.28 -27.57
CA LEU C 1878 -8.24 -2.71 -27.47
C LEU C 1878 -9.51 -3.55 -27.57
N VAL C 1879 -10.60 -3.09 -26.96
CA VAL C 1879 -11.87 -3.80 -27.08
C VAL C 1879 -12.28 -3.89 -28.55
N GLY C 1880 -12.22 -2.77 -29.27
CA GLY C 1880 -12.61 -2.77 -30.67
C GLY C 1880 -11.71 -3.65 -31.51
N MET C 1881 -10.40 -3.64 -31.25
CA MET C 1881 -9.49 -4.49 -32.00
C MET C 1881 -9.77 -5.97 -31.75
N THR C 1882 -10.02 -6.34 -30.49
CA THR C 1882 -10.34 -7.73 -30.19
C THR C 1882 -11.64 -8.15 -30.86
N LEU C 1883 -12.65 -7.28 -30.84
CA LEU C 1883 -13.90 -7.59 -31.54
C LEU C 1883 -13.67 -7.71 -33.04
N ALA C 1884 -12.77 -6.89 -33.59
CA ALA C 1884 -12.46 -7.00 -35.02
C ALA C 1884 -11.82 -8.35 -35.34
N ILE C 1885 -10.90 -8.80 -34.50
CA ILE C 1885 -10.30 -10.13 -34.69
C ILE C 1885 -11.38 -11.20 -34.61
N ILE C 1886 -12.28 -11.07 -33.63
CA ILE C 1886 -13.34 -12.07 -33.44
C ILE C 1886 -14.24 -12.14 -34.67
N ILE C 1887 -14.65 -10.97 -35.17
CA ILE C 1887 -15.55 -10.96 -36.33
C ILE C 1887 -14.83 -11.40 -37.59
N ASP C 1888 -13.52 -11.14 -37.69
CA ASP C 1888 -12.77 -11.64 -38.84
C ASP C 1888 -12.73 -13.16 -38.83
N ARG C 1889 -12.46 -13.75 -37.68
CA ARG C 1889 -12.47 -15.22 -37.59
C ARG C 1889 -13.88 -15.76 -37.84
N ALA C 1890 -14.91 -15.05 -37.38
CA ALA C 1890 -16.29 -15.47 -37.64
C ALA C 1890 -16.59 -15.51 -39.12
N LEU C 1891 -16.21 -14.44 -39.84
CA LEU C 1891 -16.46 -14.38 -41.28
C LEU C 1891 -15.66 -15.44 -42.02
N TYR C 1892 -14.43 -15.70 -41.56
CA TYR C 1892 -13.65 -16.78 -42.17
C TYR C 1892 -14.31 -18.13 -41.96
N LEU C 1893 -14.79 -18.40 -40.75
CA LEU C 1893 -15.39 -19.71 -40.46
C LEU C 1893 -16.71 -19.90 -41.21
N ARG C 1894 -17.52 -18.83 -41.29
CA ARG C 1894 -18.77 -18.93 -42.03
C ARG C 1894 -18.59 -18.77 -43.53
N LYS C 1895 -17.40 -18.39 -43.98
CA LYS C 1895 -17.10 -18.24 -45.41
C LYS C 1895 -18.07 -17.26 -46.07
N SER C 1896 -18.40 -16.18 -45.38
CA SER C 1896 -19.32 -15.16 -45.89
C SER C 1896 -18.52 -14.15 -46.70
N VAL C 1897 -18.57 -14.29 -48.02
CA VAL C 1897 -17.84 -13.38 -48.90
C VAL C 1897 -18.40 -11.97 -48.78
N VAL C 1898 -19.72 -11.83 -48.79
CA VAL C 1898 -20.33 -10.51 -48.70
C VAL C 1898 -20.09 -9.90 -47.32
N GLY C 1899 -20.18 -10.72 -46.27
CA GLY C 1899 -19.90 -10.22 -44.94
C GLY C 1899 -18.45 -9.75 -44.79
N LYS C 1900 -17.51 -10.54 -45.31
CA LYS C 1900 -16.12 -10.12 -45.27
C LYS C 1900 -15.91 -8.85 -46.07
N LEU C 1901 -16.54 -8.73 -47.24
CA LEU C 1901 -16.39 -7.54 -48.05
C LEU C 1901 -16.89 -6.29 -47.33
N ILE C 1902 -18.10 -6.39 -46.73
CA ILE C 1902 -18.67 -5.22 -46.07
C ILE C 1902 -17.87 -4.87 -44.82
N TYR C 1903 -17.43 -5.88 -44.06
CA TYR C 1903 -16.61 -5.63 -42.89
C TYR C 1903 -15.29 -4.99 -43.29
N GLN C 1904 -14.70 -5.45 -44.38
CA GLN C 1904 -13.43 -4.90 -44.85
C GLN C 1904 -13.58 -3.45 -45.29
N VAL C 1905 -14.68 -3.13 -45.98
CA VAL C 1905 -14.91 -1.75 -46.41
C VAL C 1905 -15.09 -0.85 -45.20
N LEU C 1906 -15.94 -1.25 -44.27
CA LEU C 1906 -16.16 -0.44 -43.07
C LEU C 1906 -14.89 -0.32 -42.24
N MET C 1907 -14.06 -1.37 -42.22
CA MET C 1907 -12.82 -1.34 -41.46
C MET C 1907 -11.83 -0.36 -42.07
N ILE C 1908 -11.73 -0.33 -43.41
CA ILE C 1908 -10.88 0.68 -44.05
C ILE C 1908 -11.39 2.07 -43.72
N ALA C 1909 -12.70 2.29 -43.87
CA ALA C 1909 -13.26 3.60 -43.59
C ALA C 1909 -12.95 4.05 -42.17
N PHE C 1910 -13.24 3.18 -41.19
CA PHE C 1910 -12.95 3.44 -39.79
C PHE C 1910 -11.48 3.76 -39.59
N LEU C 1911 -10.60 2.78 -39.85
CA LEU C 1911 -9.17 2.99 -39.71
C LEU C 1911 -8.74 4.36 -40.21
N HIS C 1912 -9.12 4.71 -41.44
CA HIS C 1912 -8.69 5.98 -42.01
C HIS C 1912 -9.21 7.15 -41.19
N ILE C 1913 -10.53 7.23 -40.97
CA ILE C 1913 -11.09 8.43 -40.34
C ILE C 1913 -10.59 8.55 -38.91
N TRP C 1914 -10.58 7.44 -38.17
CA TRP C 1914 -10.09 7.47 -36.79
C TRP C 1914 -8.63 7.89 -36.74
N VAL C 1915 -7.75 7.14 -37.41
CA VAL C 1915 -6.32 7.41 -37.34
C VAL C 1915 -6.01 8.86 -37.73
N PHE C 1916 -6.81 9.42 -38.64
CA PHE C 1916 -6.43 10.69 -39.26
C PHE C 1916 -7.16 11.90 -38.70
N LEU C 1917 -8.27 11.72 -38.00
CA LEU C 1917 -9.02 12.83 -37.42
C LEU C 1917 -9.19 12.72 -35.91
N VAL C 1918 -9.45 11.52 -35.39
CA VAL C 1918 -9.77 11.38 -33.97
C VAL C 1918 -8.53 11.16 -33.13
N LEU C 1919 -7.66 10.23 -33.57
CA LEU C 1919 -6.42 10.00 -32.83
C LEU C 1919 -5.56 11.25 -32.71
N PRO C 1920 -5.30 12.03 -33.77
CA PRO C 1920 -4.59 13.29 -33.56
C PRO C 1920 -5.34 14.24 -32.65
N ASN C 1921 -6.68 14.26 -32.73
CA ASN C 1921 -7.46 15.13 -31.86
C ASN C 1921 -7.41 14.67 -30.41
N MET C 1922 -7.54 13.35 -30.17
CA MET C 1922 -7.56 12.84 -28.81
C MET C 1922 -6.19 12.93 -28.16
N THR C 1923 -5.14 12.53 -28.87
CA THR C 1923 -3.80 12.48 -28.30
C THR C 1923 -3.04 13.79 -28.46
N ARG C 1924 -3.58 14.77 -29.18
CA ARG C 1924 -2.91 16.05 -29.42
C ARG C 1924 -1.55 15.86 -30.07
N ARG C 1925 -1.40 14.83 -30.89
CA ARG C 1925 -0.15 14.52 -31.56
C ARG C 1925 -0.39 14.43 -33.06
N SER C 1926 0.46 15.08 -33.84
CA SER C 1926 0.31 15.09 -35.29
C SER C 1926 0.54 13.69 -35.85
N ALA C 1927 -0.15 13.39 -36.95
CA ALA C 1927 0.01 12.09 -37.61
C ALA C 1927 1.43 11.88 -38.12
N ILE C 1928 2.15 12.95 -38.44
CA ILE C 1928 3.55 12.81 -38.85
C ILE C 1928 4.40 12.36 -37.68
N SER C 1929 4.15 12.90 -36.49
CA SER C 1929 4.89 12.54 -35.29
C SER C 1929 4.28 11.38 -34.53
N ASN C 1930 3.39 10.62 -35.17
CA ASN C 1930 2.70 9.49 -34.55
C ASN C 1930 3.26 8.15 -35.03
N HIS C 1931 4.59 8.08 -35.17
CA HIS C 1931 5.30 6.97 -35.81
C HIS C 1931 4.76 5.58 -35.47
N VAL C 1932 4.45 5.33 -34.20
CA VAL C 1932 3.91 4.02 -33.83
C VAL C 1932 2.53 3.81 -34.43
N ALA C 1933 1.69 4.86 -34.40
CA ALA C 1933 0.40 4.76 -35.06
C ALA C 1933 0.56 4.67 -36.57
N GLN C 1934 1.61 5.29 -37.12
CA GLN C 1934 1.91 5.13 -38.54
C GLN C 1934 2.21 3.68 -38.89
N ALA C 1935 3.04 3.02 -38.07
CA ALA C 1935 3.33 1.61 -38.28
C ALA C 1935 2.07 0.77 -38.14
N LEU C 1936 1.22 1.09 -37.15
CA LEU C 1936 -0.03 0.38 -37.00
C LEU C 1936 -0.91 0.53 -38.24
N TYR C 1937 -0.98 1.74 -38.78
CA TYR C 1937 -1.76 1.98 -39.99
C TYR C 1937 -1.21 1.18 -41.17
N VAL C 1938 0.12 1.15 -41.32
CA VAL C 1938 0.73 0.39 -42.42
C VAL C 1938 0.42 -1.08 -42.27
N ILE C 1939 0.52 -1.62 -41.05
CA ILE C 1939 0.26 -3.04 -40.82
C ILE C 1939 -1.19 -3.36 -41.11
N LYS C 1940 -2.12 -2.52 -40.64
CA LYS C 1940 -3.53 -2.76 -40.91
C LYS C 1940 -3.85 -2.62 -42.40
N SER C 1941 -3.13 -1.75 -43.10
CA SER C 1941 -3.33 -1.63 -44.54
C SER C 1941 -2.81 -2.86 -45.28
N CYS C 1942 -1.71 -3.46 -44.80
CA CYS C 1942 -1.27 -4.72 -45.36
C CYS C 1942 -2.30 -5.82 -45.10
N TYR C 1943 -2.91 -5.81 -43.92
CA TYR C 1943 -4.00 -6.73 -43.63
C TYR C 1943 -5.18 -6.49 -44.59
N PHE C 1944 -5.46 -5.22 -44.90
CA PHE C 1944 -6.49 -4.92 -45.88
C PHE C 1944 -6.12 -5.46 -47.25
N LEU C 1945 -4.85 -5.35 -47.63
CA LEU C 1945 -4.38 -5.89 -48.90
C LEU C 1945 -4.64 -7.39 -48.99
N VAL C 1946 -4.23 -8.13 -47.97
CA VAL C 1946 -4.38 -9.59 -48.02
C VAL C 1946 -5.86 -9.98 -47.94
N SER C 1947 -6.65 -9.25 -47.15
CA SER C 1947 -8.08 -9.53 -47.08
C SER C 1947 -8.76 -9.27 -48.42
N ALA C 1948 -8.36 -8.18 -49.11
CA ALA C 1948 -8.91 -7.91 -50.43
C ALA C 1948 -8.52 -8.99 -51.43
N TRP C 1949 -7.28 -9.48 -51.35
CA TRP C 1949 -6.88 -10.59 -52.20
C TRP C 1949 -7.76 -11.81 -51.95
N GLN C 1950 -8.00 -12.11 -50.67
CA GLN C 1950 -8.83 -13.27 -50.32
C GLN C 1950 -10.26 -13.09 -50.82
N ILE C 1951 -10.82 -11.89 -50.69
CA ILE C 1951 -12.17 -11.63 -51.18
C ILE C 1951 -12.24 -11.79 -52.68
N ARG C 1952 -11.23 -11.26 -53.39
CA ARG C 1952 -11.19 -11.38 -54.84
C ARG C 1952 -11.12 -12.83 -55.28
N ASN C 1953 -10.30 -13.63 -54.60
CA ASN C 1953 -10.13 -15.03 -54.97
C ASN C 1953 -11.11 -15.95 -54.27
N GLY C 1954 -12.00 -15.40 -53.43
CA GLY C 1954 -13.01 -16.19 -52.77
C GLY C 1954 -12.49 -17.03 -51.62
N TYR C 1955 -13.36 -17.36 -50.67
CA TYR C 1955 -12.97 -18.19 -49.54
C TYR C 1955 -12.71 -19.62 -50.02
N PRO C 1956 -11.58 -20.22 -49.65
CA PRO C 1956 -11.33 -21.62 -50.04
C PRO C 1956 -12.26 -22.58 -49.32
N GLU C 1957 -13.20 -23.16 -50.06
CA GLU C 1957 -14.16 -24.11 -49.48
C GLU C 1957 -13.53 -25.46 -49.16
N LEU C 1958 -12.30 -25.70 -49.60
CA LEU C 1958 -11.60 -26.94 -49.29
C LEU C 1958 -11.36 -27.03 -47.78
N CYS C 1959 -11.28 -28.27 -47.28
CA CYS C 1959 -11.05 -28.50 -45.86
C CYS C 1959 -9.77 -27.81 -45.40
N ILE C 1960 -9.82 -27.21 -44.22
CA ILE C 1960 -8.79 -26.28 -43.80
C ILE C 1960 -7.98 -26.87 -42.64
N GLY C 1961 -8.66 -27.10 -41.51
CA GLY C 1961 -7.99 -27.65 -40.34
C GLY C 1961 -7.70 -26.63 -39.26
N ASN C 1962 -6.72 -26.90 -38.40
CA ASN C 1962 -6.33 -26.00 -37.34
C ASN C 1962 -5.23 -25.03 -37.73
N LEU C 1963 -4.68 -25.17 -38.93
CA LEU C 1963 -3.73 -24.24 -39.53
C LEU C 1963 -2.37 -24.28 -38.82
N LEU C 1964 -2.28 -25.09 -37.77
CA LEU C 1964 -1.05 -25.18 -36.98
C LEU C 1964 -0.57 -26.61 -36.77
N THR C 1965 -1.44 -27.62 -36.90
CA THR C 1965 -1.06 -29.01 -36.70
C THR C 1965 -0.98 -29.75 -38.03
N HIS C 1966 -0.80 -29.02 -39.13
CA HIS C 1966 -0.65 -29.65 -40.43
C HIS C 1966 0.60 -30.52 -40.49
N SER C 1967 1.70 -30.03 -39.94
CA SER C 1967 2.95 -30.77 -39.88
C SER C 1967 3.35 -30.98 -38.43
N TYR C 1968 4.04 -32.09 -38.17
CA TYR C 1968 4.46 -32.48 -36.83
C TYR C 1968 5.96 -32.27 -36.72
N GLY C 1969 6.36 -31.24 -35.97
CA GLY C 1969 7.77 -30.93 -35.84
C GLY C 1969 8.03 -30.09 -34.60
N MET C 1970 9.31 -29.86 -34.34
CA MET C 1970 9.71 -29.12 -33.14
C MET C 1970 9.16 -27.70 -33.17
N THR C 1971 9.20 -27.04 -34.32
CA THR C 1971 8.63 -25.70 -34.43
C THR C 1971 7.13 -25.73 -34.17
N ASN C 1972 6.43 -26.68 -34.75
CA ASN C 1972 5.00 -26.82 -34.49
C ASN C 1972 4.74 -27.20 -33.04
N MET C 1973 5.60 -28.04 -32.47
CA MET C 1973 5.51 -28.38 -31.05
C MET C 1973 5.53 -27.13 -30.20
N ILE C 1974 6.54 -26.28 -30.41
CA ILE C 1974 6.71 -25.08 -29.60
C ILE C 1974 5.54 -24.12 -29.82
N ALA C 1975 5.14 -23.94 -31.08
CA ALA C 1975 4.06 -23.01 -31.38
C ALA C 1975 2.76 -23.44 -30.71
N PHE C 1976 2.41 -24.72 -30.84
CA PHE C 1976 1.16 -25.19 -30.25
C PHE C 1976 1.24 -25.19 -28.73
N LYS C 1977 2.40 -25.53 -28.17
CA LYS C 1977 2.55 -25.55 -26.72
C LYS C 1977 2.41 -24.14 -26.14
N VAL C 1978 3.01 -23.14 -26.78
CA VAL C 1978 2.85 -21.77 -26.29
C VAL C 1978 1.45 -21.25 -26.55
N PHE C 1979 0.80 -21.69 -27.63
CA PHE C 1979 -0.58 -21.29 -27.88
C PHE C 1979 -1.50 -21.81 -26.78
N MET C 1980 -1.34 -23.08 -26.39
CA MET C 1980 -2.13 -23.62 -25.30
C MET C 1980 -1.76 -22.99 -23.96
N ASN C 1981 -0.46 -22.78 -23.72
CA ASN C 1981 -0.01 -22.25 -22.44
C ASN C 1981 -0.48 -20.81 -22.23
N ILE C 1982 -0.62 -20.04 -23.30
CA ILE C 1982 -1.16 -18.69 -23.21
C ILE C 1982 -2.61 -18.81 -22.76
N PRO C 1983 -2.99 -18.21 -21.63
CA PRO C 1983 -4.36 -18.35 -21.16
C PRO C 1983 -5.32 -17.47 -21.92
N PHE C 1984 -6.59 -17.88 -21.93
CA PHE C 1984 -7.66 -17.08 -22.53
C PHE C 1984 -7.39 -16.83 -24.01
N LEU C 1985 -6.78 -17.80 -24.68
CA LEU C 1985 -6.59 -17.79 -26.12
C LEU C 1985 -7.05 -19.09 -26.76
N PHE C 1986 -6.81 -20.23 -26.10
CA PHE C 1986 -7.25 -21.51 -26.65
C PHE C 1986 -8.76 -21.62 -26.68
N GLU C 1987 -9.41 -21.35 -25.54
CA GLU C 1987 -10.87 -21.50 -25.50
C GLU C 1987 -11.56 -20.41 -26.29
N LEU C 1988 -10.90 -19.26 -26.46
CA LEU C 1988 -11.42 -18.26 -27.39
C LEU C 1988 -11.54 -18.85 -28.79
N ARG C 1989 -10.44 -19.41 -29.29
CA ARG C 1989 -10.42 -19.99 -30.63
C ARG C 1989 -11.43 -21.14 -30.74
N THR C 1990 -11.49 -21.99 -29.72
CA THR C 1990 -12.39 -23.13 -29.77
C THR C 1990 -13.86 -22.70 -29.75
N ALA C 1991 -14.22 -21.76 -28.87
CA ALA C 1991 -15.59 -21.29 -28.80
C ALA C 1991 -15.99 -20.60 -30.10
N ILE C 1992 -15.10 -19.79 -30.65
CA ILE C 1992 -15.39 -19.12 -31.92
C ILE C 1992 -15.62 -20.15 -33.02
N ASP C 1993 -14.77 -21.17 -33.09
CA ASP C 1993 -14.97 -22.22 -34.08
C ASP C 1993 -16.31 -22.93 -33.89
N TRP C 1994 -16.58 -23.38 -32.66
CA TRP C 1994 -17.80 -24.15 -32.42
C TRP C 1994 -19.04 -23.34 -32.76
N THR C 1995 -19.06 -22.07 -32.36
CA THR C 1995 -20.23 -21.25 -32.64
C THR C 1995 -20.35 -20.92 -34.12
N TRP C 1996 -19.22 -20.84 -34.82
CA TRP C 1996 -19.23 -20.32 -36.18
C TRP C 1996 -19.13 -21.40 -37.25
N THR C 1997 -18.73 -22.63 -36.90
CA THR C 1997 -18.81 -23.71 -37.86
C THR C 1997 -20.12 -24.48 -37.67
N ASP C 1998 -20.36 -25.44 -38.56
CA ASP C 1998 -21.52 -26.31 -38.47
C ASP C 1998 -21.08 -27.62 -37.85
N THR C 1999 -21.68 -27.97 -36.72
CA THR C 1999 -21.37 -29.21 -36.03
C THR C 1999 -22.60 -29.66 -35.26
N SER C 2000 -22.63 -30.95 -34.93
CA SER C 2000 -23.76 -31.57 -34.26
C SER C 2000 -23.49 -31.89 -32.79
N MET C 2001 -22.48 -31.28 -32.20
CA MET C 2001 -22.15 -31.61 -30.82
C MET C 2001 -22.05 -30.34 -29.98
N PRO C 2002 -22.39 -30.40 -28.69
CA PRO C 2002 -22.57 -29.16 -27.92
C PRO C 2002 -21.27 -28.46 -27.53
N LEU C 2003 -21.42 -27.42 -26.71
CA LEU C 2003 -20.32 -26.51 -26.40
C LEU C 2003 -19.22 -27.23 -25.62
N PHE C 2004 -19.57 -27.73 -24.43
CA PHE C 2004 -18.59 -28.39 -23.57
C PHE C 2004 -18.01 -29.64 -24.22
N ASP C 2005 -18.82 -30.40 -24.94
CA ASP C 2005 -18.29 -31.54 -25.68
C ASP C 2005 -17.32 -31.09 -26.76
N PHE C 2006 -17.57 -29.93 -27.36
CA PHE C 2006 -16.64 -29.42 -28.37
C PHE C 2006 -15.30 -29.05 -27.75
N PHE C 2007 -15.31 -28.41 -26.58
CA PHE C 2007 -14.04 -28.16 -25.90
C PHE C 2007 -13.37 -29.45 -25.45
N ASN C 2008 -14.15 -30.45 -25.04
CA ASN C 2008 -13.56 -31.73 -24.69
C ASN C 2008 -12.85 -32.34 -25.89
N MET C 2009 -13.49 -32.30 -27.06
CA MET C 2009 -12.85 -32.81 -28.27
C MET C 2009 -11.61 -32.01 -28.64
N GLU C 2010 -11.67 -30.69 -28.51
CA GLU C 2010 -10.51 -29.87 -28.83
C GLU C 2010 -9.34 -30.17 -27.90
N ASN C 2011 -9.63 -30.35 -26.60
CA ASN C 2011 -8.57 -30.73 -25.67
C ASN C 2011 -8.02 -32.12 -26.03
N PHE C 2012 -8.88 -33.04 -26.42
CA PHE C 2012 -8.42 -34.36 -26.84
C PHE C 2012 -7.51 -34.26 -28.05
N TYR C 2013 -7.89 -33.45 -29.04
CA TYR C 2013 -7.05 -33.26 -30.22
C TYR C 2013 -5.73 -32.62 -29.86
N ALA C 2014 -5.76 -31.63 -28.96
CA ALA C 2014 -4.52 -30.99 -28.52
C ALA C 2014 -3.59 -32.01 -27.88
N HIS C 2015 -4.12 -32.83 -26.98
CA HIS C 2015 -3.30 -33.83 -26.30
C HIS C 2015 -2.74 -34.85 -27.28
N ILE C 2016 -3.59 -35.33 -28.21
CA ILE C 2016 -3.16 -36.36 -29.14
C ILE C 2016 -2.12 -35.80 -30.11
N PHE C 2017 -2.33 -34.58 -30.59
CA PHE C 2017 -1.35 -33.97 -31.49
C PHE C 2017 -0.04 -33.72 -30.77
N ASN C 2018 -0.09 -33.29 -29.50
CA ASN C 2018 1.14 -33.11 -28.74
C ASN C 2018 1.88 -34.43 -28.59
N ILE C 2019 1.14 -35.52 -28.29
CA ILE C 2019 1.77 -36.82 -28.16
C ILE C 2019 2.41 -37.25 -29.48
N LYS C 2020 1.68 -37.13 -30.58
CA LYS C 2020 2.21 -37.56 -31.87
C LYS C 2020 3.43 -36.72 -32.27
N CYS C 2021 3.38 -35.42 -32.01
CA CYS C 2021 4.51 -34.57 -32.32
C CYS C 2021 5.72 -34.92 -31.47
N ALA C 2022 5.49 -35.28 -30.20
CA ALA C 2022 6.59 -35.74 -29.36
C ALA C 2022 7.19 -37.03 -29.91
N ARG C 2023 6.33 -37.96 -30.36
CA ARG C 2023 6.83 -39.21 -30.92
C ARG C 2023 7.69 -38.93 -32.16
N GLN C 2024 7.20 -38.04 -33.03
CA GLN C 2024 7.94 -37.71 -34.25
C GLN C 2024 9.25 -37.02 -33.93
N PHE C 2025 9.25 -36.10 -32.96
CA PHE C 2025 10.49 -35.42 -32.57
C PHE C 2025 11.49 -36.41 -32.00
N GLU C 2026 11.04 -37.34 -31.18
CA GLU C 2026 11.96 -38.35 -30.63
C GLU C 2026 12.49 -39.24 -31.75
N ALA C 2027 11.66 -39.55 -32.74
CA ALA C 2027 12.12 -40.33 -33.88
C ALA C 2027 13.17 -39.58 -34.69
N ALA C 2028 12.99 -38.27 -34.85
CA ALA C 2028 13.95 -37.47 -35.62
C ALA C 2028 15.31 -37.42 -34.93
N TYR C 2029 15.31 -37.46 -33.59
CA TYR C 2029 16.55 -37.44 -32.79
C TYR C 2029 16.52 -38.64 -31.86
N PRO C 2030 16.77 -39.84 -32.38
CA PRO C 2030 16.70 -41.04 -31.55
C PRO C 2030 17.85 -41.12 -30.56
N ALA C 2031 17.63 -41.88 -29.50
CA ALA C 2031 18.66 -42.12 -28.49
C ALA C 2031 18.98 -43.61 -28.41
N PRO C 2032 20.25 -43.96 -28.25
CA PRO C 2032 20.63 -45.37 -28.23
C PRO C 2032 20.10 -46.08 -26.99
N ARG C 2033 19.96 -47.40 -27.12
CA ARG C 2033 19.46 -48.25 -26.05
C ARG C 2033 20.63 -48.94 -25.36
N GLY C 2034 20.73 -48.77 -24.05
CA GLY C 2034 21.81 -49.34 -23.26
C GLY C 2034 22.98 -48.40 -23.03
N ILE C 2035 23.10 -47.35 -23.83
CA ILE C 2035 24.16 -46.36 -23.65
C ILE C 2035 23.58 -45.16 -22.90
N PRO C 2036 24.19 -44.76 -21.78
CA PRO C 2036 23.62 -43.64 -21.01
C PRO C 2036 23.77 -42.33 -21.77
N LYS C 2037 22.96 -41.35 -21.36
CA LYS C 2037 23.07 -40.01 -21.92
C LYS C 2037 24.47 -39.47 -21.67
N GLY C 2038 25.07 -38.86 -22.69
CA GLY C 2038 26.41 -38.35 -22.57
C GLY C 2038 26.52 -37.29 -21.48
N LYS C 2039 27.69 -37.24 -20.84
CA LYS C 2039 27.86 -36.32 -19.73
C LYS C 2039 27.74 -34.87 -20.17
N LEU C 2040 28.08 -34.58 -21.43
CA LEU C 2040 28.00 -33.20 -21.93
C LEU C 2040 26.56 -32.72 -21.99
N VAL C 2041 25.67 -33.55 -22.55
CA VAL C 2041 24.25 -33.19 -22.62
C VAL C 2041 23.70 -32.99 -21.23
N LYS C 2042 24.04 -33.89 -20.31
CA LYS C 2042 23.64 -33.74 -18.92
C LYS C 2042 24.13 -32.42 -18.35
N TYR C 2043 25.37 -32.05 -18.70
CA TYR C 2043 25.95 -30.80 -18.21
C TYR C 2043 25.14 -29.58 -18.64
N MET C 2044 24.99 -29.38 -19.96
CA MET C 2044 24.34 -28.13 -20.36
C MET C 2044 22.83 -28.24 -20.37
N MET C 2045 22.27 -29.37 -19.94
CA MET C 2045 20.85 -29.40 -19.61
C MET C 2045 20.61 -29.23 -18.11
N GLY C 2046 21.62 -29.52 -17.28
CA GLY C 2046 21.48 -29.41 -15.85
C GLY C 2046 21.87 -28.06 -15.27
N PHE C 2047 22.97 -27.46 -15.72
CA PHE C 2047 23.26 -26.10 -15.25
C PHE C 2047 22.12 -25.12 -15.53
N PRO C 2048 21.52 -25.08 -16.73
CA PRO C 2048 20.42 -24.11 -16.94
C PRO C 2048 19.29 -24.26 -15.93
N ILE C 2049 18.74 -25.46 -15.77
CA ILE C 2049 17.58 -25.63 -14.90
C ILE C 2049 17.94 -25.33 -13.45
N ILE C 2050 19.08 -25.83 -12.97
CA ILE C 2050 19.44 -25.66 -11.57
C ILE C 2050 19.73 -24.19 -11.27
N ILE C 2051 20.53 -23.55 -12.12
CA ILE C 2051 20.86 -22.13 -11.90
C ILE C 2051 19.59 -21.29 -11.98
N GLY C 2052 18.72 -21.57 -12.96
CA GLY C 2052 17.49 -20.80 -13.07
C GLY C 2052 16.58 -20.95 -11.88
N VAL C 2053 16.43 -22.18 -11.38
CA VAL C 2053 15.54 -22.38 -10.24
C VAL C 2053 16.13 -21.76 -8.97
N VAL C 2054 17.44 -21.84 -8.79
CA VAL C 2054 18.05 -21.22 -7.60
C VAL C 2054 17.92 -19.70 -7.66
N ILE C 2055 18.18 -19.12 -8.83
CA ILE C 2055 18.05 -17.66 -8.94
C ILE C 2055 16.59 -17.26 -8.83
N PHE C 2056 15.66 -18.13 -9.21
CA PHE C 2056 14.25 -17.84 -8.97
C PHE C 2056 13.94 -17.88 -7.48
N ILE C 2057 14.56 -18.80 -6.74
CA ILE C 2057 14.36 -18.87 -5.29
C ILE C 2057 14.83 -17.57 -4.64
N PHE C 2058 16.01 -17.10 -5.03
CA PHE C 2058 16.67 -16.00 -4.33
C PHE C 2058 16.54 -14.66 -5.06
N SER C 2059 15.72 -14.58 -6.09
CA SER C 2059 15.47 -13.33 -6.78
C SER C 2059 14.50 -12.41 -6.04
N PRO C 2060 13.45 -12.91 -5.36
CA PRO C 2060 12.69 -11.99 -4.50
C PRO C 2060 13.55 -11.33 -3.44
N LEU C 2061 14.44 -12.09 -2.81
CA LEU C 2061 15.35 -11.52 -1.83
C LEU C 2061 16.34 -10.57 -2.51
N LEU C 2062 16.79 -10.92 -3.72
CA LEU C 2062 17.71 -10.05 -4.45
C LEU C 2062 17.08 -8.70 -4.74
N LEU C 2063 15.87 -8.70 -5.28
CA LEU C 2063 15.20 -7.44 -5.59
C LEU C 2063 14.82 -6.68 -4.33
N TRP C 2064 14.48 -7.40 -3.25
CA TRP C 2064 14.24 -6.71 -1.98
C TRP C 2064 15.49 -6.01 -1.49
N SER C 2065 16.64 -6.69 -1.53
CA SER C 2065 17.89 -6.09 -1.08
C SER C 2065 18.27 -4.89 -1.95
N LEU C 2066 18.12 -5.02 -3.26
CA LEU C 2066 18.38 -3.89 -4.15
C LEU C 2066 17.33 -2.79 -4.04
N LEU C 2067 16.20 -3.06 -3.39
CA LEU C 2067 15.13 -2.08 -3.22
C LEU C 2067 15.01 -1.57 -1.80
N ASN C 2068 15.58 -2.26 -0.82
CA ASN C 2068 15.49 -1.90 0.59
C ASN C 2068 16.76 -1.14 1.03
N GLN C 2069 17.28 -0.30 0.14
CA GLN C 2069 18.55 0.37 0.38
C GLN C 2069 18.41 1.49 1.40
N ILE C 2070 19.55 1.93 1.93
CA ILE C 2070 19.60 2.96 2.96
C ILE C 2070 19.58 4.33 2.31
N GLY C 2071 18.76 5.23 2.85
CA GLY C 2071 18.70 6.59 2.36
C GLY C 2071 19.72 7.51 3.03
N THR C 2072 19.69 8.77 2.61
CA THR C 2072 20.61 9.77 3.14
C THR C 2072 19.98 11.16 3.08
N ILE C 2073 20.17 11.94 4.14
CA ILE C 2073 19.75 13.34 4.18
C ILE C 2073 20.99 14.20 4.41
N SER C 2074 21.00 15.36 3.75
CA SER C 2074 22.01 16.37 4.01
C SER C 2074 21.81 16.95 5.42
N MET C 2075 22.81 17.69 5.89
CA MET C 2075 22.71 18.27 7.22
C MET C 2075 21.59 19.30 7.26
N PRO C 2076 20.92 19.48 8.40
CA PRO C 2076 19.83 20.46 8.47
C PRO C 2076 20.31 21.84 8.07
N GLU C 2077 19.49 22.53 7.28
CA GLU C 2077 19.90 23.82 6.74
C GLU C 2077 19.71 24.93 7.77
N LYS C 2078 18.48 25.13 8.24
CA LYS C 2078 18.15 26.22 9.14
C LYS C 2078 17.70 25.67 10.49
N VAL C 2079 18.16 26.33 11.56
CA VAL C 2079 17.78 25.98 12.92
C VAL C 2079 17.39 27.26 13.65
N THR C 2080 16.35 27.18 14.47
CA THR C 2080 15.83 28.33 15.18
C THR C 2080 15.55 27.98 16.64
N LEU C 2081 15.58 29.00 17.49
CA LEU C 2081 15.32 28.86 18.92
C LEU C 2081 14.25 29.86 19.34
N ARG C 2082 13.47 29.50 20.34
CA ARG C 2082 12.35 30.33 20.80
C ARG C 2082 12.18 30.14 22.31
N ILE C 2083 12.52 31.17 23.07
CA ILE C 2083 12.23 31.20 24.50
C ILE C 2083 11.03 32.12 24.72
N SER C 2084 10.06 31.65 25.49
CA SER C 2084 8.86 32.44 25.74
C SER C 2084 8.17 31.94 26.99
N ILE C 2085 7.27 32.76 27.52
CA ILE C 2085 6.36 32.31 28.56
C ILE C 2085 5.09 31.77 27.93
N GLU C 2086 4.50 30.76 28.57
CA GLU C 2086 3.50 29.93 27.94
C GLU C 2086 2.32 30.78 27.45
N GLY C 2087 1.99 30.64 26.17
CA GLY C 2087 0.89 31.39 25.59
C GLY C 2087 1.15 32.88 25.49
N TYR C 2088 2.36 33.26 25.14
CA TYR C 2088 2.75 34.67 25.03
C TYR C 2088 3.90 34.76 24.03
N PRO C 2089 4.22 35.98 23.56
CA PRO C 2089 5.11 36.07 22.40
C PRO C 2089 6.48 35.50 22.71
N PRO C 2090 7.25 35.16 21.68
CA PRO C 2090 8.64 34.72 21.92
C PRO C 2090 9.38 35.73 22.77
N LEU C 2091 9.64 35.34 24.01
CA LEU C 2091 10.38 36.22 24.93
C LEU C 2091 11.80 36.44 24.43
N TYR C 2092 12.36 35.45 23.73
CA TYR C 2092 13.70 35.58 23.16
C TYR C 2092 13.81 34.51 22.08
N GLU C 2093 13.84 34.93 20.81
CA GLU C 2093 13.81 34.00 19.70
C GLU C 2093 15.06 34.14 18.83
N MET C 2094 15.65 32.99 18.48
CA MET C 2094 16.83 32.90 17.63
C MET C 2094 16.54 32.11 16.36
N GLU C 2095 17.32 32.43 15.33
CA GLU C 2095 17.40 31.65 14.11
C GLU C 2095 18.71 32.03 13.41
N ALA C 2096 19.51 31.02 13.11
CA ALA C 2096 20.85 31.24 12.57
C ALA C 2096 21.28 30.00 11.82
N GLN C 2097 21.71 30.16 10.56
CA GLN C 2097 21.99 29.03 9.70
C GLN C 2097 23.05 29.40 8.69
N GLY C 2098 23.20 28.54 7.67
CA GLY C 2098 24.26 28.65 6.69
C GLY C 2098 25.22 27.48 6.77
N SER C 2099 25.08 26.52 5.85
CA SER C 2099 25.81 25.26 5.91
C SER C 2099 26.98 25.22 4.93
N ASN C 2100 27.67 26.34 4.75
CA ASN C 2100 28.82 26.39 3.86
C ASN C 2100 30.14 26.07 4.57
N HIS C 2101 30.09 25.67 5.84
CA HIS C 2101 31.24 25.26 6.63
C HIS C 2101 32.11 26.46 6.99
N ASP C 2102 31.78 27.63 6.45
CA ASP C 2102 32.49 28.86 6.76
C ASP C 2102 31.72 29.75 7.73
N ASN C 2103 30.51 29.34 8.13
CA ASN C 2103 29.70 30.14 9.04
C ASN C 2103 30.24 30.03 10.46
N ALA C 2104 30.26 31.17 11.16
CA ALA C 2104 30.67 31.20 12.56
C ALA C 2104 29.54 30.81 13.51
N GLU C 2105 28.32 30.71 13.02
CA GLU C 2105 27.17 30.33 13.85
C GLU C 2105 26.83 28.85 13.69
N LEU C 2106 26.48 28.43 12.47
CA LEU C 2106 26.23 27.02 12.18
C LEU C 2106 27.48 26.41 11.53
N GLY C 2107 28.44 26.07 12.37
CA GLY C 2107 29.65 25.43 11.89
C GLY C 2107 29.66 23.95 12.23
N MET C 2108 30.27 23.16 11.35
CA MET C 2108 30.44 21.75 11.60
C MET C 2108 31.49 21.53 12.69
N ILE C 2109 31.41 20.38 13.35
CA ILE C 2109 32.32 20.08 14.45
C ILE C 2109 33.74 19.95 13.93
N LYS C 2110 34.67 20.60 14.60
CA LYS C 2110 36.08 20.44 14.24
C LYS C 2110 36.60 19.10 14.77
N PRO C 2111 37.50 18.45 14.04
CA PRO C 2111 38.04 17.17 14.54
C PRO C 2111 38.71 17.28 15.89
N ASP C 2112 39.40 18.40 16.16
CA ASP C 2112 40.04 18.57 17.46
C ASP C 2112 39.01 18.69 18.58
N GLN C 2113 37.93 19.46 18.34
CA GLN C 2113 36.89 19.59 19.34
C GLN C 2113 36.19 18.26 19.59
N LEU C 2114 35.92 17.51 18.52
CA LEU C 2114 35.30 16.19 18.69
C LEU C 2114 36.23 15.26 19.46
N ALA C 2115 37.52 15.29 19.18
CA ALA C 2115 38.46 14.45 19.91
C ALA C 2115 38.51 14.83 21.38
N SER C 2116 38.51 16.12 21.68
CA SER C 2116 38.52 16.56 23.07
C SER C 2116 37.24 16.14 23.79
N LEU C 2117 36.09 16.28 23.13
CA LEU C 2117 34.82 15.86 23.73
C LEU C 2117 34.82 14.35 23.98
N ASN C 2118 35.31 13.57 23.02
CA ASN C 2118 35.36 12.12 23.20
C ASN C 2118 36.30 11.74 24.34
N GLN C 2119 37.45 12.41 24.44
CA GLN C 2119 38.38 12.13 25.53
C GLN C 2119 37.75 12.47 26.88
N ALA C 2120 37.07 13.61 26.97
CA ALA C 2120 36.39 13.98 28.20
C ALA C 2120 35.29 12.99 28.57
N LEU C 2121 34.52 12.51 27.60
CA LEU C 2121 33.51 11.49 27.88
C LEU C 2121 34.15 10.19 28.35
N THR C 2122 35.26 9.79 27.72
CA THR C 2122 35.92 8.53 28.10
C THR C 2122 36.47 8.60 29.51
N ASP C 2123 37.17 9.69 29.84
CA ASP C 2123 37.67 9.88 31.19
C ASP C 2123 36.62 10.55 32.08
N SER C 2124 35.48 9.88 32.25
CA SER C 2124 34.42 10.35 33.13
C SER C 2124 33.94 9.27 34.09
N TYR C 2125 34.73 8.21 34.29
CA TYR C 2125 34.37 7.09 35.13
C TYR C 2125 35.13 7.13 36.45
N THR C 2126 34.68 6.30 37.38
CA THR C 2126 35.36 6.16 38.66
C THR C 2126 36.09 4.83 38.73
N THR C 2127 36.93 4.69 39.76
CA THR C 2127 37.68 3.45 39.95
C THR C 2127 36.74 2.27 40.18
N ARG C 2128 36.01 2.30 41.30
CA ARG C 2128 34.95 1.35 41.56
C ARG C 2128 33.63 1.91 41.05
N ASP C 2129 32.50 1.35 41.49
CA ASP C 2129 31.17 1.73 41.02
C ASP C 2129 31.02 1.46 39.52
N THR C 2130 31.03 0.16 39.19
CA THR C 2130 30.93 -0.30 37.82
C THR C 2130 29.68 0.21 37.10
N ASN C 2131 28.75 0.84 37.82
CA ASN C 2131 27.66 1.54 37.15
C ASN C 2131 28.20 2.66 36.28
N SER C 2132 29.18 3.41 36.77
CA SER C 2132 29.85 4.42 35.95
C SER C 2132 30.60 3.77 34.79
N ILE C 2133 31.13 2.56 35.01
CA ILE C 2133 31.74 1.80 33.92
C ILE C 2133 30.74 1.56 32.80
N LEU C 2134 29.54 1.08 33.14
CA LEU C 2134 28.57 0.77 32.10
C LEU C 2134 28.01 2.05 31.47
N ARG C 2135 27.94 3.13 32.26
CA ARG C 2135 27.49 4.40 31.72
C ARG C 2135 28.49 4.96 30.71
N SER C 2136 29.79 4.82 31.01
CA SER C 2136 30.82 5.20 30.03
C SER C 2136 30.73 4.31 28.80
N ARG C 2137 30.53 3.00 28.99
CA ARG C 2137 30.22 2.11 27.89
C ARG C 2137 29.19 2.73 26.96
N MET C 2138 27.99 2.98 27.49
CA MET C 2138 26.88 3.43 26.65
C MET C 2138 27.15 4.81 26.05
N SER C 2139 27.74 5.72 26.81
CA SER C 2139 27.96 7.07 26.33
C SER C 2139 28.95 7.10 25.17
N VAL C 2140 30.08 6.42 25.33
CA VAL C 2140 31.06 6.41 24.24
C VAL C 2140 30.54 5.62 23.05
N SER C 2141 29.77 4.55 23.30
CA SER C 2141 29.17 3.81 22.18
C SER C 2141 28.23 4.71 21.39
N TYR C 2142 27.44 5.51 22.11
CA TYR C 2142 26.52 6.44 21.44
C TYR C 2142 27.27 7.49 20.64
N LEU C 2143 28.31 8.09 21.25
CA LEU C 2143 29.01 9.18 20.58
C LEU C 2143 29.77 8.68 19.35
N LYS C 2144 30.48 7.55 19.48
CA LYS C 2144 31.34 7.10 18.40
C LYS C 2144 30.54 6.56 17.20
N GLY C 2145 29.24 6.35 17.36
CA GLY C 2145 28.41 5.94 16.23
C GLY C 2145 28.17 7.04 15.20
N TYR C 2146 28.41 8.30 15.56
CA TYR C 2146 28.22 9.43 14.66
C TYR C 2146 29.59 10.00 14.30
N THR C 2147 29.86 10.15 13.01
CA THR C 2147 31.12 10.73 12.57
C THR C 2147 31.10 12.24 12.78
N TYR C 2148 32.18 12.90 12.37
CA TYR C 2148 32.25 14.36 12.49
C TYR C 2148 31.56 15.07 11.34
N GLU C 2149 31.07 14.33 10.34
CA GLU C 2149 30.16 14.89 9.35
C GLU C 2149 28.73 14.99 9.85
N ASP C 2150 28.38 14.27 10.92
CA ASP C 2150 27.02 14.20 11.42
C ASP C 2150 26.82 15.03 12.69
N ILE C 2151 27.80 15.82 13.08
CA ILE C 2151 27.71 16.67 14.27
C ILE C 2151 27.96 18.11 13.83
N LEU C 2152 27.01 18.99 14.15
CA LEU C 2152 27.10 20.39 13.79
C LEU C 2152 27.09 21.23 15.06
N ILE C 2153 27.98 22.22 15.12
CA ILE C 2153 28.04 23.12 16.26
C ILE C 2153 27.10 24.29 16.00
N VAL C 2154 25.96 24.30 16.67
CA VAL C 2154 24.97 25.37 16.54
C VAL C 2154 25.22 26.39 17.62
N ARG C 2155 25.34 27.66 17.22
CA ARG C 2155 25.70 28.75 18.14
C ARG C 2155 24.76 29.92 17.91
N PHE C 2156 23.67 29.96 18.67
CA PHE C 2156 22.76 31.10 18.63
C PHE C 2156 23.38 32.31 19.32
N ARG C 2157 23.04 33.48 18.81
CA ARG C 2157 23.50 34.72 19.41
C ARG C 2157 22.73 35.00 20.71
N PRO C 2158 23.36 35.67 21.67
CA PRO C 2158 22.64 35.97 22.92
C PRO C 2158 21.64 37.11 22.78
N GLU C 2159 21.95 38.13 21.99
CA GLU C 2159 21.08 39.28 21.87
C GLU C 2159 19.83 38.92 21.06
N SER C 2160 18.69 39.48 21.47
CA SER C 2160 17.41 39.10 20.88
C SER C 2160 17.36 39.41 19.40
N GLU C 2161 16.66 38.55 18.67
CA GLU C 2161 16.60 38.65 17.21
C GLU C 2161 15.73 39.84 16.80
N ILE C 2162 14.58 39.98 17.46
CA ILE C 2162 13.64 41.08 17.25
C ILE C 2162 13.38 41.74 18.59
N TYR C 2163 13.08 43.03 18.58
CA TYR C 2163 12.62 43.68 19.80
C TYR C 2163 11.38 42.97 20.32
N TRP C 2164 11.30 42.78 21.63
CA TRP C 2164 10.19 42.05 22.25
C TRP C 2164 8.85 42.65 21.85
N PRO C 2165 8.10 41.97 20.99
CA PRO C 2165 6.84 42.52 20.46
C PRO C 2165 5.63 42.16 21.31
N ILE C 2166 5.58 42.73 22.51
CA ILE C 2166 4.50 42.44 23.45
C ILE C 2166 3.73 43.72 23.71
N SER C 2167 2.41 43.67 23.61
CA SER C 2167 1.60 44.84 23.90
C SER C 2167 1.64 45.13 25.40
N GLN C 2168 1.54 46.41 25.75
CA GLN C 2168 1.55 46.79 27.15
C GLN C 2168 0.42 46.13 27.92
N ASP C 2169 -0.75 46.02 27.28
CA ASP C 2169 -1.88 45.35 27.92
C ASP C 2169 -1.61 43.86 28.10
N SER C 2170 -1.07 43.20 27.07
CA SER C 2170 -0.75 41.79 27.20
C SER C 2170 0.42 41.56 28.15
N ARG C 2171 1.37 42.50 28.21
CA ARG C 2171 2.43 42.40 29.21
C ARG C 2171 1.87 42.56 30.62
N ASN C 2172 0.89 43.43 30.79
CA ASN C 2172 0.20 43.53 32.08
C ASN C 2172 -0.54 42.23 32.40
N ALA C 2173 -1.11 41.60 31.38
CA ALA C 2173 -1.72 40.29 31.57
C ALA C 2173 -0.70 39.26 32.04
N MET C 2174 0.49 39.28 31.44
CA MET C 2174 1.59 38.42 31.89
C MET C 2174 1.90 38.68 33.35
N ILE C 2175 2.03 39.96 33.71
CA ILE C 2175 2.41 40.35 35.06
C ILE C 2175 1.39 39.86 36.07
N ASP C 2176 0.10 40.07 35.78
CA ASP C 2176 -0.93 39.69 36.73
C ASP C 2176 -1.19 38.19 36.74
N LYS C 2177 -0.89 37.51 35.63
CA LYS C 2177 -0.95 36.04 35.64
C LYS C 2177 0.18 35.45 36.48
N LEU C 2178 1.36 36.07 36.45
CA LEU C 2178 2.49 35.63 37.27
C LEU C 2178 2.45 36.22 38.67
N SER C 2179 1.29 36.70 39.12
CA SER C 2179 1.15 37.25 40.46
C SER C 2179 0.04 36.54 41.24
N ARG C 2180 -0.25 35.30 40.89
CA ARG C 2180 -1.29 34.52 41.56
C ARG C 2180 -0.78 33.10 41.77
N ASN C 2181 -1.64 32.24 42.33
CA ASN C 2181 -1.32 30.84 42.48
C ASN C 2181 -1.28 30.10 41.16
N THR C 2182 -1.83 30.68 40.10
CA THR C 2182 -1.82 30.05 38.78
C THR C 2182 -0.38 29.79 38.33
N SER C 2183 -0.13 28.58 37.88
CA SER C 2183 1.21 28.15 37.48
C SER C 2183 1.31 28.13 35.96
N VAL C 2184 2.29 28.84 35.42
CA VAL C 2184 2.55 28.88 33.99
C VAL C 2184 3.95 28.34 33.73
N ASN C 2185 4.19 27.90 32.50
CA ASN C 2185 5.41 27.20 32.13
C ASN C 2185 6.23 28.05 31.19
N PHE C 2186 7.54 28.12 31.44
CA PHE C 2186 8.43 28.69 30.44
C PHE C 2186 8.50 27.78 29.22
N GLU C 2187 8.57 28.41 28.05
CA GLU C 2187 8.62 27.70 26.78
C GLU C 2187 10.02 27.77 26.20
N VAL C 2188 10.58 26.62 25.87
CA VAL C 2188 11.90 26.52 25.24
C VAL C 2188 11.71 25.71 23.97
N SER C 2189 11.58 26.39 22.85
CA SER C 2189 11.34 25.75 21.57
C SER C 2189 12.56 25.90 20.66
N LEU C 2190 13.10 24.77 20.21
CA LEU C 2190 14.22 24.76 19.28
C LEU C 2190 13.82 23.89 18.10
N GLU C 2191 13.91 24.45 16.89
CA GLU C 2191 13.40 23.79 15.69
C GLU C 2191 14.56 23.56 14.73
N PHE C 2192 14.81 22.30 14.38
CA PHE C 2192 15.78 21.94 13.35
C PHE C 2192 15.03 21.70 12.05
N THR C 2193 15.37 22.49 11.02
CA THR C 2193 14.73 22.38 9.72
C THR C 2193 15.73 21.86 8.70
N ARG C 2194 15.40 20.76 8.05
CA ARG C 2194 16.24 20.14 7.04
C ARG C 2194 16.05 20.81 5.69
N PRO C 2195 17.06 20.77 4.82
CA PRO C 2195 16.84 21.20 3.44
C PRO C 2195 15.94 20.21 2.71
N TYR C 2196 15.26 20.72 1.69
CA TYR C 2196 14.27 19.90 1.00
C TYR C 2196 14.94 18.75 0.27
N ASP C 2197 14.31 17.58 0.34
CA ASP C 2197 14.78 16.41 -0.36
C ASP C 2197 13.75 15.99 -1.40
N PRO C 2198 14.11 15.90 -2.68
CA PRO C 2198 13.09 15.65 -3.72
C PRO C 2198 12.53 14.24 -3.68
N ASN C 2199 13.31 13.28 -3.19
CA ASN C 2199 12.83 11.90 -3.14
C ASN C 2199 11.65 11.77 -2.19
N GLU C 2200 11.81 12.24 -0.95
CA GLU C 2200 10.69 12.26 -0.01
C GLU C 2200 9.74 13.41 -0.29
N ASN C 2201 10.27 14.55 -0.74
CA ASN C 2201 9.47 15.74 -1.03
C ASN C 2201 8.69 16.19 0.19
N ALA C 2202 9.41 16.43 1.29
CA ALA C 2202 8.81 16.93 2.52
C ALA C 2202 9.82 17.78 3.29
N ALA C 2203 9.43 18.99 3.65
CA ALA C 2203 10.33 19.87 4.39
C ALA C 2203 10.49 19.35 5.80
N LEU C 2204 11.52 18.54 6.03
CA LEU C 2204 11.68 17.88 7.31
C LEU C 2204 12.04 18.88 8.39
N LYS C 2205 11.09 19.18 9.27
CA LYS C 2205 11.30 20.12 10.36
C LYS C 2205 11.16 19.36 11.67
N HIS C 2206 12.17 19.48 12.52
CA HIS C 2206 12.20 18.80 13.81
C HIS C 2206 12.16 19.85 14.92
N SER C 2207 11.16 19.77 15.77
CA SER C 2207 10.97 20.73 16.85
C SER C 2207 10.69 19.99 18.15
N LYS C 2208 11.16 20.57 19.26
CA LYS C 2208 10.91 20.01 20.57
C LYS C 2208 10.60 21.15 21.54
N SER C 2209 9.63 20.92 22.41
CA SER C 2209 9.21 21.91 23.39
C SER C 2209 9.52 21.39 24.78
N TRP C 2210 10.17 22.22 25.60
CA TRP C 2210 10.54 21.86 26.96
C TRP C 2210 9.85 22.83 27.92
N LEU C 2211 8.68 22.42 28.43
CA LEU C 2211 7.95 23.26 29.36
C LEU C 2211 8.63 23.21 30.73
N VAL C 2212 9.02 24.38 31.22
CA VAL C 2212 9.70 24.51 32.51
C VAL C 2212 8.73 25.15 33.50
N PRO C 2213 8.25 24.39 34.49
CA PRO C 2213 7.34 24.96 35.48
C PRO C 2213 8.02 26.03 36.31
N ILE C 2214 7.23 27.01 36.76
CA ILE C 2214 7.72 28.08 37.59
C ILE C 2214 7.36 27.79 39.04
N SER C 2215 8.34 27.93 39.92
CA SER C 2215 8.12 27.67 41.34
C SER C 2215 7.04 28.60 41.89
N LEU C 2216 6.18 28.03 42.73
CA LEU C 2216 5.07 28.78 43.33
C LEU C 2216 5.52 29.72 44.43
N ASP C 2217 6.83 29.90 44.64
CA ASP C 2217 7.32 30.83 45.63
C ASP C 2217 7.03 32.27 45.19
N MET C 2218 6.36 33.03 46.05
CA MET C 2218 6.03 34.42 45.75
C MET C 2218 7.26 35.29 45.54
N THR C 2219 8.35 35.03 46.24
CA THR C 2219 9.59 35.80 46.07
C THR C 2219 10.16 35.66 44.66
N ILE C 2220 10.25 34.43 44.15
CA ILE C 2220 10.71 34.23 42.78
C ILE C 2220 9.72 34.84 41.80
N ARG C 2221 8.43 34.63 42.04
CA ARG C 2221 7.42 35.19 41.16
C ARG C 2221 7.47 36.72 41.18
N ALA C 2222 7.71 37.32 42.34
CA ALA C 2222 7.84 38.77 42.42
C ALA C 2222 9.04 39.26 41.61
N LYS C 2223 10.16 38.55 41.67
CA LYS C 2223 11.33 38.93 40.88
C LYS C 2223 11.05 38.83 39.40
N ILE C 2224 10.38 37.75 38.97
CA ILE C 2224 10.05 37.58 37.56
C ILE C 2224 9.10 38.70 37.12
N GLN C 2225 8.12 39.02 37.96
CA GLN C 2225 7.19 40.10 37.67
C GLN C 2225 7.90 41.43 37.51
N SER C 2226 8.81 41.74 38.42
CA SER C 2226 9.55 43.01 38.35
C SER C 2226 10.43 43.05 37.10
N ALA C 2227 11.09 41.94 36.77
CA ALA C 2227 11.93 41.90 35.59
C ALA C 2227 11.11 42.07 34.31
N LEU C 2228 9.95 41.42 34.25
CA LEU C 2228 9.09 41.56 33.07
C LEU C 2228 8.53 42.96 32.96
N ARG C 2229 8.28 43.63 34.10
CA ARG C 2229 7.78 45.00 34.06
C ARG C 2229 8.79 45.93 33.41
N GLY C 2230 10.07 45.74 33.71
CA GLY C 2230 11.11 46.55 33.10
C GLY C 2230 12.14 47.05 34.09
N ASP C 2231 12.02 46.63 35.35
CA ASP C 2231 12.95 47.09 36.37
C ASP C 2231 14.31 46.40 36.16
N PRO C 2232 15.39 47.16 35.99
CA PRO C 2232 16.71 46.54 35.81
C PRO C 2232 17.21 45.93 37.10
N GLY C 2233 18.12 44.96 36.93
CA GLY C 2233 18.77 44.29 38.02
C GLY C 2233 18.19 42.93 38.36
N HIS C 2234 16.97 42.65 37.92
CA HIS C 2234 16.34 41.37 38.20
C HIS C 2234 16.46 40.47 36.98
N PRO C 2235 17.20 39.37 37.06
CA PRO C 2235 17.32 38.47 35.91
C PRO C 2235 16.29 37.35 35.93
N ILE C 2236 15.76 36.99 34.76
CA ILE C 2236 14.89 35.84 34.68
C ILE C 2236 15.74 34.57 34.75
N LEU C 2237 15.46 33.74 35.74
CA LEU C 2237 16.20 32.50 35.95
C LEU C 2237 15.35 31.34 35.47
N ILE C 2238 15.93 30.52 34.60
CA ILE C 2238 15.21 29.40 34.00
C ILE C 2238 16.03 28.14 34.31
N PRO C 2239 15.59 27.31 35.24
CA PRO C 2239 16.43 26.19 35.69
C PRO C 2239 16.25 24.96 34.82
N GLN C 2240 17.38 24.43 34.32
CA GLN C 2240 17.42 23.16 33.58
C GLN C 2240 16.44 23.18 32.42
N SER C 2241 16.69 24.08 31.46
CA SER C 2241 15.76 24.35 30.38
C SER C 2241 16.27 23.87 29.02
N ILE C 2242 17.44 24.33 28.61
CA ILE C 2242 17.99 24.00 27.29
C ILE C 2242 19.00 22.86 27.45
N PRO C 2243 18.95 21.85 26.61
CA PRO C 2243 20.04 20.86 26.60
C PRO C 2243 21.16 21.26 25.65
N ALA C 2244 22.40 21.09 26.09
CA ALA C 2244 23.55 21.41 25.24
C ALA C 2244 23.74 20.41 24.12
N PHE C 2245 23.26 19.18 24.28
CA PHE C 2245 23.45 18.13 23.30
C PHE C 2245 22.10 17.67 22.77
N ILE C 2246 21.97 17.65 21.45
CA ILE C 2246 20.72 17.28 20.78
C ILE C 2246 21.03 16.22 19.72
N GLN C 2247 20.17 15.22 19.63
CA GLN C 2247 20.19 14.28 18.52
C GLN C 2247 19.07 14.65 17.55
N VAL C 2248 19.43 14.89 16.29
CA VAL C 2248 18.46 15.24 15.27
C VAL C 2248 18.21 13.99 14.43
N PRO C 2249 17.09 13.29 14.63
CA PRO C 2249 16.85 12.07 13.86
C PRO C 2249 16.25 12.37 12.50
N ASN C 2250 15.90 11.31 11.77
CA ASN C 2250 15.37 11.50 10.42
C ASN C 2250 13.96 12.10 10.44
N GLN C 2251 13.09 11.64 11.34
CA GLN C 2251 11.69 12.05 11.25
C GLN C 2251 11.02 12.35 12.60
N GLY C 2252 11.75 12.24 13.70
CA GLY C 2252 11.14 12.43 15.01
C GLY C 2252 11.50 13.71 15.73
N GLU C 2253 11.10 13.82 17.00
CA GLU C 2253 11.52 14.92 17.85
C GLU C 2253 13.03 14.94 18.03
N LEU C 2254 13.52 16.03 18.61
CA LEU C 2254 14.91 16.08 19.03
C LEU C 2254 15.11 15.14 20.22
N THR C 2255 15.60 13.94 19.94
CA THR C 2255 15.80 12.92 20.95
C THR C 2255 16.98 13.31 21.83
N LEU C 2256 16.78 13.28 23.14
CA LEU C 2256 17.86 13.63 24.05
C LEU C 2256 18.90 12.50 24.10
N PRO C 2257 20.19 12.85 24.07
CA PRO C 2257 21.24 11.84 24.27
C PRO C 2257 21.23 11.31 25.70
N THR C 2258 20.27 10.42 25.97
CA THR C 2258 20.01 9.98 27.34
C THR C 2258 21.23 9.34 27.99
N SER C 2259 22.11 8.70 27.22
CA SER C 2259 23.32 8.15 27.81
C SER C 2259 24.28 9.25 28.23
N ILE C 2260 24.50 10.23 27.36
CA ILE C 2260 25.30 11.39 27.72
C ILE C 2260 24.63 12.16 28.85
N GLY C 2261 23.30 12.21 28.85
CA GLY C 2261 22.59 12.85 29.93
C GLY C 2261 22.86 12.18 31.28
N ASN C 2262 22.79 10.85 31.30
CA ASN C 2262 23.10 10.11 32.52
C ASN C 2262 24.55 10.34 32.94
N THR C 2263 25.46 10.38 31.98
CA THR C 2263 26.86 10.64 32.28
C THR C 2263 27.01 12.00 32.96
N ILE C 2264 26.33 13.02 32.43
CA ILE C 2264 26.40 14.35 33.03
C ILE C 2264 25.79 14.34 34.43
N ILE C 2265 24.67 13.64 34.60
CA ILE C 2265 23.98 13.66 35.88
C ILE C 2265 24.82 13.01 36.98
N ASN C 2266 25.36 11.82 36.72
CA ASN C 2266 25.97 11.06 37.81
C ASN C 2266 27.37 10.60 37.47
N ASP C 2267 28.13 11.41 36.73
CA ASP C 2267 29.56 11.13 36.54
C ASP C 2267 30.46 12.33 36.79
N GLY C 2268 29.99 13.56 36.62
CA GLY C 2268 30.79 14.70 37.01
C GLY C 2268 30.95 14.78 38.52
N ASN C 2269 32.06 15.37 38.95
CA ASN C 2269 32.35 15.45 40.38
C ASN C 2269 31.27 16.21 41.16
N PRO C 2270 30.77 17.37 40.68
CA PRO C 2270 29.56 17.92 41.31
C PRO C 2270 28.33 17.11 40.97
N ARG C 2271 28.16 15.94 41.58
CA ARG C 2271 27.04 15.08 41.26
C ARG C 2271 25.72 15.77 41.59
N ILE C 2272 24.80 15.74 40.63
CA ILE C 2272 23.52 16.43 40.81
C ILE C 2272 22.65 15.62 41.78
N ASN C 2273 22.09 16.32 42.77
CA ASN C 2273 21.25 15.68 43.77
C ASN C 2273 19.90 15.34 43.13
N THR C 2274 19.90 14.28 42.33
CA THR C 2274 18.73 13.82 41.62
C THR C 2274 17.97 12.73 42.36
N THR C 2275 18.13 12.67 43.70
CA THR C 2275 17.45 11.66 44.48
C THR C 2275 15.93 11.78 44.36
N GLY C 2276 15.38 12.89 44.84
CA GLY C 2276 13.96 13.11 44.69
C GLY C 2276 13.60 14.03 43.55
N MET C 2277 13.21 13.44 42.42
CA MET C 2277 12.75 14.19 41.25
C MET C 2277 11.73 13.36 40.51
N GLU C 2278 10.76 14.05 39.89
CA GLU C 2278 9.77 13.37 39.07
C GLU C 2278 10.45 12.83 37.81
N LYS C 2279 9.94 11.69 37.33
CA LYS C 2279 10.66 10.90 36.32
C LYS C 2279 10.94 11.72 35.06
N SER C 2280 9.94 12.43 34.54
CA SER C 2280 10.17 13.24 33.35
C SER C 2280 11.09 14.42 33.66
N ASP C 2281 11.13 14.87 34.91
CA ASP C 2281 11.98 15.99 35.28
C ASP C 2281 13.45 15.62 35.39
N GLU C 2282 13.75 14.41 35.90
CA GLU C 2282 15.15 14.05 36.10
C GLU C 2282 15.85 13.76 34.78
N ALA C 2283 15.09 13.46 33.73
CA ALA C 2283 15.69 13.30 32.41
C ALA C 2283 16.23 14.62 31.89
N ARG C 2284 15.68 15.74 32.36
CA ARG C 2284 16.14 17.07 31.98
C ARG C 2284 17.06 17.68 33.03
N ALA C 2285 17.48 16.91 34.03
CA ALA C 2285 18.31 17.44 35.11
C ALA C 2285 19.69 17.88 34.63
N TRP C 2286 20.14 17.41 33.47
CA TRP C 2286 21.43 17.79 32.94
C TRP C 2286 21.35 18.95 31.95
N PHE C 2287 20.18 19.57 31.83
CA PHE C 2287 20.02 20.68 30.90
C PHE C 2287 20.73 21.93 31.45
N ASP C 2288 21.03 22.85 30.54
CA ASP C 2288 21.61 24.13 30.94
C ASP C 2288 20.53 25.06 31.48
N SER C 2289 20.98 26.18 32.04
CA SER C 2289 20.09 27.17 32.64
C SER C 2289 20.37 28.54 32.03
N LEU C 2290 19.45 29.02 31.20
CA LEU C 2290 19.57 30.35 30.64
C LEU C 2290 19.29 31.41 31.70
N THR C 2291 19.81 32.61 31.46
CA THR C 2291 19.52 33.77 32.30
C THR C 2291 19.10 34.90 31.36
N LEU C 2292 17.87 35.36 31.50
CA LEU C 2292 17.29 36.34 30.60
C LEU C 2292 17.31 37.72 31.26
N ASN C 2293 17.90 38.69 30.56
CA ASN C 2293 18.00 40.05 31.05
C ASN C 2293 17.40 41.00 30.02
N LEU C 2294 16.30 41.65 30.38
CA LEU C 2294 15.70 42.64 29.49
C LEU C 2294 16.59 43.87 29.43
N GLU C 2295 16.69 44.46 28.25
CA GLU C 2295 17.52 45.65 28.03
C GLU C 2295 16.67 46.71 27.32
N GLN C 2296 16.13 47.65 28.11
CA GLN C 2296 15.34 48.73 27.52
C GLN C 2296 16.21 49.64 26.67
N GLY C 2297 17.34 50.09 27.21
CA GLY C 2297 18.09 51.13 26.53
C GLY C 2297 17.29 52.41 26.49
N LYS C 2298 16.76 52.73 25.32
CA LYS C 2298 15.81 53.84 25.18
C LYS C 2298 14.43 53.40 25.64
N SER C 2299 13.40 54.16 25.27
CA SER C 2299 12.05 54.00 25.80
C SER C 2299 11.52 52.58 25.69
N GLN C 2300 10.46 52.27 26.45
CA GLN C 2300 9.97 50.91 26.63
C GLN C 2300 9.61 50.21 25.33
N ASN C 2301 9.54 50.92 24.20
CA ASN C 2301 9.22 50.29 22.94
C ASN C 2301 10.32 49.34 22.47
N GLU C 2302 11.53 49.43 23.02
CA GLU C 2302 12.68 48.72 22.48
C GLU C 2302 13.14 47.63 23.45
N LYS C 2303 12.19 46.90 24.02
CA LYS C 2303 12.53 45.78 24.90
C LYS C 2303 13.35 44.75 24.13
N MET C 2304 14.49 44.38 24.70
CA MET C 2304 15.37 43.38 24.10
C MET C 2304 15.87 42.45 25.21
N TRP C 2305 15.93 41.16 24.90
CA TRP C 2305 16.31 40.15 25.87
C TRP C 2305 17.62 39.49 25.45
N ILE C 2306 18.52 39.33 26.41
CA ILE C 2306 19.81 38.67 26.18
C ILE C 2306 19.85 37.43 27.07
N ALA C 2307 20.30 36.32 26.50
CA ALA C 2307 20.31 35.04 27.19
C ALA C 2307 21.73 34.56 27.39
N THR C 2308 22.03 34.12 28.63
CA THR C 2308 23.31 33.52 28.96
C THR C 2308 23.06 32.16 29.60
N SER C 2309 23.73 31.14 29.11
CA SER C 2309 23.52 29.77 29.55
C SER C 2309 24.64 29.35 30.49
N GLU C 2310 24.27 28.73 31.62
CA GLU C 2310 25.22 28.21 32.58
C GLU C 2310 25.05 26.70 32.66
N HIS C 2311 26.15 25.98 32.48
CA HIS C 2311 26.11 24.53 32.52
C HIS C 2311 25.79 24.03 33.93
N PRO C 2312 25.05 22.94 34.03
CA PRO C 2312 24.75 22.38 35.36
C PRO C 2312 25.98 21.73 35.98
N GLY C 2313 25.98 21.69 37.31
CA GLY C 2313 27.11 21.15 38.04
C GLY C 2313 28.34 22.01 37.95
N ASP C 2314 29.36 21.54 37.23
CA ASP C 2314 30.60 22.27 37.04
C ASP C 2314 30.64 22.83 35.63
N GLN C 2315 30.76 24.15 35.52
CA GLN C 2315 30.80 24.78 34.20
C GLN C 2315 32.14 24.56 33.52
N ASN C 2316 33.20 24.34 34.31
CA ASN C 2316 34.54 24.19 33.76
C ASN C 2316 34.89 22.76 33.41
N ALA C 2317 33.93 21.83 33.50
CA ALA C 2317 34.20 20.44 33.15
C ALA C 2317 34.58 20.32 31.68
N LYS C 2318 35.51 19.41 31.40
CA LYS C 2318 36.01 19.20 30.05
C LYS C 2318 34.96 18.61 29.11
N LEU C 2319 33.89 18.03 29.65
CA LEU C 2319 32.88 17.43 28.79
C LEU C 2319 32.16 18.48 27.94
N TRP C 2320 31.93 19.66 28.51
CA TRP C 2320 31.30 20.74 27.78
C TRP C 2320 32.21 21.23 26.65
N ILE C 2321 31.58 21.84 25.64
CA ILE C 2321 32.28 22.48 24.54
C ILE C 2321 32.32 23.98 24.81
N LYS C 2322 33.50 24.57 24.73
CA LYS C 2322 33.66 25.98 25.06
C LYS C 2322 32.89 26.85 24.08
N THR C 2323 32.27 27.90 24.62
CA THR C 2323 31.50 28.86 23.84
C THR C 2323 32.36 30.10 23.59
N ALA C 2324 32.66 30.37 22.33
CA ALA C 2324 33.42 31.57 22.00
C ALA C 2324 32.54 32.81 22.15
N ASN C 2325 33.14 33.88 22.66
CA ASN C 2325 32.39 35.12 22.88
C ASN C 2325 32.01 35.75 21.55
N THR C 2326 30.99 36.61 21.60
CA THR C 2326 30.57 37.32 20.41
C THR C 2326 31.68 38.23 19.92
N THR C 2327 31.97 38.16 18.61
CA THR C 2327 32.96 39.02 17.99
C THR C 2327 32.46 40.44 17.81
N TYR C 2328 31.18 40.70 18.08
CA TYR C 2328 30.57 42.01 17.87
C TYR C 2328 30.17 42.71 19.16
N SER C 2329 29.87 41.97 20.22
CA SER C 2329 29.41 42.59 21.46
C SER C 2329 30.25 42.18 22.66
N GLY C 2330 30.69 40.92 22.67
CA GLY C 2330 31.48 40.43 23.78
C GLY C 2330 30.69 39.61 24.78
N ARG C 2331 29.80 38.76 24.29
CA ARG C 2331 29.01 37.86 25.12
C ARG C 2331 29.13 36.44 24.60
N PRO C 2332 29.01 35.44 25.47
CA PRO C 2332 29.10 34.06 25.00
C PRO C 2332 27.93 33.69 24.11
N TYR C 2333 28.20 32.81 23.14
CA TYR C 2333 27.13 32.27 22.30
C TYR C 2333 26.35 31.23 23.09
N LEU C 2334 25.15 30.91 22.60
CA LEU C 2334 24.39 29.80 23.12
C LEU C 2334 24.64 28.58 22.25
N GLN C 2335 25.36 27.60 22.78
CA GLN C 2335 25.81 26.45 22.01
C GLN C 2335 24.84 25.29 22.19
N VAL C 2336 24.46 24.67 21.06
CA VAL C 2336 23.63 23.48 21.07
C VAL C 2336 24.26 22.45 20.14
N VAL C 2337 24.87 21.42 20.70
CA VAL C 2337 25.53 20.40 19.89
C VAL C 2337 24.49 19.47 19.30
N GLY C 2338 24.57 19.26 17.99
CA GLY C 2338 23.61 18.41 17.31
C GLY C 2338 24.17 17.08 16.87
N PHE C 2339 23.43 16.01 17.13
CA PHE C 2339 23.81 14.66 16.70
C PHE C 2339 22.83 14.20 15.63
N ILE C 2340 23.20 14.48 14.38
CA ILE C 2340 22.26 14.33 13.27
C ILE C 2340 22.35 12.94 12.68
N ASP C 2341 21.18 12.32 12.50
CA ASP C 2341 21.08 11.05 11.80
C ASP C 2341 20.88 11.29 10.30
N ARG C 2342 21.37 10.34 9.49
CA ARG C 2342 21.31 10.50 8.05
C ARG C 2342 20.47 9.45 7.35
N ALA C 2343 20.23 8.28 7.93
CA ALA C 2343 19.52 7.19 7.27
C ALA C 2343 18.02 7.37 7.46
N PHE C 2344 17.26 7.11 6.40
CA PHE C 2344 15.81 7.04 6.51
C PHE C 2344 15.37 5.73 5.85
N PRO C 2345 14.25 5.17 6.25
CA PRO C 2345 13.75 3.97 5.58
C PRO C 2345 12.99 4.30 4.31
N SER C 2346 13.47 3.75 3.20
CA SER C 2346 12.80 3.97 1.92
C SER C 2346 11.39 3.39 1.92
N PHE C 2347 11.26 2.15 2.40
CA PHE C 2347 9.95 1.54 2.55
C PHE C 2347 9.78 0.77 3.85
N LEU C 2348 10.82 0.68 4.67
CA LEU C 2348 10.74 -0.10 5.90
C LEU C 2348 9.91 -1.35 5.69
N ALA C 2349 10.22 -2.10 4.64
CA ALA C 2349 9.50 -3.34 4.34
C ALA C 2349 8.00 -3.13 4.40
N LYS C 2350 7.55 -1.94 4.01
CA LYS C 2350 6.14 -1.57 3.97
C LYS C 2350 5.46 -1.83 5.33
N VAL C 2351 5.94 -1.11 6.34
CA VAL C 2351 5.48 -1.26 7.72
C VAL C 2351 5.63 -2.72 8.17
N PHE C 2352 6.90 -3.14 8.25
CA PHE C 2352 7.27 -4.53 8.49
C PHE C 2352 6.51 -5.14 9.66
N LYS C 2353 5.71 -6.16 9.37
CA LYS C 2353 4.97 -6.91 10.37
C LYS C 2353 5.14 -8.41 10.20
N GLY C 2354 6.11 -8.84 9.40
CA GLY C 2354 6.24 -10.22 9.01
C GLY C 2354 5.48 -10.60 7.76
N GLY C 2355 4.68 -9.68 7.22
CA GLY C 2355 3.92 -9.99 6.02
C GLY C 2355 4.79 -10.21 4.79
N VAL C 2356 5.87 -9.44 4.67
CA VAL C 2356 6.74 -9.58 3.51
C VAL C 2356 7.37 -10.97 3.47
N ILE C 2357 7.83 -11.47 4.62
CA ILE C 2357 8.27 -12.85 4.69
C ILE C 2357 7.10 -13.79 4.46
N ALA C 2358 5.94 -13.46 5.05
CA ALA C 2358 4.76 -14.30 4.87
C ALA C 2358 4.34 -14.35 3.41
N VAL C 2359 4.32 -13.19 2.73
CA VAL C 2359 3.91 -13.19 1.32
C VAL C 2359 4.97 -13.87 0.46
N TYR C 2360 6.24 -13.76 0.83
CA TYR C 2360 7.29 -14.45 0.09
C TYR C 2360 7.11 -15.97 0.17
N LEU C 2361 6.90 -16.48 1.38
CA LEU C 2361 6.66 -17.92 1.53
C LEU C 2361 5.38 -18.34 0.82
N SER C 2362 4.33 -17.52 0.90
CA SER C 2362 3.07 -17.87 0.25
C SER C 2362 3.22 -17.93 -1.26
N VAL C 2363 3.92 -16.95 -1.85
CA VAL C 2363 4.09 -16.96 -3.30
C VAL C 2363 4.97 -18.11 -3.73
N ILE C 2364 5.98 -18.45 -2.91
CA ILE C 2364 6.80 -19.63 -3.19
C ILE C 2364 5.94 -20.89 -3.21
N LEU C 2365 5.10 -21.05 -2.18
CA LEU C 2365 4.20 -22.20 -2.10
C LEU C 2365 3.33 -22.29 -3.34
N VAL C 2366 2.66 -21.18 -3.69
CA VAL C 2366 1.69 -21.23 -4.77
C VAL C 2366 2.37 -21.45 -6.11
N VAL C 2367 3.49 -20.76 -6.37
CA VAL C 2367 4.17 -20.92 -7.65
C VAL C 2367 4.67 -22.36 -7.80
N GLY C 2368 5.26 -22.92 -6.74
CA GLY C 2368 5.70 -24.30 -6.80
C GLY C 2368 4.56 -25.24 -7.10
N ARG C 2369 3.60 -25.32 -6.17
CA ARG C 2369 2.54 -26.32 -6.27
C ARG C 2369 1.61 -26.07 -7.45
N GLY C 2370 1.69 -24.90 -8.09
CA GLY C 2370 0.89 -24.67 -9.26
C GLY C 2370 1.60 -24.94 -10.57
N LEU C 2371 2.88 -24.58 -10.66
CA LEU C 2371 3.58 -24.72 -11.94
C LEU C 2371 4.46 -25.98 -11.97
N VAL C 2372 5.38 -26.11 -11.01
CA VAL C 2372 6.39 -27.15 -11.19
C VAL C 2372 5.80 -28.53 -10.96
N ARG C 2373 5.04 -28.70 -9.87
CA ARG C 2373 4.48 -30.02 -9.56
C ARG C 2373 3.48 -30.46 -10.63
N GLY C 2374 2.90 -29.51 -11.35
CA GLY C 2374 1.91 -29.83 -12.37
C GLY C 2374 2.49 -30.09 -13.74
N ILE C 2375 3.22 -29.12 -14.28
CA ILE C 2375 3.71 -29.20 -15.65
C ILE C 2375 5.05 -29.95 -15.68
N PHE C 2376 5.53 -30.36 -14.52
CA PHE C 2376 6.91 -30.79 -14.41
C PHE C 2376 7.04 -32.25 -13.95
N THR C 2377 6.14 -32.72 -13.07
CA THR C 2377 6.06 -34.12 -12.69
C THR C 2377 4.66 -34.63 -13.03
N THR C 2378 4.58 -35.53 -14.00
CA THR C 2378 3.29 -36.06 -14.43
C THR C 2378 2.64 -36.88 -13.33
N SER C 2379 1.33 -36.72 -13.16
CA SER C 2379 0.59 -37.47 -12.16
C SER C 2379 0.56 -38.96 -12.53
N PRO C 2380 0.49 -39.85 -11.53
CA PRO C 2380 0.37 -41.29 -11.84
C PRO C 2380 -0.83 -41.63 -12.71
N SER C 2381 -1.83 -40.77 -12.80
CA SER C 2381 -2.96 -41.01 -13.69
C SER C 2381 -2.67 -40.55 -15.11
N THR C 2382 -1.75 -39.58 -15.28
CA THR C 2382 -1.49 -39.04 -16.61
C THR C 2382 -0.66 -40.00 -17.47
N VAL C 2383 0.15 -40.86 -16.83
CA VAL C 2383 1.05 -41.73 -17.58
C VAL C 2383 0.26 -42.65 -18.51
N MET C 2384 -0.97 -42.98 -18.13
CA MET C 2384 -1.82 -43.83 -18.98
C MET C 2384 -2.12 -43.16 -20.32
N PHE C 2385 -2.05 -41.83 -20.39
CA PHE C 2385 -2.35 -41.10 -21.61
C PHE C 2385 -1.18 -40.32 -22.19
N THR C 2386 -0.15 -39.99 -21.42
CA THR C 2386 0.98 -39.22 -21.93
C THR C 2386 2.15 -40.09 -22.35
N GLU C 2387 2.02 -41.41 -22.28
CA GLU C 2387 3.09 -42.33 -22.64
C GLU C 2387 2.58 -43.38 -23.62
N LEU C 2388 1.85 -42.94 -24.63
CA LEU C 2388 1.37 -43.84 -25.67
C LEU C 2388 2.48 -44.08 -26.70
N PRO C 2389 2.84 -45.33 -26.97
CA PRO C 2389 3.90 -45.57 -27.97
C PRO C 2389 3.60 -44.97 -29.34
N ASN C 2390 2.44 -45.28 -29.92
CA ASN C 2390 2.09 -44.79 -31.25
C ASN C 2390 0.67 -44.21 -31.19
N ALA C 2391 0.57 -42.89 -31.28
CA ALA C 2391 -0.71 -42.20 -31.30
C ALA C 2391 -1.19 -41.93 -32.72
N ASP C 2392 -0.61 -42.59 -33.72
CA ASP C 2392 -1.01 -42.35 -35.11
C ASP C 2392 -2.46 -42.74 -35.34
N HIS C 2393 -2.90 -43.85 -34.74
CA HIS C 2393 -4.28 -44.27 -34.91
C HIS C 2393 -5.25 -43.28 -34.29
N LEU C 2394 -4.92 -42.78 -33.09
CA LEU C 2394 -5.79 -41.79 -32.44
C LEU C 2394 -5.84 -40.50 -33.25
N LEU C 2395 -4.70 -40.05 -33.75
CA LEU C 2395 -4.68 -38.86 -34.59
C LEU C 2395 -5.47 -39.08 -35.88
N LYS C 2396 -5.38 -40.29 -36.46
CA LYS C 2396 -6.16 -40.59 -37.65
C LYS C 2396 -7.65 -40.53 -37.34
N ILE C 2397 -8.07 -41.07 -36.20
CA ILE C 2397 -9.48 -41.02 -35.82
C ILE C 2397 -9.94 -39.59 -35.67
N CYS C 2398 -9.14 -38.77 -34.97
CA CYS C 2398 -9.56 -37.39 -34.72
C CYS C 2398 -9.57 -36.57 -36.01
N LEU C 2399 -8.58 -36.75 -36.88
CA LEU C 2399 -8.59 -36.07 -38.16
C LEU C 2399 -9.74 -36.54 -39.03
N ASP C 2400 -10.12 -37.81 -38.93
CA ASP C 2400 -11.30 -38.29 -39.66
C ASP C 2400 -12.56 -37.61 -39.15
N ILE C 2401 -12.66 -37.41 -37.83
CA ILE C 2401 -13.80 -36.68 -37.28
C ILE C 2401 -13.81 -35.25 -37.82
N TYR C 2402 -12.64 -34.61 -37.85
CA TYR C 2402 -12.55 -33.25 -38.38
C TYR C 2402 -12.98 -33.19 -39.84
N LEU C 2403 -12.52 -34.16 -40.63
CA LEU C 2403 -12.89 -34.20 -42.05
C LEU C 2403 -14.39 -34.42 -42.22
N VAL C 2404 -14.98 -35.28 -41.38
CA VAL C 2404 -16.42 -35.49 -41.43
C VAL C 2404 -17.16 -34.21 -41.11
N ARG C 2405 -16.72 -33.49 -40.07
CA ARG C 2405 -17.38 -32.24 -39.71
C ARG C 2405 -17.25 -31.21 -40.82
N GLU C 2406 -16.06 -31.08 -41.39
CA GLU C 2406 -15.82 -30.08 -42.44
C GLU C 2406 -16.40 -30.49 -43.79
N ALA C 2407 -16.82 -31.74 -43.94
CA ALA C 2407 -17.49 -32.19 -45.15
C ALA C 2407 -19.01 -32.03 -45.06
N LYS C 2408 -19.50 -31.24 -44.10
CA LYS C 2408 -20.92 -31.00 -43.91
C LYS C 2408 -21.69 -32.30 -43.64
N ASP C 2409 -21.03 -33.25 -42.98
CA ASP C 2409 -21.65 -34.51 -42.59
C ASP C 2409 -21.60 -34.62 -41.07
N PHE C 2410 -22.72 -35.04 -40.48
CA PHE C 2410 -22.82 -35.16 -39.03
C PHE C 2410 -23.40 -36.49 -38.57
N MET C 2411 -23.81 -37.35 -39.51
CA MET C 2411 -24.26 -38.69 -39.15
C MET C 2411 -23.13 -39.49 -38.54
N LEU C 2412 -21.92 -39.33 -39.06
CA LEU C 2412 -20.77 -40.11 -38.60
C LEU C 2412 -19.98 -39.40 -37.50
N GLU C 2413 -20.17 -38.09 -37.35
CA GLU C 2413 -19.37 -37.33 -36.40
C GLU C 2413 -19.62 -37.81 -34.97
N GLN C 2414 -20.89 -37.98 -34.61
CA GLN C 2414 -21.21 -38.42 -33.25
C GLN C 2414 -20.74 -39.84 -32.99
N ASP C 2415 -20.88 -40.72 -33.98
CA ASP C 2415 -20.41 -42.09 -33.82
C ASP C 2415 -18.91 -42.14 -33.64
N LEU C 2416 -18.16 -41.37 -34.42
CA LEU C 2416 -16.70 -41.37 -34.29
C LEU C 2416 -16.27 -40.72 -32.97
N PHE C 2417 -17.00 -39.69 -32.53
CA PHE C 2417 -16.69 -39.10 -31.23
C PHE C 2417 -16.96 -40.09 -30.11
N ALA C 2418 -18.03 -40.89 -30.23
CA ALA C 2418 -18.27 -41.95 -29.27
C ALA C 2418 -17.15 -42.98 -29.28
N LYS C 2419 -16.65 -43.31 -30.47
CA LYS C 2419 -15.50 -44.20 -30.58
C LYS C 2419 -14.31 -43.63 -29.82
N LEU C 2420 -14.05 -42.34 -29.99
CA LEU C 2420 -12.94 -41.70 -29.27
C LEU C 2420 -13.17 -41.72 -27.76
N ILE C 2421 -14.40 -41.45 -27.32
CA ILE C 2421 -14.70 -41.46 -25.90
C ILE C 2421 -14.48 -42.84 -25.30
N PHE C 2422 -14.95 -43.89 -25.99
CA PHE C 2422 -14.73 -45.24 -25.50
C PHE C 2422 -13.24 -45.59 -25.50
N LEU C 2423 -12.51 -45.13 -26.52
CA LEU C 2423 -11.07 -45.37 -26.57
C LEU C 2423 -10.37 -44.74 -25.38
N PHE C 2424 -10.76 -43.53 -25.02
CA PHE C 2424 -10.21 -42.86 -23.83
C PHE C 2424 -10.82 -43.37 -22.53
N ARG C 2425 -11.86 -44.22 -22.60
CA ARG C 2425 -12.58 -44.67 -21.42
C ARG C 2425 -12.20 -46.08 -21.01
N SER C 2426 -11.82 -46.95 -21.94
CA SER C 2426 -11.43 -48.32 -21.64
C SER C 2426 -9.93 -48.45 -21.93
N PRO C 2427 -9.09 -48.48 -20.90
CA PRO C 2427 -7.65 -48.52 -21.13
C PRO C 2427 -7.17 -49.77 -21.86
N ALA C 2428 -7.89 -50.89 -21.74
CA ALA C 2428 -7.50 -52.08 -22.48
C ALA C 2428 -7.57 -51.83 -23.99
N THR C 2429 -8.66 -51.22 -24.44
CA THR C 2429 -8.77 -50.85 -25.85
C THR C 2429 -7.70 -49.85 -26.25
N LEU C 2430 -7.38 -48.90 -25.36
CA LEU C 2430 -6.30 -47.97 -25.64
C LEU C 2430 -4.97 -48.70 -25.84
N ILE C 2431 -4.70 -49.71 -25.02
CA ILE C 2431 -3.51 -50.53 -25.21
C ILE C 2431 -3.54 -51.23 -26.55
N GLU C 2432 -4.69 -51.84 -26.90
CA GLU C 2432 -4.77 -52.56 -28.16
C GLU C 2432 -4.84 -51.64 -29.36
N TRP C 2433 -5.10 -50.35 -29.17
CA TRP C 2433 -5.27 -49.42 -30.26
C TRP C 2433 -4.12 -48.41 -30.36
N THR C 2434 -2.96 -48.76 -29.80
CA THR C 2434 -1.84 -47.83 -29.77
C THR C 2434 -0.52 -48.50 -30.15
N ARG C 2435 -0.47 -49.83 -30.20
CA ARG C 2435 0.76 -50.55 -30.50
C ARG C 2435 1.38 -50.07 -31.81
N MET C 2436 2.71 -49.91 -31.78
CA MET C 2436 3.42 -49.34 -32.92
C MET C 2436 3.42 -50.30 -34.10
N SER C 2437 3.05 -49.77 -35.27
CA SER C 2437 3.07 -50.50 -36.53
C SER C 2437 2.39 -51.86 -36.44
N LYS C 2438 3.18 -52.92 -36.50
CA LYS C 2438 2.66 -54.27 -36.45
C LYS C 2438 2.22 -54.65 -35.04
#